data_6QX2
#
_entry.id   6QX2
#
_cell.length_a   187.640
_cell.length_b   410.120
_cell.length_c   93.940
_cell.angle_alpha   90.00
_cell.angle_beta   120.22
_cell.angle_gamma   90.00
#
_symmetry.space_group_name_H-M   'P 1 21 1'
#
loop_
_entity.id
_entity.type
_entity.pdbx_description
1 polymer 'DNA gyrase subunit B,DNA gyrase subunit B'
2 polymer 'DNA gyrase subunit A'
3 polymer 'DNA gyrase subunit B,DNA gyrase subunit B'
4 polymer "DNA (5'-D(*GP*AP*GP*CP*GP*TP*AP*CP*GP*GP*CP*CP*GP*TP*AP*CP*GP*CP*TP*T)-3')"
5 polymer 'DNA gyrase subunit B,DNA gyrase subunit B'
6 polymer 'DNA gyrase subunit A'
7 polymer 'DNA gyrase subunit B,DNA gyrase subunit B'
8 polymer "DNA (5'-D(*GP*AP*GP*CP*GP*TP*AP*CP*GP*GP*CP*CP*GP*TP*AP*CP*GP*CP*TP*T)-3')"
9 polymer 'DNA gyrase subunit B,DNA gyrase subunit B'
10 polymer "DNA (5'-D(*GP*AP*GP*CP*GP*TP*AP*CP*GP*GP*CP*CP*GP*TP*AP*CP*GP*CP*TP*T)-3')"
11 polymer 'DNA gyrase subunit B,DNA gyrase subunit B'
12 polymer 'DNA gyrase subunit B,DNA gyrase subunit B'
13 non-polymer (2~{R})-2-[[5-(2-chlorophenyl)-1,2-benzoxazol-3-yl]oxy]-2-phenyl-ethanamine
#
loop_
_entity_poly.entity_id
_entity_poly.type
_entity_poly.pdbx_seq_one_letter_code
_entity_poly.pdbx_strand_id
1 'polypeptide(L)'
;GKLADCSSKSPEECEIFLVEGDSAGGSTKSGRDSRTQAILPLRGKILNVEKARLDRILNNNEIRQMITAFGTGIGGDFDL
AKARYHKIVIMTDADVDGAHIRTLLLTFFYRFMRPLIEAGYVYIAQPPKGLGEMNADQLWETTMNPEHRALLQVKLEDAI
EADQTFEMLMGDVVENRRQFIEDNAV
;
B,S,b,s
2 'polypeptide(L)'
;AELPQSRINERNITSEMRESFLDYAMSVIVARALPDVRDGLKPVHRRILYGLNEQGMTPDKSYKKSARIVGDVMGKYHPH
GDSSIYEAMVRMAQDFSYRYPLVDGQGNFGSMDGDGAAAMRYTEARMTKITLELLRDINKDTIDFIDNYDGNEREPSVLP
ARFPNLLANGASGIAVGMATNIPPHNLTELINGVLSLSKNPDISIAELMEDIEGPDFPTAGLILGKSGIRRAYETGRGSI
QMRSRAVIEERGGGRQRIVVTEIPFQVNKARMIEKIAELVRDKKIDGITDLRDETSLRTGVRVVIDVRKDANASVILNNL
YKQTPLQTSFGVNMIALVNGRPKLINLKEALVHYLEHQKTVVRRRTQYNLRKAKDRAHILEGLRIALDHIDEIISTIRES
DTDKVAMESLQQRFKLSEKQAQAILDMRLRRLTGLERDKIEAEYNELLNYISELETILADEEVLLQLVRDELTEIRDRFG
DDRRTEIQLG
;
A,C,L,R,T,a,c,j,l,r,t
3 'polypeptide(L)'
;KLADCSSKSPEECEIFLVEGDSAGGSTKSGRDSRTQAILPLRGKILNVEKARLDRILNNNEIRQMITAFGTGIGGDFDLA
KARYHKIVIMTDADVDGAHIRTLLLTFFYRFMRPLIEAGYVYIAQPPTGYKGLGEMNADQLWETTMNPEHRALLQVKLED
AIEADQTFEMLMGDVVENRRQFIEDNAV
;
D,U,m
4 'polydeoxyribonucleotide' (DG)(DA)(DG)(DC)(DG)(DT)(DA)(DC)(DG)(DG)(DC)(DC)(DG)(DT)(DA)(DC)(DG)(DC)(DT)(DT) E,F,N,O,W,e,n,v,w
5 'polypeptide(L)'
;GKLADCSSKSPEECEIFLVEGDSAGGSTKSGRDSRTQAILPLRGKILNVEKARLDRILNNNEIRQMITAFGTGIGGDFDL
AKARYHKIVIMTDADVDGAHIRTLLLTFFYRFMRPLIEAGYVYIAQPPKGLGEMNADQLWETTMNPEHRALLQVKLEDAI
EADQTFEMLMGDVVENRRQFIEDNAVY
;
K
6 'polypeptide(L)'
;ERNITSEMRESFLDYAMSVIVARALPDVRDGLKPVHRRILYGLNEQGMTPDKSYKKSARIVGDVMGKYHPHGDSSIYEAM
VRMAQDFSYRYPLVDGQGNFGSMDGDGAAAMRYTEARMTKITLELLRDINKDTIDFIDNYDGNEREPSVLPARFPNLLAN
GASGIAVGMATNIPPHNLTELINGVLSLSKNPDISIAELMEDIEGPDFPTAGLILGKSGIRRAYETGRGSIQMRSRAVIE
ERGGGQRIVVTEIPFQVNKARMIEKIAELVRDKKIDGITDLRDETSLRTGVRVVIDVRKDANASVILNNLYKQTPLQTSF
GVNMIALVNGRPKLINLKEALVHYLEHQKTVVRRRTQYNLRKAKDRAHILEGLRIALDHIDEIISTIRESDTDKVAMESL
QQRFKLSEKQAQAILDMRLRRLTGLERDKIEAEYNELLNYISELETILADEEVLLQLVRDELTEIRDRFGDDRRTEIQLG
;
J
7 'polypeptide(L)'
;KLADCSSKSPEECEIFLVEGDSAGGSTKSGRDSRTQAILPLRGKILNVEKARLDRILNNNEIRQMITAFGTGIGGDFDLA
KARYHKIVIMTDADVDGAHIRTLLLTFFYRFMRPLIEAGYVYIAQPPTGYKGLGEMNADQLWETTMNPEHRALLQVKLED
AIEADQTFEMLMGDVVENRRQFIEDNAVY
;
M
8 'polydeoxyribonucleotide' (DG)(DA)(DG)(DC)(DG)(DT)(DA)(DC)(DG)(DG)(DC)(DC)(DG)(DT)(DA)(DC)(DG)(DC)(DT) V,o
9 'polypeptide(L)'
;KLADCSSKSPEECEIFLVEGDSAGGSTKSGRDSRTQAILPLRGKILNVEKARLDRILNNNEIRQMITAFGTGIGGDFDLA
KARYHKIVIMTDADVDGAHIRTLLLTFFYRFMRPLIEAGYVYIAQPPTGMNADQLWETTMNPEHRALLQVKLEDAIEADQ
TFEMLMGDVVENRRQFIEDNA
;
d
10 'polydeoxyribonucleotide' (DG)(DC)(DG)(DT)(DA)(DC)(DG)(DG)(DC)(DC)(DG)(DT)(DA)(DC)(DG)(DC)(DT) f
11 'polypeptide(L)'
;GKLADCSSKSPEECEIFLVEGDSAGGSTKSGRDSRTQAILPLRGKILNVEKARLDRILNNNEIRQMITAFGTGIGGDFDL
AKARYHKIVIMTDADVDGAHIRTLLLTFFYRFMRPLIEAGYVYIAQPPKGLGEMNADQLWETTMNPEHRALLQVKLEDAI
EADQTFEMLMGDVVENRRQFIEDNAVYA
;
k
12 'polypeptide(L)'
;KLADCSSKSPEECEIFLVEGDSAGGSTKSGRDSRTQAILPLRGKILNVEKARLDRILNNNEIRQMITAFGTGIGGDFDLA
KARYHKIVIMTDADVDGAHIRTLLLTFFYRFMRPLIEAGYVYIAQPPTGYKGLGEMNADQLWETTMNPEHRALLQVKLED
AIEADQTFEMLMGDVVENRRQFIEDNA
;
u
#
# COMPACT_ATOMS: atom_id res chain seq x y z
N LYS A 2 -89.14 67.82 -58.90
CA LYS A 2 -89.09 67.96 -57.42
C LYS A 2 -89.39 69.42 -57.00
N LEU A 3 -89.88 70.28 -57.92
CA LEU A 3 -90.13 71.73 -57.70
C LEU A 3 -91.46 71.90 -56.96
N ALA A 4 -91.46 72.64 -55.85
CA ALA A 4 -92.68 73.09 -55.14
C ALA A 4 -92.88 74.57 -55.45
N ASP A 5 -93.63 74.89 -56.51
N ASP A 5 -93.63 74.89 -56.51
CA ASP A 5 -93.78 76.28 -57.03
CA ASP A 5 -93.78 76.27 -57.03
C ASP A 5 -94.71 77.08 -56.11
C ASP A 5 -94.71 77.07 -56.12
N CYS A 6 -94.61 78.41 -56.17
N CYS A 6 -94.62 78.41 -56.16
CA CYS A 6 -95.49 79.38 -55.43
CA CYS A 6 -95.50 79.37 -55.43
C CYS A 6 -96.73 79.68 -56.27
C CYS A 6 -96.74 79.67 -56.27
N SER A 7 -97.80 80.17 -55.63
N SER A 7 -97.81 80.17 -55.63
CA SER A 7 -99.14 80.45 -56.23
CA SER A 7 -99.14 80.46 -56.22
C SER A 7 -99.07 81.64 -57.20
C SER A 7 -99.07 81.64 -57.20
N SER A 8 -98.46 82.75 -56.77
CA SER A 8 -98.28 83.99 -57.57
C SER A 8 -97.57 83.66 -58.89
N LYS A 9 -98.04 84.22 -60.00
CA LYS A 9 -97.40 84.13 -61.34
C LYS A 9 -96.85 85.51 -61.73
N SER A 10 -96.55 86.37 -60.73
CA SER A 10 -95.90 87.70 -60.90
C SER A 10 -94.42 87.62 -60.54
N PRO A 11 -93.51 87.29 -61.50
CA PRO A 11 -92.07 87.15 -61.20
C PRO A 11 -91.42 88.23 -60.32
N GLU A 12 -91.88 89.48 -60.40
CA GLU A 12 -91.27 90.65 -59.71
C GLU A 12 -91.30 90.44 -58.18
N GLU A 13 -92.26 89.66 -57.67
CA GLU A 13 -92.49 89.44 -56.21
C GLU A 13 -92.28 87.97 -55.82
N CYS A 14 -91.91 87.11 -56.77
N CYS A 14 -91.91 87.11 -56.77
CA CYS A 14 -91.65 85.67 -56.55
CA CYS A 14 -91.64 85.66 -56.55
C CYS A 14 -90.15 85.44 -56.31
C CYS A 14 -90.15 85.44 -56.31
N GLU A 15 -89.83 84.39 -55.53
CA GLU A 15 -88.44 83.96 -55.24
C GLU A 15 -88.40 82.42 -55.18
N ILE A 16 -87.32 81.84 -55.70
CA ILE A 16 -87.06 80.36 -55.69
C ILE A 16 -85.84 80.07 -54.79
N PHE A 17 -85.97 79.08 -53.90
CA PHE A 17 -84.92 78.62 -52.97
C PHE A 17 -84.35 77.29 -53.47
N LEU A 18 -83.04 77.25 -53.72
CA LEU A 18 -82.26 76.04 -54.10
C LEU A 18 -81.64 75.43 -52.84
N VAL A 19 -81.97 74.18 -52.52
CA VAL A 19 -81.57 73.48 -51.26
C VAL A 19 -80.93 72.14 -51.62
N GLU A 20 -80.13 71.55 -50.72
CA GLU A 20 -79.16 70.45 -51.01
C GLU A 20 -79.88 69.12 -51.25
N GLY A 21 -80.99 68.86 -50.57
CA GLY A 21 -81.77 67.62 -50.75
C GLY A 21 -83.16 67.70 -50.16
N ASP A 22 -83.87 66.57 -50.16
CA ASP A 22 -85.25 66.43 -49.61
C ASP A 22 -85.24 66.66 -48.09
N SER A 23 -84.13 66.40 -47.42
CA SER A 23 -83.91 66.75 -45.99
C SER A 23 -84.30 68.22 -45.77
N ALA A 24 -83.58 69.14 -46.42
CA ALA A 24 -83.80 70.60 -46.35
C ALA A 24 -85.09 70.94 -47.09
N GLY A 25 -85.33 70.31 -48.24
CA GLY A 25 -86.56 70.47 -49.05
C GLY A 25 -87.83 70.51 -48.21
N GLY A 26 -88.04 69.49 -47.38
CA GLY A 26 -89.27 69.32 -46.59
C GLY A 26 -89.41 70.39 -45.52
N SER A 27 -88.33 70.63 -44.76
CA SER A 27 -88.28 71.65 -43.68
C SER A 27 -88.61 73.03 -44.26
N THR A 28 -88.08 73.31 -45.45
CA THR A 28 -88.23 74.56 -46.22
C THR A 28 -89.68 74.71 -46.70
N LYS A 29 -90.24 73.67 -47.33
CA LYS A 29 -91.62 73.67 -47.89
C LYS A 29 -92.63 73.96 -46.78
N SER A 30 -92.37 73.52 -45.54
CA SER A 30 -93.23 73.79 -44.36
C SER A 30 -93.09 75.26 -43.94
N GLY A 31 -91.85 75.75 -43.86
CA GLY A 31 -91.50 77.09 -43.35
C GLY A 31 -91.98 78.21 -44.26
N ARG A 32 -91.99 77.97 -45.58
CA ARG A 32 -92.08 79.02 -46.64
C ARG A 32 -93.47 79.68 -46.64
N ASP A 33 -93.52 80.89 -47.22
CA ASP A 33 -94.77 81.57 -47.68
C ASP A 33 -95.06 81.06 -49.10
N SER A 34 -95.90 80.04 -49.24
CA SER A 34 -96.15 79.31 -50.52
C SER A 34 -96.86 80.23 -51.54
N ARG A 35 -97.22 81.46 -51.15
CA ARG A 35 -97.78 82.48 -52.07
C ARG A 35 -96.68 83.02 -53.00
N THR A 36 -95.46 83.25 -52.50
CA THR A 36 -94.35 83.95 -53.22
C THR A 36 -93.02 83.18 -53.21
N GLN A 37 -92.90 82.07 -52.47
CA GLN A 37 -91.61 81.36 -52.27
C GLN A 37 -91.71 79.95 -52.85
N ALA A 38 -90.98 79.67 -53.93
CA ALA A 38 -90.85 78.33 -54.56
C ALA A 38 -89.63 77.63 -53.98
N ILE A 39 -89.56 76.30 -54.08
CA ILE A 39 -88.41 75.49 -53.60
C ILE A 39 -88.06 74.42 -54.64
N LEU A 40 -86.78 74.41 -55.05
CA LEU A 40 -86.20 73.36 -55.91
C LEU A 40 -85.11 72.64 -55.11
N PRO A 41 -85.41 71.43 -54.55
CA PRO A 41 -84.39 70.63 -53.88
C PRO A 41 -83.57 69.96 -54.98
N LEU A 42 -82.24 70.14 -54.93
CA LEU A 42 -81.24 69.48 -55.82
C LEU A 42 -80.90 68.11 -55.22
N ARG A 43 -80.01 67.38 -55.89
N ARG A 43 -80.02 67.37 -55.90
CA ARG A 43 -79.63 65.99 -55.51
CA ARG A 43 -79.63 65.99 -55.51
C ARG A 43 -78.12 65.96 -55.28
C ARG A 43 -78.12 65.96 -55.28
N GLY A 44 -77.66 66.67 -54.25
CA GLY A 44 -76.26 66.69 -53.80
C GLY A 44 -75.39 67.50 -54.73
N LYS A 45 -74.09 67.16 -54.81
CA LYS A 45 -73.10 67.84 -55.68
C LYS A 45 -73.71 67.89 -57.10
N ILE A 46 -73.71 69.09 -57.70
CA ILE A 46 -74.22 69.33 -59.08
C ILE A 46 -72.99 69.28 -60.00
N LEU A 47 -73.21 69.10 -61.29
CA LEU A 47 -72.14 69.03 -62.33
C LEU A 47 -71.27 70.30 -62.30
N ASN A 48 -69.95 70.14 -62.28
CA ASN A 48 -68.99 71.25 -62.49
C ASN A 48 -68.95 71.55 -64.00
N VAL A 49 -69.71 72.57 -64.44
CA VAL A 49 -69.91 72.91 -65.89
C VAL A 49 -68.61 73.43 -66.50
N GLU A 50 -67.68 73.94 -65.68
CA GLU A 50 -66.35 74.46 -66.10
C GLU A 50 -65.47 73.30 -66.61
N LYS A 51 -65.64 72.08 -66.05
CA LYS A 51 -64.86 70.86 -66.40
C LYS A 51 -65.63 70.00 -67.40
N ALA A 52 -66.96 69.95 -67.30
CA ALA A 52 -67.83 69.03 -68.07
C ALA A 52 -67.98 69.53 -69.51
N ARG A 53 -68.18 68.59 -70.44
CA ARG A 53 -68.49 68.82 -71.87
C ARG A 53 -69.98 69.19 -72.00
N LEU A 54 -70.32 70.00 -73.01
CA LEU A 54 -71.68 70.59 -73.20
C LEU A 54 -72.74 69.50 -73.36
N ASP A 55 -72.43 68.41 -74.07
CA ASP A 55 -73.34 67.24 -74.25
C ASP A 55 -73.86 66.78 -72.88
N ARG A 56 -72.96 66.54 -71.93
CA ARG A 56 -73.25 66.02 -70.56
C ARG A 56 -74.09 67.05 -69.79
N ILE A 57 -73.73 68.35 -69.90
CA ILE A 57 -74.38 69.48 -69.18
C ILE A 57 -75.88 69.52 -69.55
N LEU A 58 -76.19 69.48 -70.85
CA LEU A 58 -77.58 69.62 -71.36
C LEU A 58 -78.39 68.35 -71.05
N ASN A 59 -77.74 67.20 -70.88
CA ASN A 59 -78.38 65.89 -70.56
C ASN A 59 -78.56 65.72 -69.05
N ASN A 60 -77.82 66.48 -68.23
CA ASN A 60 -77.86 66.43 -66.73
C ASN A 60 -79.28 66.81 -66.29
N ASN A 61 -79.86 66.00 -65.38
CA ASN A 61 -81.27 66.12 -64.92
C ASN A 61 -81.42 67.32 -63.97
N GLU A 62 -80.44 67.58 -63.09
CA GLU A 62 -80.46 68.73 -62.12
C GLU A 62 -80.29 70.06 -62.87
N ILE A 63 -79.40 70.11 -63.88
CA ILE A 63 -79.19 71.31 -64.75
C ILE A 63 -80.50 71.58 -65.50
N ARG A 64 -81.12 70.54 -66.06
CA ARG A 64 -82.39 70.65 -66.83
C ARG A 64 -83.50 71.23 -65.94
N GLN A 65 -83.67 70.71 -64.72
CA GLN A 65 -84.76 71.15 -63.79
C GLN A 65 -84.60 72.64 -63.47
N MET A 66 -83.36 73.13 -63.31
CA MET A 66 -83.08 74.54 -62.95
C MET A 66 -83.43 75.44 -64.14
N ILE A 67 -83.01 75.06 -65.35
CA ILE A 67 -83.34 75.78 -66.62
C ILE A 67 -84.87 75.86 -66.75
N THR A 68 -85.58 74.74 -66.55
CA THR A 68 -87.07 74.66 -66.70
C THR A 68 -87.73 75.60 -65.68
N ALA A 69 -87.24 75.60 -64.43
CA ALA A 69 -87.81 76.35 -63.29
C ALA A 69 -87.72 77.85 -63.56
N PHE A 70 -86.55 78.32 -64.05
CA PHE A 70 -86.26 79.75 -64.31
C PHE A 70 -86.99 80.19 -65.59
N GLY A 71 -87.07 79.29 -66.59
CA GLY A 71 -87.74 79.50 -67.89
C GLY A 71 -87.07 80.58 -68.74
N THR A 72 -85.76 80.78 -68.59
CA THR A 72 -84.98 81.82 -69.32
C THR A 72 -84.20 81.20 -70.49
N GLY A 73 -83.98 79.88 -70.49
CA GLY A 73 -83.04 79.22 -71.41
C GLY A 73 -81.60 79.62 -71.11
N ILE A 74 -80.64 79.22 -71.95
CA ILE A 74 -79.18 79.32 -71.61
C ILE A 74 -78.40 79.93 -72.78
N GLY A 75 -77.25 80.55 -72.46
CA GLY A 75 -76.26 81.08 -73.42
C GLY A 75 -76.82 82.23 -74.24
N GLY A 76 -76.83 82.05 -75.57
CA GLY A 76 -77.37 83.01 -76.55
C GLY A 76 -78.87 83.19 -76.42
N ASP A 77 -79.62 82.08 -76.26
CA ASP A 77 -81.11 82.08 -76.16
C ASP A 77 -81.58 82.55 -74.77
N PHE A 78 -80.67 82.88 -73.85
CA PHE A 78 -81.02 83.41 -72.51
C PHE A 78 -81.82 84.70 -72.70
N ASP A 79 -82.98 84.79 -72.05
CA ASP A 79 -83.94 85.93 -72.11
C ASP A 79 -84.33 86.33 -70.68
N LEU A 80 -83.79 87.45 -70.18
CA LEU A 80 -83.98 87.91 -68.77
C LEU A 80 -85.46 88.22 -68.49
N ALA A 81 -86.24 88.60 -69.50
CA ALA A 81 -87.66 89.02 -69.36
C ALA A 81 -88.58 87.80 -69.18
N LYS A 82 -88.15 86.61 -69.62
CA LYS A 82 -88.93 85.33 -69.50
C LYS A 82 -88.65 84.68 -68.12
N ALA A 83 -87.84 85.32 -67.28
CA ALA A 83 -87.53 84.86 -65.89
C ALA A 83 -88.82 84.75 -65.08
N ARG A 84 -88.98 83.63 -64.36
CA ARG A 84 -90.19 83.27 -63.59
C ARG A 84 -90.04 83.67 -62.11
N TYR A 85 -88.82 84.06 -61.69
CA TYR A 85 -88.47 84.57 -60.34
C TYR A 85 -87.46 85.72 -60.51
N HIS A 86 -87.55 86.77 -59.68
CA HIS A 86 -86.61 87.93 -59.69
C HIS A 86 -85.64 87.80 -58.50
N LYS A 87 -85.75 86.70 -57.75
CA LYS A 87 -84.81 86.29 -56.67
C LYS A 87 -84.60 84.77 -56.75
N ILE A 88 -83.43 84.35 -57.23
CA ILE A 88 -82.94 82.94 -57.14
C ILE A 88 -82.00 82.88 -55.93
N VAL A 89 -82.44 82.22 -54.85
CA VAL A 89 -81.72 82.15 -53.54
C VAL A 89 -81.02 80.80 -53.42
N ILE A 90 -79.69 80.81 -53.36
CA ILE A 90 -78.83 79.63 -53.04
C ILE A 90 -78.81 79.47 -51.52
N MET A 91 -79.42 78.41 -51.00
CA MET A 91 -79.55 78.14 -49.54
C MET A 91 -78.89 76.80 -49.23
N THR A 92 -77.56 76.77 -49.23
CA THR A 92 -76.71 75.62 -48.87
C THR A 92 -76.40 75.70 -47.37
N ASP A 93 -76.03 74.56 -46.76
CA ASP A 93 -75.70 74.45 -45.32
C ASP A 93 -74.48 75.33 -45.01
N ALA A 94 -74.27 75.62 -43.72
CA ALA A 94 -73.22 76.51 -43.18
C ALA A 94 -71.91 75.73 -42.99
N ASP A 95 -71.72 74.64 -43.75
CA ASP A 95 -70.55 73.71 -43.64
C ASP A 95 -69.66 73.85 -44.88
N VAL A 96 -68.71 72.94 -45.06
CA VAL A 96 -67.69 73.00 -46.16
C VAL A 96 -68.32 72.45 -47.45
N ASP A 97 -69.18 71.42 -47.36
CA ASP A 97 -69.83 70.80 -48.55
C ASP A 97 -70.93 71.73 -49.05
N GLY A 98 -71.47 72.57 -48.17
CA GLY A 98 -72.33 73.71 -48.52
C GLY A 98 -71.59 74.68 -49.42
N ALA A 99 -70.40 75.10 -48.99
CA ALA A 99 -69.54 76.06 -49.72
C ALA A 99 -69.23 75.50 -51.11
N HIS A 100 -68.96 74.19 -51.24
CA HIS A 100 -68.67 73.53 -52.54
C HIS A 100 -69.88 73.62 -53.46
N ILE A 101 -71.09 73.25 -52.99
CA ILE A 101 -72.33 73.25 -53.83
C ILE A 101 -72.64 74.70 -54.22
N ARG A 102 -72.29 75.66 -53.35
CA ARG A 102 -72.43 77.11 -53.63
C ARG A 102 -71.51 77.50 -54.80
N THR A 103 -70.22 77.14 -54.76
CA THR A 103 -69.25 77.43 -55.87
C THR A 103 -69.69 76.75 -57.16
N LEU A 104 -70.34 75.58 -57.08
CA LEU A 104 -70.69 74.76 -58.28
C LEU A 104 -71.88 75.41 -58.99
N LEU A 105 -72.84 75.93 -58.21
CA LEU A 105 -74.07 76.60 -58.73
C LEU A 105 -73.67 77.95 -59.33
N LEU A 106 -72.85 78.73 -58.61
CA LEU A 106 -72.34 80.05 -59.07
C LEU A 106 -71.58 79.88 -60.39
N THR A 107 -70.85 78.79 -60.55
CA THR A 107 -70.10 78.47 -61.79
C THR A 107 -71.10 78.25 -62.92
N PHE A 108 -72.21 77.55 -62.66
CA PHE A 108 -73.27 77.28 -63.66
C PHE A 108 -73.93 78.61 -64.05
N PHE A 109 -74.34 79.41 -63.07
CA PHE A 109 -75.02 80.71 -63.30
C PHE A 109 -74.10 81.64 -64.11
N TYR A 110 -72.81 81.71 -63.77
CA TYR A 110 -71.86 82.65 -64.39
C TYR A 110 -71.55 82.25 -65.84
N ARG A 111 -71.56 80.97 -66.16
CA ARG A 111 -71.14 80.46 -67.51
C ARG A 111 -72.35 80.39 -68.43
N PHE A 112 -73.57 80.18 -67.92
CA PHE A 112 -74.76 79.85 -68.74
C PHE A 112 -75.90 80.86 -68.58
N MET A 113 -75.89 81.68 -67.52
CA MET A 113 -76.96 82.66 -67.21
C MET A 113 -76.34 83.91 -66.58
N ARG A 114 -75.27 84.43 -67.19
CA ARG A 114 -74.51 85.57 -66.63
C ARG A 114 -75.42 86.78 -66.43
N PRO A 115 -76.34 87.11 -67.38
CA PRO A 115 -77.20 88.29 -67.23
C PRO A 115 -78.14 88.27 -66.01
N LEU A 116 -78.49 87.07 -65.53
CA LEU A 116 -79.24 86.84 -64.26
C LEU A 116 -78.44 87.42 -63.08
N ILE A 117 -77.12 87.22 -63.04
CA ILE A 117 -76.21 87.75 -61.97
C ILE A 117 -76.11 89.28 -62.13
N GLU A 118 -75.92 89.75 -63.37
CA GLU A 118 -75.84 91.18 -63.74
C GLU A 118 -77.09 91.91 -63.24
N ALA A 119 -78.28 91.37 -63.55
CA ALA A 119 -79.60 91.92 -63.14
C ALA A 119 -79.79 91.92 -61.62
N GLY A 120 -78.92 91.24 -60.87
CA GLY A 120 -78.95 91.17 -59.39
C GLY A 120 -80.02 90.23 -58.87
N TYR A 121 -80.35 89.18 -59.64
CA TYR A 121 -81.44 88.20 -59.34
C TYR A 121 -80.88 87.04 -58.51
N VAL A 122 -79.56 86.88 -58.46
CA VAL A 122 -78.92 85.76 -57.70
C VAL A 122 -78.56 86.28 -56.30
N TYR A 123 -79.03 85.57 -55.28
CA TYR A 123 -78.79 85.84 -53.83
C TYR A 123 -78.27 84.58 -53.13
N ILE A 124 -77.72 84.76 -51.92
CA ILE A 124 -77.11 83.71 -51.05
C ILE A 124 -77.68 83.85 -49.64
N ALA A 125 -78.60 82.95 -49.25
CA ALA A 125 -79.16 82.88 -47.87
C ALA A 125 -78.03 82.63 -46.87
N GLN A 126 -78.24 82.98 -45.61
CA GLN A 126 -77.22 82.88 -44.53
C GLN A 126 -77.87 82.23 -43.31
N PRO A 127 -78.04 80.89 -43.29
CA PRO A 127 -78.61 80.20 -42.14
C PRO A 127 -77.73 80.39 -40.90
N PRO A 128 -78.33 80.50 -39.68
CA PRO A 128 -77.60 81.02 -38.54
C PRO A 128 -76.49 80.04 -38.13
N LYS A 129 -76.21 71.74 -36.98
CA LYS A 129 -75.10 72.27 -37.84
C LYS A 129 -75.68 72.81 -39.15
N GLY A 130 -76.47 71.98 -39.84
CA GLY A 130 -77.13 72.26 -41.12
C GLY A 130 -78.57 72.70 -40.91
N LEU A 131 -79.25 73.16 -41.95
CA LEU A 131 -80.67 73.59 -41.88
C LEU A 131 -81.58 72.40 -42.23
N GLY A 132 -81.01 71.29 -42.74
CA GLY A 132 -81.72 69.99 -42.89
C GLY A 132 -82.06 69.37 -41.54
N GLU A 133 -81.42 69.87 -40.46
CA GLU A 133 -81.54 69.42 -39.04
C GLU A 133 -82.40 70.40 -38.23
N MET A 134 -82.71 71.59 -38.75
CA MET A 134 -83.55 72.61 -38.08
C MET A 134 -85.04 72.30 -38.31
N ASN A 135 -85.91 72.86 -37.46
CA ASN A 135 -87.38 72.87 -37.62
C ASN A 135 -87.77 74.02 -38.54
N ALA A 136 -88.94 73.89 -39.20
CA ALA A 136 -89.51 74.84 -40.17
C ALA A 136 -89.78 76.20 -39.53
N ASP A 137 -90.29 76.26 -38.30
CA ASP A 137 -90.64 77.52 -37.58
C ASP A 137 -89.39 78.43 -37.51
N GLN A 138 -88.25 77.82 -37.16
CA GLN A 138 -86.97 78.54 -36.86
C GLN A 138 -86.28 78.87 -38.19
N LEU A 139 -86.39 77.98 -39.18
CA LEU A 139 -85.83 78.13 -40.55
C LEU A 139 -86.50 79.32 -41.26
N TRP A 140 -87.80 79.51 -41.06
CA TRP A 140 -88.58 80.66 -41.60
C TRP A 140 -88.06 81.96 -41.00
N GLU A 141 -87.99 82.03 -39.66
CA GLU A 141 -87.80 83.29 -38.89
C GLU A 141 -86.39 83.85 -39.13
N THR A 142 -85.38 82.98 -39.27
CA THR A 142 -83.95 83.35 -39.39
C THR A 142 -83.56 83.61 -40.86
N THR A 143 -84.10 82.84 -41.81
CA THR A 143 -83.50 82.66 -43.16
C THR A 143 -84.44 83.01 -44.32
N MET A 144 -85.76 82.83 -44.18
CA MET A 144 -86.75 82.93 -45.30
C MET A 144 -87.72 84.10 -45.13
N ASN A 145 -87.90 84.62 -43.91
CA ASN A 145 -88.87 85.71 -43.60
C ASN A 145 -88.29 87.04 -44.07
N PRO A 146 -88.89 87.73 -45.06
CA PRO A 146 -88.37 89.00 -45.55
C PRO A 146 -88.25 90.09 -44.47
N GLU A 147 -88.91 89.89 -43.33
CA GLU A 147 -88.92 90.85 -42.20
C GLU A 147 -87.61 90.76 -41.41
N HIS A 148 -87.01 89.57 -41.25
CA HIS A 148 -85.81 89.36 -40.39
C HIS A 148 -84.63 88.72 -41.13
N ARG A 149 -84.82 88.18 -42.34
CA ARG A 149 -83.76 87.39 -43.04
C ARG A 149 -82.64 88.33 -43.51
N ALA A 150 -81.48 87.75 -43.83
CA ALA A 150 -80.26 88.45 -44.26
C ALA A 150 -79.70 87.79 -45.54
N LEU A 151 -80.27 88.11 -46.70
CA LEU A 151 -79.75 87.62 -48.02
C LEU A 151 -78.53 88.46 -48.42
N LEU A 152 -77.56 87.84 -49.10
CA LEU A 152 -76.44 88.52 -49.78
C LEU A 152 -76.78 88.52 -51.27
N GLN A 153 -76.83 89.69 -51.90
CA GLN A 153 -77.04 89.83 -53.36
C GLN A 153 -75.67 89.65 -54.04
N VAL A 154 -75.57 88.70 -54.98
CA VAL A 154 -74.31 88.45 -55.73
C VAL A 154 -74.14 89.57 -56.76
N LYS A 155 -73.09 90.39 -56.59
CA LYS A 155 -72.72 91.53 -57.46
C LYS A 155 -71.46 91.17 -58.25
N LEU A 156 -71.52 91.27 -59.58
CA LEU A 156 -70.36 91.05 -60.49
C LEU A 156 -69.70 92.40 -60.78
N GLU A 157 -68.49 92.64 -60.26
CA GLU A 157 -67.76 93.94 -60.41
C GLU A 157 -66.89 93.88 -61.67
N ASP A 158 -65.85 93.04 -61.68
CA ASP A 158 -64.86 92.93 -62.78
C ASP A 158 -65.08 91.59 -63.51
N ALA A 159 -65.58 91.63 -64.76
CA ALA A 159 -65.89 90.44 -65.58
C ALA A 159 -64.60 89.71 -65.98
N ILE A 160 -63.50 90.42 -66.24
CA ILE A 160 -62.17 89.83 -66.59
C ILE A 160 -61.65 89.03 -65.38
N GLU A 161 -61.69 89.64 -64.18
CA GLU A 161 -61.19 89.03 -62.92
C GLU A 161 -62.07 87.82 -62.56
N ALA A 162 -63.37 87.90 -62.82
CA ALA A 162 -64.34 86.81 -62.59
C ALA A 162 -64.01 85.63 -63.51
N ASP A 163 -63.79 85.87 -64.81
CA ASP A 163 -63.44 84.83 -65.81
C ASP A 163 -62.19 84.07 -65.37
N GLN A 164 -61.20 84.77 -64.81
CA GLN A 164 -59.90 84.18 -64.39
C GLN A 164 -60.15 83.33 -63.13
N THR A 165 -61.02 83.79 -62.22
CA THR A 165 -61.26 83.15 -60.89
C THR A 165 -62.03 81.83 -61.09
N PHE A 166 -63.06 81.80 -61.93
CA PHE A 166 -63.83 80.57 -62.25
C PHE A 166 -62.92 79.57 -62.97
N GLU A 167 -62.11 80.03 -63.93
CA GLU A 167 -61.18 79.17 -64.70
C GLU A 167 -60.12 78.57 -63.76
N MET A 168 -59.69 79.30 -62.74
CA MET A 168 -58.62 78.87 -61.79
C MET A 168 -59.19 77.85 -60.79
N LEU A 169 -60.31 78.17 -60.13
CA LEU A 169 -60.93 77.33 -59.07
C LEU A 169 -61.62 76.11 -59.68
N MET A 170 -62.37 76.29 -60.78
CA MET A 170 -63.32 75.26 -61.28
C MET A 170 -62.82 74.65 -62.60
N GLY A 171 -61.69 75.11 -63.14
CA GLY A 171 -61.13 74.65 -64.43
C GLY A 171 -60.39 73.33 -64.29
N ASP A 172 -60.01 72.71 -65.42
CA ASP A 172 -59.32 71.40 -65.47
C ASP A 172 -57.83 71.54 -65.10
N VAL A 173 -57.26 72.74 -65.05
CA VAL A 173 -55.82 72.96 -64.72
C VAL A 173 -55.63 72.92 -63.20
N VAL A 174 -55.02 71.86 -62.69
CA VAL A 174 -54.86 71.56 -61.23
C VAL A 174 -53.83 72.51 -60.62
N GLU A 175 -52.77 72.87 -61.34
CA GLU A 175 -51.60 73.57 -60.74
C GLU A 175 -52.01 74.97 -60.27
N ASN A 176 -52.81 75.70 -61.05
CA ASN A 176 -53.29 77.07 -60.70
C ASN A 176 -54.15 77.00 -59.43
N ARG A 177 -55.02 76.00 -59.35
CA ARG A 177 -55.92 75.72 -58.20
C ARG A 177 -55.06 75.43 -56.95
N ARG A 178 -54.06 74.57 -57.07
CA ARG A 178 -53.16 74.16 -55.95
C ARG A 178 -52.40 75.40 -55.46
N GLN A 179 -51.88 76.20 -56.40
CA GLN A 179 -51.11 77.44 -56.12
C GLN A 179 -51.97 78.37 -55.26
N PHE A 180 -53.21 78.59 -55.71
CA PHE A 180 -54.22 79.46 -55.05
C PHE A 180 -54.41 79.03 -53.59
N ILE A 181 -54.52 77.71 -53.35
CA ILE A 181 -54.79 77.12 -52.00
C ILE A 181 -53.59 77.41 -51.10
N GLU A 182 -52.38 77.07 -51.56
CA GLU A 182 -51.11 77.27 -50.80
C GLU A 182 -50.99 78.76 -50.44
N ASP A 183 -51.18 79.64 -51.43
CA ASP A 183 -51.07 81.12 -51.29
C ASP A 183 -52.04 81.63 -50.22
N ASN A 184 -53.28 81.15 -50.24
CA ASN A 184 -54.40 81.68 -49.42
C ASN A 184 -54.63 80.80 -48.18
N ALA A 185 -53.83 79.77 -47.93
CA ALA A 185 -53.99 78.89 -46.76
C ALA A 185 -53.78 79.73 -45.49
N VAL A 186 -54.69 79.59 -44.53
CA VAL A 186 -54.52 80.12 -43.14
C VAL A 186 -55.00 79.06 -42.14
N GLU B 10 -75.14 92.74 -49.93
CA GLU B 10 -74.29 92.84 -51.19
C GLU B 10 -73.00 92.01 -50.98
N ARG B 11 -72.62 91.22 -52.00
CA ARG B 11 -71.50 90.27 -51.92
C ARG B 11 -70.82 90.16 -53.29
N ASN B 12 -69.52 90.49 -53.37
CA ASN B 12 -68.71 90.42 -54.62
C ASN B 12 -68.59 88.94 -55.02
N ILE B 13 -68.91 88.61 -56.28
CA ILE B 13 -68.94 87.20 -56.78
C ILE B 13 -67.54 86.57 -56.65
N THR B 14 -66.49 87.33 -56.94
CA THR B 14 -65.07 86.87 -56.88
C THR B 14 -64.73 86.53 -55.43
N SER B 15 -65.05 87.41 -54.47
CA SER B 15 -64.79 87.21 -53.02
C SER B 15 -65.51 85.94 -52.53
N GLU B 16 -66.77 85.77 -52.94
CA GLU B 16 -67.64 84.64 -52.52
C GLU B 16 -67.03 83.33 -53.01
N MET B 17 -66.70 83.24 -54.30
CA MET B 17 -66.04 82.07 -54.94
C MET B 17 -64.75 81.74 -54.18
N ARG B 18 -63.86 82.71 -54.01
CA ARG B 18 -62.49 82.45 -53.49
C ARG B 18 -62.58 81.93 -52.05
N GLU B 19 -63.44 82.53 -51.22
CA GLU B 19 -63.56 82.18 -49.78
C GLU B 19 -64.35 80.86 -49.63
N SER B 20 -65.42 80.67 -50.43
CA SER B 20 -66.27 79.46 -50.42
C SER B 20 -65.45 78.23 -50.84
N PHE B 21 -64.77 78.33 -51.99
CA PHE B 21 -63.98 77.23 -52.59
C PHE B 21 -62.82 76.88 -51.66
N LEU B 22 -62.15 77.89 -51.08
CA LEU B 22 -61.00 77.66 -50.16
C LEU B 22 -61.47 76.87 -48.95
N ASP B 23 -62.65 77.21 -48.43
CA ASP B 23 -63.26 76.56 -47.22
C ASP B 23 -63.45 75.06 -47.50
N TYR B 24 -64.05 74.75 -48.65
CA TYR B 24 -64.25 73.37 -49.17
C TYR B 24 -62.89 72.67 -49.34
N ALA B 25 -62.05 73.23 -50.21
CA ALA B 25 -60.74 72.66 -50.60
C ALA B 25 -59.90 72.34 -49.36
N MET B 26 -59.77 73.29 -48.44
CA MET B 26 -58.93 73.14 -47.22
C MET B 26 -59.48 71.98 -46.39
N SER B 27 -60.82 71.89 -46.29
CA SER B 27 -61.55 70.90 -45.47
C SER B 27 -61.33 69.49 -46.02
N VAL B 28 -61.41 69.34 -47.35
CA VAL B 28 -61.17 68.06 -48.07
C VAL B 28 -59.73 67.62 -47.88
N ILE B 29 -58.79 68.56 -47.77
CA ILE B 29 -57.32 68.28 -47.68
C ILE B 29 -56.96 67.82 -46.25
N VAL B 30 -57.39 68.54 -45.22
CA VAL B 30 -56.87 68.37 -43.82
C VAL B 30 -57.83 67.52 -42.98
N ALA B 31 -59.01 67.17 -43.51
CA ALA B 31 -60.07 66.49 -42.73
C ALA B 31 -60.99 65.69 -43.66
N ARG B 32 -60.42 64.94 -44.62
CA ARG B 32 -61.22 63.95 -45.41
C ARG B 32 -60.33 62.96 -46.16
N ALA B 33 -59.61 63.41 -47.18
CA ALA B 33 -59.07 62.57 -48.28
C ALA B 33 -57.60 62.20 -48.05
N LEU B 34 -56.85 62.99 -47.28
CA LEU B 34 -55.40 62.76 -47.06
C LEU B 34 -55.18 62.18 -45.67
N PRO B 35 -54.32 61.15 -45.55
CA PRO B 35 -53.98 60.56 -44.27
C PRO B 35 -52.93 61.37 -43.50
N ASP B 36 -52.95 61.28 -42.16
CA ASP B 36 -51.86 61.80 -41.29
C ASP B 36 -50.63 60.89 -41.46
N VAL B 37 -49.45 61.50 -41.50
CA VAL B 37 -48.14 60.79 -41.69
C VAL B 37 -47.84 59.88 -40.49
N ARG B 38 -48.42 60.18 -39.33
CA ARG B 38 -48.10 59.50 -38.04
C ARG B 38 -48.76 58.13 -37.98
N ASP B 39 -50.09 58.05 -38.10
CA ASP B 39 -50.86 56.78 -37.93
C ASP B 39 -51.37 56.27 -39.28
N GLY B 40 -51.14 57.02 -40.37
CA GLY B 40 -51.53 56.61 -41.73
C GLY B 40 -53.03 56.67 -41.98
N LEU B 41 -53.79 57.30 -41.08
CA LEU B 41 -55.28 57.22 -41.11
C LEU B 41 -55.90 58.53 -41.62
N LYS B 42 -56.93 58.42 -42.45
CA LYS B 42 -57.86 59.54 -42.72
C LYS B 42 -58.79 59.65 -41.52
N PRO B 43 -59.41 60.82 -41.27
CA PRO B 43 -60.45 60.95 -40.25
C PRO B 43 -61.42 59.77 -40.12
N VAL B 44 -62.07 59.37 -41.21
CA VAL B 44 -63.15 58.35 -41.15
C VAL B 44 -62.59 57.04 -40.61
N HIS B 45 -61.36 56.66 -40.98
CA HIS B 45 -60.69 55.40 -40.54
C HIS B 45 -60.43 55.50 -39.03
N ARG B 46 -59.83 56.62 -38.61
CA ARG B 46 -59.47 56.87 -37.21
C ARG B 46 -60.71 56.78 -36.33
N ARG B 47 -61.81 57.43 -36.75
CA ARG B 47 -63.07 57.50 -35.98
C ARG B 47 -63.68 56.10 -35.84
N ILE B 48 -63.61 55.28 -36.89
CA ILE B 48 -64.09 53.88 -36.86
C ILE B 48 -63.29 53.07 -35.82
N LEU B 49 -61.95 53.10 -35.91
CA LEU B 49 -61.07 52.27 -35.03
C LEU B 49 -61.24 52.74 -33.58
N TYR B 50 -61.39 54.04 -33.35
CA TYR B 50 -61.56 54.62 -32.00
C TYR B 50 -62.93 54.23 -31.47
N GLY B 51 -63.95 54.23 -32.34
CA GLY B 51 -65.32 53.80 -32.02
C GLY B 51 -65.35 52.32 -31.62
N LEU B 52 -64.60 51.47 -32.33
CA LEU B 52 -64.50 50.03 -31.99
C LEU B 52 -63.95 49.91 -30.58
N ASN B 53 -62.98 50.76 -30.25
CA ASN B 53 -62.18 50.69 -29.00
C ASN B 53 -63.03 51.19 -27.81
N GLU B 54 -63.82 52.24 -28.03
CA GLU B 54 -64.68 52.87 -27.01
C GLU B 54 -65.82 51.92 -26.63
N GLN B 55 -66.28 51.07 -27.56
CA GLN B 55 -67.33 50.06 -27.27
C GLN B 55 -66.66 48.70 -27.03
N GLY B 56 -65.38 48.69 -26.66
CA GLY B 56 -64.57 47.49 -26.42
C GLY B 56 -64.91 46.31 -27.32
N MET B 57 -65.04 46.56 -28.64
N MET B 57 -65.04 46.56 -28.64
CA MET B 57 -65.17 45.48 -29.66
CA MET B 57 -65.17 45.49 -29.66
C MET B 57 -63.76 45.01 -30.01
C MET B 57 -63.76 45.01 -30.02
N THR B 58 -63.17 44.19 -29.14
CA THR B 58 -61.76 43.72 -29.20
C THR B 58 -61.76 42.33 -29.79
N PRO B 59 -60.61 41.77 -30.21
CA PRO B 59 -60.57 40.45 -30.87
C PRO B 59 -61.12 39.30 -30.02
N ASP B 60 -60.94 39.38 -28.69
CA ASP B 60 -61.35 38.35 -27.69
C ASP B 60 -62.88 38.34 -27.53
N LYS B 61 -63.52 39.51 -27.52
CA LYS B 61 -65.01 39.67 -27.45
C LYS B 61 -65.62 39.36 -28.84
N SER B 62 -66.93 39.10 -28.87
CA SER B 62 -67.65 38.60 -30.07
C SER B 62 -68.00 39.75 -31.01
N TYR B 63 -68.13 39.42 -32.31
CA TYR B 63 -68.47 40.37 -33.41
C TYR B 63 -69.76 41.10 -33.06
N LYS B 64 -69.79 42.41 -33.30
N LYS B 64 -69.79 42.41 -33.30
CA LYS B 64 -70.98 43.29 -33.12
CA LYS B 64 -70.98 43.28 -33.11
C LYS B 64 -71.50 43.70 -34.50
C LYS B 64 -71.50 43.70 -34.50
N LYS B 65 -72.82 43.90 -34.64
CA LYS B 65 -73.48 44.30 -35.91
C LYS B 65 -72.87 45.59 -36.44
N SER B 66 -72.64 45.66 -37.75
CA SER B 66 -72.01 46.81 -38.43
C SER B 66 -72.91 48.05 -38.29
N ALA B 67 -74.22 47.89 -38.44
CA ALA B 67 -75.20 48.98 -38.29
C ALA B 67 -75.08 49.63 -36.89
N ARG B 68 -74.75 48.85 -35.85
N ARG B 68 -74.75 48.84 -35.86
CA ARG B 68 -74.53 49.34 -34.47
CA ARG B 68 -74.53 49.34 -34.47
C ARG B 68 -73.27 50.22 -34.46
C ARG B 68 -73.27 50.22 -34.47
N ILE B 69 -72.20 49.75 -35.13
CA ILE B 69 -70.87 50.43 -35.16
C ILE B 69 -70.99 51.72 -35.96
N VAL B 70 -71.59 51.66 -37.15
CA VAL B 70 -71.72 52.82 -38.08
C VAL B 70 -72.57 53.90 -37.40
N GLY B 71 -73.66 53.50 -36.73
CA GLY B 71 -74.57 54.40 -35.99
C GLY B 71 -73.81 55.15 -34.91
N ASP B 72 -73.04 54.42 -34.11
N ASP B 72 -73.04 54.42 -34.11
CA ASP B 72 -72.23 54.97 -32.98
CA ASP B 72 -72.24 54.96 -32.98
C ASP B 72 -71.21 55.96 -33.54
C ASP B 72 -71.21 55.96 -33.54
N VAL B 73 -70.50 55.60 -34.62
CA VAL B 73 -69.42 56.44 -35.22
C VAL B 73 -70.04 57.71 -35.80
N MET B 74 -71.15 57.58 -36.51
CA MET B 74 -71.87 58.70 -37.19
C MET B 74 -72.45 59.66 -36.14
N GLY B 75 -72.99 59.10 -35.05
CA GLY B 75 -73.56 59.85 -33.93
C GLY B 75 -72.53 60.73 -33.23
N LYS B 76 -71.35 60.17 -32.93
CA LYS B 76 -70.41 60.71 -31.91
C LYS B 76 -69.21 61.44 -32.54
N TYR B 77 -68.76 61.07 -33.73
CA TYR B 77 -67.44 61.49 -34.27
C TYR B 77 -67.54 61.99 -35.74
N HIS B 78 -68.25 61.28 -36.61
CA HIS B 78 -68.21 61.43 -38.09
C HIS B 78 -69.57 61.86 -38.63
N PRO B 79 -69.87 63.18 -38.68
CA PRO B 79 -71.20 63.65 -39.07
C PRO B 79 -71.37 63.66 -40.60
N HIS B 80 -71.38 62.47 -41.22
CA HIS B 80 -71.48 62.27 -42.69
C HIS B 80 -72.29 61.00 -42.99
N GLY B 81 -72.36 60.62 -44.26
CA GLY B 81 -73.19 59.50 -44.73
C GLY B 81 -72.82 58.18 -44.09
N ASP B 82 -73.80 57.32 -43.84
CA ASP B 82 -73.61 55.92 -43.37
C ASP B 82 -72.81 55.15 -44.44
N SER B 83 -73.08 55.35 -45.73
CA SER B 83 -72.34 54.66 -46.82
C SER B 83 -70.84 55.02 -46.76
N SER B 84 -70.49 56.29 -46.55
CA SER B 84 -69.07 56.75 -46.50
C SER B 84 -68.35 55.98 -45.39
N ILE B 85 -68.99 55.83 -44.23
CA ILE B 85 -68.42 55.16 -43.03
C ILE B 85 -68.33 53.66 -43.27
N TYR B 86 -69.43 53.03 -43.67
CA TYR B 86 -69.50 51.55 -43.78
C TYR B 86 -68.48 51.06 -44.83
N GLU B 87 -68.44 51.70 -46.00
CA GLU B 87 -67.53 51.26 -47.10
CA GLU B 87 -67.53 51.26 -47.10
C GLU B 87 -66.08 51.41 -46.66
N ALA B 88 -65.78 52.42 -45.85
CA ALA B 88 -64.41 52.67 -45.32
C ALA B 88 -64.03 51.56 -44.35
N MET B 89 -65.00 51.08 -43.56
CA MET B 89 -64.79 49.98 -42.60
C MET B 89 -64.62 48.66 -43.37
N VAL B 90 -65.46 48.45 -44.39
CA VAL B 90 -65.41 47.23 -45.24
C VAL B 90 -63.98 47.05 -45.78
N ARG B 91 -63.44 48.09 -46.43
CA ARG B 91 -62.10 48.09 -47.09
C ARG B 91 -61.03 47.66 -46.08
N MET B 92 -61.08 48.17 -44.85
CA MET B 92 -60.11 47.87 -43.76
C MET B 92 -60.18 46.39 -43.38
N ALA B 93 -61.24 45.70 -43.80
CA ALA B 93 -61.52 44.29 -43.43
C ALA B 93 -61.19 43.35 -44.59
N GLN B 94 -60.88 43.89 -45.78
CA GLN B 94 -60.61 43.09 -46.99
C GLN B 94 -59.12 42.75 -47.05
N ASP B 95 -58.79 41.47 -47.05
CA ASP B 95 -57.38 40.98 -47.03
C ASP B 95 -56.74 41.22 -48.39
N PHE B 96 -57.51 41.58 -49.42
CA PHE B 96 -57.03 41.91 -50.79
C PHE B 96 -56.90 43.44 -50.98
N SER B 97 -57.35 44.23 -50.01
CA SER B 97 -57.26 45.72 -50.03
C SER B 97 -56.18 46.17 -49.07
N TYR B 98 -56.25 45.70 -47.82
CA TYR B 98 -55.32 46.02 -46.71
C TYR B 98 -54.30 44.88 -46.53
N ARG B 99 -53.02 45.24 -46.64
CA ARG B 99 -51.87 44.32 -46.46
C ARG B 99 -51.88 43.76 -45.03
N TYR B 100 -52.21 44.61 -44.06
CA TYR B 100 -52.46 44.24 -42.64
C TYR B 100 -53.85 44.75 -42.27
N PRO B 101 -54.91 43.93 -42.50
CA PRO B 101 -56.28 44.31 -42.15
C PRO B 101 -56.41 44.84 -40.72
N LEU B 102 -57.16 45.91 -40.56
CA LEU B 102 -57.39 46.62 -39.26
C LEU B 102 -58.77 46.26 -38.71
N VAL B 103 -59.61 45.60 -39.51
CA VAL B 103 -60.98 45.21 -39.07
C VAL B 103 -61.21 43.73 -39.39
N ASP B 104 -61.79 43.01 -38.42
CA ASP B 104 -62.09 41.57 -38.53
C ASP B 104 -63.59 41.46 -38.80
N GLY B 105 -63.95 41.09 -40.04
CA GLY B 105 -65.34 41.03 -40.54
C GLY B 105 -65.94 39.65 -40.44
N GLN B 106 -67.24 39.57 -40.20
CA GLN B 106 -68.04 38.32 -40.24
C GLN B 106 -69.15 38.53 -41.27
N GLY B 107 -69.09 37.81 -42.40
CA GLY B 107 -70.10 37.87 -43.47
C GLY B 107 -69.51 38.30 -44.80
N ASN B 108 -70.36 38.73 -45.72
CA ASN B 108 -69.96 39.12 -47.11
C ASN B 108 -69.38 40.53 -47.07
N PHE B 109 -68.05 40.67 -46.96
CA PHE B 109 -67.26 41.93 -47.08
C PHE B 109 -66.66 42.08 -48.48
N GLY B 110 -67.30 41.49 -49.48
CA GLY B 110 -66.93 41.60 -50.90
C GLY B 110 -65.88 40.58 -51.30
N SER B 111 -65.49 40.61 -52.57
CA SER B 111 -64.50 39.73 -53.23
C SER B 111 -63.61 40.57 -54.14
N MET B 112 -62.62 39.94 -54.78
CA MET B 112 -61.71 40.59 -55.74
C MET B 112 -62.45 40.92 -57.05
N ASP B 113 -63.64 40.35 -57.26
CA ASP B 113 -64.45 40.57 -58.49
C ASP B 113 -65.22 41.90 -58.38
N GLY B 114 -65.10 42.62 -57.26
CA GLY B 114 -65.71 43.95 -57.11
C GLY B 114 -67.19 43.87 -56.78
N ASP B 115 -67.70 42.68 -56.43
CA ASP B 115 -69.01 42.53 -55.75
C ASP B 115 -68.85 43.29 -54.43
N GLY B 116 -69.78 44.19 -54.09
CA GLY B 116 -69.69 44.96 -52.84
C GLY B 116 -69.84 44.06 -51.62
N ALA B 117 -69.55 44.59 -50.42
CA ALA B 117 -69.98 43.99 -49.15
C ALA B 117 -71.52 43.96 -49.12
N ALA B 118 -72.11 42.96 -48.45
CA ALA B 118 -73.53 42.99 -48.07
C ALA B 118 -73.80 44.30 -47.30
N ALA B 119 -75.06 44.76 -47.28
CA ALA B 119 -75.50 45.94 -46.50
C ALA B 119 -75.15 45.74 -45.02
N MET B 120 -75.04 46.84 -44.27
CA MET B 120 -74.51 46.82 -42.87
C MET B 120 -75.45 46.05 -41.94
N ARG B 121 -76.72 45.86 -42.31
CA ARG B 121 -77.67 45.04 -41.50
C ARG B 121 -77.16 43.59 -41.44
N TYR B 122 -76.46 43.14 -42.48
CA TYR B 122 -76.10 41.72 -42.70
C TYR B 122 -74.76 41.37 -42.05
N THR B 123 -73.83 42.34 -41.89
CA THR B 123 -72.43 42.04 -41.51
C THR B 123 -72.20 42.38 -40.04
N GLU B 124 -71.18 41.76 -39.44
CA GLU B 124 -70.70 42.05 -38.07
C GLU B 124 -69.19 42.26 -38.15
N ALA B 125 -68.58 42.92 -37.17
CA ALA B 125 -67.16 43.35 -37.25
C ALA B 125 -66.58 43.52 -35.85
N ARG B 126 -65.23 43.48 -35.77
CA ARG B 126 -64.44 43.82 -34.56
C ARG B 126 -63.03 44.24 -34.96
N MET B 127 -62.18 44.56 -33.98
CA MET B 127 -60.73 44.83 -34.19
C MET B 127 -60.02 43.55 -34.63
N THR B 128 -58.96 43.71 -35.42
CA THR B 128 -57.92 42.68 -35.65
C THR B 128 -56.91 42.79 -34.50
N LYS B 129 -56.14 41.73 -34.22
CA LYS B 129 -55.10 41.73 -33.15
C LYS B 129 -54.12 42.89 -33.41
N ILE B 130 -53.80 43.20 -34.66
CA ILE B 130 -52.79 44.25 -34.99
C ILE B 130 -53.40 45.65 -34.72
N THR B 131 -54.72 45.80 -34.75
CA THR B 131 -55.38 47.12 -34.50
C THR B 131 -55.20 47.50 -33.02
N LEU B 132 -55.01 46.51 -32.15
CA LEU B 132 -54.64 46.78 -30.73
C LEU B 132 -53.33 47.58 -30.68
N GLU B 133 -52.38 47.30 -31.59
CA GLU B 133 -51.08 48.00 -31.62
C GLU B 133 -51.30 49.45 -32.10
N LEU B 134 -52.28 49.70 -32.99
CA LEU B 134 -52.62 51.09 -33.41
C LEU B 134 -53.14 51.88 -32.19
N LEU B 135 -53.88 51.23 -31.30
CA LEU B 135 -54.61 51.92 -30.21
C LEU B 135 -53.86 51.81 -28.88
N ARG B 136 -52.80 51.00 -28.80
CA ARG B 136 -52.10 50.71 -27.51
C ARG B 136 -51.70 52.04 -26.85
N ASP B 137 -52.11 52.24 -25.60
CA ASP B 137 -51.70 53.39 -24.75
C ASP B 137 -52.43 54.67 -25.16
N ILE B 138 -53.57 54.57 -25.86
CA ILE B 138 -54.36 55.75 -26.27
C ILE B 138 -54.91 56.44 -25.01
N ASN B 139 -55.09 55.66 -23.93
CA ASN B 139 -55.70 56.15 -22.66
C ASN B 139 -54.64 56.58 -21.65
N LYS B 140 -53.37 56.66 -22.05
CA LYS B 140 -52.25 57.07 -21.19
C LYS B 140 -51.67 58.42 -21.65
N ASP B 141 -52.53 59.34 -22.11
CA ASP B 141 -52.15 60.72 -22.49
C ASP B 141 -50.92 60.71 -23.41
N THR B 142 -50.97 59.88 -24.45
CA THR B 142 -49.91 59.68 -25.46
C THR B 142 -50.18 60.55 -26.69
N ILE B 143 -51.44 60.87 -26.93
CA ILE B 143 -51.93 61.66 -28.10
C ILE B 143 -52.96 62.67 -27.57
N ASP B 144 -53.09 63.81 -28.26
CA ASP B 144 -54.03 64.89 -27.85
C ASP B 144 -55.45 64.53 -28.30
N PHE B 145 -56.42 64.62 -27.39
CA PHE B 145 -57.86 64.58 -27.73
C PHE B 145 -58.34 65.97 -28.11
N ILE B 146 -59.43 66.02 -28.88
CA ILE B 146 -60.10 67.28 -29.33
C ILE B 146 -61.61 67.06 -29.24
N ASP B 147 -62.36 68.15 -29.22
CA ASP B 147 -63.84 68.11 -29.21
C ASP B 147 -64.31 67.53 -30.54
N ASN B 148 -65.37 66.71 -30.52
CA ASN B 148 -66.03 66.23 -31.75
C ASN B 148 -66.78 67.42 -32.38
N TYR B 149 -67.48 67.16 -33.48
CA TYR B 149 -68.15 68.17 -34.34
C TYR B 149 -69.19 68.99 -33.57
N ASP B 150 -69.89 68.40 -32.59
CA ASP B 150 -70.99 69.10 -31.87
C ASP B 150 -70.55 69.47 -30.44
N GLY B 151 -69.33 69.09 -30.03
CA GLY B 151 -68.77 69.44 -28.71
C GLY B 151 -69.35 68.60 -27.57
N ASN B 152 -70.11 67.54 -27.86
CA ASN B 152 -70.68 66.60 -26.84
C ASN B 152 -69.72 65.44 -26.56
N GLU B 153 -68.59 65.30 -27.28
CA GLU B 153 -67.69 64.12 -27.19
C GLU B 153 -66.22 64.52 -27.41
N ARG B 154 -65.30 63.70 -26.92
CA ARG B 154 -63.84 63.82 -27.18
C ARG B 154 -63.42 62.72 -28.14
N GLU B 155 -62.65 63.08 -29.16
CA GLU B 155 -62.09 62.12 -30.16
C GLU B 155 -60.59 62.36 -30.28
N PRO B 156 -59.81 61.30 -30.61
CA PRO B 156 -58.36 61.43 -30.75
C PRO B 156 -57.97 62.10 -32.07
N SER B 157 -57.12 63.12 -32.00
CA SER B 157 -56.50 63.83 -33.16
C SER B 157 -55.66 62.86 -33.99
N VAL B 158 -55.04 61.86 -33.34
CA VAL B 158 -54.16 60.86 -34.01
C VAL B 158 -54.08 59.61 -33.12
N LEU B 159 -53.81 58.44 -33.67
CA LEU B 159 -53.66 57.20 -32.86
C LEU B 159 -52.18 57.02 -32.52
N PRO B 160 -51.87 56.35 -31.39
CA PRO B 160 -50.49 56.03 -31.03
C PRO B 160 -49.71 55.36 -32.16
N ALA B 161 -50.35 54.44 -32.89
CA ALA B 161 -49.77 53.80 -34.09
C ALA B 161 -48.42 53.16 -33.73
N ARG B 162 -48.45 52.06 -32.98
CA ARG B 162 -47.21 51.42 -32.46
C ARG B 162 -46.52 50.60 -33.56
N PHE B 163 -47.14 50.48 -34.75
CA PHE B 163 -46.46 50.03 -36.01
C PHE B 163 -46.68 51.08 -37.10
N PRO B 164 -45.76 51.21 -38.08
CA PRO B 164 -45.80 52.27 -39.11
C PRO B 164 -46.84 52.03 -40.22
N ASN B 165 -48.08 52.46 -39.96
CA ASN B 165 -49.29 52.01 -40.67
C ASN B 165 -49.43 52.71 -42.03
N LEU B 166 -48.96 53.97 -42.17
CA LEU B 166 -49.08 54.75 -43.43
C LEU B 166 -48.46 53.93 -44.58
N LEU B 167 -47.22 53.49 -44.40
CA LEU B 167 -46.46 52.74 -45.44
C LEU B 167 -46.92 51.27 -45.46
N ALA B 168 -47.24 50.70 -44.29
CA ALA B 168 -47.59 49.27 -44.17
C ALA B 168 -48.82 48.98 -45.01
N ASN B 169 -49.90 49.72 -44.76
CA ASN B 169 -51.21 49.47 -45.42
C ASN B 169 -51.33 50.36 -46.65
N GLY B 170 -50.62 51.48 -46.69
CA GLY B 170 -50.67 52.42 -47.83
C GLY B 170 -51.89 53.31 -47.69
N ALA B 171 -52.25 54.03 -48.75
CA ALA B 171 -53.33 55.05 -48.75
C ALA B 171 -53.51 55.62 -50.17
N SER B 172 -54.76 55.71 -50.62
CA SER B 172 -55.14 56.44 -51.87
C SER B 172 -56.29 57.41 -51.53
N GLY B 173 -56.21 58.63 -52.04
CA GLY B 173 -57.18 59.69 -51.70
C GLY B 173 -57.17 60.80 -52.73
N ILE B 174 -58.33 61.05 -53.34
CA ILE B 174 -58.54 62.21 -54.25
C ILE B 174 -58.99 63.39 -53.37
N ALA B 175 -58.15 64.44 -53.27
CA ALA B 175 -58.44 65.65 -52.48
C ALA B 175 -58.91 66.75 -53.45
N VAL B 176 -58.57 68.01 -53.16
CA VAL B 176 -58.74 69.16 -54.09
C VAL B 176 -57.37 69.82 -54.25
N GLY B 177 -56.94 70.03 -55.50
CA GLY B 177 -55.61 70.57 -55.86
C GLY B 177 -54.51 69.51 -55.82
N MET B 178 -54.78 68.35 -55.22
CA MET B 178 -53.80 67.24 -55.03
C MET B 178 -54.54 65.94 -54.73
N ALA B 179 -53.87 64.82 -54.95
CA ALA B 179 -54.29 63.46 -54.52
C ALA B 179 -53.13 62.82 -53.76
N THR B 180 -53.36 61.64 -53.18
CA THR B 180 -52.31 60.78 -52.59
C THR B 180 -52.47 59.37 -53.18
N ASN B 181 -51.33 58.70 -53.37
CA ASN B 181 -51.29 57.27 -53.76
C ASN B 181 -50.01 56.67 -53.18
N ILE B 182 -50.12 55.94 -52.08
CA ILE B 182 -48.98 55.34 -51.36
C ILE B 182 -49.21 53.83 -51.35
N PRO B 183 -48.27 53.03 -51.88
CA PRO B 183 -48.47 51.59 -51.96
C PRO B 183 -48.20 50.95 -50.61
N PRO B 184 -48.80 49.79 -50.31
CA PRO B 184 -48.51 49.04 -49.09
C PRO B 184 -47.11 48.44 -49.12
N HIS B 185 -46.59 48.10 -47.93
CA HIS B 185 -45.20 47.62 -47.72
C HIS B 185 -45.18 46.39 -46.81
N ASN B 186 -44.06 45.68 -46.79
CA ASN B 186 -43.87 44.54 -45.87
C ASN B 186 -43.49 45.11 -44.49
N LEU B 187 -44.20 44.70 -43.44
CA LEU B 187 -44.06 45.28 -42.09
C LEU B 187 -42.65 45.00 -41.56
N THR B 188 -42.16 43.77 -41.77
CA THR B 188 -40.81 43.33 -41.36
C THR B 188 -39.79 44.28 -41.99
N GLU B 189 -39.85 44.47 -43.30
CA GLU B 189 -38.91 45.34 -44.05
C GLU B 189 -38.99 46.77 -43.47
N LEU B 190 -40.21 47.28 -43.26
CA LEU B 190 -40.45 48.67 -42.75
C LEU B 190 -39.74 48.83 -41.41
N ILE B 191 -39.96 47.91 -40.48
CA ILE B 191 -39.50 48.04 -39.07
C ILE B 191 -37.96 47.96 -39.08
N ASN B 192 -37.38 47.07 -39.88
CA ASN B 192 -35.91 47.02 -40.09
C ASN B 192 -35.42 48.38 -40.64
N GLY B 193 -36.16 48.98 -41.57
CA GLY B 193 -35.89 50.34 -42.08
C GLY B 193 -35.84 51.35 -40.94
N VAL B 194 -36.86 51.35 -40.07
CA VAL B 194 -36.99 52.34 -38.96
C VAL B 194 -35.83 52.14 -37.98
N LEU B 195 -35.50 50.88 -37.66
CA LEU B 195 -34.39 50.52 -36.74
C LEU B 195 -33.08 51.08 -37.31
N SER B 196 -32.84 50.85 -38.61
CA SER B 196 -31.65 51.36 -39.34
C SER B 196 -31.58 52.88 -39.19
N LEU B 197 -32.66 53.58 -39.53
CA LEU B 197 -32.80 55.05 -39.40
C LEU B 197 -32.55 55.49 -37.94
N SER B 198 -33.08 54.76 -36.96
CA SER B 198 -33.03 55.14 -35.52
C SER B 198 -31.58 55.04 -35.00
N LYS B 199 -30.71 54.32 -35.71
CA LYS B 199 -29.27 54.17 -35.36
C LYS B 199 -28.43 55.16 -36.18
N ASN B 200 -28.93 55.67 -37.31
CA ASN B 200 -28.16 56.52 -38.26
C ASN B 200 -29.08 57.57 -38.86
N PRO B 201 -29.26 58.73 -38.19
CA PRO B 201 -30.12 59.79 -38.70
C PRO B 201 -29.78 60.26 -40.12
N ASP B 202 -28.53 60.07 -40.55
CA ASP B 202 -27.97 60.59 -41.83
C ASP B 202 -28.05 59.52 -42.93
N ILE B 203 -28.75 58.42 -42.68
CA ILE B 203 -28.87 57.25 -43.61
C ILE B 203 -29.42 57.71 -44.97
N SER B 204 -28.91 57.15 -46.06
CA SER B 204 -29.33 57.41 -47.46
C SER B 204 -30.57 56.57 -47.79
N ILE B 205 -31.37 57.03 -48.75
CA ILE B 205 -32.52 56.25 -49.31
C ILE B 205 -31.97 54.90 -49.81
N ALA B 206 -30.82 54.92 -50.49
CA ALA B 206 -30.15 53.73 -51.04
C ALA B 206 -29.92 52.67 -49.95
N GLU B 207 -29.44 53.09 -48.78
N GLU B 207 -29.44 53.09 -48.78
CA GLU B 207 -29.14 52.20 -47.63
CA GLU B 207 -29.14 52.20 -47.63
C GLU B 207 -30.46 51.69 -47.04
C GLU B 207 -30.46 51.69 -47.04
N LEU B 208 -31.47 52.56 -46.92
CA LEU B 208 -32.82 52.20 -46.45
C LEU B 208 -33.40 51.11 -47.36
N MET B 209 -33.08 51.13 -48.66
CA MET B 209 -33.67 50.19 -49.65
C MET B 209 -33.03 48.80 -49.54
N GLU B 210 -31.94 48.64 -48.79
CA GLU B 210 -31.42 47.29 -48.40
C GLU B 210 -32.36 46.63 -47.39
N ASP B 211 -33.14 47.41 -46.64
CA ASP B 211 -34.20 46.88 -45.73
C ASP B 211 -35.52 46.83 -46.48
N ILE B 212 -35.90 47.94 -47.12
CA ILE B 212 -37.22 48.13 -47.80
C ILE B 212 -37.01 47.93 -49.31
N GLU B 213 -37.09 46.68 -49.78
CA GLU B 213 -36.85 46.29 -51.20
C GLU B 213 -37.72 47.11 -52.15
N GLY B 214 -38.99 47.32 -51.76
CA GLY B 214 -40.03 47.99 -52.56
C GLY B 214 -41.41 47.74 -51.95
N PRO B 215 -42.49 48.15 -52.64
CA PRO B 215 -43.85 47.83 -52.19
C PRO B 215 -44.03 46.32 -52.06
N ASP B 216 -44.96 45.93 -51.19
CA ASP B 216 -45.44 44.54 -51.01
C ASP B 216 -46.96 44.58 -50.99
N PHE B 217 -47.59 44.28 -52.13
CA PHE B 217 -49.07 44.33 -52.29
C PHE B 217 -49.69 43.11 -51.62
N PRO B 218 -50.91 43.23 -51.05
CA PRO B 218 -51.59 42.08 -50.48
C PRO B 218 -51.86 40.99 -51.53
N THR B 219 -52.11 41.41 -52.77
CA THR B 219 -52.48 40.54 -53.91
C THR B 219 -51.24 39.85 -54.51
N ALA B 220 -50.05 40.15 -54.00
CA ALA B 220 -48.75 39.59 -54.47
C ALA B 220 -48.46 40.11 -55.89
N GLY B 221 -48.21 39.20 -56.84
CA GLY B 221 -47.85 39.57 -58.24
C GLY B 221 -46.39 39.95 -58.34
N LEU B 222 -46.03 40.70 -59.39
CA LEU B 222 -44.63 41.04 -59.75
C LEU B 222 -44.50 42.55 -59.94
N ILE B 223 -43.33 43.09 -59.60
CA ILE B 223 -42.92 44.47 -59.97
C ILE B 223 -41.74 44.35 -60.93
N LEU B 224 -41.83 45.02 -62.07
CA LEU B 224 -40.78 45.04 -63.12
C LEU B 224 -39.79 46.15 -62.76
N GLY B 225 -38.64 45.78 -62.19
CA GLY B 225 -37.48 46.68 -62.07
C GLY B 225 -37.51 47.51 -60.82
N LYS B 226 -36.38 48.13 -60.50
CA LYS B 226 -36.17 48.94 -59.27
C LYS B 226 -36.17 50.44 -59.62
N SER B 227 -36.25 50.80 -60.90
CA SER B 227 -36.16 52.20 -61.40
C SER B 227 -37.32 53.03 -60.84
N GLY B 228 -38.56 52.60 -61.10
CA GLY B 228 -39.77 53.27 -60.61
C GLY B 228 -39.77 53.37 -59.10
N ILE B 229 -39.49 52.26 -58.43
CA ILE B 229 -39.48 52.16 -56.94
C ILE B 229 -38.52 53.21 -56.39
N ARG B 230 -37.30 53.25 -56.94
CA ARG B 230 -36.19 54.14 -56.50
C ARG B 230 -36.64 55.59 -56.63
N ARG B 231 -37.16 55.96 -57.80
N ARG B 231 -37.16 55.96 -57.80
CA ARG B 231 -37.61 57.34 -58.14
CA ARG B 231 -37.61 57.34 -58.14
C ARG B 231 -38.71 57.76 -57.13
C ARG B 231 -38.71 57.76 -57.13
N ALA B 232 -39.61 56.84 -56.81
CA ALA B 232 -40.75 57.08 -55.90
C ALA B 232 -40.25 57.29 -54.46
N TYR B 233 -39.26 56.52 -54.02
CA TYR B 233 -38.68 56.59 -52.65
C TYR B 233 -37.74 57.80 -52.54
N GLU B 234 -37.17 58.24 -53.67
CA GLU B 234 -36.24 59.39 -53.72
C GLU B 234 -37.04 60.69 -53.58
N THR B 235 -38.13 60.82 -54.35
CA THR B 235 -38.78 62.10 -54.69
C THR B 235 -40.24 62.14 -54.22
N GLY B 236 -40.85 60.98 -53.94
CA GLY B 236 -42.27 60.89 -53.55
C GLY B 236 -43.16 60.67 -54.75
N ARG B 237 -42.59 60.74 -55.96
CA ARG B 237 -43.33 60.49 -57.22
C ARG B 237 -42.52 59.52 -58.09
N GLY B 238 -43.22 58.53 -58.65
CA GLY B 238 -42.63 57.50 -59.52
C GLY B 238 -43.72 56.59 -60.02
N SER B 239 -43.55 56.04 -61.22
CA SER B 239 -44.45 54.99 -61.74
C SER B 239 -43.81 53.62 -61.49
N ILE B 240 -44.56 52.69 -60.92
CA ILE B 240 -44.15 51.30 -60.60
C ILE B 240 -45.00 50.38 -61.46
N GLN B 241 -44.36 49.55 -62.30
CA GLN B 241 -45.06 48.63 -63.23
C GLN B 241 -45.37 47.33 -62.47
N MET B 242 -46.65 47.05 -62.22
CA MET B 242 -47.13 45.79 -61.58
C MET B 242 -47.51 44.80 -62.68
N ARG B 243 -47.30 43.51 -62.45
CA ARG B 243 -47.63 42.48 -63.48
C ARG B 243 -48.21 41.25 -62.81
N SER B 244 -49.32 40.73 -63.37
CA SER B 244 -49.91 39.40 -63.02
C SER B 244 -48.83 38.32 -63.04
N ARG B 245 -48.92 37.37 -62.11
CA ARG B 245 -48.08 36.13 -62.15
C ARG B 245 -48.79 35.16 -63.10
N ALA B 246 -48.22 34.99 -64.30
CA ALA B 246 -48.79 34.17 -65.38
C ALA B 246 -47.72 33.22 -65.89
N VAL B 247 -48.11 31.99 -66.22
CA VAL B 247 -47.22 30.98 -66.84
C VAL B 247 -47.92 30.43 -68.08
N ILE B 248 -47.14 29.83 -68.98
CA ILE B 248 -47.62 29.05 -70.15
C ILE B 248 -47.40 27.57 -69.84
N GLU B 249 -48.44 26.74 -70.02
CA GLU B 249 -48.37 25.29 -69.67
C GLU B 249 -49.15 24.48 -70.71
N GLU B 250 -48.69 23.24 -70.98
CA GLU B 250 -49.36 22.17 -71.77
C GLU B 250 -50.75 21.90 -71.19
N ARG B 251 -51.77 21.75 -72.04
CA ARG B 251 -53.15 21.46 -71.54
C ARG B 251 -53.72 20.08 -71.93
N GLY B 254 -51.77 18.51 -77.27
CA GLY B 254 -50.47 19.18 -77.48
C GLY B 254 -50.60 20.69 -77.63
N ARG B 255 -51.75 21.23 -77.22
CA ARG B 255 -52.10 22.68 -77.19
C ARG B 255 -51.68 23.23 -75.83
N GLN B 256 -51.35 24.52 -75.78
CA GLN B 256 -50.94 25.24 -74.56
C GLN B 256 -52.07 26.11 -74.00
N ARG B 257 -51.81 26.74 -72.85
CA ARG B 257 -52.70 27.75 -72.22
C ARG B 257 -51.89 28.65 -71.29
N ILE B 258 -52.38 29.87 -71.08
CA ILE B 258 -51.84 30.88 -70.14
C ILE B 258 -52.64 30.77 -68.84
N VAL B 259 -51.97 30.58 -67.71
CA VAL B 259 -52.62 30.49 -66.38
C VAL B 259 -52.15 31.67 -65.54
N VAL B 260 -53.10 32.46 -65.05
CA VAL B 260 -52.85 33.65 -64.19
C VAL B 260 -53.31 33.32 -62.79
N THR B 261 -52.40 33.40 -61.80
CA THR B 261 -52.64 32.99 -60.39
C THR B 261 -52.59 34.19 -59.43
N GLU B 262 -51.98 35.31 -59.83
CA GLU B 262 -51.90 36.56 -59.03
C GLU B 262 -52.18 37.74 -59.97
N ILE B 263 -53.01 38.71 -59.58
CA ILE B 263 -53.28 39.92 -60.42
C ILE B 263 -52.72 41.17 -59.75
N PRO B 264 -52.57 42.29 -60.50
CA PRO B 264 -52.05 43.52 -59.93
C PRO B 264 -53.02 44.10 -58.90
N PHE B 265 -52.44 44.91 -58.00
CA PHE B 265 -53.13 45.54 -56.85
C PHE B 265 -54.25 46.45 -57.35
N GLN B 266 -55.41 46.38 -56.69
CA GLN B 266 -56.59 47.26 -56.93
C GLN B 266 -57.17 47.03 -58.34
N VAL B 267 -56.74 45.97 -59.04
CA VAL B 267 -57.36 45.56 -60.34
C VAL B 267 -58.54 44.63 -60.04
N ASN B 268 -59.68 44.89 -60.66
CA ASN B 268 -60.95 44.13 -60.49
C ASN B 268 -60.88 42.86 -61.35
N LYS B 269 -60.89 41.67 -60.74
CA LYS B 269 -60.72 40.38 -61.48
C LYS B 269 -61.81 40.27 -62.54
N ALA B 270 -63.07 40.44 -62.15
CA ALA B 270 -64.24 40.25 -63.04
C ALA B 270 -64.12 41.18 -64.25
N ARG B 271 -63.80 42.45 -64.01
N ARG B 271 -63.80 42.45 -64.01
CA ARG B 271 -63.65 43.52 -65.03
CA ARG B 271 -63.65 43.52 -65.03
C ARG B 271 -62.47 43.19 -65.96
C ARG B 271 -62.47 43.19 -65.96
N MET B 272 -61.33 42.76 -65.39
CA MET B 272 -60.11 42.43 -66.16
C MET B 272 -60.40 41.30 -67.15
N ILE B 273 -61.14 40.26 -66.73
CA ILE B 273 -61.56 39.13 -67.60
C ILE B 273 -62.45 39.66 -68.73
N GLU B 274 -63.41 40.52 -68.40
CA GLU B 274 -64.37 41.12 -69.36
C GLU B 274 -63.58 41.91 -70.43
N LYS B 275 -62.55 42.66 -70.05
CA LYS B 275 -61.67 43.39 -71.02
C LYS B 275 -61.05 42.40 -72.00
N ILE B 276 -60.60 41.23 -71.52
CA ILE B 276 -59.92 40.19 -72.37
C ILE B 276 -60.97 39.60 -73.31
N ALA B 277 -62.14 39.23 -72.79
CA ALA B 277 -63.26 38.65 -73.57
C ALA B 277 -63.66 39.66 -74.66
N GLU B 278 -63.67 40.94 -74.30
CA GLU B 278 -64.08 42.07 -75.19
C GLU B 278 -63.03 42.24 -76.31
N LEU B 279 -61.74 42.11 -76.02
CA LEU B 279 -60.68 42.16 -77.06
C LEU B 279 -60.87 41.00 -78.05
N VAL B 280 -61.22 39.81 -77.56
CA VAL B 280 -61.45 38.59 -78.37
C VAL B 280 -62.74 38.78 -79.20
N ARG B 281 -63.86 39.15 -78.55
CA ARG B 281 -65.17 39.45 -79.21
C ARG B 281 -64.92 40.40 -80.38
N ASP B 282 -64.11 41.45 -80.17
CA ASP B 282 -63.88 42.56 -81.14
C ASP B 282 -62.67 42.27 -82.03
N LYS B 283 -62.24 41.01 -82.11
CA LYS B 283 -61.07 40.52 -82.91
C LYS B 283 -59.88 41.50 -82.84
N LYS B 284 -59.58 42.09 -81.66
CA LYS B 284 -58.48 43.08 -81.47
C LYS B 284 -57.21 42.37 -80.93
N ILE B 285 -57.31 41.07 -80.61
CA ILE B 285 -56.16 40.19 -80.20
C ILE B 285 -56.40 38.79 -80.78
N ASP B 286 -55.37 38.19 -81.37
CA ASP B 286 -55.48 36.95 -82.20
C ASP B 286 -54.87 35.77 -81.45
N GLY B 287 -55.58 34.64 -81.37
CA GLY B 287 -55.03 33.35 -80.89
C GLY B 287 -55.74 32.75 -79.67
N ILE B 288 -56.70 33.46 -79.07
CA ILE B 288 -57.35 33.01 -77.80
C ILE B 288 -58.65 32.26 -78.13
N THR B 289 -58.71 30.98 -77.76
CA THR B 289 -59.78 30.02 -78.12
C THR B 289 -60.79 29.86 -76.98
N ASP B 290 -60.42 30.20 -75.74
CA ASP B 290 -61.33 30.16 -74.57
C ASP B 290 -60.73 31.02 -73.45
N LEU B 291 -61.58 31.41 -72.49
CA LEU B 291 -61.24 32.24 -71.32
C LEU B 291 -62.16 31.83 -70.17
N ARG B 292 -61.62 31.21 -69.12
CA ARG B 292 -62.38 30.75 -67.93
C ARG B 292 -61.75 31.32 -66.66
N ASP B 293 -62.56 31.58 -65.63
CA ASP B 293 -62.11 31.95 -64.27
C ASP B 293 -62.34 30.74 -63.38
N GLU B 294 -61.31 29.91 -63.23
CA GLU B 294 -61.33 28.67 -62.39
C GLU B 294 -60.95 29.02 -60.95
N THR B 295 -61.02 30.29 -60.56
CA THR B 295 -60.78 30.70 -59.16
C THR B 295 -61.77 29.95 -58.26
N SER B 296 -61.29 29.53 -57.09
CA SER B 296 -62.09 29.03 -55.95
C SER B 296 -61.32 29.34 -54.67
N LEU B 297 -61.99 29.35 -53.52
CA LEU B 297 -61.32 29.65 -52.22
C LEU B 297 -60.33 28.52 -51.91
N ARG B 298 -60.62 27.30 -52.36
CA ARG B 298 -59.75 26.10 -52.16
C ARG B 298 -58.51 26.20 -53.08
N THR B 299 -58.70 26.44 -54.37
CA THR B 299 -57.63 26.50 -55.42
C THR B 299 -56.83 27.80 -55.37
N GLY B 300 -57.41 28.91 -54.87
CA GLY B 300 -56.87 30.27 -55.02
C GLY B 300 -57.20 30.84 -56.40
N VAL B 301 -56.59 31.97 -56.74
CA VAL B 301 -56.86 32.69 -58.02
C VAL B 301 -56.33 31.87 -59.18
N ARG B 302 -57.15 31.65 -60.20
CA ARG B 302 -56.79 30.83 -61.37
C ARG B 302 -57.64 31.24 -62.57
N VAL B 303 -57.10 32.11 -63.42
CA VAL B 303 -57.73 32.56 -64.68
C VAL B 303 -57.02 31.85 -65.83
N VAL B 304 -57.75 31.07 -66.61
CA VAL B 304 -57.19 30.22 -67.71
C VAL B 304 -57.55 30.84 -69.06
N ILE B 305 -56.56 30.98 -69.94
CA ILE B 305 -56.71 31.51 -71.34
C ILE B 305 -56.15 30.44 -72.28
N ASP B 306 -57.04 29.73 -72.99
CA ASP B 306 -56.65 28.65 -73.94
C ASP B 306 -56.16 29.31 -75.24
N VAL B 307 -55.04 28.81 -75.79
CA VAL B 307 -54.36 29.33 -77.00
C VAL B 307 -54.52 28.32 -78.15
N ARG B 308 -54.87 28.78 -79.35
CA ARG B 308 -55.05 27.96 -80.58
C ARG B 308 -53.78 27.13 -80.86
N LYS B 309 -53.92 25.89 -81.37
CA LYS B 309 -52.77 24.97 -81.58
C LYS B 309 -51.82 25.64 -82.60
N ASP B 310 -50.55 25.71 -82.22
CA ASP B 310 -49.47 26.31 -83.06
C ASP B 310 -49.76 27.81 -83.28
N ALA B 311 -50.46 28.46 -82.34
CA ALA B 311 -50.30 29.90 -82.03
C ALA B 311 -49.22 30.04 -80.95
N ASN B 312 -48.39 31.08 -81.03
CA ASN B 312 -47.31 31.35 -80.04
C ASN B 312 -47.93 31.96 -78.77
N ALA B 313 -47.83 31.27 -77.64
CA ALA B 313 -48.47 31.67 -76.37
C ALA B 313 -47.74 32.86 -75.73
N SER B 314 -46.41 32.96 -75.90
CA SER B 314 -45.58 34.04 -75.30
C SER B 314 -45.97 35.38 -75.93
N VAL B 315 -46.25 35.37 -77.23
CA VAL B 315 -46.65 36.58 -78.02
C VAL B 315 -48.04 37.01 -77.52
N ILE B 316 -48.96 36.07 -77.36
CA ILE B 316 -50.34 36.36 -76.86
C ILE B 316 -50.22 36.95 -75.45
N LEU B 317 -49.34 36.41 -74.60
CA LEU B 317 -49.17 36.93 -73.22
C LEU B 317 -48.64 38.36 -73.27
N ASN B 318 -47.64 38.66 -74.11
CA ASN B 318 -47.07 40.02 -74.20
C ASN B 318 -48.14 40.99 -74.69
N ASN B 319 -48.97 40.56 -75.65
CA ASN B 319 -50.08 41.39 -76.17
C ASN B 319 -51.06 41.67 -75.03
N LEU B 320 -51.42 40.66 -74.25
CA LEU B 320 -52.39 40.80 -73.13
C LEU B 320 -51.86 41.83 -72.13
N TYR B 321 -50.55 41.85 -71.86
CA TYR B 321 -49.95 42.82 -70.92
C TYR B 321 -50.14 44.23 -71.48
N LYS B 322 -49.86 44.42 -72.78
CA LYS B 322 -49.94 45.75 -73.45
C LYS B 322 -51.39 46.23 -73.48
N GLN B 323 -52.36 45.32 -73.62
CA GLN B 323 -53.75 45.68 -74.03
C GLN B 323 -54.74 45.52 -72.88
N THR B 324 -54.37 44.96 -71.72
CA THR B 324 -55.31 44.76 -70.58
C THR B 324 -54.68 45.18 -69.25
N PRO B 325 -55.47 45.26 -68.17
CA PRO B 325 -54.94 45.50 -66.83
C PRO B 325 -54.13 44.33 -66.24
N LEU B 326 -53.92 43.26 -66.99
CA LEU B 326 -53.02 42.13 -66.61
C LEU B 326 -51.64 42.67 -66.23
N GLN B 327 -51.24 43.79 -66.84
CA GLN B 327 -50.13 44.67 -66.38
C GLN B 327 -50.76 46.03 -66.15
N THR B 328 -50.52 46.62 -64.97
CA THR B 328 -51.02 47.95 -64.56
C THR B 328 -49.86 48.72 -63.95
N SER B 329 -49.85 50.05 -64.10
CA SER B 329 -48.90 50.95 -63.40
C SER B 329 -49.51 51.35 -62.05
N PHE B 330 -48.70 51.44 -60.99
CA PHE B 330 -49.09 52.07 -59.71
C PHE B 330 -48.40 53.43 -59.63
N GLY B 331 -49.17 54.52 -59.76
CA GLY B 331 -48.65 55.90 -59.81
C GLY B 331 -48.42 56.44 -58.41
N VAL B 332 -47.20 56.26 -57.87
CA VAL B 332 -46.83 56.71 -56.50
C VAL B 332 -46.87 58.24 -56.47
N ASN B 333 -47.57 58.78 -55.46
CA ASN B 333 -47.74 60.23 -55.22
C ASN B 333 -47.85 60.39 -53.70
N MET B 334 -46.70 60.42 -53.01
CA MET B 334 -46.65 60.24 -51.54
C MET B 334 -46.92 61.58 -50.84
N ILE B 335 -48.19 61.96 -50.81
CA ILE B 335 -48.68 63.19 -50.12
C ILE B 335 -49.48 62.76 -48.89
N ALA B 336 -49.04 63.23 -47.72
CA ALA B 336 -49.70 63.05 -46.41
C ALA B 336 -49.63 64.36 -45.63
N LEU B 337 -50.38 64.45 -44.54
CA LEU B 337 -50.42 65.61 -43.62
C LEU B 337 -49.26 65.51 -42.63
N VAL B 338 -48.41 66.55 -42.61
CA VAL B 338 -47.27 66.73 -41.67
C VAL B 338 -47.50 68.06 -40.93
N ASN B 339 -47.63 68.02 -39.60
CA ASN B 339 -48.02 69.18 -38.76
C ASN B 339 -49.25 69.84 -39.41
N GLY B 340 -50.24 69.02 -39.79
CA GLY B 340 -51.56 69.46 -40.28
C GLY B 340 -51.55 70.01 -41.70
N ARG B 341 -50.44 69.93 -42.43
CA ARG B 341 -50.33 70.48 -43.82
C ARG B 341 -49.93 69.38 -44.79
N PRO B 342 -50.45 69.37 -46.03
CA PRO B 342 -50.09 68.34 -47.01
C PRO B 342 -48.66 68.59 -47.48
N LYS B 343 -47.81 67.56 -47.44
CA LYS B 343 -46.42 67.61 -47.93
C LYS B 343 -46.18 66.40 -48.84
N LEU B 344 -45.54 66.61 -50.01
CA LEU B 344 -44.95 65.50 -50.81
C LEU B 344 -43.70 65.04 -50.08
N ILE B 345 -43.64 63.78 -49.67
CA ILE B 345 -42.57 63.25 -48.79
C ILE B 345 -41.89 62.09 -49.50
N ASN B 346 -40.59 61.94 -49.27
CA ASN B 346 -39.80 60.77 -49.74
C ASN B 346 -39.92 59.68 -48.68
N LEU B 347 -39.40 58.48 -48.97
CA LEU B 347 -39.45 57.35 -48.03
C LEU B 347 -38.86 57.77 -46.67
N LYS B 348 -37.73 58.48 -46.66
CA LYS B 348 -37.02 58.81 -45.40
C LYS B 348 -37.86 59.78 -44.56
N GLU B 349 -38.46 60.82 -45.14
CA GLU B 349 -39.29 61.79 -44.37
C GLU B 349 -40.41 61.03 -43.66
N ALA B 350 -41.09 60.13 -44.38
CA ALA B 350 -42.22 59.32 -43.87
C ALA B 350 -41.77 58.51 -42.63
N LEU B 351 -40.58 57.89 -42.71
CA LEU B 351 -40.02 57.04 -41.62
C LEU B 351 -39.57 57.93 -40.45
N VAL B 352 -38.95 59.07 -40.76
CA VAL B 352 -38.47 60.05 -39.74
C VAL B 352 -39.67 60.57 -38.95
N HIS B 353 -40.72 61.04 -39.64
CA HIS B 353 -41.94 61.57 -38.97
C HIS B 353 -42.55 60.49 -38.08
N TYR B 354 -42.50 59.22 -38.52
CA TYR B 354 -43.08 58.08 -37.77
C TYR B 354 -42.25 57.84 -36.50
N LEU B 355 -40.93 57.69 -36.66
CA LEU B 355 -40.03 57.44 -35.51
C LEU B 355 -40.17 58.56 -34.48
N GLU B 356 -40.30 59.82 -34.95
N GLU B 356 -40.30 59.82 -34.95
CA GLU B 356 -40.44 60.99 -34.06
CA GLU B 356 -40.45 61.00 -34.06
C GLU B 356 -41.77 60.88 -33.28
C GLU B 356 -41.77 60.88 -33.28
N HIS B 357 -42.82 60.41 -33.94
CA HIS B 357 -44.16 60.18 -33.33
C HIS B 357 -44.02 59.14 -32.20
N GLN B 358 -43.22 58.09 -32.42
CA GLN B 358 -43.05 57.00 -31.44
C GLN B 358 -42.30 57.52 -30.21
N LYS B 359 -41.21 58.27 -30.44
CA LYS B 359 -40.42 58.87 -29.33
C LYS B 359 -41.40 59.69 -28.45
N THR B 360 -42.27 60.48 -29.09
CA THR B 360 -43.27 61.34 -28.39
C THR B 360 -44.24 60.48 -27.57
N VAL B 361 -44.82 59.47 -28.20
CA VAL B 361 -45.84 58.56 -27.57
C VAL B 361 -45.22 57.88 -26.34
N VAL B 362 -44.01 57.33 -26.48
CA VAL B 362 -43.39 56.58 -25.35
C VAL B 362 -42.99 57.55 -24.22
N ARG B 363 -42.44 58.72 -24.58
CA ARG B 363 -42.10 59.76 -23.57
C ARG B 363 -43.37 60.13 -22.78
N ARG B 364 -44.42 60.51 -23.49
CA ARG B 364 -45.70 60.96 -22.87
C ARG B 364 -46.31 59.84 -22.03
N ARG B 365 -46.28 58.59 -22.53
CA ARG B 365 -46.80 57.43 -21.76
C ARG B 365 -46.07 57.39 -20.41
N THR B 366 -44.74 57.51 -20.47
CA THR B 366 -43.84 57.41 -19.28
C THR B 366 -44.15 58.57 -18.31
N GLN B 367 -44.27 59.79 -18.84
CA GLN B 367 -44.64 60.99 -18.06
C GLN B 367 -45.99 60.75 -17.36
N TYR B 368 -46.96 60.16 -18.06
CA TYR B 368 -48.31 59.87 -17.55
C TYR B 368 -48.23 58.81 -16.45
N ASN B 369 -47.51 57.71 -16.71
CA ASN B 369 -47.38 56.60 -15.73
C ASN B 369 -46.76 57.13 -14.43
N LEU B 370 -45.76 58.01 -14.56
CA LEU B 370 -45.08 58.67 -13.42
C LEU B 370 -46.08 59.55 -12.63
N ARG B 371 -46.80 60.42 -13.33
CA ARG B 371 -47.86 61.27 -12.76
C ARG B 371 -48.82 60.41 -11.93
N LYS B 372 -49.38 59.34 -12.52
CA LYS B 372 -50.40 58.48 -11.87
C LYS B 372 -49.79 57.76 -10.65
N ALA B 373 -48.56 57.25 -10.80
CA ALA B 373 -47.85 56.51 -9.74
C ALA B 373 -47.60 57.43 -8.53
N LYS B 374 -47.17 58.66 -8.79
CA LYS B 374 -46.87 59.69 -7.74
C LYS B 374 -48.17 60.05 -7.00
N ASP B 375 -49.23 60.39 -7.73
CA ASP B 375 -50.59 60.65 -7.16
C ASP B 375 -50.97 59.50 -6.22
N ARG B 376 -50.72 58.24 -6.64
CA ARG B 376 -51.12 57.02 -5.90
C ARG B 376 -50.22 56.85 -4.66
N ALA B 377 -48.92 57.10 -4.84
CA ALA B 377 -47.91 57.01 -3.75
C ALA B 377 -48.29 58.02 -2.65
N HIS B 378 -48.67 59.23 -3.03
CA HIS B 378 -49.17 60.30 -2.13
C HIS B 378 -50.38 59.79 -1.33
N ILE B 379 -51.34 59.14 -1.99
CA ILE B 379 -52.54 58.62 -1.28
C ILE B 379 -52.11 57.55 -0.28
N LEU B 380 -51.22 56.63 -0.69
CA LEU B 380 -50.76 55.50 0.15
C LEU B 380 -50.03 56.06 1.40
N GLU B 381 -49.29 57.15 1.25
CA GLU B 381 -48.59 57.85 2.36
C GLU B 381 -49.63 58.29 3.40
N GLY B 382 -50.75 58.86 2.95
CA GLY B 382 -51.90 59.26 3.80
C GLY B 382 -52.51 58.07 4.52
N LEU B 383 -52.77 56.97 3.82
CA LEU B 383 -53.38 55.76 4.41
C LEU B 383 -52.45 55.17 5.48
N ARG B 384 -51.14 55.19 5.22
CA ARG B 384 -50.10 54.66 6.15
C ARG B 384 -50.17 55.44 7.46
N ILE B 385 -50.08 56.77 7.39
CA ILE B 385 -50.25 57.72 8.54
C ILE B 385 -51.56 57.38 9.27
N ALA B 386 -52.66 57.18 8.54
CA ALA B 386 -53.99 56.95 9.18
C ALA B 386 -54.01 55.62 9.92
N LEU B 387 -53.45 54.55 9.32
CA LEU B 387 -53.42 53.19 9.94
C LEU B 387 -52.48 53.21 11.16
N ASP B 388 -51.38 53.96 11.08
CA ASP B 388 -50.35 54.04 12.14
C ASP B 388 -50.88 54.82 13.36
N HIS B 389 -51.84 55.73 13.20
CA HIS B 389 -52.45 56.50 14.33
C HIS B 389 -53.98 56.33 14.32
N ILE B 390 -54.47 55.12 14.04
CA ILE B 390 -55.91 54.88 13.72
C ILE B 390 -56.80 55.32 14.90
N ASP B 391 -56.38 55.10 16.15
CA ASP B 391 -57.20 55.41 17.35
C ASP B 391 -57.49 56.92 17.37
N GLU B 392 -56.46 57.75 17.10
CA GLU B 392 -56.58 59.23 17.09
C GLU B 392 -57.46 59.66 15.92
N ILE B 393 -57.26 59.07 14.73
CA ILE B 393 -58.01 59.38 13.48
C ILE B 393 -59.52 59.22 13.76
N ILE B 394 -59.92 58.10 14.37
CA ILE B 394 -61.34 57.76 14.65
C ILE B 394 -61.95 58.88 15.52
N SER B 395 -61.29 59.20 16.65
CA SER B 395 -61.75 60.22 17.62
C SER B 395 -61.93 61.57 16.90
N THR B 396 -60.93 62.00 16.12
CA THR B 396 -60.97 63.23 15.27
C THR B 396 -62.25 63.25 14.42
N ILE B 397 -62.58 62.13 13.78
CA ILE B 397 -63.72 62.01 12.82
C ILE B 397 -65.02 61.98 13.61
N ARG B 398 -65.01 61.34 14.80
CA ARG B 398 -66.22 61.13 15.64
C ARG B 398 -66.66 62.47 16.26
N GLU B 399 -65.71 63.25 16.75
CA GLU B 399 -65.97 64.59 17.35
C GLU B 399 -66.32 65.60 16.25
N SER B 400 -66.09 65.27 14.97
CA SER B 400 -66.45 66.12 13.80
C SER B 400 -67.94 65.99 13.50
N ASP B 401 -68.63 67.12 13.29
CA ASP B 401 -70.10 67.19 13.13
C ASP B 401 -70.44 66.84 11.69
N THR B 402 -69.70 67.40 10.73
CA THR B 402 -69.88 67.20 9.27
C THR B 402 -68.59 66.61 8.66
N ASP B 403 -68.68 66.16 7.40
CA ASP B 403 -67.52 65.67 6.61
C ASP B 403 -66.53 66.82 6.42
N LYS B 404 -67.03 68.04 6.17
CA LYS B 404 -66.22 69.26 5.91
C LYS B 404 -65.31 69.53 7.11
N VAL B 405 -65.86 69.45 8.34
CA VAL B 405 -65.13 69.70 9.61
C VAL B 405 -64.06 68.61 9.79
N ALA B 406 -64.44 67.34 9.59
CA ALA B 406 -63.54 66.16 9.68
C ALA B 406 -62.33 66.33 8.75
N MET B 407 -62.59 66.75 7.51
N MET B 407 -62.59 66.75 7.51
CA MET B 407 -61.53 67.03 6.49
CA MET B 407 -61.53 67.03 6.49
C MET B 407 -60.53 68.05 7.02
C MET B 407 -60.53 68.05 7.02
N GLU B 408 -61.03 69.16 7.59
N GLU B 408 -61.03 69.17 7.60
CA GLU B 408 -60.20 70.29 8.10
CA GLU B 408 -60.21 70.30 8.10
C GLU B 408 -59.38 69.79 9.29
C GLU B 408 -59.38 69.79 9.29
N SER B 409 -60.03 69.11 10.24
CA SER B 409 -59.42 68.58 11.48
C SER B 409 -58.30 67.58 11.15
N LEU B 410 -58.53 66.69 10.18
CA LEU B 410 -57.54 65.65 9.77
C LEU B 410 -56.32 66.34 9.14
N GLN B 411 -56.56 67.32 8.28
CA GLN B 411 -55.50 68.07 7.55
C GLN B 411 -54.63 68.82 8.56
N GLN B 412 -55.26 69.51 9.52
CA GLN B 412 -54.58 70.34 10.54
C GLN B 412 -53.80 69.45 11.52
N ARG B 413 -54.46 68.41 12.06
CA ARG B 413 -53.93 67.56 13.16
C ARG B 413 -52.77 66.67 12.65
N PHE B 414 -52.81 66.20 11.39
CA PHE B 414 -51.90 65.14 10.89
C PHE B 414 -51.10 65.60 9.67
N LYS B 415 -51.18 66.89 9.32
CA LYS B 415 -50.38 67.50 8.23
C LYS B 415 -50.66 66.75 6.92
N LEU B 416 -51.94 66.47 6.64
CA LEU B 416 -52.42 65.73 5.43
C LEU B 416 -52.90 66.73 4.36
N SER B 417 -52.76 66.37 3.09
CA SER B 417 -53.37 67.08 1.93
C SER B 417 -54.90 66.85 1.94
N GLU B 418 -55.64 67.64 1.16
CA GLU B 418 -57.10 67.46 0.95
C GLU B 418 -57.34 66.09 0.30
N LYS B 419 -56.51 65.73 -0.69
CA LYS B 419 -56.60 64.44 -1.43
C LYS B 419 -56.39 63.27 -0.45
N GLN B 420 -55.46 63.39 0.51
CA GLN B 420 -55.16 62.31 1.49
C GLN B 420 -56.31 62.20 2.51
N ALA B 421 -56.85 63.32 2.96
CA ALA B 421 -57.93 63.36 3.97
C ALA B 421 -59.19 62.75 3.36
N GLN B 422 -59.45 63.04 2.09
CA GLN B 422 -60.63 62.51 1.34
C GLN B 422 -60.49 60.99 1.30
N ALA B 423 -59.29 60.49 0.96
CA ALA B 423 -58.95 59.06 0.84
C ALA B 423 -59.19 58.34 2.17
N ILE B 424 -58.85 58.97 3.29
CA ILE B 424 -58.98 58.39 4.67
C ILE B 424 -60.46 58.34 5.06
N LEU B 425 -61.23 59.36 4.73
CA LEU B 425 -62.69 59.39 5.01
C LEU B 425 -63.40 58.32 4.16
N ASP B 426 -62.83 57.99 3.00
CA ASP B 426 -63.42 57.00 2.04
C ASP B 426 -62.95 55.59 2.37
N MET B 427 -61.93 55.44 3.22
CA MET B 427 -61.39 54.13 3.66
C MET B 427 -62.51 53.35 4.38
N ARG B 428 -62.66 52.05 4.10
CA ARG B 428 -63.65 51.16 4.75
C ARG B 428 -63.03 50.55 6.01
N LEU B 429 -63.87 50.16 6.99
CA LEU B 429 -63.41 49.56 8.27
C LEU B 429 -62.62 48.27 8.02
N ARG B 430 -62.92 47.52 6.95
CA ARG B 430 -62.28 46.19 6.69
C ARG B 430 -60.79 46.38 6.40
N ARG B 431 -60.37 47.63 6.19
CA ARG B 431 -58.96 47.99 5.89
C ARG B 431 -58.14 48.14 7.19
N LEU B 432 -58.76 47.98 8.37
CA LEU B 432 -58.06 48.08 9.68
C LEU B 432 -57.60 46.70 10.19
N THR B 433 -57.80 45.63 9.43
CA THR B 433 -57.33 44.26 9.80
C THR B 433 -55.80 44.22 9.65
N GLY B 434 -55.17 43.17 10.19
CA GLY B 434 -53.70 43.02 10.27
C GLY B 434 -53.04 42.88 8.91
N LEU B 435 -53.57 42.00 8.06
CA LEU B 435 -53.00 41.69 6.72
C LEU B 435 -53.10 42.92 5.82
N GLU B 436 -54.11 43.79 6.04
CA GLU B 436 -54.38 44.98 5.17
C GLU B 436 -53.29 46.04 5.33
N ARG B 437 -52.71 46.23 6.53
CA ARG B 437 -51.60 47.21 6.73
C ARG B 437 -50.37 46.76 5.94
N ASP B 438 -50.09 45.45 5.90
CA ASP B 438 -48.91 44.89 5.21
C ASP B 438 -49.10 45.03 3.69
N LYS B 439 -50.31 44.72 3.21
CA LYS B 439 -50.73 44.81 1.80
C LYS B 439 -50.51 46.25 1.28
N ILE B 440 -50.78 47.27 2.11
CA ILE B 440 -50.66 48.69 1.71
C ILE B 440 -49.18 49.03 1.57
N GLU B 441 -48.34 48.54 2.48
CA GLU B 441 -46.90 48.90 2.47
C GLU B 441 -46.20 48.13 1.33
N ALA B 442 -46.64 46.91 1.03
CA ALA B 442 -46.19 46.11 -0.14
C ALA B 442 -46.39 46.94 -1.42
N GLU B 443 -47.62 47.40 -1.66
CA GLU B 443 -47.98 48.20 -2.88
C GLU B 443 -47.14 49.49 -2.92
N TYR B 444 -46.91 50.09 -1.75
CA TYR B 444 -46.21 51.40 -1.65
C TYR B 444 -44.73 51.25 -2.05
N ASN B 445 -44.09 50.15 -1.66
CA ASN B 445 -42.65 49.89 -1.92
C ASN B 445 -42.45 49.59 -3.41
N GLU B 446 -43.30 48.75 -4.01
CA GLU B 446 -43.27 48.43 -5.47
C GLU B 446 -43.44 49.73 -6.28
N LEU B 447 -44.34 50.61 -5.81
CA LEU B 447 -44.64 51.91 -6.47
C LEU B 447 -43.36 52.78 -6.51
N LEU B 448 -42.60 52.80 -5.43
CA LEU B 448 -41.35 53.62 -5.33
C LEU B 448 -40.31 53.09 -6.32
N ASN B 449 -40.17 51.77 -6.48
CA ASN B 449 -39.26 51.17 -7.50
C ASN B 449 -39.73 51.58 -8.89
N TYR B 450 -41.03 51.47 -9.17
CA TYR B 450 -41.63 51.84 -10.48
C TYR B 450 -41.35 53.32 -10.78
N ILE B 451 -41.57 54.20 -9.79
CA ILE B 451 -41.36 55.67 -9.98
C ILE B 451 -39.90 55.92 -10.39
N SER B 452 -38.96 55.19 -9.77
CA SER B 452 -37.50 55.29 -10.03
C SER B 452 -37.16 54.80 -11.44
N GLU B 453 -37.76 53.68 -11.87
N GLU B 453 -37.76 53.68 -11.87
CA GLU B 453 -37.59 53.09 -13.23
CA GLU B 453 -37.59 53.10 -13.23
C GLU B 453 -38.06 54.11 -14.27
C GLU B 453 -38.07 54.12 -14.27
N LEU B 454 -39.20 54.77 -14.01
CA LEU B 454 -39.79 55.77 -14.95
C LEU B 454 -38.89 57.00 -15.06
N GLU B 455 -38.30 57.43 -13.95
CA GLU B 455 -37.46 58.67 -13.90
C GLU B 455 -36.15 58.43 -14.66
N THR B 456 -35.62 57.19 -14.61
CA THR B 456 -34.43 56.76 -15.38
C THR B 456 -34.69 56.97 -16.88
N ILE B 457 -35.89 56.63 -17.34
CA ILE B 457 -36.30 56.72 -18.77
C ILE B 457 -36.39 58.18 -19.18
N LEU B 458 -36.99 59.02 -18.35
CA LEU B 458 -37.18 60.46 -18.67
C LEU B 458 -35.84 61.20 -18.60
N ALA B 459 -34.91 60.72 -17.77
CA ALA B 459 -33.59 61.36 -17.55
C ALA B 459 -32.67 61.15 -18.79
N ASP B 460 -32.68 59.95 -19.37
CA ASP B 460 -31.73 59.54 -20.44
C ASP B 460 -32.49 59.13 -21.70
N GLU B 461 -32.52 60.02 -22.71
CA GLU B 461 -33.19 59.81 -24.02
C GLU B 461 -32.70 58.50 -24.67
N GLU B 462 -31.46 58.10 -24.42
CA GLU B 462 -30.94 56.89 -25.09
C GLU B 462 -31.55 55.64 -24.48
N VAL B 463 -31.85 55.66 -23.17
CA VAL B 463 -32.42 54.46 -22.45
C VAL B 463 -33.79 54.10 -23.08
N LEU B 464 -34.61 55.15 -23.34
CA LEU B 464 -35.84 55.07 -24.14
C LEU B 464 -35.61 54.27 -25.43
N LEU B 465 -34.59 54.64 -26.23
CA LEU B 465 -34.37 54.02 -27.57
C LEU B 465 -34.17 52.52 -27.42
N GLN B 466 -33.39 52.13 -26.37
CA GLN B 466 -33.06 50.68 -26.16
C GLN B 466 -34.38 49.94 -25.85
N LEU B 467 -35.23 50.55 -25.01
CA LEU B 467 -36.51 49.93 -24.63
C LEU B 467 -37.39 49.76 -25.89
N VAL B 468 -37.48 50.83 -26.69
CA VAL B 468 -38.25 50.86 -27.96
C VAL B 468 -37.81 49.71 -28.85
N ARG B 469 -36.51 49.49 -29.01
CA ARG B 469 -35.97 48.38 -29.84
C ARG B 469 -36.61 47.04 -29.47
N ASP B 470 -36.66 46.75 -28.16
CA ASP B 470 -37.14 45.45 -27.62
C ASP B 470 -38.65 45.32 -27.90
N GLU B 471 -39.44 46.36 -27.71
CA GLU B 471 -40.93 46.32 -27.91
C GLU B 471 -41.26 46.22 -29.41
N LEU B 472 -40.49 46.90 -30.27
CA LEU B 472 -40.62 46.78 -31.75
C LEU B 472 -40.32 45.34 -32.17
N THR B 473 -39.29 44.74 -31.59
CA THR B 473 -38.83 43.34 -31.89
C THR B 473 -39.95 42.36 -31.52
N GLU B 474 -40.62 42.58 -30.37
N GLU B 474 -40.62 42.58 -30.37
CA GLU B 474 -41.76 41.75 -29.89
CA GLU B 474 -41.76 41.75 -29.89
C GLU B 474 -42.89 41.81 -30.95
C GLU B 474 -42.89 41.81 -30.95
N ILE B 475 -43.16 43.01 -31.47
CA ILE B 475 -44.21 43.24 -32.50
C ILE B 475 -43.79 42.55 -33.80
N ARG B 476 -42.52 42.66 -34.17
CA ARG B 476 -41.99 42.04 -35.41
C ARG B 476 -42.14 40.52 -35.33
N ASP B 477 -41.91 39.95 -34.15
CA ASP B 477 -41.92 38.47 -33.95
C ASP B 477 -43.37 37.98 -33.96
N ARG B 478 -44.33 38.79 -33.51
CA ARG B 478 -45.77 38.40 -33.43
C ARG B 478 -46.49 38.66 -34.77
N PHE B 479 -46.11 39.69 -35.53
CA PHE B 479 -46.88 40.21 -36.69
C PHE B 479 -46.09 40.23 -37.99
N GLY B 480 -44.77 40.26 -37.94
CA GLY B 480 -43.91 40.22 -39.16
C GLY B 480 -44.36 39.13 -40.12
N ASP B 481 -44.29 39.28 -41.44
CA ASP B 481 -44.69 38.17 -42.35
C ASP B 481 -43.87 38.24 -43.64
N ASP B 482 -43.91 37.17 -44.44
CA ASP B 482 -43.10 37.06 -45.67
C ASP B 482 -43.60 38.04 -46.72
N ARG B 483 -42.68 38.54 -47.54
CA ARG B 483 -42.96 39.30 -48.78
C ARG B 483 -43.90 38.45 -49.66
N ARG B 484 -44.79 39.08 -50.42
CA ARG B 484 -45.69 38.41 -51.39
C ARG B 484 -45.33 38.86 -52.81
N THR B 485 -45.05 40.14 -53.01
CA THR B 485 -44.80 40.70 -54.35
C THR B 485 -43.33 40.48 -54.71
N GLU B 486 -43.05 39.69 -55.75
CA GLU B 486 -41.68 39.48 -56.28
C GLU B 486 -41.27 40.72 -57.08
N ILE B 487 -40.09 41.28 -56.78
CA ILE B 487 -39.48 42.41 -57.52
C ILE B 487 -38.41 41.83 -58.45
N GLN B 488 -38.68 41.77 -59.77
CA GLN B 488 -37.75 41.23 -60.80
C GLN B 488 -36.76 42.30 -61.31
N LEU B 489 -35.45 42.06 -61.12
CA LEU B 489 -34.35 42.94 -61.57
C LEU B 489 -34.27 42.87 -63.10
N GLY B 490 -33.85 43.98 -63.72
CA GLY B 490 -33.63 44.09 -65.17
C GLY B 490 -34.93 44.23 -65.94
N LYS C 1 -78.03 38.79 -63.44
CA LYS C 1 -77.97 38.50 -61.97
C LYS C 1 -77.51 37.04 -61.71
N LEU C 2 -77.56 36.17 -62.72
CA LEU C 2 -77.17 34.73 -62.66
C LEU C 2 -75.64 34.61 -62.74
N ALA C 3 -75.01 33.92 -61.80
CA ALA C 3 -73.58 33.52 -61.86
C ALA C 3 -73.52 32.03 -62.22
N ASP C 4 -73.46 31.72 -63.52
CA ASP C 4 -73.61 30.33 -64.04
C ASP C 4 -72.32 29.56 -63.78
N CYS C 5 -72.40 28.22 -63.78
CA CYS C 5 -71.26 27.27 -63.63
C CYS C 5 -70.67 26.99 -65.03
N SER C 6 -69.41 26.51 -65.07
CA SER C 6 -68.62 26.24 -66.30
C SER C 6 -69.19 25.05 -67.09
N SER C 7 -69.46 23.94 -66.41
CA SER C 7 -70.05 22.70 -67.00
C SER C 7 -71.37 23.04 -67.70
N LYS C 8 -71.59 22.50 -68.90
CA LYS C 8 -72.87 22.59 -69.65
C LYS C 8 -73.53 21.19 -69.68
N SER C 9 -73.21 20.32 -68.72
CA SER C 9 -73.82 18.97 -68.53
C SER C 9 -74.85 19.01 -67.40
N PRO C 10 -76.15 19.32 -67.69
CA PRO C 10 -77.18 19.42 -66.67
C PRO C 10 -77.23 18.34 -65.57
N GLU C 11 -76.87 17.09 -65.91
N GLU C 11 -76.87 17.10 -65.90
CA GLU C 11 -76.98 15.92 -65.01
CA GLU C 11 -76.99 15.92 -65.00
C GLU C 11 -76.11 16.14 -63.75
C GLU C 11 -76.11 16.13 -63.75
N GLU C 12 -75.03 16.93 -63.84
CA GLU C 12 -74.05 17.16 -62.74
C GLU C 12 -74.03 18.63 -62.29
N CYS C 13 -74.88 19.47 -62.87
CA CYS C 13 -75.00 20.91 -62.54
C CYS C 13 -76.11 21.11 -61.50
N GLU C 14 -75.99 22.16 -60.68
CA GLU C 14 -76.99 22.57 -59.66
C GLU C 14 -77.02 24.10 -59.58
N ILE C 15 -78.21 24.69 -59.42
CA ILE C 15 -78.46 26.15 -59.27
C ILE C 15 -78.98 26.43 -57.85
N PHE C 16 -78.40 27.43 -57.17
CA PHE C 16 -78.78 27.87 -55.82
C PHE C 16 -79.55 29.19 -55.92
N LEU C 17 -80.79 29.20 -55.43
CA LEU C 17 -81.67 30.40 -55.33
C LEU C 17 -81.52 31.00 -53.91
N VAL C 18 -81.10 32.27 -53.83
CA VAL C 18 -80.72 32.97 -52.56
C VAL C 18 -81.47 34.30 -52.50
N GLU C 19 -81.65 34.88 -51.29
CA GLU C 19 -82.65 35.96 -51.00
C GLU C 19 -82.21 37.31 -51.60
N GLY C 20 -80.89 37.59 -51.65
CA GLY C 20 -80.37 38.85 -52.21
C GLY C 20 -78.91 38.75 -52.56
N ASP C 21 -78.32 39.87 -52.99
CA ASP C 21 -76.87 40.02 -53.33
C ASP C 21 -76.02 39.83 -52.05
N SER C 22 -76.58 40.11 -50.87
CA SER C 22 -75.98 39.80 -49.54
C SER C 22 -75.54 38.34 -49.52
N ALA C 23 -76.50 37.42 -49.66
CA ALA C 23 -76.26 35.95 -49.68
C ALA C 23 -75.57 35.58 -51.01
N GLY C 24 -75.99 36.18 -52.11
CA GLY C 24 -75.39 36.00 -53.45
C GLY C 24 -73.87 35.99 -53.42
N GLY C 25 -73.25 37.02 -52.85
CA GLY C 25 -71.79 37.22 -52.82
C GLY C 25 -71.09 36.17 -51.98
N SER C 26 -71.59 35.92 -50.77
CA SER C 26 -71.05 34.91 -49.81
C SER C 26 -71.05 33.53 -50.49
N THR C 27 -72.15 33.23 -51.20
CA THR C 27 -72.40 31.97 -51.94
C THR C 27 -71.44 31.85 -53.13
N LYS C 28 -71.32 32.90 -53.96
CA LYS C 28 -70.45 32.92 -55.17
C LYS C 28 -69.00 32.66 -54.78
N SER C 29 -68.57 33.09 -53.60
CA SER C 29 -67.20 32.83 -53.06
C SER C 29 -67.07 31.37 -52.65
N GLY C 30 -68.08 30.86 -51.92
CA GLY C 30 -68.07 29.51 -51.30
C GLY C 30 -68.13 28.40 -52.35
N ARG C 31 -68.85 28.64 -53.45
CA ARG C 31 -69.33 27.60 -54.41
C ARG C 31 -68.16 26.95 -55.16
N ASP C 32 -68.41 25.74 -55.68
CA ASP C 32 -67.61 25.08 -56.76
C ASP C 32 -68.15 25.60 -58.11
N SER C 33 -67.53 26.64 -58.67
CA SER C 33 -68.03 27.35 -59.89
C SER C 33 -67.98 26.44 -61.12
N ARG C 34 -67.46 25.22 -61.00
CA ARG C 34 -67.47 24.20 -62.09
C ARG C 34 -68.89 23.65 -62.27
N THR C 35 -69.64 23.41 -61.19
CA THR C 35 -70.95 22.68 -61.19
C THR C 35 -72.07 23.44 -60.45
N GLN C 36 -71.78 24.55 -59.76
CA GLN C 36 -72.76 25.24 -58.88
C GLN C 36 -73.01 26.65 -59.42
N ALA C 37 -74.22 26.90 -59.93
CA ALA C 37 -74.68 28.24 -60.39
C ALA C 37 -75.41 28.93 -59.23
N ILE C 38 -75.53 30.26 -59.29
CA ILE C 38 -76.25 31.06 -58.24
C ILE C 38 -77.14 32.09 -58.92
N LEU C 39 -78.43 32.09 -58.57
CA LEU C 39 -79.43 33.11 -58.97
C LEU C 39 -79.90 33.83 -57.72
N PRO C 40 -79.37 35.04 -57.42
CA PRO C 40 -79.86 35.82 -56.30
C PRO C 40 -81.16 36.48 -56.75
N LEU C 41 -82.23 36.28 -55.98
CA LEU C 41 -83.56 36.94 -56.15
C LEU C 41 -83.55 38.31 -55.48
N ARG C 42 -84.66 39.04 -55.56
CA ARG C 42 -84.78 40.42 -55.04
C ARG C 42 -85.91 40.46 -54.01
N GLY C 43 -85.72 39.74 -52.90
CA GLY C 43 -86.65 39.72 -51.76
C GLY C 43 -87.89 38.92 -52.07
N LYS C 44 -89.00 39.25 -51.41
CA LYS C 44 -90.31 38.56 -51.60
C LYS C 44 -90.59 38.50 -53.11
N ILE C 45 -90.92 37.31 -53.61
CA ILE C 45 -91.25 37.09 -55.05
C ILE C 45 -92.78 37.11 -55.14
N LEU C 46 -93.31 37.31 -56.36
CA LEU C 46 -94.77 37.38 -56.64
C LEU C 46 -95.45 36.08 -56.18
N ASN C 47 -96.56 36.20 -55.44
CA ASN C 47 -97.45 35.05 -55.10
C ASN C 47 -98.30 34.74 -56.33
N VAL C 48 -97.88 33.74 -57.12
CA VAL C 48 -98.50 33.37 -58.44
C VAL C 48 -99.92 32.84 -58.24
N GLU C 49 -100.25 32.32 -57.06
CA GLU C 49 -101.59 31.80 -56.67
C GLU C 49 -102.60 32.94 -56.62
N LYS C 50 -102.18 34.16 -56.24
CA LYS C 50 -103.03 35.37 -56.11
C LYS C 50 -102.95 36.24 -57.38
N ALA C 51 -101.78 36.29 -58.02
CA ALA C 51 -101.49 37.22 -59.14
C ALA C 51 -102.13 36.70 -60.43
N ARG C 52 -102.51 37.63 -61.32
CA ARG C 52 -103.02 37.36 -62.70
C ARG C 52 -101.85 37.00 -63.61
N LEU C 53 -102.10 36.17 -64.64
CA LEU C 53 -101.06 35.56 -65.53
C LEU C 53 -100.26 36.67 -66.24
N ASP C 54 -100.93 37.74 -66.70
CA ASP C 54 -100.27 38.90 -67.35
C ASP C 54 -99.10 39.40 -66.49
N ARG C 55 -99.36 39.66 -65.20
CA ARG C 55 -98.40 40.21 -64.20
C ARG C 55 -97.25 39.21 -64.00
N ILE C 56 -97.58 37.91 -63.89
CA ILE C 56 -96.62 36.81 -63.61
C ILE C 56 -95.57 36.77 -64.73
N LEU C 57 -95.99 36.78 -65.99
CA LEU C 57 -95.08 36.63 -67.16
C LEU C 57 -94.26 37.91 -67.35
N ASN C 58 -94.74 39.07 -66.87
CA ASN C 58 -94.05 40.38 -66.97
C ASN C 58 -93.10 40.60 -65.79
N ASN C 59 -93.28 39.85 -64.68
CA ASN C 59 -92.42 39.91 -63.46
C ASN C 59 -90.98 39.57 -63.85
N ASN C 60 -90.01 40.39 -63.42
CA ASN C 60 -88.58 40.30 -63.80
C ASN C 60 -87.92 39.10 -63.08
N GLU C 61 -88.25 38.84 -61.80
CA GLU C 61 -87.70 37.70 -61.01
C GLU C 61 -88.23 36.36 -61.55
N ILE C 62 -89.52 36.29 -61.89
CA ILE C 62 -90.15 35.08 -62.51
C ILE C 62 -89.47 34.82 -63.86
N ARG C 63 -89.26 35.87 -64.67
CA ARG C 63 -88.61 35.77 -66.01
C ARG C 63 -87.19 35.20 -65.86
N GLN C 64 -86.39 35.72 -64.92
N GLN C 64 -86.39 35.73 -64.92
CA GLN C 64 -84.97 35.31 -64.75
CA GLN C 64 -84.96 35.32 -64.75
C GLN C 64 -84.91 33.82 -64.40
C GLN C 64 -84.91 33.82 -64.40
N MET C 65 -85.85 33.32 -63.60
CA MET C 65 -85.88 31.91 -63.15
C MET C 65 -86.22 30.99 -64.33
N ILE C 66 -87.23 31.37 -65.11
CA ILE C 66 -87.64 30.64 -66.36
C ILE C 66 -86.43 30.58 -67.30
N THR C 67 -85.73 31.70 -67.52
CA THR C 67 -84.58 31.80 -68.44
C THR C 67 -83.45 30.89 -67.96
N ALA C 68 -83.18 30.89 -66.65
CA ALA C 68 -82.07 30.15 -66.01
C ALA C 68 -82.27 28.64 -66.19
N PHE C 69 -83.50 28.16 -65.96
CA PHE C 69 -83.86 26.72 -66.03
C PHE C 69 -83.96 26.27 -67.50
N GLY C 70 -84.44 27.17 -68.38
CA GLY C 70 -84.59 26.97 -69.83
C GLY C 70 -85.60 25.87 -70.18
N THR C 71 -86.62 25.65 -69.35
CA THR C 71 -87.64 24.58 -69.53
C THR C 71 -88.94 25.17 -70.11
N GLY C 72 -89.15 26.48 -69.98
CA GLY C 72 -90.46 27.11 -70.25
C GLY C 72 -91.49 26.70 -69.21
N ILE C 73 -92.76 27.08 -69.38
CA ILE C 73 -93.79 26.97 -68.30
C ILE C 73 -95.08 26.34 -68.84
N GLY C 74 -95.85 25.70 -67.93
CA GLY C 74 -97.20 25.15 -68.19
C GLY C 74 -97.16 24.00 -69.17
N GLY C 75 -97.88 24.16 -70.30
CA GLY C 75 -97.96 23.18 -71.40
C GLY C 75 -96.63 23.04 -72.12
N ASP C 76 -95.93 24.16 -72.41
CA ASP C 76 -94.63 24.19 -73.14
C ASP C 76 -93.48 23.72 -72.24
N PHE C 77 -93.73 23.40 -70.96
CA PHE C 77 -92.68 22.89 -70.04
C PHE C 77 -92.09 21.60 -70.63
N ASP C 78 -90.75 21.55 -70.73
CA ASP C 78 -89.98 20.41 -71.30
C ASP C 78 -88.86 20.04 -70.32
N LEU C 79 -89.01 18.92 -69.61
CA LEU C 79 -88.08 18.47 -68.53
C LEU C 79 -86.68 18.20 -69.10
N ALA C 80 -86.57 17.81 -70.38
CA ALA C 80 -85.29 17.42 -71.03
C ALA C 80 -84.45 18.66 -71.39
N LYS C 81 -85.07 19.84 -71.52
CA LYS C 81 -84.38 21.12 -71.85
C LYS C 81 -83.87 21.79 -70.55
N ALA C 82 -84.08 21.14 -69.38
CA ALA C 82 -83.60 21.61 -68.06
C ALA C 82 -82.07 21.74 -68.07
N ARG C 83 -81.57 22.86 -67.56
CA ARG C 83 -80.12 23.24 -67.60
C ARG C 83 -79.44 22.85 -66.29
N TYR C 84 -80.22 22.46 -65.26
CA TYR C 84 -79.74 21.95 -63.94
C TYR C 84 -80.67 20.79 -63.53
N HIS C 85 -80.13 19.74 -62.90
CA HIS C 85 -80.91 18.57 -62.40
C HIS C 85 -81.07 18.68 -60.87
N LYS C 86 -80.57 19.78 -60.30
CA LYS C 86 -80.78 20.19 -58.88
C LYS C 86 -81.02 21.71 -58.85
N ILE C 87 -82.27 22.12 -58.60
CA ILE C 87 -82.66 23.51 -58.25
C ILE C 87 -82.78 23.55 -56.72
N VAL C 88 -81.82 24.22 -56.06
CA VAL C 88 -81.72 24.29 -54.56
C VAL C 88 -82.26 25.64 -54.08
N ILE C 89 -83.35 25.60 -53.30
CA ILE C 89 -83.92 26.77 -52.56
C ILE C 89 -83.09 26.93 -51.29
N MET C 90 -82.30 28.00 -51.19
CA MET C 90 -81.41 28.27 -50.05
C MET C 90 -81.79 29.63 -49.43
N THR C 91 -82.92 29.65 -48.72
CA THR C 91 -83.43 30.83 -47.99
C THR C 91 -82.86 30.82 -46.57
N ASP C 92 -82.85 31.99 -45.93
CA ASP C 92 -82.26 32.22 -44.58
C ASP C 92 -83.02 31.35 -43.57
N ALA C 93 -82.44 31.17 -42.38
CA ALA C 93 -82.91 30.25 -41.33
C ALA C 93 -84.00 30.90 -40.46
N ASP C 94 -84.67 31.94 -40.97
CA ASP C 94 -85.61 32.83 -40.23
C ASP C 94 -87.03 32.61 -40.76
N VAL C 95 -87.97 33.47 -40.36
CA VAL C 95 -89.41 33.34 -40.70
C VAL C 95 -89.65 33.89 -42.11
N ASP C 96 -88.95 34.94 -42.53
CA ASP C 96 -89.10 35.55 -43.88
C ASP C 96 -88.44 34.65 -44.92
N GLY C 97 -87.46 33.84 -44.48
CA GLY C 97 -86.91 32.71 -45.26
C GLY C 97 -88.00 31.71 -45.58
N ALA C 98 -88.73 31.26 -44.57
CA ALA C 98 -89.85 30.30 -44.70
C ALA C 98 -90.89 30.84 -45.68
N HIS C 99 -91.21 32.13 -45.62
CA HIS C 99 -92.19 32.77 -46.54
C HIS C 99 -91.69 32.70 -48.00
N ILE C 100 -90.44 33.10 -48.26
CA ILE C 100 -89.86 33.09 -49.65
C ILE C 100 -89.80 31.64 -50.14
N ARG C 101 -89.59 30.70 -49.23
CA ARG C 101 -89.62 29.24 -49.54
C ARG C 101 -91.03 28.84 -50.01
N THR C 102 -92.09 29.18 -49.26
CA THR C 102 -93.51 28.88 -49.65
C THR C 102 -93.86 29.57 -50.98
N LEU C 103 -93.28 30.74 -51.26
CA LEU C 103 -93.65 31.55 -52.45
C LEU C 103 -93.05 30.89 -53.71
N LEU C 104 -91.81 30.39 -53.58
CA LEU C 104 -91.06 29.72 -54.68
C LEU C 104 -91.72 28.37 -54.97
N LEU C 105 -92.00 27.59 -53.92
CA LEU C 105 -92.66 26.25 -54.01
C LEU C 105 -94.02 26.42 -54.71
N THR C 106 -94.74 27.51 -54.44
CA THR C 106 -96.05 27.81 -55.07
C THR C 106 -95.82 28.04 -56.57
N PHE C 107 -94.76 28.75 -56.95
CA PHE C 107 -94.41 29.01 -58.37
C PHE C 107 -94.07 27.69 -59.06
N PHE C 108 -93.17 26.89 -58.46
CA PHE C 108 -92.72 25.58 -59.02
C PHE C 108 -93.93 24.66 -59.20
N TYR C 109 -94.83 24.58 -58.22
CA TYR C 109 -95.95 23.62 -58.23
C TYR C 109 -97.00 24.02 -59.28
N ARG C 110 -97.18 25.31 -59.55
CA ARG C 110 -98.27 25.80 -60.44
C ARG C 110 -97.75 25.88 -61.88
N PHE C 111 -96.45 26.11 -62.10
CA PHE C 111 -95.90 26.45 -63.45
C PHE C 111 -94.86 25.44 -63.94
N MET C 112 -94.28 24.64 -63.04
CA MET C 112 -93.19 23.67 -63.38
C MET C 112 -93.36 22.41 -62.52
N ARG C 113 -94.58 21.87 -62.44
CA ARG C 113 -94.90 20.71 -61.56
C ARG C 113 -94.00 19.52 -61.89
N PRO C 114 -93.75 19.20 -63.18
CA PRO C 114 -92.92 18.03 -63.54
C PRO C 114 -91.47 18.08 -63.03
N LEU C 115 -90.93 19.28 -62.81
CA LEU C 115 -89.63 19.53 -62.16
C LEU C 115 -89.62 18.94 -60.75
N ILE C 116 -90.72 19.13 -59.99
CA ILE C 116 -90.88 18.59 -58.61
C ILE C 116 -91.02 17.06 -58.68
N GLU C 117 -91.86 16.59 -59.62
CA GLU C 117 -92.11 15.14 -59.88
C GLU C 117 -90.78 14.43 -60.16
N ALA C 118 -89.97 14.99 -61.06
CA ALA C 118 -88.63 14.46 -61.46
C ALA C 118 -87.64 14.47 -60.29
N GLY C 119 -87.96 15.14 -59.18
CA GLY C 119 -87.12 15.23 -57.96
C GLY C 119 -85.95 16.18 -58.11
N TYR C 120 -86.10 17.22 -58.94
CA TYR C 120 -85.05 18.22 -59.28
C TYR C 120 -85.07 19.38 -58.28
N VAL C 121 -86.15 19.53 -57.51
CA VAL C 121 -86.29 20.64 -56.52
C VAL C 121 -85.83 20.10 -55.16
N TYR C 122 -84.88 20.82 -54.56
CA TYR C 122 -84.29 20.56 -53.22
C TYR C 122 -84.36 21.81 -52.35
N ILE C 123 -84.17 21.62 -51.04
CA ILE C 123 -84.22 22.66 -49.97
C ILE C 123 -82.96 22.53 -49.11
N ALA C 124 -82.00 23.44 -49.28
CA ALA C 124 -80.76 23.52 -48.46
C ALA C 124 -81.16 23.73 -46.99
N GLN C 125 -80.27 23.36 -46.06
CA GLN C 125 -80.55 23.50 -44.60
C GLN C 125 -79.36 24.16 -43.92
N PRO C 126 -79.20 25.49 -44.05
CA PRO C 126 -78.09 26.19 -43.38
C PRO C 126 -78.23 26.07 -41.86
N PRO C 127 -77.11 25.98 -41.11
CA PRO C 127 -77.21 25.80 -39.65
C PRO C 127 -77.79 27.09 -39.04
N THR C 128 -78.67 26.93 -38.05
CA THR C 128 -79.51 28.00 -37.45
C THR C 128 -78.67 28.82 -36.45
N GLY C 129 -78.92 30.13 -36.34
CA GLY C 129 -78.33 30.97 -35.27
C GLY C 129 -77.51 32.13 -35.85
N TYR C 130 -76.99 31.97 -37.08
CA TYR C 130 -76.66 33.13 -37.93
C TYR C 130 -77.96 33.75 -38.47
N LYS C 131 -77.99 35.08 -38.61
CA LYS C 131 -79.14 35.92 -39.05
C LYS C 131 -79.70 35.37 -40.37
N GLY C 132 -78.84 35.23 -41.37
CA GLY C 132 -79.16 34.62 -42.67
C GLY C 132 -77.93 34.04 -43.32
N LEU C 133 -77.87 33.97 -44.65
CA LEU C 133 -76.63 33.51 -45.34
C LEU C 133 -75.76 34.74 -45.69
N GLY C 134 -76.37 35.94 -45.66
CA GLY C 134 -75.63 37.22 -45.82
C GLY C 134 -74.77 37.51 -44.61
N GLU C 135 -75.01 36.77 -43.49
CA GLU C 135 -74.30 36.89 -42.18
C GLU C 135 -73.24 35.79 -42.02
N MET C 136 -73.27 34.74 -42.85
CA MET C 136 -72.26 33.64 -42.83
C MET C 136 -71.05 34.06 -43.66
N ASN C 137 -69.87 33.53 -43.33
CA ASN C 137 -68.63 33.64 -44.17
C ASN C 137 -68.69 32.51 -45.20
N ALA C 138 -68.03 32.67 -46.35
CA ALA C 138 -68.07 31.75 -47.52
C ALA C 138 -67.46 30.37 -47.14
N ASP C 139 -66.36 30.35 -46.39
CA ASP C 139 -65.65 29.09 -45.99
C ASP C 139 -66.64 28.16 -45.26
N GLN C 140 -67.43 28.74 -44.34
CA GLN C 140 -68.33 28.00 -43.41
C GLN C 140 -69.61 27.63 -44.15
N LEU C 141 -70.08 28.52 -45.03
CA LEU C 141 -71.30 28.35 -45.88
C LEU C 141 -71.08 27.18 -46.85
N TRP C 142 -69.87 27.02 -47.39
CA TRP C 142 -69.50 25.89 -48.28
C TRP C 142 -69.57 24.58 -47.49
N GLU C 143 -68.90 24.52 -46.34
CA GLU C 143 -68.63 23.25 -45.61
C GLU C 143 -69.92 22.65 -45.04
N THR C 144 -70.86 23.50 -44.61
CA THR C 144 -72.12 23.09 -43.94
C THR C 144 -73.23 22.83 -44.96
N THR C 145 -73.31 23.61 -46.05
CA THR C 145 -74.56 23.79 -46.84
C THR C 145 -74.39 23.46 -48.33
N MET C 146 -73.22 23.66 -48.93
CA MET C 146 -73.00 23.59 -50.41
C MET C 146 -72.07 22.43 -50.80
N ASN C 147 -71.25 21.92 -49.88
CA ASN C 147 -70.25 20.84 -50.15
C ASN C 147 -70.98 19.51 -50.24
N PRO C 148 -71.00 18.83 -51.41
CA PRO C 148 -71.70 17.55 -51.54
C PRO C 148 -71.20 16.46 -50.59
N GLU C 149 -70.03 16.66 -49.98
CA GLU C 149 -69.41 15.69 -49.04
C GLU C 149 -70.09 15.77 -47.66
N HIS C 150 -70.51 16.95 -47.20
CA HIS C 150 -71.04 17.15 -45.82
C HIS C 150 -72.42 17.81 -45.78
N ARG C 151 -72.94 18.34 -46.90
CA ARG C 151 -74.23 19.08 -46.92
C ARG C 151 -75.39 18.10 -46.72
N ALA C 152 -76.55 18.63 -46.34
CA ALA C 152 -77.80 17.87 -46.09
C ALA C 152 -78.96 18.57 -46.83
N LEU C 153 -79.12 18.29 -48.12
CA LEU C 153 -80.28 18.79 -48.93
C LEU C 153 -81.51 17.93 -48.60
N LEU C 154 -82.69 18.54 -48.63
CA LEU C 154 -84.00 17.84 -48.58
C LEU C 154 -84.56 17.85 -50.00
N GLN C 155 -84.83 16.67 -50.56
CA GLN C 155 -85.46 16.54 -51.89
C GLN C 155 -86.98 16.69 -51.72
N VAL C 156 -87.59 17.63 -52.45
CA VAL C 156 -89.05 17.89 -52.37
C VAL C 156 -89.76 16.78 -53.13
N LYS C 157 -90.56 15.97 -52.42
CA LYS C 157 -91.36 14.83 -52.94
C LYS C 157 -92.84 15.23 -52.91
N LEU C 158 -93.53 15.12 -54.05
CA LEU C 158 -94.99 15.28 -54.18
C LEU C 158 -95.67 13.91 -54.05
N GLU C 159 -96.37 13.64 -52.95
CA GLU C 159 -97.07 12.34 -52.72
C GLU C 159 -98.48 12.40 -53.30
N ASP C 160 -99.37 13.21 -52.72
CA ASP C 160 -100.81 13.32 -53.08
C ASP C 160 -101.06 14.65 -53.80
N ALA C 161 -101.32 14.62 -55.12
CA ALA C 161 -101.54 15.81 -55.97
C ALA C 161 -102.85 16.52 -55.58
N ILE C 162 -103.89 15.78 -55.18
CA ILE C 162 -105.20 16.35 -54.73
C ILE C 162 -104.96 17.15 -53.45
N GLU C 163 -104.26 16.56 -52.46
CA GLU C 163 -103.99 17.19 -51.14
C GLU C 163 -103.08 18.40 -51.33
N ALA C 164 -102.14 18.33 -52.27
CA ALA C 164 -101.22 19.44 -52.63
C ALA C 164 -102.02 20.62 -53.21
N ASP C 165 -102.92 20.36 -54.17
CA ASP C 165 -103.78 21.39 -54.81
C ASP C 165 -104.59 22.14 -53.75
N GLN C 166 -105.09 21.42 -52.73
CA GLN C 166 -105.94 22.01 -51.66
C GLN C 166 -105.06 22.89 -50.76
N THR C 167 -103.82 22.44 -50.48
CA THR C 167 -102.88 23.10 -49.51
C THR C 167 -102.39 24.42 -50.10
N PHE C 168 -101.99 24.44 -51.38
CA PHE C 168 -101.54 25.68 -52.07
C PHE C 168 -102.70 26.67 -52.16
N GLU C 169 -103.90 26.19 -52.52
CA GLU C 169 -105.11 27.04 -52.67
C GLU C 169 -105.47 27.65 -51.32
N MET C 170 -105.29 26.91 -50.21
CA MET C 170 -105.68 27.36 -48.86
C MET C 170 -104.67 28.39 -48.32
N LEU C 171 -103.37 28.07 -48.38
CA LEU C 171 -102.29 28.92 -47.81
C LEU C 171 -102.04 30.13 -48.70
N MET C 172 -101.98 29.95 -50.03
CA MET C 172 -101.48 30.99 -50.96
C MET C 172 -102.61 31.60 -51.80
N GLY C 173 -103.86 31.13 -51.64
CA GLY C 173 -105.02 31.60 -52.43
C GLY C 173 -105.58 32.91 -51.90
N ASP C 174 -106.49 33.53 -52.65
CA ASP C 174 -107.07 34.88 -52.32
C ASP C 174 -108.11 34.77 -51.20
N VAL C 175 -108.60 33.57 -50.86
CA VAL C 175 -109.63 33.38 -49.78
C VAL C 175 -108.95 33.40 -48.42
N VAL C 176 -109.17 34.47 -47.64
CA VAL C 176 -108.48 34.75 -46.35
C VAL C 176 -109.02 33.80 -45.27
N GLU C 177 -110.32 33.49 -45.29
CA GLU C 177 -110.99 32.79 -44.17
C GLU C 177 -110.42 31.37 -43.99
N ASN C 178 -110.19 30.63 -45.08
CA ASN C 178 -109.62 29.26 -45.05
C ASN C 178 -108.20 29.30 -44.47
N ARG C 179 -107.41 30.28 -44.87
CA ARG C 179 -106.02 30.53 -44.39
C ARG C 179 -106.07 30.81 -42.88
N ARG C 180 -106.96 31.70 -42.43
CA ARG C 180 -107.09 32.10 -40.99
C ARG C 180 -107.50 30.87 -40.18
N GLN C 181 -108.46 30.09 -40.69
CA GLN C 181 -108.99 28.86 -40.03
C GLN C 181 -107.82 27.90 -39.79
N PHE C 182 -107.02 27.67 -40.83
CA PHE C 182 -105.82 26.79 -40.82
C PHE C 182 -104.88 27.20 -39.68
N ILE C 183 -104.63 28.51 -39.54
CA ILE C 183 -103.67 29.08 -38.54
C ILE C 183 -104.22 28.81 -37.14
N GLU C 184 -105.49 29.17 -36.87
CA GLU C 184 -106.16 28.96 -35.56
C GLU C 184 -106.10 27.47 -35.19
N ASP C 185 -106.46 26.60 -36.14
CA ASP C 185 -106.52 25.13 -35.96
C ASP C 185 -105.14 24.59 -35.57
N ASN C 186 -104.09 25.06 -36.24
CA ASN C 186 -102.71 24.52 -36.14
C ASN C 186 -101.84 25.39 -35.24
N ALA C 187 -102.38 26.42 -34.58
CA ALA C 187 -101.61 27.30 -33.67
C ALA C 187 -101.11 26.44 -32.51
N VAL C 188 -99.81 26.57 -32.20
CA VAL C 188 -99.12 25.88 -31.07
C VAL C 188 -99.49 24.40 -31.15
N ILE D 8 -82.61 8.99 -46.00
CA ILE D 8 -83.33 9.90 -46.95
C ILE D 8 -83.24 11.34 -46.40
N ASN D 9 -82.46 12.17 -47.06
CA ASN D 9 -82.79 13.61 -47.18
C ASN D 9 -83.85 13.69 -48.28
N GLU D 10 -85.09 13.54 -47.85
CA GLU D 10 -86.33 13.65 -48.67
C GLU D 10 -87.44 14.31 -47.84
N ARG D 11 -88.20 15.22 -48.46
CA ARG D 11 -89.13 16.15 -47.75
C ARG D 11 -90.42 16.32 -48.58
N ASN D 12 -91.55 15.95 -47.97
CA ASN D 12 -92.90 16.03 -48.60
C ASN D 12 -93.23 17.51 -48.83
N ILE D 13 -93.64 17.88 -50.05
CA ILE D 13 -93.92 19.29 -50.43
C ILE D 13 -95.03 19.87 -49.54
N THR D 14 -96.06 19.08 -49.23
CA THR D 14 -97.22 19.50 -48.40
C THR D 14 -96.73 19.79 -46.98
N SER D 15 -95.92 18.91 -46.38
CA SER D 15 -95.35 19.07 -45.02
C SER D 15 -94.52 20.35 -44.96
N GLU D 16 -93.68 20.57 -45.98
CA GLU D 16 -92.75 21.73 -46.06
C GLU D 16 -93.55 23.03 -46.10
N MET D 17 -94.52 23.12 -47.00
CA MET D 17 -95.45 24.29 -47.14
C MET D 17 -96.12 24.56 -45.79
N ARG D 18 -96.76 23.55 -45.19
CA ARG D 18 -97.63 23.75 -44.01
C ARG D 18 -96.79 24.25 -42.83
N GLU D 19 -95.60 23.67 -42.62
N GLU D 19 -95.60 23.67 -42.62
CA GLU D 19 -94.73 23.99 -41.47
CA GLU D 19 -94.73 24.00 -41.47
C GLU D 19 -94.00 25.32 -41.73
C GLU D 19 -94.00 25.32 -41.73
N SER D 20 -93.54 25.56 -42.96
CA SER D 20 -92.83 26.81 -43.37
C SER D 20 -93.77 28.01 -43.24
N PHE D 21 -94.96 27.92 -43.84
CA PHE D 21 -95.97 29.01 -43.85
C PHE D 21 -96.43 29.30 -42.42
N LEU D 22 -96.66 28.26 -41.61
CA LEU D 22 -97.14 28.40 -40.22
C LEU D 22 -96.08 29.16 -39.41
N ASP D 23 -94.79 28.86 -39.64
CA ASP D 23 -93.66 29.48 -38.93
C ASP D 23 -93.67 30.99 -39.19
N TYR D 24 -93.77 31.36 -40.46
CA TYR D 24 -93.90 32.76 -40.94
C TYR D 24 -95.14 33.41 -40.33
N ALA D 25 -96.33 32.86 -40.60
CA ALA D 25 -97.65 33.41 -40.23
C ALA D 25 -97.68 33.66 -38.72
N MET D 26 -97.29 32.66 -37.91
CA MET D 26 -97.36 32.76 -36.44
C MET D 26 -96.46 33.91 -35.98
N SER D 27 -95.29 34.03 -36.61
CA SER D 27 -94.22 35.00 -36.26
C SER D 27 -94.70 36.43 -36.55
N VAL D 28 -95.33 36.63 -37.71
CA VAL D 28 -95.90 37.93 -38.15
C VAL D 28 -97.03 38.34 -37.19
N ILE D 29 -97.78 37.37 -36.64
CA ILE D 29 -98.96 37.66 -35.78
C ILE D 29 -98.51 38.06 -34.37
N VAL D 30 -97.62 37.29 -33.75
CA VAL D 30 -97.32 37.41 -32.28
C VAL D 30 -96.04 38.22 -32.05
N ALA D 31 -95.32 38.60 -33.10
CA ALA D 31 -93.98 39.25 -32.98
C ALA D 31 -93.67 40.09 -34.22
N ARG D 32 -94.64 40.88 -34.71
CA ARG D 32 -94.36 41.90 -35.76
C ARG D 32 -95.51 42.93 -35.86
N ALA D 33 -96.67 42.51 -36.35
CA ALA D 33 -97.68 43.40 -36.98
C ALA D 33 -98.81 43.77 -36.02
N LEU D 34 -99.05 42.95 -34.99
CA LEU D 34 -100.15 43.18 -34.02
C LEU D 34 -99.58 43.69 -32.70
N PRO D 35 -100.22 44.71 -32.10
CA PRO D 35 -99.78 45.26 -30.82
C PRO D 35 -100.29 44.41 -29.64
N ASP D 36 -99.57 44.43 -28.52
CA ASP D 36 -100.01 43.86 -27.22
C ASP D 36 -101.11 44.77 -26.67
N VAL D 37 -102.16 44.18 -26.08
CA VAL D 37 -103.34 44.91 -25.54
C VAL D 37 -102.92 45.75 -24.32
N ARG D 38 -101.81 45.39 -23.66
CA ARG D 38 -101.38 46.01 -22.37
C ARG D 38 -100.74 47.38 -22.61
N ASP D 39 -99.69 47.47 -23.43
CA ASP D 39 -98.92 48.72 -23.64
C ASP D 39 -99.18 49.29 -25.04
N GLY D 40 -99.98 48.60 -25.86
CA GLY D 40 -100.37 49.07 -27.21
C GLY D 40 -99.23 49.01 -28.22
N LEU D 41 -98.13 48.35 -27.89
CA LEU D 41 -96.89 48.41 -28.71
C LEU D 41 -96.68 47.11 -29.52
N LYS D 42 -96.26 47.25 -30.77
CA LYS D 42 -95.66 46.14 -31.54
C LYS D 42 -94.22 45.99 -31.05
N PRO D 43 -93.59 44.81 -31.20
CA PRO D 43 -92.17 44.63 -30.89
C PRO D 43 -91.25 45.80 -31.28
N VAL D 44 -91.26 46.23 -32.54
CA VAL D 44 -90.29 47.25 -33.02
C VAL D 44 -90.46 48.54 -32.21
N HIS D 45 -91.69 48.93 -31.87
CA HIS D 45 -91.97 50.16 -31.09
C HIS D 45 -91.40 50.01 -29.68
N ARG D 46 -91.70 48.88 -29.04
CA ARG D 46 -91.25 48.56 -27.66
C ARG D 46 -89.73 48.62 -27.60
N ARG D 47 -89.05 47.99 -28.56
CA ARG D 47 -87.57 47.89 -28.59
C ARG D 47 -86.96 49.28 -28.76
N ILE D 48 -87.57 50.14 -29.57
CA ILE D 48 -87.11 51.55 -29.76
C ILE D 48 -87.21 52.30 -28.41
N LEU D 49 -88.39 52.28 -27.78
CA LEU D 49 -88.64 53.07 -26.53
C LEU D 49 -87.73 52.55 -25.41
N TYR D 50 -87.51 51.24 -25.35
CA TYR D 50 -86.66 50.60 -24.31
C TYR D 50 -85.20 50.97 -24.59
N GLY D 51 -84.81 51.00 -25.86
CA GLY D 51 -83.48 51.43 -26.31
C GLY D 51 -83.20 52.88 -25.95
N LEU D 52 -84.19 53.76 -26.12
CA LEU D 52 -84.06 55.19 -25.75
C LEU D 52 -83.76 55.25 -24.25
N ASN D 53 -84.43 54.40 -23.48
CA ASN D 53 -84.43 54.42 -21.99
C ASN D 53 -83.10 53.88 -21.46
N GLU D 54 -82.58 52.83 -22.10
CA GLU D 54 -81.31 52.16 -21.71
C GLU D 54 -80.13 53.09 -21.98
N GLN D 55 -80.23 53.97 -22.98
CA GLN D 55 -79.17 54.98 -23.26
C GLN D 55 -79.56 56.33 -22.66
N GLY D 56 -80.45 56.33 -21.66
CA GLY D 56 -81.01 57.53 -20.99
C GLY D 56 -81.13 58.73 -21.92
N MET D 57 -81.72 58.54 -23.11
CA MET D 57 -82.13 59.64 -24.03
C MET D 57 -83.49 60.15 -23.57
N THR D 58 -83.48 60.94 -22.49
CA THR D 58 -84.69 61.39 -21.75
C THR D 58 -85.01 62.81 -22.19
N PRO D 59 -86.21 63.37 -21.89
CA PRO D 59 -86.59 64.70 -22.37
C PRO D 59 -85.65 65.84 -21.93
N ASP D 60 -85.08 65.72 -20.73
CA ASP D 60 -84.17 66.71 -20.08
C ASP D 60 -82.81 66.73 -20.79
N LYS D 61 -82.27 65.56 -21.17
CA LYS D 61 -81.01 65.43 -21.94
C LYS D 61 -81.25 65.80 -23.42
N SER D 62 -80.17 66.10 -24.16
CA SER D 62 -80.24 66.66 -25.53
C SER D 62 -80.44 65.54 -26.56
N TYR D 63 -81.05 65.90 -27.70
CA TYR D 63 -81.37 65.01 -28.84
C TYR D 63 -80.10 64.27 -29.28
N LYS D 64 -80.23 62.97 -29.53
CA LYS D 64 -79.15 62.08 -30.04
C LYS D 64 -79.48 61.74 -31.51
N LYS D 65 -78.44 61.51 -32.33
N LYS D 65 -78.43 61.50 -32.33
CA LYS D 65 -78.57 61.19 -33.77
CA LYS D 65 -78.57 61.20 -33.78
C LYS D 65 -79.39 59.92 -33.95
C LYS D 65 -79.39 59.92 -33.95
N SER D 66 -80.29 59.90 -34.93
CA SER D 66 -81.20 58.77 -35.20
C SER D 66 -80.38 57.52 -35.59
N ALA D 67 -79.36 57.68 -36.42
CA ALA D 67 -78.47 56.58 -36.85
C ALA D 67 -77.85 55.89 -35.63
N ARG D 68 -77.55 56.65 -34.55
CA ARG D 68 -77.00 56.11 -33.27
C ARG D 68 -78.08 55.22 -32.61
N ILE D 69 -79.32 55.71 -32.59
CA ILE D 69 -80.47 55.03 -31.91
C ILE D 69 -80.82 53.75 -32.68
N VAL D 70 -80.95 53.85 -34.00
CA VAL D 70 -81.35 52.73 -34.89
C VAL D 70 -80.29 51.63 -34.79
N GLY D 71 -79.01 52.02 -34.80
CA GLY D 71 -77.87 51.09 -34.69
C GLY D 71 -77.94 50.31 -33.39
N ASP D 72 -78.15 51.01 -32.28
CA ASP D 72 -78.23 50.43 -30.91
C ASP D 72 -79.40 49.44 -30.85
N VAL D 73 -80.57 49.82 -31.38
CA VAL D 73 -81.81 48.99 -31.32
C VAL D 73 -81.61 47.74 -32.19
N MET D 74 -81.06 47.90 -33.40
CA MET D 74 -80.81 46.82 -34.38
C MET D 74 -79.78 45.83 -33.83
N GLY D 75 -78.74 46.35 -33.18
CA GLY D 75 -77.67 45.55 -32.55
C GLY D 75 -78.18 44.65 -31.44
N LYS D 76 -79.00 45.18 -30.54
CA LYS D 76 -79.26 44.60 -29.20
C LYS D 76 -80.61 43.87 -29.11
N TYR D 77 -81.62 44.29 -29.87
CA TYR D 77 -83.03 43.87 -29.65
C TYR D 77 -83.74 43.43 -30.93
N HIS D 78 -83.59 44.18 -32.03
CA HIS D 78 -84.42 44.08 -33.26
C HIS D 78 -83.57 43.68 -34.46
N PRO D 79 -83.36 42.37 -34.71
CA PRO D 79 -82.45 41.94 -35.77
C PRO D 79 -83.13 41.99 -37.16
N HIS D 80 -83.43 43.21 -37.64
CA HIS D 80 -84.13 43.47 -38.93
C HIS D 80 -83.59 44.75 -39.55
N GLY D 81 -84.19 45.18 -40.67
N GLY D 81 -84.19 45.18 -40.67
CA GLY D 81 -83.71 46.30 -41.50
CA GLY D 81 -83.71 46.30 -41.50
C GLY D 81 -83.69 47.61 -40.72
C GLY D 81 -83.69 47.61 -40.72
N ASP D 82 -82.70 48.46 -41.01
CA ASP D 82 -82.61 49.84 -40.47
C ASP D 82 -83.84 50.65 -40.91
N SER D 83 -84.30 50.50 -42.17
CA SER D 83 -85.50 51.23 -42.65
C SER D 83 -86.74 50.86 -41.81
N SER D 84 -86.95 49.58 -41.49
CA SER D 84 -88.13 49.11 -40.71
C SER D 84 -88.14 49.83 -39.35
N ILE D 85 -86.96 49.94 -38.72
CA ILE D 85 -86.80 50.56 -37.37
C ILE D 85 -86.98 52.07 -37.49
N TYR D 86 -86.24 52.72 -38.38
CA TYR D 86 -86.25 54.20 -38.49
C TYR D 86 -87.66 54.72 -38.79
N GLU D 87 -88.33 54.13 -39.77
CA GLU D 87 -89.69 54.58 -40.20
C GLU D 87 -90.66 54.42 -39.03
N ALA D 88 -90.50 53.38 -38.21
CA ALA D 88 -91.37 53.11 -37.05
C ALA D 88 -91.14 54.18 -35.99
N MET D 89 -89.89 54.63 -35.84
CA MET D 89 -89.51 55.70 -34.87
C MET D 89 -90.05 57.04 -35.39
N VAL D 90 -89.90 57.30 -36.69
CA VAL D 90 -90.37 58.56 -37.34
C VAL D 90 -91.86 58.76 -37.02
N ARG D 91 -92.68 57.74 -37.30
CA ARG D 91 -94.17 57.78 -37.13
C ARG D 91 -94.51 58.16 -35.69
N MET D 92 -93.82 57.59 -34.69
CA MET D 92 -94.05 57.85 -33.25
C MET D 92 -93.75 59.32 -32.92
N ALA D 93 -93.05 60.02 -33.82
CA ALA D 93 -92.58 61.41 -33.60
C ALA D 93 -93.45 62.40 -34.38
N GLN D 94 -94.36 61.91 -35.23
CA GLN D 94 -95.22 62.78 -36.09
C GLN D 94 -96.49 63.14 -35.32
N ASP D 95 -96.72 64.43 -35.10
CA ASP D 95 -97.87 64.90 -34.28
C ASP D 95 -99.17 64.72 -35.08
N PHE D 96 -99.08 64.42 -36.38
CA PHE D 96 -100.24 64.15 -37.28
C PHE D 96 -100.49 62.64 -37.42
N SER D 97 -99.61 61.80 -36.88
CA SER D 97 -99.76 60.31 -36.91
C SER D 97 -100.15 59.82 -35.52
N TYR D 98 -99.40 60.24 -34.50
CA TYR D 98 -99.58 59.88 -33.07
C TYR D 98 -100.32 61.01 -32.33
N ARG D 99 -101.46 60.67 -31.74
CA ARG D 99 -102.30 61.60 -30.92
C ARG D 99 -101.50 62.08 -29.71
N TYR D 100 -100.73 61.18 -29.10
CA TYR D 100 -99.75 61.48 -28.03
C TYR D 100 -98.40 60.94 -28.49
N PRO D 101 -97.61 61.77 -29.23
CA PRO D 101 -96.29 61.38 -29.68
C PRO D 101 -95.44 60.76 -28.56
N LEU D 102 -94.75 59.66 -28.88
CA LEU D 102 -93.89 58.91 -27.93
C LEU D 102 -92.41 59.24 -28.19
N VAL D 103 -92.12 59.93 -29.29
CA VAL D 103 -90.72 60.30 -29.66
C VAL D 103 -90.71 61.78 -29.99
N ASP D 104 -89.69 62.47 -29.49
CA ASP D 104 -89.47 63.91 -29.69
C ASP D 104 -88.36 64.04 -30.74
N GLY D 105 -88.74 64.46 -31.95
CA GLY D 105 -87.86 64.54 -33.13
C GLY D 105 -87.30 65.94 -33.32
N GLN D 106 -86.07 66.03 -33.83
CA GLN D 106 -85.41 67.28 -34.24
C GLN D 106 -85.05 67.14 -35.73
N GLY D 107 -85.73 67.90 -36.60
CA GLY D 107 -85.42 67.96 -38.05
C GLY D 107 -86.60 67.53 -38.90
N ASN D 108 -86.33 67.10 -40.15
CA ASN D 108 -87.38 66.76 -41.13
C ASN D 108 -87.89 65.34 -40.83
N PHE D 109 -88.98 65.23 -40.05
CA PHE D 109 -89.71 63.96 -39.76
C PHE D 109 -90.98 63.86 -40.62
N GLY D 110 -90.96 64.51 -41.79
CA GLY D 110 -92.04 64.48 -42.78
C GLY D 110 -93.10 65.53 -42.47
N SER D 111 -94.12 65.56 -43.33
CA SER D 111 -95.29 66.46 -43.27
C SER D 111 -96.54 65.66 -43.61
N MET D 112 -97.70 66.32 -43.57
N MET D 112 -97.70 66.32 -43.56
CA MET D 112 -99.02 65.75 -43.94
CA MET D 112 -99.03 65.79 -43.93
C MET D 112 -99.10 65.53 -45.46
C MET D 112 -99.10 65.53 -45.46
N ASP D 113 -98.19 66.11 -46.24
CA ASP D 113 -98.16 65.96 -47.71
C ASP D 113 -97.50 64.64 -48.12
N GLY D 114 -97.04 63.85 -47.16
CA GLY D 114 -96.51 62.49 -47.41
C GLY D 114 -95.09 62.51 -47.93
N ASP D 115 -94.40 63.67 -47.92
CA ASP D 115 -92.93 63.69 -48.08
C ASP D 115 -92.38 62.94 -46.88
N GLY D 116 -91.46 62.00 -47.10
CA GLY D 116 -90.90 61.20 -45.99
C GLY D 116 -90.07 62.04 -45.05
N ALA D 117 -89.67 61.46 -43.92
CA ALA D 117 -88.60 61.98 -43.05
C ALA D 117 -87.29 62.01 -43.84
N ALA D 118 -86.41 62.98 -43.56
CA ALA D 118 -85.01 62.93 -44.03
C ALA D 118 -84.39 61.60 -43.57
N ALA D 119 -83.34 61.14 -44.24
CA ALA D 119 -82.56 59.93 -43.87
C ALA D 119 -82.05 60.08 -42.42
N MET D 120 -81.75 58.95 -41.76
CA MET D 120 -81.46 58.92 -40.30
C MET D 120 -80.15 59.65 -39.98
N ARG D 121 -79.27 59.87 -40.97
CA ARG D 121 -78.03 60.66 -40.78
C ARG D 121 -78.40 62.11 -40.41
N TYR D 122 -79.55 62.60 -40.89
CA TYR D 122 -79.95 64.01 -40.84
C TYR D 122 -80.74 64.34 -39.56
N THR D 123 -81.44 63.38 -38.95
CA THR D 123 -82.43 63.67 -37.87
C THR D 123 -81.84 63.27 -36.51
N GLU D 124 -82.38 63.85 -35.44
CA GLU D 124 -82.04 63.51 -34.03
C GLU D 124 -83.36 63.27 -33.29
N ALA D 125 -83.35 62.60 -32.15
CA ALA D 125 -84.58 62.15 -31.45
C ALA D 125 -84.32 61.92 -29.96
N ARG D 126 -85.38 61.93 -29.16
CA ARG D 126 -85.38 61.53 -27.71
C ARG D 126 -86.80 61.12 -27.29
N MET D 127 -86.97 60.76 -26.01
CA MET D 127 -88.30 60.49 -25.42
C MET D 127 -89.11 61.79 -25.33
N THR D 128 -90.44 61.64 -25.42
CA THR D 128 -91.42 62.67 -25.01
C THR D 128 -91.65 62.50 -23.50
N LYS D 129 -92.12 63.53 -22.80
CA LYS D 129 -92.40 63.47 -21.34
C LYS D 129 -93.38 62.33 -21.06
N ILE D 130 -94.34 62.08 -21.96
CA ILE D 130 -95.39 61.05 -21.74
C ILE D 130 -94.78 59.64 -21.90
N THR D 131 -93.67 59.49 -22.64
CA THR D 131 -93.03 58.16 -22.85
C THR D 131 -92.40 57.72 -21.51
N LEU D 132 -92.05 58.66 -20.64
CA LEU D 132 -91.60 58.33 -19.25
C LEU D 132 -92.70 57.54 -18.53
N GLU D 133 -93.98 57.85 -18.79
CA GLU D 133 -95.13 57.15 -18.15
C GLU D 133 -95.23 55.72 -18.71
N LEU D 134 -94.88 55.51 -19.99
CA LEU D 134 -94.83 54.14 -20.58
C LEU D 134 -93.78 53.31 -19.85
N LEU D 135 -92.66 53.92 -19.47
CA LEU D 135 -91.47 53.20 -18.94
C LEU D 135 -91.41 53.25 -17.41
N ARG D 136 -92.26 54.06 -16.75
CA ARG D 136 -92.19 54.29 -15.28
C ARG D 136 -92.23 52.94 -14.56
N ASP D 137 -91.22 52.70 -13.71
CA ASP D 137 -91.16 51.53 -12.79
C ASP D 137 -90.76 50.26 -13.56
N ILE D 138 -90.15 50.39 -14.75
CA ILE D 138 -89.71 49.20 -15.55
C ILE D 138 -88.59 48.48 -14.77
N ASN D 139 -87.90 49.21 -13.89
CA ASN D 139 -86.74 48.71 -13.10
C ASN D 139 -87.16 48.21 -11.71
N LYS D 140 -88.46 48.12 -11.41
CA LYS D 140 -88.97 47.72 -10.06
C LYS D 140 -89.71 46.37 -10.16
N ASP D 141 -89.20 45.46 -11.00
CA ASP D 141 -89.75 44.09 -11.18
C ASP D 141 -91.28 44.17 -11.39
N THR D 142 -91.73 45.04 -12.29
CA THR D 142 -93.17 45.26 -12.60
C THR D 142 -93.57 44.44 -13.83
N ILE D 143 -92.62 44.15 -14.71
CA ILE D 143 -92.84 43.42 -15.99
C ILE D 143 -91.73 42.38 -16.14
N ASP D 144 -92.00 41.27 -16.82
CA ASP D 144 -91.03 40.17 -17.04
C ASP D 144 -90.10 40.56 -18.19
N PHE D 145 -88.79 40.43 -17.97
CA PHE D 145 -87.76 40.50 -19.05
C PHE D 145 -87.62 39.11 -19.69
N ILE D 146 -87.09 39.09 -20.90
CA ILE D 146 -86.80 37.85 -21.69
C ILE D 146 -85.47 38.07 -22.42
N ASP D 147 -84.84 36.98 -22.86
CA ASP D 147 -83.59 37.04 -23.65
C ASP D 147 -83.90 37.69 -25.00
N ASN D 148 -82.98 38.50 -25.51
CA ASN D 148 -83.04 39.04 -26.90
C ASN D 148 -82.78 37.89 -27.87
N TYR D 149 -82.76 38.20 -29.17
CA TYR D 149 -82.67 37.22 -30.28
C TYR D 149 -81.39 36.37 -30.20
N ASP D 150 -80.27 36.90 -29.72
CA ASP D 150 -78.99 36.15 -29.68
C ASP D 150 -78.63 35.73 -28.25
N GLY D 151 -79.44 36.09 -27.25
CA GLY D 151 -79.25 35.70 -25.84
C GLY D 151 -78.14 36.50 -25.13
N ASN D 152 -77.60 37.56 -25.76
CA ASN D 152 -76.54 38.43 -25.17
C ASN D 152 -77.16 39.62 -24.43
N GLU D 153 -78.49 39.79 -24.44
CA GLU D 153 -79.19 40.96 -23.83
C GLU D 153 -80.55 40.55 -23.25
N ARG D 154 -81.04 41.34 -22.30
CA ARG D 154 -82.41 41.22 -21.75
C ARG D 154 -83.25 42.37 -22.31
N GLU D 155 -84.46 42.05 -22.78
CA GLU D 155 -85.43 43.06 -23.28
C GLU D 155 -86.76 42.82 -22.58
N PRO D 156 -87.57 43.89 -22.38
CA PRO D 156 -88.86 43.77 -21.72
C PRO D 156 -89.91 43.14 -22.65
N SER D 157 -90.62 42.12 -22.18
CA SER D 157 -91.76 41.46 -22.85
C SER D 157 -92.90 42.47 -23.09
N VAL D 158 -93.06 43.44 -22.19
CA VAL D 158 -94.13 44.47 -22.24
C VAL D 158 -93.67 45.67 -21.41
N LEU D 159 -94.18 46.88 -21.68
CA LEU D 159 -93.85 48.05 -20.85
C LEU D 159 -94.90 48.20 -19.76
N PRO D 160 -94.55 48.82 -18.62
CA PRO D 160 -95.52 49.14 -17.56
C PRO D 160 -96.77 49.86 -18.09
N ALA D 161 -96.59 50.80 -19.01
CA ALA D 161 -97.70 51.49 -19.71
C ALA D 161 -98.63 52.12 -18.68
N ARG D 162 -98.19 53.19 -18.01
CA ARG D 162 -98.94 53.80 -16.89
C ARG D 162 -100.08 54.67 -17.43
N PHE D 163 -100.19 54.84 -18.76
CA PHE D 163 -101.40 55.35 -19.45
C PHE D 163 -101.84 54.35 -20.53
N PRO D 164 -103.17 54.28 -20.86
CA PRO D 164 -103.70 53.29 -21.79
C PRO D 164 -103.40 53.58 -23.28
N ASN D 165 -102.25 53.12 -23.74
CA ASN D 165 -101.57 53.60 -24.97
C ASN D 165 -102.20 52.99 -26.23
N LEU D 166 -102.71 51.75 -26.14
CA LEU D 166 -103.31 51.04 -27.30
C LEU D 166 -104.42 51.91 -27.89
N LEU D 167 -105.37 52.34 -27.05
CA LEU D 167 -106.53 53.15 -27.48
C LEU D 167 -106.11 54.63 -27.69
N ALA D 168 -105.20 55.12 -26.87
CA ALA D 168 -104.79 56.56 -26.87
C ALA D 168 -104.20 56.89 -28.24
N ASN D 169 -103.19 56.12 -28.65
CA ASN D 169 -102.44 56.40 -29.90
C ASN D 169 -103.03 55.58 -31.03
N GLY D 170 -103.68 54.46 -30.72
CA GLY D 170 -104.24 53.57 -31.76
C GLY D 170 -103.17 52.69 -32.33
N ALA D 171 -103.43 52.06 -33.48
CA ALA D 171 -102.57 51.02 -34.10
C ALA D 171 -103.19 50.55 -35.41
N SER D 172 -102.39 50.45 -36.47
CA SER D 172 -102.76 49.78 -37.73
C SER D 172 -101.64 48.78 -38.11
N GLY D 173 -102.02 47.58 -38.53
CA GLY D 173 -101.06 46.48 -38.77
C GLY D 173 -101.64 45.41 -39.68
N ILE D 174 -101.01 45.15 -40.81
CA ILE D 174 -101.32 44.03 -41.72
C ILE D 174 -100.51 42.81 -41.24
N ALA D 175 -101.19 41.77 -40.74
CA ALA D 175 -100.55 40.51 -40.26
C ALA D 175 -100.70 39.45 -41.34
N VAL D 176 -100.86 38.18 -40.96
CA VAL D 176 -101.23 37.05 -41.87
C VAL D 176 -102.52 36.42 -41.31
N GLY D 177 -103.54 36.27 -42.16
CA GLY D 177 -104.88 35.79 -41.78
C GLY D 177 -105.75 36.85 -41.11
N MET D 178 -105.16 37.98 -40.70
CA MET D 178 -105.86 39.08 -39.98
C MET D 178 -105.06 40.38 -40.08
N ALA D 179 -105.72 41.51 -39.87
CA ALA D 179 -105.11 42.86 -39.72
C ALA D 179 -105.67 43.50 -38.45
N THR D 180 -105.15 44.65 -38.06
CA THR D 180 -105.68 45.50 -36.97
C THR D 180 -105.82 46.93 -37.50
N ASN D 181 -106.85 47.63 -37.02
CA ASN D 181 -107.07 49.08 -37.28
C ASN D 181 -107.81 49.65 -36.08
N ILE D 182 -107.08 50.32 -35.19
CA ILE D 182 -107.64 50.91 -33.94
C ILE D 182 -107.40 52.41 -34.00
N PRO D 183 -108.45 53.24 -33.92
CA PRO D 183 -108.30 54.68 -34.02
C PRO D 183 -107.77 55.23 -32.71
N PRO D 184 -107.06 56.39 -32.74
CA PRO D 184 -106.65 57.05 -31.51
C PRO D 184 -107.83 57.65 -30.75
N HIS D 185 -107.62 57.93 -29.46
CA HIS D 185 -108.66 58.38 -28.51
C HIS D 185 -108.15 59.58 -27.68
N ASN D 186 -109.06 60.29 -27.03
CA ASN D 186 -108.71 61.39 -26.10
C ASN D 186 -108.30 60.76 -24.77
N LEU D 187 -107.14 61.12 -24.24
CA LEU D 187 -106.54 60.48 -23.04
C LEU D 187 -107.43 60.75 -21.83
N THR D 188 -107.93 61.99 -21.70
CA THR D 188 -108.84 62.42 -20.60
C THR D 188 -110.05 61.48 -20.62
N GLU D 189 -110.71 61.34 -21.77
CA GLU D 189 -111.93 60.50 -21.92
C GLU D 189 -111.57 59.06 -21.53
N LEU D 190 -110.45 58.53 -22.04
CA LEU D 190 -110.00 57.14 -21.79
C LEU D 190 -109.88 56.90 -20.28
N ILE D 191 -109.16 57.78 -19.59
CA ILE D 191 -108.81 57.59 -18.16
C ILE D 191 -110.10 57.66 -17.32
N ASN D 192 -111.01 58.58 -17.65
CA ASN D 192 -112.37 58.65 -17.04
C ASN D 192 -113.09 57.32 -17.29
N GLY D 193 -112.98 56.75 -18.49
CA GLY D 193 -113.52 55.43 -18.83
C GLY D 193 -112.99 54.36 -17.90
N VAL D 194 -111.67 54.31 -17.71
CA VAL D 194 -110.99 53.27 -16.90
C VAL D 194 -111.43 53.42 -15.44
N LEU D 195 -111.49 54.67 -14.94
CA LEU D 195 -111.92 54.98 -13.54
C LEU D 195 -113.35 54.47 -13.34
N SER D 196 -114.25 54.76 -14.29
CA SER D 196 -115.66 54.30 -14.28
C SER D 196 -115.69 52.77 -14.18
N LEU D 197 -114.99 52.09 -15.08
CA LEU D 197 -114.86 50.60 -15.10
C LEU D 197 -114.30 50.09 -13.76
N SER D 198 -113.29 50.76 -13.19
CA SER D 198 -112.59 50.31 -11.96
C SER D 198 -113.51 50.41 -10.74
N LYS D 199 -114.61 51.17 -10.84
CA LYS D 199 -115.63 51.32 -9.77
C LYS D 199 -116.82 50.39 -10.04
N ASN D 200 -117.02 49.93 -11.29
CA ASN D 200 -118.21 49.13 -11.69
C ASN D 200 -117.78 48.10 -12.73
N PRO D 201 -117.31 46.91 -12.31
CA PRO D 201 -116.88 45.86 -13.25
C PRO D 201 -117.95 45.48 -14.28
N ASP D 202 -119.23 45.68 -13.96
CA ASP D 202 -120.40 45.23 -14.76
C ASP D 202 -120.91 46.36 -15.67
N ILE D 203 -120.14 47.44 -15.80
CA ILE D 203 -120.50 48.65 -16.61
C ILE D 203 -120.80 48.24 -18.06
N SER D 204 -121.80 48.87 -18.69
CA SER D 204 -122.20 48.66 -20.10
C SER D 204 -121.31 49.51 -21.03
N ILE D 205 -121.17 49.09 -22.28
CA ILE D 205 -120.50 49.88 -23.35
C ILE D 205 -121.16 51.25 -23.41
N ALA D 206 -122.50 51.28 -23.37
CA ALA D 206 -123.32 52.51 -23.43
C ALA D 206 -122.90 53.51 -22.35
N GLU D 207 -122.68 53.03 -21.11
CA GLU D 207 -122.28 53.87 -19.95
C GLU D 207 -120.84 54.34 -20.14
N LEU D 208 -119.96 53.45 -20.62
CA LEU D 208 -118.55 53.78 -20.95
C LEU D 208 -118.52 54.90 -21.97
N MET D 209 -119.48 54.95 -22.89
CA MET D 209 -119.49 55.94 -24.00
C MET D 209 -119.92 57.33 -23.52
N GLU D 210 -120.43 57.46 -22.29
CA GLU D 210 -120.63 58.78 -21.63
C GLU D 210 -119.27 59.38 -21.26
N ASP D 211 -118.22 58.56 -21.08
CA ASP D 211 -116.83 59.04 -20.85
C ASP D 211 -116.11 59.13 -22.19
N ILE D 212 -116.17 58.05 -22.98
CA ILE D 212 -115.42 57.90 -24.26
C ILE D 212 -116.40 58.17 -25.41
N GLU D 213 -116.55 59.44 -25.80
CA GLU D 213 -117.52 59.90 -26.86
C GLU D 213 -117.30 59.12 -28.15
N GLY D 214 -116.04 58.90 -28.50
CA GLY D 214 -115.61 58.27 -29.77
C GLY D 214 -114.11 58.49 -30.00
N PRO D 215 -113.58 58.11 -31.19
CA PRO D 215 -112.19 58.40 -31.52
C PRO D 215 -111.93 59.91 -31.44
N ASP D 216 -110.67 60.27 -31.21
CA ASP D 216 -110.14 61.64 -31.27
C ASP D 216 -108.85 61.61 -32.08
N PHE D 217 -108.93 61.95 -33.37
CA PHE D 217 -107.77 61.92 -34.31
C PHE D 217 -106.85 63.10 -34.03
N PRO D 218 -105.53 62.95 -34.22
CA PRO D 218 -104.61 64.07 -34.04
C PRO D 218 -104.89 65.20 -35.03
N THR D 219 -105.36 64.86 -36.23
CA THR D 219 -105.63 65.81 -37.34
C THR D 219 -106.98 66.53 -37.15
N ALA D 220 -107.72 66.18 -36.09
CA ALA D 220 -109.05 66.77 -35.75
C ALA D 220 -110.08 66.34 -36.81
N GLY D 221 -110.77 67.30 -37.42
CA GLY D 221 -111.85 67.04 -38.39
C GLY D 221 -113.15 66.67 -37.69
N LEU D 222 -114.05 66.00 -38.41
CA LEU D 222 -115.43 65.67 -37.97
C LEU D 222 -115.71 64.19 -38.15
N ILE D 223 -116.51 63.61 -37.26
CA ILE D 223 -117.10 62.25 -37.39
C ILE D 223 -118.62 62.43 -37.53
N LEU D 224 -119.20 61.82 -38.57
CA LEU D 224 -120.65 61.85 -38.85
C LEU D 224 -121.31 60.72 -38.05
N GLY D 225 -121.94 61.07 -36.94
CA GLY D 225 -122.89 60.19 -36.24
C GLY D 225 -122.20 59.26 -35.25
N LYS D 226 -123.01 58.58 -34.45
CA LYS D 226 -122.54 57.70 -33.36
C LYS D 226 -122.78 56.23 -33.75
N SER D 227 -123.39 55.95 -34.91
CA SER D 227 -123.77 54.57 -35.35
C SER D 227 -122.52 53.72 -35.52
N GLY D 228 -121.59 54.16 -36.38
CA GLY D 228 -120.32 53.46 -36.64
C GLY D 228 -119.53 53.28 -35.36
N ILE D 229 -119.37 54.37 -34.59
CA ILE D 229 -118.59 54.38 -33.33
C ILE D 229 -119.15 53.30 -32.39
N ARG D 230 -120.46 53.29 -32.22
N ARG D 230 -120.46 53.29 -32.22
CA ARG D 230 -121.20 52.37 -31.29
CA ARG D 230 -121.20 52.37 -31.29
C ARG D 230 -120.92 50.92 -31.71
C ARG D 230 -120.92 50.92 -31.71
N ARG D 231 -121.11 50.63 -33.00
CA ARG D 231 -120.94 49.27 -33.59
C ARG D 231 -119.50 48.79 -33.35
N ALA D 232 -118.53 49.70 -33.50
CA ALA D 232 -117.08 49.42 -33.35
C ALA D 232 -116.76 49.12 -31.89
N TYR D 233 -117.34 49.87 -30.95
CA TYR D 233 -117.11 49.72 -29.49
C TYR D 233 -117.88 48.50 -28.95
N GLU D 234 -118.97 48.12 -29.62
CA GLU D 234 -119.81 46.97 -29.23
C GLU D 234 -119.11 45.67 -29.60
N THR D 235 -118.59 45.59 -30.84
CA THR D 235 -118.25 44.34 -31.54
C THR D 235 -116.76 44.27 -31.93
N GLY D 236 -116.08 45.42 -31.96
CA GLY D 236 -114.66 45.50 -32.37
C GLY D 236 -114.54 45.81 -33.85
N ARG D 237 -115.67 45.79 -34.58
CA ARG D 237 -115.71 46.11 -36.03
C ARG D 237 -116.83 47.12 -36.28
N GLY D 238 -116.52 48.15 -37.07
CA GLY D 238 -117.44 49.23 -37.45
C GLY D 238 -116.78 50.18 -38.41
N SER D 239 -117.55 50.79 -39.30
CA SER D 239 -117.04 51.86 -40.19
C SER D 239 -117.42 53.21 -39.57
N ILE D 240 -116.44 54.11 -39.48
CA ILE D 240 -116.59 55.48 -38.92
C ILE D 240 -116.33 56.46 -40.05
N GLN D 241 -117.30 57.32 -40.37
CA GLN D 241 -117.20 58.30 -41.48
C GLN D 241 -116.51 59.57 -40.96
N MET D 242 -115.29 59.85 -41.45
CA MET D 242 -114.51 61.06 -41.11
C MET D 242 -114.75 62.12 -42.19
N ARG D 243 -114.74 63.39 -41.83
CA ARG D 243 -114.98 64.49 -42.81
C ARG D 243 -114.09 65.68 -42.48
N SER D 244 -113.44 66.24 -43.51
CA SER D 244 -112.71 67.53 -43.48
C SER D 244 -113.59 68.62 -42.85
N ARG D 245 -112.97 69.51 -42.06
CA ARG D 245 -113.63 70.75 -41.58
C ARG D 245 -113.50 71.78 -42.69
N ALA D 246 -114.60 72.06 -43.39
CA ALA D 246 -114.65 73.01 -44.53
C ALA D 246 -115.78 74.00 -44.27
N VAL D 247 -115.56 75.25 -44.66
CA VAL D 247 -116.60 76.32 -44.62
C VAL D 247 -116.63 77.01 -45.98
N ILE D 248 -117.77 77.67 -46.26
CA ILE D 248 -117.97 78.52 -47.47
C ILE D 248 -117.93 79.99 -47.01
N GLU D 249 -117.12 80.81 -47.68
CA GLU D 249 -116.95 82.23 -47.29
C GLU D 249 -116.86 83.12 -48.54
N GLU D 250 -117.37 84.34 -48.44
CA GLU D 250 -117.23 85.47 -49.43
C GLU D 250 -115.74 85.73 -49.68
N ARG D 251 -115.31 85.93 -50.93
CA ARG D 251 -113.89 86.18 -51.29
C ARG D 251 -113.80 87.55 -51.98
N GLY D 252 -114.91 88.29 -52.05
CA GLY D 252 -115.01 89.60 -52.72
C GLY D 252 -115.53 89.48 -54.14
N GLY D 253 -116.14 90.54 -54.66
CA GLY D 253 -116.80 90.60 -55.97
C GLY D 253 -118.04 89.72 -56.00
N GLY D 254 -118.63 89.43 -54.84
CA GLY D 254 -119.83 88.58 -54.72
C GLY D 254 -119.51 87.11 -54.97
N ARG D 255 -118.24 86.75 -55.24
CA ARG D 255 -117.80 85.37 -55.49
C ARG D 255 -117.40 84.72 -54.18
N GLN D 256 -117.71 83.43 -54.02
CA GLN D 256 -117.42 82.63 -52.80
C GLN D 256 -116.19 81.75 -52.97
N ARG D 257 -115.84 81.01 -51.92
CA ARG D 257 -114.79 79.95 -51.93
C ARG D 257 -115.03 78.98 -50.76
N ILE D 258 -114.55 77.75 -50.93
CA ILE D 258 -114.54 76.67 -49.91
C ILE D 258 -113.15 76.70 -49.26
N VAL D 259 -113.08 76.81 -47.93
CA VAL D 259 -111.78 76.75 -47.19
C VAL D 259 -111.79 75.51 -46.31
N VAL D 260 -110.79 74.65 -46.49
CA VAL D 260 -110.60 73.38 -45.72
C VAL D 260 -109.42 73.60 -44.77
N THR D 261 -109.65 73.42 -43.47
CA THR D 261 -108.67 73.71 -42.40
C THR D 261 -108.26 72.45 -41.65
N GLU D 262 -109.05 71.37 -41.72
CA GLU D 262 -108.75 70.06 -41.09
C GLU D 262 -109.08 68.97 -42.12
N ILE D 263 -108.21 67.98 -42.31
CA ILE D 263 -108.49 66.82 -43.23
C ILE D 263 -108.65 65.54 -42.41
N PRO D 264 -109.23 64.47 -43.02
CA PRO D 264 -109.42 63.22 -42.30
C PRO D 264 -108.07 62.57 -41.99
N PHE D 265 -108.07 61.72 -40.97
CA PHE D 265 -106.89 61.00 -40.41
C PHE D 265 -106.26 60.13 -41.50
N GLN D 266 -104.92 60.16 -41.58
CA GLN D 266 -104.10 59.30 -42.47
C GLN D 266 -104.40 59.61 -43.95
N VAL D 267 -105.10 60.71 -44.27
CA VAL D 267 -105.29 61.18 -45.67
C VAL D 267 -104.11 62.10 -46.04
N ASN D 268 -103.50 61.85 -47.19
CA ASN D 268 -102.33 62.60 -47.72
C ASN D 268 -102.79 63.93 -48.34
N LYS D 269 -102.41 65.07 -47.76
CA LYS D 269 -102.91 66.41 -48.21
C LYS D 269 -102.54 66.58 -49.69
N ALA D 270 -101.27 66.39 -50.05
CA ALA D 270 -100.75 66.64 -51.40
C ALA D 270 -101.54 65.80 -52.42
N ARG D 271 -101.73 64.52 -52.11
N ARG D 271 -101.73 64.52 -52.11
CA ARG D 271 -102.45 63.53 -52.97
CA ARG D 271 -102.45 63.53 -52.97
C ARG D 271 -103.92 63.95 -53.10
C ARG D 271 -103.92 63.95 -53.10
N MET D 272 -104.56 64.31 -51.99
CA MET D 272 -105.98 64.72 -51.96
C MET D 272 -106.21 65.94 -52.87
N ILE D 273 -105.32 66.92 -52.84
CA ILE D 273 -105.39 68.14 -53.72
C ILE D 273 -105.26 67.69 -55.19
N GLU D 274 -104.31 66.80 -55.48
CA GLU D 274 -104.04 66.29 -56.85
C GLU D 274 -105.32 65.60 -57.37
N LYS D 275 -106.03 64.82 -56.55
CA LYS D 275 -107.31 64.17 -56.96
C LYS D 275 -108.33 65.27 -57.36
N ILE D 276 -108.37 66.39 -56.63
CA ILE D 276 -109.35 67.49 -56.89
C ILE D 276 -108.95 68.18 -58.20
N ALA D 277 -107.66 68.50 -58.36
CA ALA D 277 -107.13 69.15 -59.59
C ALA D 277 -107.42 68.25 -60.79
N GLU D 278 -107.29 66.93 -60.60
CA GLU D 278 -107.50 65.91 -61.66
C GLU D 278 -108.98 65.83 -62.03
N LEU D 279 -109.91 65.94 -61.06
CA LEU D 279 -111.37 65.99 -61.35
C LEU D 279 -111.68 67.23 -62.18
N VAL D 280 -111.04 68.37 -61.88
CA VAL D 280 -111.23 69.67 -62.59
C VAL D 280 -110.61 69.56 -63.98
N ARG D 281 -109.34 69.12 -64.09
CA ARG D 281 -108.63 68.88 -65.39
C ARG D 281 -109.54 68.05 -66.31
N ASP D 282 -110.17 66.98 -65.78
CA ASP D 282 -110.96 65.98 -66.54
C ASP D 282 -112.44 66.38 -66.57
N LYS D 283 -112.77 67.65 -66.29
CA LYS D 283 -114.16 68.21 -66.25
C LYS D 283 -115.16 67.21 -65.62
N LYS D 284 -114.80 66.50 -64.55
CA LYS D 284 -115.65 65.48 -63.85
C LYS D 284 -116.34 66.12 -62.62
N ILE D 285 -116.03 67.38 -62.30
CA ILE D 285 -116.73 68.20 -61.26
C ILE D 285 -116.79 69.66 -61.74
N ASP D 286 -117.96 70.31 -61.63
CA ASP D 286 -118.26 71.58 -62.33
C ASP D 286 -118.34 72.72 -61.30
N GLY D 287 -117.64 73.83 -61.54
CA GLY D 287 -117.77 75.07 -60.75
C GLY D 287 -116.48 75.53 -60.08
N ILE D 288 -115.39 74.78 -60.15
CA ILE D 288 -114.13 75.11 -59.42
C ILE D 288 -113.19 75.88 -60.36
N THR D 289 -112.87 77.13 -60.00
CA THR D 289 -112.12 78.09 -60.85
C THR D 289 -110.65 78.16 -60.43
N ASP D 290 -110.32 77.75 -59.20
CA ASP D 290 -108.91 77.69 -58.72
C ASP D 290 -108.84 76.77 -57.51
N LEU D 291 -107.63 76.30 -57.23
CA LEU D 291 -107.32 75.36 -56.13
C LEU D 291 -105.91 75.67 -55.62
N ARG D 292 -105.77 76.22 -54.41
CA ARG D 292 -104.47 76.61 -53.82
C ARG D 292 -104.33 75.94 -52.46
N ASP D 293 -103.09 75.58 -52.09
CA ASP D 293 -102.74 75.07 -50.74
C ASP D 293 -102.01 76.20 -50.00
N GLU D 294 -102.75 77.02 -49.25
CA GLU D 294 -102.22 78.17 -48.48
C GLU D 294 -101.79 77.69 -47.09
N THR D 295 -101.57 76.39 -46.90
CA THR D 295 -101.03 75.85 -45.62
C THR D 295 -99.71 76.54 -45.33
N SER D 296 -99.47 76.84 -44.05
CA SER D 296 -98.29 77.56 -43.53
C SER D 296 -98.24 77.29 -42.02
N LEU D 297 -97.07 77.42 -41.41
N LEU D 297 -97.07 77.42 -41.41
CA LEU D 297 -96.93 77.13 -39.96
CA LEU D 297 -96.90 77.15 -39.96
C LEU D 297 -97.72 78.17 -39.16
C LEU D 297 -97.71 78.18 -39.17
N ARG D 298 -97.87 79.40 -39.70
CA ARG D 298 -98.63 80.50 -39.06
C ARG D 298 -100.14 80.21 -39.13
N THR D 299 -100.68 79.90 -40.32
CA THR D 299 -102.13 79.69 -40.57
C THR D 299 -102.60 78.29 -40.12
N GLY D 300 -101.70 77.30 -40.07
CA GLY D 300 -102.09 75.87 -40.03
C GLY D 300 -102.52 75.37 -41.40
N VAL D 301 -103.30 74.29 -41.45
CA VAL D 301 -103.81 73.70 -42.73
C VAL D 301 -104.83 74.65 -43.33
N ARG D 302 -104.70 74.97 -44.61
CA ARG D 302 -105.60 75.93 -45.32
C ARG D 302 -105.55 75.63 -46.81
N VAL D 303 -106.53 74.85 -47.29
CA VAL D 303 -106.70 74.50 -48.72
C VAL D 303 -107.89 75.32 -49.22
N VAL D 304 -107.66 76.18 -50.21
CA VAL D 304 -108.68 77.12 -50.77
C VAL D 304 -109.14 76.60 -52.14
N ILE D 305 -110.46 76.54 -52.32
CA ILE D 305 -111.13 76.13 -53.59
C ILE D 305 -112.05 77.27 -54.02
N ASP D 306 -111.66 78.04 -55.04
CA ASP D 306 -112.44 79.18 -55.58
C ASP D 306 -113.59 78.65 -56.43
N VAL D 307 -114.79 79.20 -56.24
CA VAL D 307 -116.05 78.77 -56.92
C VAL D 307 -116.50 79.86 -57.91
N ARG D 308 -116.85 79.46 -59.14
CA ARG D 308 -117.35 80.35 -60.24
C ARG D 308 -118.54 81.16 -59.74
N LYS D 309 -118.71 82.41 -60.22
CA LYS D 309 -119.73 83.36 -59.71
C LYS D 309 -121.14 82.77 -59.80
N ASP D 310 -121.55 82.09 -60.89
CA ASP D 310 -122.92 81.54 -61.02
C ASP D 310 -123.18 80.48 -59.91
N ALA D 311 -122.13 79.83 -59.43
CA ALA D 311 -122.15 78.40 -59.02
C ALA D 311 -122.51 78.30 -57.54
N ASN D 312 -123.28 77.28 -57.18
CA ASN D 312 -123.66 76.99 -55.76
C ASN D 312 -122.49 76.31 -55.07
N ALA D 313 -121.91 76.92 -54.03
CA ALA D 313 -120.71 76.39 -53.32
C ALA D 313 -121.06 75.15 -52.47
N SER D 314 -122.26 75.09 -51.88
CA SER D 314 -122.70 73.99 -50.99
C SER D 314 -122.81 72.69 -51.82
N VAL D 315 -123.28 72.81 -53.06
CA VAL D 315 -123.42 71.67 -54.01
C VAL D 315 -122.02 71.18 -54.38
N ILE D 316 -121.09 72.09 -54.69
CA ILE D 316 -119.69 71.73 -55.03
C ILE D 316 -119.05 71.02 -53.82
N LEU D 317 -119.32 71.49 -52.60
CA LEU D 317 -118.75 70.85 -51.39
C LEU D 317 -119.31 69.43 -51.25
N ASN D 318 -120.62 69.22 -51.43
CA ASN D 318 -121.24 67.87 -51.32
C ASN D 318 -120.65 66.95 -52.39
N ASN D 319 -120.42 67.47 -53.59
CA ASN D 319 -119.82 66.69 -54.70
C ASN D 319 -118.39 66.29 -54.29
N LEU D 320 -117.61 67.22 -53.74
CA LEU D 320 -116.21 66.96 -53.32
C LEU D 320 -116.19 65.83 -52.29
N TYR D 321 -117.15 65.79 -51.36
CA TYR D 321 -117.22 64.73 -50.33
C TYR D 321 -117.45 63.38 -51.02
N LYS D 322 -118.38 63.34 -51.97
CA LYS D 322 -118.76 62.10 -52.69
C LYS D 322 -117.57 61.60 -53.53
N GLN D 323 -116.76 62.51 -54.09
CA GLN D 323 -115.83 62.19 -55.20
C GLN D 323 -114.38 62.21 -54.74
N THR D 324 -114.03 62.65 -53.51
CA THR D 324 -112.62 62.75 -53.07
C THR D 324 -112.45 62.23 -51.64
N PRO D 325 -111.20 62.05 -51.18
CA PRO D 325 -110.90 61.72 -49.79
C PRO D 325 -111.20 62.83 -48.77
N LEU D 326 -111.75 63.97 -49.22
CA LEU D 326 -112.23 65.07 -48.34
C LEU D 326 -113.21 64.50 -47.29
N GLN D 327 -113.92 63.43 -47.64
CA GLN D 327 -114.62 62.50 -46.70
C GLN D 327 -114.01 61.12 -46.93
N THR D 328 -113.60 60.44 -45.86
CA THR D 328 -112.99 59.09 -45.86
C THR D 328 -113.61 58.28 -44.73
N SER D 329 -113.73 56.97 -44.87
CA SER D 329 -114.15 56.02 -43.80
C SER D 329 -112.91 55.53 -43.04
N PHE D 330 -112.99 55.38 -41.72
CA PHE D 330 -111.98 54.66 -40.90
C PHE D 330 -112.55 53.30 -40.51
N GLY D 331 -111.99 52.22 -41.09
CA GLY D 331 -112.51 50.86 -40.87
C GLY D 331 -111.98 50.22 -39.60
N VAL D 332 -112.68 50.39 -38.48
CA VAL D 332 -112.27 49.85 -37.15
C VAL D 332 -112.27 48.31 -37.19
N ASN D 333 -111.16 47.71 -36.76
CA ASN D 333 -110.93 46.24 -36.69
C ASN D 333 -110.03 46.01 -35.48
N MET D 334 -110.62 45.94 -34.29
CA MET D 334 -109.87 46.05 -33.00
C MET D 334 -109.31 44.68 -32.61
N ILE D 335 -108.23 44.29 -33.27
CA ILE D 335 -107.47 43.04 -32.99
C ILE D 335 -106.13 43.41 -32.35
N ALA D 336 -105.90 42.87 -31.15
CA ALA D 336 -104.63 42.95 -30.40
C ALA D 336 -104.32 41.58 -29.78
N LEU D 337 -103.10 41.42 -29.27
CA LEU D 337 -102.62 40.20 -28.57
C LEU D 337 -103.06 40.22 -27.11
N VAL D 338 -103.82 39.20 -26.70
CA VAL D 338 -104.30 38.95 -25.32
C VAL D 338 -103.77 37.58 -24.89
N ASN D 339 -102.98 37.53 -23.81
CA ASN D 339 -102.20 36.33 -23.38
C ASN D 339 -101.53 35.72 -24.61
N GLY D 340 -100.86 36.58 -25.40
CA GLY D 340 -100.01 36.19 -26.55
C GLY D 340 -100.78 35.70 -27.78
N ARG D 341 -102.11 35.82 -27.81
CA ARG D 341 -102.94 35.37 -28.96
C ARG D 341 -103.77 36.52 -29.50
N PRO D 342 -103.98 36.61 -30.84
CA PRO D 342 -104.77 37.69 -31.42
C PRO D 342 -106.25 37.48 -31.06
N LYS D 343 -106.90 38.50 -30.52
CA LYS D 343 -108.34 38.48 -30.16
C LYS D 343 -109.00 39.75 -30.73
N LEU D 344 -110.16 39.61 -31.38
CA LEU D 344 -111.05 40.75 -31.69
C LEU D 344 -111.70 41.16 -30.38
N ILE D 345 -111.49 42.40 -29.96
CA ILE D 345 -111.92 42.88 -28.61
C ILE D 345 -112.85 44.08 -28.80
N ASN D 346 -113.84 44.20 -27.92
CA ASN D 346 -114.73 45.39 -27.84
C ASN D 346 -114.03 46.42 -26.96
N LEU D 347 -114.59 47.62 -26.87
CA LEU D 347 -114.02 48.72 -26.03
C LEU D 347 -113.81 48.20 -24.60
N LYS D 348 -114.78 47.50 -24.02
CA LYS D 348 -114.71 47.10 -22.59
C LYS D 348 -113.58 46.08 -22.38
N GLU D 349 -113.42 45.07 -23.24
CA GLU D 349 -112.33 44.07 -23.08
C GLU D 349 -110.98 44.79 -23.04
N ALA D 350 -110.77 45.71 -23.98
CA ALA D 350 -109.51 46.50 -24.12
C ALA D 350 -109.21 47.24 -22.81
N LEU D 351 -110.23 47.87 -22.21
CA LEU D 351 -110.09 48.66 -20.96
C LEU D 351 -109.87 47.71 -19.77
N VAL D 352 -110.59 46.60 -19.74
CA VAL D 352 -110.49 45.57 -18.67
C VAL D 352 -109.06 44.99 -18.68
N HIS D 353 -108.57 44.55 -19.84
CA HIS D 353 -107.20 43.99 -19.96
C HIS D 353 -106.17 45.03 -19.50
N TYR D 354 -106.41 46.31 -19.79
CA TYR D 354 -105.50 47.42 -19.42
C TYR D 354 -105.50 47.61 -17.90
N LEU D 355 -106.68 47.76 -17.32
CA LEU D 355 -106.83 47.96 -15.85
C LEU D 355 -106.18 46.79 -15.11
N GLU D 356 -106.35 45.56 -15.62
CA GLU D 356 -105.79 44.33 -15.01
C GLU D 356 -104.26 44.40 -15.06
N HIS D 357 -103.71 44.92 -16.17
CA HIS D 357 -102.25 45.11 -16.36
C HIS D 357 -101.74 46.08 -15.29
N GLN D 358 -102.50 47.14 -15.01
CA GLN D 358 -102.10 48.19 -14.03
C GLN D 358 -102.10 47.59 -12.62
N LYS D 359 -103.17 46.87 -12.26
CA LYS D 359 -103.27 46.20 -10.94
C LYS D 359 -102.02 45.34 -10.75
N THR D 360 -101.62 44.58 -11.78
CA THR D 360 -100.43 43.68 -11.76
C THR D 360 -99.16 44.51 -11.53
N VAL D 361 -98.96 45.55 -12.33
CA VAL D 361 -97.74 46.43 -12.30
C VAL D 361 -97.63 47.05 -10.91
N VAL D 362 -98.71 47.61 -10.37
CA VAL D 362 -98.65 48.32 -9.06
C VAL D 362 -98.47 47.30 -7.94
N ARG D 363 -99.13 46.14 -7.99
CA ARG D 363 -98.94 45.07 -6.98
C ARG D 363 -97.45 44.68 -6.96
N ARG D 364 -96.91 44.32 -8.11
CA ARG D 364 -95.50 43.85 -8.25
C ARG D 364 -94.54 44.95 -7.79
N ARG D 365 -94.81 46.21 -8.19
CA ARG D 365 -93.96 47.35 -7.77
C ARG D 365 -93.94 47.39 -6.24
N THR D 366 -95.11 47.27 -5.61
CA THR D 366 -95.30 47.35 -4.14
C THR D 366 -94.56 46.20 -3.47
N GLN D 367 -94.72 44.98 -3.99
CA GLN D 367 -94.00 43.77 -3.51
C GLN D 367 -92.49 44.03 -3.56
N TYR D 368 -92.00 44.63 -4.66
CA TYR D 368 -90.58 44.92 -4.89
C TYR D 368 -90.11 45.99 -3.90
N ASN D 369 -90.87 47.08 -3.76
CA ASN D 369 -90.52 48.22 -2.87
C ASN D 369 -90.43 47.70 -1.43
N LEU D 370 -91.35 46.82 -1.03
CA LEU D 370 -91.39 46.19 0.32
C LEU D 370 -90.13 45.32 0.51
N ARG D 371 -89.83 44.45 -0.44
CA ARG D 371 -88.61 43.60 -0.47
C ARG D 371 -87.38 44.49 -0.20
N LYS D 372 -87.19 45.54 -1.02
CA LYS D 372 -86.00 46.42 -0.98
C LYS D 372 -85.96 47.17 0.35
N ALA D 373 -87.10 47.68 0.81
CA ALA D 373 -87.23 48.47 2.06
C ALA D 373 -86.86 47.62 3.26
N LYS D 374 -87.33 46.36 3.29
CA LYS D 374 -87.07 45.40 4.40
C LYS D 374 -85.58 45.08 4.43
N ASP D 375 -85.00 44.68 3.30
CA ASP D 375 -83.54 44.44 3.15
C ASP D 375 -82.76 45.64 3.72
N ARG D 376 -83.20 46.86 3.40
CA ARG D 376 -82.52 48.13 3.76
C ARG D 376 -82.69 48.39 5.25
N ALA D 377 -83.90 48.16 5.78
CA ALA D 377 -84.23 48.34 7.21
C ALA D 377 -83.33 47.43 8.04
N HIS D 378 -83.17 46.17 7.60
CA HIS D 378 -82.29 45.16 8.21
C HIS D 378 -80.85 45.70 8.25
N ILE D 379 -80.35 46.27 7.15
CA ILE D 379 -78.96 46.80 7.09
C ILE D 379 -78.85 47.96 8.08
N LEU D 380 -79.83 48.87 8.10
CA LEU D 380 -79.80 50.08 8.99
C LEU D 380 -79.79 49.65 10.46
N GLU D 381 -80.48 48.55 10.80
CA GLU D 381 -80.48 47.98 12.17
C GLU D 381 -79.04 47.60 12.56
N GLY D 382 -78.32 46.95 11.63
CA GLY D 382 -76.89 46.61 11.78
C GLY D 382 -76.00 47.84 11.97
N LEU D 383 -76.17 48.86 11.13
CA LEU D 383 -75.37 50.12 11.18
C LEU D 383 -75.63 50.84 12.51
N ARG D 384 -76.88 50.83 13.00
CA ARG D 384 -77.27 51.47 14.28
C ARG D 384 -76.48 50.82 15.42
N ILE D 385 -76.57 49.50 15.54
CA ILE D 385 -75.77 48.67 16.50
C ILE D 385 -74.28 49.04 16.37
N ALA D 386 -73.75 49.14 15.15
CA ALA D 386 -72.31 49.38 14.93
C ALA D 386 -71.92 50.79 15.42
N LEU D 387 -72.74 51.80 15.11
CA LEU D 387 -72.47 53.21 15.50
C LEU D 387 -72.59 53.35 17.02
N ASP D 388 -73.55 52.64 17.62
CA ASP D 388 -73.87 52.70 19.07
C ASP D 388 -72.77 52.02 19.90
N HIS D 389 -72.03 51.06 19.35
CA HIS D 389 -70.91 50.38 20.06
C HIS D 389 -69.64 50.46 19.21
N ILE D 390 -69.37 51.62 18.61
CA ILE D 390 -68.31 51.76 17.57
C ILE D 390 -66.93 51.39 18.17
N ASP D 391 -66.65 51.74 19.43
CA ASP D 391 -65.33 51.47 20.06
C ASP D 391 -65.06 49.95 20.08
N GLU D 392 -66.09 49.16 20.45
CA GLU D 392 -65.97 47.68 20.51
C GLU D 392 -65.83 47.11 19.09
N ILE D 393 -66.60 47.63 18.13
CA ILE D 393 -66.61 47.18 16.70
C ILE D 393 -65.18 47.28 16.16
N ILE D 394 -64.52 48.42 16.38
CA ILE D 394 -63.16 48.71 15.85
C ILE D 394 -62.19 47.64 16.39
N SER D 395 -62.18 47.44 17.73
CA SER D 395 -61.28 46.48 18.43
C SER D 395 -61.49 45.07 17.84
N THR D 396 -62.75 44.63 17.73
CA THR D 396 -63.14 43.33 17.11
C THR D 396 -62.49 43.18 15.74
N ILE D 397 -62.54 44.22 14.91
CA ILE D 397 -62.06 44.19 13.50
C ILE D 397 -60.53 44.22 13.51
N ARG D 398 -59.93 44.96 14.46
CA ARG D 398 -58.46 45.17 14.54
C ARG D 398 -57.77 43.88 14.97
N GLU D 399 -58.33 43.18 15.95
CA GLU D 399 -57.79 41.89 16.46
C GLU D 399 -58.05 40.78 15.43
N SER D 400 -58.91 41.01 14.43
CA SER D 400 -59.20 40.05 13.33
C SER D 400 -58.09 40.10 12.28
N ASP D 401 -57.59 38.93 11.86
CA ASP D 401 -56.42 38.82 10.95
C ASP D 401 -56.90 39.02 9.50
N THR D 402 -58.02 38.39 9.15
CA THR D 402 -58.65 38.43 7.80
C THR D 402 -60.07 39.02 7.90
N ASP D 403 -60.65 39.34 6.75
CA ASP D 403 -62.06 39.80 6.62
C ASP D 403 -63.00 38.68 7.10
N LYS D 404 -62.67 37.41 6.76
CA LYS D 404 -63.50 36.22 7.09
C LYS D 404 -63.63 36.10 8.61
N VAL D 405 -62.53 36.28 9.35
CA VAL D 405 -62.48 36.18 10.83
C VAL D 405 -63.31 37.33 11.42
N ALA D 406 -63.12 38.56 10.93
CA ALA D 406 -63.85 39.77 11.35
C ALA D 406 -65.36 39.57 11.20
N MET D 407 -65.79 39.02 10.06
CA MET D 407 -67.22 38.69 9.77
C MET D 407 -67.78 37.77 10.85
N GLU D 408 -67.05 36.70 11.19
CA GLU D 408 -67.48 35.67 12.17
C GLU D 408 -67.56 36.32 13.56
N SER D 409 -66.52 37.07 13.95
CA SER D 409 -66.40 37.76 15.26
C SER D 409 -67.53 38.77 15.45
N LEU D 410 -67.86 39.55 14.41
CA LEU D 410 -68.94 40.59 14.47
C LEU D 410 -70.30 39.91 14.65
N GLN D 411 -70.53 38.82 13.91
CA GLN D 411 -71.79 38.06 13.95
C GLN D 411 -72.01 37.46 15.35
N GLN D 412 -70.95 36.85 15.90
CA GLN D 412 -70.96 36.15 17.22
C GLN D 412 -71.14 37.20 18.33
N ARG D 413 -70.31 38.24 18.33
CA ARG D 413 -70.19 39.23 19.44
C ARG D 413 -71.45 40.11 19.52
N PHE D 414 -72.09 40.44 18.38
CA PHE D 414 -73.16 41.49 18.32
C PHE D 414 -74.48 40.94 17.78
N LYS D 415 -74.57 39.62 17.59
CA LYS D 415 -75.81 38.92 17.16
C LYS D 415 -76.28 39.54 15.82
N LEU D 416 -75.35 39.72 14.88
CA LEU D 416 -75.58 40.31 13.52
C LEU D 416 -75.71 39.19 12.47
N SER D 417 -76.47 39.44 11.42
CA SER D 417 -76.52 38.60 10.18
C SER D 417 -75.23 38.78 9.39
N GLU D 418 -74.99 37.89 8.42
CA GLU D 418 -73.85 37.98 7.47
C GLU D 418 -74.01 39.26 6.65
N LYS D 419 -75.24 39.56 6.19
CA LYS D 419 -75.56 40.77 5.39
C LYS D 419 -75.23 42.03 6.21
N GLN D 420 -75.53 42.05 7.52
CA GLN D 420 -75.28 43.24 8.40
C GLN D 420 -73.77 43.38 8.66
N ALA D 421 -73.06 42.28 8.86
CA ALA D 421 -71.61 42.29 9.17
C ALA D 421 -70.85 42.78 7.93
N GLN D 422 -71.29 42.35 6.75
CA GLN D 422 -70.69 42.76 5.45
C GLN D 422 -70.85 44.29 5.33
N ALA D 423 -72.06 44.79 5.62
CA ALA D 423 -72.43 46.23 5.55
C ALA D 423 -71.55 47.06 6.48
N ILE D 424 -71.22 46.53 7.67
CA ILE D 424 -70.41 47.25 8.70
C ILE D 424 -68.94 47.27 8.26
N LEU D 425 -68.45 46.20 7.66
CA LEU D 425 -67.05 46.13 7.13
C LEU D 425 -66.93 47.10 5.94
N ASP D 426 -68.03 47.35 5.23
CA ASP D 426 -68.06 48.22 4.02
C ASP D 426 -68.32 49.68 4.41
N MET D 427 -68.73 49.94 5.65
CA MET D 427 -69.00 51.30 6.17
C MET D 427 -67.72 52.15 6.07
N ARG D 428 -67.84 53.39 5.62
CA ARG D 428 -66.71 54.34 5.47
C ARG D 428 -66.54 55.12 6.78
N LEU D 429 -65.34 55.63 7.04
CA LEU D 429 -65.00 56.36 8.29
C LEU D 429 -65.86 57.64 8.40
N ARG D 430 -66.26 58.24 7.27
CA ARG D 430 -67.01 59.53 7.23
C ARG D 430 -68.39 59.34 7.87
N ARG D 431 -68.79 58.08 8.10
CA ARG D 431 -70.11 57.72 8.67
C ARG D 431 -70.04 57.76 10.21
N LEU D 432 -68.88 58.06 10.81
CA LEU D 432 -68.70 58.12 12.29
C LEU D 432 -68.86 59.54 12.82
N THR D 433 -69.15 60.53 11.96
CA THR D 433 -69.39 61.94 12.38
C THR D 433 -70.75 62.01 13.09
N GLY D 434 -71.02 63.13 13.77
CA GLY D 434 -72.20 63.34 14.63
C GLY D 434 -73.49 63.37 13.84
N LEU D 435 -73.51 64.13 12.73
CA LEU D 435 -74.72 64.33 11.89
C LEU D 435 -75.13 62.98 11.25
N GLU D 436 -74.17 62.10 10.99
CA GLU D 436 -74.38 60.80 10.28
C GLU D 436 -75.17 59.82 11.12
N ARG D 437 -75.00 59.78 12.44
CA ARG D 437 -75.81 58.88 13.33
C ARG D 437 -77.29 59.31 13.28
N ASP D 438 -77.56 60.61 13.26
CA ASP D 438 -78.94 61.17 13.24
C ASP D 438 -79.59 60.88 11.90
N LYS D 439 -78.83 61.09 10.81
CA LYS D 439 -79.24 60.83 9.40
C LYS D 439 -79.69 59.36 9.25
N ILE D 440 -79.00 58.42 9.91
CA ILE D 440 -79.29 56.96 9.82
C ILE D 440 -80.61 56.68 10.53
N GLU D 441 -80.84 57.32 11.68
CA GLU D 441 -82.07 57.03 12.48
C GLU D 441 -83.26 57.70 11.81
N ALA D 442 -83.07 58.88 11.20
CA ALA D 442 -84.08 59.57 10.39
C ALA D 442 -84.58 58.63 9.28
N GLU D 443 -83.65 58.10 8.48
CA GLU D 443 -83.94 57.18 7.32
C GLU D 443 -84.64 55.93 7.85
N TYR D 444 -84.24 55.43 9.02
CA TYR D 444 -84.74 54.16 9.59
C TYR D 444 -86.20 54.31 10.02
N ASN D 445 -86.57 55.47 10.59
CA ASN D 445 -87.94 55.75 11.07
C ASN D 445 -88.89 55.91 9.89
N GLU D 446 -88.49 56.66 8.86
N GLU D 446 -88.49 56.66 8.86
CA GLU D 446 -89.28 56.85 7.61
CA GLU D 446 -89.28 56.85 7.61
C GLU D 446 -89.50 55.48 6.95
C GLU D 446 -89.50 55.48 6.95
N LEU D 447 -88.48 54.62 6.95
CA LEU D 447 -88.52 53.26 6.34
C LEU D 447 -89.60 52.43 7.03
N LEU D 448 -89.71 52.51 8.36
CA LEU D 448 -90.70 51.72 9.14
C LEU D 448 -92.12 52.17 8.76
N ASN D 449 -92.36 53.49 8.62
CA ASN D 449 -93.68 54.01 8.16
C ASN D 449 -93.96 53.48 6.75
N TYR D 450 -92.98 53.59 5.83
CA TYR D 450 -93.11 53.14 4.42
C TYR D 450 -93.43 51.65 4.37
N ILE D 451 -92.73 50.83 5.16
CA ILE D 451 -92.96 49.35 5.15
C ILE D 451 -94.42 49.09 5.54
N SER D 452 -94.95 49.84 6.51
CA SER D 452 -96.33 49.70 7.03
C SER D 452 -97.34 50.13 5.95
N GLU D 453 -97.07 51.24 5.24
CA GLU D 453 -97.91 51.76 4.13
C GLU D 453 -97.99 50.70 3.03
N LEU D 454 -96.86 50.06 2.71
CA LEU D 454 -96.76 49.05 1.62
C LEU D 454 -97.57 47.80 2.01
N GLU D 455 -97.52 47.41 3.28
CA GLU D 455 -98.19 46.17 3.77
C GLU D 455 -99.71 46.37 3.73
N THR D 456 -100.17 47.58 4.03
CA THR D 456 -101.61 47.99 3.94
C THR D 456 -102.11 47.75 2.51
N ILE D 457 -101.30 48.10 1.51
CA ILE D 457 -101.64 47.99 0.06
C ILE D 457 -101.73 46.51 -0.33
N LEU D 458 -100.79 45.69 0.13
CA LEU D 458 -100.76 44.25 -0.25
C LEU D 458 -101.87 43.51 0.49
N ALA D 459 -102.29 43.99 1.67
CA ALA D 459 -103.33 43.35 2.51
C ALA D 459 -104.73 43.53 1.88
N ASP D 460 -105.03 44.72 1.36
CA ASP D 460 -106.39 45.12 0.93
C ASP D 460 -106.37 45.53 -0.56
N GLU D 461 -106.88 44.66 -1.43
CA GLU D 461 -106.97 44.91 -2.90
C GLU D 461 -107.70 46.21 -3.20
N GLU D 462 -108.62 46.64 -2.35
CA GLU D 462 -109.37 47.92 -2.55
C GLU D 462 -108.40 49.09 -2.37
N VAL D 463 -107.45 48.99 -1.43
CA VAL D 463 -106.40 50.04 -1.18
C VAL D 463 -105.52 50.14 -2.43
N LEU D 464 -105.10 48.99 -2.97
CA LEU D 464 -104.23 48.87 -4.18
C LEU D 464 -104.92 49.49 -5.39
N LEU D 465 -106.15 49.09 -5.65
CA LEU D 465 -106.99 49.59 -6.79
C LEU D 465 -107.10 51.12 -6.69
N GLN D 466 -107.23 51.66 -5.49
CA GLN D 466 -107.37 53.12 -5.24
C GLN D 466 -106.04 53.81 -5.61
N LEU D 467 -104.92 53.15 -5.32
CA LEU D 467 -103.57 53.63 -5.72
C LEU D 467 -103.52 53.72 -7.25
N VAL D 468 -103.99 52.69 -7.96
CA VAL D 468 -104.07 52.68 -9.45
C VAL D 468 -104.89 53.89 -9.91
N ARG D 469 -106.09 54.06 -9.32
CA ARG D 469 -107.03 55.16 -9.66
C ARG D 469 -106.33 56.51 -9.48
N ASP D 470 -105.62 56.67 -8.35
CA ASP D 470 -104.98 57.95 -7.95
C ASP D 470 -103.86 58.29 -8.94
N GLU D 471 -103.06 57.29 -9.33
CA GLU D 471 -101.89 57.50 -10.23
C GLU D 471 -102.36 57.77 -11.66
N LEU D 472 -103.44 57.10 -12.11
CA LEU D 472 -104.08 57.38 -13.42
C LEU D 472 -104.58 58.82 -13.44
N THR D 473 -105.22 59.26 -12.34
CA THR D 473 -105.79 60.62 -12.20
C THR D 473 -104.68 61.67 -12.32
N GLU D 474 -103.53 61.42 -11.69
CA GLU D 474 -102.33 62.31 -11.73
C GLU D 474 -101.88 62.46 -13.19
N ILE D 475 -101.86 61.35 -13.93
CA ILE D 475 -101.44 61.32 -15.37
C ILE D 475 -102.48 62.08 -16.19
N ARG D 476 -103.76 61.88 -15.91
CA ARG D 476 -104.85 62.56 -16.65
C ARG D 476 -104.73 64.06 -16.45
N ASP D 477 -104.38 64.50 -15.25
CA ASP D 477 -104.33 65.94 -14.89
C ASP D 477 -103.10 66.57 -15.55
N ARG D 478 -102.01 65.83 -15.72
CA ARG D 478 -100.73 66.35 -16.27
C ARG D 478 -100.72 66.29 -17.81
N PHE D 479 -101.39 65.30 -18.43
CA PHE D 479 -101.24 64.97 -19.87
C PHE D 479 -102.57 64.99 -20.62
N GLY D 480 -103.71 64.86 -19.92
CA GLY D 480 -105.03 65.09 -20.52
C GLY D 480 -105.09 66.36 -21.35
N ASP D 481 -105.87 66.39 -22.41
CA ASP D 481 -105.96 67.55 -23.32
C ASP D 481 -107.34 67.58 -23.98
N ASP D 482 -107.69 68.68 -24.61
CA ASP D 482 -109.03 68.88 -25.24
C ASP D 482 -109.21 67.93 -26.41
N ARG D 483 -110.44 67.49 -26.63
CA ARG D 483 -110.88 66.78 -27.85
C ARG D 483 -110.54 67.67 -29.05
N ARG D 484 -110.21 67.07 -30.19
CA ARG D 484 -109.95 67.79 -31.47
C ARG D 484 -111.02 67.42 -32.49
N THR D 485 -111.38 66.15 -32.56
CA THR D 485 -112.35 65.66 -33.57
C THR D 485 -113.77 65.89 -33.04
N GLU D 486 -114.55 66.73 -33.73
CA GLU D 486 -115.98 66.98 -33.41
C GLU D 486 -116.79 65.78 -33.88
N ILE D 487 -117.63 65.22 -33.00
CA ILE D 487 -118.60 64.14 -33.34
C ILE D 487 -119.97 64.78 -33.48
N GLN D 488 -120.48 64.91 -34.73
CA GLN D 488 -121.80 65.52 -35.04
C GLN D 488 -122.93 64.49 -34.99
N LEU D 489 -123.89 64.79 -34.10
CA LEU D 489 -125.06 63.98 -33.64
C LEU D 489 -126.31 64.41 -34.43
N GLY G 1 -14.21 13.39 -57.62
CA GLY G 1 -14.51 13.71 -56.21
C GLY G 1 -16.00 13.70 -55.93
N LYS G 2 -16.36 13.56 -54.66
CA LYS G 2 -17.75 13.49 -54.15
C LYS G 2 -18.21 14.91 -53.71
N LEU G 3 -17.75 15.94 -54.42
CA LEU G 3 -18.06 17.38 -54.16
C LEU G 3 -19.44 17.71 -54.73
N ALA G 4 -20.33 18.28 -53.93
CA ALA G 4 -21.61 18.87 -54.39
C ALA G 4 -21.47 20.39 -54.37
N ASP G 5 -21.01 20.98 -55.49
N ASP G 5 -21.01 20.98 -55.49
CA ASP G 5 -20.68 22.43 -55.58
CA ASP G 5 -20.68 22.43 -55.58
C ASP G 5 -21.98 23.25 -55.61
C ASP G 5 -21.99 23.25 -55.63
N CYS G 6 -21.90 24.54 -55.25
N CYS G 6 -21.90 24.54 -55.26
CA CYS G 6 -23.00 25.53 -55.30
CA CYS G 6 -23.00 25.53 -55.31
C CYS G 6 -23.04 26.18 -56.70
C CYS G 6 -23.04 26.18 -56.70
N SER G 7 -24.18 26.78 -57.07
N SER G 7 -24.19 26.78 -57.07
CA SER G 7 -24.48 27.38 -58.40
CA SER G 7 -24.48 27.38 -58.40
C SER G 7 -23.65 28.66 -58.62
C SER G 7 -23.65 28.66 -58.62
N SER G 8 -23.65 29.57 -57.63
CA SER G 8 -22.89 30.85 -57.67
C SER G 8 -21.40 30.57 -57.92
N LYS G 9 -20.77 31.35 -58.80
CA LYS G 9 -19.31 31.32 -59.06
C LYS G 9 -18.70 32.64 -58.55
N SER G 10 -19.33 33.28 -57.55
CA SER G 10 -18.80 34.46 -56.81
C SER G 10 -18.25 34.04 -55.45
N PRO G 11 -16.96 33.67 -55.35
CA PRO G 11 -16.36 33.23 -54.08
C PRO G 11 -16.70 34.04 -52.80
N GLU G 12 -16.89 35.36 -52.93
CA GLU G 12 -17.10 36.27 -51.77
C GLU G 12 -18.36 35.87 -50.99
N GLU G 13 -19.34 35.24 -51.66
CA GLU G 13 -20.66 34.86 -51.05
C GLU G 13 -20.86 33.34 -51.01
N CYS G 14 -19.87 32.56 -51.45
N CYS G 14 -19.87 32.56 -51.45
CA CYS G 14 -19.89 31.08 -51.44
CA CYS G 14 -19.89 31.08 -51.44
C CYS G 14 -19.23 30.55 -50.17
C CYS G 14 -19.23 30.55 -50.17
N GLU G 15 -19.66 29.36 -49.72
CA GLU G 15 -19.09 28.64 -48.55
C GLU G 15 -19.11 27.13 -48.84
N ILE G 16 -18.07 26.41 -48.42
CA ILE G 16 -17.91 24.93 -48.54
C ILE G 16 -17.93 24.30 -47.15
N PHE G 17 -18.73 23.24 -46.97
CA PHE G 17 -18.89 22.48 -45.71
C PHE G 17 -18.15 21.14 -45.85
N LEU G 18 -17.19 20.90 -44.95
CA LEU G 18 -16.42 19.63 -44.83
C LEU G 18 -17.09 18.76 -43.76
N VAL G 19 -17.51 17.55 -44.14
CA VAL G 19 -18.32 16.62 -43.25
C VAL G 19 -17.64 15.24 -43.29
N GLU G 20 -17.94 14.39 -42.28
CA GLU G 20 -17.14 13.17 -41.95
C GLU G 20 -17.34 12.07 -42.97
N GLY G 21 -18.54 11.94 -43.57
CA GLY G 21 -18.83 10.86 -44.53
C GLY G 21 -20.07 11.11 -45.36
N ASP G 22 -20.46 10.16 -46.22
CA ASP G 22 -21.70 10.22 -47.04
C ASP G 22 -22.95 10.22 -46.13
N SER G 23 -22.86 9.65 -44.95
CA SER G 23 -23.89 9.73 -43.88
C SER G 23 -24.31 11.20 -43.70
N ALA G 24 -23.37 12.04 -43.27
CA ALA G 24 -23.57 13.48 -43.05
C ALA G 24 -23.70 14.19 -44.40
N GLY G 25 -22.91 13.79 -45.38
CA GLY G 25 -22.96 14.31 -46.77
C GLY G 25 -24.38 14.47 -47.29
N GLY G 26 -25.17 13.40 -47.24
CA GLY G 26 -26.53 13.36 -47.80
C GLY G 26 -27.49 14.28 -47.05
N SER G 27 -27.49 14.19 -45.71
CA SER G 27 -28.32 15.01 -44.79
C SER G 27 -28.07 16.50 -45.07
N THR G 28 -26.79 16.83 -45.25
CA THR G 28 -26.27 18.20 -45.50
C THR G 28 -26.73 18.69 -46.89
N LYS G 29 -26.54 17.86 -47.93
CA LYS G 29 -26.89 18.21 -49.34
C LYS G 29 -28.38 18.52 -49.44
N SER G 30 -29.23 17.86 -48.64
CA SER G 30 -30.69 18.12 -48.59
C SER G 30 -30.96 19.47 -47.89
N GLY G 31 -30.30 19.70 -46.76
CA GLY G 31 -30.52 20.87 -45.88
C GLY G 31 -30.07 22.17 -46.53
N ARG G 32 -28.99 22.13 -47.32
CA ARG G 32 -28.18 23.32 -47.74
C ARG G 32 -28.98 24.23 -48.68
N ASP G 33 -28.55 25.49 -48.78
CA ASP G 33 -28.90 26.45 -49.87
C ASP G 33 -27.91 26.21 -51.01
N SER G 34 -28.29 25.40 -52.00
CA SER G 34 -27.40 24.93 -53.10
C SER G 34 -26.97 26.10 -54.00
N ARG G 35 -27.49 27.31 -53.77
CA ARG G 35 -27.07 28.53 -54.50
C ARG G 35 -25.68 28.97 -54.03
N THR G 36 -25.37 28.89 -52.72
CA THR G 36 -24.15 29.46 -52.09
C THR G 36 -23.39 28.45 -51.21
N GLN G 37 -23.92 27.26 -50.96
CA GLN G 37 -23.34 26.29 -49.99
C GLN G 37 -22.91 25.02 -50.72
N ALA G 38 -21.61 24.77 -50.82
CA ALA G 38 -21.03 23.53 -51.40
C ALA G 38 -20.79 22.53 -50.25
N ILE G 39 -20.65 21.24 -50.58
CA ILE G 39 -20.38 20.17 -49.58
C ILE G 39 -19.32 19.23 -50.13
N LEU G 40 -18.25 19.03 -49.34
CA LEU G 40 -17.20 18.02 -49.61
C LEU G 40 -17.23 17.01 -48.47
N PRO G 41 -17.85 15.82 -48.67
CA PRO G 41 -17.80 14.76 -47.68
C PRO G 41 -16.42 14.09 -47.80
N LEU G 42 -15.71 14.01 -46.67
CA LEU G 42 -14.41 13.30 -46.55
C LEU G 42 -14.68 11.82 -46.25
N ARG G 43 -13.63 11.02 -46.11
CA ARG G 43 -13.73 9.55 -45.94
C ARG G 43 -13.05 9.18 -44.62
N GLY G 44 -13.62 9.64 -43.51
CA GLY G 44 -13.14 9.40 -42.14
C GLY G 44 -11.89 10.19 -41.84
N LYS G 45 -11.11 9.66 -40.90
CA LYS G 45 -9.80 10.22 -40.46
C LYS G 45 -8.97 10.51 -41.74
N ILE G 46 -8.46 11.73 -41.84
CA ILE G 46 -7.61 12.22 -42.95
C ILE G 46 -6.15 12.05 -42.50
N LEU G 47 -5.22 12.09 -43.45
CA LEU G 47 -3.76 11.94 -43.20
C LEU G 47 -3.29 13.02 -42.21
N ASN G 48 -2.52 12.63 -41.19
CA ASN G 48 -1.81 13.59 -40.30
C ASN G 48 -0.57 14.09 -41.04
N VAL G 49 -0.67 15.28 -41.65
CA VAL G 49 0.39 15.87 -42.55
C VAL G 49 1.64 16.24 -41.73
N GLU G 50 1.50 16.43 -40.42
CA GLU G 50 2.62 16.73 -39.47
C GLU G 50 3.56 15.52 -39.36
N LYS G 51 3.03 14.29 -39.46
CA LYS G 51 3.79 13.02 -39.33
C LYS G 51 4.15 12.48 -40.72
N ALA G 52 3.30 12.69 -41.74
CA ALA G 52 3.44 12.08 -43.07
C ALA G 52 4.51 12.82 -43.88
N ARG G 53 5.19 12.10 -44.78
CA ARG G 53 6.16 12.64 -45.77
C ARG G 53 5.40 13.27 -46.93
N LEU G 54 5.98 14.28 -47.59
CA LEU G 54 5.33 15.11 -48.64
C LEU G 54 4.86 14.23 -49.82
N ASP G 55 5.64 13.23 -50.23
CA ASP G 55 5.26 12.26 -51.30
C ASP G 55 3.85 11.70 -51.03
N ARG G 56 3.61 11.18 -49.82
CA ARG G 56 2.35 10.53 -49.36
C ARG G 56 1.22 11.57 -49.37
N ILE G 57 1.50 12.78 -48.86
CA ILE G 57 0.53 13.90 -48.71
C ILE G 57 -0.07 14.24 -50.09
N LEU G 58 0.79 14.45 -51.10
CA LEU G 58 0.36 14.89 -52.45
C LEU G 58 -0.35 13.76 -53.19
N ASN G 59 -0.06 12.49 -52.83
CA ASN G 59 -0.69 11.29 -53.46
C ASN G 59 -2.02 10.93 -52.77
N ASN G 60 -2.25 11.42 -51.54
CA ASN G 60 -3.49 11.19 -50.75
C ASN G 60 -4.69 11.74 -51.53
N ASN G 61 -5.75 10.94 -51.65
CA ASN G 61 -6.95 11.24 -52.48
C ASN G 61 -7.82 12.31 -51.78
N GLU G 62 -7.97 12.25 -50.44
CA GLU G 62 -8.75 13.26 -49.65
C GLU G 62 -8.04 14.62 -49.63
N ILE G 63 -6.72 14.63 -49.48
CA ILE G 63 -5.90 15.89 -49.54
C ILE G 63 -6.05 16.51 -50.93
N ARG G 64 -5.95 15.69 -51.99
CA ARG G 64 -6.08 16.14 -53.40
C ARG G 64 -7.46 16.79 -53.62
N GLN G 65 -8.54 16.14 -53.18
CA GLN G 65 -9.94 16.64 -53.42
C GLN G 65 -10.11 18.02 -52.76
N MET G 66 -9.51 18.24 -51.59
CA MET G 66 -9.65 19.51 -50.83
C MET G 66 -8.89 20.63 -51.56
N ILE G 67 -7.67 20.34 -52.01
CA ILE G 67 -6.84 21.28 -52.82
C ILE G 67 -7.62 21.66 -54.08
N THR G 68 -8.20 20.68 -54.79
CA THR G 68 -8.93 20.90 -56.07
C THR G 68 -10.15 21.80 -55.80
N ALA G 69 -10.88 21.53 -54.70
CA ALA G 69 -12.14 22.21 -54.35
C ALA G 69 -11.87 23.69 -54.07
N PHE G 70 -10.81 23.99 -53.31
CA PHE G 70 -10.43 25.38 -52.90
C PHE G 70 -9.80 26.12 -54.10
N GLY G 71 -9.04 25.40 -54.93
CA GLY G 71 -8.39 25.90 -56.16
C GLY G 71 -7.30 26.94 -55.89
N THR G 72 -6.66 26.88 -54.72
CA THR G 72 -5.62 27.86 -54.28
C THR G 72 -4.21 27.28 -54.48
N GLY G 73 -4.06 25.95 -54.60
CA GLY G 73 -2.75 25.28 -54.54
C GLY G 73 -2.17 25.36 -53.14
N ILE G 74 -0.93 24.91 -52.94
CA ILE G 74 -0.37 24.69 -51.57
C ILE G 74 1.04 25.29 -51.45
N GLY G 75 1.42 25.66 -50.22
CA GLY G 75 2.76 26.14 -49.83
C GLY G 75 3.12 27.46 -50.49
N GLY G 76 4.19 27.47 -51.29
CA GLY G 76 4.68 28.63 -52.06
C GLY G 76 3.72 29.06 -53.15
N ASP G 77 3.16 28.09 -53.89
CA ASP G 77 2.21 28.34 -55.02
C ASP G 77 0.81 28.71 -54.50
N PHE G 78 0.59 28.74 -53.18
CA PHE G 78 -0.72 29.13 -52.59
C PHE G 78 -1.04 30.56 -53.03
N ASP G 79 -2.25 30.77 -53.57
CA ASP G 79 -2.75 32.06 -54.10
C ASP G 79 -4.14 32.33 -53.51
N LEU G 80 -4.25 33.26 -52.55
CA LEU G 80 -5.51 33.54 -51.80
C LEU G 80 -6.60 34.06 -52.74
N ALA G 81 -6.23 34.71 -53.85
CA ALA G 81 -7.17 35.34 -54.82
C ALA G 81 -7.85 34.30 -55.71
N LYS G 82 -7.24 33.12 -55.88
CA LYS G 82 -7.78 32.00 -56.71
C LYS G 82 -8.74 31.14 -55.86
N ALA G 83 -8.96 31.50 -54.59
CA ALA G 83 -9.89 30.82 -53.65
C ALA G 83 -11.31 30.83 -54.22
N ARG G 84 -11.97 29.67 -54.20
CA ARG G 84 -13.31 29.44 -54.82
C ARG G 84 -14.42 29.59 -53.76
N TYR G 85 -14.06 29.68 -52.48
CA TYR G 85 -14.97 29.94 -51.32
C TYR G 85 -14.25 30.88 -50.36
N HIS G 86 -14.97 31.81 -49.72
CA HIS G 86 -14.42 32.76 -48.72
C HIS G 86 -14.82 32.30 -47.31
N LYS G 87 -15.50 31.13 -47.23
CA LYS G 87 -15.83 30.41 -45.98
C LYS G 87 -15.64 28.91 -46.20
N ILE G 88 -14.57 28.34 -45.65
CA ILE G 88 -14.34 26.88 -45.51
C ILE G 88 -14.80 26.48 -44.11
N VAL G 89 -15.94 25.79 -44.00
CA VAL G 89 -16.59 25.40 -42.70
C VAL G 89 -16.27 23.94 -42.38
N ILE G 90 -15.55 23.70 -41.28
CA ILE G 90 -15.29 22.35 -40.70
C ILE G 90 -16.53 21.99 -39.86
N MET G 91 -17.29 21.00 -40.29
CA MET G 91 -18.55 20.57 -39.62
C MET G 91 -18.42 19.09 -39.21
N THR G 92 -17.63 18.83 -38.19
CA THR G 92 -17.43 17.49 -37.57
C THR G 92 -18.44 17.32 -36.43
N ASP G 93 -18.74 16.07 -36.05
CA ASP G 93 -19.71 15.75 -34.97
C ASP G 93 -19.21 16.32 -33.65
N ALA G 94 -20.12 16.42 -32.68
CA ALA G 94 -19.90 17.02 -31.33
C ALA G 94 -19.35 15.94 -30.38
N ASP G 95 -18.66 14.93 -30.93
CA ASP G 95 -18.07 13.79 -30.15
C ASP G 95 -16.54 13.90 -30.15
N VAL G 96 -15.85 12.86 -29.71
CA VAL G 96 -14.36 12.85 -29.54
C VAL G 96 -13.70 12.59 -30.90
N ASP G 97 -14.28 11.75 -31.75
CA ASP G 97 -13.71 11.44 -33.09
C ASP G 97 -13.95 12.61 -34.04
N GLY G 98 -14.97 13.42 -33.74
CA GLY G 98 -15.17 14.74 -34.37
C GLY G 98 -14.01 15.66 -34.07
N ALA G 99 -13.65 15.77 -32.78
CA ALA G 99 -12.54 16.63 -32.30
C ALA G 99 -11.24 16.19 -32.99
N HIS G 100 -10.99 14.89 -33.16
CA HIS G 100 -9.78 14.37 -33.83
C HIS G 100 -9.74 14.82 -35.29
N ILE G 101 -10.83 14.64 -36.05
CA ILE G 101 -10.87 15.01 -37.50
C ILE G 101 -10.73 16.53 -37.62
N ARG G 102 -11.23 17.26 -36.62
CA ARG G 102 -11.07 18.75 -36.53
C ARG G 102 -9.57 19.09 -36.39
N THR G 103 -8.85 18.48 -35.44
CA THR G 103 -7.39 18.72 -35.25
C THR G 103 -6.60 18.31 -36.50
N LEU G 104 -7.06 17.30 -37.25
CA LEU G 104 -6.30 16.75 -38.40
C LEU G 104 -6.43 17.70 -39.58
N LEU G 105 -7.61 18.29 -39.76
CA LEU G 105 -7.91 19.26 -40.85
C LEU G 105 -7.18 20.58 -40.56
N LEU G 106 -7.28 21.07 -39.32
CA LEU G 106 -6.62 22.31 -38.85
C LEU G 106 -5.10 22.19 -39.07
N THR G 107 -4.54 21.00 -38.83
CA THR G 107 -3.09 20.72 -39.02
C THR G 107 -2.76 20.88 -40.51
N PHE G 108 -3.62 20.37 -41.39
CA PHE G 108 -3.44 20.47 -42.86
C PHE G 108 -3.50 21.93 -43.30
N PHE G 109 -4.55 22.65 -42.87
CA PHE G 109 -4.75 24.07 -43.23
C PHE G 109 -3.56 24.91 -42.76
N TYR G 110 -3.09 24.68 -41.53
CA TYR G 110 -2.02 25.52 -40.91
C TYR G 110 -0.67 25.27 -41.59
N ARG G 111 -0.41 24.06 -42.08
CA ARG G 111 0.93 23.68 -42.63
C ARG G 111 0.97 23.97 -44.14
N PHE G 112 -0.16 23.92 -44.84
CA PHE G 112 -0.19 23.94 -46.33
C PHE G 112 -0.98 25.12 -46.90
N MET G 113 -1.84 25.75 -46.11
CA MET G 113 -2.70 26.87 -46.55
C MET G 113 -2.85 27.88 -45.41
N ARG G 114 -1.73 28.26 -44.79
CA ARG G 114 -1.74 29.17 -43.60
C ARG G 114 -2.44 30.48 -43.94
N PRO G 115 -2.21 31.10 -45.13
CA PRO G 115 -2.83 32.39 -45.46
C PRO G 115 -4.37 32.38 -45.52
N LEU G 116 -4.96 31.21 -45.80
CA LEU G 116 -6.43 30.96 -45.73
C LEU G 116 -6.93 31.22 -44.29
N ILE G 117 -6.19 30.77 -43.28
CA ILE G 117 -6.54 30.97 -41.84
C ILE G 117 -6.35 32.45 -41.48
N GLU G 118 -5.22 33.03 -41.93
CA GLU G 118 -4.87 34.46 -41.73
C GLU G 118 -6.01 35.34 -42.27
N ALA G 119 -6.45 35.09 -43.51
CA ALA G 119 -7.54 35.82 -44.21
C ALA G 119 -8.89 35.64 -43.49
N GLY G 120 -9.00 34.72 -42.54
CA GLY G 120 -10.22 34.45 -41.75
C GLY G 120 -11.26 33.66 -42.53
N TYR G 121 -10.82 32.81 -43.46
CA TYR G 121 -11.70 32.01 -44.37
C TYR G 121 -12.05 30.66 -43.73
N VAL G 122 -11.32 30.25 -42.68
CA VAL G 122 -11.58 28.95 -41.99
C VAL G 122 -12.51 29.21 -40.80
N TYR G 123 -13.63 28.47 -40.77
CA TYR G 123 -14.66 28.49 -39.70
C TYR G 123 -14.93 27.07 -39.18
N ILE G 124 -15.60 27.00 -38.01
CA ILE G 124 -15.93 25.75 -37.27
C ILE G 124 -17.41 25.80 -36.90
N ALA G 125 -18.26 25.04 -37.61
CA ALA G 125 -19.70 24.89 -37.31
C ALA G 125 -19.86 24.31 -35.90
N GLN G 126 -21.04 24.52 -35.29
CA GLN G 126 -21.33 24.03 -33.92
C GLN G 126 -22.68 23.32 -33.89
N PRO G 127 -22.78 22.07 -34.39
CA PRO G 127 -24.02 21.33 -34.36
C PRO G 127 -24.49 21.09 -32.94
N PRO G 128 -25.81 21.04 -32.66
CA PRO G 128 -26.31 20.70 -31.34
C PRO G 128 -25.91 19.27 -30.97
N LYS G 129 -26.94 12.72 -30.35
CA LYS G 129 -26.51 12.24 -31.68
C LYS G 129 -25.36 13.08 -32.27
N GLY G 130 -24.68 12.54 -33.30
CA GLY G 130 -23.96 13.28 -34.37
C GLY G 130 -24.93 13.72 -35.46
N LEU G 131 -24.45 14.36 -36.51
CA LEU G 131 -25.32 15.06 -37.50
C LEU G 131 -25.59 14.12 -38.69
N GLY G 132 -24.90 12.97 -38.76
CA GLY G 132 -25.24 11.85 -39.66
C GLY G 132 -26.57 11.19 -39.30
N GLU G 133 -27.04 11.45 -38.07
CA GLU G 133 -28.28 10.90 -37.45
C GLU G 133 -29.40 11.97 -37.44
N MET G 134 -29.09 13.24 -37.73
CA MET G 134 -30.08 14.33 -37.75
C MET G 134 -30.81 14.35 -39.11
N ASN G 135 -32.00 14.92 -39.12
CA ASN G 135 -32.81 15.18 -40.34
C ASN G 135 -32.31 16.53 -40.93
N ALA G 136 -32.47 16.70 -42.25
CA ALA G 136 -31.96 17.85 -43.04
C ALA G 136 -32.64 19.16 -42.58
N ASP G 137 -33.95 19.16 -42.29
CA ASP G 137 -34.72 20.35 -41.86
C ASP G 137 -34.05 20.98 -40.62
N GLN G 138 -33.69 20.13 -39.66
CA GLN G 138 -33.18 20.54 -38.31
C GLN G 138 -31.69 20.91 -38.44
N LEU G 139 -30.95 20.19 -39.30
CA LEU G 139 -29.52 20.43 -39.59
C LEU G 139 -29.32 21.80 -40.25
N TRP G 140 -30.24 22.20 -41.12
CA TRP G 140 -30.26 23.54 -41.78
C TRP G 140 -30.46 24.62 -40.70
N GLU G 141 -31.51 24.49 -39.88
CA GLU G 141 -32.02 25.57 -39.00
C GLU G 141 -31.01 25.88 -37.88
N THR G 142 -30.31 24.86 -37.38
CA THR G 142 -29.37 24.99 -36.22
C THR G 142 -27.95 25.37 -36.69
N THR G 143 -27.50 24.86 -37.85
CA THR G 143 -26.05 24.75 -38.17
C THR G 143 -25.66 25.45 -39.49
N MET G 144 -26.55 25.49 -40.50
CA MET G 144 -26.21 25.94 -41.88
C MET G 144 -26.93 27.23 -42.28
N ASN G 145 -28.03 27.60 -41.60
CA ASN G 145 -28.86 28.78 -41.94
C ASN G 145 -28.15 30.04 -41.44
N PRO G 146 -27.70 30.96 -42.33
CA PRO G 146 -27.01 32.17 -41.88
C PRO G 146 -27.84 33.06 -40.93
N GLU G 147 -29.15 32.83 -40.84
CA GLU G 147 -30.07 33.59 -39.98
C GLU G 147 -29.95 33.14 -38.51
N HIS G 148 -29.71 31.85 -38.24
CA HIS G 148 -29.72 31.30 -36.86
C HIS G 148 -28.43 30.54 -36.49
N ARG G 149 -27.55 30.24 -37.44
CA ARG G 149 -26.34 29.38 -37.20
C ARG G 149 -25.32 30.16 -36.36
N ALA G 150 -24.38 29.44 -35.74
CA ALA G 150 -23.34 30.01 -34.85
C ALA G 150 -21.95 29.47 -35.25
N LEU G 151 -21.34 30.02 -36.28
CA LEU G 151 -19.96 29.64 -36.74
C LEU G 151 -18.92 30.27 -35.81
N LEU G 152 -17.82 29.58 -35.58
CA LEU G 152 -16.59 30.14 -34.93
C LEU G 152 -15.58 30.41 -36.06
N GLN G 153 -15.13 31.65 -36.19
CA GLN G 153 -14.06 32.01 -37.15
C GLN G 153 -12.70 31.68 -36.51
N VAL G 154 -11.87 30.87 -37.16
CA VAL G 154 -10.52 30.50 -36.64
C VAL G 154 -9.60 31.71 -36.86
N LYS G 155 -9.12 32.30 -35.77
CA LYS G 155 -8.15 33.44 -35.74
C LYS G 155 -6.79 32.90 -35.24
N LEU G 156 -5.73 33.14 -36.01
CA LEU G 156 -4.32 32.83 -35.62
C LEU G 156 -3.71 34.07 -34.96
N GLU G 157 -3.44 34.04 -33.66
CA GLU G 157 -2.86 35.19 -32.90
C GLU G 157 -1.32 35.08 -32.94
N ASP G 158 -0.74 34.06 -32.29
CA ASP G 158 0.73 33.91 -32.15
C ASP G 158 1.21 32.74 -33.02
N ALA G 159 1.92 33.02 -34.11
CA ALA G 159 2.42 32.04 -35.09
C ALA G 159 3.50 31.16 -34.46
N ILE G 160 4.34 31.68 -33.57
CA ILE G 160 5.41 30.92 -32.85
C ILE G 160 4.72 29.88 -31.95
N GLU G 161 3.72 30.31 -31.16
CA GLU G 161 2.98 29.44 -30.19
C GLU G 161 2.19 28.38 -30.97
N ALA G 162 1.64 28.73 -32.13
CA ALA G 162 0.90 27.83 -33.03
C ALA G 162 1.85 26.74 -33.56
N ASP G 163 3.03 27.11 -34.07
CA ASP G 163 4.07 26.18 -34.60
C ASP G 163 4.44 25.14 -33.53
N GLN G 164 4.54 25.55 -32.27
CA GLN G 164 4.96 24.68 -31.15
C GLN G 164 3.81 23.71 -30.83
N THR G 165 2.56 24.20 -30.89
CA THR G 165 1.34 23.43 -30.48
C THR G 165 1.08 22.32 -31.50
N PHE G 166 1.15 22.62 -32.81
CA PHE G 166 0.95 21.61 -33.88
C PHE G 166 2.08 20.56 -33.80
N GLU G 167 3.32 21.00 -33.61
CA GLU G 167 4.50 20.09 -33.54
C GLU G 167 4.35 19.16 -32.32
N MET G 168 3.79 19.65 -31.21
CA MET G 168 3.67 18.87 -29.95
C MET G 168 2.52 17.86 -30.04
N LEU G 169 1.34 18.30 -30.46
CA LEU G 169 0.10 17.47 -30.52
C LEU G 169 0.17 16.50 -31.71
N MET G 170 0.61 16.97 -32.89
CA MET G 170 0.47 16.23 -34.16
C MET G 170 1.83 15.71 -34.67
N GLY G 171 2.93 16.01 -33.98
CA GLY G 171 4.30 15.60 -34.39
C GLY G 171 4.61 14.15 -34.02
N ASP G 172 5.73 13.61 -34.51
CA ASP G 172 6.07 12.17 -34.35
C ASP G 172 6.64 11.88 -32.94
N VAL G 173 6.99 12.91 -32.16
CA VAL G 173 7.56 12.73 -30.78
C VAL G 173 6.41 12.49 -29.79
N VAL G 174 6.30 11.25 -29.28
CA VAL G 174 5.16 10.78 -28.44
C VAL G 174 5.25 11.40 -27.05
N GLU G 175 6.47 11.57 -26.50
CA GLU G 175 6.64 11.89 -25.06
C GLU G 175 6.09 13.30 -24.76
N ASN G 176 6.33 14.28 -25.64
CA ASN G 176 5.84 15.67 -25.46
C ASN G 176 4.31 15.69 -25.47
N ARG G 177 3.71 14.94 -26.40
CA ARG G 177 2.23 14.77 -26.54
C ARG G 177 1.67 14.15 -25.25
N ARG G 178 2.28 13.07 -24.74
CA ARG G 178 1.81 12.35 -23.53
C ARG G 178 1.90 13.30 -22.33
N GLN G 179 3.02 14.03 -22.22
CA GLN G 179 3.29 14.99 -21.12
C GLN G 179 2.16 16.02 -21.09
N PHE G 180 1.85 16.60 -22.25
CA PHE G 180 0.80 17.62 -22.43
C PHE G 180 -0.54 17.11 -21.90
N ILE G 181 -0.88 15.85 -22.22
CA ILE G 181 -2.19 15.21 -21.84
C ILE G 181 -2.24 15.07 -20.32
N GLU G 182 -1.22 14.48 -19.71
CA GLU G 182 -1.12 14.28 -18.23
C GLU G 182 -1.26 15.64 -17.53
N ASP G 183 -0.49 16.63 -17.99
CA ASP G 183 -0.45 18.01 -17.42
C ASP G 183 -1.85 18.64 -17.46
N ASN G 184 -2.55 18.50 -18.59
CA ASN G 184 -3.83 19.21 -18.87
C ASN G 184 -5.04 18.29 -18.62
N ALA G 185 -4.85 17.07 -18.11
CA ALA G 185 -5.97 16.12 -17.85
C ALA G 185 -6.84 16.75 -16.76
N VAL G 186 -8.16 16.76 -16.97
CA VAL G 186 -9.18 16.97 -15.90
C VAL G 186 -10.49 17.35 -16.62
N TYR G 187 -10.43 18.23 -17.62
CA TYR G 187 -11.59 18.55 -18.49
C TYR G 187 -11.54 17.66 -19.73
N GLU H 1 -15.63 33.87 -32.90
CA GLU H 1 -14.13 33.85 -32.93
C GLU H 1 -13.60 32.78 -31.98
N ARG H 2 -12.60 32.01 -32.41
CA ARG H 2 -12.01 30.87 -31.65
C ARG H 2 -10.49 30.82 -31.92
N ASN H 3 -9.69 30.91 -30.87
CA ASN H 3 -8.20 30.86 -30.96
C ASN H 3 -7.79 29.45 -31.42
N ILE H 4 -6.94 29.36 -32.46
CA ILE H 4 -6.53 28.06 -33.08
C ILE H 4 -5.83 27.19 -32.02
N THR H 5 -4.99 27.77 -31.17
CA THR H 5 -4.21 27.06 -30.12
C THR H 5 -5.20 26.47 -29.11
N SER H 6 -6.18 27.25 -28.64
CA SER H 6 -7.21 26.82 -27.66
C SER H 6 -8.01 25.64 -28.25
N GLU H 7 -8.40 25.76 -29.52
CA GLU H 7 -9.24 24.77 -30.24
C GLU H 7 -8.48 23.45 -30.33
N MET H 8 -7.23 23.48 -30.80
CA MET H 8 -6.33 22.30 -30.90
C MET H 8 -6.20 21.63 -29.53
N ARG H 9 -5.84 22.38 -28.50
CA ARG H 9 -5.47 21.82 -27.17
C ARG H 9 -6.71 21.13 -26.56
N GLU H 10 -7.88 21.77 -26.66
CA GLU H 10 -9.14 21.25 -26.03
C GLU H 10 -9.71 20.10 -26.88
N SER H 11 -9.66 20.22 -28.21
CA SER H 11 -10.15 19.19 -29.18
C SER H 11 -9.33 17.92 -29.05
N PHE H 12 -8.00 18.04 -29.11
CA PHE H 12 -7.06 16.89 -29.07
C PHE H 12 -7.15 16.21 -27.69
N LEU H 13 -7.25 16.99 -26.61
CA LEU H 13 -7.35 16.45 -25.23
C LEU H 13 -8.63 15.61 -25.12
N ASP H 14 -9.74 16.09 -25.71
CA ASP H 14 -11.06 15.40 -25.67
C ASP H 14 -10.94 14.02 -26.31
N TYR H 15 -10.35 13.98 -27.50
CA TYR H 15 -10.03 12.75 -28.25
C TYR H 15 -9.11 11.84 -27.43
N ALA H 16 -7.92 12.34 -27.10
CA ALA H 16 -6.83 11.59 -26.42
C ALA H 16 -7.37 10.97 -25.13
N MET H 17 -8.05 11.76 -24.30
CA MET H 17 -8.55 11.29 -22.98
C MET H 17 -9.54 10.15 -23.21
N SER H 18 -10.39 10.29 -24.24
CA SER H 18 -11.48 9.36 -24.58
C SER H 18 -10.90 8.02 -25.06
N VAL H 19 -9.87 8.06 -25.89
CA VAL H 19 -9.14 6.86 -26.40
C VAL H 19 -8.48 6.14 -25.23
N ILE H 20 -8.03 6.86 -24.21
CA ILE H 20 -7.27 6.29 -23.05
C ILE H 20 -8.23 5.59 -22.08
N VAL H 21 -9.31 6.25 -21.67
CA VAL H 21 -10.17 5.80 -20.52
C VAL H 21 -11.42 5.06 -21.02
N ALA H 22 -11.66 5.03 -22.33
CA ALA H 22 -12.91 4.50 -22.91
C ALA H 22 -12.69 4.03 -24.35
N ARG H 23 -11.61 3.29 -24.62
CA ARG H 23 -11.43 2.59 -25.92
C ARG H 23 -10.33 1.52 -25.86
N ALA H 24 -9.08 1.93 -25.76
CA ALA H 24 -7.88 1.13 -26.12
C ALA H 24 -7.24 0.44 -24.90
N LEU H 25 -7.42 0.98 -23.70
CA LEU H 25 -6.79 0.45 -22.46
C LEU H 25 -7.81 -0.31 -21.64
N PRO H 26 -7.45 -1.50 -21.12
CA PRO H 26 -8.37 -2.30 -20.30
C PRO H 26 -8.39 -1.81 -18.84
N ASP H 27 -9.50 -2.04 -18.14
CA ASP H 27 -9.59 -1.85 -16.67
C ASP H 27 -8.77 -2.95 -15.98
N VAL H 28 -8.07 -2.61 -14.90
CA VAL H 28 -7.19 -3.54 -14.13
C VAL H 28 -8.06 -4.63 -13.44
N ARG H 29 -9.34 -4.33 -13.20
CA ARG H 29 -10.24 -5.20 -12.39
C ARG H 29 -10.71 -6.41 -13.21
N ASP H 30 -11.34 -6.20 -14.37
CA ASP H 30 -11.95 -7.29 -15.18
C ASP H 30 -11.14 -7.54 -16.46
N GLY H 31 -10.09 -6.74 -16.70
CA GLY H 31 -9.20 -6.90 -17.87
C GLY H 31 -9.85 -6.50 -19.19
N LEU H 32 -10.99 -5.84 -19.15
CA LEU H 32 -11.81 -5.59 -20.38
C LEU H 32 -11.71 -4.14 -20.84
N LYS H 33 -11.62 -3.94 -22.15
CA LYS H 33 -11.90 -2.65 -22.80
C LYS H 33 -13.41 -2.51 -22.88
N PRO H 34 -13.96 -1.27 -22.96
CA PRO H 34 -15.39 -1.05 -23.21
C PRO H 34 -16.06 -2.01 -24.20
N VAL H 35 -15.54 -2.14 -25.42
CA VAL H 35 -16.23 -2.93 -26.48
C VAL H 35 -16.36 -4.39 -26.03
N HIS H 36 -15.35 -4.95 -25.36
CA HIS H 36 -15.38 -6.36 -24.86
C HIS H 36 -16.46 -6.49 -23.79
N ARG H 37 -16.46 -5.58 -22.82
CA ARG H 37 -17.40 -5.56 -21.68
C ARG H 37 -18.84 -5.51 -22.24
N ARG H 38 -19.09 -4.61 -23.18
CA ARG H 38 -20.44 -4.38 -23.74
C ARG H 38 -20.93 -5.64 -24.48
N ILE H 39 -20.03 -6.33 -25.20
CA ILE H 39 -20.37 -7.60 -25.90
C ILE H 39 -20.78 -8.67 -24.87
N LEU H 40 -19.95 -8.90 -23.84
CA LEU H 40 -20.19 -9.98 -22.86
C LEU H 40 -21.48 -9.67 -22.07
N TYR H 41 -21.72 -8.39 -21.76
CA TYR H 41 -22.92 -7.96 -21.01
C TYR H 41 -24.16 -8.12 -21.90
N GLY H 42 -24.01 -7.81 -23.20
CA GLY H 42 -25.05 -8.01 -24.22
C GLY H 42 -25.43 -9.47 -24.36
N LEU H 43 -24.44 -10.37 -24.37
CA LEU H 43 -24.69 -11.83 -24.44
C LEU H 43 -25.55 -12.23 -23.24
N ASN H 44 -25.25 -11.64 -22.08
CA ASN H 44 -25.83 -12.02 -20.77
C ASN H 44 -27.26 -11.50 -20.67
N GLU H 45 -27.51 -10.29 -21.18
CA GLU H 45 -28.84 -9.64 -21.13
C GLU H 45 -29.80 -10.37 -22.07
N GLN H 46 -29.31 -11.00 -23.15
CA GLN H 46 -30.16 -11.82 -24.05
C GLN H 46 -30.00 -13.30 -23.70
N GLY H 47 -29.59 -13.60 -22.45
CA GLY H 47 -29.32 -14.97 -21.95
C GLY H 47 -28.82 -15.93 -23.01
N MET H 48 -27.80 -15.52 -23.79
N MET H 48 -27.80 -15.52 -23.79
CA MET H 48 -27.05 -16.41 -24.72
CA MET H 48 -27.05 -16.41 -24.72
C MET H 48 -25.97 -17.13 -23.90
C MET H 48 -25.97 -17.13 -23.90
N THR H 49 -26.39 -18.14 -23.13
CA THR H 49 -25.54 -18.86 -22.16
C THR H 49 -25.07 -20.17 -22.80
N PRO H 50 -24.08 -20.88 -22.23
CA PRO H 50 -23.53 -22.09 -22.86
C PRO H 50 -24.56 -23.20 -23.11
N ASP H 51 -25.55 -23.33 -22.22
CA ASP H 51 -26.63 -24.36 -22.24
C ASP H 51 -27.61 -24.09 -23.38
N LYS H 52 -27.98 -22.81 -23.61
CA LYS H 52 -28.87 -22.39 -24.73
C LYS H 52 -28.07 -22.39 -26.05
N SER H 53 -28.77 -22.36 -27.18
CA SER H 53 -28.19 -22.57 -28.54
C SER H 53 -27.59 -21.27 -29.07
N TYR H 54 -26.61 -21.41 -29.97
CA TYR H 54 -25.88 -20.31 -30.66
C TYR H 54 -26.89 -19.39 -31.33
N LYS H 55 -26.68 -18.07 -31.20
N LYS H 55 -26.68 -18.07 -31.20
CA LYS H 55 -27.48 -17.00 -31.85
CA LYS H 55 -27.48 -17.00 -31.85
C LYS H 55 -26.62 -16.36 -32.96
C LYS H 55 -26.62 -16.36 -32.96
N LYS H 56 -27.25 -15.90 -34.04
CA LYS H 56 -26.58 -15.24 -35.19
C LYS H 56 -25.79 -14.03 -34.71
N SER H 57 -24.58 -13.85 -35.23
CA SER H 57 -23.64 -12.76 -34.84
C SER H 57 -24.25 -11.40 -35.20
N ALA H 58 -24.86 -11.28 -36.37
CA ALA H 58 -25.52 -10.03 -36.81
C ALA H 58 -26.59 -9.60 -35.78
N ARG H 59 -27.28 -10.55 -35.14
N ARG H 59 -27.28 -10.55 -35.14
CA ARG H 59 -28.30 -10.30 -34.09
CA ARG H 59 -28.30 -10.30 -34.09
C ARG H 59 -27.59 -9.71 -32.85
C ARG H 59 -27.59 -9.71 -32.85
N ILE H 60 -26.45 -10.28 -32.47
CA ILE H 60 -25.67 -9.89 -31.26
C ILE H 60 -25.07 -8.51 -31.48
N VAL H 61 -24.43 -8.29 -32.63
CA VAL H 61 -23.71 -7.02 -32.96
C VAL H 61 -24.75 -5.89 -33.03
N GLY H 62 -25.90 -6.15 -33.63
CA GLY H 62 -27.03 -5.18 -33.72
C GLY H 62 -27.48 -4.74 -32.35
N ASP H 63 -27.72 -5.70 -31.45
N ASP H 63 -27.72 -5.70 -31.45
CA ASP H 63 -28.19 -5.47 -30.06
CA ASP H 63 -28.19 -5.47 -30.06
C ASP H 63 -27.13 -4.64 -29.31
C ASP H 63 -27.13 -4.64 -29.31
N VAL H 64 -25.84 -4.99 -29.43
CA VAL H 64 -24.74 -4.32 -28.69
C VAL H 64 -24.59 -2.89 -29.22
N MET H 65 -24.63 -2.71 -30.54
CA MET H 65 -24.48 -1.41 -31.23
C MET H 65 -25.67 -0.49 -30.88
N GLY H 66 -26.87 -1.05 -30.82
CA GLY H 66 -28.11 -0.34 -30.47
C GLY H 66 -28.09 0.21 -29.07
N LYS H 67 -27.66 -0.59 -28.08
CA LYS H 67 -27.94 -0.38 -26.64
C LYS H 67 -26.75 0.18 -25.86
N TYR H 68 -25.50 -0.12 -26.27
CA TYR H 68 -24.31 0.11 -25.42
C TYR H 68 -23.16 0.80 -26.19
N HIS H 69 -22.86 0.33 -27.41
CA HIS H 69 -21.62 0.65 -28.17
C HIS H 69 -21.95 1.40 -29.46
N PRO H 70 -22.07 2.73 -29.43
CA PRO H 70 -22.51 3.49 -30.60
C PRO H 70 -21.38 3.71 -31.61
N HIS H 71 -20.90 2.63 -32.24
CA HIS H 71 -19.75 2.64 -33.18
C HIS H 71 -19.98 1.61 -34.28
N GLY H 72 -18.98 1.44 -35.16
N GLY H 72 -18.99 1.43 -35.16
CA GLY H 72 -19.03 0.55 -36.33
CA GLY H 72 -19.03 0.55 -36.33
C GLY H 72 -19.31 -0.90 -35.96
C GLY H 72 -19.31 -0.90 -35.96
N ASP H 73 -20.09 -1.59 -36.81
CA ASP H 73 -20.37 -3.03 -36.71
C ASP H 73 -19.04 -3.80 -36.83
N SER H 74 -18.13 -3.42 -37.70
CA SER H 74 -16.82 -4.10 -37.86
C SER H 74 -16.02 -4.04 -36.55
N SER H 75 -15.99 -2.90 -35.86
CA SER H 75 -15.22 -2.73 -34.59
C SER H 75 -15.73 -3.75 -33.57
N ILE H 76 -17.06 -3.91 -33.48
CA ILE H 76 -17.74 -4.80 -32.51
C ILE H 76 -17.51 -6.26 -32.92
N TYR H 77 -17.82 -6.62 -34.16
CA TYR H 77 -17.78 -8.03 -34.62
C TYR H 77 -16.36 -8.59 -34.49
N GLU H 78 -15.35 -7.83 -34.95
CA GLU H 78 -13.94 -8.31 -34.95
CA GLU H 78 -13.95 -8.31 -34.95
C GLU H 78 -13.48 -8.51 -33.49
N ALA H 79 -13.97 -7.67 -32.58
CA ALA H 79 -13.62 -7.75 -31.13
C ALA H 79 -14.23 -9.03 -30.54
N MET H 80 -15.42 -9.40 -31.00
CA MET H 80 -16.13 -10.62 -30.54
C MET H 80 -15.42 -11.84 -31.15
N VAL H 81 -15.05 -11.77 -32.42
CA VAL H 81 -14.35 -12.87 -33.14
C VAL H 81 -13.10 -13.26 -32.34
N ARG H 82 -12.24 -12.28 -32.01
CA ARG H 82 -10.93 -12.47 -31.31
C ARG H 82 -11.17 -13.23 -29.99
N MET H 83 -12.22 -12.86 -29.24
CA MET H 83 -12.57 -13.47 -27.93
C MET H 83 -12.94 -14.95 -28.12
N ALA H 84 -13.20 -15.37 -29.36
CA ALA H 84 -13.69 -16.72 -29.71
C ALA H 84 -12.55 -17.56 -30.32
N GLN H 85 -11.40 -16.96 -30.60
CA GLN H 85 -10.24 -17.65 -31.23
C GLN H 85 -9.36 -18.26 -30.14
N ASP H 86 -9.19 -19.59 -30.19
CA ASP H 86 -8.42 -20.34 -29.16
C ASP H 86 -6.92 -20.03 -29.33
N PHE H 87 -6.51 -19.40 -30.45
CA PHE H 87 -5.10 -19.00 -30.73
C PHE H 87 -4.87 -17.53 -30.36
N SER H 88 -5.91 -16.79 -30.00
CA SER H 88 -5.82 -15.36 -29.59
C SER H 88 -6.01 -15.27 -28.07
N TYR H 89 -7.08 -15.89 -27.57
CA TYR H 89 -7.47 -15.88 -26.14
C TYR H 89 -7.05 -17.21 -25.48
N ARG H 90 -6.25 -17.11 -24.42
CA ARG H 90 -5.78 -18.26 -23.61
C ARG H 90 -6.98 -18.97 -22.97
N TYR H 91 -7.95 -18.19 -22.50
CA TYR H 91 -9.27 -18.67 -22.02
C TYR H 91 -10.33 -17.93 -22.82
N PRO H 92 -10.75 -18.50 -23.97
CA PRO H 92 -11.80 -17.91 -24.80
C PRO H 92 -13.04 -17.52 -23.98
N LEU H 93 -13.58 -16.33 -24.25
CA LEU H 93 -14.75 -15.76 -23.55
C LEU H 93 -16.00 -15.90 -24.43
N VAL H 94 -15.83 -16.29 -25.70
CA VAL H 94 -16.96 -16.44 -26.66
C VAL H 94 -16.84 -17.80 -27.34
N ASP H 95 -17.97 -18.49 -27.45
CA ASP H 95 -18.07 -19.82 -28.09
C ASP H 95 -18.69 -19.58 -29.47
N GLY H 96 -17.87 -19.73 -30.52
CA GLY H 96 -18.23 -19.46 -31.92
C GLY H 96 -18.66 -20.71 -32.66
N GLN H 97 -19.59 -20.56 -33.61
CA GLN H 97 -20.02 -21.61 -34.55
C GLN H 97 -19.77 -21.07 -35.97
N GLY H 98 -18.82 -21.65 -36.69
CA GLY H 98 -18.49 -21.25 -38.09
C GLY H 98 -17.06 -20.81 -38.26
N ASN H 99 -16.75 -20.13 -39.36
CA ASN H 99 -15.39 -19.65 -39.72
C ASN H 99 -15.08 -18.38 -38.89
N PHE H 100 -14.41 -18.54 -37.75
CA PHE H 100 -13.89 -17.42 -36.90
C PHE H 100 -12.39 -17.22 -37.13
N GLY H 101 -11.92 -17.53 -38.35
CA GLY H 101 -10.53 -17.30 -38.80
C GLY H 101 -9.61 -18.46 -38.44
N SER H 102 -8.34 -18.34 -38.83
CA SER H 102 -7.26 -19.32 -38.60
C SER H 102 -5.98 -18.57 -38.20
N MET H 103 -4.93 -19.34 -37.91
CA MET H 103 -3.58 -18.80 -37.60
C MET H 103 -2.92 -18.20 -38.84
N ASP H 104 -3.44 -18.49 -40.04
CA ASP H 104 -2.87 -17.97 -41.32
C ASP H 104 -3.35 -16.53 -41.58
N GLY H 105 -4.18 -15.97 -40.68
CA GLY H 105 -4.62 -14.57 -40.79
C GLY H 105 -5.75 -14.40 -41.81
N ASP H 106 -6.35 -15.48 -42.27
CA ASP H 106 -7.68 -15.44 -42.93
C ASP H 106 -8.65 -14.86 -41.89
N GLY H 107 -9.43 -13.85 -42.23
CA GLY H 107 -10.44 -13.27 -41.31
C GLY H 107 -11.54 -14.26 -40.98
N ALA H 108 -12.37 -13.95 -39.98
CA ALA H 108 -13.67 -14.63 -39.74
C ALA H 108 -14.56 -14.39 -40.97
N ALA H 109 -15.45 -15.32 -41.29
CA ALA H 109 -16.56 -15.07 -42.23
C ALA H 109 -17.35 -13.85 -41.74
N ALA H 110 -18.06 -13.17 -42.64
CA ALA H 110 -18.95 -12.04 -42.33
C ALA H 110 -19.98 -12.46 -41.25
N MET H 111 -20.53 -11.50 -40.51
CA MET H 111 -21.38 -11.78 -39.32
C MET H 111 -22.70 -12.44 -39.73
N ARG H 112 -23.09 -12.35 -41.00
CA ARG H 112 -24.27 -13.05 -41.54
C ARG H 112 -24.09 -14.58 -41.37
N TYR H 113 -22.84 -15.04 -41.48
CA TYR H 113 -22.46 -16.47 -41.61
C TYR H 113 -22.26 -17.13 -40.25
N THR H 114 -21.87 -16.39 -39.21
CA THR H 114 -21.39 -16.98 -37.93
C THR H 114 -22.47 -16.86 -36.86
N GLU H 115 -22.39 -17.73 -35.85
CA GLU H 115 -23.25 -17.71 -34.64
C GLU H 115 -22.32 -17.78 -33.43
N ALA H 116 -22.79 -17.39 -32.25
CA ALA H 116 -21.94 -17.23 -31.05
C ALA H 116 -22.76 -17.34 -29.76
N ARG H 117 -22.08 -17.65 -28.65
CA ARG H 117 -22.64 -17.60 -27.26
C ARG H 117 -21.51 -17.45 -26.24
N MET H 118 -21.83 -17.43 -24.95
CA MET H 118 -20.84 -17.44 -23.85
C MET H 118 -20.11 -18.78 -23.80
N THR H 119 -18.86 -18.74 -23.34
CA THR H 119 -18.09 -19.92 -22.84
C THR H 119 -18.46 -20.11 -21.38
N LYS H 120 -18.27 -21.31 -20.83
CA LYS H 120 -18.59 -21.62 -19.40
C LYS H 120 -17.82 -20.64 -18.50
N ILE H 121 -16.59 -20.28 -18.86
CA ILE H 121 -15.73 -19.39 -18.01
C ILE H 121 -16.26 -17.95 -18.04
N THR H 122 -16.99 -17.55 -19.09
CA THR H 122 -17.53 -16.17 -19.19
C THR H 122 -18.64 -15.98 -18.13
N LEU H 123 -19.28 -17.07 -17.72
CA LEU H 123 -20.25 -17.04 -16.58
C LEU H 123 -19.52 -16.53 -15.32
N GLU H 124 -18.25 -16.88 -15.13
CA GLU H 124 -17.47 -16.45 -13.95
C GLU H 124 -17.17 -14.94 -14.04
N LEU H 125 -16.99 -14.40 -15.26
CA LEU H 125 -16.81 -12.94 -15.45
C LEU H 125 -18.08 -12.21 -15.00
N LEU H 126 -19.25 -12.80 -15.26
CA LEU H 126 -20.56 -12.14 -15.08
C LEU H 126 -21.23 -12.54 -13.76
N ARG H 127 -20.72 -13.56 -13.05
CA ARG H 127 -21.35 -14.13 -11.84
C ARG H 127 -21.63 -13.00 -10.84
N ASP H 128 -22.90 -12.86 -10.43
CA ASP H 128 -23.34 -11.94 -9.35
C ASP H 128 -23.41 -10.51 -9.87
N ILE H 129 -23.48 -10.30 -11.19
CA ILE H 129 -23.56 -8.92 -11.78
C ILE H 129 -24.90 -8.30 -11.36
N ASN H 130 -25.89 -9.14 -11.07
CA ASN H 130 -27.28 -8.73 -10.75
C ASN H 130 -27.50 -8.63 -9.23
N LYS H 131 -26.45 -8.75 -8.42
CA LYS H 131 -26.52 -8.73 -6.94
C LYS H 131 -25.82 -7.47 -6.39
N ASP H 132 -25.94 -6.34 -7.09
CA ASP H 132 -25.39 -5.03 -6.66
C ASP H 132 -23.92 -5.18 -6.23
N THR H 133 -23.11 -5.85 -7.06
CA THR H 133 -21.67 -6.12 -6.81
C THR H 133 -20.81 -5.07 -7.51
N ILE H 134 -21.32 -4.48 -8.59
CA ILE H 134 -20.61 -3.47 -9.43
C ILE H 134 -21.60 -2.35 -9.74
N ASP H 135 -21.09 -1.13 -9.95
CA ASP H 135 -21.92 0.06 -10.25
C ASP H 135 -22.34 0.04 -11.73
N PHE H 136 -23.63 0.21 -12.00
CA PHE H 136 -24.16 0.49 -13.36
C PHE H 136 -24.09 2.00 -13.64
N ILE H 137 -24.11 2.35 -14.92
CA ILE H 137 -24.10 3.76 -15.43
C ILE H 137 -25.05 3.81 -16.63
N ASP H 138 -25.49 5.02 -16.97
CA ASP H 138 -26.37 5.25 -18.16
C ASP H 138 -25.55 4.95 -19.41
N ASN H 139 -26.16 4.34 -20.43
CA ASN H 139 -25.54 4.14 -21.76
C ASN H 139 -25.45 5.51 -22.45
N TYR H 140 -24.93 5.52 -23.68
CA TYR H 140 -24.61 6.74 -24.46
C TYR H 140 -25.85 7.64 -24.68
N ASP H 141 -27.04 7.08 -24.82
CA ASP H 141 -28.27 7.87 -25.14
C ASP H 141 -29.17 7.97 -23.91
N GLY H 142 -28.82 7.33 -22.79
CA GLY H 142 -29.59 7.39 -21.53
C GLY H 142 -30.86 6.54 -21.55
N ASN H 143 -31.06 5.68 -22.56
CA ASN H 143 -32.21 4.74 -22.65
C ASN H 143 -31.90 3.39 -21.98
N GLU H 144 -30.67 3.15 -21.51
CA GLU H 144 -30.23 1.82 -21.01
C GLU H 144 -29.22 1.98 -19.86
N ARG H 145 -29.09 0.95 -19.03
CA ARG H 145 -28.03 0.84 -17.99
C ARG H 145 -27.00 -0.19 -18.47
N GLU H 146 -25.71 0.14 -18.35
CA GLU H 146 -24.60 -0.79 -18.67
C GLU H 146 -23.65 -0.83 -17.47
N PRO H 147 -22.95 -1.96 -17.26
CA PRO H 147 -22.03 -2.12 -16.13
C PRO H 147 -20.70 -1.40 -16.39
N SER H 148 -20.26 -0.57 -15.44
CA SER H 148 -18.95 0.14 -15.42
C SER H 148 -17.80 -0.87 -15.46
N VAL H 149 -17.97 -2.03 -14.83
CA VAL H 149 -16.94 -3.10 -14.72
C VAL H 149 -17.67 -4.42 -14.45
N LEU H 150 -17.09 -5.56 -14.81
CA LEU H 150 -17.70 -6.88 -14.51
C LEU H 150 -17.15 -7.39 -13.18
N PRO H 151 -17.93 -8.23 -12.46
CA PRO H 151 -17.45 -8.86 -11.24
C PRO H 151 -16.09 -9.54 -11.40
N ALA H 152 -15.88 -10.23 -12.53
CA ALA H 152 -14.58 -10.83 -12.89
C ALA H 152 -14.13 -11.76 -11.75
N ARG H 153 -14.79 -12.91 -11.62
CA ARG H 153 -14.54 -13.83 -10.48
C ARG H 153 -13.27 -14.65 -10.72
N PHE H 154 -12.63 -14.51 -11.91
CA PHE H 154 -11.24 -14.95 -12.17
C PHE H 154 -10.43 -13.76 -12.69
N PRO H 155 -9.08 -13.72 -12.46
CA PRO H 155 -8.24 -12.58 -12.83
C PRO H 155 -7.92 -12.51 -14.34
N ASN H 156 -8.81 -11.86 -15.08
CA ASN H 156 -8.94 -11.96 -16.56
C ASN H 156 -7.87 -11.11 -17.26
N LEU H 157 -7.47 -9.96 -16.66
CA LEU H 157 -6.46 -9.05 -17.28
C LEU H 157 -5.21 -9.85 -17.59
N LEU H 158 -4.66 -10.55 -16.59
CA LEU H 158 -3.40 -11.32 -16.73
C LEU H 158 -3.68 -12.65 -17.45
N ALA H 159 -4.83 -13.27 -17.21
CA ALA H 159 -5.17 -14.61 -17.75
C ALA H 159 -5.17 -14.54 -19.28
N ASN H 160 -5.96 -13.63 -19.84
CA ASN H 160 -6.15 -13.53 -21.31
C ASN H 160 -5.18 -12.51 -21.87
N GLY H 161 -4.72 -11.56 -21.06
CA GLY H 161 -3.79 -10.51 -21.53
C GLY H 161 -4.55 -9.41 -22.21
N ALA H 162 -3.86 -8.53 -22.95
CA ALA H 162 -4.41 -7.27 -23.51
C ALA H 162 -3.35 -6.55 -24.33
N SER H 163 -3.71 -6.12 -25.53
CA SER H 163 -2.88 -5.22 -26.37
C SER H 163 -3.76 -4.07 -26.87
N GLY H 164 -3.27 -2.84 -26.83
CA GLY H 164 -4.08 -1.66 -27.18
C GLY H 164 -3.19 -0.47 -27.49
N ILE H 165 -3.35 0.11 -28.69
CA ILE H 165 -2.70 1.39 -29.07
C ILE H 165 -3.63 2.52 -28.66
N ALA H 166 -3.23 3.35 -27.70
CA ALA H 166 -4.01 4.50 -27.19
C ALA H 166 -3.47 5.79 -27.82
N VAL H 167 -3.50 6.91 -27.09
CA VAL H 167 -2.81 8.17 -27.47
C VAL H 167 -1.86 8.54 -26.33
N GLY H 168 -0.58 8.78 -26.66
CA GLY H 168 0.50 9.05 -25.69
C GLY H 168 1.05 7.79 -25.03
N MET H 169 0.36 6.66 -25.18
CA MET H 169 0.75 5.36 -24.56
C MET H 169 0.07 4.21 -25.29
N ALA H 170 0.61 3.01 -25.14
CA ALA H 170 -0.02 1.72 -25.55
C ALA H 170 0.02 0.76 -24.36
N THR H 171 -0.62 -0.39 -24.50
CA THR H 171 -0.55 -1.52 -23.53
C THR H 171 -0.19 -2.79 -24.30
N ASN H 172 0.59 -3.65 -23.65
CA ASN H 172 0.91 -5.01 -24.17
C ASN H 172 1.13 -5.92 -22.95
N ILE H 173 0.14 -6.74 -22.61
CA ILE H 173 0.16 -7.63 -21.43
C ILE H 173 -0.02 -9.05 -21.96
N PRO H 174 0.94 -9.97 -21.69
CA PRO H 174 0.86 -11.32 -22.23
C PRO H 174 -0.13 -12.14 -21.40
N PRO H 175 -0.73 -13.18 -22.00
CA PRO H 175 -1.61 -14.09 -21.26
C PRO H 175 -0.82 -14.97 -20.27
N HIS H 176 -1.52 -15.53 -19.29
CA HIS H 176 -0.93 -16.29 -18.17
C HIS H 176 -1.69 -17.60 -17.93
N ASN H 177 -1.10 -18.52 -17.18
CA ASN H 177 -1.78 -19.78 -16.78
C ASN H 177 -2.69 -19.46 -15.60
N LEU H 178 -3.97 -19.85 -15.69
CA LEU H 178 -5.00 -19.48 -14.68
C LEU H 178 -4.65 -20.12 -13.34
N THR H 179 -4.23 -21.39 -13.35
CA THR H 179 -3.80 -22.13 -12.13
C THR H 179 -2.70 -21.32 -11.43
N GLU H 180 -1.65 -20.96 -12.16
CA GLU H 180 -0.50 -20.20 -11.62
C GLU H 180 -1.02 -18.87 -11.03
N LEU H 181 -1.86 -18.15 -11.77
CA LEU H 181 -2.40 -16.84 -11.36
C LEU H 181 -3.12 -16.97 -10.01
N ILE H 182 -4.03 -17.94 -9.91
CA ILE H 182 -4.93 -18.06 -8.72
C ILE H 182 -4.08 -18.46 -7.50
N ASN H 183 -3.09 -19.34 -7.68
CA ASN H 183 -2.09 -19.66 -6.63
C ASN H 183 -1.36 -18.38 -6.21
N GLY H 184 -0.99 -17.54 -7.19
CA GLY H 184 -0.40 -16.22 -6.91
C GLY H 184 -1.29 -15.37 -6.01
N VAL H 185 -2.57 -15.26 -6.36
CA VAL H 185 -3.55 -14.40 -5.63
C VAL H 185 -3.73 -14.94 -4.20
N LEU H 186 -3.84 -16.27 -4.06
CA LEU H 186 -4.00 -16.95 -2.75
C LEU H 186 -2.78 -16.63 -1.87
N SER H 187 -1.58 -16.76 -2.43
CA SER H 187 -0.30 -16.43 -1.75
C SER H 187 -0.34 -14.98 -1.25
N LEU H 188 -0.64 -14.04 -2.15
CA LEU H 188 -0.79 -12.59 -1.83
C LEU H 188 -1.85 -12.37 -0.75
N SER H 189 -2.99 -13.08 -0.81
CA SER H 189 -4.13 -12.88 0.11
C SER H 189 -3.77 -13.33 1.53
N LYS H 190 -2.71 -14.14 1.68
CA LYS H 190 -2.20 -14.61 2.99
C LYS H 190 -1.03 -13.74 3.46
N ASN H 191 -0.36 -13.02 2.55
CA ASN H 191 0.89 -12.25 2.86
C ASN H 191 0.90 -10.96 2.03
N PRO H 192 0.27 -9.88 2.53
CA PRO H 192 0.24 -8.60 1.82
C PRO H 192 1.63 -8.07 1.41
N ASP H 193 2.68 -8.46 2.14
CA ASP H 193 4.06 -7.92 1.99
C ASP H 193 4.90 -8.83 1.07
N ILE H 194 4.26 -9.79 0.39
CA ILE H 194 4.94 -10.79 -0.49
C ILE H 194 5.78 -10.07 -1.57
N SER H 195 6.96 -10.61 -1.89
CA SER H 195 7.88 -10.10 -2.94
C SER H 195 7.44 -10.63 -4.31
N ILE H 196 7.80 -9.91 -5.38
CA ILE H 196 7.62 -10.36 -6.79
C ILE H 196 8.30 -11.73 -6.93
N ALA H 197 9.50 -11.88 -6.37
CA ALA H 197 10.31 -13.13 -6.41
C ALA H 197 9.51 -14.33 -5.87
N GLU H 198 8.81 -14.14 -4.75
N GLU H 198 8.81 -14.13 -4.76
CA GLU H 198 8.00 -15.19 -4.08
CA GLU H 198 8.00 -15.20 -4.09
C GLU H 198 6.76 -15.49 -4.95
C GLU H 198 6.76 -15.49 -4.95
N LEU H 199 6.13 -14.42 -5.49
CA LEU H 199 4.97 -14.55 -6.41
C LEU H 199 5.38 -15.38 -7.63
N MET H 200 6.64 -15.29 -8.08
CA MET H 200 7.11 -15.97 -9.31
C MET H 200 7.35 -17.46 -9.07
N GLU H 201 7.33 -17.94 -7.81
CA GLU H 201 7.28 -19.39 -7.50
C GLU H 201 5.90 -19.95 -7.87
N ASP H 202 4.85 -19.12 -7.90
CA ASP H 202 3.50 -19.51 -8.38
C ASP H 202 3.39 -19.20 -9.87
N ILE H 203 3.73 -17.98 -10.27
CA ILE H 203 3.59 -17.45 -11.65
C ILE H 203 4.94 -17.52 -12.36
N GLU H 204 5.27 -18.67 -12.97
CA GLU H 204 6.57 -18.93 -13.66
C GLU H 204 6.86 -17.84 -14.72
N GLY H 205 5.83 -17.42 -15.46
CA GLY H 205 5.94 -16.50 -16.59
C GLY H 205 4.65 -16.50 -17.43
N PRO H 206 4.63 -15.79 -18.58
CA PRO H 206 3.50 -15.88 -19.49
C PRO H 206 3.26 -17.33 -19.92
N ASP H 207 2.01 -17.61 -20.29
CA ASP H 207 1.57 -18.89 -20.91
C ASP H 207 0.70 -18.54 -22.10
N PHE H 208 1.28 -18.56 -23.31
CA PHE H 208 0.59 -18.20 -24.57
C PHE H 208 -0.35 -19.32 -24.99
N PRO H 209 -1.50 -19.02 -25.62
CA PRO H 209 -2.40 -20.05 -26.11
C PRO H 209 -1.72 -20.93 -27.18
N THR H 210 -0.82 -20.34 -27.96
CA THR H 210 -0.13 -21.00 -29.09
C THR H 210 1.04 -21.85 -28.60
N ALA H 211 1.30 -21.86 -27.29
CA ALA H 211 2.39 -22.63 -26.64
C ALA H 211 3.75 -22.04 -27.06
N GLY H 212 4.64 -22.89 -27.61
CA GLY H 212 6.00 -22.49 -27.99
C GLY H 212 6.90 -22.42 -26.76
N LEU H 213 8.00 -21.65 -26.87
CA LEU H 213 9.10 -21.58 -25.88
C LEU H 213 9.39 -20.11 -25.55
N ILE H 214 9.78 -19.84 -24.30
CA ILE H 214 10.34 -18.54 -23.86
C ILE H 214 11.79 -18.78 -23.46
N LEU H 215 12.71 -17.97 -24.00
CA LEU H 215 14.16 -18.04 -23.73
C LEU H 215 14.46 -17.21 -22.49
N GLY H 216 14.63 -17.89 -21.35
CA GLY H 216 15.22 -17.30 -20.13
C GLY H 216 14.18 -16.65 -19.25
N LYS H 217 14.60 -16.29 -18.03
CA LYS H 217 13.71 -15.67 -17.02
C LYS H 217 14.04 -14.17 -16.89
N SER H 218 15.05 -13.67 -17.58
CA SER H 218 15.57 -12.27 -17.45
C SER H 218 14.46 -11.28 -17.85
N GLY H 219 13.97 -11.40 -19.08
CA GLY H 219 12.90 -10.55 -19.61
C GLY H 219 11.66 -10.63 -18.75
N ILE H 220 11.23 -11.86 -18.42
CA ILE H 220 10.00 -12.11 -17.62
C ILE H 220 10.12 -11.36 -16.28
N ARG H 221 11.26 -11.51 -15.61
CA ARG H 221 11.54 -10.93 -14.27
C ARG H 221 11.44 -9.40 -14.36
N ARG H 222 12.13 -8.81 -15.34
N ARG H 222 12.12 -8.81 -15.34
CA ARG H 222 12.17 -7.33 -15.57
CA ARG H 222 12.17 -7.34 -15.57
C ARG H 222 10.75 -6.82 -15.79
C ARG H 222 10.75 -6.82 -15.79
N ALA H 223 9.94 -7.55 -16.56
CA ALA H 223 8.55 -7.18 -16.90
C ALA H 223 7.66 -7.23 -15.66
N TYR H 224 7.83 -8.24 -14.80
CA TYR H 224 7.04 -8.42 -13.56
C TYR H 224 7.51 -7.46 -12.46
N GLU H 225 8.77 -7.02 -12.53
CA GLU H 225 9.37 -6.10 -11.54
C GLU H 225 8.86 -4.68 -11.82
N THR H 226 8.87 -4.26 -13.08
CA THR H 226 8.81 -2.84 -13.51
C THR H 226 7.60 -2.56 -14.41
N GLY H 227 7.01 -3.59 -15.01
CA GLY H 227 5.88 -3.43 -15.96
C GLY H 227 6.36 -3.32 -17.40
N ARG H 228 7.68 -3.24 -17.59
CA ARG H 228 8.31 -3.19 -18.93
C ARG H 228 9.45 -4.22 -18.97
N GLY H 229 9.50 -4.98 -20.07
CA GLY H 229 10.51 -6.01 -20.33
C GLY H 229 10.30 -6.61 -21.69
N SER H 230 11.37 -7.06 -22.34
CA SER H 230 11.27 -7.83 -23.59
C SER H 230 11.36 -9.32 -23.26
N ILE H 231 10.44 -10.11 -23.78
CA ILE H 231 10.36 -11.59 -23.61
C ILE H 231 10.59 -12.21 -24.98
N GLN H 232 11.61 -13.06 -25.11
CA GLN H 232 11.96 -13.72 -26.40
C GLN H 232 11.13 -15.00 -26.52
N MET H 233 10.20 -15.04 -27.48
CA MET H 233 9.37 -16.23 -27.79
C MET H 233 10.01 -17.01 -28.94
N ARG H 234 9.87 -18.33 -28.95
CA ARG H 234 10.51 -19.17 -30.02
C ARG H 234 9.58 -20.31 -30.39
N SER H 235 9.41 -20.55 -31.70
CA SER H 235 8.75 -21.73 -32.29
C SER H 235 9.32 -23.01 -31.68
N ARG H 236 8.47 -24.02 -31.46
CA ARG H 236 8.92 -25.39 -31.11
C ARG H 236 9.27 -26.10 -32.41
N ALA H 237 10.58 -26.27 -32.65
CA ALA H 237 11.13 -26.92 -33.86
C ALA H 237 12.06 -28.05 -33.44
N VAL H 238 12.04 -29.14 -34.19
CA VAL H 238 13.02 -30.27 -34.04
C VAL H 238 13.62 -30.58 -35.42
N ILE H 239 14.76 -31.26 -35.41
CA ILE H 239 15.44 -31.82 -36.61
C ILE H 239 15.26 -33.34 -36.57
N GLU H 240 14.83 -33.94 -37.68
CA GLU H 240 14.51 -35.39 -37.73
C GLU H 240 14.89 -35.94 -39.10
N GLU H 241 15.29 -37.23 -39.16
CA GLU H 241 15.53 -38.04 -40.40
C GLU H 241 14.27 -38.04 -41.27
N ARG H 242 14.43 -37.87 -42.59
CA ARG H 242 13.31 -37.76 -43.56
C ARG H 242 13.41 -38.91 -44.57
N GLY H 243 14.35 -39.84 -44.37
CA GLY H 243 14.67 -40.89 -45.34
C GLY H 243 16.14 -40.90 -45.68
N GLY H 244 16.49 -41.53 -46.80
CA GLY H 244 17.88 -41.91 -47.22
C GLY H 244 19.03 -40.97 -46.86
N GLY H 245 19.30 -40.80 -45.56
CA GLY H 245 20.30 -39.85 -45.04
C GLY H 245 19.94 -38.40 -45.28
N GLN H 246 17.76 -35.19 -43.73
CA GLN H 246 17.09 -34.59 -42.55
C GLN H 246 16.08 -33.48 -42.95
N ARG H 247 15.31 -33.02 -41.97
CA ARG H 247 14.34 -31.90 -42.11
C ARG H 247 14.07 -31.25 -40.74
N ILE H 248 13.72 -29.97 -40.77
CA ILE H 248 13.29 -29.17 -39.60
C ILE H 248 11.75 -29.18 -39.58
N VAL H 249 11.15 -29.58 -38.47
CA VAL H 249 9.67 -29.62 -38.32
C VAL H 249 9.30 -28.62 -37.22
N VAL H 250 8.42 -27.67 -37.55
CA VAL H 250 7.89 -26.64 -36.63
C VAL H 250 6.44 -27.00 -36.31
N THR H 251 6.10 -27.17 -35.04
CA THR H 251 4.76 -27.63 -34.58
C THR H 251 4.04 -26.54 -33.76
N GLU H 252 4.77 -25.57 -33.20
CA GLU H 252 4.22 -24.46 -32.39
C GLU H 252 4.91 -23.16 -32.86
N ILE H 253 4.15 -22.08 -33.08
CA ILE H 253 4.75 -20.77 -33.50
C ILE H 253 4.58 -19.73 -32.40
N PRO H 254 5.33 -18.61 -32.43
CA PRO H 254 5.23 -17.59 -31.39
C PRO H 254 3.85 -16.92 -31.45
N PHE H 255 3.45 -16.35 -30.32
CA PHE H 255 2.13 -15.70 -30.08
C PHE H 255 1.94 -14.54 -31.06
N GLN H 256 0.75 -14.45 -31.64
CA GLN H 256 0.31 -13.35 -32.53
C GLN H 256 1.14 -13.34 -33.82
N VAL H 257 1.95 -14.35 -34.11
CA VAL H 257 2.69 -14.45 -35.41
C VAL H 257 1.79 -15.17 -36.44
N ASN H 258 1.68 -14.60 -37.64
CA ASN H 258 0.86 -15.10 -38.77
C ASN H 258 1.57 -16.26 -39.48
N LYS H 259 1.03 -17.47 -39.43
CA LYS H 259 1.69 -18.69 -39.99
C LYS H 259 1.98 -18.46 -41.47
N ALA H 260 0.96 -18.07 -42.25
CA ALA H 260 1.06 -17.91 -43.72
C ALA H 260 2.20 -16.92 -44.05
N ARG H 261 2.20 -15.77 -43.36
N ARG H 261 2.19 -15.78 -43.36
CA ARG H 261 3.18 -14.68 -43.55
CA ARG H 261 3.18 -14.68 -43.55
C ARG H 261 4.59 -15.16 -43.17
C ARG H 261 4.59 -15.16 -43.17
N MET H 262 4.71 -15.85 -42.04
CA MET H 262 6.01 -16.38 -41.52
C MET H 262 6.64 -17.34 -42.55
N ILE H 263 5.86 -18.22 -43.16
CA ILE H 263 6.33 -19.16 -44.22
C ILE H 263 6.82 -18.34 -45.43
N GLU H 264 6.06 -17.32 -45.83
CA GLU H 264 6.40 -16.44 -46.98
C GLU H 264 7.75 -15.75 -46.70
N LYS H 265 8.00 -15.28 -45.49
CA LYS H 265 9.33 -14.68 -45.10
C LYS H 265 10.46 -15.71 -45.33
N ILE H 266 10.22 -16.99 -44.99
CA ILE H 266 11.24 -18.07 -45.13
C ILE H 266 11.47 -18.33 -46.62
N ALA H 267 10.40 -18.47 -47.40
CA ALA H 267 10.46 -18.68 -48.87
C ALA H 267 11.21 -17.52 -49.52
N GLU H 268 10.98 -16.30 -49.02
CA GLU H 268 11.57 -15.03 -49.52
C GLU H 268 13.07 -15.02 -49.22
N LEU H 269 13.50 -15.49 -48.03
CA LEU H 269 14.95 -15.60 -47.70
C LEU H 269 15.63 -16.58 -48.67
N VAL H 270 14.96 -17.69 -49.00
CA VAL H 270 15.47 -18.75 -49.92
C VAL H 270 15.48 -18.18 -51.35
N ARG H 271 14.37 -17.61 -51.83
CA ARG H 271 14.25 -16.92 -53.16
C ARG H 271 15.41 -15.96 -53.34
N ASP H 272 15.74 -15.16 -52.30
CA ASP H 272 16.74 -14.05 -52.35
C ASP H 272 18.12 -14.56 -51.91
N LYS H 273 18.34 -15.88 -51.92
CA LYS H 273 19.60 -16.57 -51.51
C LYS H 273 20.23 -15.89 -50.27
N LYS H 274 19.42 -15.48 -49.27
CA LYS H 274 19.91 -14.81 -48.03
C LYS H 274 20.10 -15.83 -46.89
N ILE H 275 19.72 -17.10 -47.12
CA ILE H 275 19.97 -18.27 -46.22
C ILE H 275 20.26 -19.50 -47.09
N ASP H 276 21.27 -20.29 -46.72
CA ASP H 276 21.79 -21.40 -47.57
C ASP H 276 21.40 -22.74 -46.92
N GLY H 277 20.85 -23.68 -47.69
CA GLY H 277 20.70 -25.10 -47.29
C GLY H 277 19.26 -25.60 -47.33
N ILE H 278 18.28 -24.76 -47.64
CA ILE H 278 16.83 -25.16 -47.62
C ILE H 278 16.39 -25.57 -49.02
N THR H 279 16.00 -26.83 -49.19
CA THR H 279 15.69 -27.48 -50.50
C THR H 279 14.19 -27.54 -50.75
N ASP H 280 13.37 -27.43 -49.70
CA ASP H 280 11.88 -27.37 -49.84
C ASP H 280 11.30 -26.78 -48.55
N LEU H 281 10.07 -26.29 -48.66
CA LEU H 281 9.31 -25.62 -47.57
C LEU H 281 7.84 -25.91 -47.80
N ARG H 282 7.21 -26.72 -46.95
CA ARG H 282 5.79 -27.14 -47.06
C ARG H 282 5.08 -26.81 -45.74
N ASP H 283 3.79 -26.47 -45.80
CA ASP H 283 2.90 -26.32 -44.63
C ASP H 283 1.99 -27.54 -44.60
N GLU H 284 2.39 -28.59 -43.88
CA GLU H 284 1.63 -29.86 -43.74
C GLU H 284 0.63 -29.74 -42.58
N THR H 285 0.32 -28.52 -42.14
CA THR H 285 -0.72 -28.30 -41.13
C THR H 285 -2.03 -28.90 -41.64
N SER H 286 -2.78 -29.52 -40.73
CA SER H 286 -4.16 -30.00 -40.94
C SER H 286 -4.84 -29.99 -39.58
N LEU H 287 -6.18 -29.98 -39.55
CA LEU H 287 -6.91 -29.96 -38.26
C LEU H 287 -6.66 -31.29 -37.53
N ARG H 288 -6.45 -32.37 -38.27
CA ARG H 288 -6.17 -33.73 -37.73
C ARG H 288 -4.74 -33.77 -37.14
N THR H 289 -3.72 -33.36 -37.90
CA THR H 289 -2.28 -33.40 -37.53
C THR H 289 -1.89 -32.28 -36.54
N GLY H 290 -2.61 -31.15 -36.53
CA GLY H 290 -2.17 -29.91 -35.87
C GLY H 290 -1.15 -29.15 -36.72
N VAL H 291 -0.50 -28.13 -36.14
CA VAL H 291 0.48 -27.26 -36.85
C VAL H 291 1.71 -28.08 -37.20
N ARG H 292 2.13 -28.03 -38.48
CA ARG H 292 3.28 -28.82 -38.97
C ARG H 292 3.84 -28.13 -40.22
N VAL H 293 4.89 -27.34 -40.03
CA VAL H 293 5.64 -26.65 -41.13
C VAL H 293 6.95 -27.41 -41.32
N VAL H 294 7.18 -27.94 -42.51
CA VAL H 294 8.34 -28.81 -42.83
C VAL H 294 9.33 -28.01 -43.70
N ILE H 295 10.60 -28.04 -43.32
CA ILE H 295 11.72 -27.39 -44.04
C ILE H 295 12.76 -28.48 -44.35
N ASP H 296 12.84 -28.90 -45.61
CA ASP H 296 13.81 -29.95 -46.07
C ASP H 296 15.19 -29.29 -46.19
N VAL H 297 16.23 -29.96 -45.70
CA VAL H 297 17.64 -29.49 -45.65
C VAL H 297 18.48 -30.32 -46.62
N ARG H 298 19.32 -29.66 -47.44
CA ARG H 298 20.25 -30.27 -48.44
C ARG H 298 21.12 -31.33 -47.75
N LYS H 299 21.44 -32.41 -48.50
CA LYS H 299 22.22 -33.55 -47.96
C LYS H 299 23.59 -33.01 -47.48
N ASP H 300 23.92 -33.33 -46.24
CA ASP H 300 25.22 -32.96 -45.63
C ASP H 300 25.32 -31.45 -45.48
N ALA H 301 24.21 -30.67 -45.50
CA ALA H 301 24.11 -29.34 -44.85
C ALA H 301 23.80 -29.53 -43.37
N ASN H 302 24.35 -28.69 -42.49
CA ASN H 302 24.10 -28.77 -41.03
C ASN H 302 22.73 -28.15 -40.73
N ALA H 303 21.77 -28.94 -40.22
CA ALA H 303 20.37 -28.50 -40.00
C ALA H 303 20.28 -27.59 -38.78
N SER H 304 21.12 -27.79 -37.75
CA SER H 304 21.11 -26.97 -36.49
C SER H 304 21.51 -25.53 -36.81
N VAL H 305 22.47 -25.37 -37.72
CA VAL H 305 22.96 -24.03 -38.18
C VAL H 305 21.84 -23.35 -38.96
N ILE H 306 21.18 -24.06 -39.86
CA ILE H 306 20.03 -23.52 -40.65
C ILE H 306 18.93 -23.08 -39.68
N LEU H 307 18.65 -23.88 -38.63
CA LEU H 307 17.60 -23.52 -37.66
C LEU H 307 17.99 -22.24 -36.92
N ASN H 308 19.25 -22.11 -36.46
CA ASN H 308 19.70 -20.91 -35.72
C ASN H 308 19.59 -19.69 -36.63
N ASN H 309 19.94 -19.85 -37.92
CA ASN H 309 19.83 -18.74 -38.91
C ASN H 309 18.37 -18.34 -39.05
N LEU H 310 17.46 -19.31 -39.17
CA LEU H 310 16.02 -19.04 -39.34
C LEU H 310 15.51 -18.23 -38.15
N TYR H 311 15.96 -18.53 -36.94
CA TYR H 311 15.53 -17.80 -35.72
C TYR H 311 15.97 -16.33 -35.83
N LYS H 312 17.23 -16.11 -36.24
CA LYS H 312 17.83 -14.75 -36.33
C LYS H 312 17.10 -13.94 -37.41
N GLN H 313 16.67 -14.60 -38.50
CA GLN H 313 16.31 -13.91 -39.76
C GLN H 313 14.81 -13.96 -40.04
N THR H 314 13.98 -14.66 -39.25
CA THR H 314 12.50 -14.74 -39.48
C THR H 314 11.73 -14.58 -38.17
N PRO H 315 10.39 -14.41 -38.23
CA PRO H 315 9.54 -14.40 -37.04
C PRO H 315 9.42 -15.76 -36.32
N LEU H 316 10.13 -16.79 -36.80
CA LEU H 316 10.23 -18.11 -36.12
C LEU H 316 10.67 -17.93 -34.66
N GLN H 317 11.45 -16.87 -34.40
CA GLN H 317 11.68 -16.28 -33.05
C GLN H 317 11.20 -14.83 -33.13
N THR H 318 10.37 -14.40 -32.18
CA THR H 318 9.81 -13.03 -32.07
C THR H 318 9.93 -12.57 -30.62
N SER H 319 10.10 -11.28 -30.39
CA SER H 319 10.07 -10.67 -29.04
C SER H 319 8.62 -10.27 -28.71
N PHE H 320 8.18 -10.45 -27.46
CA PHE H 320 6.92 -9.87 -26.93
C PHE H 320 7.28 -8.70 -26.01
N GLY H 321 6.99 -7.48 -26.44
CA GLY H 321 7.36 -6.26 -25.70
C GLY H 321 6.34 -5.93 -24.62
N VAL H 322 6.56 -6.44 -23.40
CA VAL H 322 5.65 -6.20 -22.25
C VAL H 322 5.64 -4.72 -21.88
N ASN H 323 4.45 -4.14 -21.77
CA ASN H 323 4.20 -2.72 -21.43
C ASN H 323 2.88 -2.70 -20.65
N MET H 324 2.95 -2.97 -19.34
CA MET H 324 1.75 -3.33 -18.53
C MET H 324 1.08 -2.05 -18.05
N ILE H 325 0.35 -1.40 -18.95
CA ILE H 325 -0.46 -0.19 -18.69
C ILE H 325 -1.94 -0.58 -18.75
N ALA H 326 -2.64 -0.34 -17.64
CA ALA H 326 -4.09 -0.53 -17.47
C ALA H 326 -4.65 0.63 -16.64
N LEU H 327 -5.98 0.76 -16.62
CA LEU H 327 -6.72 1.81 -15.90
C LEU H 327 -6.89 1.39 -14.43
N VAL H 328 -6.39 2.21 -13.51
CA VAL H 328 -6.51 2.07 -12.03
C VAL H 328 -7.18 3.35 -11.51
N ASN H 329 -8.34 3.23 -10.83
CA ASN H 329 -9.22 4.36 -10.45
C ASN H 329 -9.38 5.29 -11.66
N GLY H 330 -9.67 4.70 -12.82
CA GLY H 330 -10.01 5.40 -14.08
C GLY H 330 -8.83 6.07 -14.76
N ARG H 331 -7.59 5.88 -14.30
CA ARG H 331 -6.39 6.54 -14.88
C ARG H 331 -5.37 5.51 -15.32
N PRO H 332 -4.65 5.73 -16.44
CA PRO H 332 -3.66 4.76 -16.93
C PRO H 332 -2.46 4.76 -16.00
N LYS H 333 -2.05 3.59 -15.53
CA LYS H 333 -0.87 3.39 -14.65
C LYS H 333 -0.01 2.25 -15.23
N LEU H 334 1.31 2.45 -15.30
CA LEU H 334 2.28 1.34 -15.54
C LEU H 334 2.36 0.56 -14.24
N ILE H 335 2.02 -0.72 -14.27
CA ILE H 335 1.86 -1.53 -13.03
C ILE H 335 2.80 -2.74 -13.14
N ASN H 336 3.34 -3.17 -12.00
CA ASN H 336 4.13 -4.42 -11.91
C ASN H 336 3.14 -5.57 -11.66
N LEU H 337 3.63 -6.80 -11.68
CA LEU H 337 2.80 -8.01 -11.45
C LEU H 337 2.04 -7.84 -10.12
N LYS H 338 2.70 -7.39 -9.06
CA LYS H 338 2.07 -7.34 -7.72
C LYS H 338 0.92 -6.31 -7.69
N GLU H 339 1.09 -5.11 -8.26
CA GLU H 339 0.02 -4.09 -8.28
C GLU H 339 -1.23 -4.68 -8.95
N ALA H 340 -1.04 -5.33 -10.10
CA ALA H 340 -2.12 -5.95 -10.90
C ALA H 340 -2.90 -6.95 -10.04
N LEU H 341 -2.20 -7.80 -9.27
CA LEU H 341 -2.81 -8.85 -8.42
C LEU H 341 -3.50 -8.20 -7.20
N VAL H 342 -2.86 -7.19 -6.62
CA VAL H 342 -3.40 -6.46 -5.44
C VAL H 342 -4.72 -5.77 -5.84
N HIS H 343 -4.72 -5.02 -6.96
CA HIS H 343 -5.94 -4.33 -7.45
C HIS H 343 -7.05 -5.36 -7.70
N TYR H 344 -6.69 -6.55 -8.20
CA TYR H 344 -7.66 -7.63 -8.52
C TYR H 344 -8.25 -8.18 -7.23
N LEU H 345 -7.39 -8.58 -6.29
CA LEU H 345 -7.83 -9.15 -4.99
C LEU H 345 -8.76 -8.14 -4.28
N GLU H 346 -8.40 -6.85 -4.34
N GLU H 346 -8.40 -6.85 -4.34
CA GLU H 346 -9.19 -5.76 -3.68
CA GLU H 346 -9.19 -5.76 -3.68
C GLU H 346 -10.58 -5.68 -4.36
C GLU H 346 -10.58 -5.68 -4.36
N HIS H 347 -10.63 -5.85 -5.68
CA HIS H 347 -11.89 -5.86 -6.47
C HIS H 347 -12.77 -7.02 -5.99
N GLN H 348 -12.16 -8.18 -5.71
CA GLN H 348 -12.90 -9.40 -5.28
C GLN H 348 -13.48 -9.18 -3.87
N LYS H 349 -12.66 -8.65 -2.95
CA LYS H 349 -13.11 -8.35 -1.56
C LYS H 349 -14.36 -7.46 -1.67
N THR H 350 -14.32 -6.44 -2.53
CA THR H 350 -15.43 -5.47 -2.74
C THR H 350 -16.67 -6.23 -3.27
N VAL H 351 -16.50 -7.01 -4.33
CA VAL H 351 -17.61 -7.75 -5.01
C VAL H 351 -18.27 -8.69 -4.00
N VAL H 352 -17.48 -9.46 -3.24
CA VAL H 352 -18.07 -10.48 -2.31
C VAL H 352 -18.74 -9.75 -1.13
N ARG H 353 -18.12 -8.68 -0.61
CA ARG H 353 -18.75 -7.88 0.48
C ARG H 353 -20.12 -7.37 0.00
N ARG H 354 -20.14 -6.68 -1.13
CA ARG H 354 -21.37 -6.07 -1.71
C ARG H 354 -22.41 -7.15 -1.98
N ARG H 355 -22.00 -8.29 -2.54
CA ARG H 355 -22.93 -9.42 -2.83
C ARG H 355 -23.60 -9.81 -1.51
N THR H 356 -22.80 -9.96 -0.45
CA THR H 356 -23.27 -10.41 0.89
C THR H 356 -24.22 -9.38 1.47
N GLN H 357 -23.86 -8.10 1.39
CA GLN H 357 -24.72 -6.97 1.84
C GLN H 357 -26.07 -7.04 1.10
N TYR H 358 -26.03 -7.29 -0.21
CA TYR H 358 -27.24 -7.38 -1.08
C TYR H 358 -28.08 -8.60 -0.68
N ASN H 359 -27.45 -9.76 -0.52
CA ASN H 359 -28.15 -11.03 -0.17
C ASN H 359 -28.86 -10.83 1.16
N LEU H 360 -28.20 -10.17 2.12
CA LEU H 360 -28.75 -9.85 3.46
C LEU H 360 -29.97 -8.94 3.33
N ARG H 361 -29.82 -7.83 2.59
CA ARG H 361 -30.92 -6.88 2.29
C ARG H 361 -32.14 -7.66 1.77
N LYS H 362 -31.95 -8.47 0.72
CA LYS H 362 -33.05 -9.20 0.02
C LYS H 362 -33.66 -10.22 0.98
N ALA H 363 -32.84 -10.95 1.74
CA ALA H 363 -33.28 -12.00 2.70
C ALA H 363 -34.16 -11.38 3.79
N LYS H 364 -33.74 -10.22 4.32
CA LYS H 364 -34.47 -9.50 5.40
C LYS H 364 -35.83 -9.02 4.86
N ASP H 365 -35.82 -8.33 3.70
CA ASP H 365 -37.05 -7.91 2.99
C ASP H 365 -38.01 -9.10 2.85
N ARG H 366 -37.49 -10.27 2.49
CA ARG H 366 -38.26 -11.51 2.20
C ARG H 366 -38.79 -12.09 3.52
N ALA H 367 -37.96 -12.10 4.55
CA ALA H 367 -38.31 -12.59 5.91
C ALA H 367 -39.49 -11.77 6.44
N HIS H 368 -39.42 -10.44 6.27
CA HIS H 368 -40.50 -9.49 6.63
C HIS H 368 -41.79 -9.87 5.90
N ILE H 369 -41.73 -10.16 4.59
CA ILE H 369 -42.95 -10.53 3.81
C ILE H 369 -43.51 -11.85 4.37
N LEU H 370 -42.66 -12.83 4.64
CA LEU H 370 -43.07 -14.17 5.12
C LEU H 370 -43.76 -14.03 6.48
N GLU H 371 -43.29 -13.10 7.33
CA GLU H 371 -43.91 -12.80 8.65
C GLU H 371 -45.37 -12.35 8.42
N GLY H 372 -45.60 -11.47 7.44
CA GLY H 372 -46.93 -11.02 7.01
C GLY H 372 -47.81 -12.17 6.52
N LEU H 373 -47.28 -13.02 5.64
CA LEU H 373 -48.04 -14.18 5.08
C LEU H 373 -48.43 -15.14 6.20
N ARG H 374 -47.53 -15.36 7.17
CA ARG H 374 -47.77 -16.27 8.33
C ARG H 374 -48.99 -15.76 9.12
N ILE H 375 -48.95 -14.49 9.53
CA ILE H 375 -50.08 -13.77 10.20
C ILE H 375 -51.35 -13.95 9.36
N ALA H 376 -51.28 -13.76 8.04
CA ALA H 376 -52.48 -13.79 7.16
C ALA H 376 -53.06 -15.21 7.11
N LEU H 377 -52.20 -16.24 6.99
CA LEU H 377 -52.64 -17.66 6.90
C LEU H 377 -53.24 -18.08 8.25
N ASP H 378 -52.65 -17.60 9.35
CA ASP H 378 -53.05 -17.97 10.74
C ASP H 378 -54.40 -17.33 11.10
N HIS H 379 -54.79 -16.21 10.49
CA HIS H 379 -56.11 -15.54 10.74
C HIS H 379 -56.85 -15.33 9.42
N ILE H 380 -56.81 -16.32 8.53
CA ILE H 380 -57.26 -16.15 7.12
C ILE H 380 -58.76 -15.75 7.07
N ASP H 381 -59.60 -16.28 7.96
CA ASP H 381 -61.06 -16.01 7.95
C ASP H 381 -61.29 -14.50 8.18
N GLU H 382 -60.56 -13.91 9.13
CA GLU H 382 -60.68 -12.47 9.46
C GLU H 382 -60.15 -11.63 8.29
N ILE H 383 -59.02 -12.04 7.69
CA ILE H 383 -58.35 -11.31 6.56
C ILE H 383 -59.36 -11.18 5.41
N ILE H 384 -60.05 -12.27 5.05
CA ILE H 384 -61.01 -12.31 3.92
C ILE H 384 -62.11 -11.27 4.18
N SER H 385 -62.74 -11.32 5.36
CA SER H 385 -63.85 -10.41 5.77
C SER H 385 -63.39 -8.95 5.66
N THR H 386 -62.21 -8.63 6.22
CA THR H 386 -61.57 -7.29 6.13
C THR H 386 -61.50 -6.82 4.68
N ILE H 387 -61.09 -7.69 3.77
CA ILE H 387 -60.88 -7.38 2.32
C ILE H 387 -62.24 -7.25 1.63
N ARG H 388 -63.21 -8.07 2.03
CA ARG H 388 -64.56 -8.14 1.40
C ARG H 388 -65.36 -6.88 1.74
N GLU H 389 -65.30 -6.43 2.99
CA GLU H 389 -65.98 -5.19 3.46
C GLU H 389 -65.27 -3.96 2.90
N SER H 390 -64.05 -4.09 2.36
CA SER H 390 -63.27 -2.99 1.73
C SER H 390 -63.78 -2.74 0.31
N ASP H 391 -63.99 -1.47 -0.04
CA ASP H 391 -64.63 -1.03 -1.31
C ASP H 391 -63.55 -1.04 -2.40
N THR H 392 -62.38 -0.49 -2.10
CA THR H 392 -61.21 -0.35 -3.01
C THR H 392 -59.99 -1.08 -2.43
N ASP H 393 -58.94 -1.25 -3.23
CA ASP H 393 -57.65 -1.84 -2.80
C ASP H 393 -57.03 -0.93 -1.73
N LYS H 394 -57.14 0.40 -1.89
CA LYS H 394 -56.54 1.43 -0.99
C LYS H 394 -57.12 1.24 0.42
N VAL H 395 -58.44 1.06 0.52
CA VAL H 395 -59.18 0.90 1.81
C VAL H 395 -58.74 -0.42 2.46
N ALA H 396 -58.69 -1.51 1.68
CA ALA H 396 -58.27 -2.86 2.13
C ALA H 396 -56.86 -2.80 2.72
N MET H 397 -55.94 -2.11 2.04
N MET H 397 -55.94 -2.10 2.04
CA MET H 397 -54.54 -1.90 2.50
CA MET H 397 -54.54 -1.90 2.50
C MET H 397 -54.54 -1.25 3.89
C MET H 397 -54.54 -1.24 3.89
N GLU H 398 -55.33 -0.18 4.07
N GLU H 398 -55.33 -0.18 4.07
CA GLU H 398 -55.38 0.62 5.33
CA GLU H 398 -55.39 0.63 5.33
C GLU H 398 -55.96 -0.27 6.44
C GLU H 398 -55.96 -0.27 6.44
N SER H 399 -57.08 -0.95 6.16
CA SER H 399 -57.80 -1.83 7.11
C SER H 399 -56.90 -2.98 7.58
N LEU H 400 -56.14 -3.60 6.67
CA LEU H 400 -55.24 -4.74 7.00
C LEU H 400 -54.11 -4.24 7.90
N GLN H 401 -53.53 -3.09 7.56
CA GLN H 401 -52.40 -2.47 8.31
C GLN H 401 -52.85 -2.15 9.74
N GLN H 402 -54.03 -1.54 9.88
CA GLN H 402 -54.59 -1.08 11.17
C GLN H 402 -54.99 -2.30 12.02
N ARG H 403 -55.74 -3.24 11.44
CA ARG H 403 -56.36 -4.38 12.16
C ARG H 403 -55.29 -5.39 12.61
N PHE H 404 -54.21 -5.60 11.85
CA PHE H 404 -53.25 -6.72 12.06
C PHE H 404 -51.83 -6.22 12.28
N LYS H 405 -51.63 -4.91 12.41
CA LYS H 405 -50.31 -4.29 12.72
C LYS H 405 -49.30 -4.71 11.64
N LEU H 406 -49.70 -4.64 10.36
CA LEU H 406 -48.88 -5.01 9.16
C LEU H 406 -48.27 -3.75 8.54
N SER H 407 -47.10 -3.89 7.91
CA SER H 407 -46.48 -2.86 7.03
C SER H 407 -47.26 -2.74 5.73
N GLU H 408 -47.01 -1.68 4.96
CA GLU H 408 -47.58 -1.48 3.60
C GLU H 408 -47.09 -2.62 2.70
N LYS H 409 -45.80 -2.96 2.78
CA LYS H 409 -45.16 -4.05 1.99
C LYS H 409 -45.85 -5.39 2.30
N GLN H 410 -46.19 -5.67 3.58
CA GLN H 410 -46.81 -6.96 3.99
C GLN H 410 -48.27 -6.99 3.53
N ALA H 411 -48.99 -5.86 3.60
CA ALA H 411 -50.42 -5.77 3.22
C ALA H 411 -50.53 -5.97 1.72
N GLN H 412 -49.60 -5.41 0.95
CA GLN H 412 -49.55 -5.53 -0.53
C GLN H 412 -49.38 -7.02 -0.87
N ALA H 413 -48.44 -7.68 -0.18
CA ALA H 413 -48.10 -9.11 -0.37
C ALA H 413 -49.33 -9.99 -0.12
N ILE H 414 -50.14 -9.65 0.89
CA ILE H 414 -51.35 -10.43 1.30
C ILE H 414 -52.46 -10.24 0.27
N LEU H 415 -52.62 -9.02 -0.25
CA LEU H 415 -53.62 -8.73 -1.31
C LEU H 415 -53.22 -9.45 -2.60
N ASP H 416 -51.92 -9.68 -2.81
CA ASP H 416 -51.38 -10.33 -4.03
C ASP H 416 -51.36 -11.85 -3.88
N MET H 417 -51.54 -12.37 -2.66
CA MET H 417 -51.56 -13.83 -2.36
C MET H 417 -52.68 -14.49 -3.17
N ARG H 418 -52.41 -15.66 -3.77
CA ARG H 418 -53.43 -16.47 -4.52
C ARG H 418 -54.15 -17.40 -3.53
N LEU H 419 -55.38 -17.79 -3.85
CA LEU H 419 -56.22 -18.69 -3.00
C LEU H 419 -55.54 -20.04 -2.81
N ARG H 420 -54.75 -20.51 -3.79
CA ARG H 420 -54.10 -21.85 -3.78
C ARG H 420 -53.06 -21.91 -2.65
N ARG H 421 -52.75 -20.77 -2.05
CA ARG H 421 -51.77 -20.64 -0.93
C ARG H 421 -52.45 -20.95 0.43
N LEU H 422 -53.76 -21.22 0.45
CA LEU H 422 -54.51 -21.54 1.69
C LEU H 422 -54.61 -23.07 1.91
N THR H 423 -54.00 -23.89 1.05
CA THR H 423 -53.99 -25.38 1.23
C THR H 423 -53.05 -25.72 2.40
N GLY H 424 -53.11 -26.97 2.85
CA GLY H 424 -52.38 -27.47 4.04
C GLY H 424 -50.88 -27.48 3.84
N LEU H 425 -50.40 -28.00 2.71
CA LEU H 425 -48.95 -28.13 2.40
C LEU H 425 -48.30 -26.74 2.32
N GLU H 426 -49.06 -25.73 1.88
CA GLU H 426 -48.56 -24.36 1.60
C GLU H 426 -48.19 -23.64 2.90
N ARG H 427 -48.92 -23.84 4.00
CA ARG H 427 -48.59 -23.22 5.30
C ARG H 427 -47.24 -23.74 5.81
N ASP H 428 -46.98 -25.04 5.62
CA ASP H 428 -45.75 -25.72 6.09
C ASP H 428 -44.57 -25.22 5.25
N LYS H 429 -44.77 -25.14 3.93
CA LYS H 429 -43.79 -24.66 2.92
C LYS H 429 -43.31 -23.24 3.29
N ILE H 430 -44.22 -22.40 3.77
CA ILE H 430 -43.92 -20.97 4.12
C ILE H 430 -43.06 -20.95 5.37
N GLU H 431 -43.36 -21.80 6.35
CA GLU H 431 -42.61 -21.78 7.64
C GLU H 431 -41.24 -22.44 7.44
N ALA H 432 -41.16 -23.45 6.57
CA ALA H 432 -39.88 -24.08 6.14
C ALA H 432 -38.95 -23.00 5.57
N GLU H 433 -39.42 -22.24 4.58
CA GLU H 433 -38.66 -21.17 3.89
C GLU H 433 -38.24 -20.11 4.91
N TYR H 434 -39.11 -19.81 5.87
CA TYR H 434 -38.90 -18.72 6.86
C TYR H 434 -37.77 -19.09 7.82
N ASN H 435 -37.69 -20.37 8.23
CA ASN H 435 -36.69 -20.86 9.21
C ASN H 435 -35.31 -20.90 8.54
N GLU H 436 -35.22 -21.40 7.30
CA GLU H 436 -33.97 -21.45 6.49
C GLU H 436 -33.46 -20.01 6.29
N LEU H 437 -34.37 -19.07 6.05
CA LEU H 437 -34.04 -17.64 5.81
C LEU H 437 -33.35 -17.05 7.04
N LEU H 438 -33.85 -17.39 8.24
CA LEU H 438 -33.28 -16.86 9.51
C LEU H 438 -31.84 -17.39 9.68
N ASN H 439 -31.58 -18.67 9.37
CA ASN H 439 -30.21 -19.24 9.41
C ASN H 439 -29.32 -18.52 8.39
N TYR H 440 -29.80 -18.34 7.16
CA TYR H 440 -29.08 -17.64 6.05
C TYR H 440 -28.72 -16.21 6.50
N ILE H 441 -29.67 -15.48 7.09
CA ILE H 441 -29.44 -14.08 7.52
C ILE H 441 -28.26 -14.08 8.53
N SER H 442 -28.23 -15.06 9.43
CA SER H 442 -27.19 -15.21 10.48
C SER H 442 -25.82 -15.53 9.85
N GLU H 443 -25.79 -16.43 8.85
N GLU H 443 -25.79 -16.43 8.85
CA GLU H 443 -24.57 -16.81 8.10
CA GLU H 443 -24.57 -16.81 8.10
C GLU H 443 -24.00 -15.56 7.41
C GLU H 443 -23.99 -15.55 7.41
N LEU H 444 -24.85 -14.74 6.82
CA LEU H 444 -24.45 -13.51 6.08
C LEU H 444 -23.86 -12.48 7.05
N GLU H 445 -24.44 -12.36 8.24
CA GLU H 445 -24.02 -11.35 9.25
C GLU H 445 -22.63 -11.72 9.80
N THR H 446 -22.36 -13.02 9.95
CA THR H 446 -21.04 -13.56 10.36
C THR H 446 -19.95 -13.07 9.38
N ILE H 447 -20.26 -13.09 8.08
CA ILE H 447 -19.33 -12.70 6.99
C ILE H 447 -19.06 -11.19 7.07
N LEU H 448 -20.10 -10.40 7.26
CA LEU H 448 -19.96 -8.91 7.29
C LEU H 448 -19.27 -8.48 8.58
N ALA H 449 -19.41 -9.26 9.67
CA ALA H 449 -18.85 -8.94 11.00
C ALA H 449 -17.34 -9.12 11.01
N ASP H 450 -16.82 -10.18 10.38
CA ASP H 450 -15.39 -10.58 10.44
C ASP H 450 -14.76 -10.56 9.04
N GLU H 451 -13.94 -9.53 8.73
CA GLU H 451 -13.20 -9.37 7.45
C GLU H 451 -12.40 -10.64 7.12
N GLU H 452 -11.91 -11.35 8.14
CA GLU H 452 -11.12 -12.58 7.91
C GLU H 452 -12.02 -13.68 7.35
N VAL H 453 -13.28 -13.75 7.81
CA VAL H 453 -14.30 -14.72 7.31
C VAL H 453 -14.56 -14.43 5.83
N LEU H 454 -14.75 -13.16 5.48
N LEU H 454 -14.75 -13.16 5.48
CA LEU H 454 -15.05 -12.67 4.11
CA LEU H 454 -15.05 -12.68 4.11
C LEU H 454 -13.89 -13.01 3.18
C LEU H 454 -13.89 -13.01 3.18
N LEU H 455 -12.66 -12.65 3.56
CA LEU H 455 -11.42 -12.92 2.79
C LEU H 455 -11.30 -14.43 2.49
N GLN H 456 -11.67 -15.26 3.47
CA GLN H 456 -11.60 -16.75 3.35
C GLN H 456 -12.63 -17.21 2.32
N LEU H 457 -13.80 -16.57 2.30
CA LEU H 457 -14.86 -16.81 1.28
C LEU H 457 -14.27 -16.52 -0.11
N VAL H 458 -13.57 -15.38 -0.28
CA VAL H 458 -12.89 -15.03 -1.56
C VAL H 458 -11.92 -16.14 -1.94
N ARG H 459 -11.07 -16.55 -0.99
CA ARG H 459 -10.06 -17.62 -1.19
C ARG H 459 -10.74 -18.91 -1.66
N ASP H 460 -11.83 -19.28 -0.98
CA ASP H 460 -12.56 -20.56 -1.21
C ASP H 460 -13.17 -20.55 -2.62
N GLU H 461 -13.77 -19.43 -3.03
CA GLU H 461 -14.46 -19.30 -4.34
C GLU H 461 -13.43 -19.26 -5.47
N LEU H 462 -12.28 -18.60 -5.28
CA LEU H 462 -11.15 -18.60 -6.24
C LEU H 462 -10.65 -20.03 -6.43
N THR H 463 -10.51 -20.78 -5.33
CA THR H 463 -10.00 -22.17 -5.34
C THR H 463 -10.95 -23.06 -6.15
N GLU H 464 -12.27 -22.87 -5.98
N GLU H 464 -12.27 -22.87 -5.98
CA GLU H 464 -13.32 -23.62 -6.72
CA GLU H 464 -13.32 -23.62 -6.72
C GLU H 464 -13.16 -23.36 -8.22
C GLU H 464 -13.16 -23.36 -8.22
N ILE H 465 -12.91 -22.10 -8.59
CA ILE H 465 -12.72 -21.68 -10.02
C ILE H 465 -11.42 -22.31 -10.54
N ARG H 466 -10.36 -22.30 -9.74
CA ARG H 466 -9.06 -22.86 -10.15
C ARG H 466 -9.21 -24.35 -10.42
N ASP H 467 -10.02 -25.04 -9.61
CA ASP H 467 -10.17 -26.52 -9.69
C ASP H 467 -11.03 -26.86 -10.91
N ARG H 468 -11.97 -26.00 -11.29
CA ARG H 468 -12.91 -26.24 -12.42
C ARG H 468 -12.29 -25.81 -13.77
N PHE H 469 -11.46 -24.76 -13.79
CA PHE H 469 -11.02 -24.08 -15.03
C PHE H 469 -9.50 -24.03 -15.19
N GLY H 470 -8.74 -24.17 -14.10
CA GLY H 470 -7.28 -24.37 -14.17
C GLY H 470 -6.89 -25.39 -15.22
N ASP H 471 -5.75 -25.23 -15.90
CA ASP H 471 -5.31 -26.15 -16.97
C ASP H 471 -3.78 -26.14 -17.04
N ASP H 472 -3.21 -27.09 -17.79
CA ASP H 472 -1.73 -27.28 -17.86
C ASP H 472 -1.10 -26.08 -18.58
N ARG H 473 0.11 -25.72 -18.18
CA ARG H 473 0.98 -24.76 -18.92
C ARG H 473 1.15 -25.28 -20.34
N ARG H 474 1.28 -24.39 -21.32
CA ARG H 474 1.55 -24.75 -22.75
C ARG H 474 2.94 -24.24 -23.15
N THR H 475 3.29 -23.03 -22.74
CA THR H 475 4.56 -22.39 -23.14
C THR H 475 5.67 -22.88 -22.19
N GLU H 476 6.66 -23.58 -22.72
CA GLU H 476 7.87 -24.01 -21.97
C GLU H 476 8.78 -22.80 -21.77
N ILE H 477 9.21 -22.55 -20.53
CA ILE H 477 10.21 -21.50 -20.20
C ILE H 477 11.57 -22.17 -20.00
N GLN H 478 12.49 -22.04 -20.95
CA GLN H 478 13.85 -22.66 -20.94
C GLN H 478 14.87 -21.76 -20.24
N LEU H 479 15.48 -22.16 -19.13
CA LEU H 479 16.68 -21.45 -18.55
C LEU H 479 17.89 -21.67 -19.47
N GLY H 480 18.77 -20.67 -19.57
CA GLY H 480 19.96 -20.71 -20.45
C GLY H 480 19.80 -19.84 -21.70
N LYS I 1 -6.11 -15.93 -55.18
CA LYS I 1 -7.29 -16.52 -54.46
C LYS I 1 -7.13 -18.05 -54.33
N LEU I 2 -6.27 -18.69 -55.15
CA LEU I 2 -6.11 -20.17 -55.21
C LEU I 2 -5.21 -20.64 -54.05
N ALA I 3 -5.67 -21.60 -53.25
CA ALA I 3 -4.84 -22.31 -52.24
C ALA I 3 -4.50 -23.70 -52.79
N ASP I 4 -3.37 -23.82 -53.50
CA ASP I 4 -3.00 -25.04 -54.27
C ASP I 4 -2.52 -26.11 -53.28
N CYS I 5 -2.56 -27.39 -53.70
CA CYS I 5 -2.04 -28.57 -52.94
C CYS I 5 -0.55 -28.76 -53.27
N SER I 6 0.17 -29.49 -52.41
CA SER I 6 1.64 -29.75 -52.49
C SER I 6 1.98 -30.65 -53.68
N SER I 7 1.26 -31.78 -53.84
CA SER I 7 1.44 -32.76 -54.94
C SER I 7 1.30 -32.05 -56.29
N LYS I 8 2.20 -32.35 -57.24
CA LYS I 8 2.12 -31.87 -58.65
C LYS I 8 1.79 -33.06 -59.56
N SER I 9 1.15 -34.11 -59.03
CA SER I 9 0.66 -35.31 -59.79
C SER I 9 -0.85 -35.20 -60.02
N PRO I 10 -1.31 -34.59 -61.13
CA PRO I 10 -2.73 -34.41 -61.40
C PRO I 10 -3.67 -35.60 -61.16
N GLU I 11 -3.18 -36.83 -61.36
N GLU I 11 -3.18 -36.83 -61.36
CA GLU I 11 -4.01 -38.07 -61.28
CA GLU I 11 -4.02 -38.07 -61.28
C GLU I 11 -4.59 -38.23 -59.87
C GLU I 11 -4.59 -38.23 -59.86
N GLU I 12 -3.92 -37.69 -58.84
CA GLU I 12 -4.31 -37.84 -57.40
C GLU I 12 -4.68 -36.49 -56.76
N CYS I 13 -4.64 -35.41 -57.54
CA CYS I 13 -4.99 -34.04 -57.07
C CYS I 13 -6.47 -33.75 -57.38
N GLU I 14 -7.09 -32.90 -56.56
CA GLU I 14 -8.49 -32.42 -56.73
C GLU I 14 -8.57 -30.95 -56.32
N ILE I 15 -9.37 -30.15 -57.05
CA ILE I 15 -9.63 -28.71 -56.78
C ILE I 15 -11.10 -28.53 -56.39
N PHE I 16 -11.36 -27.79 -55.30
CA PHE I 16 -12.72 -27.50 -54.77
C PHE I 16 -13.06 -26.04 -55.09
N LEU I 17 -14.15 -25.83 -55.84
CA LEU I 17 -14.72 -24.51 -56.18
C LEU I 17 -15.82 -24.15 -55.17
N VAL I 18 -15.66 -23.04 -54.45
CA VAL I 18 -16.53 -22.63 -53.29
C VAL I 18 -16.99 -21.19 -53.53
N GLU I 19 -18.08 -20.76 -52.86
N GLU I 19 -18.08 -20.76 -52.85
CA GLU I 19 -18.87 -19.54 -53.20
CA GLU I 19 -18.87 -19.54 -53.21
C GLU I 19 -18.12 -18.27 -52.83
C GLU I 19 -18.12 -18.27 -52.83
N GLY I 20 -17.35 -18.27 -51.73
CA GLY I 20 -16.61 -17.08 -51.28
C GLY I 20 -15.53 -17.42 -50.28
N ASP I 21 -14.87 -16.38 -49.72
CA ASP I 21 -13.83 -16.53 -48.66
C ASP I 21 -14.45 -17.10 -47.38
N SER I 22 -15.74 -16.90 -47.16
CA SER I 22 -16.53 -17.53 -46.08
C SER I 22 -16.25 -19.03 -46.08
N ALA I 23 -16.64 -19.71 -47.17
CA ALA I 23 -16.47 -21.16 -47.37
C ALA I 23 -14.99 -21.46 -47.61
N GLY I 24 -14.30 -20.60 -48.38
CA GLY I 24 -12.85 -20.71 -48.64
C GLY I 24 -12.06 -21.05 -47.39
N GLY I 25 -12.20 -20.28 -46.32
CA GLY I 25 -11.43 -20.41 -45.06
C GLY I 25 -11.73 -21.71 -44.34
N SER I 26 -13.02 -22.02 -44.17
CA SER I 26 -13.53 -23.25 -43.51
C SER I 26 -12.95 -24.49 -44.23
N THR I 27 -12.94 -24.42 -45.56
CA THR I 27 -12.47 -25.48 -46.48
C THR I 27 -10.94 -25.62 -46.36
N LYS I 28 -10.19 -24.52 -46.42
CA LYS I 28 -8.71 -24.50 -46.36
C LYS I 28 -8.24 -25.15 -45.04
N SER I 29 -8.99 -24.99 -43.95
CA SER I 29 -8.71 -25.62 -42.64
C SER I 29 -8.98 -27.13 -42.69
N GLY I 30 -10.14 -27.50 -43.27
CA GLY I 30 -10.64 -28.89 -43.29
C GLY I 30 -9.79 -29.80 -44.19
N ARG I 31 -9.26 -29.25 -45.28
CA ARG I 31 -8.72 -30.01 -46.45
C ARG I 31 -7.45 -30.78 -46.07
N ASP I 32 -7.13 -31.81 -46.86
CA ASP I 32 -5.79 -32.46 -46.94
C ASP I 32 -4.96 -31.66 -47.95
N SER I 33 -4.14 -30.71 -47.48
CA SER I 33 -3.41 -29.73 -48.34
C SER I 33 -2.34 -30.44 -49.18
N ARG I 34 -2.15 -31.76 -49.01
CA ARG I 34 -1.25 -32.58 -49.87
C ARG I 34 -1.88 -32.77 -51.27
N THR I 35 -3.19 -33.00 -51.35
CA THR I 35 -3.91 -33.40 -52.60
C THR I 35 -5.14 -32.55 -52.93
N GLN I 36 -5.56 -31.64 -52.04
CA GLN I 36 -6.83 -30.88 -52.19
C GLN I 36 -6.54 -29.39 -52.32
N ALA I 37 -6.77 -28.81 -53.49
CA ALA I 37 -6.65 -27.36 -53.75
C ALA I 37 -8.02 -26.71 -53.56
N ILE I 38 -8.04 -25.39 -53.35
CA ILE I 38 -9.31 -24.61 -53.16
C ILE I 38 -9.24 -23.31 -53.98
N LEU I 39 -10.24 -23.10 -54.82
CA LEU I 39 -10.44 -21.83 -55.58
C LEU I 39 -11.75 -21.21 -55.15
N PRO I 40 -11.73 -20.20 -54.24
CA PRO I 40 -12.93 -19.50 -53.83
C PRO I 40 -13.27 -18.52 -54.95
N LEU I 41 -14.50 -18.58 -55.45
CA LEU I 41 -15.09 -17.63 -56.44
C LEU I 41 -15.64 -16.40 -55.70
N ARG I 42 -16.20 -15.45 -56.43
CA ARG I 42 -16.72 -14.17 -55.88
C ARG I 42 -18.20 -14.05 -56.24
N GLY I 43 -19.01 -14.95 -55.69
CA GLY I 43 -20.48 -14.95 -55.83
C GLY I 43 -20.89 -15.42 -57.20
N LYS I 44 -22.07 -14.96 -57.67
CA LYS I 44 -22.63 -15.29 -59.00
C LYS I 44 -21.51 -15.08 -60.04
N ILE I 45 -21.29 -16.08 -60.89
CA ILE I 45 -20.28 -16.01 -61.97
C ILE I 45 -21.04 -15.63 -63.25
N LEU I 46 -20.34 -15.12 -64.26
CA LEU I 46 -20.89 -14.67 -65.56
C LEU I 46 -21.65 -15.84 -66.22
N ASN I 47 -22.86 -15.59 -66.70
CA ASN I 47 -23.63 -16.57 -67.53
C ASN I 47 -23.06 -16.51 -68.95
N VAL I 48 -22.17 -17.44 -69.30
CA VAL I 48 -21.41 -17.46 -70.60
C VAL I 48 -22.36 -17.70 -71.78
N GLU I 49 -23.51 -18.31 -71.55
CA GLU I 49 -24.57 -18.58 -72.56
C GLU I 49 -25.19 -17.26 -73.05
N LYS I 50 -25.29 -16.25 -72.18
CA LYS I 50 -25.88 -14.90 -72.47
C LYS I 50 -24.79 -13.89 -72.82
N ALA I 51 -23.61 -14.01 -72.23
CA ALA I 51 -22.53 -12.99 -72.31
C ALA I 51 -21.82 -13.12 -73.65
N ARG I 52 -21.28 -11.99 -74.14
CA ARG I 52 -20.42 -11.90 -75.36
C ARG I 52 -19.00 -12.41 -75.02
N LEU I 53 -18.29 -12.94 -76.00
CA LEU I 53 -16.97 -13.65 -75.82
C LEU I 53 -15.93 -12.66 -75.27
N ASP I 54 -15.94 -11.40 -75.74
CA ASP I 54 -15.06 -10.31 -75.23
C ASP I 54 -15.10 -10.27 -73.70
N ARG I 55 -16.32 -10.16 -73.14
CA ARG I 55 -16.60 -10.02 -71.68
C ARG I 55 -16.12 -11.28 -70.94
N ILE I 56 -16.39 -12.47 -71.51
CA ILE I 56 -16.07 -13.80 -70.91
C ILE I 56 -14.55 -13.89 -70.68
N LEU I 57 -13.74 -13.58 -71.70
CA LEU I 57 -12.27 -13.73 -71.65
C LEU I 57 -11.65 -12.66 -70.74
N ASN I 58 -12.34 -11.51 -70.55
CA ASN I 58 -11.88 -10.39 -69.69
C ASN I 58 -12.32 -10.60 -68.24
N ASN I 59 -13.32 -11.45 -67.99
CA ASN I 59 -13.87 -11.76 -66.63
C ASN I 59 -12.74 -12.36 -65.78
N ASN I 60 -12.57 -11.85 -64.55
CA ASN I 60 -11.46 -12.20 -63.63
C ASN I 60 -11.71 -13.61 -63.02
N GLU I 61 -12.95 -13.96 -62.69
CA GLU I 61 -13.32 -15.30 -62.13
C GLU I 61 -13.17 -16.40 -63.19
N ILE I 62 -13.57 -16.13 -64.43
CA ILE I 62 -13.40 -17.06 -65.59
C ILE I 62 -11.90 -17.27 -65.82
N ARG I 63 -11.11 -16.19 -65.81
CA ARG I 63 -9.65 -16.23 -66.02
C ARG I 63 -8.98 -17.12 -64.94
N GLN I 64 -9.33 -16.93 -63.66
N GLN I 64 -9.33 -16.93 -63.67
CA GLN I 64 -8.70 -17.66 -62.53
CA GLN I 64 -8.69 -17.66 -62.54
C GLN I 64 -8.95 -19.16 -62.69
C GLN I 64 -8.95 -19.16 -62.69
N MET I 65 -10.13 -19.55 -63.16
CA MET I 65 -10.51 -20.98 -63.31
C MET I 65 -9.71 -21.60 -64.46
N ILE I 66 -9.61 -20.92 -65.59
CA ILE I 66 -8.79 -21.33 -66.77
C ILE I 66 -7.34 -21.52 -66.30
N THR I 67 -6.78 -20.56 -65.56
CA THR I 67 -5.38 -20.56 -65.09
C THR I 67 -5.16 -21.78 -64.17
N ALA I 68 -6.10 -22.02 -63.26
CA ALA I 68 -6.03 -23.07 -62.21
C ALA I 68 -5.99 -24.46 -62.87
N PHE I 69 -6.84 -24.69 -63.86
CA PHE I 69 -6.98 -26.00 -64.58
C PHE I 69 -5.80 -26.17 -65.54
N GLY I 70 -5.33 -25.08 -66.15
CA GLY I 70 -4.19 -25.03 -67.09
C GLY I 70 -4.43 -25.81 -68.38
N THR I 71 -5.68 -25.94 -68.82
CA THR I 71 -6.08 -26.69 -70.03
C THR I 71 -6.32 -25.76 -71.23
N GLY I 72 -6.54 -24.46 -70.99
CA GLY I 72 -7.04 -23.52 -72.01
C GLY I 72 -8.48 -23.84 -72.40
N ILE I 73 -9.02 -23.17 -73.42
CA ILE I 73 -10.49 -23.20 -73.72
C ILE I 73 -10.73 -23.45 -75.21
N GLY I 74 -11.90 -24.03 -75.53
CA GLY I 74 -12.41 -24.23 -76.90
C GLY I 74 -11.55 -25.18 -77.71
N GLY I 75 -11.00 -24.71 -78.83
CA GLY I 75 -10.11 -25.45 -79.74
C GLY I 75 -8.78 -25.79 -79.07
N ASP I 76 -8.17 -24.82 -78.36
CA ASP I 76 -6.86 -24.98 -77.67
C ASP I 76 -6.98 -25.82 -76.39
N PHE I 77 -8.18 -26.26 -76.01
CA PHE I 77 -8.39 -27.13 -74.82
C PHE I 77 -7.56 -28.40 -75.00
N ASP I 78 -6.75 -28.74 -73.99
CA ASP I 78 -5.85 -29.93 -73.96
C ASP I 78 -6.05 -30.68 -72.63
N LEU I 79 -6.74 -31.84 -72.68
CA LEU I 79 -7.13 -32.63 -71.48
C LEU I 79 -5.89 -33.11 -70.71
N ALA I 80 -4.76 -33.32 -71.39
CA ALA I 80 -3.52 -33.88 -70.81
C ALA I 80 -2.77 -32.82 -69.98
N LYS I 81 -3.00 -31.53 -70.25
CA LYS I 81 -2.35 -30.40 -69.52
C LYS I 81 -3.16 -30.07 -68.25
N ALA I 82 -4.25 -30.81 -67.98
CA ALA I 82 -5.10 -30.67 -66.77
C ALA I 82 -4.24 -30.87 -65.51
N ARG I 83 -4.39 -29.97 -64.53
CA ARG I 83 -3.57 -29.92 -63.30
C ARG I 83 -4.28 -30.64 -62.13
N TYR I 84 -5.57 -31.00 -62.32
CA TYR I 84 -6.41 -31.80 -61.39
C TYR I 84 -7.24 -32.78 -62.23
N HIS I 85 -7.48 -34.00 -61.74
CA HIS I 85 -8.32 -35.03 -62.41
C HIS I 85 -9.69 -35.10 -61.71
N LYS I 86 -9.90 -34.24 -60.72
CA LYS I 86 -11.20 -34.01 -60.03
C LYS I 86 -11.38 -32.50 -59.80
N ILE I 87 -12.25 -31.87 -60.58
CA ILE I 87 -12.77 -30.49 -60.35
C ILE I 87 -14.12 -30.64 -59.62
N VAL I 88 -14.15 -30.31 -58.33
CA VAL I 88 -15.34 -30.51 -57.44
C VAL I 88 -16.06 -29.16 -57.26
N ILE I 89 -17.31 -29.07 -57.73
CA ILE I 89 -18.24 -27.93 -57.50
C ILE I 89 -18.86 -28.16 -56.12
N MET I 90 -18.52 -27.29 -55.16
CA MET I 90 -19.00 -27.40 -53.75
C MET I 90 -19.75 -26.11 -53.40
N THR I 91 -20.96 -25.96 -53.94
CA THR I 91 -21.87 -24.83 -53.67
C THR I 91 -22.74 -25.18 -52.46
N ASP I 92 -23.27 -24.15 -51.80
CA ASP I 92 -24.07 -24.25 -50.56
C ASP I 92 -25.34 -25.06 -50.87
N ALA I 93 -26.01 -25.54 -49.83
CA ALA I 93 -27.18 -26.47 -49.92
C ALA I 93 -28.49 -25.68 -50.13
N ASP I 94 -28.41 -24.46 -50.64
CA ASP I 94 -29.53 -23.49 -50.77
C ASP I 94 -29.87 -23.30 -52.26
N VAL I 95 -30.70 -22.31 -52.58
CA VAL I 95 -31.22 -22.07 -53.95
C VAL I 95 -30.16 -21.30 -54.76
N ASP I 96 -29.41 -20.39 -54.12
CA ASP I 96 -28.36 -19.57 -54.81
C ASP I 96 -27.13 -20.45 -55.05
N GLY I 97 -26.97 -21.51 -54.26
CA GLY I 97 -26.02 -22.62 -54.52
C GLY I 97 -26.37 -23.30 -55.84
N ALA I 98 -27.63 -23.70 -56.01
CA ALA I 98 -28.13 -24.37 -57.24
C ALA I 98 -27.87 -23.47 -58.45
N HIS I 99 -28.08 -22.16 -58.33
CA HIS I 99 -27.86 -21.20 -59.44
C HIS I 99 -26.37 -21.17 -59.82
N ILE I 100 -25.45 -21.03 -58.85
CA ILE I 100 -23.98 -20.96 -59.11
C ILE I 100 -23.54 -22.30 -59.70
N ARG I 101 -24.18 -23.40 -59.32
CA ARG I 101 -23.95 -24.76 -59.87
C ARG I 101 -24.33 -24.76 -61.37
N THR I 102 -25.53 -24.29 -61.74
CA THR I 102 -25.96 -24.22 -63.17
C THR I 102 -25.04 -23.29 -63.97
N LEU I 103 -24.49 -22.24 -63.34
CA LEU I 103 -23.69 -21.20 -64.05
C LEU I 103 -22.31 -21.78 -64.38
N LEU I 104 -21.74 -22.56 -63.45
CA LEU I 104 -20.40 -23.21 -63.60
C LEU I 104 -20.51 -24.32 -64.65
N LEU I 105 -21.55 -25.16 -64.52
CA LEU I 105 -21.82 -26.29 -65.48
C LEU I 105 -21.96 -25.72 -66.90
N THR I 106 -22.59 -24.56 -67.05
CA THR I 106 -22.79 -23.88 -68.35
C THR I 106 -21.41 -23.49 -68.91
N PHE I 107 -20.52 -22.98 -68.06
CA PHE I 107 -19.14 -22.58 -68.46
C PHE I 107 -18.36 -23.84 -68.89
N PHE I 108 -18.37 -24.88 -68.06
CA PHE I 108 -17.63 -26.15 -68.33
C PHE I 108 -18.13 -26.76 -69.65
N TYR I 109 -19.46 -26.79 -69.87
CA TYR I 109 -20.06 -27.48 -71.04
C TYR I 109 -19.76 -26.70 -72.33
N ARG I 110 -19.65 -25.37 -72.29
CA ARG I 110 -19.50 -24.54 -73.50
C ARG I 110 -18.01 -24.35 -73.83
N PHE I 111 -17.11 -24.38 -72.84
CA PHE I 111 -15.70 -23.98 -73.02
C PHE I 111 -14.70 -25.11 -72.71
N MET I 112 -15.13 -26.14 -71.98
CA MET I 112 -14.24 -27.26 -71.55
C MET I 112 -15.04 -28.57 -71.54
N ARG I 113 -15.78 -28.84 -72.62
CA ARG I 113 -16.69 -30.02 -72.70
C ARG I 113 -15.91 -31.31 -72.46
N PRO I 114 -14.68 -31.50 -73.04
CA PRO I 114 -13.93 -32.74 -72.86
C PRO I 114 -13.56 -33.08 -71.40
N LEU I 115 -13.45 -32.07 -70.54
CA LEU I 115 -13.27 -32.21 -69.07
C LEU I 115 -14.45 -32.99 -68.47
N ILE I 116 -15.68 -32.68 -68.90
CA ILE I 116 -16.92 -33.37 -68.44
C ILE I 116 -16.94 -34.80 -69.00
N GLU I 117 -16.62 -34.95 -70.29
CA GLU I 117 -16.54 -36.24 -71.03
C GLU I 117 -15.57 -37.17 -70.28
N ALA I 118 -14.37 -36.68 -69.96
CA ALA I 118 -13.31 -37.44 -69.23
C ALA I 118 -13.73 -37.81 -67.81
N GLY I 119 -14.85 -37.26 -67.30
CA GLY I 119 -15.41 -37.55 -65.97
C GLY I 119 -14.64 -36.86 -64.85
N TYR I 120 -14.04 -35.69 -65.14
CA TYR I 120 -13.19 -34.92 -64.21
C TYR I 120 -14.04 -33.95 -63.39
N VAL I 121 -15.28 -33.68 -63.81
CA VAL I 121 -16.20 -32.74 -63.11
C VAL I 121 -17.08 -33.56 -62.16
N TYR I 122 -17.05 -33.16 -60.88
CA TYR I 122 -17.84 -33.75 -59.76
C TYR I 122 -18.63 -32.66 -59.03
N ILE I 123 -19.62 -33.09 -58.23
CA ILE I 123 -20.55 -32.23 -57.45
C ILE I 123 -20.58 -32.75 -56.01
N ALA I 124 -19.91 -32.05 -55.08
CA ALA I 124 -19.92 -32.36 -53.62
C ALA I 124 -21.36 -32.26 -53.11
N GLN I 125 -21.67 -32.91 -51.99
CA GLN I 125 -23.03 -32.96 -51.41
C GLN I 125 -22.98 -32.64 -49.92
N PRO I 126 -22.84 -31.35 -49.54
CA PRO I 126 -22.79 -30.99 -48.12
C PRO I 126 -24.10 -31.33 -47.43
N PRO I 127 -24.08 -31.70 -46.13
CA PRO I 127 -25.31 -32.00 -45.40
C PRO I 127 -26.17 -30.73 -45.29
N THR I 128 -27.48 -30.94 -45.41
CA THR I 128 -28.53 -29.92 -45.67
C THR I 128 -28.86 -29.14 -44.39
N GLY I 129 -29.13 -27.84 -44.51
CA GLY I 129 -29.76 -27.04 -43.43
C GLY I 129 -28.89 -25.89 -42.94
N TYR I 130 -27.55 -26.06 -43.00
CA TYR I 130 -26.58 -25.04 -42.63
C TYR I 130 -26.64 -23.83 -43.57
N LYS I 131 -26.46 -22.60 -43.05
CA LYS I 131 -26.67 -21.30 -43.78
C LYS I 131 -25.84 -21.28 -45.07
N GLY I 132 -24.54 -21.55 -44.96
CA GLY I 132 -23.66 -21.92 -46.08
C GLY I 132 -22.69 -23.02 -45.68
N LEU I 133 -21.54 -23.09 -46.36
CA LEU I 133 -20.35 -23.81 -45.80
C LEU I 133 -19.49 -22.82 -44.99
N GLY I 134 -19.76 -21.52 -45.12
CA GLY I 134 -19.20 -20.45 -44.27
C GLY I 134 -19.69 -20.53 -42.84
N GLU I 135 -20.79 -21.29 -42.62
CA GLU I 135 -21.49 -21.50 -41.31
C GLU I 135 -21.13 -22.87 -40.73
N MET I 136 -20.51 -23.78 -41.50
CA MET I 136 -20.05 -25.10 -40.99
C MET I 136 -18.66 -24.92 -40.38
N ASN I 137 -18.31 -25.78 -39.41
CA ASN I 137 -16.93 -25.85 -38.85
C ASN I 137 -16.09 -26.77 -39.76
N ALA I 138 -14.78 -26.58 -39.80
CA ALA I 138 -13.83 -27.28 -40.70
C ALA I 138 -13.80 -28.80 -40.39
N ASP I 139 -13.84 -29.19 -39.11
CA ASP I 139 -13.79 -30.62 -38.68
C ASP I 139 -14.93 -31.40 -39.34
N GLN I 140 -16.13 -30.81 -39.34
CA GLN I 140 -17.41 -31.44 -39.78
C GLN I 140 -17.48 -31.39 -41.31
N LEU I 141 -16.98 -30.31 -41.91
CA LEU I 141 -16.92 -30.07 -43.38
C LEU I 141 -16.00 -31.10 -44.03
N TRP I 142 -14.89 -31.45 -43.38
CA TRP I 142 -13.94 -32.49 -43.83
C TRP I 142 -14.64 -33.86 -43.83
N GLU I 143 -15.25 -34.24 -42.71
CA GLU I 143 -15.72 -35.62 -42.44
C GLU I 143 -16.89 -35.98 -43.35
N THR I 144 -17.77 -35.02 -43.65
CA THR I 144 -19.02 -35.23 -44.44
C THR I 144 -18.76 -35.10 -45.95
N THR I 145 -17.88 -34.18 -46.37
CA THR I 145 -17.89 -33.62 -47.75
C THR I 145 -16.55 -33.77 -48.48
N MET I 146 -15.41 -33.75 -47.78
CA MET I 146 -14.05 -33.65 -48.39
C MET I 146 -13.21 -34.92 -48.14
N ASN I 147 -13.53 -35.73 -47.13
CA ASN I 147 -12.74 -36.93 -46.74
C ASN I 147 -13.04 -38.06 -47.73
N PRO I 148 -12.06 -38.52 -48.54
CA PRO I 148 -12.32 -39.60 -49.52
C PRO I 148 -12.80 -40.90 -48.88
N GLU I 149 -12.67 -41.05 -47.56
CA GLU I 149 -13.08 -42.26 -46.81
C GLU I 149 -14.61 -42.26 -46.61
N HIS I 150 -15.25 -41.11 -46.41
CA HIS I 150 -16.70 -41.02 -46.05
C HIS I 150 -17.51 -40.12 -47.00
N ARG I 151 -16.88 -39.31 -47.87
CA ARG I 151 -17.58 -38.29 -48.69
C ARG I 151 -18.39 -38.99 -49.79
N ALA I 152 -19.36 -38.28 -50.38
CA ALA I 152 -20.27 -38.76 -51.44
C ALA I 152 -20.29 -37.74 -52.59
N LEU I 153 -19.30 -37.80 -53.48
CA LEU I 153 -19.27 -36.97 -54.72
C LEU I 153 -20.21 -37.57 -55.75
N LEU I 154 -20.83 -36.73 -56.58
CA LEU I 154 -21.56 -37.13 -57.80
C LEU I 154 -20.66 -36.81 -58.99
N GLN I 155 -20.33 -37.79 -59.81
CA GLN I 155 -19.56 -37.59 -61.06
C GLN I 155 -20.53 -37.13 -62.16
N VAL I 156 -20.28 -35.98 -62.78
CA VAL I 156 -21.14 -35.45 -63.88
C VAL I 156 -20.84 -36.26 -65.14
N LYS I 157 -21.86 -37.00 -65.63
CA LYS I 157 -21.83 -37.81 -66.88
C LYS I 157 -22.67 -37.10 -67.95
N LEU I 158 -22.08 -36.86 -69.13
CA LEU I 158 -22.79 -36.35 -70.34
C LEU I 158 -23.26 -37.54 -71.18
N GLU I 159 -24.57 -37.82 -71.24
CA GLU I 159 -25.14 -38.95 -72.03
C GLU I 159 -25.46 -38.48 -73.45
N ASP I 160 -26.43 -37.59 -73.63
CA ASP I 160 -26.93 -37.12 -74.95
C ASP I 160 -26.47 -35.67 -75.18
N ALA I 161 -25.51 -35.45 -76.09
CA ALA I 161 -24.93 -34.12 -76.40
C ALA I 161 -25.96 -33.21 -77.08
N ILE I 162 -26.86 -33.76 -77.91
CA ILE I 162 -27.95 -32.99 -78.58
C ILE I 162 -28.92 -32.47 -77.52
N GLU I 163 -29.35 -33.34 -76.59
CA GLU I 163 -30.32 -33.00 -75.51
C GLU I 163 -29.68 -31.99 -74.55
N ALA I 164 -28.38 -32.13 -74.30
CA ALA I 164 -27.60 -31.20 -73.44
C ALA I 164 -27.56 -29.80 -74.08
N ASP I 165 -27.24 -29.70 -75.38
CA ASP I 165 -27.17 -28.43 -76.14
C ASP I 165 -28.51 -27.69 -76.05
N GLN I 166 -29.63 -28.42 -76.11
CA GLN I 166 -30.99 -27.83 -76.08
C GLN I 166 -31.28 -27.33 -74.67
N THR I 167 -30.84 -28.08 -73.64
CA THR I 167 -31.15 -27.80 -72.21
C THR I 167 -30.40 -26.54 -71.75
N PHE I 168 -29.11 -26.41 -72.09
CA PHE I 168 -28.30 -25.21 -71.75
C PHE I 168 -28.87 -23.99 -72.47
N GLU I 169 -29.21 -24.12 -73.75
CA GLU I 169 -29.77 -23.01 -74.56
C GLU I 169 -31.12 -22.57 -73.99
N MET I 170 -31.92 -23.49 -73.47
CA MET I 170 -33.28 -23.20 -72.94
C MET I 170 -33.19 -22.53 -71.56
N LEU I 171 -32.42 -23.11 -70.63
CA LEU I 171 -32.30 -22.62 -69.23
C LEU I 171 -31.43 -21.37 -69.17
N MET I 172 -30.30 -21.34 -69.88
CA MET I 172 -29.24 -20.29 -69.70
C MET I 172 -29.19 -19.32 -70.88
N GLY I 173 -29.99 -19.53 -71.93
CA GLY I 173 -30.00 -18.70 -73.15
C GLY I 173 -30.77 -17.40 -72.96
N ASP I 174 -30.68 -16.49 -73.95
CA ASP I 174 -31.26 -15.12 -73.86
C ASP I 174 -32.78 -15.17 -74.10
N VAL I 175 -33.34 -16.26 -74.64
CA VAL I 175 -34.80 -16.37 -74.93
C VAL I 175 -35.57 -16.73 -73.65
N VAL I 176 -36.33 -15.76 -73.12
CA VAL I 176 -37.02 -15.85 -71.81
C VAL I 176 -38.21 -16.80 -71.90
N GLU I 177 -38.92 -16.84 -73.04
CA GLU I 177 -40.23 -17.53 -73.16
C GLU I 177 -40.02 -19.05 -72.99
N ASN I 178 -38.99 -19.63 -73.59
CA ASN I 178 -38.68 -21.10 -73.50
C ASN I 178 -38.39 -21.47 -72.04
N ARG I 179 -37.61 -20.63 -71.36
CA ARG I 179 -37.24 -20.76 -69.92
C ARG I 179 -38.52 -20.71 -69.06
N ARG I 180 -39.39 -19.74 -69.29
CA ARG I 180 -40.66 -19.54 -68.54
C ARG I 180 -41.57 -20.77 -68.75
N GLN I 181 -41.66 -21.23 -70.00
CA GLN I 181 -42.50 -22.40 -70.39
C GLN I 181 -42.04 -23.61 -69.58
N PHE I 182 -40.72 -23.86 -69.57
CA PHE I 182 -40.05 -24.97 -68.84
C PHE I 182 -40.47 -24.95 -67.37
N ILE I 183 -40.45 -23.76 -66.74
CA ILE I 183 -40.75 -23.57 -65.28
C ILE I 183 -42.22 -23.94 -65.03
N GLU I 184 -43.13 -23.36 -65.80
CA GLU I 184 -44.61 -23.62 -65.68
C GLU I 184 -44.86 -25.12 -65.82
N ASP I 185 -44.29 -25.73 -66.86
CA ASP I 185 -44.44 -27.18 -67.21
C ASP I 185 -43.98 -28.05 -66.02
N ASN I 186 -42.84 -27.72 -65.43
CA ASN I 186 -42.14 -28.56 -64.42
C ASN I 186 -42.42 -28.06 -62.99
N ALA I 187 -43.27 -27.05 -62.80
CA ALA I 187 -43.51 -26.46 -61.46
C ALA I 187 -44.03 -27.51 -60.48
N VAL I 188 -44.88 -28.45 -60.90
CA VAL I 188 -45.63 -29.40 -60.02
C VAL I 188 -44.77 -30.65 -59.83
N TYR I 189 -43.83 -30.87 -60.75
CA TYR I 189 -43.16 -32.17 -60.99
C TYR I 189 -41.83 -32.22 -60.24
N ASN J 9 -22.82 -41.78 -56.84
CA ASN J 9 -21.84 -42.26 -57.88
C ASN J 9 -21.80 -41.38 -59.13
N GLU J 10 -22.93 -41.01 -59.71
CA GLU J 10 -22.96 -40.46 -61.09
C GLU J 10 -24.22 -39.62 -61.30
N ARG J 11 -24.12 -38.58 -62.12
CA ARG J 11 -25.20 -37.57 -62.32
C ARG J 11 -25.21 -37.08 -63.76
N ASN J 12 -26.32 -37.27 -64.46
CA ASN J 12 -26.52 -36.80 -65.87
C ASN J 12 -26.51 -35.27 -65.86
N ILE J 13 -25.70 -34.64 -66.72
CA ILE J 13 -25.52 -33.16 -66.78
C ILE J 13 -26.87 -32.49 -67.10
N THR J 14 -27.67 -33.06 -68.00
CA THR J 14 -28.98 -32.52 -68.41
C THR J 14 -29.93 -32.55 -67.20
N SER J 15 -30.01 -33.67 -66.47
CA SER J 15 -30.87 -33.83 -65.27
C SER J 15 -30.48 -32.79 -64.21
N GLU J 16 -29.17 -32.63 -63.99
CA GLU J 16 -28.61 -31.71 -62.96
C GLU J 16 -29.00 -30.27 -63.30
N MET J 17 -28.75 -29.83 -64.53
CA MET J 17 -29.14 -28.48 -65.04
C MET J 17 -30.64 -28.26 -64.83
N ARG J 18 -31.48 -29.18 -65.31
CA ARG J 18 -32.94 -28.96 -65.35
C ARG J 18 -33.49 -28.83 -63.93
N GLU J 19 -33.03 -29.69 -63.00
N GLU J 19 -33.03 -29.69 -63.00
CA GLU J 19 -33.55 -29.75 -61.61
CA GLU J 19 -33.55 -29.75 -61.61
C GLU J 19 -32.94 -28.60 -60.79
C GLU J 19 -32.94 -28.60 -60.79
N SER J 20 -31.65 -28.29 -61.00
CA SER J 20 -30.92 -27.20 -60.30
C SER J 20 -31.53 -25.85 -60.67
N PHE J 21 -31.67 -25.58 -61.97
CA PHE J 21 -32.19 -24.29 -62.50
C PHE J 21 -33.65 -24.12 -62.07
N LEU J 22 -34.44 -25.19 -62.11
CA LEU J 22 -35.88 -25.15 -61.72
C LEU J 22 -35.98 -24.77 -60.24
N ASP J 23 -35.09 -25.32 -59.40
CA ASP J 23 -35.07 -25.08 -57.93
C ASP J 23 -34.86 -23.59 -57.68
N TYR J 24 -33.85 -23.02 -58.33
CA TYR J 24 -33.52 -21.57 -58.32
C TYR J 24 -34.71 -20.75 -58.84
N ALA J 25 -35.12 -20.99 -60.07
CA ALA J 25 -36.16 -20.21 -60.80
C ALA J 25 -37.45 -20.20 -59.97
N MET J 26 -37.90 -21.35 -59.50
CA MET J 26 -39.18 -21.49 -58.76
C MET J 26 -39.07 -20.66 -57.48
N SER J 27 -37.90 -20.70 -56.83
CA SER J 27 -37.63 -20.03 -55.53
C SER J 27 -37.64 -18.52 -55.70
N VAL J 28 -37.02 -18.01 -56.77
CA VAL J 28 -37.00 -16.56 -57.15
C VAL J 28 -38.42 -16.08 -57.43
N ILE J 29 -39.27 -16.93 -57.97
CA ILE J 29 -40.66 -16.55 -58.40
C ILE J 29 -41.59 -16.48 -57.17
N VAL J 30 -41.60 -17.49 -56.32
CA VAL J 30 -42.64 -17.67 -55.26
C VAL J 30 -42.15 -17.17 -53.90
N ALA J 31 -40.86 -16.80 -53.79
CA ALA J 31 -40.21 -16.51 -52.49
C ALA J 31 -39.02 -15.57 -52.68
N ARG J 32 -39.15 -14.53 -53.51
CA ARG J 32 -38.14 -13.44 -53.58
C ARG J 32 -38.67 -12.19 -54.28
N ALA J 33 -38.91 -12.26 -55.60
CA ALA J 33 -38.99 -11.10 -56.50
C ALA J 33 -40.44 -10.68 -56.78
N LEU J 34 -41.42 -11.58 -56.63
CA LEU J 34 -42.84 -11.29 -56.94
C LEU J 34 -43.62 -11.13 -55.64
N PRO J 35 -44.51 -10.11 -55.57
CA PRO J 35 -45.36 -9.90 -54.39
C PRO J 35 -46.59 -10.83 -54.38
N ASP J 36 -47.10 -11.14 -53.19
CA ASP J 36 -48.43 -11.79 -52.99
C ASP J 36 -49.52 -10.77 -53.34
N VAL J 37 -50.58 -11.22 -54.00
CA VAL J 37 -51.72 -10.38 -54.47
C VAL J 37 -52.51 -9.84 -53.26
N ARG J 38 -52.42 -10.52 -52.12
CA ARG J 38 -53.26 -10.21 -50.92
C ARG J 38 -52.72 -8.97 -50.19
N ASP J 39 -51.45 -8.98 -49.76
CA ASP J 39 -50.86 -7.87 -48.95
C ASP J 39 -49.86 -7.05 -49.78
N GLY J 40 -49.63 -7.43 -51.02
CA GLY J 40 -48.73 -6.68 -51.94
C GLY J 40 -47.26 -6.81 -51.59
N LEU J 41 -46.88 -7.73 -50.71
CA LEU J 41 -45.51 -7.78 -50.15
C LEU J 41 -44.69 -8.94 -50.74
N LYS J 42 -43.41 -8.68 -51.01
CA LYS J 42 -42.42 -9.76 -51.21
C LYS J 42 -42.02 -10.27 -49.83
N PRO J 43 -41.53 -11.53 -49.72
CA PRO J 43 -40.98 -12.04 -48.46
C PRO J 43 -40.16 -11.05 -47.62
N VAL J 44 -39.13 -10.42 -48.20
CA VAL J 44 -38.20 -9.55 -47.42
C VAL J 44 -38.99 -8.40 -46.78
N HIS J 45 -39.97 -7.82 -47.48
CA HIS J 45 -40.80 -6.70 -46.97
C HIS J 45 -41.66 -7.19 -45.81
N ARG J 46 -42.33 -8.33 -46.00
CA ARG J 46 -43.22 -8.95 -45.00
C ARG J 46 -42.42 -9.22 -43.71
N ARG J 47 -41.24 -9.81 -43.85
CA ARG J 47 -40.38 -10.20 -42.70
C ARG J 47 -39.92 -8.97 -41.92
N ILE J 48 -39.61 -7.88 -42.62
CA ILE J 48 -39.22 -6.59 -41.98
C ILE J 48 -40.41 -6.05 -41.16
N LEU J 49 -41.59 -5.93 -41.77
CA LEU J 49 -42.78 -5.32 -41.10
C LEU J 49 -43.19 -6.19 -39.90
N TYR J 50 -43.09 -7.52 -40.03
CA TYR J 50 -43.45 -8.48 -38.97
C TYR J 50 -42.43 -8.38 -37.84
N GLY J 51 -41.15 -8.22 -38.20
CA GLY J 51 -40.04 -8.00 -37.26
C GLY J 51 -40.22 -6.72 -36.46
N LEU J 52 -40.64 -5.63 -37.12
CA LEU J 52 -40.92 -4.35 -36.44
C LEU J 52 -41.99 -4.60 -35.38
N ASN J 53 -42.99 -5.41 -35.73
CA ASN J 53 -44.23 -5.62 -34.93
C ASN J 53 -43.91 -6.50 -33.73
N GLU J 54 -43.07 -7.52 -33.91
CA GLU J 54 -42.68 -8.49 -32.86
C GLU J 54 -41.82 -7.80 -31.81
N GLN J 55 -41.06 -6.76 -32.17
CA GLN J 55 -40.27 -5.95 -31.21
C GLN J 55 -41.03 -4.68 -30.86
N GLY J 56 -42.36 -4.67 -31.04
CA GLY J 56 -43.25 -3.50 -30.82
C GLY J 56 -42.59 -2.17 -31.11
N MET J 57 -41.91 -2.03 -32.26
CA MET J 57 -41.40 -0.74 -32.78
C MET J 57 -42.56 -0.05 -33.51
N THR J 58 -43.48 0.53 -32.75
CA THR J 58 -44.76 1.11 -33.21
C THR J 58 -44.57 2.63 -33.30
N PRO J 59 -45.49 3.37 -33.96
CA PRO J 59 -45.32 4.81 -34.16
C PRO J 59 -45.18 5.63 -32.86
N ASP J 60 -45.86 5.19 -31.79
CA ASP J 60 -45.91 5.85 -30.45
C ASP J 60 -44.56 5.68 -29.73
N LYS J 61 -43.95 4.50 -29.81
CA LYS J 61 -42.60 4.21 -29.24
C LYS J 61 -41.51 4.85 -30.12
N SER J 62 -40.30 5.02 -29.55
CA SER J 62 -39.21 5.82 -30.17
C SER J 62 -38.43 4.97 -31.17
N TYR J 63 -37.82 5.63 -32.16
CA TYR J 63 -37.04 5.01 -33.26
C TYR J 63 -35.96 4.11 -32.67
N LYS J 64 -35.80 2.92 -33.26
CA LYS J 64 -34.74 1.93 -32.89
C LYS J 64 -33.69 1.91 -34.02
N LYS J 65 -32.42 1.64 -33.67
N LYS J 65 -32.43 1.64 -33.68
CA LYS J 65 -31.29 1.59 -34.63
CA LYS J 65 -31.29 1.60 -34.63
C LYS J 65 -31.57 0.55 -35.72
C LYS J 65 -31.57 0.55 -35.71
N SER J 66 -31.25 0.87 -36.96
CA SER J 66 -31.51 0.01 -38.14
C SER J 66 -30.70 -1.30 -38.02
N ALA J 67 -29.45 -1.22 -37.58
CA ALA J 67 -28.58 -2.40 -37.39
C ALA J 67 -29.25 -3.40 -36.42
N ARG J 68 -29.98 -2.91 -35.41
CA ARG J 68 -30.73 -3.75 -34.44
C ARG J 68 -31.86 -4.48 -35.18
N ILE J 69 -32.58 -3.76 -36.05
CA ILE J 69 -33.77 -4.27 -36.79
C ILE J 69 -33.31 -5.31 -37.80
N VAL J 70 -32.29 -4.97 -38.59
CA VAL J 70 -31.77 -5.83 -39.69
C VAL J 70 -31.23 -7.14 -39.07
N GLY J 71 -30.51 -7.03 -37.94
CA GLY J 71 -29.96 -8.18 -37.21
C GLY J 71 -31.06 -9.13 -36.78
N ASP J 72 -32.12 -8.59 -36.17
CA ASP J 72 -33.29 -9.35 -35.65
C ASP J 72 -33.98 -10.06 -36.83
N VAL J 73 -34.20 -9.35 -37.94
CA VAL J 73 -34.94 -9.90 -39.13
C VAL J 73 -34.09 -11.02 -39.76
N MET J 74 -32.78 -10.78 -39.91
CA MET J 74 -31.81 -11.72 -40.52
C MET J 74 -31.69 -12.98 -39.66
N GLY J 75 -31.66 -12.81 -38.34
CA GLY J 75 -31.57 -13.91 -37.36
C GLY J 75 -32.76 -14.84 -37.41
N LYS J 76 -33.99 -14.29 -37.47
CA LYS J 76 -35.24 -15.00 -37.12
C LYS J 76 -36.04 -15.44 -38.35
N TYR J 77 -35.98 -14.69 -39.47
CA TYR J 77 -36.94 -14.84 -40.60
C TYR J 77 -36.26 -14.92 -41.97
N HIS J 78 -35.27 -14.04 -42.23
CA HIS J 78 -34.70 -13.76 -43.57
C HIS J 78 -33.22 -14.14 -43.61
N PRO J 79 -32.87 -15.41 -43.92
CA PRO J 79 -31.48 -15.86 -43.86
C PRO J 79 -30.70 -15.45 -45.11
N HIS J 80 -30.47 -14.14 -45.29
CA HIS J 80 -29.79 -13.55 -46.47
C HIS J 80 -28.99 -12.32 -46.04
N GLY J 81 -28.43 -11.59 -47.01
N GLY J 81 -28.43 -11.59 -47.01
CA GLY J 81 -27.50 -10.47 -46.78
CA GLY J 81 -27.49 -10.48 -46.78
C GLY J 81 -28.14 -9.35 -46.00
C GLY J 81 -28.14 -9.35 -46.00
N ASP J 82 -27.36 -8.68 -45.14
CA ASP J 82 -27.79 -7.44 -44.43
C ASP J 82 -28.14 -6.34 -45.46
N SER J 83 -27.37 -6.20 -46.54
CA SER J 83 -27.64 -5.18 -47.59
C SER J 83 -29.02 -5.42 -48.22
N SER J 84 -29.36 -6.68 -48.54
CA SER J 84 -30.66 -7.01 -49.19
C SER J 84 -31.80 -6.53 -48.30
N ILE J 85 -31.68 -6.75 -46.98
CA ILE J 85 -32.72 -6.40 -45.97
C ILE J 85 -32.75 -4.89 -45.78
N TYR J 86 -31.62 -4.26 -45.51
CA TYR J 86 -31.57 -2.82 -45.16
C TYR J 86 -32.10 -1.97 -46.33
N GLU J 87 -31.66 -2.26 -47.55
CA GLU J 87 -32.04 -1.45 -48.74
C GLU J 87 -33.55 -1.59 -48.98
N ALA J 88 -34.11 -2.77 -48.69
CA ALA J 88 -35.55 -3.04 -48.86
C ALA J 88 -36.34 -2.21 -47.83
N MET J 89 -35.79 -2.06 -46.63
CA MET J 89 -36.41 -1.27 -45.54
C MET J 89 -36.31 0.22 -45.89
N VAL J 90 -35.14 0.65 -46.38
CA VAL J 90 -34.89 2.06 -46.78
C VAL J 90 -35.98 2.50 -47.76
N ARG J 91 -36.20 1.74 -48.84
CA ARG J 91 -37.16 2.05 -49.94
C ARG J 91 -38.57 2.27 -49.35
N MET J 92 -38.98 1.42 -48.41
CA MET J 92 -40.31 1.48 -47.75
C MET J 92 -40.45 2.78 -46.94
N ALA J 93 -39.33 3.46 -46.69
CA ALA J 93 -39.27 4.67 -45.83
C ALA J 93 -39.15 5.93 -46.68
N GLN J 94 -38.95 5.79 -47.99
CA GLN J 94 -38.76 6.94 -48.92
C GLN J 94 -40.12 7.42 -49.42
N ASP J 95 -40.46 8.67 -49.15
CA ASP J 95 -41.80 9.22 -49.50
C ASP J 95 -41.87 9.47 -51.02
N PHE J 96 -40.73 9.38 -51.73
CA PHE J 96 -40.63 9.51 -53.21
C PHE J 96 -40.63 8.12 -53.89
N SER J 97 -40.56 7.04 -53.11
CA SER J 97 -40.58 5.65 -53.63
C SER J 97 -41.94 5.01 -53.35
N TYR J 98 -42.38 5.10 -52.09
CA TYR J 98 -43.65 4.54 -51.58
C TYR J 98 -44.71 5.66 -51.46
N ARG J 99 -45.84 5.45 -52.15
CA ARG J 99 -47.01 6.38 -52.15
C ARG J 99 -47.57 6.49 -50.72
N TYR J 100 -47.62 5.36 -50.03
CA TYR J 100 -47.96 5.28 -48.58
C TYR J 100 -46.81 4.56 -47.88
N PRO J 101 -45.78 5.31 -47.43
CA PRO J 101 -44.63 4.74 -46.73
C PRO J 101 -45.06 3.77 -45.62
N LEU J 102 -44.38 2.63 -45.51
CA LEU J 102 -44.65 1.58 -44.51
C LEU J 102 -43.62 1.65 -43.37
N VAL J 103 -42.56 2.44 -43.54
CA VAL J 103 -41.48 2.57 -42.52
C VAL J 103 -41.21 4.05 -42.29
N ASP J 104 -41.08 4.40 -41.01
CA ASP J 104 -40.80 5.79 -40.56
C ASP J 104 -39.32 5.83 -40.19
N GLY J 105 -38.51 6.50 -41.03
CA GLY J 105 -37.05 6.57 -40.92
C GLY J 105 -36.61 7.84 -40.22
N GLN J 106 -35.51 7.76 -39.47
CA GLN J 106 -34.81 8.92 -38.84
C GLN J 106 -33.39 8.94 -39.39
N GLY J 107 -33.06 9.95 -40.19
CA GLY J 107 -31.68 10.15 -40.73
C GLY J 107 -31.64 10.18 -42.24
N ASN J 108 -30.47 9.97 -42.83
CA ASN J 108 -30.24 9.99 -44.31
C ASN J 108 -30.76 8.67 -44.90
N PHE J 109 -32.02 8.66 -45.37
CA PHE J 109 -32.64 7.51 -46.11
C PHE J 109 -32.64 7.77 -47.62
N GLY J 110 -31.66 8.56 -48.08
CA GLY J 110 -31.46 8.87 -49.50
C GLY J 110 -32.31 10.05 -49.93
N SER J 111 -32.18 10.42 -51.18
CA SER J 111 -32.87 11.58 -51.84
C SER J 111 -33.30 11.14 -53.23
N MET J 112 -33.98 12.04 -53.95
N MET J 112 -33.98 12.04 -53.95
CA MET J 112 -34.42 11.83 -55.35
CA MET J 112 -34.43 11.84 -55.35
C MET J 112 -33.21 11.84 -56.30
C MET J 112 -33.21 11.84 -56.30
N ASP J 113 -32.06 12.32 -55.84
CA ASP J 113 -30.81 12.43 -56.65
C ASP J 113 -30.10 11.07 -56.71
N GLY J 114 -30.62 10.04 -56.05
CA GLY J 114 -30.15 8.66 -56.15
C GLY J 114 -28.95 8.40 -55.29
N ASP J 115 -28.55 9.33 -54.42
CA ASP J 115 -27.60 9.03 -53.32
C ASP J 115 -28.30 8.01 -52.42
N GLY J 116 -27.63 6.93 -52.07
CA GLY J 116 -28.16 5.91 -51.15
C GLY J 116 -28.45 6.45 -49.76
N ALA J 117 -29.15 5.66 -48.96
CA ALA J 117 -29.27 5.86 -47.50
C ALA J 117 -27.88 5.77 -46.86
N ALA J 118 -27.64 6.48 -45.77
CA ALA J 118 -26.47 6.23 -44.90
C ALA J 118 -26.50 4.75 -44.48
N ALA J 119 -25.34 4.20 -44.11
CA ALA J 119 -25.19 2.81 -43.61
C ALA J 119 -26.09 2.62 -42.38
N MET J 120 -26.45 1.36 -42.08
CA MET J 120 -27.48 1.03 -41.07
C MET J 120 -27.02 1.43 -39.65
N ARG J 121 -25.72 1.60 -39.44
CA ARG J 121 -25.18 2.08 -38.14
C ARG J 121 -25.70 3.49 -37.86
N TYR J 122 -25.94 4.27 -38.90
CA TYR J 122 -26.26 5.72 -38.83
C TYR J 122 -27.76 5.99 -38.66
N THR J 123 -28.64 5.10 -39.15
CA THR J 123 -30.09 5.41 -39.28
C THR J 123 -30.87 4.68 -38.19
N GLU J 124 -32.09 5.18 -37.90
CA GLU J 124 -33.06 4.55 -36.98
C GLU J 124 -34.41 4.47 -37.72
N ALA J 125 -35.33 3.63 -37.26
CA ALA J 125 -36.58 3.33 -38.01
C ALA J 125 -37.68 2.81 -37.08
N ARG J 126 -38.94 2.93 -37.50
CA ARG J 126 -40.14 2.31 -36.85
C ARG J 126 -41.28 2.16 -37.87
N MET J 127 -42.43 1.66 -37.43
CA MET J 127 -43.66 1.58 -38.26
C MET J 127 -44.20 3.00 -38.53
N THR J 128 -44.85 3.15 -39.68
CA THR J 128 -45.77 4.29 -39.99
C THR J 128 -47.14 3.92 -39.41
N LYS J 129 -48.00 4.92 -39.16
CA LYS J 129 -49.37 4.69 -38.61
C LYS J 129 -50.13 3.74 -39.55
N ILE J 130 -49.93 3.84 -40.86
CA ILE J 130 -50.68 3.01 -41.86
C ILE J 130 -50.17 1.56 -41.81
N THR J 131 -48.94 1.30 -41.37
CA THR J 131 -48.39 -0.07 -41.31
C THR J 131 -49.12 -0.85 -40.21
N LEU J 132 -49.68 -0.15 -39.20
CA LEU J 132 -50.58 -0.78 -38.19
C LEU J 132 -51.77 -1.44 -38.90
N GLU J 133 -52.28 -0.83 -39.98
CA GLU J 133 -53.42 -1.40 -40.74
C GLU J 133 -52.99 -2.65 -41.50
N LEU J 134 -51.73 -2.72 -41.97
CA LEU J 134 -51.20 -3.96 -42.61
C LEU J 134 -51.20 -5.11 -41.58
N LEU J 135 -50.89 -4.79 -40.31
CA LEU J 135 -50.64 -5.82 -39.27
C LEU J 135 -51.86 -6.02 -38.37
N ARG J 136 -52.89 -5.17 -38.49
CA ARG J 136 -54.07 -5.18 -37.55
C ARG J 136 -54.67 -6.58 -37.55
N ASP J 137 -54.79 -7.18 -36.36
CA ASP J 137 -55.51 -8.46 -36.13
C ASP J 137 -54.63 -9.64 -36.58
N ILE J 138 -53.32 -9.46 -36.70
CA ILE J 138 -52.39 -10.57 -37.09
C ILE J 138 -52.39 -11.60 -35.98
N ASN J 139 -52.70 -11.19 -34.74
CA ASN J 139 -52.66 -12.06 -33.53
C ASN J 139 -54.05 -12.65 -33.22
N LYS J 140 -55.04 -12.48 -34.11
CA LYS J 140 -56.42 -12.97 -33.90
C LYS J 140 -56.75 -14.08 -34.91
N ASP J 141 -55.77 -14.94 -35.22
CA ASP J 141 -55.94 -16.13 -36.10
C ASP J 141 -56.65 -15.72 -37.40
N THR J 142 -56.18 -14.65 -38.04
CA THR J 142 -56.75 -14.09 -39.30
C THR J 142 -55.96 -14.61 -40.51
N ILE J 143 -54.70 -14.97 -40.30
CA ILE J 143 -53.76 -15.45 -41.37
C ILE J 143 -53.00 -16.65 -40.81
N ASP J 144 -52.60 -17.57 -41.68
CA ASP J 144 -51.84 -18.79 -41.30
C ASP J 144 -50.37 -18.42 -41.08
N PHE J 145 -49.81 -18.84 -39.95
CA PHE J 145 -48.34 -18.82 -39.69
C PHE J 145 -47.71 -20.10 -40.26
N ILE J 146 -46.40 -20.04 -40.50
CA ILE J 146 -45.56 -21.17 -40.98
C ILE J 146 -44.23 -21.12 -40.26
N ASP J 147 -43.48 -22.23 -40.26
CA ASP J 147 -42.13 -22.28 -39.65
C ASP J 147 -41.20 -21.36 -40.45
N ASN J 148 -40.29 -20.68 -39.76
CA ASN J 148 -39.18 -19.93 -40.41
C ASN J 148 -38.19 -20.94 -41.00
N TYR J 149 -37.10 -20.44 -41.59
CA TYR J 149 -36.11 -21.24 -42.37
C TYR J 149 -35.46 -22.35 -41.53
N ASP J 150 -35.25 -22.14 -40.22
CA ASP J 150 -34.55 -23.13 -39.35
C ASP J 150 -35.55 -23.83 -38.42
N GLY J 151 -36.83 -23.46 -38.46
CA GLY J 151 -37.89 -24.09 -37.64
C GLY J 151 -37.87 -23.69 -36.17
N ASN J 152 -37.07 -22.67 -35.79
CA ASN J 152 -37.00 -22.14 -34.40
C ASN J 152 -37.98 -20.98 -34.19
N GLU J 153 -38.71 -20.55 -35.22
CA GLU J 153 -39.62 -19.37 -35.17
C GLU J 153 -40.85 -19.59 -36.05
N ARG J 154 -41.93 -18.87 -35.75
CA ARG J 154 -43.15 -18.79 -36.61
C ARG J 154 -43.14 -17.43 -37.30
N GLU J 155 -43.41 -17.42 -38.61
CA GLU J 155 -43.54 -16.18 -39.41
C GLU J 155 -44.87 -16.25 -40.15
N PRO J 156 -45.51 -15.08 -40.42
CA PRO J 156 -46.79 -15.04 -41.13
C PRO J 156 -46.59 -15.25 -42.63
N SER J 157 -47.36 -16.18 -43.21
CA SER J 157 -47.39 -16.47 -44.67
C SER J 157 -47.84 -15.23 -45.46
N VAL J 158 -48.71 -14.41 -44.86
CA VAL J 158 -49.28 -13.18 -45.49
C VAL J 158 -49.74 -12.26 -44.36
N LEU J 159 -49.81 -10.94 -44.60
CA LEU J 159 -50.33 -10.00 -43.56
C LEU J 159 -51.83 -9.81 -43.79
N PRO J 160 -52.58 -9.48 -42.72
CA PRO J 160 -54.00 -9.12 -42.85
C PRO J 160 -54.27 -8.08 -43.94
N ALA J 161 -53.42 -7.07 -44.05
CA ALA J 161 -53.50 -6.05 -45.11
C ALA J 161 -54.90 -5.42 -45.13
N ARG J 162 -55.21 -4.59 -44.14
CA ARG J 162 -56.57 -4.02 -43.97
C ARG J 162 -56.77 -2.85 -44.94
N PHE J 163 -55.73 -2.46 -45.70
CA PHE J 163 -55.87 -1.60 -46.91
C PHE J 163 -55.22 -2.31 -48.11
N PRO J 164 -55.68 -2.05 -49.36
CA PRO J 164 -55.20 -2.76 -50.55
C PRO J 164 -53.82 -2.33 -51.04
N ASN J 165 -52.77 -2.93 -50.48
CA ASN J 165 -51.38 -2.41 -50.48
C ASN J 165 -50.69 -2.68 -51.82
N LEU J 166 -51.02 -3.79 -52.50
CA LEU J 166 -50.39 -4.17 -53.80
C LEU J 166 -50.55 -3.00 -54.77
N LEU J 167 -51.78 -2.52 -54.96
CA LEU J 167 -52.09 -1.42 -55.91
C LEU J 167 -51.71 -0.06 -55.30
N ALA J 168 -51.89 0.10 -53.99
CA ALA J 168 -51.67 1.40 -53.31
C ALA J 168 -50.21 1.82 -53.47
N ASN J 169 -49.29 0.94 -53.07
CA ASN J 169 -47.84 1.25 -53.08
C ASN J 169 -47.23 0.75 -54.37
N GLY J 170 -47.83 -0.24 -55.01
CA GLY J 170 -47.28 -0.81 -56.27
C GLY J 170 -46.19 -1.81 -55.93
N ALA J 171 -45.38 -2.17 -56.93
CA ALA J 171 -44.38 -3.26 -56.86
C ALA J 171 -43.61 -3.37 -58.17
N SER J 172 -42.29 -3.46 -58.11
CA SER J 172 -41.42 -3.80 -59.26
C SER J 172 -40.46 -4.91 -58.84
N GLY J 173 -40.27 -5.92 -59.68
CA GLY J 173 -39.50 -7.13 -59.32
C GLY J 173 -39.04 -7.88 -60.55
N ILE J 174 -37.72 -8.07 -60.68
CA ILE J 174 -37.12 -8.93 -61.74
C ILE J 174 -37.03 -10.34 -61.18
N ALA J 175 -37.78 -11.28 -61.74
CA ALA J 175 -37.81 -12.71 -61.31
C ALA J 175 -36.97 -13.53 -62.30
N VAL J 176 -37.34 -14.78 -62.55
CA VAL J 176 -36.78 -15.65 -63.61
C VAL J 176 -37.94 -16.09 -64.51
N GLY J 177 -37.81 -15.90 -65.83
CA GLY J 177 -38.87 -16.15 -66.82
C GLY J 177 -39.89 -15.02 -66.90
N MET J 178 -39.93 -14.13 -65.91
CA MET J 178 -40.94 -13.04 -65.82
C MET J 178 -40.44 -11.93 -64.88
N ALA J 179 -41.03 -10.74 -64.99
CA ALA J 179 -40.87 -9.63 -64.05
C ALA J 179 -42.26 -9.13 -63.65
N THR J 180 -42.33 -8.20 -62.70
CA THR J 180 -43.56 -7.46 -62.34
C THR J 180 -43.24 -5.97 -62.36
N ASN J 181 -44.22 -5.15 -62.74
CA ASN J 181 -44.15 -3.67 -62.66
C ASN J 181 -45.58 -3.17 -62.46
N ILE J 182 -45.94 -2.82 -61.23
CA ILE J 182 -47.31 -2.35 -60.85
C ILE J 182 -47.17 -0.95 -60.30
N PRO J 183 -47.85 0.05 -60.89
CA PRO J 183 -47.71 1.43 -60.45
C PRO J 183 -48.52 1.65 -59.17
N PRO J 184 -48.11 2.61 -58.32
CA PRO J 184 -48.89 2.98 -57.15
C PRO J 184 -50.19 3.70 -57.53
N HIS J 185 -51.14 3.71 -56.59
CA HIS J 185 -52.52 4.23 -56.80
C HIS J 185 -52.94 5.15 -55.64
N ASN J 186 -54.00 5.92 -55.84
CA ASN J 186 -54.58 6.76 -54.77
C ASN J 186 -55.45 5.86 -53.90
N LEU J 187 -55.24 5.87 -52.58
CA LEU J 187 -55.90 4.95 -51.63
C LEU J 187 -57.40 5.22 -51.62
N THR J 188 -57.80 6.50 -51.62
CA THR J 188 -59.23 6.93 -51.68
C THR J 188 -59.88 6.27 -52.90
N GLU J 189 -59.29 6.46 -54.07
CA GLU J 189 -59.82 5.92 -55.35
C GLU J 189 -59.93 4.40 -55.23
N LEU J 190 -58.88 3.74 -54.74
CA LEU J 190 -58.82 2.25 -54.60
C LEU J 190 -60.00 1.77 -53.75
N ILE J 191 -60.19 2.37 -52.59
CA ILE J 191 -61.17 1.90 -51.58
C ILE J 191 -62.58 2.11 -52.15
N ASN J 192 -62.82 3.24 -52.81
CA ASN J 192 -64.09 3.48 -53.55
C ASN J 192 -64.28 2.39 -54.61
N GLY J 193 -63.21 2.01 -55.31
CA GLY J 193 -63.22 0.89 -56.28
C GLY J 193 -63.66 -0.41 -55.62
N VAL J 194 -63.08 -0.75 -54.47
CA VAL J 194 -63.36 -2.03 -53.76
C VAL J 194 -64.81 -2.01 -53.29
N LEU J 195 -65.29 -0.88 -52.76
CA LEU J 195 -66.68 -0.71 -52.27
C LEU J 195 -67.64 -0.95 -53.44
N SER J 196 -67.36 -0.33 -54.60
CA SER J 196 -68.13 -0.49 -55.86
C SER J 196 -68.22 -1.98 -56.22
N LEU J 197 -67.07 -2.64 -56.31
CA LEU J 197 -66.95 -4.10 -56.59
C LEU J 197 -67.75 -4.91 -55.55
N SER J 198 -67.67 -4.56 -54.26
CA SER J 198 -68.29 -5.33 -53.15
C SER J 198 -69.82 -5.23 -53.21
N LYS J 199 -70.35 -4.25 -53.95
CA LYS J 199 -71.81 -4.07 -54.17
C LYS J 199 -72.22 -4.69 -55.50
N ASN J 200 -71.30 -4.91 -56.44
CA ASN J 200 -71.61 -5.37 -57.84
C ASN J 200 -70.50 -6.28 -58.32
N PRO J 201 -70.58 -7.59 -58.03
CA PRO J 201 -69.56 -8.55 -58.48
C PRO J 201 -69.32 -8.55 -59.99
N ASP J 202 -70.30 -8.13 -60.79
CA ASP J 202 -70.27 -8.18 -62.27
C ASP J 202 -69.79 -6.85 -62.86
N ILE J 203 -69.27 -5.95 -62.03
CA ILE J 203 -68.82 -4.57 -62.43
C ILE J 203 -67.77 -4.68 -63.56
N SER J 204 -67.84 -3.77 -64.54
CA SER J 204 -66.90 -3.66 -65.67
C SER J 204 -65.65 -2.89 -65.23
N ILE J 205 -64.52 -3.12 -65.89
CA ILE J 205 -63.26 -2.32 -65.70
C ILE J 205 -63.63 -0.84 -65.93
N ALA J 206 -64.40 -0.54 -66.96
CA ALA J 206 -64.85 0.82 -67.35
C ALA J 206 -65.52 1.52 -66.16
N GLU J 207 -66.42 0.83 -65.46
CA GLU J 207 -67.17 1.37 -64.29
C GLU J 207 -66.21 1.55 -63.12
N LEU J 208 -65.30 0.58 -62.90
CA LEU J 208 -64.24 0.67 -61.86
C LEU J 208 -63.39 1.92 -62.10
N MET J 209 -63.17 2.31 -63.35
CA MET J 209 -62.28 3.44 -63.70
C MET J 209 -62.95 4.80 -63.43
N GLU J 210 -64.25 4.83 -63.14
CA GLU J 210 -64.93 6.04 -62.60
C GLU J 210 -64.48 6.29 -61.16
N ASP J 211 -64.04 5.25 -60.44
CA ASP J 211 -63.45 5.40 -59.07
C ASP J 211 -61.94 5.53 -59.20
N ILE J 212 -61.29 4.64 -59.95
CA ILE J 212 -59.81 4.53 -60.09
C ILE J 212 -59.42 5.18 -61.42
N GLU J 213 -59.19 6.50 -61.42
CA GLU J 213 -58.86 7.31 -62.63
C GLU J 213 -57.65 6.73 -63.35
N GLY J 214 -56.65 6.29 -62.59
CA GLY J 214 -55.35 5.80 -63.09
C GLY J 214 -54.33 5.72 -61.95
N PRO J 215 -53.05 5.43 -62.26
CA PRO J 215 -51.99 5.47 -61.25
C PRO J 215 -51.94 6.87 -60.61
N ASP J 216 -51.43 6.89 -59.37
CA ASP J 216 -51.12 8.12 -58.61
C ASP J 216 -49.72 7.95 -58.02
N PHE J 217 -48.71 8.51 -58.68
CA PHE J 217 -47.28 8.38 -58.27
C PHE J 217 -47.02 9.28 -57.08
N PRO J 218 -46.12 8.89 -56.15
CA PRO J 218 -45.78 9.75 -55.01
C PRO J 218 -45.14 11.07 -55.49
N THR J 219 -44.42 11.02 -56.60
CA THR J 219 -43.66 12.17 -57.18
C THR J 219 -44.59 13.10 -57.96
N ALA J 220 -45.88 12.77 -58.08
CA ALA J 220 -46.91 13.53 -58.81
C ALA J 220 -46.61 13.51 -60.32
N GLY J 221 -46.53 14.68 -60.94
CA GLY J 221 -46.31 14.81 -62.40
C GLY J 221 -47.58 14.59 -63.17
N LEU J 222 -47.47 14.25 -64.46
CA LEU J 222 -48.58 14.16 -65.44
C LEU J 222 -48.54 12.80 -66.16
N ILE J 223 -49.70 12.27 -66.49
CA ILE J 223 -49.88 11.08 -67.37
C ILE J 223 -50.59 11.58 -68.64
N LEU J 224 -50.04 11.27 -69.81
CA LEU J 224 -50.61 11.63 -71.13
C LEU J 224 -51.63 10.55 -71.53
N GLY J 225 -52.91 10.85 -71.35
CA GLY J 225 -54.00 10.08 -71.97
C GLY J 225 -54.46 8.92 -71.12
N LYS J 226 -55.59 8.35 -71.49
CA LYS J 226 -56.24 7.25 -70.73
C LYS J 226 -56.05 5.91 -71.47
N SER J 227 -55.47 5.93 -72.70
CA SER J 227 -55.30 4.73 -73.54
C SER J 227 -54.41 3.70 -72.87
N GLY J 228 -53.20 4.09 -72.50
CA GLY J 228 -52.22 3.22 -71.80
C GLY J 228 -52.81 2.66 -70.51
N ILE J 229 -53.39 3.54 -69.69
CA ILE J 229 -53.97 3.20 -68.37
C ILE J 229 -55.04 2.12 -68.59
N ARG J 230 -55.94 2.35 -69.54
N ARG J 230 -55.94 2.36 -69.54
CA ARG J 230 -57.10 1.47 -69.86
CA ARG J 230 -57.10 1.47 -69.86
C ARG J 230 -56.59 0.10 -70.25
C ARG J 230 -56.59 0.10 -70.25
N ARG J 231 -55.64 0.05 -71.19
CA ARG J 231 -55.03 -1.21 -71.72
C ARG J 231 -54.40 -2.00 -70.56
N ALA J 232 -53.74 -1.31 -69.64
CA ALA J 232 -53.04 -1.90 -68.47
C ALA J 232 -54.06 -2.49 -67.49
N TYR J 233 -55.18 -1.79 -67.26
CA TYR J 233 -56.26 -2.22 -66.34
C TYR J 233 -57.11 -3.31 -66.97
N GLU J 234 -57.16 -3.36 -68.30
CA GLU J 234 -57.95 -4.36 -69.08
C GLU J 234 -57.21 -5.70 -69.05
N THR J 235 -55.91 -5.67 -69.32
CA THR J 235 -55.10 -6.84 -69.76
C THR J 235 -53.95 -7.15 -68.80
N GLY J 236 -53.55 -6.18 -67.97
CA GLY J 236 -52.41 -6.32 -67.05
C GLY J 236 -51.12 -5.83 -67.67
N ARG J 237 -51.15 -5.49 -68.96
CA ARG J 237 -50.00 -4.93 -69.70
C ARG J 237 -50.44 -3.67 -70.46
N GLY J 238 -49.63 -2.63 -70.36
CA GLY J 238 -49.86 -1.34 -71.03
C GLY J 238 -48.65 -0.43 -70.81
N SER J 239 -48.37 0.47 -71.74
CA SER J 239 -47.38 1.54 -71.50
C SER J 239 -48.14 2.82 -71.12
N ILE J 240 -47.69 3.45 -70.03
CA ILE J 240 -48.22 4.74 -69.50
C ILE J 240 -47.12 5.79 -69.66
N GLN J 241 -47.40 6.87 -70.38
CA GLN J 241 -46.42 7.97 -70.63
C GLN J 241 -46.50 8.97 -69.46
N MET J 242 -45.43 9.05 -68.67
CA MET J 242 -45.32 10.03 -67.55
C MET J 242 -44.58 11.28 -68.05
N ARG J 243 -44.93 12.45 -67.52
CA ARG J 243 -44.27 13.71 -67.93
C ARG J 243 -44.09 14.63 -66.72
N SER J 244 -42.89 15.22 -66.59
CA SER J 244 -42.56 16.31 -65.64
C SER J 244 -43.61 17.43 -65.73
N ARG J 245 -43.95 18.02 -64.58
CA ARG J 245 -44.75 19.28 -64.53
C ARG J 245 -43.77 20.43 -64.73
N ALA J 246 -43.82 21.05 -65.91
CA ALA J 246 -43.00 22.21 -66.30
C ALA J 246 -43.92 23.37 -66.71
N VAL J 247 -43.47 24.59 -66.43
CA VAL J 247 -44.06 25.82 -67.02
C VAL J 247 -42.93 26.64 -67.66
N ILE J 248 -43.32 27.54 -68.55
CA ILE J 248 -42.47 28.64 -69.09
C ILE J 248 -42.90 29.94 -68.41
N GLU J 249 -41.95 30.70 -67.88
CA GLU J 249 -42.25 31.97 -67.17
C GLU J 249 -41.19 33.02 -67.53
N GLU J 250 -41.62 34.30 -67.59
CA GLU J 250 -40.77 35.52 -67.69
C GLU J 250 -39.77 35.53 -66.54
N ARG J 251 -38.51 35.90 -66.79
CA ARG J 251 -37.49 36.12 -65.73
C ARG J 251 -37.05 37.59 -65.72
N GLY J 252 -37.71 38.43 -66.55
CA GLY J 252 -37.43 39.87 -66.68
C GLY J 252 -36.51 40.15 -67.87
N GLY J 253 -36.61 41.36 -68.42
CA GLY J 253 -35.86 41.79 -69.60
C GLY J 253 -36.31 41.05 -70.86
N GLY J 254 -37.53 40.52 -70.86
CA GLY J 254 -38.09 39.75 -71.98
C GLY J 254 -37.43 38.39 -72.15
N ARG J 255 -36.54 38.00 -71.24
CA ARG J 255 -35.91 36.65 -71.25
C ARG J 255 -36.79 35.68 -70.44
N GLN J 256 -36.96 34.46 -70.92
CA GLN J 256 -37.88 33.45 -70.33
C GLN J 256 -37.04 32.36 -69.64
N ARG J 257 -37.71 31.40 -69.00
CA ARG J 257 -37.09 30.18 -68.43
C ARG J 257 -38.15 29.09 -68.27
N ILE J 258 -37.70 27.83 -68.31
CA ILE J 258 -38.50 26.60 -68.06
C ILE J 258 -38.29 26.22 -66.60
N VAL J 259 -39.36 26.06 -65.83
CA VAL J 259 -39.27 25.64 -64.41
C VAL J 259 -39.96 24.29 -64.28
N VAL J 260 -39.23 23.28 -63.80
CA VAL J 260 -39.71 21.89 -63.58
C VAL J 260 -39.85 21.69 -62.08
N THR J 261 -41.07 21.34 -61.61
CA THR J 261 -41.41 21.25 -60.17
C THR J 261 -41.78 19.81 -59.79
N GLU J 262 -42.13 18.96 -60.74
CA GLU J 262 -42.45 17.52 -60.51
C GLU J 262 -41.77 16.70 -61.60
N ILE J 263 -41.10 15.59 -61.26
CA ILE J 263 -40.45 14.70 -62.26
C ILE J 263 -41.16 13.35 -62.31
N PRO J 264 -40.93 12.55 -63.38
CA PRO J 264 -41.59 11.25 -63.50
C PRO J 264 -41.09 10.31 -62.42
N PHE J 265 -41.92 9.32 -62.10
CA PHE J 265 -41.72 8.29 -61.05
C PHE J 265 -40.44 7.50 -61.33
N GLN J 266 -39.65 7.27 -60.29
CA GLN J 266 -38.42 6.42 -60.33
C GLN J 266 -37.36 7.04 -61.26
N VAL J 267 -37.53 8.30 -61.68
CA VAL J 267 -36.48 9.03 -62.45
C VAL J 267 -35.53 9.71 -61.46
N ASN J 268 -34.24 9.55 -61.72
CA ASN J 268 -33.14 10.11 -60.88
C ASN J 268 -32.94 11.59 -61.23
N LYS J 269 -33.21 12.51 -60.30
CA LYS J 269 -33.16 13.97 -60.58
C LYS J 269 -31.74 14.32 -61.03
N ALA J 270 -30.72 13.92 -60.27
CA ALA J 270 -29.31 14.29 -60.53
C ALA J 270 -28.92 13.84 -61.93
N ARG J 271 -29.25 12.60 -62.28
CA ARG J 271 -28.93 11.95 -63.59
C ARG J 271 -29.68 12.70 -64.71
N MET J 272 -30.95 13.00 -64.51
CA MET J 272 -31.81 13.70 -65.51
C MET J 272 -31.19 15.08 -65.85
N ILE J 273 -30.73 15.82 -64.85
CA ILE J 273 -30.07 17.16 -65.04
C ILE J 273 -28.78 16.96 -65.84
N GLU J 274 -27.99 15.95 -65.49
CA GLU J 274 -26.69 15.64 -66.16
C GLU J 274 -26.96 15.33 -67.64
N LYS J 275 -28.03 14.59 -67.98
CA LYS J 275 -28.41 14.33 -69.41
C LYS J 275 -28.65 15.67 -70.12
N ILE J 276 -29.29 16.64 -69.47
CA ILE J 276 -29.64 17.96 -70.08
C ILE J 276 -28.34 18.75 -70.27
N ALA J 277 -27.48 18.80 -69.24
CA ALA J 277 -26.17 19.49 -69.29
C ALA J 277 -25.34 18.88 -70.42
N GLU J 278 -25.40 17.57 -70.57
CA GLU J 278 -24.63 16.78 -71.56
C GLU J 278 -25.13 17.09 -72.97
N LEU J 279 -26.44 17.24 -73.17
CA LEU J 279 -27.02 17.63 -74.49
C LEU J 279 -26.51 19.03 -74.86
N VAL J 280 -26.44 19.95 -73.88
CA VAL J 280 -25.97 21.35 -74.08
C VAL J 280 -24.46 21.33 -74.36
N ARG J 281 -23.66 20.66 -73.50
CA ARG J 281 -22.18 20.48 -73.68
C ARG J 281 -21.91 19.99 -75.12
N ASP J 282 -22.69 19.02 -75.62
CA ASP J 282 -22.47 18.34 -76.92
C ASP J 282 -23.25 19.04 -78.04
N LYS J 283 -23.69 20.29 -77.82
CA LYS J 283 -24.50 21.11 -78.77
C LYS J 283 -25.58 20.26 -79.50
N LYS J 284 -26.24 19.32 -78.82
CA LYS J 284 -27.27 18.39 -79.39
C LYS J 284 -28.70 18.95 -79.13
N ILE J 285 -28.81 20.04 -78.37
CA ILE J 285 -30.07 20.84 -78.14
C ILE J 285 -29.68 22.32 -78.07
N ASP J 286 -30.42 23.20 -78.76
CA ASP J 286 -30.04 24.62 -78.95
C ASP J 286 -30.97 25.52 -78.12
N GLY J 287 -30.43 26.46 -77.37
CA GLY J 287 -31.20 27.58 -76.76
C GLY J 287 -31.06 27.67 -75.25
N ILE J 288 -30.36 26.74 -74.60
CA ILE J 288 -30.30 26.70 -73.10
C ILE J 288 -29.03 27.42 -72.63
N THR J 289 -29.18 28.50 -71.86
CA THR J 289 -28.10 29.44 -71.44
C THR J 289 -27.65 29.14 -70.01
N ASP J 290 -28.47 28.46 -69.21
CA ASP J 290 -28.11 28.05 -67.84
C ASP J 290 -29.05 26.91 -67.41
N LEU J 291 -28.60 26.16 -66.41
CA LEU J 291 -29.28 24.97 -65.86
C LEU J 291 -28.91 24.89 -64.38
N ARG J 292 -29.88 25.15 -63.49
CA ARG J 292 -29.67 25.12 -62.02
C ARG J 292 -30.69 24.17 -61.40
N ASP J 293 -30.31 23.48 -60.32
CA ASP J 293 -31.21 22.69 -59.46
C ASP J 293 -31.45 23.50 -58.18
N GLU J 294 -32.51 24.32 -58.16
CA GLU J 294 -32.90 25.17 -57.00
C GLU J 294 -33.79 24.35 -56.06
N THR J 295 -33.78 23.03 -56.14
CA THR J 295 -34.52 22.16 -55.19
C THR J 295 -34.04 22.48 -53.78
N SER J 296 -34.96 22.49 -52.83
CA SER J 296 -34.76 22.84 -51.41
C SER J 296 -35.94 22.26 -50.65
N LEU J 297 -35.76 22.05 -49.34
CA LEU J 297 -36.80 21.47 -48.47
C LEU J 297 -38.00 22.44 -48.42
N ARG J 298 -37.73 23.75 -48.51
CA ARG J 298 -38.74 24.82 -48.44
C ARG J 298 -39.54 24.85 -49.76
N THR J 299 -38.87 24.90 -50.92
CA THR J 299 -39.51 25.03 -52.25
C THR J 299 -40.05 23.70 -52.77
N GLY J 300 -39.51 22.55 -52.31
CA GLY J 300 -39.69 21.26 -53.03
C GLY J 300 -38.80 21.17 -54.28
N VAL J 301 -39.15 20.33 -55.24
CA VAL J 301 -38.37 20.12 -56.50
C VAL J 301 -38.48 21.38 -57.36
N ARG J 302 -37.36 21.88 -57.84
CA ARG J 302 -37.31 23.13 -58.65
C ARG J 302 -36.04 23.12 -59.50
N VAL J 303 -36.17 22.68 -60.75
CA VAL J 303 -35.09 22.63 -61.75
C VAL J 303 -35.34 23.77 -62.74
N VAL J 304 -34.41 24.71 -62.84
CA VAL J 304 -34.57 25.95 -63.67
C VAL J 304 -33.66 25.83 -64.89
N ILE J 305 -34.22 26.08 -66.07
CA ILE J 305 -33.53 26.05 -67.38
C ILE J 305 -33.73 27.41 -68.03
N ASP J 306 -32.69 28.25 -68.05
CA ASP J 306 -32.73 29.62 -68.64
C ASP J 306 -32.62 29.48 -70.17
N VAL J 307 -33.46 30.21 -70.90
CA VAL J 307 -33.59 30.15 -72.40
C VAL J 307 -33.06 31.47 -72.99
N ARG J 308 -32.21 31.38 -74.03
CA ARG J 308 -31.62 32.53 -74.77
C ARG J 308 -32.74 33.46 -75.26
N LYS J 309 -32.47 34.78 -75.31
CA LYS J 309 -33.50 35.83 -75.59
C LYS J 309 -34.18 35.56 -76.94
N ASP J 310 -33.48 35.19 -78.02
CA ASP J 310 -34.10 34.95 -79.35
C ASP J 310 -35.12 33.80 -79.27
N ALA J 311 -34.92 32.86 -78.33
CA ALA J 311 -35.22 31.41 -78.54
C ALA J 311 -36.64 31.12 -78.10
N ASN J 312 -37.33 30.24 -78.81
CA ASN J 312 -38.69 29.77 -78.46
C ASN J 312 -38.60 28.74 -77.33
N ALA J 313 -39.18 29.03 -76.17
CA ALA J 313 -39.07 28.16 -74.96
C ALA J 313 -39.93 26.89 -75.12
N SER J 314 -41.07 26.96 -75.80
CA SER J 314 -42.01 25.82 -75.98
C SER J 314 -41.33 24.73 -76.83
N VAL J 315 -40.55 25.16 -77.83
CA VAL J 315 -39.80 24.26 -78.74
C VAL J 315 -38.70 23.57 -77.92
N ILE J 316 -37.97 24.32 -77.10
CA ILE J 316 -36.91 23.75 -76.22
C ILE J 316 -37.55 22.73 -75.26
N LEU J 317 -38.72 23.03 -74.72
CA LEU J 317 -39.41 22.09 -73.78
C LEU J 317 -39.78 20.81 -74.53
N ASN J 318 -40.34 20.90 -75.75
CA ASN J 318 -40.74 19.69 -76.52
C ASN J 318 -39.49 18.86 -76.84
N ASN J 319 -38.37 19.52 -77.16
CA ASN J 319 -37.09 18.83 -77.44
C ASN J 319 -36.64 18.09 -76.18
N LEU J 320 -36.70 18.75 -75.03
CA LEU J 320 -36.25 18.17 -73.73
C LEU J 320 -37.04 16.91 -73.45
N TYR J 321 -38.35 16.90 -73.74
CA TYR J 321 -39.21 15.72 -73.51
C TYR J 321 -38.72 14.57 -74.39
N LYS J 322 -38.45 14.85 -75.67
CA LYS J 322 -38.02 13.83 -76.67
C LYS J 322 -36.67 13.26 -76.28
N GLN J 323 -35.78 14.08 -75.71
CA GLN J 323 -34.34 13.77 -75.63
C GLN J 323 -33.89 13.44 -74.21
N THR J 324 -34.72 13.61 -73.17
CA THR J 324 -34.32 13.34 -71.76
C THR J 324 -35.40 12.55 -71.01
N PRO J 325 -35.09 12.05 -69.79
CA PRO J 325 -36.08 11.42 -68.93
C PRO J 325 -37.15 12.37 -68.36
N LEU J 326 -37.12 13.65 -68.74
CA LEU J 326 -38.15 14.66 -68.38
C LEU J 326 -39.54 14.13 -68.79
N GLN J 327 -39.60 13.29 -69.84
CA GLN J 327 -40.73 12.38 -70.17
C GLN J 327 -40.16 10.96 -70.15
N THR J 328 -40.82 10.03 -69.44
CA THR J 328 -40.44 8.60 -69.33
C THR J 328 -41.72 7.76 -69.42
N SER J 329 -41.63 6.53 -69.94
CA SER J 329 -42.76 5.55 -69.97
C SER J 329 -42.71 4.69 -68.70
N PHE J 330 -43.87 4.34 -68.13
CA PHE J 330 -44.00 3.31 -67.06
C PHE J 330 -44.60 2.05 -67.69
N GLY J 331 -43.80 0.99 -67.82
CA GLY J 331 -44.22 -0.27 -68.48
C GLY J 331 -44.97 -1.18 -67.54
N VAL J 332 -46.30 -1.06 -67.48
CA VAL J 332 -47.17 -1.86 -66.56
C VAL J 332 -47.10 -3.35 -66.99
N ASN J 333 -46.84 -4.22 -66.03
CA ASN J 333 -46.75 -5.70 -66.20
C ASN J 333 -47.24 -6.33 -64.89
N MET J 334 -48.57 -6.43 -64.74
CA MET J 334 -49.21 -6.69 -63.43
C MET J 334 -49.21 -8.19 -63.12
N ILE J 335 -48.04 -8.69 -62.71
CA ILE J 335 -47.81 -10.11 -62.31
C ILE J 335 -47.61 -10.14 -60.78
N ALA J 336 -48.46 -10.90 -60.10
CA ALA J 336 -48.38 -11.21 -58.66
C ALA J 336 -48.71 -12.68 -58.43
N LEU J 337 -48.45 -13.18 -57.22
CA LEU J 337 -48.72 -14.57 -56.80
C LEU J 337 -50.16 -14.69 -56.34
N VAL J 338 -50.91 -15.60 -56.99
CA VAL J 338 -52.33 -15.96 -56.67
C VAL J 338 -52.36 -17.46 -56.39
N ASN J 339 -52.79 -17.86 -55.18
CA ASN J 339 -52.71 -19.26 -54.67
C ASN J 339 -51.31 -19.79 -54.96
N GLY J 340 -50.28 -18.99 -54.63
CA GLY J 340 -48.85 -19.38 -54.69
C GLY J 340 -48.26 -19.45 -56.10
N ARG J 341 -49.00 -19.05 -57.14
CA ARG J 341 -48.53 -19.13 -58.55
C ARG J 341 -48.56 -17.75 -59.20
N PRO J 342 -47.59 -17.41 -60.06
CA PRO J 342 -47.56 -16.11 -60.72
C PRO J 342 -48.67 -16.05 -61.75
N LYS J 343 -49.49 -14.99 -61.71
CA LYS J 343 -50.58 -14.75 -62.69
C LYS J 343 -50.49 -13.30 -63.18
N LEU J 344 -50.59 -13.09 -64.48
CA LEU J 344 -50.87 -11.75 -65.07
C LEU J 344 -52.33 -11.43 -64.78
N ILE J 345 -52.58 -10.35 -64.05
CA ILE J 345 -53.95 -10.03 -63.54
C ILE J 345 -54.33 -8.64 -64.05
N ASN J 346 -55.62 -8.44 -64.32
CA ASN J 346 -56.20 -7.13 -64.67
C ASN J 346 -56.55 -6.42 -63.36
N LEU J 347 -56.96 -5.16 -63.43
CA LEU J 347 -57.36 -4.34 -62.27
C LEU J 347 -58.42 -5.11 -61.46
N LYS J 348 -59.43 -5.69 -62.11
CA LYS J 348 -60.57 -6.31 -61.40
C LYS J 348 -60.09 -7.56 -60.64
N GLU J 349 -59.26 -8.42 -61.22
CA GLU J 349 -58.77 -9.64 -60.53
C GLU J 349 -58.05 -9.22 -59.25
N ALA J 350 -57.18 -8.22 -59.33
CA ALA J 350 -56.38 -7.69 -58.20
C ALA J 350 -57.32 -7.25 -57.06
N LEU J 351 -58.40 -6.54 -57.39
CA LEU J 351 -59.38 -6.01 -56.39
C LEU J 351 -60.23 -7.16 -55.85
N VAL J 352 -60.62 -8.09 -56.70
CA VAL J 352 -61.43 -9.29 -56.31
C VAL J 352 -60.62 -10.13 -55.33
N HIS J 353 -59.36 -10.48 -55.66
CA HIS J 353 -58.49 -11.29 -54.78
C HIS J 353 -58.33 -10.57 -53.44
N TYR J 354 -58.24 -9.25 -53.45
CA TYR J 354 -58.05 -8.43 -52.22
C TYR J 354 -59.32 -8.48 -51.36
N LEU J 355 -60.47 -8.18 -51.96
CA LEU J 355 -61.77 -8.18 -51.25
C LEU J 355 -62.01 -9.56 -50.65
N GLU J 356 -61.66 -10.63 -51.37
CA GLU J 356 -61.86 -12.03 -50.91
C GLU J 356 -60.96 -12.28 -49.69
N HIS J 357 -59.75 -11.72 -49.71
CA HIS J 357 -58.77 -11.82 -48.58
C HIS J 357 -59.38 -11.14 -47.36
N GLN J 358 -60.05 -10.00 -47.54
CA GLN J 358 -60.64 -9.22 -46.43
C GLN J 358 -61.81 -9.99 -45.82
N LYS J 359 -62.70 -10.53 -46.67
CA LYS J 359 -63.87 -11.34 -46.20
C LYS J 359 -63.32 -12.45 -45.30
N THR J 360 -62.23 -13.12 -45.73
CA THR J 360 -61.58 -14.23 -44.99
C THR J 360 -61.06 -13.73 -43.65
N VAL J 361 -60.28 -12.65 -43.67
CA VAL J 361 -59.62 -12.06 -42.46
C VAL J 361 -60.70 -11.66 -41.45
N VAL J 362 -61.77 -10.97 -41.88
CA VAL J 362 -62.79 -10.48 -40.92
C VAL J 362 -63.60 -11.67 -40.39
N ARG J 363 -63.94 -12.64 -41.25
CA ARG J 363 -64.68 -13.86 -40.79
C ARG J 363 -63.84 -14.56 -39.71
N ARG J 364 -62.57 -14.86 -40.02
CA ARG J 364 -61.67 -15.59 -39.10
C ARG J 364 -61.47 -14.79 -37.81
N ARG J 365 -61.30 -13.47 -37.91
CA ARG J 365 -61.14 -12.61 -36.72
C ARG J 365 -62.37 -12.80 -35.84
N THR J 366 -63.56 -12.75 -36.43
CA THR J 366 -64.86 -12.84 -35.73
C THR J 366 -64.99 -14.22 -35.08
N GLN J 367 -64.67 -15.28 -35.82
CA GLN J 367 -64.66 -16.67 -35.30
C GLN J 367 -63.74 -16.76 -34.08
N TYR J 368 -62.56 -16.13 -34.17
CA TYR J 368 -61.54 -16.14 -33.09
C TYR J 368 -62.07 -15.37 -31.89
N ASN J 369 -62.61 -14.16 -32.11
CA ASN J 369 -63.11 -13.28 -31.02
C ASN J 369 -64.22 -14.02 -30.27
N LEU J 370 -65.09 -14.71 -31.00
CA LEU J 370 -66.22 -15.51 -30.43
C LEU J 370 -65.66 -16.66 -29.59
N ARG J 371 -64.72 -17.43 -30.15
CA ARG J 371 -64.02 -18.54 -29.44
C ARG J 371 -63.49 -18.01 -28.09
N LYS J 372 -62.69 -16.92 -28.13
CA LYS J 372 -61.99 -16.36 -26.94
C LYS J 372 -63.03 -15.83 -25.95
N ALA J 373 -64.06 -15.15 -26.42
CA ALA J 373 -65.13 -14.53 -25.60
C ALA J 373 -65.90 -15.62 -24.85
N LYS J 374 -66.22 -16.73 -25.53
CA LYS J 374 -66.97 -17.88 -24.93
C LYS J 374 -66.11 -18.52 -23.83
N ASP J 375 -64.86 -18.86 -24.16
CA ASP J 375 -63.87 -19.39 -23.19
C ASP J 375 -63.83 -18.49 -21.94
N ARG J 376 -63.82 -17.17 -22.14
CA ARG J 376 -63.69 -16.14 -21.08
C ARG J 376 -64.98 -16.06 -20.28
N ALA J 377 -66.13 -16.11 -20.97
CA ALA J 377 -67.47 -16.08 -20.36
C ALA J 377 -67.60 -17.28 -19.42
N HIS J 378 -67.18 -18.46 -19.87
CA HIS J 378 -67.13 -19.72 -19.08
C HIS J 378 -66.31 -19.49 -17.81
N ILE J 379 -65.13 -18.88 -17.90
CA ILE J 379 -64.27 -18.62 -16.70
C ILE J 379 -65.03 -17.69 -15.74
N LEU J 380 -65.63 -16.61 -16.27
CA LEU J 380 -66.33 -15.59 -15.46
C LEU J 380 -67.52 -16.23 -14.74
N GLU J 381 -68.19 -17.20 -15.38
CA GLU J 381 -69.32 -17.98 -14.78
C GLU J 381 -68.81 -18.69 -13.52
N GLY J 382 -67.62 -19.33 -13.61
CA GLY J 382 -66.92 -19.97 -12.48
C GLY J 382 -66.60 -18.99 -11.36
N LEU J 383 -66.02 -17.84 -11.70
CA LEU J 383 -65.65 -16.80 -10.70
C LEU J 383 -66.90 -16.28 -9.99
N ARG J 384 -68.00 -16.12 -10.72
CA ARG J 384 -69.30 -15.63 -10.17
C ARG J 384 -69.81 -16.61 -9.13
N ILE J 385 -69.91 -17.89 -9.47
CA ILE J 385 -70.25 -19.01 -8.52
C ILE J 385 -69.32 -18.91 -7.30
N ALA J 386 -68.02 -18.73 -7.50
CA ALA J 386 -67.03 -18.70 -6.40
C ALA J 386 -67.25 -17.50 -5.48
N LEU J 387 -67.49 -16.30 -6.05
CA LEU J 387 -67.74 -15.05 -5.28
C LEU J 387 -69.06 -15.17 -4.51
N ASP J 388 -70.08 -15.79 -5.13
CA ASP J 388 -71.44 -15.90 -4.58
C ASP J 388 -71.48 -16.90 -3.42
N HIS J 389 -70.56 -17.88 -3.36
CA HIS J 389 -70.48 -18.88 -2.24
C HIS J 389 -69.05 -18.90 -1.68
N ILE J 390 -68.45 -17.73 -1.50
CA ILE J 390 -66.99 -17.60 -1.19
C ILE J 390 -66.66 -18.33 0.13
N ASP J 391 -67.53 -18.28 1.13
CA ASP J 391 -67.28 -18.90 2.47
C ASP J 391 -67.10 -20.42 2.29
N GLU J 392 -67.95 -21.05 1.48
CA GLU J 392 -67.90 -22.51 1.22
C GLU J 392 -66.64 -22.85 0.41
N ILE J 393 -66.32 -22.03 -0.60
CA ILE J 393 -65.14 -22.22 -1.50
C ILE J 393 -63.87 -22.29 -0.64
N ILE J 394 -63.71 -21.36 0.29
CA ILE J 394 -62.51 -21.23 1.17
C ILE J 394 -62.36 -22.53 1.97
N SER J 395 -63.43 -22.96 2.66
CA SER J 395 -63.45 -24.20 3.50
C SER J 395 -63.04 -25.41 2.65
N THR J 396 -63.64 -25.58 1.47
CA THR J 396 -63.31 -26.65 0.47
C THR J 396 -61.80 -26.66 0.21
N ILE J 397 -61.19 -25.49 -0.01
CA ILE J 397 -59.75 -25.34 -0.38
C ILE J 397 -58.89 -25.60 0.87
N ARG J 398 -59.36 -25.18 2.04
CA ARG J 398 -58.61 -25.28 3.32
C ARG J 398 -58.51 -26.73 3.77
N GLU J 399 -59.61 -27.49 3.67
CA GLU J 399 -59.67 -28.94 4.02
C GLU J 399 -58.91 -29.75 2.96
N SER J 400 -58.58 -29.18 1.81
CA SER J 400 -57.78 -29.84 0.73
C SER J 400 -56.29 -29.82 1.09
N ASP J 401 -55.62 -30.95 0.95
CA ASP J 401 -54.20 -31.14 1.39
C ASP J 401 -53.30 -30.58 0.29
N THR J 402 -53.60 -30.91 -0.98
CA THR J 402 -52.84 -30.52 -2.19
C THR J 402 -53.75 -29.72 -3.13
N ASP J 403 -53.15 -29.07 -4.15
CA ASP J 403 -53.89 -28.34 -5.20
C ASP J 403 -54.73 -29.33 -6.01
N LYS J 404 -54.20 -30.54 -6.25
CA LYS J 404 -54.87 -31.61 -7.05
C LYS J 404 -56.21 -31.97 -6.38
N VAL J 405 -56.19 -32.14 -5.05
CA VAL J 405 -57.39 -32.53 -4.22
C VAL J 405 -58.40 -31.37 -4.28
N ALA J 406 -57.93 -30.13 -4.08
CA ALA J 406 -58.76 -28.90 -4.12
C ALA J 406 -59.49 -28.78 -5.46
N MET J 407 -58.77 -29.03 -6.56
CA MET J 407 -59.33 -29.02 -7.94
C MET J 407 -60.50 -30.01 -8.04
N GLU J 408 -60.32 -31.24 -7.54
CA GLU J 408 -61.31 -32.34 -7.61
C GLU J 408 -62.53 -31.96 -6.76
N SER J 409 -62.28 -31.52 -5.53
CA SER J 409 -63.32 -31.12 -4.53
C SER J 409 -64.18 -29.97 -5.07
N LEU J 410 -63.55 -28.97 -5.70
CA LEU J 410 -64.28 -27.78 -6.24
C LEU J 410 -65.16 -28.22 -7.41
N GLN J 411 -64.63 -29.08 -8.28
CA GLN J 411 -65.35 -29.58 -9.47
C GLN J 411 -66.58 -30.39 -9.03
N GLN J 412 -66.40 -31.28 -8.06
CA GLN J 412 -67.46 -32.19 -7.55
C GLN J 412 -68.53 -31.38 -6.79
N ARG J 413 -68.09 -30.53 -5.85
CA ARG J 413 -68.98 -29.81 -4.91
C ARG J 413 -69.81 -28.73 -5.63
N PHE J 414 -69.28 -28.08 -6.67
CA PHE J 414 -69.88 -26.86 -7.27
C PHE J 414 -70.17 -27.04 -8.77
N LYS J 415 -69.99 -28.27 -9.29
CA LYS J 415 -70.33 -28.63 -10.69
C LYS J 415 -69.54 -27.70 -11.64
N LEU J 416 -68.24 -27.50 -11.35
CA LEU J 416 -67.30 -26.64 -12.13
C LEU J 416 -66.47 -27.49 -13.10
N SER J 417 -66.07 -26.90 -14.22
CA SER J 417 -65.07 -27.46 -15.16
C SER J 417 -63.68 -27.41 -14.51
N GLU J 418 -62.71 -28.12 -15.08
CA GLU J 418 -61.29 -28.07 -14.66
C GLU J 418 -60.76 -26.66 -14.90
N LYS J 419 -61.10 -26.06 -16.05
CA LYS J 419 -60.70 -24.68 -16.44
C LYS J 419 -61.23 -23.68 -15.39
N GLN J 420 -62.47 -23.84 -14.91
CA GLN J 420 -63.11 -22.90 -13.94
C GLN J 420 -62.47 -23.09 -12.56
N ALA J 421 -62.18 -24.33 -12.16
CA ALA J 421 -61.59 -24.65 -10.84
C ALA J 421 -60.18 -24.08 -10.78
N GLN J 422 -59.43 -24.20 -11.89
CA GLN J 422 -58.05 -23.69 -12.00
C GLN J 422 -58.10 -22.17 -11.81
N ALA J 423 -59.06 -21.51 -12.49
CA ALA J 423 -59.26 -20.04 -12.46
C ALA J 423 -59.53 -19.56 -11.03
N ILE J 424 -60.30 -20.33 -10.25
CA ILE J 424 -60.70 -19.97 -8.86
C ILE J 424 -59.49 -20.13 -7.93
N LEU J 425 -58.70 -21.18 -8.13
CA LEU J 425 -57.48 -21.41 -7.32
C LEU J 425 -56.44 -20.32 -7.63
N ASP J 426 -56.48 -19.78 -8.84
CA ASP J 426 -55.51 -18.75 -9.31
C ASP J 426 -55.99 -17.35 -8.96
N MET J 427 -57.26 -17.20 -8.54
CA MET J 427 -57.84 -15.89 -8.13
C MET J 427 -57.02 -15.33 -6.96
N ARG J 428 -56.71 -14.03 -6.99
CA ARG J 428 -55.90 -13.35 -5.94
C ARG J 428 -56.84 -12.84 -4.85
N LEU J 429 -56.36 -12.65 -3.62
CA LEU J 429 -57.22 -12.17 -2.49
C LEU J 429 -57.75 -10.76 -2.79
N ARG J 430 -56.97 -9.95 -3.53
CA ARG J 430 -57.30 -8.52 -3.82
C ARG J 430 -58.56 -8.47 -4.72
N ARG J 431 -58.97 -9.60 -5.27
CA ARG J 431 -60.13 -9.72 -6.18
C ARG J 431 -61.42 -9.95 -5.36
N LEU J 432 -61.35 -10.00 -4.03
CA LEU J 432 -62.53 -10.18 -3.13
C LEU J 432 -62.97 -8.81 -2.59
N THR J 433 -62.35 -7.69 -3.00
CA THR J 433 -62.78 -6.31 -2.60
C THR J 433 -64.08 -5.99 -3.35
N GLY J 434 -64.75 -4.91 -2.96
CA GLY J 434 -66.06 -4.47 -3.49
C GLY J 434 -65.99 -4.07 -4.94
N LEU J 435 -65.01 -3.26 -5.37
CA LEU J 435 -64.89 -2.79 -6.77
C LEU J 435 -64.61 -3.98 -7.71
N GLU J 436 -63.92 -5.00 -7.23
CA GLU J 436 -63.39 -6.12 -8.07
C GLU J 436 -64.53 -7.10 -8.37
N ARG J 437 -65.49 -7.29 -7.44
CA ARG J 437 -66.66 -8.17 -7.67
C ARG J 437 -67.56 -7.51 -8.73
N ASP J 438 -67.67 -6.18 -8.71
CA ASP J 438 -68.49 -5.39 -9.64
C ASP J 438 -67.87 -5.46 -11.04
N LYS J 439 -66.56 -5.29 -11.12
CA LYS J 439 -65.72 -5.35 -12.36
C LYS J 439 -65.94 -6.70 -13.05
N ILE J 440 -66.07 -7.81 -12.30
CA ILE J 440 -66.23 -9.18 -12.86
C ILE J 440 -67.62 -9.26 -13.51
N GLU J 441 -68.66 -8.71 -12.83
CA GLU J 441 -70.04 -8.86 -13.34
C GLU J 441 -70.23 -7.89 -14.52
N ALA J 442 -69.60 -6.72 -14.47
CA ALA J 442 -69.57 -5.72 -15.56
C ALA J 442 -69.02 -6.37 -16.82
N GLU J 443 -67.84 -6.99 -16.73
CA GLU J 443 -67.14 -7.67 -17.87
C GLU J 443 -68.01 -8.79 -18.39
N TYR J 444 -68.71 -9.51 -17.52
CA TYR J 444 -69.51 -10.70 -17.90
C TYR J 444 -70.73 -10.26 -18.73
N ASN J 445 -71.36 -9.15 -18.36
CA ASN J 445 -72.58 -8.63 -19.03
C ASN J 445 -72.21 -8.09 -20.42
N GLU J 446 -71.12 -7.31 -20.53
N GLU J 446 -71.12 -7.31 -20.53
CA GLU J 446 -70.60 -6.77 -21.81
CA GLU J 446 -70.60 -6.77 -21.81
C GLU J 446 -70.23 -7.93 -22.73
C GLU J 446 -70.23 -7.93 -22.73
N LEU J 447 -69.65 -9.00 -22.18
CA LEU J 447 -69.22 -10.21 -22.94
C LEU J 447 -70.45 -10.87 -23.59
N LEU J 448 -71.58 -10.93 -22.89
CA LEU J 448 -72.81 -11.56 -23.43
C LEU J 448 -73.34 -10.74 -24.61
N ASN J 449 -73.32 -9.40 -24.51
CA ASN J 449 -73.71 -8.52 -25.66
C ASN J 449 -72.75 -8.77 -26.83
N TYR J 450 -71.45 -8.77 -26.56
CA TYR J 450 -70.38 -8.98 -27.58
C TYR J 450 -70.57 -10.33 -28.26
N ILE J 451 -70.82 -11.40 -27.50
CA ILE J 451 -70.99 -12.77 -28.08
C ILE J 451 -72.16 -12.72 -29.07
N SER J 452 -73.23 -12.02 -28.71
CA SER J 452 -74.46 -11.89 -29.55
C SER J 452 -74.16 -11.08 -30.83
N GLU J 453 -73.38 -9.99 -30.72
CA GLU J 453 -72.96 -9.14 -31.87
C GLU J 453 -72.13 -9.99 -32.83
N LEU J 454 -71.23 -10.83 -32.31
CA LEU J 454 -70.32 -11.67 -33.12
C LEU J 454 -71.15 -12.74 -33.87
N GLU J 455 -72.16 -13.31 -33.21
CA GLU J 455 -72.98 -14.41 -33.78
C GLU J 455 -73.84 -13.86 -34.92
N THR J 456 -74.31 -12.62 -34.80
CA THR J 456 -75.07 -11.90 -35.86
C THR J 456 -74.22 -11.84 -37.14
N ILE J 457 -72.92 -11.57 -36.99
CA ILE J 457 -71.97 -11.40 -38.13
C ILE J 457 -71.75 -12.77 -38.79
N LEU J 458 -71.57 -13.82 -38.00
CA LEU J 458 -71.28 -15.18 -38.55
C LEU J 458 -72.55 -15.76 -39.17
N ALA J 459 -73.74 -15.36 -38.69
CA ALA J 459 -75.04 -15.86 -39.16
C ALA J 459 -75.37 -15.33 -40.55
N ASP J 460 -75.11 -14.04 -40.80
CA ASP J 460 -75.55 -13.32 -42.03
C ASP J 460 -74.33 -12.79 -42.79
N GLU J 461 -73.93 -13.42 -43.90
CA GLU J 461 -72.81 -13.00 -44.78
C GLU J 461 -72.97 -11.55 -45.23
N GLU J 462 -74.19 -11.06 -45.36
CA GLU J 462 -74.44 -9.66 -45.77
C GLU J 462 -74.00 -8.71 -44.63
N VAL J 463 -74.22 -9.10 -43.38
CA VAL J 463 -73.78 -8.33 -42.18
C VAL J 463 -72.25 -8.25 -42.18
N LEU J 464 -71.59 -9.39 -42.42
CA LEU J 464 -70.11 -9.52 -42.43
C LEU J 464 -69.52 -8.63 -43.52
N LEU J 465 -70.02 -8.76 -44.75
CA LEU J 465 -69.56 -7.97 -45.92
C LEU J 465 -69.66 -6.46 -45.61
N GLN J 466 -70.74 -6.06 -44.91
CA GLN J 466 -71.00 -4.65 -44.53
C GLN J 466 -69.96 -4.20 -43.51
N LEU J 467 -69.56 -5.09 -42.61
CA LEU J 467 -68.45 -4.86 -41.63
C LEU J 467 -67.17 -4.57 -42.41
N VAL J 468 -66.85 -5.38 -43.44
CA VAL J 468 -65.66 -5.16 -44.31
C VAL J 468 -65.77 -3.76 -44.93
N ARG J 469 -66.92 -3.43 -45.52
CA ARG J 469 -67.18 -2.12 -46.18
C ARG J 469 -66.94 -0.98 -45.18
N ASP J 470 -67.48 -1.13 -43.98
CA ASP J 470 -67.47 -0.08 -42.92
C ASP J 470 -66.02 0.15 -42.46
N GLU J 471 -65.24 -0.91 -42.27
CA GLU J 471 -63.85 -0.82 -41.76
C GLU J 471 -62.93 -0.25 -42.85
N LEU J 472 -63.16 -0.60 -44.13
CA LEU J 472 -62.43 -0.01 -45.28
C LEU J 472 -62.72 1.48 -45.32
N THR J 473 -63.98 1.88 -45.12
CA THR J 473 -64.44 3.30 -45.18
C THR J 473 -63.74 4.10 -44.08
N GLU J 474 -63.61 3.53 -42.87
CA GLU J 474 -62.92 4.15 -41.71
C GLU J 474 -61.46 4.41 -42.08
N ILE J 475 -60.81 3.44 -42.75
CA ILE J 475 -59.40 3.53 -43.18
C ILE J 475 -59.30 4.61 -44.27
N ARG J 476 -60.24 4.64 -45.20
CA ARG J 476 -60.25 5.63 -46.31
C ARG J 476 -60.35 7.04 -45.71
N ASP J 477 -61.15 7.21 -44.67
CA ASP J 477 -61.43 8.54 -44.07
C ASP J 477 -60.20 8.99 -43.26
N ARG J 478 -59.46 8.06 -42.66
CA ARG J 478 -58.28 8.38 -41.81
C ARG J 478 -56.99 8.54 -42.65
N PHE J 479 -56.86 7.82 -43.77
CA PHE J 479 -55.57 7.68 -44.51
C PHE J 479 -55.70 8.09 -45.99
N GLY J 480 -56.90 8.09 -46.55
CA GLY J 480 -57.16 8.65 -47.88
C GLY J 480 -56.57 10.03 -48.01
N ASP J 481 -56.12 10.40 -49.21
CA ASP J 481 -55.43 11.70 -49.45
C ASP J 481 -55.66 12.10 -50.90
N ASP J 482 -55.35 13.33 -51.25
CA ASP J 482 -55.63 13.91 -52.59
C ASP J 482 -54.73 13.22 -53.61
N ARG J 483 -55.24 13.08 -54.84
CA ARG J 483 -54.46 12.68 -56.03
C ARG J 483 -53.29 13.66 -56.17
N ARG J 484 -52.15 13.19 -56.68
CA ARG J 484 -50.96 14.04 -56.98
C ARG J 484 -50.74 14.06 -58.49
N THR J 485 -50.85 12.92 -59.16
CA THR J 485 -50.54 12.80 -60.60
C THR J 485 -51.77 13.25 -61.41
N GLU J 486 -51.64 14.33 -62.18
CA GLU J 486 -52.69 14.79 -63.14
C GLU J 486 -52.70 13.88 -64.35
N ILE J 487 -53.86 13.37 -64.72
CA ILE J 487 -54.10 12.57 -65.97
C ILE J 487 -54.73 13.51 -67.00
N GLN J 488 -53.97 13.92 -68.02
CA GLN J 488 -54.42 14.84 -69.09
C GLN J 488 -55.08 14.11 -70.27
N LEU J 489 -56.34 14.47 -70.54
CA LEU J 489 -57.22 13.96 -71.63
C LEU J 489 -57.06 14.86 -72.86
N LYS M 2 18.49 -52.74 -5.44
CA LYS M 2 17.08 -52.77 -5.97
C LYS M 2 16.45 -51.35 -5.87
N LEU M 3 17.25 -50.30 -5.57
CA LEU M 3 16.83 -48.89 -5.44
C LEU M 3 16.66 -48.27 -6.84
N ALA M 4 15.50 -47.67 -7.12
CA ALA M 4 15.26 -46.89 -8.35
C ALA M 4 15.24 -45.41 -7.96
N ASP M 5 16.39 -44.74 -8.00
N ASP M 5 16.39 -44.74 -8.00
CA ASP M 5 16.57 -43.35 -7.51
CA ASP M 5 16.57 -43.35 -7.51
C ASP M 5 15.92 -42.37 -8.50
C ASP M 5 15.93 -42.38 -8.50
N CYS M 6 15.59 -41.15 -8.03
N CYS M 6 15.59 -41.16 -8.03
CA CYS M 6 15.04 -40.04 -8.85
CA CYS M 6 15.05 -40.04 -8.85
C CYS M 6 16.20 -39.22 -9.42
C CYS M 6 16.21 -39.22 -9.44
N SER M 7 15.93 -38.43 -10.48
N SER M 7 15.93 -38.43 -10.48
CA SER M 7 16.91 -37.62 -11.25
CA SER M 7 16.92 -37.62 -11.26
C SER M 7 17.45 -36.45 -10.41
C SER M 7 17.45 -36.44 -10.41
N SER M 8 16.55 -35.68 -9.77
CA SER M 8 16.88 -34.53 -8.90
C SER M 8 17.83 -34.97 -7.79
N LYS M 9 18.87 -34.17 -7.53
CA LYS M 9 19.82 -34.37 -6.40
C LYS M 9 19.59 -33.25 -5.36
N SER M 10 18.39 -32.65 -5.32
CA SER M 10 17.94 -31.64 -4.32
C SER M 10 17.05 -32.29 -3.26
N PRO M 11 17.61 -32.84 -2.15
CA PRO M 11 16.82 -33.50 -1.11
C PRO M 11 15.51 -32.84 -0.65
N GLU M 12 15.46 -31.51 -0.65
CA GLU M 12 14.31 -30.71 -0.13
C GLU M 12 13.03 -31.03 -0.93
N GLU M 13 13.16 -31.45 -2.19
CA GLU M 13 12.01 -31.71 -3.12
C GLU M 13 11.94 -33.20 -3.53
N CYS M 14 12.85 -34.04 -3.03
N CYS M 14 12.84 -34.03 -3.02
CA CYS M 14 12.91 -35.49 -3.31
CA CYS M 14 12.91 -35.49 -3.31
C CYS M 14 12.14 -36.27 -2.23
C CYS M 14 12.14 -36.27 -2.23
N GLU M 15 11.60 -37.43 -2.60
CA GLU M 15 10.90 -38.37 -1.69
C GLU M 15 11.22 -39.81 -2.11
N ILE M 16 11.38 -40.71 -1.13
CA ILE M 16 11.65 -42.17 -1.32
C ILE M 16 10.44 -42.96 -0.80
N PHE M 17 9.97 -43.92 -1.60
CA PHE M 17 8.84 -44.82 -1.27
C PHE M 17 9.39 -46.22 -0.93
N LEU M 18 9.08 -46.69 0.28
CA LEU M 18 9.43 -48.05 0.78
C LEU M 18 8.22 -48.96 0.56
N VAL M 19 8.40 -50.05 -0.21
CA VAL M 19 7.31 -50.97 -0.65
C VAL M 19 7.73 -52.42 -0.32
N GLU M 20 6.76 -53.34 -0.26
CA GLU M 20 6.90 -54.69 0.37
C GLU M 20 7.76 -55.62 -0.49
N GLY M 21 7.67 -55.50 -1.83
CA GLY M 21 8.46 -56.36 -2.74
C GLY M 21 8.46 -55.82 -4.15
N ASP M 22 9.05 -56.59 -5.08
CA ASP M 22 9.14 -56.29 -6.53
C ASP M 22 7.75 -56.24 -7.16
N SER M 23 6.78 -56.95 -6.61
CA SER M 23 5.33 -56.86 -6.98
C SER M 23 4.92 -55.38 -7.02
N ALA M 24 4.97 -54.73 -5.84
CA ALA M 24 4.62 -53.31 -5.66
C ALA M 24 5.71 -52.44 -6.30
N GLY M 25 6.98 -52.82 -6.15
CA GLY M 25 8.14 -52.13 -6.74
C GLY M 25 7.90 -51.73 -8.19
N GLY M 26 7.52 -52.69 -9.05
CA GLY M 26 7.39 -52.48 -10.50
C GLY M 26 6.22 -51.54 -10.82
N SER M 27 5.06 -51.80 -10.21
CA SER M 27 3.82 -50.99 -10.37
C SER M 27 4.11 -49.54 -10.00
N THR M 28 4.85 -49.34 -8.92
CA THR M 28 5.26 -48.04 -8.34
C THR M 28 6.24 -47.33 -9.29
N LYS M 29 7.28 -48.02 -9.76
CA LYS M 29 8.33 -47.46 -10.67
C LYS M 29 7.67 -46.94 -11.94
N SER M 30 6.60 -47.58 -12.43
CA SER M 30 5.83 -47.13 -13.62
C SER M 30 5.02 -45.87 -13.28
N GLY M 31 4.34 -45.88 -12.14
CA GLY M 31 3.41 -44.82 -11.70
C GLY M 31 4.11 -43.51 -11.38
N ARG M 32 5.33 -43.60 -10.83
CA ARG M 32 6.04 -42.49 -10.12
C ARG M 32 6.42 -41.36 -11.08
N ASP M 33 6.65 -40.18 -10.52
CA ASP M 33 7.38 -39.05 -11.17
C ASP M 33 8.87 -39.27 -10.90
N SER M 34 9.59 -39.90 -11.85
CA SER M 34 11.00 -40.33 -11.68
C SER M 34 11.94 -39.12 -11.55
N ARG M 35 11.42 -37.89 -11.67
CA ARG M 35 12.20 -36.65 -11.42
C ARG M 35 12.45 -36.46 -9.92
N THR M 36 11.47 -36.76 -9.06
CA THR M 36 11.48 -36.44 -7.60
C THR M 36 11.14 -37.63 -6.70
N GLN M 37 10.73 -38.78 -7.26
CA GLN M 37 10.22 -39.93 -6.47
C GLN M 37 11.13 -41.14 -6.67
N ALA M 38 11.86 -41.55 -5.63
CA ALA M 38 12.70 -42.76 -5.62
C ALA M 38 11.86 -43.92 -5.05
N ILE M 39 12.27 -45.16 -5.31
CA ILE M 39 11.60 -46.39 -4.79
C ILE M 39 12.65 -47.38 -4.30
N LEU M 40 12.51 -47.81 -3.04
CA LEU M 40 13.30 -48.92 -2.44
C LEU M 40 12.34 -50.05 -2.11
N PRO M 41 12.26 -51.11 -2.96
CA PRO M 41 11.47 -52.29 -2.63
C PRO M 41 12.27 -53.12 -1.63
N LEU M 42 11.67 -53.44 -0.49
CA LEU M 42 12.23 -54.31 0.56
C LEU M 42 11.93 -55.77 0.21
N ARG M 43 12.37 -56.71 1.06
CA ARG M 43 12.24 -58.17 0.79
C ARG M 43 11.44 -58.80 1.93
N GLY M 44 10.17 -58.40 2.07
CA GLY M 44 9.22 -58.94 3.05
C GLY M 44 9.52 -58.46 4.46
N LYS M 45 9.17 -59.26 5.47
CA LYS M 45 9.41 -58.94 6.90
C LYS M 45 10.86 -58.49 7.05
N ILE M 46 11.06 -57.32 7.68
CA ILE M 46 12.41 -56.75 7.95
C ILE M 46 12.77 -57.16 9.39
N LEU M 47 14.05 -57.07 9.74
CA LEU M 47 14.58 -57.43 11.08
C LEU M 47 13.87 -56.61 12.16
N ASN M 48 13.39 -57.26 13.23
CA ASN M 48 12.90 -56.55 14.45
C ASN M 48 14.13 -56.10 15.25
N VAL M 49 14.54 -54.83 15.10
CA VAL M 49 15.80 -54.26 15.69
C VAL M 49 15.69 -54.19 17.23
N GLU M 50 14.47 -54.16 17.76
CA GLU M 50 14.17 -54.16 19.22
C GLU M 50 14.59 -55.49 19.87
N LYS M 51 14.48 -56.60 19.13
CA LYS M 51 14.83 -57.97 19.60
C LYS M 51 16.24 -58.36 19.17
N ALA M 52 16.70 -57.91 17.99
CA ALA M 52 17.97 -58.30 17.36
C ALA M 52 19.14 -57.60 18.06
N ARG M 53 20.30 -58.26 18.10
CA ARG M 53 21.60 -57.72 18.60
C ARG M 53 22.22 -56.85 17.50
N LEU M 54 23.01 -55.84 17.87
CA LEU M 54 23.57 -54.80 16.96
C LEU M 54 24.43 -55.44 15.85
N ASP M 55 25.21 -56.47 16.15
CA ASP M 55 26.01 -57.25 15.17
C ASP M 55 25.14 -57.64 13.96
N ARG M 56 24.00 -58.29 14.23
CA ARG M 56 23.03 -58.81 13.22
C ARG M 56 22.43 -57.64 12.41
N ILE M 57 22.07 -56.56 13.12
CA ILE M 57 21.40 -55.34 12.54
C ILE M 57 22.30 -54.74 11.46
N LEU M 58 23.58 -54.52 11.77
CA LEU M 58 24.54 -53.85 10.85
C LEU M 58 24.91 -54.77 9.69
N ASN M 59 24.79 -56.10 9.87
CA ASN M 59 25.11 -57.10 8.82
C ASN M 59 23.88 -57.36 7.93
N ASN M 60 22.66 -57.02 8.39
CA ASN M 60 21.39 -57.20 7.63
C ASN M 60 21.45 -56.39 6.33
N ASN M 61 21.09 -57.02 5.21
CA ASN M 61 21.22 -56.46 3.84
C ASN M 61 20.10 -55.41 3.62
N GLU M 62 18.87 -55.63 4.10
CA GLU M 62 17.73 -54.68 3.97
C GLU M 62 17.96 -53.42 4.83
N ILE M 63 18.49 -53.59 6.05
CA ILE M 63 18.86 -52.46 6.97
C ILE M 63 19.97 -51.64 6.29
N ARG M 64 20.97 -52.31 5.73
CA ARG M 64 22.11 -51.65 5.04
C ARG M 64 21.60 -50.81 3.86
N GLN M 65 20.73 -51.36 3.02
CA GLN M 65 20.22 -50.66 1.79
C GLN M 65 19.49 -49.38 2.20
N MET M 66 18.74 -49.41 3.31
CA MET M 66 17.94 -48.23 3.78
C MET M 66 18.89 -47.14 4.28
N ILE M 67 19.89 -47.51 5.07
CA ILE M 67 20.96 -46.60 5.58
C ILE M 67 21.67 -45.96 4.38
N THR M 68 22.05 -46.75 3.36
CA THR M 68 22.78 -46.28 2.16
C THR M 68 21.92 -45.28 1.39
N ALA M 69 20.62 -45.59 1.24
CA ALA M 69 19.65 -44.80 0.45
C ALA M 69 19.48 -43.41 1.07
N PHE M 70 19.31 -43.35 2.40
CA PHE M 70 19.08 -42.10 3.17
C PHE M 70 20.39 -41.31 3.28
N GLY M 71 21.53 -42.00 3.41
CA GLY M 71 22.89 -41.44 3.51
C GLY M 71 23.10 -40.59 4.76
N THR M 72 22.40 -40.88 5.87
CA THR M 72 22.46 -40.09 7.13
C THR M 72 23.35 -40.79 8.17
N GLY M 73 23.61 -42.09 8.01
CA GLY M 73 24.24 -42.93 9.06
C GLY M 73 23.29 -43.12 10.24
N ILE M 74 23.75 -43.72 11.34
CA ILE M 74 22.85 -44.22 12.41
C ILE M 74 23.37 -43.80 13.80
N GLY M 75 22.44 -43.68 14.77
CA GLY M 75 22.71 -43.43 16.19
C GLY M 75 23.33 -42.07 16.43
N GLY M 76 24.54 -42.05 17.01
CA GLY M 76 25.33 -40.84 17.30
C GLY M 76 25.78 -40.13 16.03
N ASP M 77 26.30 -40.90 15.05
CA ASP M 77 26.80 -40.37 13.74
C ASP M 77 25.67 -39.95 12.81
N PHE M 78 24.41 -40.11 13.21
CA PHE M 78 23.23 -39.67 12.41
C PHE M 78 23.37 -38.16 12.18
N ASP M 79 23.25 -37.74 10.92
CA ASP M 79 23.38 -36.33 10.46
C ASP M 79 22.19 -35.98 9.56
N LEU M 80 21.23 -35.19 10.09
CA LEU M 80 19.95 -34.86 9.41
C LEU M 80 20.20 -34.09 8.11
N ALA M 81 21.30 -33.34 8.02
CA ALA M 81 21.64 -32.46 6.88
C ALA M 81 22.17 -33.28 5.68
N LYS M 82 22.71 -34.48 5.93
CA LYS M 82 23.25 -35.40 4.88
C LYS M 82 22.11 -36.26 4.30
N ALA M 83 20.86 -36.06 4.76
CA ALA M 83 19.65 -36.76 4.26
C ALA M 83 19.47 -36.49 2.77
N ARG M 84 19.20 -37.54 2.00
CA ARG M 84 19.11 -37.52 0.51
C ARG M 84 17.65 -37.37 0.07
N TYR M 85 16.69 -37.49 1.00
CA TYR M 85 15.22 -37.29 0.81
C TYR M 85 14.68 -36.59 2.06
N HIS M 86 13.73 -35.65 1.89
CA HIS M 86 13.06 -34.92 3.01
C HIS M 86 11.66 -35.51 3.24
N LYS M 87 11.32 -36.56 2.49
CA LYS M 87 10.10 -37.40 2.68
C LYS M 87 10.49 -38.88 2.47
N ILE M 88 10.54 -39.65 3.56
CA ILE M 88 10.61 -41.13 3.55
C ILE M 88 9.19 -41.64 3.74
N VAL M 89 8.57 -42.19 2.69
CA VAL M 89 7.15 -42.65 2.67
C VAL M 89 7.10 -44.18 2.83
N ILE M 90 6.50 -44.65 3.93
CA ILE M 90 6.21 -46.08 4.19
C ILE M 90 4.90 -46.40 3.47
N MET M 91 4.96 -47.22 2.42
CA MET M 91 3.79 -47.59 1.58
C MET M 91 3.60 -49.11 1.62
N THR M 92 3.10 -49.60 2.74
N THR M 92 3.10 -49.60 2.74
CA THR M 92 2.73 -51.02 2.96
CA THR M 92 2.73 -51.03 2.96
C THR M 92 1.27 -51.21 2.56
C THR M 92 1.27 -51.22 2.56
N ASP M 93 0.88 -52.46 2.26
CA ASP M 93 -0.48 -52.84 1.82
C ASP M 93 -1.47 -52.50 2.95
N ALA M 94 -2.77 -52.46 2.61
CA ALA M 94 -3.88 -52.10 3.51
C ALA M 94 -4.36 -53.34 4.30
N ASP M 95 -3.48 -54.33 4.49
CA ASP M 95 -3.80 -55.63 5.14
C ASP M 95 -3.08 -55.70 6.51
N VAL M 96 -3.07 -56.87 7.14
CA VAL M 96 -2.53 -57.09 8.49
C VAL M 96 -1.00 -57.22 8.42
N ASP M 97 -0.47 -57.86 7.37
CA ASP M 97 1.00 -58.05 7.21
C ASP M 97 1.64 -56.74 6.77
N GLY M 98 0.84 -55.86 6.15
CA GLY M 98 1.21 -54.45 5.92
C GLY M 98 1.45 -53.74 7.24
N ALA M 99 0.49 -53.84 8.16
CA ALA M 99 0.56 -53.22 9.50
C ALA M 99 1.81 -53.71 10.23
N HIS M 100 2.15 -54.99 10.13
CA HIS M 100 3.35 -55.58 10.79
C HIS M 100 4.63 -54.95 10.22
N ILE M 101 4.77 -54.89 8.89
CA ILE M 101 6.00 -54.34 8.23
C ILE M 101 6.09 -52.85 8.57
N ARG M 102 4.94 -52.18 8.73
CA ARG M 102 4.86 -50.76 9.17
C ARG M 102 5.43 -50.62 10.59
N THR M 103 4.99 -51.45 11.55
CA THR M 103 5.51 -51.42 12.96
C THR M 103 7.01 -51.76 12.98
N LEU M 104 7.49 -52.59 12.06
CA LEU M 104 8.90 -53.08 12.08
C LEU M 104 9.83 -51.97 11.59
N LEU M 105 9.37 -51.22 10.57
CA LEU M 105 10.13 -50.08 9.97
C LEU M 105 10.15 -48.93 10.97
N LEU M 106 9.00 -48.59 11.55
CA LEU M 106 8.85 -47.51 12.57
C LEU M 106 9.76 -47.80 13.77
N THR M 107 9.91 -49.07 14.15
CA THR M 107 10.79 -49.50 15.26
C THR M 107 12.24 -49.21 14.87
N PHE M 108 12.62 -49.47 13.62
CA PHE M 108 13.98 -49.20 13.10
C PHE M 108 14.25 -47.71 13.10
N PHE M 109 13.34 -46.92 12.52
CA PHE M 109 13.45 -45.44 12.43
C PHE M 109 13.56 -44.84 13.84
N TYR M 110 12.75 -45.29 14.79
CA TYR M 110 12.68 -44.70 16.16
C TYR M 110 13.95 -45.03 16.96
N ARG M 111 14.57 -46.19 16.73
CA ARG M 111 15.71 -46.66 17.55
C ARG M 111 17.03 -46.17 16.93
N PHE M 112 17.10 -45.96 15.60
CA PHE M 112 18.38 -45.74 14.88
C PHE M 112 18.43 -44.39 14.15
N MET M 113 17.26 -43.77 13.89
CA MET M 113 17.17 -42.50 13.14
C MET M 113 16.03 -41.64 13.72
N ARG M 114 16.00 -41.49 15.05
CA ARG M 114 14.92 -40.78 15.77
C ARG M 114 14.79 -39.34 15.24
N PRO M 115 15.90 -38.59 15.00
CA PRO M 115 15.81 -37.21 14.54
C PRO M 115 15.11 -37.02 13.18
N LEU M 116 15.14 -38.05 12.32
CA LEU M 116 14.38 -38.12 11.04
C LEU M 116 12.87 -38.00 11.32
N ILE M 117 12.38 -38.67 12.37
CA ILE M 117 10.94 -38.64 12.78
C ILE M 117 10.63 -37.25 13.36
N GLU M 118 11.52 -36.75 14.23
CA GLU M 118 11.44 -35.42 14.88
C GLU M 118 11.31 -34.34 13.80
N ALA M 119 12.19 -34.37 12.78
CA ALA M 119 12.23 -33.42 11.65
C ALA M 119 10.97 -33.51 10.77
N GLY M 120 10.13 -34.54 10.97
CA GLY M 120 8.87 -34.75 10.23
C GLY M 120 9.09 -35.27 8.83
N TYR M 121 10.17 -36.04 8.61
CA TYR M 121 10.59 -36.58 7.28
C TYR M 121 9.94 -37.95 7.05
N VAL M 122 9.42 -38.59 8.09
CA VAL M 122 8.77 -39.93 7.97
C VAL M 122 7.27 -39.71 7.80
N TYR M 123 6.73 -40.31 6.71
CA TYR M 123 5.29 -40.29 6.35
C TYR M 123 4.78 -41.71 6.10
N ILE M 124 3.45 -41.86 6.07
CA ILE M 124 2.72 -43.15 5.88
C ILE M 124 1.68 -42.95 4.77
N ALA M 125 1.93 -43.48 3.57
CA ALA M 125 0.98 -43.49 2.44
C ALA M 125 -0.30 -44.22 2.85
N GLN M 126 -1.41 -43.93 2.17
CA GLN M 126 -2.74 -44.50 2.48
C GLN M 126 -3.37 -44.99 1.19
N PRO M 127 -2.99 -46.20 0.70
CA PRO M 127 -3.61 -46.75 -0.51
C PRO M 127 -5.10 -47.01 -0.28
N PRO M 128 -5.96 -46.84 -1.31
CA PRO M 128 -7.41 -46.85 -1.10
C PRO M 128 -7.87 -48.25 -0.67
N LYS M 129 -7.17 -55.59 -2.98
CA LYS M 129 -6.88 -55.57 -1.53
C LYS M 129 -5.52 -54.91 -1.27
N GLY M 130 -4.47 -55.38 -1.96
CA GLY M 130 -3.10 -54.85 -1.88
C GLY M 130 -2.85 -53.86 -3.01
N LEU M 131 -1.74 -53.11 -2.92
CA LEU M 131 -1.32 -52.20 -4.03
C LEU M 131 -0.35 -52.94 -4.97
N GLY M 132 0.10 -54.13 -4.58
C GLY M 132 -0.08 -55.63 -6.58
N GLU M 133 -1.41 -55.49 -6.39
CA GLU M 133 -2.49 -55.94 -7.31
C GLU M 133 -3.07 -54.77 -8.13
N MET M 134 -2.75 -53.53 -7.79
CA MET M 134 -3.21 -52.33 -8.55
C MET M 134 -2.29 -52.07 -9.73
N ASN M 135 -2.81 -51.46 -10.81
CA ASN M 135 -2.04 -50.91 -11.94
C ASN M 135 -1.48 -49.54 -11.59
N ALA M 136 -0.42 -49.16 -12.31
CA ALA M 136 0.41 -47.96 -12.12
C ALA M 136 -0.40 -46.67 -12.25
N ASP M 137 -1.30 -46.56 -13.24
CA ASP M 137 -2.10 -45.33 -13.50
C ASP M 137 -2.88 -44.97 -12.24
N GLN M 138 -3.51 -45.98 -11.62
CA GLN M 138 -4.45 -45.81 -10.47
C GLN M 138 -3.64 -45.62 -9.18
N LEU M 139 -2.51 -46.30 -9.07
CA LEU M 139 -1.57 -46.22 -7.92
C LEU M 139 -0.97 -44.81 -7.81
N TRP M 140 -0.67 -44.18 -8.95
CA TRP M 140 -0.17 -42.78 -9.02
C TRP M 140 -1.25 -41.82 -8.50
N GLU M 141 -2.48 -41.92 -9.04
CA GLU M 141 -3.55 -40.90 -8.88
C GLU M 141 -4.04 -40.88 -7.43
N THR M 142 -4.10 -42.04 -6.77
CA THR M 142 -4.66 -42.19 -5.40
C THR M 142 -3.59 -41.95 -4.32
N THR M 143 -2.34 -42.37 -4.55
CA THR M 143 -1.35 -42.64 -3.47
C THR M 143 -0.04 -41.85 -3.62
N MET M 144 0.42 -41.54 -4.85
CA MET M 144 1.76 -40.97 -5.12
C MET M 144 1.69 -39.54 -5.70
N ASN M 145 0.56 -39.12 -6.27
CA ASN M 145 0.41 -37.79 -6.92
C ASN M 145 0.25 -36.72 -5.83
N PRO M 146 1.20 -35.77 -5.68
CA PRO M 146 1.09 -34.74 -4.64
C PRO M 146 -0.18 -33.87 -4.75
N GLU M 147 -0.87 -33.92 -5.88
CA GLU M 147 -2.12 -33.15 -6.13
C GLU M 147 -3.31 -33.81 -5.43
N HIS M 148 -3.38 -35.14 -5.34
CA HIS M 148 -4.58 -35.87 -4.84
C HIS M 148 -4.24 -36.86 -3.70
N ARG M 149 -2.97 -37.17 -3.44
CA ARG M 149 -2.57 -38.18 -2.41
C ARG M 149 -2.86 -37.64 -1.01
N ALA M 150 -2.91 -38.52 -0.02
CA ALA M 150 -3.18 -38.21 1.41
C ALA M 150 -2.14 -38.91 2.29
N LEU M 151 -0.95 -38.32 2.45
CA LEU M 151 0.12 -38.83 3.35
C LEU M 151 -0.24 -38.48 4.80
N LEU M 152 0.12 -39.35 5.75
CA LEU M 152 0.10 -39.06 7.20
C LEU M 152 1.55 -38.80 7.62
N GLN M 153 1.81 -37.63 8.19
CA GLN M 153 3.15 -37.28 8.73
C GLN M 153 3.26 -37.88 10.13
N VAL M 154 4.30 -38.70 10.38
CA VAL M 154 4.49 -39.35 11.70
C VAL M 154 5.04 -38.29 12.67
N LYS M 155 4.24 -37.97 13.71
CA LYS M 155 4.58 -37.01 14.79
C LYS M 155 4.87 -37.79 16.07
N LEU M 156 6.05 -37.56 16.67
CA LEU M 156 6.45 -38.09 18.00
C LEU M 156 6.09 -37.04 19.07
N GLU M 157 5.08 -37.32 19.92
CA GLU M 157 4.64 -36.36 20.97
C GLU M 157 5.43 -36.60 22.27
N ASP M 158 5.23 -37.74 22.91
CA ASP M 158 5.86 -38.10 24.22
C ASP M 158 6.93 -39.17 24.00
N ALA M 159 8.21 -38.82 24.15
CA ALA M 159 9.37 -39.72 23.94
C ALA M 159 9.41 -40.82 25.02
N ILE M 160 9.01 -40.53 26.25
CA ILE M 160 8.94 -41.52 27.37
C ILE M 160 7.89 -42.58 27.03
N GLU M 161 6.68 -42.14 26.61
CA GLU M 161 5.54 -43.03 26.29
C GLU M 161 5.88 -43.87 25.05
N ALA M 162 6.61 -43.28 24.09
CA ALA M 162 7.08 -43.95 22.86
C ALA M 162 8.06 -45.07 23.22
N ASP M 163 9.06 -44.78 24.08
CA ASP M 163 10.08 -45.76 24.54
C ASP M 163 9.39 -46.98 25.17
N GLN M 164 8.33 -46.75 25.94
CA GLN M 164 7.60 -47.84 26.67
C GLN M 164 6.81 -48.67 25.64
N THR M 165 6.22 -48.02 24.63
CA THR M 165 5.32 -48.65 23.63
C THR M 165 6.14 -49.56 22.70
N PHE M 166 7.28 -49.10 22.21
CA PHE M 166 8.18 -49.91 21.33
C PHE M 166 8.72 -51.10 22.15
N GLU M 167 9.13 -50.87 23.40
CA GLU M 167 9.68 -51.93 24.28
C GLU M 167 8.61 -52.99 24.57
N MET M 168 7.34 -52.59 24.70
CA MET M 168 6.22 -53.50 25.03
C MET M 168 5.82 -54.32 23.80
N LEU M 169 5.59 -53.68 22.65
CA LEU M 169 5.10 -54.33 21.41
C LEU M 169 6.24 -55.11 20.74
N MET M 170 7.44 -54.53 20.65
CA MET M 170 8.54 -55.07 19.80
C MET M 170 9.66 -55.69 20.63
N GLY M 171 9.58 -55.63 21.96
CA GLY M 171 10.63 -56.13 22.88
C GLY M 171 10.57 -57.63 23.07
N ASP M 172 11.59 -58.21 23.73
CA ASP M 172 11.72 -59.69 23.90
C ASP M 172 10.77 -60.20 25.00
N VAL M 173 10.20 -59.32 25.84
CA VAL M 173 9.29 -59.75 26.94
C VAL M 173 7.88 -60.02 26.38
N VAL M 174 7.49 -61.30 26.33
CA VAL M 174 6.24 -61.77 25.66
C VAL M 174 5.02 -61.38 26.51
N GLU M 175 5.13 -61.42 27.84
CA GLU M 175 3.94 -61.34 28.73
C GLU M 175 3.30 -59.95 28.63
N ASN M 176 4.09 -58.87 28.58
CA ASN M 176 3.59 -57.48 28.47
C ASN M 176 2.85 -57.30 27.14
N ARG M 177 3.41 -57.84 26.06
CA ARG M 177 2.83 -57.83 24.69
C ARG M 177 1.49 -58.57 24.71
N ARG M 178 1.44 -59.78 25.30
CA ARG M 178 0.22 -60.62 25.34
C ARG M 178 -0.87 -59.89 26.15
N GLN M 179 -0.47 -59.31 27.29
CA GLN M 179 -1.37 -58.55 28.20
C GLN M 179 -2.05 -57.44 27.42
N PHE M 180 -1.24 -56.66 26.70
CA PHE M 180 -1.68 -55.51 25.85
C PHE M 180 -2.76 -55.98 24.86
N ILE M 181 -2.54 -57.13 24.21
CA ILE M 181 -3.44 -57.68 23.16
C ILE M 181 -4.79 -58.04 23.81
N GLU M 182 -4.76 -58.82 24.90
CA GLU M 182 -5.98 -59.26 25.62
C GLU M 182 -6.77 -58.02 26.05
N ASP M 183 -6.09 -57.05 26.66
CA ASP M 183 -6.68 -55.80 27.21
C ASP M 183 -7.38 -55.03 26.08
N ASN M 184 -6.75 -54.92 24.93
CA ASN M 184 -7.19 -54.03 23.80
C ASN M 184 -8.00 -54.83 22.74
N ALA M 185 -8.13 -56.15 22.89
CA ALA M 185 -9.06 -56.96 22.07
C ALA M 185 -10.46 -56.55 22.53
N VAL M 186 -11.36 -56.27 21.59
CA VAL M 186 -12.75 -55.77 21.91
C VAL M 186 -13.74 -56.36 20.88
N ASN N 9 -3.38 -35.17 8.16
CA ASN N 9 -2.02 -34.60 8.01
C ASN N 9 -1.10 -35.00 9.18
N GLU N 10 -1.63 -35.62 10.25
CA GLU N 10 -0.88 -35.95 11.49
C GLU N 10 -1.33 -37.31 12.02
N ARG N 11 -0.39 -38.15 12.47
CA ARG N 11 -0.67 -39.46 13.12
C ARG N 11 0.29 -39.66 14.28
N ASN N 12 -0.25 -39.86 15.49
CA ASN N 12 0.57 -40.09 16.72
C ASN N 12 1.28 -41.45 16.58
N ILE N 13 2.60 -41.49 16.79
CA ILE N 13 3.42 -42.71 16.58
C ILE N 13 2.96 -43.82 17.52
N THR N 14 2.62 -43.49 18.76
CA THR N 14 2.13 -44.45 19.79
C THR N 14 0.81 -45.07 19.32
N SER N 15 -0.15 -44.26 18.87
CA SER N 15 -1.48 -44.71 18.36
C SER N 15 -1.28 -45.66 17.17
N GLU N 16 -0.39 -45.29 16.25
CA GLU N 16 -0.11 -46.05 15.00
C GLU N 16 0.45 -47.43 15.36
N MET N 17 1.48 -47.48 16.21
CA MET N 17 2.09 -48.74 16.72
C MET N 17 1.01 -49.62 17.36
N ARG N 18 0.24 -49.07 18.30
CA ARG N 18 -0.68 -49.88 19.14
C ARG N 18 -1.77 -50.50 18.26
N GLU N 19 -2.32 -49.71 17.33
CA GLU N 19 -3.46 -50.14 16.46
C GLU N 19 -2.95 -51.06 15.36
N SER N 20 -1.78 -50.74 14.77
CA SER N 20 -1.14 -51.55 13.70
C SER N 20 -0.76 -52.94 14.22
N PHE N 21 -0.05 -52.99 15.35
CA PHE N 21 0.45 -54.23 15.97
C PHE N 21 -0.74 -55.10 16.41
N LEU N 22 -1.78 -54.48 17.00
CA LEU N 22 -2.98 -55.21 17.50
C LEU N 22 -3.66 -55.89 16.30
N ASP N 23 -3.74 -55.19 15.16
CA ASP N 23 -4.41 -55.69 13.93
C ASP N 23 -3.70 -56.96 13.46
N TYR N 24 -2.37 -56.90 13.38
CA TYR N 24 -1.49 -58.04 13.04
C TYR N 24 -1.67 -59.17 14.06
N ALA N 25 -1.39 -58.88 15.33
CA ALA N 25 -1.40 -59.86 16.45
C ALA N 25 -2.74 -60.61 16.48
N MET N 26 -3.85 -59.88 16.45
CA MET N 26 -5.21 -60.47 16.56
C MET N 26 -5.43 -61.41 15.38
N SER N 27 -4.97 -61.01 14.20
CA SER N 27 -5.16 -61.72 12.91
C SER N 27 -4.36 -63.04 12.94
N VAL N 28 -3.12 -63.00 13.42
CA VAL N 28 -2.23 -64.19 13.58
C VAL N 28 -2.84 -65.16 14.59
N ILE N 29 -3.55 -64.67 15.60
CA ILE N 29 -4.12 -65.50 16.69
C ILE N 29 -5.38 -66.23 16.22
N VAL N 30 -6.33 -65.52 15.60
CA VAL N 30 -7.70 -66.05 15.35
C VAL N 30 -7.84 -66.55 13.90
N ALA N 31 -6.83 -66.34 13.05
CA ALA N 31 -6.92 -66.61 11.60
C ALA N 31 -5.53 -66.87 11.01
N ARG N 32 -4.69 -67.68 11.69
CA ARG N 32 -3.42 -68.18 11.08
C ARG N 32 -2.84 -69.37 11.87
N ALA N 33 -2.34 -69.12 13.06
CA ALA N 33 -1.35 -69.98 13.76
C ALA N 33 -2.00 -70.93 14.78
N LEU N 34 -3.19 -70.60 15.28
CA LEU N 34 -3.88 -71.40 16.33
C LEU N 34 -5.04 -72.16 15.70
N PRO N 35 -5.20 -73.46 16.03
CA PRO N 35 -6.31 -74.26 15.51
C PRO N 35 -7.61 -74.02 16.30
N ASP N 36 -8.76 -74.22 15.65
CA ASP N 36 -10.08 -74.30 16.33
C ASP N 36 -10.15 -75.59 17.14
N VAL N 37 -10.72 -75.54 18.34
CA VAL N 37 -10.84 -76.68 19.29
C VAL N 37 -11.77 -77.74 18.71
N ARG N 38 -12.67 -77.36 17.81
CA ARG N 38 -13.75 -78.24 17.28
C ARG N 38 -13.20 -79.23 16.25
N ASP N 39 -12.57 -78.73 15.17
CA ASP N 39 -12.09 -79.59 14.06
C ASP N 39 -10.56 -79.71 14.06
N GLY N 40 -9.88 -79.02 14.98
CA GLY N 40 -8.42 -79.08 15.14
C GLY N 40 -7.66 -78.40 14.02
N LEU N 41 -8.32 -77.61 13.18
CA LEU N 41 -7.72 -77.07 11.94
C LEU N 41 -7.39 -75.58 12.07
N LYS N 42 -6.23 -75.18 11.55
CA LYS N 42 -5.95 -73.76 11.27
C LYS N 42 -6.67 -73.42 9.97
N PRO N 43 -6.98 -72.13 9.72
CA PRO N 43 -7.53 -71.69 8.43
C PRO N 43 -6.94 -72.37 7.19
N VAL N 44 -5.62 -72.34 7.01
CA VAL N 44 -4.99 -72.83 5.76
C VAL N 44 -5.33 -74.32 5.57
N HIS N 45 -5.34 -75.11 6.63
CA HIS N 45 -5.64 -76.57 6.58
C HIS N 45 -7.10 -76.76 6.15
N ARG N 46 -8.01 -76.04 6.82
CA ARG N 46 -9.48 -76.10 6.57
C ARG N 46 -9.74 -75.77 5.10
N ARG N 47 -9.14 -74.69 4.60
CA ARG N 47 -9.36 -74.20 3.22
C ARG N 47 -8.87 -75.23 2.20
N ILE N 48 -7.75 -75.89 2.48
CA ILE N 48 -7.20 -76.97 1.60
C ILE N 48 -8.20 -78.13 1.55
N LEU N 49 -8.63 -78.65 2.70
CA LEU N 49 -9.51 -79.85 2.76
C LEU N 49 -10.86 -79.52 2.12
N TYR N 50 -11.36 -78.30 2.31
CA TYR N 50 -12.66 -77.86 1.75
C TYR N 50 -12.52 -77.70 0.24
N GLY N 51 -11.37 -77.19 -0.21
CA GLY N 51 -11.02 -77.06 -1.63
C GLY N 51 -10.95 -78.42 -2.31
N LEU N 52 -10.36 -79.42 -1.65
CA LEU N 52 -10.29 -80.80 -2.19
C LEU N 52 -11.72 -81.29 -2.40
N ASN N 53 -12.60 -80.96 -1.47
CA ASN N 53 -13.99 -81.49 -1.40
C ASN N 53 -14.86 -80.82 -2.48
N GLU N 54 -14.66 -79.53 -2.70
CA GLU N 54 -15.41 -78.71 -3.70
C GLU N 54 -15.03 -79.14 -5.11
N GLN N 55 -13.82 -79.64 -5.33
CA GLN N 55 -13.38 -80.19 -6.66
C GLN N 55 -13.49 -81.72 -6.64
N GLY N 56 -14.30 -82.28 -5.74
CA GLY N 56 -14.47 -83.74 -5.53
C GLY N 56 -13.21 -84.55 -5.79
N MET N 57 -12.08 -84.14 -5.24
CA MET N 57 -10.82 -84.94 -5.23
C MET N 57 -10.89 -85.89 -4.05
N THR N 58 -11.64 -86.98 -4.23
CA THR N 58 -12.00 -87.96 -3.18
C THR N 58 -11.09 -89.17 -3.36
N PRO N 59 -10.99 -90.08 -2.36
CA PRO N 59 -10.06 -91.22 -2.43
C PRO N 59 -10.29 -92.15 -3.64
N ASP N 60 -11.54 -92.29 -4.07
CA ASP N 60 -11.99 -93.17 -5.20
C ASP N 60 -11.54 -92.60 -6.54
N LYS N 61 -11.63 -91.28 -6.73
CA LYS N 61 -11.15 -90.56 -7.94
C LYS N 61 -9.62 -90.44 -7.92
N SER N 62 -9.01 -90.16 -9.08
CA SER N 62 -7.53 -90.22 -9.27
C SER N 62 -6.88 -88.93 -8.79
N TYR N 63 -5.59 -89.03 -8.39
CA TYR N 63 -4.76 -87.92 -7.88
C TYR N 63 -4.76 -86.77 -8.88
N LYS N 64 -4.90 -85.55 -8.39
CA LYS N 64 -4.85 -84.30 -9.20
C LYS N 64 -3.55 -83.55 -8.85
N LYS N 65 -3.00 -82.82 -9.82
CA LYS N 65 -1.73 -82.05 -9.68
C LYS N 65 -1.85 -81.06 -8.51
N SER N 66 -0.80 -80.95 -7.71
CA SER N 66 -0.76 -80.08 -6.51
C SER N 66 -0.89 -78.61 -6.95
N ALA N 67 -0.22 -78.21 -8.03
CA ALA N 67 -0.30 -76.85 -8.58
C ALA N 67 -1.76 -76.45 -8.87
N ARG N 68 -2.58 -77.41 -9.31
CA ARG N 68 -4.03 -77.22 -9.59
C ARG N 68 -4.76 -76.93 -8.28
N ILE N 69 -4.44 -77.71 -7.24
CA ILE N 69 -5.09 -77.63 -5.89
C ILE N 69 -4.72 -76.29 -5.23
N VAL N 70 -3.43 -75.98 -5.22
CA VAL N 70 -2.87 -74.76 -4.55
C VAL N 70 -3.48 -73.51 -5.23
N GLY N 71 -3.55 -73.53 -6.56
CA GLY N 71 -4.12 -72.43 -7.37
C GLY N 71 -5.57 -72.18 -6.99
N ASP N 72 -6.36 -73.25 -6.93
N ASP N 72 -6.37 -73.25 -6.93
CA ASP N 72 -7.81 -73.21 -6.61
CA ASP N 72 -7.81 -73.21 -6.61
C ASP N 72 -7.99 -72.64 -5.19
C ASP N 72 -7.99 -72.64 -5.19
N VAL N 73 -7.20 -73.12 -4.22
CA VAL N 73 -7.31 -72.71 -2.79
C VAL N 73 -6.92 -71.24 -2.65
N MET N 74 -5.83 -70.83 -3.30
CA MET N 74 -5.27 -69.45 -3.25
C MET N 74 -6.26 -68.47 -3.90
N GLY N 75 -6.87 -68.89 -5.02
CA GLY N 75 -7.86 -68.09 -5.76
C GLY N 75 -9.12 -67.80 -4.94
N LYS N 76 -9.66 -68.81 -4.26
CA LYS N 76 -11.07 -68.82 -3.76
C LYS N 76 -11.16 -68.55 -2.24
N TYR N 77 -10.15 -68.92 -1.45
CA TYR N 77 -10.29 -69.00 0.03
C TYR N 77 -9.11 -68.34 0.76
N HIS N 78 -7.87 -68.62 0.33
CA HIS N 78 -6.61 -68.33 1.08
C HIS N 78 -5.74 -67.34 0.32
N PRO N 79 -5.94 -66.01 0.51
CA PRO N 79 -5.23 -65.01 -0.29
C PRO N 79 -3.81 -64.77 0.25
N HIS N 80 -2.93 -65.77 0.13
CA HIS N 80 -1.53 -65.77 0.65
C HIS N 80 -0.63 -66.58 -0.29
N GLY N 81 0.64 -66.75 0.09
N GLY N 81 0.64 -66.76 0.09
CA GLY N 81 1.69 -67.34 -0.76
CA GLY N 81 1.69 -67.34 -0.76
C GLY N 81 1.38 -68.78 -1.14
C GLY N 81 1.38 -68.78 -1.13
N ASP N 82 1.76 -69.19 -2.34
CA ASP N 82 1.65 -70.59 -2.81
C ASP N 82 2.49 -71.52 -1.92
N SER N 83 3.68 -71.11 -1.50
CA SER N 83 4.55 -71.94 -0.63
C SER N 83 3.86 -72.17 0.73
N SER N 84 3.21 -71.17 1.31
CA SER N 84 2.51 -71.30 2.63
C SER N 84 1.44 -72.41 2.52
N ILE N 85 0.70 -72.44 1.41
CA ILE N 85 -0.41 -73.40 1.15
C ILE N 85 0.19 -74.78 0.86
N TYR N 86 1.12 -74.88 -0.09
CA TYR N 86 1.67 -76.17 -0.53
C TYR N 86 2.34 -76.90 0.63
N GLU N 87 3.17 -76.21 1.41
CA GLU N 87 3.93 -76.83 2.52
CA GLU N 87 3.93 -76.84 2.52
C GLU N 87 2.95 -77.33 3.58
N ALA N 88 1.83 -76.62 3.77
CA ALA N 88 0.79 -76.98 4.77
C ALA N 88 0.09 -78.27 4.29
N MET N 89 -0.11 -78.40 2.98
CA MET N 89 -0.73 -79.60 2.37
C MET N 89 0.24 -80.77 2.45
N VAL N 90 1.52 -80.53 2.15
CA VAL N 90 2.60 -81.56 2.20
C VAL N 90 2.58 -82.22 3.58
N ARG N 91 2.66 -81.43 4.65
CA ARG N 91 2.73 -81.89 6.07
C ARG N 91 1.56 -82.84 6.36
N MET N 92 0.35 -82.48 5.92
CA MET N 92 -0.90 -83.27 6.14
C MET N 92 -0.79 -84.63 5.44
N ALA N 93 0.17 -84.78 4.52
CA ALA N 93 0.33 -85.97 3.67
C ALA N 93 1.49 -86.83 4.17
N GLN N 94 2.27 -86.35 5.13
CA GLN N 94 3.46 -87.07 5.66
C GLN N 94 3.02 -87.97 6.81
N ASP N 95 3.26 -89.27 6.67
CA ASP N 95 2.83 -90.29 7.68
C ASP N 95 3.72 -90.17 8.92
N PHE N 96 4.83 -89.42 8.84
CA PHE N 96 5.75 -89.16 9.99
C PHE N 96 5.44 -87.82 10.67
N SER N 97 4.54 -87.03 10.11
CA SER N 97 4.13 -85.70 10.68
C SER N 97 2.73 -85.85 11.28
N TYR N 98 1.79 -86.40 10.50
CA TYR N 98 0.37 -86.59 10.86
C TYR N 98 0.14 -88.05 11.27
N ARG N 99 -0.37 -88.23 12.50
CA ARG N 99 -0.73 -89.56 13.07
C ARG N 99 -1.83 -90.20 12.22
N TYR N 100 -2.80 -89.40 11.79
CA TYR N 100 -3.84 -89.77 10.81
C TYR N 100 -3.75 -88.78 9.66
N PRO N 101 -2.94 -89.08 8.62
CA PRO N 101 -2.82 -88.22 7.45
C PRO N 101 -4.19 -87.82 6.89
N LEU N 102 -4.34 -86.54 6.53
CA LEU N 102 -5.58 -85.95 5.98
C LEU N 102 -5.45 -85.79 4.46
N VAL N 103 -4.25 -85.97 3.91
CA VAL N 103 -4.00 -85.82 2.45
C VAL N 103 -3.23 -87.04 1.96
N ASP N 104 -3.65 -87.57 0.81
CA ASP N 104 -3.04 -88.77 0.16
C ASP N 104 -2.19 -88.23 -0.99
N GLY N 105 -0.86 -88.30 -0.82
CA GLY N 105 0.13 -87.72 -1.76
C GLY N 105 0.66 -88.77 -2.73
N GLN N 106 0.98 -88.35 -3.96
CA GLN N 106 1.65 -89.17 -4.99
C GLN N 106 2.94 -88.44 -5.37
N GLY N 107 4.09 -89.01 -5.03
CA GLY N 107 5.43 -88.47 -5.38
C GLY N 107 6.27 -88.15 -4.15
N ASN N 108 7.28 -87.31 -4.32
CA ASN N 108 8.26 -86.95 -3.26
C ASN N 108 7.62 -85.91 -2.33
N PHE N 109 7.03 -86.36 -1.21
CA PHE N 109 6.47 -85.51 -0.13
C PHE N 109 7.45 -85.43 1.05
N GLY N 110 8.75 -85.60 0.78
CA GLY N 110 9.84 -85.49 1.76
C GLY N 110 10.08 -86.75 2.55
N SER N 111 11.03 -86.72 3.47
CA SER N 111 11.46 -87.83 4.36
C SER N 111 11.68 -87.30 5.78
N MET N 112 12.02 -88.20 6.70
CA MET N 112 12.36 -87.88 8.11
C MET N 112 13.72 -87.16 8.19
N ASP N 113 14.53 -87.19 7.11
CA ASP N 113 15.86 -86.51 7.09
C ASP N 113 15.69 -85.00 6.81
N GLY N 114 14.46 -84.52 6.62
CA GLY N 114 14.18 -83.09 6.43
C GLY N 114 14.47 -82.63 5.00
N ASP N 115 14.68 -83.55 4.07
CA ASP N 115 14.59 -83.25 2.61
C ASP N 115 13.17 -82.76 2.36
N GLY N 116 13.00 -81.63 1.69
CA GLY N 116 11.66 -81.09 1.37
C GLY N 116 10.88 -82.00 0.43
N ALA N 117 9.57 -81.77 0.29
CA ALA N 117 8.74 -82.28 -0.83
C ALA N 117 9.30 -81.71 -2.14
N ALA N 118 9.19 -82.45 -3.24
CA ALA N 118 9.38 -81.90 -4.60
C ALA N 118 8.44 -80.69 -4.77
N ALA N 119 8.79 -79.77 -5.68
CA ALA N 119 7.96 -78.60 -6.04
C ALA N 119 6.55 -79.07 -6.48
N MET N 120 5.56 -78.19 -6.38
CA MET N 120 4.12 -78.55 -6.58
C MET N 120 3.86 -78.98 -8.02
N ARG N 121 4.70 -78.59 -8.96
CA ARG N 121 4.59 -79.02 -10.39
C ARG N 121 4.74 -80.55 -10.46
N TYR N 122 5.53 -81.12 -9.57
CA TYR N 122 5.98 -82.54 -9.59
C TYR N 122 4.99 -83.48 -8.88
N THR N 123 4.24 -83.02 -7.90
CA THR N 123 3.45 -83.90 -6.97
C THR N 123 1.97 -83.84 -7.33
N GLU N 124 1.22 -84.88 -6.93
CA GLU N 124 -0.25 -84.97 -7.07
C GLU N 124 -0.80 -85.36 -5.69
N ALA N 125 -2.10 -85.15 -5.45
CA ALA N 125 -2.70 -85.30 -4.11
C ALA N 125 -4.21 -85.52 -4.20
N ARG N 126 -4.79 -86.10 -3.14
CA ARG N 126 -6.27 -86.21 -2.92
C ARG N 126 -6.57 -86.35 -1.43
N MET N 127 -7.85 -86.50 -1.07
CA MET N 127 -8.28 -86.80 0.32
C MET N 127 -7.83 -88.20 0.72
N THR N 128 -7.60 -88.39 2.01
CA THR N 128 -7.52 -89.72 2.68
C THR N 128 -8.95 -90.13 3.02
N LYS N 129 -9.21 -91.43 3.21
CA LYS N 129 -10.56 -91.95 3.57
C LYS N 129 -11.02 -91.28 4.87
N ILE N 130 -10.11 -91.00 5.80
CA ILE N 130 -10.49 -90.41 7.12
C ILE N 130 -10.88 -88.93 6.94
N THR N 131 -10.40 -88.24 5.90
CA THR N 131 -10.73 -86.80 5.68
C THR N 131 -12.21 -86.69 5.29
N LEU N 132 -12.79 -87.75 4.73
CA LEU N 132 -14.26 -87.82 4.46
C LEU N 132 -15.02 -87.65 5.78
N GLU N 133 -14.49 -88.19 6.90
CA GLU N 133 -15.14 -88.07 8.23
C GLU N 133 -15.05 -86.62 8.74
N LEU N 134 -13.98 -85.90 8.40
CA LEU N 134 -13.87 -84.45 8.73
C LEU N 134 -14.99 -83.67 8.01
N LEU N 135 -15.32 -84.08 6.78
CA LEU N 135 -16.21 -83.30 5.89
C LEU N 135 -17.64 -83.86 5.90
N ARG N 136 -17.87 -85.04 6.50
CA ARG N 136 -19.19 -85.73 6.46
C ARG N 136 -20.29 -84.79 6.95
N ASP N 137 -21.32 -84.58 6.12
CA ASP N 137 -22.56 -83.84 6.47
C ASP N 137 -22.29 -82.33 6.43
N ILE N 138 -21.24 -81.87 5.74
CA ILE N 138 -20.92 -80.41 5.64
C ILE N 138 -22.05 -79.72 4.86
N ASN N 139 -22.77 -80.47 4.01
CA ASN N 139 -23.84 -79.94 3.14
C ASN N 139 -25.23 -80.16 3.74
N LYS N 140 -25.33 -80.54 5.01
CA LYS N 140 -26.65 -80.80 5.70
C LYS N 140 -26.88 -79.76 6.80
N ASP N 141 -26.46 -78.52 6.55
CA ASP N 141 -26.61 -77.37 7.46
C ASP N 141 -26.17 -77.75 8.88
N THR N 142 -24.98 -78.36 9.01
CA THR N 142 -24.39 -78.80 10.29
C THR N 142 -23.41 -77.74 10.82
N ILE N 143 -22.84 -76.94 9.92
CA ILE N 143 -21.85 -75.89 10.28
C ILE N 143 -22.21 -74.60 9.51
N ASP N 144 -21.87 -73.44 10.07
CA ASP N 144 -22.13 -72.12 9.45
C ASP N 144 -21.06 -71.83 8.39
N PHE N 145 -21.48 -71.46 7.19
CA PHE N 145 -20.60 -70.89 6.14
C PHE N 145 -20.46 -69.37 6.35
N ILE N 146 -19.42 -68.78 5.77
CA ILE N 146 -19.12 -67.32 5.79
C ILE N 146 -18.55 -66.93 4.43
N ASP N 147 -18.57 -65.63 4.12
CA ASP N 147 -17.99 -65.08 2.88
C ASP N 147 -16.47 -65.28 2.91
N ASN N 148 -15.87 -65.59 1.77
CA ASN N 148 -14.39 -65.59 1.61
C ASN N 148 -13.88 -64.15 1.64
N TYR N 149 -12.58 -63.97 1.47
CA TYR N 149 -11.85 -62.68 1.61
C TYR N 149 -12.38 -61.61 0.66
N ASP N 150 -12.82 -61.96 -0.55
CA ASP N 150 -13.27 -60.96 -1.56
C ASP N 150 -14.80 -60.99 -1.70
N GLY N 151 -15.50 -61.86 -0.99
CA GLY N 151 -16.98 -61.95 -1.00
C GLY N 151 -17.54 -62.61 -2.25
N ASN N 152 -16.70 -63.22 -3.11
CA ASN N 152 -17.15 -63.94 -4.34
C ASN N 152 -17.40 -65.43 -4.05
N GLU N 153 -17.14 -65.92 -2.83
CA GLU N 153 -17.22 -67.37 -2.50
C GLU N 153 -17.68 -67.57 -1.05
N ARG N 154 -18.24 -68.76 -0.76
CA ARG N 154 -18.60 -69.19 0.61
C ARG N 154 -17.59 -70.25 1.06
N GLU N 155 -17.09 -70.12 2.28
CA GLU N 155 -16.17 -71.11 2.91
C GLU N 155 -16.74 -71.49 4.27
N PRO N 156 -16.47 -72.73 4.75
CA PRO N 156 -16.95 -73.18 6.05
C PRO N 156 -16.11 -72.58 7.18
N SER N 157 -16.76 -71.99 8.18
CA SER N 157 -16.15 -71.46 9.43
C SER N 157 -15.45 -72.58 10.21
N VAL N 158 -15.96 -73.80 10.13
CA VAL N 158 -15.43 -74.99 10.85
C VAL N 158 -15.92 -76.24 10.12
N LEU N 159 -15.21 -77.36 10.22
CA LEU N 159 -15.69 -78.63 9.61
C LEU N 159 -16.50 -79.41 10.64
N PRO N 160 -17.44 -80.26 10.19
CA PRO N 160 -18.18 -81.16 11.07
C PRO N 160 -17.26 -81.96 12.01
N ALA N 161 -16.13 -82.45 11.49
CA ALA N 161 -15.09 -83.13 12.30
C ALA N 161 -15.74 -84.29 13.06
N ARG N 162 -16.08 -85.36 12.35
CA ARG N 162 -16.83 -86.50 12.95
C ARG N 162 -15.87 -87.40 13.75
N PHE N 163 -14.56 -87.12 13.72
CA PHE N 163 -13.57 -87.66 14.68
C PHE N 163 -12.82 -86.51 15.34
N PRO N 164 -12.33 -86.68 16.60
CA PRO N 164 -11.69 -85.60 17.37
C PRO N 164 -10.25 -85.28 16.92
N ASN N 165 -10.14 -84.41 15.93
CA ASN N 165 -8.92 -84.25 15.07
C ASN N 165 -7.86 -83.42 15.80
N LEU N 166 -8.26 -82.46 16.65
CA LEU N 166 -7.31 -81.58 17.38
C LEU N 166 -6.33 -82.45 18.15
N LEU N 167 -6.83 -83.38 18.97
CA LEU N 167 -5.99 -84.25 19.83
C LEU N 167 -5.40 -85.40 18.98
N ALA N 168 -6.15 -85.90 17.99
CA ALA N 168 -5.73 -87.07 17.20
C ALA N 168 -4.44 -86.74 16.44
N ASN N 169 -4.45 -85.66 15.67
CA ASN N 169 -3.30 -85.29 14.82
C ASN N 169 -2.41 -84.30 15.58
N GLY N 170 -2.95 -83.56 16.54
CA GLY N 170 -2.19 -82.57 17.30
C GLY N 170 -2.10 -81.29 16.51
N ALA N 171 -1.17 -80.41 16.89
CA ALA N 171 -1.04 -79.04 16.34
C ALA N 171 0.13 -78.32 17.01
N SER N 172 0.97 -77.68 16.20
CA SER N 172 2.01 -76.75 16.69
C SER N 172 1.90 -75.43 15.90
N GLY N 173 1.98 -74.30 16.59
CA GLY N 173 1.75 -72.99 15.96
C GLY N 173 2.37 -71.88 16.78
N ILE N 174 3.25 -71.09 16.15
CA ILE N 174 3.83 -69.87 16.74
C ILE N 174 2.88 -68.72 16.36
N ALA N 175 2.21 -68.12 17.36
CA ALA N 175 1.28 -66.99 17.15
C ALA N 175 2.00 -65.69 17.53
N VAL N 176 1.26 -64.72 18.07
CA VAL N 176 1.83 -63.48 18.71
C VAL N 176 1.27 -63.44 20.14
N GLY N 177 2.15 -63.28 21.13
CA GLY N 177 1.79 -63.28 22.56
C GLY N 177 1.62 -64.67 23.14
N MET N 178 1.55 -65.70 22.30
CA MET N 178 1.33 -67.12 22.70
C MET N 178 1.73 -68.04 21.54
N ALA N 179 2.00 -69.30 21.87
CA ALA N 179 2.15 -70.40 20.88
C ALA N 179 1.24 -71.56 21.29
N THR N 180 1.15 -72.59 20.47
CA THR N 180 0.44 -73.86 20.80
C THR N 180 1.38 -75.02 20.49
N ASN N 181 1.29 -76.08 21.30
CA ASN N 181 1.98 -77.37 21.04
C ASN N 181 1.12 -78.47 21.65
N ILE N 182 0.38 -79.18 20.80
CA ILE N 182 -0.51 -80.29 21.21
C ILE N 182 0.00 -81.55 20.54
N PRO N 183 0.32 -82.61 21.32
CA PRO N 183 0.86 -83.84 20.74
C PRO N 183 -0.26 -84.65 20.13
N PRO N 184 0.03 -85.49 19.11
CA PRO N 184 -0.97 -86.40 18.57
C PRO N 184 -1.32 -87.52 19.55
N HIS N 185 -2.47 -88.15 19.34
CA HIS N 185 -3.07 -89.17 20.25
C HIS N 185 -3.55 -90.40 19.45
N ASN N 186 -3.80 -91.49 20.14
CA ASN N 186 -4.37 -92.71 19.52
C ASN N 186 -5.88 -92.48 19.39
N LEU N 187 -6.43 -92.69 18.20
CA LEU N 187 -7.86 -92.37 17.89
C LEU N 187 -8.77 -93.26 18.74
N THR N 188 -8.43 -94.55 18.84
CA THR N 188 -9.17 -95.55 19.64
C THR N 188 -9.27 -95.02 21.08
N GLU N 189 -8.13 -94.67 21.68
CA GLU N 189 -8.08 -94.18 23.09
C GLU N 189 -8.96 -92.93 23.20
N LEU N 190 -8.82 -91.98 22.26
CA LEU N 190 -9.55 -90.70 22.27
C LEU N 190 -11.06 -90.98 22.31
N ILE N 191 -11.54 -91.84 21.40
CA ILE N 191 -13.00 -92.07 21.20
C ILE N 191 -13.56 -92.76 22.45
N ASN N 192 -12.81 -93.71 23.02
CA ASN N 192 -13.16 -94.35 24.32
C ASN N 192 -13.26 -93.26 25.41
N GLY N 193 -12.32 -92.30 25.40
CA GLY N 193 -12.34 -91.14 26.30
C GLY N 193 -13.63 -90.35 26.17
N VAL N 194 -14.02 -90.03 24.93
CA VAL N 194 -15.21 -89.19 24.64
C VAL N 194 -16.47 -89.95 25.10
N LEU N 195 -16.53 -91.26 24.81
CA LEU N 195 -17.68 -92.13 25.20
C LEU N 195 -17.81 -92.12 26.73
N SER N 196 -16.70 -92.29 27.44
CA SER N 196 -16.62 -92.24 28.93
C SER N 196 -17.20 -90.91 29.43
N LEU N 197 -16.67 -89.80 28.91
CA LEU N 197 -17.13 -88.42 29.23
C LEU N 197 -18.64 -88.27 28.92
N SER N 198 -19.12 -88.82 27.79
CA SER N 198 -20.52 -88.66 27.33
C SER N 198 -21.49 -89.40 28.26
N LYS N 199 -20.98 -90.34 29.06
CA LYS N 199 -21.77 -91.11 30.07
C LYS N 199 -21.63 -90.47 31.46
N ASN N 200 -20.59 -89.67 31.70
CA ASN N 200 -20.29 -89.10 33.04
C ASN N 200 -19.71 -87.70 32.88
N PRO N 201 -20.57 -86.66 32.81
CA PRO N 201 -20.10 -85.28 32.67
C PRO N 201 -19.12 -84.83 33.75
N ASP N 202 -19.15 -85.47 34.93
CA ASP N 202 -18.35 -85.07 36.13
C ASP N 202 -17.05 -85.89 36.21
N ILE N 203 -16.70 -86.62 35.16
CA ILE N 203 -15.51 -87.53 35.10
C ILE N 203 -14.24 -86.73 35.41
N SER N 204 -13.31 -87.35 36.16
CA SER N 204 -11.98 -86.80 36.51
C SER N 204 -11.00 -87.03 35.36
N ILE N 205 -9.96 -86.19 35.28
CA ILE N 205 -8.82 -86.36 34.36
C ILE N 205 -8.23 -87.77 34.59
N ALA N 206 -8.07 -88.16 35.86
CA ALA N 206 -7.52 -89.46 36.28
C ALA N 206 -8.28 -90.62 35.62
N GLU N 207 -9.62 -90.55 35.62
N GLU N 207 -9.62 -90.55 35.62
CA GLU N 207 -10.51 -91.59 35.05
CA GLU N 207 -10.51 -91.59 35.05
C GLU N 207 -10.39 -91.58 33.52
C GLU N 207 -10.39 -91.58 33.52
N LEU N 208 -10.33 -90.38 32.93
CA LEU N 208 -10.14 -90.19 31.47
C LEU N 208 -8.82 -90.86 31.04
N MET N 209 -7.81 -90.84 31.91
CA MET N 209 -6.46 -91.35 31.55
C MET N 209 -6.41 -92.88 31.59
N GLU N 210 -7.45 -93.55 32.09
CA GLU N 210 -7.62 -95.02 31.93
C GLU N 210 -7.97 -95.35 30.47
N ASP N 211 -8.55 -94.40 29.72
CA ASP N 211 -8.81 -94.56 28.27
C ASP N 211 -7.65 -93.98 27.48
N ILE N 212 -7.25 -92.75 27.81
CA ILE N 212 -6.20 -91.97 27.08
C ILE N 212 -4.90 -92.08 27.87
N GLU N 213 -4.10 -93.13 27.62
CA GLU N 213 -2.82 -93.41 28.34
C GLU N 213 -1.89 -92.19 28.30
N GLY N 214 -1.82 -91.57 27.12
CA GLY N 214 -0.90 -90.46 26.82
C GLY N 214 -0.83 -90.19 25.32
N PRO N 215 0.08 -89.30 24.87
CA PRO N 215 0.29 -89.09 23.45
C PRO N 215 0.66 -90.40 22.75
N ASP N 216 0.36 -90.46 21.46
CA ASP N 216 0.77 -91.54 20.52
C ASP N 216 1.33 -90.88 19.26
N PHE N 217 2.65 -90.76 19.17
CA PHE N 217 3.35 -90.10 18.02
C PHE N 217 3.32 -91.02 16.80
N PRO N 218 3.24 -90.49 15.58
CA PRO N 218 3.30 -91.31 14.37
C PRO N 218 4.64 -92.07 14.26
N THR N 219 5.72 -91.48 14.75
CA THR N 219 7.10 -92.02 14.66
C THR N 219 7.34 -93.08 15.74
N ALA N 220 6.35 -93.33 16.61
CA ALA N 220 6.43 -94.31 17.71
C ALA N 220 7.44 -93.83 18.77
N GLY N 221 8.45 -94.65 19.10
CA GLY N 221 9.42 -94.36 20.17
C GLY N 221 8.82 -94.62 21.55
N LEU N 222 9.39 -94.00 22.58
CA LEU N 222 9.08 -94.25 24.01
C LEU N 222 8.81 -92.91 24.71
N ILE N 223 7.93 -92.92 25.70
CA ILE N 223 7.70 -91.81 26.66
C ILE N 223 8.11 -92.31 28.04
N LEU N 224 8.94 -91.55 28.74
CA LEU N 224 9.43 -91.87 30.10
C LEU N 224 8.42 -91.35 31.12
N GLY N 225 7.58 -92.24 31.64
CA GLY N 225 6.75 -91.98 32.83
C GLY N 225 5.42 -91.33 32.49
N LYS N 226 4.55 -91.22 33.49
CA LYS N 226 3.20 -90.65 33.37
C LYS N 226 3.16 -89.26 34.02
N SER N 227 4.24 -88.79 34.66
CA SER N 227 4.29 -87.51 35.43
C SER N 227 4.04 -86.32 34.51
N GLY N 228 4.87 -86.19 33.46
CA GLY N 228 4.74 -85.12 32.46
C GLY N 228 3.35 -85.13 31.81
N ILE N 229 2.95 -86.31 31.36
CA ILE N 229 1.64 -86.53 30.66
C ILE N 229 0.51 -86.03 31.56
N ARG N 230 0.52 -86.44 32.82
CA ARG N 230 -0.52 -86.13 33.85
C ARG N 230 -0.61 -84.61 34.01
N ARG N 231 0.53 -83.97 34.23
N ARG N 231 0.53 -83.97 34.23
CA ARG N 231 0.65 -82.50 34.45
CA ARG N 231 0.65 -82.50 34.45
C ARG N 231 0.06 -81.75 33.24
C ARG N 231 0.06 -81.75 33.24
N ALA N 232 0.35 -82.26 32.03
CA ALA N 232 -0.09 -81.67 30.75
C ALA N 232 -1.61 -81.81 30.59
N TYR N 233 -2.17 -82.96 30.97
CA TYR N 233 -3.62 -83.25 30.86
C TYR N 233 -4.39 -82.54 31.98
N GLU N 234 -3.73 -82.27 33.11
CA GLU N 234 -4.34 -81.60 34.29
C GLU N 234 -4.50 -80.11 33.99
N THR N 235 -3.43 -79.48 33.44
CA THR N 235 -3.24 -78.01 33.44
C THR N 235 -3.12 -77.44 32.03
N GLY N 236 -2.83 -78.28 31.02
CA GLY N 236 -2.62 -77.83 29.63
C GLY N 236 -1.16 -77.56 29.35
N ARG N 237 -0.32 -77.60 30.39
CA ARG N 237 1.14 -77.40 30.26
C ARG N 237 1.86 -78.52 31.01
N GLY N 238 2.89 -79.07 30.39
CA GLY N 238 3.72 -80.16 30.95
C GLY N 238 4.80 -80.51 29.97
N SER N 239 5.95 -80.96 30.48
CA SER N 239 7.03 -81.48 29.63
C SER N 239 6.92 -83.01 29.62
N ILE N 240 6.97 -83.59 28.42
CA ILE N 240 6.88 -85.06 28.18
C ILE N 240 8.21 -85.48 27.57
N GLN N 241 8.92 -86.41 28.22
CA GLN N 241 10.26 -86.87 27.76
C GLN N 241 10.06 -87.99 26.75
N MET N 242 10.42 -87.74 25.49
CA MET N 242 10.38 -88.74 24.39
C MET N 242 11.77 -89.38 24.25
N ARG N 243 11.85 -90.66 23.89
CA ARG N 243 13.15 -91.37 23.78
C ARG N 243 13.12 -92.32 22.58
N SER N 244 14.18 -92.29 21.78
CA SER N 244 14.45 -93.26 20.68
C SER N 244 14.34 -94.68 21.20
N ARG N 245 13.82 -95.59 20.36
CA ARG N 245 13.87 -97.05 20.64
C ARG N 245 15.23 -97.54 20.18
N ALA N 246 16.10 -97.84 21.14
CA ALA N 246 17.49 -98.30 20.91
C ALA N 246 17.73 -99.59 21.68
N VAL N 247 18.51 -100.50 21.10
CA VAL N 247 18.98 -101.75 21.76
C VAL N 247 20.49 -101.85 21.60
N ILE N 248 21.12 -102.65 22.46
CA ILE N 248 22.55 -103.04 22.38
C ILE N 248 22.61 -104.50 21.90
N GLU N 249 23.43 -104.79 20.88
CA GLU N 249 23.47 -106.13 20.22
C GLU N 249 24.90 -106.43 19.75
N GLU N 250 25.28 -107.73 19.70
CA GLU N 250 26.48 -108.33 19.07
C GLU N 250 26.70 -107.79 17.64
N ARG N 251 27.93 -107.46 17.29
CA ARG N 251 28.38 -107.19 15.89
C ARG N 251 29.26 -108.26 15.23
N GLY N 252 30.38 -108.55 15.85
CA GLY N 252 31.36 -109.61 15.48
C GLY N 252 32.62 -109.43 16.31
N GLY N 253 33.30 -110.54 16.67
CA GLY N 253 34.53 -110.54 17.47
C GLY N 253 34.27 -110.08 18.89
N GLY N 254 33.03 -110.30 19.37
CA GLY N 254 32.65 -109.96 20.77
C GLY N 254 32.55 -108.47 21.00
N ARG N 255 32.60 -107.68 19.90
CA ARG N 255 32.30 -106.22 19.89
C ARG N 255 30.79 -106.02 19.76
N GLN N 256 30.26 -105.01 20.44
CA GLN N 256 28.82 -104.66 20.46
C GLN N 256 28.53 -103.46 19.55
N ARG N 257 27.26 -103.08 19.46
CA ARG N 257 26.76 -101.87 18.77
C ARG N 257 25.38 -101.49 19.32
N ILE N 258 25.06 -100.19 19.25
CA ILE N 258 23.75 -99.58 19.59
C ILE N 258 22.97 -99.46 18.29
N VAL N 259 21.77 -100.01 18.21
CA VAL N 259 20.89 -99.90 17.01
C VAL N 259 19.64 -99.10 17.41
N VAL N 260 19.39 -98.01 16.69
CA VAL N 260 18.23 -97.11 16.88
C VAL N 260 17.27 -97.34 15.72
N THR N 261 16.01 -97.72 16.02
CA THR N 261 14.99 -98.09 15.01
C THR N 261 13.81 -97.09 15.01
N GLU N 262 13.61 -96.33 16.09
CA GLU N 262 12.55 -95.31 16.21
C GLU N 262 13.18 -94.05 16.81
N ILE N 263 12.90 -92.86 16.25
CA ILE N 263 13.39 -91.58 16.84
C ILE N 263 12.22 -90.77 17.39
N PRO N 264 12.50 -89.77 18.26
CA PRO N 264 11.45 -88.96 18.84
C PRO N 264 10.78 -88.11 17.76
N PHE N 265 9.54 -87.70 18.06
CA PHE N 265 8.63 -86.95 17.16
C PHE N 265 9.27 -85.62 16.77
N GLN N 266 9.17 -85.27 15.48
CA GLN N 266 9.63 -83.97 14.92
C GLN N 266 11.16 -83.79 15.07
N VAL N 267 11.89 -84.86 15.40
CA VAL N 267 13.38 -84.85 15.37
C VAL N 267 13.84 -85.23 13.97
N ASN N 268 14.76 -84.46 13.41
CA ASN N 268 15.32 -84.61 12.04
C ASN N 268 16.40 -85.70 12.07
N LYS N 269 16.21 -86.82 11.37
CA LYS N 269 17.15 -87.98 11.42
C LYS N 269 18.54 -87.50 10.99
N ALA N 270 18.64 -86.85 9.85
CA ALA N 270 19.93 -86.42 9.25
C ALA N 270 20.68 -85.53 10.26
N ARG N 271 19.98 -84.56 10.83
CA ARG N 271 20.52 -83.58 11.81
C ARG N 271 20.97 -84.31 13.09
N MET N 272 20.14 -85.23 13.60
CA MET N 272 20.41 -86.00 14.83
C MET N 272 21.69 -86.80 14.69
N ILE N 273 21.92 -87.44 13.54
CA ILE N 273 23.16 -88.21 13.25
C ILE N 273 24.36 -87.26 13.26
N GLU N 274 24.22 -86.10 12.62
CA GLU N 274 25.28 -85.08 12.53
C GLU N 274 25.68 -84.64 13.97
N LYS N 275 24.72 -84.42 14.86
CA LYS N 275 25.02 -84.08 16.29
C LYS N 275 25.89 -85.17 16.94
N ILE N 276 25.60 -86.45 16.66
CA ILE N 276 26.33 -87.60 17.25
C ILE N 276 27.75 -87.63 16.66
N ALA N 277 27.87 -87.49 15.33
CA ALA N 277 29.18 -87.46 14.63
C ALA N 277 30.01 -86.30 15.18
N GLU N 278 29.37 -85.17 15.46
CA GLU N 278 30.00 -83.93 15.95
C GLU N 278 30.51 -84.14 17.38
N LEU N 279 29.76 -84.84 18.23
CA LEU N 279 30.23 -85.18 19.60
C LEU N 279 31.49 -86.05 19.53
N VAL N 280 31.51 -87.01 18.59
CA VAL N 280 32.65 -87.95 18.38
C VAL N 280 33.84 -87.16 17.79
N ARG N 281 33.63 -86.39 16.71
CA ARG N 281 34.66 -85.51 16.08
C ARG N 281 35.33 -84.67 17.17
N ASP N 282 34.55 -84.10 18.10
CA ASP N 282 35.02 -83.13 19.13
C ASP N 282 35.39 -83.86 20.42
N LYS N 283 35.61 -85.18 20.37
CA LYS N 283 35.97 -86.07 21.51
C LYS N 283 35.18 -85.69 22.78
N LYS N 284 33.88 -85.36 22.67
CA LYS N 284 33.00 -84.97 23.81
C LYS N 284 32.21 -86.18 24.34
N ILE N 285 32.32 -87.33 23.66
CA ILE N 285 31.76 -88.66 24.10
C ILE N 285 32.73 -89.76 23.68
N ASP N 286 33.03 -90.70 24.58
CA ASP N 286 34.14 -91.67 24.43
C ASP N 286 33.53 -93.06 24.22
N GLY N 287 34.02 -93.79 23.19
CA GLY N 287 33.70 -95.22 22.99
C GLY N 287 33.05 -95.53 21.65
N ILE N 288 32.73 -94.53 20.83
CA ILE N 288 32.03 -94.74 19.53
C ILE N 288 33.05 -94.82 18.39
N THR N 289 33.12 -95.99 17.73
CA THR N 289 34.14 -96.35 16.71
C THR N 289 33.59 -96.17 15.29
N ASP N 290 32.27 -96.13 15.10
CA ASP N 290 31.64 -95.88 13.78
C ASP N 290 30.17 -95.46 14.00
N LEU N 291 29.59 -94.83 12.97
CA LEU N 291 28.21 -94.31 12.95
C LEU N 291 27.71 -94.41 11.50
N ARG N 292 26.73 -95.30 11.24
CA ARG N 292 26.14 -95.52 9.90
C ARG N 292 24.62 -95.35 9.99
N ASP N 293 23.99 -94.82 8.93
CA ASP N 293 22.52 -94.73 8.78
C ASP N 293 22.12 -95.80 7.74
N GLU N 294 21.79 -97.00 8.22
CA GLU N 294 21.38 -98.16 7.35
C GLU N 294 19.86 -98.11 7.11
N THR N 295 19.23 -96.95 7.32
CA THR N 295 17.79 -96.77 7.01
C THR N 295 17.56 -97.11 5.53
N SER N 296 16.44 -97.75 5.24
CA SER N 296 15.89 -98.02 3.88
C SER N 296 14.40 -98.29 4.02
N LEU N 297 13.61 -98.21 2.96
CA LEU N 297 12.15 -98.47 3.01
C LEU N 297 11.91 -99.95 3.38
N ARG N 298 12.81 -100.84 2.96
CA ARG N 298 12.74 -102.30 3.26
C ARG N 298 13.09 -102.55 4.73
N THR N 299 14.21 -102.02 5.24
CA THR N 299 14.72 -102.21 6.63
C THR N 299 13.92 -101.40 7.68
N GLY N 300 13.30 -100.27 7.28
CA GLY N 300 12.80 -99.23 8.19
C GLY N 300 13.91 -98.33 8.69
N VAL N 301 13.67 -97.53 9.73
CA VAL N 301 14.72 -96.67 10.37
C VAL N 301 15.73 -97.58 11.06
N ARG N 302 17.02 -97.37 10.80
CA ARG N 302 18.10 -98.23 11.35
C ARG N 302 19.40 -97.43 11.36
N VAL N 303 19.70 -96.82 12.52
CA VAL N 303 20.95 -96.04 12.76
C VAL N 303 21.83 -96.90 13.64
N VAL N 304 23.03 -97.25 13.15
CA VAL N 304 23.98 -98.15 13.85
C VAL N 304 25.14 -97.30 14.42
N ILE N 305 25.45 -97.52 15.69
CA ILE N 305 26.58 -96.87 16.42
C ILE N 305 27.47 -98.01 16.95
N ASP N 306 28.64 -98.23 16.34
CA ASP N 306 29.60 -99.27 16.76
C ASP N 306 30.36 -98.79 18.01
N VAL N 307 30.50 -99.65 19.01
CA VAL N 307 31.12 -99.39 20.34
C VAL N 307 32.45 -100.15 20.43
N ARG N 308 33.51 -99.47 20.88
CA ARG N 308 34.90 -100.01 21.07
C ARG N 308 34.85 -101.26 21.98
N LYS N 309 35.72 -102.24 21.75
CA LYS N 309 35.43 -103.68 22.10
C LYS N 309 35.21 -103.82 23.61
N ASP N 310 36.06 -103.27 24.48
CA ASP N 310 35.91 -103.48 25.95
C ASP N 310 35.11 -102.35 26.56
N ALA N 311 34.46 -101.47 25.79
CA ALA N 311 33.74 -100.28 26.32
C ALA N 311 32.31 -100.66 26.69
N ASN N 312 31.76 -100.07 27.75
CA ASN N 312 30.38 -100.35 28.23
C ASN N 312 29.37 -99.62 27.32
N ALA N 313 28.51 -100.38 26.62
CA ALA N 313 27.59 -99.81 25.61
C ALA N 313 26.41 -99.10 26.32
N SER N 314 25.97 -99.57 27.48
CA SER N 314 24.82 -99.00 28.23
C SER N 314 25.16 -97.58 28.70
N VAL N 315 26.41 -97.38 29.10
CA VAL N 315 26.94 -96.06 29.56
C VAL N 315 26.97 -95.11 28.36
N ILE N 316 27.46 -95.57 27.20
CA ILE N 316 27.50 -94.75 25.96
C ILE N 316 26.07 -94.38 25.57
N LEU N 317 25.12 -95.30 25.69
CA LEU N 317 23.70 -95.01 25.33
C LEU N 317 23.14 -93.94 26.28
N ASN N 318 23.38 -94.04 27.59
CA ASN N 318 22.87 -93.04 28.56
C ASN N 318 23.49 -91.68 28.26
N ASN N 319 24.77 -91.64 27.89
CA ASN N 319 25.46 -90.38 27.53
C ASN N 319 24.79 -89.79 26.28
N LEU N 320 24.52 -90.62 25.27
CA LEU N 320 23.91 -90.17 23.99
C LEU N 320 22.55 -89.53 24.29
N TYR N 321 21.78 -90.09 25.22
CA TYR N 321 20.45 -89.54 25.59
C TYR N 321 20.64 -88.14 26.18
N LYS N 322 21.60 -87.99 27.09
CA LYS N 322 21.86 -86.70 27.80
C LYS N 322 22.36 -85.66 26.80
N GLN N 323 23.12 -86.05 25.78
CA GLN N 323 23.93 -85.12 24.98
C GLN N 323 23.40 -84.93 23.56
N THR N 324 22.38 -85.68 23.11
CA THR N 324 21.82 -85.55 21.72
C THR N 324 20.30 -85.54 21.72
N PRO N 325 19.66 -85.23 20.57
CA PRO N 325 18.21 -85.34 20.42
C PRO N 325 17.66 -86.78 20.42
N LEU N 326 18.53 -87.78 20.59
CA LEU N 326 18.13 -89.20 20.77
C LEU N 326 17.09 -89.32 21.89
N GLN N 327 17.16 -88.43 22.88
CA GLN N 327 16.07 -88.11 23.84
C GLN N 327 15.75 -86.63 23.67
N THR N 328 14.48 -86.29 23.51
CA THR N 328 13.97 -84.91 23.31
C THR N 328 12.74 -84.75 24.21
N SER N 329 12.50 -83.54 24.70
CA SER N 329 11.27 -83.18 25.43
C SER N 329 10.21 -82.69 24.43
N PHE N 330 8.94 -83.05 24.63
CA PHE N 330 7.79 -82.45 23.90
C PHE N 330 7.07 -81.50 24.87
N GLY N 331 7.18 -80.20 24.64
CA GLY N 331 6.67 -79.15 25.54
C GLY N 331 5.20 -78.88 25.28
N VAL N 332 4.31 -79.59 25.98
CA VAL N 332 2.84 -79.45 25.81
C VAL N 332 2.41 -78.05 26.26
N ASN N 333 1.65 -77.37 25.40
CA ASN N 333 1.11 -76.00 25.62
C ASN N 333 -0.23 -75.96 24.89
N MET N 334 -1.29 -76.48 25.53
CA MET N 334 -2.56 -76.84 24.84
C MET N 334 -3.44 -75.59 24.72
N ILE N 335 -3.09 -74.73 23.76
CA ILE N 335 -3.83 -73.48 23.42
C ILE N 335 -4.50 -73.69 22.05
N ALA N 336 -5.83 -73.55 22.04
CA ALA N 336 -6.68 -73.54 20.82
C ALA N 336 -7.73 -72.44 20.96
N LEU N 337 -8.44 -72.15 19.88
CA LEU N 337 -9.55 -71.18 19.81
C LEU N 337 -10.85 -71.84 20.30
N VAL N 338 -11.45 -71.25 21.34
CA VAL N 338 -12.75 -71.65 21.94
C VAL N 338 -13.68 -70.43 21.84
N ASN N 339 -14.80 -70.55 21.13
CA ASN N 339 -15.71 -69.43 20.78
C ASN N 339 -14.87 -68.25 20.27
N GLY N 340 -13.95 -68.55 19.34
CA GLY N 340 -13.16 -67.54 18.59
C GLY N 340 -12.03 -66.92 19.42
N ARG N 341 -11.77 -67.37 20.64
CA ARG N 341 -10.73 -66.78 21.53
C ARG N 341 -9.71 -67.85 21.95
N PRO N 342 -8.40 -67.53 22.05
CA PRO N 342 -7.40 -68.50 22.46
C PRO N 342 -7.58 -68.81 23.95
N LYS N 343 -7.66 -70.10 24.30
N LYS N 343 -7.66 -70.10 24.30
CA LYS N 343 -7.79 -70.57 25.70
CA LYS N 343 -7.79 -70.57 25.70
C LYS N 343 -6.77 -71.70 25.93
C LYS N 343 -6.77 -71.70 25.93
N LEU N 344 -6.04 -71.65 27.05
CA LEU N 344 -5.27 -72.81 27.57
C LEU N 344 -6.28 -73.78 28.15
N ILE N 345 -6.33 -74.99 27.61
CA ILE N 345 -7.36 -76.00 27.96
C ILE N 345 -6.66 -77.25 28.49
N ASN N 346 -7.29 -77.93 29.45
CA ASN N 346 -6.86 -79.25 29.96
C ASN N 346 -7.46 -80.31 29.02
N LEU N 347 -7.09 -81.58 29.22
CA LEU N 347 -7.60 -82.71 28.40
C LEU N 347 -9.13 -82.68 28.44
N LYS N 348 -9.76 -82.50 29.61
CA LYS N 348 -11.23 -82.60 29.74
C LYS N 348 -11.92 -81.47 28.95
N GLU N 349 -11.45 -80.22 29.04
CA GLU N 349 -12.07 -79.10 28.30
C GLU N 349 -12.08 -79.41 26.80
N ALA N 350 -10.94 -79.87 26.28
CA ALA N 350 -10.74 -80.21 24.86
C ALA N 350 -11.78 -81.27 24.42
N LEU N 351 -12.00 -82.30 25.24
CA LEU N 351 -12.95 -83.41 24.92
C LEU N 351 -14.38 -82.91 25.07
N VAL N 352 -14.64 -82.10 26.08
CA VAL N 352 -16.00 -81.52 26.33
C VAL N 352 -16.37 -80.61 25.15
N HIS N 353 -15.50 -79.69 24.74
CA HIS N 353 -15.77 -78.79 23.58
C HIS N 353 -16.02 -79.63 22.33
N TYR N 354 -15.32 -80.75 22.17
CA TYR N 354 -15.45 -81.64 20.98
C TYR N 354 -16.82 -82.32 21.02
N LEU N 355 -17.13 -82.98 22.14
CA LEU N 355 -18.42 -83.70 22.31
C LEU N 355 -19.58 -82.72 22.08
N GLU N 356 -19.46 -81.48 22.58
N GLU N 356 -19.46 -81.48 22.58
CA GLU N 356 -20.51 -80.44 22.45
CA GLU N 356 -20.51 -80.44 22.45
C GLU N 356 -20.66 -80.08 20.97
C GLU N 356 -20.66 -80.08 20.97
N HIS N 357 -19.56 -80.01 20.23
CA HIS N 357 -19.55 -79.73 18.76
C HIS N 357 -20.32 -80.85 18.05
N GLN N 358 -20.13 -82.10 18.47
CA GLN N 358 -20.78 -83.27 17.83
C GLN N 358 -22.27 -83.24 18.10
N LYS N 359 -22.68 -82.99 19.35
CA LYS N 359 -24.11 -82.88 19.73
C LYS N 359 -24.76 -81.84 18.82
N THR N 360 -24.10 -80.69 18.60
CA THR N 360 -24.59 -79.57 17.74
C THR N 360 -24.74 -80.07 16.30
N VAL N 361 -23.68 -80.67 15.75
CA VAL N 361 -23.62 -81.15 14.33
C VAL N 361 -24.74 -82.18 14.12
N VAL N 362 -24.89 -83.15 15.00
CA VAL N 362 -25.89 -84.24 14.82
C VAL N 362 -27.30 -83.66 15.02
N ARG N 363 -27.51 -82.78 15.99
CA ARG N 363 -28.84 -82.12 16.19
C ARG N 363 -29.19 -81.38 14.91
N ARG N 364 -28.32 -80.50 14.42
CA ARG N 364 -28.56 -79.67 13.21
C ARG N 364 -28.78 -80.57 11.99
N ARG N 365 -28.00 -81.63 11.84
CA ARG N 365 -28.16 -82.58 10.72
C ARG N 365 -29.58 -83.14 10.78
N THR N 366 -30.03 -83.55 11.97
CA THR N 366 -31.35 -84.17 12.22
C THR N 366 -32.45 -83.16 11.92
N GLN N 367 -32.30 -81.92 12.39
CA GLN N 367 -33.24 -80.79 12.10
C GLN N 367 -33.34 -80.61 10.59
N TYR N 368 -32.21 -80.64 9.89
CA TYR N 368 -32.13 -80.46 8.42
C TYR N 368 -32.81 -81.64 7.72
N ASN N 369 -32.50 -82.86 8.12
CA ASN N 369 -33.07 -84.09 7.51
C ASN N 369 -34.60 -84.07 7.67
N LEU N 370 -35.08 -83.63 8.84
CA LEU N 370 -36.53 -83.50 9.17
C LEU N 370 -37.16 -82.45 8.27
N ARG N 371 -36.55 -81.26 8.17
CA ARG N 371 -36.99 -80.16 7.27
C ARG N 371 -37.18 -80.73 5.86
N LYS N 372 -36.14 -81.37 5.30
CA LYS N 372 -36.14 -81.86 3.89
C LYS N 372 -37.20 -82.96 3.72
N ALA N 373 -37.29 -83.88 4.69
CA ALA N 373 -38.24 -85.02 4.67
C ALA N 373 -39.69 -84.52 4.69
N LYS N 374 -39.98 -83.52 5.53
CA LYS N 374 -41.33 -82.93 5.68
C LYS N 374 -41.71 -82.24 4.37
N ASP N 375 -40.85 -81.35 3.86
CA ASP N 375 -41.04 -80.70 2.54
C ASP N 375 -41.41 -81.74 1.49
N ARG N 376 -40.68 -82.87 1.49
CA ARG N 376 -40.80 -83.94 0.47
C ARG N 376 -42.10 -84.70 0.67
N ALA N 377 -42.45 -85.00 1.92
CA ALA N 377 -43.69 -85.71 2.31
C ALA N 377 -44.89 -84.90 1.81
N HIS N 378 -44.85 -83.58 2.06
CA HIS N 378 -45.87 -82.62 1.60
C HIS N 378 -46.02 -82.69 0.07
N ILE N 379 -44.92 -82.71 -0.66
CA ILE N 379 -44.96 -82.77 -2.15
C ILE N 379 -45.59 -84.10 -2.58
N LEU N 380 -45.19 -85.21 -1.96
CA LEU N 380 -45.68 -86.58 -2.31
C LEU N 380 -47.18 -86.65 -2.07
N GLU N 381 -47.68 -85.98 -1.01
CA GLU N 381 -49.14 -85.91 -0.71
C GLU N 381 -49.87 -85.27 -1.90
N GLY N 382 -49.33 -84.18 -2.43
CA GLY N 382 -49.82 -83.48 -3.64
C GLY N 382 -49.81 -84.39 -4.87
N LEU N 383 -48.70 -85.08 -5.14
CA LEU N 383 -48.56 -85.97 -6.31
C LEU N 383 -49.55 -87.12 -6.22
N ARG N 384 -49.79 -87.66 -5.02
CA ARG N 384 -50.76 -88.76 -4.78
C ARG N 384 -52.16 -88.31 -5.20
N ILE N 385 -52.63 -87.18 -4.65
CA ILE N 385 -53.89 -86.50 -5.03
C ILE N 385 -53.94 -86.32 -6.56
N ALA N 386 -52.86 -85.87 -7.18
CA ALA N 386 -52.84 -85.55 -8.63
C ALA N 386 -52.97 -86.84 -9.44
N LEU N 387 -52.26 -87.90 -9.06
CA LEU N 387 -52.29 -89.21 -9.79
C LEU N 387 -53.66 -89.86 -9.60
N ASP N 388 -54.27 -89.71 -8.42
CA ASP N 388 -55.58 -90.31 -8.05
C ASP N 388 -56.72 -89.62 -8.82
N HIS N 389 -56.58 -88.37 -9.23
CA HIS N 389 -57.62 -87.63 -10.01
C HIS N 389 -56.99 -87.05 -11.29
N ILE N 390 -56.13 -87.82 -11.97
CA ILE N 390 -55.23 -87.29 -13.04
C ILE N 390 -56.06 -86.71 -14.18
N ASP N 391 -57.20 -87.32 -14.54
CA ASP N 391 -58.03 -86.90 -15.70
C ASP N 391 -58.54 -85.48 -15.43
N GLU N 392 -59.00 -85.19 -14.20
CA GLU N 392 -59.51 -83.85 -13.80
C GLU N 392 -58.37 -82.84 -13.79
N ILE N 393 -57.20 -83.22 -13.24
CA ILE N 393 -55.98 -82.35 -13.14
C ILE N 393 -55.62 -81.83 -14.53
N ILE N 394 -55.56 -82.73 -15.53
CA ILE N 394 -55.15 -82.40 -16.92
C ILE N 394 -56.10 -81.34 -17.47
N SER N 395 -57.43 -81.59 -17.39
CA SER N 395 -58.49 -80.69 -17.91
C SER N 395 -58.35 -79.31 -17.25
N THR N 396 -58.22 -79.26 -15.92
CA THR N 396 -57.98 -78.00 -15.15
C THR N 396 -56.81 -77.22 -15.74
N ILE N 397 -55.70 -77.89 -16.07
CA ILE N 397 -54.44 -77.25 -16.56
C ILE N 397 -54.65 -76.83 -18.01
N ARG N 398 -55.41 -77.62 -18.79
CA ARG N 398 -55.59 -77.41 -20.26
C ARG N 398 -56.49 -76.20 -20.48
N GLU N 399 -57.57 -76.07 -19.70
CA GLU N 399 -58.52 -74.92 -19.78
C GLU N 399 -57.86 -73.66 -19.21
N SER N 400 -56.73 -73.78 -18.49
CA SER N 400 -55.97 -72.63 -17.92
C SER N 400 -55.10 -72.01 -19.02
N ASP N 401 -55.11 -70.67 -19.12
CA ASP N 401 -54.46 -69.91 -20.22
C ASP N 401 -52.96 -69.80 -19.90
N THR N 402 -52.62 -69.47 -18.64
CA THR N 402 -51.24 -69.32 -18.13
C THR N 402 -50.98 -70.34 -17.01
N ASP N 403 -49.70 -70.49 -16.63
CA ASP N 403 -49.29 -71.34 -15.48
C ASP N 403 -49.88 -70.75 -14.19
N LYS N 404 -49.93 -69.41 -14.07
CA LYS N 404 -50.42 -68.68 -12.86
C LYS N 404 -51.88 -69.06 -12.62
N VAL N 405 -52.71 -69.07 -13.67
CA VAL N 405 -54.16 -69.41 -13.61
C VAL N 405 -54.32 -70.89 -13.19
N ALA N 406 -53.55 -71.78 -13.82
CA ALA N 406 -53.55 -73.24 -13.54
C ALA N 406 -53.22 -73.49 -12.07
N MET N 407 -52.22 -72.80 -11.53
N MET N 407 -52.22 -72.80 -11.53
CA MET N 407 -51.80 -72.86 -10.10
CA MET N 407 -51.80 -72.86 -10.10
C MET N 407 -52.98 -72.52 -9.19
C MET N 407 -52.98 -72.52 -9.19
N GLU N 408 -53.71 -71.43 -9.49
CA GLU N 408 -54.84 -70.92 -8.67
C GLU N 408 -55.98 -71.95 -8.73
N SER N 409 -56.31 -72.41 -9.95
CA SER N 409 -57.39 -73.41 -10.22
C SER N 409 -57.12 -74.73 -9.49
N LEU N 410 -55.88 -75.21 -9.52
CA LEU N 410 -55.47 -76.49 -8.86
C LEU N 410 -55.59 -76.34 -7.35
N GLN N 411 -55.13 -75.22 -6.80
CA GLN N 411 -55.15 -74.92 -5.34
C GLN N 411 -56.60 -74.88 -4.85
N GLN N 412 -57.46 -74.20 -5.59
CA GLN N 412 -58.90 -73.99 -5.22
C GLN N 412 -59.65 -75.32 -5.34
N ARG N 413 -59.51 -76.00 -6.49
CA ARG N 413 -60.30 -77.20 -6.86
C ARG N 413 -59.93 -78.40 -5.98
N PHE N 414 -58.65 -78.55 -5.58
CA PHE N 414 -58.12 -79.80 -4.95
C PHE N 414 -57.52 -79.53 -3.56
N LYS N 415 -57.68 -78.31 -3.04
CA LYS N 415 -57.24 -77.92 -1.67
C LYS N 415 -55.74 -78.19 -1.54
N LEU N 416 -54.94 -77.80 -2.55
CA LEU N 416 -53.47 -77.97 -2.62
C LEU N 416 -52.77 -76.68 -2.19
N SER N 417 -51.57 -76.81 -1.62
CA SER N 417 -50.63 -75.67 -1.36
C SER N 417 -50.06 -75.17 -2.69
N GLU N 418 -49.44 -73.99 -2.66
CA GLU N 418 -48.73 -73.42 -3.82
C GLU N 418 -47.55 -74.33 -4.19
N LYS N 419 -46.82 -74.81 -3.17
CA LYS N 419 -45.65 -75.73 -3.33
C LYS N 419 -46.12 -77.04 -4.00
N GLN N 420 -47.30 -77.57 -3.64
CA GLN N 420 -47.82 -78.86 -4.21
C GLN N 420 -48.29 -78.63 -5.65
N ALA N 421 -48.93 -77.49 -5.93
CA ALA N 421 -49.47 -77.17 -7.28
C ALA N 421 -48.30 -76.99 -8.24
N GLN N 422 -47.24 -76.35 -7.77
CA GLN N 422 -46.01 -76.11 -8.56
C GLN N 422 -45.42 -77.48 -8.95
N ALA N 423 -45.33 -78.38 -7.96
CA ALA N 423 -44.79 -79.76 -8.10
C ALA N 423 -45.58 -80.55 -9.13
N ILE N 424 -46.90 -80.38 -9.18
CA ILE N 424 -47.81 -81.13 -10.10
C ILE N 424 -47.63 -80.57 -11.51
N LEU N 425 -47.48 -79.24 -11.67
CA LEU N 425 -47.24 -78.63 -12.98
C LEU N 425 -45.87 -79.06 -13.52
N ASP N 426 -44.93 -79.35 -12.62
CA ASP N 426 -43.54 -79.73 -12.97
C ASP N 426 -43.42 -81.24 -13.20
N MET N 427 -44.44 -82.02 -12.80
CA MET N 427 -44.47 -83.50 -12.96
C MET N 427 -44.37 -83.84 -14.45
N ARG N 428 -43.55 -84.83 -14.80
CA ARG N 428 -43.33 -85.30 -16.19
C ARG N 428 -44.36 -86.40 -16.49
N LEU N 429 -44.69 -86.59 -17.78
CA LEU N 429 -45.67 -87.58 -18.26
C LEU N 429 -45.23 -88.99 -17.87
N ARG N 430 -43.92 -89.27 -17.78
CA ARG N 430 -43.36 -90.63 -17.50
C ARG N 430 -43.78 -91.09 -16.10
N ARG N 431 -44.31 -90.16 -15.29
CA ARG N 431 -44.72 -90.44 -13.89
C ARG N 431 -46.17 -90.96 -13.86
N LEU N 432 -46.85 -91.06 -15.02
CA LEU N 432 -48.23 -91.60 -15.12
C LEU N 432 -48.24 -93.10 -15.47
N THR N 433 -47.09 -93.77 -15.55
CA THR N 433 -47.02 -95.24 -15.77
C THR N 433 -47.48 -95.96 -14.50
N GLY N 434 -47.74 -97.26 -14.59
CA GLY N 434 -48.40 -98.06 -13.52
C GLY N 434 -47.48 -98.23 -12.30
N LEU N 435 -46.22 -98.60 -12.55
CA LEU N 435 -45.21 -98.86 -11.49
C LEU N 435 -44.90 -97.57 -10.74
N GLU N 436 -45.01 -96.41 -11.39
CA GLU N 436 -44.66 -95.07 -10.82
C GLU N 436 -45.63 -94.67 -9.69
N ARG N 437 -46.92 -94.99 -9.78
CA ARG N 437 -47.88 -94.68 -8.68
C ARG N 437 -47.52 -95.47 -7.41
N ASP N 438 -47.11 -96.72 -7.59
CA ASP N 438 -46.75 -97.64 -6.45
C ASP N 438 -45.43 -97.15 -5.80
N LYS N 439 -44.47 -96.79 -6.64
CA LYS N 439 -43.13 -96.25 -6.26
C LYS N 439 -43.31 -95.00 -5.39
N ILE N 440 -44.30 -94.14 -5.70
CA ILE N 440 -44.56 -92.87 -4.97
C ILE N 440 -45.11 -93.22 -3.58
N GLU N 441 -46.00 -94.21 -3.49
CA GLU N 441 -46.63 -94.54 -2.19
C GLU N 441 -45.62 -95.30 -1.31
N ALA N 442 -44.76 -96.11 -1.92
CA ALA N 442 -43.63 -96.79 -1.25
C ALA N 442 -42.74 -95.74 -0.56
N GLU N 443 -42.27 -94.73 -1.33
CA GLU N 443 -41.39 -93.64 -0.84
C GLU N 443 -42.10 -92.86 0.28
N TYR N 444 -43.42 -92.66 0.14
CA TYR N 444 -44.22 -91.83 1.07
C TYR N 444 -44.33 -92.53 2.43
N ASN N 445 -44.48 -93.85 2.45
CA ASN N 445 -44.65 -94.65 3.69
C ASN N 445 -43.31 -94.69 4.45
N GLU N 446 -42.20 -94.95 3.75
CA GLU N 446 -40.83 -94.94 4.32
C GLU N 446 -40.54 -93.55 4.94
N LEU N 447 -40.95 -92.50 4.25
CA LEU N 447 -40.74 -91.08 4.67
C LEU N 447 -41.44 -90.83 6.01
N LEU N 448 -42.65 -91.36 6.19
CA LEU N 448 -43.43 -91.16 7.44
C LEU N 448 -42.70 -91.84 8.61
N ASN N 449 -42.15 -93.05 8.41
CA ASN N 449 -41.35 -93.75 9.44
C ASN N 449 -40.11 -92.91 9.76
N TYR N 450 -39.39 -92.44 8.73
CA TYR N 450 -38.16 -91.61 8.86
C TYR N 450 -38.48 -90.35 9.66
N ILE N 451 -39.57 -89.65 9.33
CA ILE N 451 -39.94 -88.38 10.01
C ILE N 451 -40.13 -88.67 11.50
N SER N 452 -40.74 -89.81 11.83
CA SER N 452 -41.03 -90.25 13.23
C SER N 452 -39.71 -90.56 13.96
N GLU N 453 -38.77 -91.25 13.30
N GLU N 453 -38.77 -91.25 13.30
CA GLU N 453 -37.42 -91.60 13.84
CA GLU N 453 -37.43 -91.59 13.85
C GLU N 453 -36.69 -90.31 14.18
C GLU N 453 -36.69 -90.31 14.18
N LEU N 454 -36.75 -89.31 13.29
CA LEU N 454 -36.04 -88.01 13.44
C LEU N 454 -36.63 -87.25 14.63
N GLU N 455 -37.95 -87.29 14.80
CA GLU N 455 -38.66 -86.52 15.86
C GLU N 455 -38.33 -87.11 17.23
N THR N 456 -38.18 -88.45 17.30
CA THR N 456 -37.74 -89.18 18.53
C THR N 456 -36.38 -88.62 19.00
N ILE N 457 -35.47 -88.38 18.05
CA ILE N 457 -34.08 -87.89 18.33
C ILE N 457 -34.16 -86.46 18.88
N LEU N 458 -34.97 -85.61 18.27
CA LEU N 458 -35.06 -84.17 18.67
C LEU N 458 -35.82 -84.07 20.01
N ALA N 459 -36.71 -85.01 20.31
CA ALA N 459 -37.55 -85.01 21.53
C ALA N 459 -36.71 -85.37 22.77
N ASP N 460 -35.82 -86.35 22.65
CA ASP N 460 -35.09 -86.96 23.80
C ASP N 460 -33.57 -86.79 23.59
N GLU N 461 -32.95 -85.86 24.34
CA GLU N 461 -31.49 -85.60 24.29
C GLU N 461 -30.68 -86.88 24.53
N GLU N 462 -31.21 -87.82 25.30
CA GLU N 462 -30.49 -89.11 25.59
C GLU N 462 -30.45 -89.93 24.28
N VAL N 463 -31.51 -89.90 23.47
CA VAL N 463 -31.57 -90.61 22.16
C VAL N 463 -30.50 -90.01 21.22
N LEU N 464 -30.42 -88.68 21.18
N LEU N 464 -30.42 -88.68 21.18
CA LEU N 464 -29.49 -87.91 20.32
CA LEU N 464 -29.49 -87.91 20.32
C LEU N 464 -28.04 -88.23 20.70
C LEU N 464 -28.04 -88.23 20.70
N LEU N 465 -27.73 -88.13 22.00
CA LEU N 465 -26.39 -88.41 22.56
C LEU N 465 -25.97 -89.84 22.21
N GLN N 466 -26.91 -90.78 22.21
CA GLN N 466 -26.66 -92.22 21.89
C GLN N 466 -26.32 -92.33 20.42
N LEU N 467 -26.96 -91.54 19.57
CA LEU N 467 -26.65 -91.45 18.12
C LEU N 467 -25.19 -90.99 17.96
N VAL N 468 -24.78 -89.96 18.70
CA VAL N 468 -23.37 -89.45 18.68
C VAL N 468 -22.43 -90.61 19.09
N ARG N 469 -22.74 -91.29 20.20
CA ARG N 469 -21.95 -92.43 20.73
C ARG N 469 -21.80 -93.51 19.65
N ASP N 470 -22.92 -93.85 18.99
CA ASP N 470 -22.99 -94.96 18.01
C ASP N 470 -22.13 -94.62 16.79
N GLU N 471 -22.21 -93.36 16.30
CA GLU N 471 -21.48 -92.92 15.09
C GLU N 471 -19.99 -92.80 15.38
N LEU N 472 -19.61 -92.34 16.58
CA LEU N 472 -18.19 -92.30 17.02
C LEU N 472 -17.65 -93.72 17.07
N THR N 473 -18.43 -94.67 17.58
CA THR N 473 -18.03 -96.10 17.73
C THR N 473 -17.77 -96.71 16.35
N GLU N 474 -18.62 -96.39 15.37
N GLU N 474 -18.62 -96.39 15.37
CA GLU N 474 -18.48 -96.86 13.96
CA GLU N 474 -18.49 -96.86 13.95
C GLU N 474 -17.15 -96.35 13.39
C GLU N 474 -17.15 -96.35 13.39
N ILE N 475 -16.81 -95.09 13.67
CA ILE N 475 -15.54 -94.44 13.20
C ILE N 475 -14.37 -95.11 13.90
N ARG N 476 -14.49 -95.38 15.20
CA ARG N 476 -13.41 -96.01 16.00
C ARG N 476 -13.12 -97.40 15.42
N ASP N 477 -14.17 -98.12 15.02
CA ASP N 477 -14.05 -99.53 14.55
C ASP N 477 -13.43 -99.54 13.16
N ARG N 478 -13.69 -98.52 12.34
CA ARG N 478 -13.20 -98.46 10.93
C ARG N 478 -11.77 -97.87 10.86
N PHE N 479 -11.42 -96.94 11.76
CA PHE N 479 -10.18 -96.10 11.64
C PHE N 479 -9.27 -96.21 12.86
N GLY N 480 -9.80 -96.61 14.02
CA GLY N 480 -8.98 -96.92 15.20
C GLY N 480 -7.82 -97.85 14.83
N ASP N 481 -6.68 -97.71 15.51
CA ASP N 481 -5.46 -98.48 15.18
C ASP N 481 -4.62 -98.63 16.44
N ASP N 482 -3.62 -99.50 16.40
CA ASP N 482 -2.79 -99.83 17.58
C ASP N 482 -1.95 -98.62 17.98
N ARG N 483 -1.70 -98.48 19.28
CA ARG N 483 -0.70 -97.53 19.85
C ARG N 483 0.64 -97.82 19.18
N ARG N 484 1.47 -96.79 18.99
CA ARG N 484 2.86 -96.94 18.46
C ARG N 484 3.86 -96.55 19.54
N THR N 485 3.58 -95.47 20.27
CA THR N 485 4.52 -94.94 21.29
C THR N 485 4.31 -95.72 22.58
N GLU N 486 5.34 -96.44 23.04
CA GLU N 486 5.33 -97.16 24.35
C GLU N 486 5.51 -96.11 25.45
N ILE N 487 4.65 -96.14 26.47
CA ILE N 487 4.76 -95.31 27.70
C ILE N 487 5.32 -96.22 28.81
N GLN N 488 6.60 -96.02 29.18
CA GLN N 488 7.33 -96.84 30.18
C GLN N 488 7.14 -96.27 31.59
N LEU N 489 6.52 -97.02 32.51
CA LEU N 489 6.33 -96.64 33.94
C LEU N 489 7.72 -96.70 34.61
N GLY N 490 7.99 -95.78 35.54
CA GLY N 490 9.35 -95.33 35.91
C GLY N 490 10.00 -94.56 34.76
N LYS O 1 25.90 -82.35 -3.79
CA LYS O 1 24.59 -82.91 -4.26
C LYS O 1 24.59 -84.45 -4.24
N LEU O 2 25.76 -85.08 -4.09
CA LEU O 2 25.97 -86.56 -4.20
C LEU O 2 25.54 -87.24 -2.89
N ALA O 3 24.66 -88.23 -2.96
CA ALA O 3 24.33 -89.14 -1.82
C ALA O 3 25.03 -90.48 -2.08
N ASP O 4 26.25 -90.63 -1.56
CA ASP O 4 27.14 -91.79 -1.87
C ASP O 4 26.65 -93.02 -1.11
N CYS O 5 27.04 -94.22 -1.57
CA CYS O 5 26.76 -95.53 -0.93
C CYS O 5 27.87 -95.85 0.07
N SER O 6 27.60 -96.76 1.03
CA SER O 6 28.49 -97.16 2.15
C SER O 6 29.70 -97.94 1.63
N SER O 7 29.48 -98.96 0.78
CA SER O 7 30.53 -99.80 0.16
C SER O 7 31.53 -98.93 -0.58
N LYS O 8 32.84 -99.21 -0.42
CA LYS O 8 33.94 -98.56 -1.18
C LYS O 8 34.56 -99.60 -2.14
N SER O 9 33.80 -100.63 -2.53
CA SER O 9 34.19 -101.67 -3.54
C SER O 9 33.52 -101.37 -4.89
N PRO O 10 34.18 -100.57 -5.78
CA PRO O 10 33.59 -100.20 -7.07
C PRO O 10 32.91 -101.31 -7.90
N GLU O 11 33.39 -102.55 -7.81
N GLU O 11 33.39 -102.55 -7.81
CA GLU O 11 32.92 -103.68 -8.64
CA GLU O 11 32.92 -103.69 -8.64
C GLU O 11 31.43 -103.97 -8.36
C GLU O 11 31.43 -103.97 -8.36
N GLU O 12 30.93 -103.62 -7.16
CA GLU O 12 29.53 -103.91 -6.72
C GLU O 12 28.75 -102.62 -6.46
N CYS O 13 29.35 -101.45 -6.68
CA CYS O 13 28.72 -100.11 -6.49
C CYS O 13 28.15 -99.63 -7.82
N GLU O 14 27.08 -98.81 -7.75
CA GLU O 14 26.43 -98.17 -8.92
C GLU O 14 25.96 -96.77 -8.52
N ILE O 15 26.09 -95.81 -9.45
CA ILE O 15 25.65 -94.38 -9.28
C ILE O 15 24.50 -94.10 -10.26
N PHE O 16 23.42 -93.49 -9.76
CA PHE O 16 22.22 -93.11 -10.52
C PHE O 16 22.22 -91.59 -10.74
N LEU O 17 22.21 -91.17 -12.02
CA LEU O 17 22.13 -89.75 -12.46
C LEU O 17 20.66 -89.43 -12.76
N VAL O 18 20.09 -88.43 -12.05
CA VAL O 18 18.63 -88.10 -12.06
C VAL O 18 18.47 -86.60 -12.35
N GLU O 19 17.28 -86.18 -12.82
N GLU O 19 17.29 -86.17 -12.81
CA GLU O 19 17.02 -84.86 -13.47
CA GLU O 19 17.05 -84.85 -13.47
C GLU O 19 17.09 -83.70 -12.46
C GLU O 19 17.09 -83.70 -12.46
N GLY O 20 16.63 -83.92 -11.22
CA GLY O 20 16.61 -82.87 -10.19
C GLY O 20 16.44 -83.43 -8.79
N ASP O 21 16.32 -82.56 -7.79
CA ASP O 21 16.03 -82.92 -6.36
C ASP O 21 14.64 -83.57 -6.26
N SER O 22 13.73 -83.27 -7.16
CA SER O 22 12.41 -83.95 -7.32
C SER O 22 12.64 -85.46 -7.33
N ALA O 23 13.35 -85.95 -8.35
CA ALA O 23 13.69 -87.37 -8.56
C ALA O 23 14.74 -87.79 -7.52
N GLY O 24 15.71 -86.93 -7.23
CA GLY O 24 16.76 -87.14 -6.21
C GLY O 24 16.20 -87.71 -4.92
N GLY O 25 15.18 -87.06 -4.33
CA GLY O 25 14.62 -87.43 -3.01
C GLY O 25 13.90 -88.77 -3.07
N SER O 26 13.05 -88.97 -4.08
CA SER O 26 12.27 -90.21 -4.32
C SER O 26 13.24 -91.40 -4.44
N THR O 27 14.34 -91.17 -5.16
CA THR O 27 15.43 -92.15 -5.44
C THR O 27 16.19 -92.47 -4.15
N LYS O 28 16.61 -91.45 -3.40
CA LYS O 28 17.40 -91.61 -2.14
C LYS O 28 16.61 -92.46 -1.14
N SER O 29 15.27 -92.35 -1.13
CA SER O 29 14.38 -93.17 -0.27
C SER O 29 14.33 -94.61 -0.77
N GLY O 30 14.16 -94.79 -2.08
CA GLY O 30 13.96 -96.10 -2.72
C GLY O 30 15.21 -96.98 -2.66
N ARG O 31 16.40 -96.36 -2.74
CA ARG O 31 17.69 -97.03 -3.07
C ARG O 31 18.13 -97.98 -1.95
N ASP O 32 19.01 -98.94 -2.30
CA ASP O 32 19.85 -99.71 -1.35
C ASP O 32 21.12 -98.88 -1.09
N SER O 33 21.14 -98.11 -0.01
CA SER O 33 22.22 -97.11 0.29
C SER O 33 23.56 -97.83 0.57
N ARG O 34 23.57 -99.16 0.61
CA ARG O 34 24.82 -99.96 0.76
C ARG O 34 25.64 -99.90 -0.56
N THR O 35 24.98 -99.97 -1.73
CA THR O 35 25.63 -100.15 -3.05
C THR O 35 25.17 -99.13 -4.10
N GLN O 36 24.16 -98.29 -3.81
CA GLN O 36 23.55 -97.39 -4.82
C GLN O 36 23.75 -95.94 -4.40
N ALA O 37 24.57 -95.19 -5.15
CA ALA O 37 24.79 -93.74 -4.95
C ALA O 37 23.83 -92.98 -5.87
N ILE O 38 23.57 -91.70 -5.56
CA ILE O 38 22.67 -90.83 -6.37
C ILE O 38 23.30 -89.45 -6.55
N LEU O 39 23.43 -89.02 -7.80
CA LEU O 39 23.87 -87.65 -8.17
C LEU O 39 22.73 -86.98 -8.91
N PRO O 40 21.94 -86.10 -8.23
CA PRO O 40 20.90 -85.34 -8.89
C PRO O 40 21.59 -84.18 -9.63
N LEU O 41 21.32 -84.07 -10.93
CA LEU O 41 21.79 -82.96 -11.81
C LEU O 41 20.79 -81.79 -11.69
N ARG O 42 21.05 -80.70 -12.40
CA ARG O 42 20.25 -79.45 -12.34
C ARG O 42 19.73 -79.13 -13.73
N GLY O 43 18.87 -80.01 -14.26
CA GLY O 43 18.18 -79.83 -15.54
C GLY O 43 19.11 -80.05 -16.71
N LYS O 44 18.83 -79.40 -17.85
CA LYS O 44 19.65 -79.50 -19.08
C LYS O 44 21.12 -79.29 -18.69
N ILE O 45 22.00 -80.20 -19.12
CA ILE O 45 23.47 -80.12 -18.85
C ILE O 45 24.08 -79.50 -20.12
N LEU O 46 25.31 -78.99 -20.01
CA LEU O 46 26.05 -78.34 -21.12
C LEU O 46 26.21 -79.31 -22.30
N ASN O 47 25.91 -78.87 -23.52
CA ASN O 47 26.20 -79.63 -24.77
C ASN O 47 27.69 -79.46 -25.07
N VAL O 48 28.52 -80.45 -24.68
CA VAL O 48 30.01 -80.38 -24.75
C VAL O 48 30.49 -80.36 -26.22
N GLU O 49 29.66 -80.87 -27.15
CA GLU O 49 29.94 -80.89 -28.61
C GLU O 49 29.96 -79.45 -29.16
N LYS O 50 29.14 -78.55 -28.61
CA LYS O 50 29.00 -77.13 -29.03
C LYS O 50 29.86 -76.21 -28.16
N ALA O 51 30.02 -76.52 -26.88
CA ALA O 51 30.65 -75.63 -25.87
C ALA O 51 32.17 -75.69 -26.01
N ARG O 52 32.85 -74.59 -25.66
CA ARG O 52 34.33 -74.48 -25.61
C ARG O 52 34.85 -75.15 -24.33
N LEU O 53 36.09 -75.69 -24.35
CA LEU O 53 36.67 -76.52 -23.27
C LEU O 53 36.76 -75.73 -21.96
N ASP O 54 37.11 -74.43 -22.03
CA ASP O 54 37.17 -73.53 -20.84
C ASP O 54 35.85 -73.63 -20.05
N ARG O 55 34.71 -73.45 -20.73
CA ARG O 55 33.33 -73.44 -20.15
C ARG O 55 33.03 -74.82 -19.55
N ILE O 56 33.37 -75.89 -20.27
CA ILE O 56 33.09 -77.31 -19.89
C ILE O 56 33.74 -77.60 -18.53
N LEU O 57 35.02 -77.28 -18.37
CA LEU O 57 35.81 -77.61 -17.15
C LEU O 57 35.35 -76.71 -15.97
N ASN O 58 34.78 -75.54 -16.25
CA ASN O 58 34.28 -74.58 -15.22
C ASN O 58 32.82 -74.89 -14.84
N ASN O 59 32.09 -75.66 -15.66
CA ASN O 59 30.67 -76.06 -15.43
C ASN O 59 30.61 -76.87 -14.12
N ASN O 60 29.66 -76.53 -13.24
CA ASN O 60 29.52 -77.11 -11.88
C ASN O 60 28.95 -78.54 -11.96
N GLU O 61 28.00 -78.81 -12.86
CA GLU O 61 27.39 -80.17 -13.05
C GLU O 61 28.42 -81.13 -13.67
N ILE O 62 29.21 -80.67 -14.66
CA ILE O 62 30.30 -81.47 -15.29
C ILE O 62 31.34 -81.79 -14.21
N ARG O 63 31.72 -80.81 -13.39
CA ARG O 63 32.72 -80.97 -12.30
C ARG O 63 32.24 -82.04 -11.30
N GLN O 64 30.98 -81.98 -10.85
N GLN O 64 30.98 -81.98 -10.85
CA GLN O 64 30.44 -82.90 -9.82
CA GLN O 64 30.44 -82.90 -9.82
C GLN O 64 30.51 -84.35 -10.36
C GLN O 64 30.51 -84.34 -10.36
N MET O 65 30.24 -84.55 -11.65
CA MET O 65 30.21 -85.90 -12.28
C MET O 65 31.64 -86.46 -12.35
N ILE O 66 32.59 -85.64 -12.78
CA ILE O 66 34.04 -86.00 -12.84
C ILE O 66 34.50 -86.38 -11.42
N THR O 67 34.16 -85.59 -10.40
CA THR O 67 34.57 -85.81 -8.99
C THR O 67 34.00 -87.15 -8.49
N ALA O 68 32.72 -87.40 -8.80
CA ALA O 68 31.95 -88.57 -8.34
C ALA O 68 32.56 -89.87 -8.89
N PHE O 69 32.90 -89.88 -10.18
CA PHE O 69 33.47 -91.06 -10.91
C PHE O 69 34.94 -91.26 -10.50
N GLY O 70 35.66 -90.14 -10.29
CA GLY O 70 37.07 -90.10 -9.86
C GLY O 70 38.04 -90.69 -10.89
N THR O 71 37.69 -90.61 -12.18
CA THR O 71 38.50 -91.17 -13.30
C THR O 71 39.30 -90.07 -14.00
N GLY O 72 38.92 -88.79 -13.85
CA GLY O 72 39.45 -87.69 -14.67
C GLY O 72 38.99 -87.81 -16.11
N ILE O 73 39.48 -86.98 -17.02
CA ILE O 73 38.91 -86.82 -18.40
C ILE O 73 40.02 -86.85 -19.46
N GLY O 74 39.66 -87.26 -20.68
CA GLY O 74 40.50 -87.24 -21.90
C GLY O 74 41.70 -88.17 -21.77
N GLY O 75 42.91 -87.62 -21.86
CA GLY O 75 44.20 -88.33 -21.72
C GLY O 75 44.42 -88.86 -20.32
N ASP O 76 44.10 -88.06 -19.29
CA ASP O 76 44.29 -88.42 -17.85
C ASP O 76 43.20 -89.41 -17.38
N PHE O 77 42.24 -89.78 -18.24
CA PHE O 77 41.18 -90.76 -17.88
C PHE O 77 41.85 -92.08 -17.51
N ASP O 78 41.47 -92.63 -16.34
CA ASP O 78 42.01 -93.89 -15.77
C ASP O 78 40.84 -94.79 -15.34
N LEU O 79 40.55 -95.85 -16.11
CA LEU O 79 39.38 -96.74 -15.90
C LEU O 79 39.47 -97.45 -14.54
N ALA O 80 40.68 -97.69 -14.03
CA ALA O 80 40.93 -98.45 -12.78
C ALA O 80 40.62 -97.60 -11.54
N LYS O 81 40.65 -96.26 -11.65
CA LYS O 81 40.36 -95.30 -10.55
C LYS O 81 38.84 -95.06 -10.46
N ALA O 82 38.03 -95.71 -11.30
CA ALA O 82 36.56 -95.62 -11.32
C ALA O 82 36.00 -96.06 -9.96
N ARG O 83 35.06 -95.28 -9.41
CA ARG O 83 34.49 -95.46 -8.05
C ARG O 83 33.16 -96.23 -8.13
N TYR O 84 32.62 -96.43 -9.35
CA TYR O 84 31.40 -97.23 -9.66
C TYR O 84 31.67 -98.00 -10.97
N HIS O 85 31.17 -99.23 -11.09
CA HIS O 85 31.30 -100.08 -12.31
C HIS O 85 29.96 -100.08 -13.07
N LYS O 86 28.98 -99.33 -12.55
CA LYS O 86 27.68 -99.05 -13.20
C LYS O 86 27.34 -97.56 -12.98
N ILE O 87 27.46 -96.74 -14.04
CA ILE O 87 26.92 -95.35 -14.11
C ILE O 87 25.58 -95.45 -14.84
N VAL O 88 24.47 -95.27 -14.10
CA VAL O 88 23.08 -95.43 -14.63
C VAL O 88 22.48 -94.05 -14.91
N ILE O 89 22.18 -93.77 -16.18
CA ILE O 89 21.40 -92.57 -16.64
C ILE O 89 19.92 -92.89 -16.42
N MET O 90 19.28 -92.21 -15.48
CA MET O 90 17.85 -92.43 -15.11
C MET O 90 17.09 -91.12 -15.30
N THR O 91 16.84 -90.77 -16.57
CA THR O 91 16.04 -89.60 -17.00
C THR O 91 14.58 -90.02 -17.13
N ASP O 92 13.68 -89.05 -17.07
CA ASP O 92 12.21 -89.23 -17.09
C ASP O 92 11.83 -89.88 -18.43
N ALA O 93 10.62 -90.43 -18.51
CA ALA O 93 10.10 -91.23 -19.64
C ALA O 93 9.53 -90.33 -20.74
N ASP O 94 9.94 -89.07 -20.78
CA ASP O 94 9.36 -87.99 -21.64
C ASP O 94 10.41 -87.58 -22.70
N VAL O 95 10.15 -86.49 -23.41
CA VAL O 95 11.00 -86.00 -24.53
C VAL O 95 12.20 -85.24 -23.97
N ASP O 96 12.03 -84.48 -22.88
CA ASP O 96 13.14 -83.70 -22.26
C ASP O 96 14.06 -84.64 -21.50
N GLY O 97 13.54 -85.81 -21.10
CA GLY O 97 14.35 -86.94 -20.61
C GLY O 97 15.29 -87.42 -21.69
N ALA O 98 14.76 -87.68 -22.90
CA ALA O 98 15.53 -88.14 -24.07
C ALA O 98 16.64 -87.14 -24.39
N HIS O 99 16.35 -85.83 -24.31
CA HIS O 99 17.36 -84.76 -24.57
C HIS O 99 18.49 -84.83 -23.53
N ILE O 100 18.19 -84.90 -22.24
CA ILE O 100 19.22 -84.94 -21.16
C ILE O 100 20.02 -86.24 -21.30
N ARG O 101 19.38 -87.30 -21.78
CA ARG O 101 20.06 -88.59 -22.09
C ARG O 101 21.09 -88.38 -23.22
N THR O 102 20.71 -87.76 -24.35
CA THR O 102 21.64 -87.47 -25.48
C THR O 102 22.77 -86.53 -25.01
N LEU O 103 22.50 -85.63 -24.06
CA LEU O 103 23.49 -84.60 -23.64
C LEU O 103 24.57 -85.26 -22.77
N LEU O 104 24.15 -86.19 -21.90
CA LEU O 104 25.05 -86.96 -20.99
C LEU O 104 25.90 -87.92 -21.83
N LEU O 105 25.27 -88.67 -22.74
CA LEU O 105 25.93 -89.63 -23.65
C LEU O 105 26.99 -88.89 -24.49
N THR O 106 26.72 -87.66 -24.90
CA THR O 106 27.67 -86.81 -25.67
C THR O 106 28.88 -86.51 -24.80
N PHE O 107 28.66 -86.20 -23.52
CA PHE O 107 29.74 -85.91 -22.54
C PHE O 107 30.58 -87.16 -22.33
N PHE O 108 29.93 -88.31 -22.04
CA PHE O 108 30.63 -89.61 -21.79
C PHE O 108 31.45 -90.00 -23.03
N TYR O 109 30.90 -89.85 -24.24
CA TYR O 109 31.55 -90.32 -25.49
C TYR O 109 32.76 -89.43 -25.82
N ARG O 110 32.72 -88.14 -25.49
CA ARG O 110 33.79 -87.18 -25.90
C ARG O 110 34.87 -87.11 -24.83
N PHE O 111 34.55 -87.37 -23.56
CA PHE O 111 35.48 -87.09 -22.40
C PHE O 111 35.80 -88.35 -21.60
N MET O 112 35.01 -89.42 -21.71
CA MET O 112 35.18 -90.67 -20.93
C MET O 112 34.81 -91.87 -21.81
N ARG O 113 35.31 -91.92 -23.04
CA ARG O 113 34.94 -92.97 -24.03
C ARG O 113 35.24 -94.36 -23.46
N PRO O 114 36.40 -94.59 -22.79
CA PRO O 114 36.73 -95.93 -22.28
C PRO O 114 35.74 -96.50 -21.24
N LEU O 115 35.04 -95.61 -20.51
CA LEU O 115 33.92 -95.96 -19.60
C LEU O 115 32.80 -96.67 -20.38
N ILE O 116 32.47 -96.19 -21.58
CA ILE O 116 31.43 -96.78 -22.47
C ILE O 116 31.94 -98.11 -23.00
N GLU O 117 33.20 -98.14 -23.46
CA GLU O 117 33.92 -99.33 -24.00
C GLU O 117 33.87 -100.44 -22.95
N ALA O 118 34.24 -100.14 -21.70
CA ALA O 118 34.25 -101.08 -20.54
C ALA O 118 32.84 -101.58 -20.19
N GLY O 119 31.78 -100.97 -20.75
CA GLY O 119 30.37 -101.34 -20.52
C GLY O 119 29.86 -100.89 -19.15
N TYR O 120 30.38 -99.77 -18.63
CA TYR O 120 30.06 -99.22 -17.28
C TYR O 120 28.86 -98.25 -17.38
N VAL O 121 28.52 -97.81 -18.58
CA VAL O 121 27.40 -96.85 -18.80
C VAL O 121 26.15 -97.66 -19.13
N TYR O 122 25.08 -97.43 -18.35
CA TYR O 122 23.74 -98.06 -18.50
C TYR O 122 22.65 -96.98 -18.57
N ILE O 123 21.47 -97.39 -19.01
CA ILE O 123 20.25 -96.54 -19.19
C ILE O 123 19.07 -97.24 -18.52
N ALA O 124 18.64 -96.74 -17.35
CA ALA O 124 17.45 -97.21 -16.61
C ALA O 124 16.22 -97.03 -17.50
N GLN O 125 15.15 -97.81 -17.24
CA GLN O 125 13.89 -97.76 -18.03
C GLN O 125 12.71 -97.65 -17.10
N PRO O 126 12.41 -96.45 -16.56
CA PRO O 126 11.23 -96.27 -15.72
C PRO O 126 9.94 -96.57 -16.49
N PRO O 127 8.90 -97.12 -15.83
CA PRO O 127 7.68 -97.52 -16.53
C PRO O 127 6.97 -96.28 -17.11
N THR O 128 6.47 -96.44 -18.33
CA THR O 128 6.31 -95.33 -19.34
C THR O 128 5.01 -94.58 -19.08
N GLY O 129 5.02 -93.25 -19.25
CA GLY O 129 3.81 -92.40 -19.13
C GLY O 129 3.86 -91.43 -17.95
N TYR O 130 4.62 -91.76 -16.89
CA TYR O 130 4.66 -91.03 -15.63
C TYR O 130 5.27 -89.64 -15.81
N LYS O 131 4.75 -88.62 -15.10
CA LYS O 131 5.04 -87.17 -15.33
C LYS O 131 6.56 -86.93 -15.22
N GLY O 132 7.15 -87.37 -14.12
CA GLY O 132 8.61 -87.54 -13.95
C GLY O 132 8.90 -88.77 -13.09
N LEU O 133 10.11 -88.83 -12.51
CA LEU O 133 10.36 -89.72 -11.34
C LEU O 133 10.12 -88.91 -10.04
N GLY O 134 9.98 -87.58 -10.15
CA GLY O 134 9.51 -86.70 -9.05
C GLY O 134 8.06 -86.94 -8.71
N GLU O 135 7.32 -87.62 -9.61
CA GLU O 135 5.87 -87.96 -9.53
C GLU O 135 5.68 -89.43 -9.10
N MET O 136 6.73 -90.26 -9.15
CA MET O 136 6.68 -91.68 -8.66
C MET O 136 6.92 -91.67 -7.15
N ASN O 137 6.37 -92.65 -6.43
CA ASN O 137 6.67 -92.93 -5.00
C ASN O 137 7.92 -93.81 -4.95
N ALA O 138 8.67 -93.77 -3.85
CA ALA O 138 9.98 -94.46 -3.67
C ALA O 138 9.80 -95.99 -3.74
N ASP O 139 8.74 -96.53 -3.13
CA ASP O 139 8.47 -98.00 -3.08
C ASP O 139 8.40 -98.55 -4.51
N GLN O 140 7.70 -97.84 -5.40
CA GLN O 140 7.38 -98.27 -6.78
C GLN O 140 8.60 -98.03 -7.68
N LEU O 141 9.33 -96.93 -7.42
CA LEU O 141 10.56 -96.53 -8.16
C LEU O 141 11.67 -97.57 -7.93
N TRP O 142 11.76 -98.12 -6.71
CA TRP O 142 12.72 -99.19 -6.36
C TRP O 142 12.37 -100.46 -7.14
N GLU O 143 11.12 -100.90 -7.08
CA GLU O 143 10.68 -102.26 -7.53
C GLU O 143 10.78 -102.37 -9.05
N THR O 144 10.51 -101.29 -9.79
CA THR O 144 10.45 -101.26 -11.28
C THR O 144 11.85 -100.98 -11.87
N THR O 145 12.65 -100.11 -11.25
CA THR O 145 13.76 -99.39 -11.93
C THR O 145 15.13 -99.58 -11.26
N MET O 146 15.20 -99.77 -9.93
CA MET O 146 16.48 -99.77 -9.15
C MET O 146 16.79 -101.14 -8.52
N ASN O 147 15.79 -102.02 -8.36
CA ASN O 147 15.95 -103.34 -7.70
C ASN O 147 16.64 -104.30 -8.67
N PRO O 148 17.86 -104.78 -8.39
CA PRO O 148 18.56 -105.69 -9.31
C PRO O 148 17.80 -106.99 -9.60
N GLU O 149 16.77 -107.30 -8.80
CA GLU O 149 15.95 -108.53 -8.95
C GLU O 149 14.94 -108.36 -10.09
N HIS O 150 14.38 -107.17 -10.30
CA HIS O 150 13.27 -106.95 -11.27
C HIS O 150 13.57 -105.83 -12.30
N ARG O 151 14.63 -105.02 -12.11
CA ARG O 151 14.93 -103.87 -13.00
C ARG O 151 15.41 -104.38 -14.36
N ALA O 152 15.36 -103.52 -15.37
CA ALA O 152 15.71 -103.80 -16.78
C ALA O 152 16.61 -102.66 -17.30
N LEU O 153 17.91 -102.72 -16.98
CA LEU O 153 18.93 -101.74 -17.47
C LEU O 153 19.29 -102.08 -18.92
N LEU O 154 19.59 -101.04 -19.72
CA LEU O 154 20.19 -101.18 -21.06
C LEU O 154 21.67 -100.82 -20.92
N GLN O 155 22.56 -101.74 -21.26
CA GLN O 155 24.03 -101.48 -21.26
C GLN O 155 24.37 -100.78 -22.58
N VAL O 156 25.01 -99.61 -22.52
CA VAL O 156 25.41 -98.85 -23.73
C VAL O 156 26.66 -99.52 -24.31
N LYS O 157 26.54 -100.08 -25.52
CA LYS O 157 27.62 -100.77 -26.28
C LYS O 157 28.05 -99.88 -27.46
N LEU O 158 29.34 -99.59 -27.59
CA LEU O 158 29.92 -98.86 -28.75
C LEU O 158 30.43 -99.88 -29.78
N GLU O 159 29.74 -100.03 -30.93
CA GLU O 159 30.12 -101.00 -32.00
C GLU O 159 31.07 -100.30 -32.98
N ASP O 160 30.58 -99.31 -33.74
CA ASP O 160 31.35 -98.62 -34.81
C ASP O 160 31.74 -97.20 -34.34
N ALA O 161 33.02 -96.96 -34.05
CA ALA O 161 33.55 -95.68 -33.53
C ALA O 161 33.47 -94.60 -34.60
N ILE O 162 33.65 -94.94 -35.89
CA ILE O 162 33.54 -93.98 -37.04
C ILE O 162 32.09 -93.50 -37.13
N GLU O 163 31.12 -94.43 -37.10
CA GLU O 163 29.68 -94.12 -37.23
C GLU O 163 29.21 -93.33 -36.01
N ALA O 164 29.75 -93.62 -34.82
CA ALA O 164 29.47 -92.89 -33.56
C ALA O 164 29.96 -91.43 -33.67
N ASP O 165 31.19 -91.22 -34.13
CA ASP O 165 31.80 -89.87 -34.30
C ASP O 165 30.93 -89.01 -35.22
N GLN O 166 30.37 -89.62 -36.28
CA GLN O 166 29.55 -88.89 -37.29
C GLN O 166 28.19 -88.55 -36.65
N THR O 167 27.63 -89.44 -35.83
CA THR O 167 26.28 -89.33 -35.24
C THR O 167 26.29 -88.22 -34.18
N PHE O 168 27.28 -88.17 -33.30
CA PHE O 168 27.42 -87.11 -32.27
C PHE O 168 27.64 -85.76 -32.95
N GLU O 169 28.49 -85.71 -33.97
CA GLU O 169 28.81 -84.45 -34.72
C GLU O 169 27.54 -83.95 -35.43
N MET O 170 26.68 -84.85 -35.92
CA MET O 170 25.46 -84.50 -36.70
C MET O 170 24.36 -84.01 -35.75
N LEU O 171 24.06 -84.75 -34.69
CA LEU O 171 22.97 -84.45 -33.73
C LEU O 171 23.38 -83.30 -32.81
N MET O 172 24.61 -83.30 -32.29
CA MET O 172 25.00 -82.40 -31.15
C MET O 172 25.98 -81.31 -31.61
N GLY O 173 26.40 -81.32 -32.89
CA GLY O 173 27.39 -80.36 -33.43
C GLY O 173 26.78 -79.01 -33.78
N ASP O 174 27.63 -78.07 -34.19
CA ASP O 174 27.23 -76.66 -34.47
C ASP O 174 26.53 -76.57 -35.84
N VAL O 175 26.66 -77.57 -36.73
CA VAL O 175 26.10 -77.47 -38.11
C VAL O 175 24.61 -77.85 -38.08
N VAL O 176 23.72 -76.87 -38.27
CA VAL O 176 22.24 -77.04 -38.11
C VAL O 176 21.67 -77.86 -39.28
N GLU O 177 22.18 -77.69 -40.48
CA GLU O 177 21.55 -78.24 -41.72
C GLU O 177 21.57 -79.78 -41.70
N ASN O 178 22.67 -80.39 -41.27
CA ASN O 178 22.80 -81.88 -41.20
C ASN O 178 21.80 -82.44 -40.18
N ARG O 179 21.66 -81.76 -39.04
CA ARG O 179 20.70 -82.08 -37.95
C ARG O 179 19.27 -81.99 -38.48
N ARG O 180 18.94 -80.90 -39.18
CA ARG O 180 17.58 -80.65 -39.74
C ARG O 180 17.26 -81.74 -40.77
N GLN O 181 18.22 -82.06 -41.63
CA GLN O 181 18.09 -83.09 -42.71
C GLN O 181 17.71 -84.41 -42.06
N PHE O 182 18.47 -84.79 -41.02
CA PHE O 182 18.28 -86.04 -40.24
C PHE O 182 16.84 -86.13 -39.72
N ILE O 183 16.31 -85.02 -39.17
CA ILE O 183 14.95 -84.95 -38.54
C ILE O 183 13.91 -85.17 -39.64
N GLU O 184 13.99 -84.41 -40.74
CA GLU O 184 13.03 -84.50 -41.88
C GLU O 184 13.02 -85.95 -42.40
N ASP O 185 14.21 -86.52 -42.62
CA ASP O 185 14.41 -87.88 -43.18
C ASP O 185 13.74 -88.91 -42.27
N ASN O 186 13.94 -88.79 -40.96
CA ASN O 186 13.55 -89.81 -39.96
C ASN O 186 12.25 -89.44 -39.26
N ALA O 187 11.55 -88.36 -39.66
CA ALA O 187 10.28 -87.95 -39.03
C ALA O 187 9.26 -89.07 -39.22
N VAL O 188 8.58 -89.50 -38.15
CA VAL O 188 7.75 -90.74 -38.15
C VAL O 188 6.52 -90.53 -37.24
N ASN P 9 19.13 -105.02 -21.92
CA ASN P 9 20.19 -106.05 -22.07
C ASN P 9 21.44 -105.32 -22.57
N GLU P 10 21.50 -104.95 -23.84
CA GLU P 10 22.66 -104.30 -24.53
C GLU P 10 22.12 -103.40 -25.65
N ARG P 11 22.69 -102.21 -25.83
CA ARG P 11 22.10 -101.09 -26.63
C ARG P 11 23.23 -100.34 -27.34
N ASN P 12 23.15 -100.25 -28.67
CA ASN P 12 24.15 -99.56 -29.52
C ASN P 12 24.07 -98.05 -29.21
N ILE P 13 25.21 -97.41 -28.92
CA ILE P 13 25.27 -95.98 -28.49
C ILE P 13 24.73 -95.10 -29.63
N THR P 14 25.05 -95.41 -30.88
CA THR P 14 24.59 -94.65 -32.07
C THR P 14 23.06 -94.74 -32.18
N SER P 15 22.48 -95.93 -32.06
CA SER P 15 21.01 -96.16 -32.11
C SER P 15 20.31 -95.36 -31.00
N GLU P 16 20.87 -95.38 -29.79
CA GLU P 16 20.31 -94.71 -28.59
C GLU P 16 20.29 -93.20 -28.82
N MET P 17 21.42 -92.62 -29.22
CA MET P 17 21.55 -91.18 -29.58
C MET P 17 20.51 -90.80 -30.64
N ARG P 18 20.46 -91.53 -31.75
CA ARG P 18 19.64 -91.14 -32.93
C ARG P 18 18.16 -91.15 -32.54
N GLU P 19 17.71 -92.17 -31.82
N GLU P 19 17.71 -92.17 -31.81
CA GLU P 19 16.27 -92.35 -31.44
CA GLU P 19 16.28 -92.36 -31.44
C GLU P 19 15.91 -91.39 -30.30
C GLU P 19 15.91 -91.39 -30.30
N SER P 20 16.80 -91.21 -29.32
CA SER P 20 16.62 -90.30 -28.16
C SER P 20 16.51 -88.83 -28.65
N PHE P 21 17.48 -88.39 -29.45
CA PHE P 21 17.57 -87.02 -29.99
C PHE P 21 16.36 -86.74 -30.90
N LEU P 22 15.97 -87.71 -31.73
CA LEU P 22 14.84 -87.57 -32.69
C LEU P 22 13.56 -87.36 -31.88
N ASP P 23 13.40 -88.08 -30.77
CA ASP P 23 12.20 -88.01 -29.89
C ASP P 23 12.05 -86.57 -29.37
N TYR P 24 13.14 -86.03 -28.84
CA TYR P 24 13.27 -84.64 -28.35
C TYR P 24 12.97 -83.65 -29.50
N ALA P 25 13.77 -83.72 -30.57
CA ALA P 25 13.75 -82.79 -31.71
C ALA P 25 12.34 -82.72 -32.29
N MET P 26 11.73 -83.87 -32.57
CA MET P 26 10.40 -83.93 -33.22
C MET P 26 9.38 -83.24 -32.33
N SER P 27 9.50 -83.48 -31.00
CA SER P 27 8.56 -83.00 -29.97
C SER P 27 8.63 -81.48 -29.87
N VAL P 28 9.85 -80.93 -29.85
CA VAL P 28 10.12 -79.46 -29.80
C VAL P 28 9.54 -78.79 -31.06
N ILE P 29 9.56 -79.48 -32.21
CA ILE P 29 9.15 -78.88 -33.51
C ILE P 29 7.63 -78.82 -33.61
N VAL P 30 6.92 -79.93 -33.32
CA VAL P 30 5.47 -80.08 -33.66
C VAL P 30 4.61 -79.83 -32.42
N ALA P 31 5.21 -79.63 -31.24
CA ALA P 31 4.45 -79.53 -29.97
C ALA P 31 5.23 -78.73 -28.93
N ARG P 32 5.82 -77.59 -29.32
CA ARG P 32 6.42 -76.64 -28.34
C ARG P 32 6.66 -75.26 -28.97
N ALA P 33 7.63 -75.17 -29.89
CA ALA P 33 8.32 -73.90 -30.23
C ALA P 33 7.75 -73.25 -31.50
N LEU P 34 7.11 -74.02 -32.38
CA LEU P 34 6.58 -73.50 -33.67
C LEU P 34 5.07 -73.38 -33.58
N PRO P 35 4.50 -72.25 -34.07
CA PRO P 35 3.06 -72.03 -34.06
C PRO P 35 2.37 -72.73 -35.23
N ASP P 36 1.09 -73.08 -35.08
CA ASP P 36 0.20 -73.54 -36.18
C ASP P 36 -0.10 -72.35 -37.08
N VAL P 37 -0.12 -72.56 -38.40
CA VAL P 37 -0.38 -71.52 -39.44
C VAL P 37 -1.81 -70.99 -39.33
N ARG P 38 -2.72 -71.79 -38.76
CA ARG P 38 -4.18 -71.51 -38.73
C ARG P 38 -4.50 -70.45 -37.66
N ASP P 39 -4.15 -70.70 -36.40
CA ASP P 39 -4.52 -69.80 -35.27
C ASP P 39 -3.30 -69.04 -34.74
N GLY P 40 -2.11 -69.30 -35.30
CA GLY P 40 -0.87 -68.60 -34.93
C GLY P 40 -0.34 -68.99 -33.54
N LEU P 41 -0.87 -70.05 -32.93
CA LEU P 41 -0.58 -70.37 -31.51
C LEU P 41 0.36 -71.57 -31.38
N LYS P 42 1.30 -71.48 -30.43
CA LYS P 42 2.04 -72.65 -29.94
C LYS P 42 1.12 -73.39 -28.98
N PRO P 43 1.33 -74.70 -28.74
CA PRO P 43 0.61 -75.43 -27.69
C PRO P 43 0.37 -74.66 -26.38
N VAL P 44 1.43 -74.11 -25.76
CA VAL P 44 1.28 -73.49 -24.41
C VAL P 44 0.27 -72.33 -24.47
N HIS P 45 0.30 -71.55 -25.54
CA HIS P 45 -0.61 -70.38 -25.74
C HIS P 45 -2.04 -70.87 -25.88
N ARG P 46 -2.24 -71.86 -26.76
CA ARG P 46 -3.57 -72.46 -27.06
C ARG P 46 -4.16 -73.00 -25.76
N ARG P 47 -3.38 -73.75 -24.98
CA ARG P 47 -3.85 -74.40 -23.73
C ARG P 47 -4.26 -73.35 -22.69
N ILE P 48 -3.51 -72.24 -22.61
CA ILE P 48 -3.84 -71.10 -21.69
C ILE P 48 -5.20 -70.51 -22.11
N LEU P 49 -5.36 -70.14 -23.39
CA LEU P 49 -6.57 -69.44 -23.88
C LEU P 49 -7.79 -70.36 -23.74
N TYR P 50 -7.60 -71.66 -23.98
CA TYR P 50 -8.68 -72.67 -23.89
C TYR P 50 -9.04 -72.88 -22.42
N GLY P 51 -8.04 -72.88 -21.55
CA GLY P 51 -8.22 -72.94 -20.08
C GLY P 51 -9.00 -71.75 -19.55
N LEU P 52 -8.69 -70.55 -20.04
CA LEU P 52 -9.44 -69.33 -19.66
C LEU P 52 -10.91 -69.53 -20.02
N ASN P 53 -11.16 -70.14 -21.17
CA ASN P 53 -12.50 -70.26 -21.81
C ASN P 53 -13.31 -71.32 -21.07
N GLU P 54 -12.67 -72.42 -20.66
CA GLU P 54 -13.33 -73.55 -19.96
C GLU P 54 -13.72 -73.12 -18.55
N GLN P 55 -13.03 -72.17 -17.94
CA GLN P 55 -13.40 -71.62 -16.61
C GLN P 55 -14.13 -70.29 -16.81
N GLY P 56 -14.71 -70.06 -17.99
CA GLY P 56 -15.40 -68.81 -18.39
C GLY P 56 -14.81 -67.56 -17.75
N MET P 57 -13.48 -67.40 -17.78
CA MET P 57 -12.78 -66.14 -17.42
C MET P 57 -12.82 -65.21 -18.65
N THR P 58 -13.98 -64.60 -18.86
CA THR P 58 -14.31 -63.77 -20.06
C THR P 58 -14.15 -62.31 -19.66
N PRO P 59 -14.10 -61.36 -20.61
CA PRO P 59 -13.86 -59.95 -20.31
C PRO P 59 -14.88 -59.31 -19.35
N ASP P 60 -16.16 -59.76 -19.43
CA ASP P 60 -17.32 -59.26 -18.65
C ASP P 60 -17.20 -59.71 -17.19
N LYS P 61 -16.78 -60.94 -16.94
CA LYS P 61 -16.53 -61.49 -15.56
C LYS P 61 -15.20 -60.94 -15.01
N SER P 62 -15.01 -61.02 -13.69
CA SER P 62 -13.91 -60.34 -12.96
C SER P 62 -12.61 -61.17 -13.03
N TYR P 63 -11.46 -60.48 -12.94
CA TYR P 63 -10.10 -61.07 -13.01
C TYR P 63 -9.99 -62.20 -11.97
N LYS P 64 -9.38 -63.32 -12.37
CA LYS P 64 -9.09 -64.48 -11.49
C LYS P 64 -7.56 -64.53 -11.25
N LYS P 65 -7.14 -65.00 -10.08
CA LYS P 65 -5.71 -65.13 -9.69
C LYS P 65 -4.95 -65.98 -10.71
N SER P 66 -3.74 -65.56 -11.06
CA SER P 66 -2.88 -66.22 -12.08
C SER P 66 -2.52 -67.63 -11.61
N ALA P 67 -2.17 -67.79 -10.33
CA ALA P 67 -1.86 -69.10 -9.73
C ALA P 67 -3.00 -70.10 -9.95
N ARG P 68 -4.25 -69.64 -9.91
CA ARG P 68 -5.47 -70.47 -10.15
C ARG P 68 -5.46 -70.93 -11.62
N ILE P 69 -5.15 -70.01 -12.54
CA ILE P 69 -5.19 -70.26 -14.02
C ILE P 69 -4.05 -71.22 -14.39
N VAL P 70 -2.84 -70.94 -13.90
CA VAL P 70 -1.61 -71.73 -14.23
C VAL P 70 -1.80 -73.16 -13.69
N GLY P 71 -2.34 -73.30 -12.48
CA GLY P 71 -2.62 -74.61 -11.85
C GLY P 71 -3.56 -75.43 -12.71
N ASP P 72 -4.67 -74.82 -13.14
CA ASP P 72 -5.73 -75.46 -13.97
C ASP P 72 -5.11 -75.91 -15.30
N VAL P 73 -4.33 -75.05 -15.95
CA VAL P 73 -3.73 -75.33 -17.30
C VAL P 73 -2.70 -76.46 -17.15
N MET P 74 -1.86 -76.40 -16.12
CA MET P 74 -0.78 -77.40 -15.85
C MET P 74 -1.41 -78.77 -15.52
N GLY P 75 -2.49 -78.76 -14.74
CA GLY P 75 -3.23 -79.97 -14.33
C GLY P 75 -3.83 -80.70 -15.52
N LYS P 76 -4.48 -79.98 -16.43
CA LYS P 76 -5.46 -80.55 -17.40
C LYS P 76 -4.89 -80.70 -18.82
N TYR P 77 -3.94 -79.85 -19.22
CA TYR P 77 -3.55 -79.70 -20.66
C TYR P 77 -2.03 -79.72 -20.86
N HIS P 78 -1.28 -78.96 -20.04
CA HIS P 78 0.16 -78.62 -20.26
C HIS P 78 1.03 -79.19 -19.15
N PRO P 79 1.51 -80.44 -19.28
CA PRO P 79 2.24 -81.10 -18.18
C PRO P 79 3.71 -80.66 -18.14
N HIS P 80 3.95 -79.39 -17.81
CA HIS P 80 5.29 -78.75 -17.78
C HIS P 80 5.35 -77.73 -16.64
N GLY P 81 6.46 -76.99 -16.56
N GLY P 81 6.47 -77.00 -16.54
CA GLY P 81 6.77 -76.07 -15.44
CA GLY P 81 6.77 -76.07 -15.43
C GLY P 81 5.73 -74.96 -15.33
C GLY P 81 5.73 -74.96 -15.33
N ASP P 82 5.42 -74.53 -14.10
CA ASP P 82 4.57 -73.34 -13.83
C ASP P 82 5.23 -72.08 -14.43
N SER P 83 6.55 -71.93 -14.34
CA SER P 83 7.24 -70.75 -14.92
C SER P 83 7.03 -70.70 -16.44
N SER P 84 7.14 -71.83 -17.15
CA SER P 84 6.98 -71.88 -18.63
C SER P 84 5.58 -71.34 -19.00
N ILE P 85 4.56 -71.74 -18.24
CA ILE P 85 3.13 -71.39 -18.50
C ILE P 85 2.92 -69.91 -18.12
N TYR P 86 3.30 -69.51 -16.92
CA TYR P 86 3.02 -68.15 -16.41
C TYR P 86 3.67 -67.10 -17.31
N GLU P 87 4.95 -67.28 -17.65
CA GLU P 87 5.71 -66.29 -18.46
C GLU P 87 5.05 -66.18 -19.85
N ALA P 88 4.52 -67.28 -20.38
CA ALA P 88 3.87 -67.32 -21.71
C ALA P 88 2.57 -66.54 -21.64
N MET P 89 1.87 -66.61 -20.51
CA MET P 89 0.59 -65.88 -20.29
C MET P 89 0.92 -64.40 -20.11
N VAL P 90 1.95 -64.08 -19.34
CA VAL P 90 2.40 -62.67 -19.08
C VAL P 90 2.61 -61.97 -20.43
N ARG P 91 3.42 -62.56 -21.31
CA ARG P 91 3.80 -62.01 -22.64
C ARG P 91 2.55 -61.65 -23.45
N MET P 92 1.54 -62.54 -23.45
CA MET P 92 0.26 -62.35 -24.19
C MET P 92 -0.51 -61.16 -23.63
N ALA P 93 -0.13 -60.67 -22.45
CA ALA P 93 -0.83 -59.58 -21.73
C ALA P 93 -0.07 -58.26 -21.87
N GLN P 94 1.14 -58.28 -22.42
CA GLN P 94 2.01 -57.09 -22.55
C GLN P 94 1.71 -56.36 -23.85
N ASP P 95 1.30 -55.09 -23.77
CA ASP P 95 0.90 -54.30 -24.96
C ASP P 95 2.13 -53.92 -25.77
N PHE P 96 3.33 -54.11 -25.24
CA PHE P 96 4.63 -53.85 -25.91
C PHE P 96 5.21 -55.15 -26.52
N SER P 97 4.60 -56.30 -26.25
CA SER P 97 5.03 -57.61 -26.79
C SER P 97 4.05 -58.05 -27.88
N TYR P 98 2.75 -58.03 -27.55
CA TYR P 98 1.63 -58.44 -28.42
C TYR P 98 0.96 -57.20 -29.02
N ARG P 99 0.92 -57.14 -30.36
CA ARG P 99 0.28 -56.05 -31.13
C ARG P 99 -1.22 -56.00 -30.81
N TYR P 100 -1.84 -57.18 -30.69
CA TYR P 100 -3.23 -57.36 -30.20
C TYR P 100 -3.17 -58.33 -29.01
N PRO P 101 -3.00 -57.80 -27.78
CA PRO P 101 -2.96 -58.62 -26.57
C PRO P 101 -4.13 -59.61 -26.48
N LEU P 102 -3.84 -60.85 -26.09
CA LEU P 102 -4.81 -61.98 -25.98
C LEU P 102 -5.18 -62.21 -24.52
N VAL P 103 -4.48 -61.58 -23.58
CA VAL P 103 -4.76 -61.73 -22.12
C VAL P 103 -4.84 -60.35 -21.48
N ASP P 104 -5.83 -60.15 -20.62
CA ASP P 104 -6.09 -58.89 -19.89
C ASP P 104 -5.58 -59.10 -18.47
N GLY P 105 -4.46 -58.45 -18.13
CA GLY P 105 -3.76 -58.60 -16.84
C GLY P 105 -4.14 -57.51 -15.85
N GLN P 106 -4.15 -57.85 -14.57
CA GLN P 106 -4.33 -56.90 -13.44
C GLN P 106 -3.08 -57.02 -12.56
N GLY P 107 -2.25 -55.96 -12.52
CA GLY P 107 -1.07 -55.88 -11.65
C GLY P 107 0.22 -55.74 -12.44
N ASN P 108 1.35 -56.10 -11.83
CA ASN P 108 2.70 -55.92 -12.41
C ASN P 108 2.96 -57.05 -13.41
N PHE P 109 2.68 -56.84 -14.69
CA PHE P 109 2.99 -57.76 -15.83
C PHE P 109 4.24 -57.26 -16.58
N GLY P 110 5.12 -56.56 -15.87
CA GLY P 110 6.41 -56.09 -16.39
C GLY P 110 6.30 -54.76 -17.12
N SER P 111 7.43 -54.27 -17.62
CA SER P 111 7.60 -53.01 -18.36
C SER P 111 8.54 -53.26 -19.54
N MET P 112 8.79 -52.22 -20.33
N MET P 112 8.78 -52.21 -20.33
CA MET P 112 9.71 -52.23 -21.49
CA MET P 112 9.71 -52.21 -21.49
C MET P 112 11.17 -52.33 -21.01
C MET P 112 11.17 -52.33 -21.01
N ASP P 113 11.44 -52.07 -19.72
CA ASP P 113 12.79 -52.12 -19.14
C ASP P 113 13.20 -53.56 -18.81
N GLY P 114 12.32 -54.53 -19.03
CA GLY P 114 12.65 -55.96 -18.84
C GLY P 114 12.62 -56.37 -17.39
N ASP P 115 12.09 -55.51 -16.47
CA ASP P 115 11.73 -56.00 -15.12
C ASP P 115 10.61 -57.01 -15.34
N GLY P 116 10.69 -58.19 -14.73
CA GLY P 116 9.70 -59.24 -15.03
C GLY P 116 8.33 -58.86 -14.49
N ALA P 117 7.31 -59.66 -14.82
CA ALA P 117 6.02 -59.66 -14.10
C ALA P 117 6.26 -60.05 -12.63
N ALA P 118 5.46 -59.51 -11.70
CA ALA P 118 5.40 -60.04 -10.32
C ALA P 118 5.09 -61.55 -10.40
N ALA P 119 5.43 -62.30 -9.36
CA ALA P 119 5.12 -63.75 -9.24
C ALA P 119 3.60 -63.96 -9.36
N MET P 120 3.17 -65.17 -9.73
CA MET P 120 1.76 -65.48 -10.09
C MET P 120 0.84 -65.33 -8.88
N ARG P 121 1.38 -65.36 -7.65
CA ARG P 121 0.53 -65.13 -6.44
C ARG P 121 -0.03 -63.70 -6.47
N TYR P 122 0.71 -62.77 -7.08
CA TYR P 122 0.46 -61.31 -7.02
C TYR P 122 -0.49 -60.85 -8.12
N THR P 123 -0.56 -61.53 -9.27
CA THR P 123 -1.26 -61.00 -10.48
C THR P 123 -2.60 -61.72 -10.67
N GLU P 124 -3.51 -61.09 -11.39
CA GLU P 124 -4.82 -61.66 -11.82
C GLU P 124 -4.94 -61.45 -13.33
N ALA P 125 -5.80 -62.20 -14.02
CA ALA P 125 -5.87 -62.22 -15.50
C ALA P 125 -7.24 -62.68 -15.98
N ARG P 126 -7.58 -62.33 -17.24
CA ARG P 126 -8.76 -62.84 -17.99
C ARG P 126 -8.51 -62.72 -19.50
N MET P 127 -9.49 -63.10 -20.33
CA MET P 127 -9.46 -62.90 -21.80
C MET P 127 -9.56 -61.40 -22.11
N THR P 128 -8.96 -61.01 -23.23
CA THR P 128 -9.22 -59.73 -23.93
C THR P 128 -10.46 -59.93 -24.81
N LYS P 129 -11.16 -58.85 -25.18
CA LYS P 129 -12.36 -58.93 -26.07
C LYS P 129 -11.98 -59.62 -27.37
N ILE P 130 -10.76 -59.40 -27.88
CA ILE P 130 -10.33 -59.98 -29.19
C ILE P 130 -10.08 -61.49 -29.04
N THR P 131 -9.78 -61.99 -27.85
CA THR P 131 -9.51 -63.45 -27.62
C THR P 131 -10.84 -64.21 -27.78
N LEU P 132 -11.98 -63.55 -27.57
CA LEU P 132 -13.31 -64.13 -27.87
C LEU P 132 -13.38 -64.50 -29.35
N GLU P 133 -12.76 -63.71 -30.24
CA GLU P 133 -12.77 -63.97 -31.70
C GLU P 133 -11.90 -65.18 -32.00
N LEU P 134 -10.81 -65.40 -31.23
CA LEU P 134 -9.98 -66.63 -31.39
C LEU P 134 -10.82 -67.87 -31.05
N LEU P 135 -11.71 -67.76 -30.06
CA LEU P 135 -12.44 -68.93 -29.49
C LEU P 135 -13.86 -69.03 -30.06
N ARG P 136 -14.34 -68.02 -30.81
CA ARG P 136 -15.76 -67.96 -31.27
C ARG P 136 -16.11 -69.25 -32.02
N ASP P 137 -17.16 -69.94 -31.58
CA ASP P 137 -17.73 -71.13 -32.28
C ASP P 137 -16.86 -72.37 -32.03
N ILE P 138 -16.03 -72.38 -30.98
CA ILE P 138 -15.17 -73.56 -30.64
C ILE P 138 -16.09 -74.73 -30.24
N ASN P 139 -17.31 -74.41 -29.77
CA ASN P 139 -18.29 -75.40 -29.26
C ASN P 139 -19.29 -75.82 -30.36
N LYS P 140 -19.08 -75.41 -31.61
CA LYS P 140 -20.02 -75.69 -32.74
C LYS P 140 -19.39 -76.65 -33.75
N ASP P 141 -18.59 -77.61 -33.28
CA ASP P 141 -17.89 -78.63 -34.11
C ASP P 141 -17.19 -77.97 -35.29
N THR P 142 -16.43 -76.91 -35.04
CA THR P 142 -15.68 -76.12 -36.07
C THR P 142 -14.23 -76.61 -36.16
N ILE P 143 -13.71 -77.17 -35.06
CA ILE P 143 -12.30 -77.65 -34.95
C ILE P 143 -12.33 -79.01 -34.25
N ASP P 144 -11.34 -79.86 -34.55
CA ASP P 144 -11.20 -81.23 -33.99
C ASP P 144 -10.58 -81.13 -32.60
N PHE P 145 -11.17 -81.76 -31.60
CA PHE P 145 -10.57 -81.98 -30.24
C PHE P 145 -9.71 -83.24 -30.25
N ILE P 146 -8.80 -83.36 -29.29
CA ILE P 146 -7.89 -84.52 -29.08
C ILE P 146 -7.77 -84.77 -27.57
N ASP P 147 -7.33 -85.97 -27.19
CA ASP P 147 -7.10 -86.34 -25.77
C ASP P 147 -5.93 -85.50 -25.25
N ASN P 148 -6.00 -85.07 -23.99
CA ASN P 148 -4.86 -84.43 -23.30
C ASN P 148 -3.80 -85.50 -23.02
N TYR P 149 -2.70 -85.10 -22.38
CA TYR P 149 -1.49 -85.92 -22.13
C TYR P 149 -1.82 -87.19 -21.33
N ASP P 150 -2.78 -87.17 -20.41
CA ASP P 150 -3.08 -88.34 -19.54
C ASP P 150 -4.40 -89.01 -19.97
N GLY P 151 -5.10 -88.47 -20.96
CA GLY P 151 -6.35 -89.06 -21.49
C GLY P 151 -7.56 -88.82 -20.61
N ASN P 152 -7.46 -87.98 -19.57
CA ASN P 152 -8.57 -87.61 -18.66
C ASN P 152 -9.34 -86.37 -19.16
N GLU P 153 -8.89 -85.71 -20.24
CA GLU P 153 -9.46 -84.40 -20.70
C GLU P 153 -9.40 -84.32 -22.23
N ARG P 154 -10.27 -83.49 -22.81
CA ARG P 154 -10.23 -83.13 -24.26
C ARG P 154 -9.71 -81.70 -24.38
N GLU P 155 -8.78 -81.47 -25.32
CA GLU P 155 -8.23 -80.13 -25.63
C GLU P 155 -8.35 -79.91 -27.13
N PRO P 156 -8.49 -78.65 -27.59
CA PRO P 156 -8.61 -78.34 -29.02
C PRO P 156 -7.25 -78.43 -29.72
N SER P 157 -7.18 -79.15 -30.83
CA SER P 157 -6.00 -79.25 -31.73
C SER P 157 -5.65 -77.86 -32.29
N VAL P 158 -6.64 -77.01 -32.51
CA VAL P 158 -6.45 -75.64 -33.09
C VAL P 158 -7.66 -74.80 -32.70
N LEU P 159 -7.53 -73.46 -32.64
CA LEU P 159 -8.67 -72.57 -32.34
C LEU P 159 -9.30 -72.12 -33.64
N PRO P 160 -10.62 -71.79 -33.63
CA PRO P 160 -11.29 -71.23 -34.79
C PRO P 160 -10.55 -70.04 -35.42
N ALA P 161 -10.01 -69.16 -34.58
CA ALA P 161 -9.15 -68.03 -35.02
C ALA P 161 -9.91 -67.18 -36.06
N ARG P 162 -10.90 -66.43 -35.62
CA ARG P 162 -11.80 -65.67 -36.52
C ARG P 162 -11.11 -64.39 -37.00
N PHE P 163 -9.91 -64.08 -36.50
CA PHE P 163 -8.98 -63.08 -37.10
C PHE P 163 -7.62 -63.75 -37.34
N PRO P 164 -6.83 -63.29 -38.35
CA PRO P 164 -5.57 -63.92 -38.74
C PRO P 164 -4.39 -63.65 -37.78
N ASN P 165 -4.28 -64.47 -36.73
CA ASN P 165 -3.52 -64.17 -35.50
C ASN P 165 -2.02 -64.41 -35.72
N LEU P 166 -1.64 -65.37 -36.57
CA LEU P 166 -0.20 -65.69 -36.83
C LEU P 166 0.53 -64.43 -37.26
N LEU P 167 0.02 -63.74 -38.27
CA LEU P 167 0.65 -62.51 -38.84
C LEU P 167 0.33 -61.30 -37.94
N ALA P 168 -0.85 -61.25 -37.35
CA ALA P 168 -1.30 -60.08 -36.56
C ALA P 168 -0.37 -59.90 -35.37
N ASN P 169 -0.20 -60.94 -34.55
CA ASN P 169 0.59 -60.87 -33.31
C ASN P 169 2.02 -61.31 -33.60
N GLY P 170 2.24 -62.13 -34.64
CA GLY P 170 3.58 -62.63 -34.97
C GLY P 170 3.90 -63.82 -34.10
N ALA P 171 5.18 -64.19 -34.01
CA ALA P 171 5.67 -65.40 -33.33
C ALA P 171 7.20 -65.48 -33.44
N SER P 172 7.88 -65.75 -32.32
CA SER P 172 9.32 -66.12 -32.30
C SER P 172 9.47 -67.41 -31.49
N GLY P 173 10.27 -68.35 -31.99
CA GLY P 173 10.40 -69.68 -31.38
C GLY P 173 11.68 -70.36 -31.81
N ILE P 174 12.49 -70.76 -30.83
CA ILE P 174 13.73 -71.54 -31.07
C ILE P 174 13.33 -73.00 -30.97
N ALA P 175 13.41 -73.75 -32.09
CA ALA P 175 13.06 -75.18 -32.15
C ALA P 175 14.35 -75.99 -32.14
N VAL P 176 14.37 -77.15 -32.81
CA VAL P 176 15.60 -77.96 -33.07
C VAL P 176 15.71 -78.15 -34.59
N GLY P 177 16.87 -77.85 -35.18
CA GLY P 177 17.11 -77.84 -36.63
C GLY P 177 16.60 -76.57 -37.31
N MET P 178 15.76 -75.78 -36.63
CA MET P 178 15.12 -74.56 -37.22
C MET P 178 14.59 -73.66 -36.10
N ALA P 179 14.36 -72.38 -36.41
CA ALA P 179 13.63 -71.42 -35.55
C ALA P 179 12.52 -70.76 -36.37
N THR P 180 11.67 -69.97 -35.72
CA THR P 180 10.69 -69.08 -36.40
C THR P 180 10.87 -67.66 -35.87
N ASN P 181 10.67 -66.68 -36.75
CA ASN P 181 10.64 -65.24 -36.38
C ASN P 181 9.69 -64.55 -37.35
N ILE P 182 8.47 -64.28 -36.90
CA ILE P 182 7.42 -63.64 -37.73
C ILE P 182 7.03 -62.34 -37.06
N PRO P 183 7.15 -61.19 -37.74
CA PRO P 183 6.85 -59.90 -37.13
C PRO P 183 5.34 -59.70 -37.07
N PRO P 184 4.85 -58.91 -36.10
CA PRO P 184 3.44 -58.55 -36.04
C PRO P 184 3.04 -57.61 -37.18
N HIS P 185 1.73 -57.54 -37.45
CA HIS P 185 1.15 -56.81 -38.60
C HIS P 185 -0.05 -55.97 -38.15
N ASN P 186 -0.47 -55.03 -38.99
CA ASN P 186 -1.69 -54.23 -38.72
C ASN P 186 -2.90 -55.08 -39.12
N LEU P 187 -3.87 -55.24 -38.22
CA LEU P 187 -5.03 -56.15 -38.41
C LEU P 187 -5.87 -55.65 -39.58
N THR P 188 -6.10 -54.34 -39.67
CA THR P 188 -6.85 -53.70 -40.78
C THR P 188 -6.21 -54.11 -42.11
N GLU P 189 -4.89 -53.88 -42.24
CA GLU P 189 -4.14 -54.20 -43.48
C GLU P 189 -4.30 -55.70 -43.78
N LEU P 190 -4.12 -56.56 -42.77
CA LEU P 190 -4.20 -58.04 -42.92
C LEU P 190 -5.55 -58.42 -43.51
N ILE P 191 -6.63 -57.93 -42.90
CA ILE P 191 -8.03 -58.35 -43.23
C ILE P 191 -8.33 -57.88 -44.66
N ASN P 192 -7.93 -56.66 -45.02
CA ASN P 192 -8.03 -56.15 -46.41
C ASN P 192 -7.25 -57.09 -47.35
N GLY P 193 -6.07 -57.55 -46.93
CA GLY P 193 -5.28 -58.56 -47.68
C GLY P 193 -6.08 -59.82 -47.94
N VAL P 194 -6.70 -60.36 -46.89
CA VAL P 194 -7.46 -61.65 -46.96
C VAL P 194 -8.67 -61.45 -47.87
N LEU P 195 -9.37 -60.32 -47.75
CA LEU P 195 -10.56 -59.96 -48.59
C LEU P 195 -10.12 -59.93 -50.06
N SER P 196 -9.01 -59.26 -50.35
CA SER P 196 -8.40 -59.17 -51.72
C SER P 196 -8.16 -60.57 -52.25
N LEU P 197 -7.45 -61.40 -51.49
CA LEU P 197 -7.17 -62.82 -51.82
C LEU P 197 -8.48 -63.59 -52.04
N SER P 198 -9.50 -63.38 -51.21
CA SER P 198 -10.79 -64.14 -51.25
C SER P 198 -11.58 -63.79 -52.52
N LYS P 199 -11.25 -62.68 -53.18
CA LYS P 199 -11.86 -62.23 -54.45
C LYS P 199 -10.98 -62.66 -55.65
N ASN P 200 -9.69 -62.94 -55.43
CA ASN P 200 -8.72 -63.24 -56.52
C ASN P 200 -7.71 -64.27 -56.04
N PRO P 201 -8.03 -65.58 -56.16
CA PRO P 201 -7.12 -66.63 -55.71
C PRO P 201 -5.70 -66.55 -56.32
N ASP P 202 -5.57 -65.92 -57.49
CA ASP P 202 -4.34 -65.88 -58.31
C ASP P 202 -3.54 -64.60 -58.02
N ILE P 203 -3.92 -63.84 -56.99
CA ILE P 203 -3.31 -62.53 -56.61
C ILE P 203 -1.79 -62.69 -56.37
N SER P 204 -1.00 -61.71 -56.79
CA SER P 204 0.48 -61.62 -56.61
C SER P 204 0.82 -61.08 -55.21
N ILE P 205 2.03 -61.40 -54.72
CA ILE P 205 2.58 -60.81 -53.46
C ILE P 205 2.53 -59.27 -53.60
N ALA P 206 2.95 -58.77 -54.77
CA ALA P 206 3.02 -57.33 -55.10
C ALA P 206 1.65 -56.65 -54.87
N GLU P 207 0.57 -57.29 -55.32
CA GLU P 207 -0.82 -56.77 -55.21
C GLU P 207 -1.25 -56.84 -53.74
N LEU P 208 -0.92 -57.93 -53.06
CA LEU P 208 -1.20 -58.11 -51.61
C LEU P 208 -0.53 -56.98 -50.82
N MET P 209 0.62 -56.49 -51.27
CA MET P 209 1.42 -55.48 -50.52
C MET P 209 0.83 -54.07 -50.68
N GLU P 210 -0.14 -53.88 -51.58
CA GLU P 210 -0.98 -52.64 -51.63
C GLU P 210 -1.92 -52.60 -50.42
N ASP P 211 -2.26 -53.74 -49.84
CA ASP P 211 -3.06 -53.82 -48.57
C ASP P 211 -2.10 -53.88 -47.38
N ILE P 212 -1.13 -54.79 -47.44
CA ILE P 212 -0.18 -55.08 -46.32
C ILE P 212 1.15 -54.38 -46.61
N GLU P 213 1.27 -53.11 -46.19
CA GLU P 213 2.46 -52.25 -46.43
C GLU P 213 3.73 -52.93 -45.93
N GLY P 214 3.66 -53.56 -44.77
CA GLY P 214 4.81 -54.16 -44.04
C GLY P 214 4.45 -54.51 -42.60
N PRO P 215 5.41 -54.95 -41.77
CA PRO P 215 5.16 -55.17 -40.36
C PRO P 215 4.64 -53.91 -39.69
N ASP P 216 3.90 -54.09 -38.60
CA ASP P 216 3.44 -53.02 -37.69
C ASP P 216 3.72 -53.48 -36.26
N PHE P 217 4.83 -53.02 -35.69
CA PHE P 217 5.27 -53.41 -34.31
C PHE P 217 4.41 -52.68 -33.28
N PRO P 218 4.13 -53.30 -32.11
CA PRO P 218 3.38 -52.62 -31.06
C PRO P 218 4.12 -51.37 -30.55
N THR P 219 5.46 -51.42 -30.55
CA THR P 219 6.35 -50.37 -30.03
C THR P 219 6.51 -49.22 -31.04
N ALA P 220 5.91 -49.34 -32.22
CA ALA P 220 5.95 -48.33 -33.31
C ALA P 220 7.37 -48.25 -33.88
N GLY P 221 7.98 -47.05 -33.90
CA GLY P 221 9.32 -46.85 -34.47
C GLY P 221 9.25 -46.75 -35.99
N LEU P 222 10.39 -46.96 -36.66
CA LEU P 222 10.55 -46.75 -38.13
C LEU P 222 11.16 -48.01 -38.75
N ILE P 223 10.77 -48.31 -39.99
CA ILE P 223 11.42 -49.36 -40.82
C ILE P 223 12.06 -48.64 -42.02
N LEU P 224 13.36 -48.88 -42.24
CA LEU P 224 14.13 -48.31 -43.36
C LEU P 224 13.92 -49.17 -44.61
N GLY P 225 13.06 -48.70 -45.51
CA GLY P 225 12.95 -49.24 -46.88
C GLY P 225 11.98 -50.41 -46.97
N LYS P 226 11.61 -50.78 -48.19
CA LYS P 226 10.64 -51.85 -48.49
C LYS P 226 11.38 -53.07 -49.03
N SER P 227 12.70 -53.00 -49.25
CA SER P 227 13.50 -54.12 -49.84
C SER P 227 13.47 -55.35 -48.94
N GLY P 228 13.86 -55.20 -47.68
CA GLY P 228 13.83 -56.28 -46.67
C GLY P 228 12.43 -56.88 -46.54
N ILE P 229 11.43 -56.02 -46.38
CA ILE P 229 10.01 -56.42 -46.19
C ILE P 229 9.58 -57.27 -47.39
N ARG P 230 9.87 -56.81 -48.60
CA ARG P 230 9.48 -57.45 -49.88
C ARG P 230 10.11 -58.84 -49.95
N ARG P 231 11.40 -58.93 -49.71
CA ARG P 231 12.21 -60.20 -49.72
C ARG P 231 11.60 -61.20 -48.73
N ALA P 232 11.19 -60.72 -47.56
CA ALA P 232 10.61 -61.53 -46.47
C ALA P 232 9.23 -62.05 -46.89
N TYR P 233 8.41 -61.22 -47.55
CA TYR P 233 7.04 -61.57 -48.01
C TYR P 233 7.11 -62.45 -49.28
N GLU P 234 8.20 -62.34 -50.04
CA GLU P 234 8.42 -63.11 -51.29
C GLU P 234 8.80 -64.55 -50.93
N THR P 235 9.74 -64.70 -49.99
CA THR P 235 10.54 -65.94 -49.78
C THR P 235 10.36 -66.51 -48.37
N GLY P 236 9.88 -65.71 -47.42
CA GLY P 236 9.75 -66.12 -46.00
C GLY P 236 10.98 -65.78 -45.18
N ARG P 237 12.04 -65.31 -45.85
CA ARG P 237 13.30 -64.88 -45.21
C ARG P 237 13.69 -63.50 -45.74
N GLY P 238 14.07 -62.60 -44.82
CA GLY P 238 14.49 -61.23 -45.13
C GLY P 238 14.91 -60.51 -43.87
N SER P 239 15.85 -59.58 -43.98
CA SER P 239 16.24 -58.71 -42.85
C SER P 239 15.50 -57.38 -43.01
N ILE P 240 14.86 -56.93 -41.93
CA ILE P 240 14.11 -55.66 -41.85
C ILE P 240 14.84 -54.75 -40.85
N GLN P 241 15.29 -53.58 -41.27
CA GLN P 241 16.04 -52.63 -40.40
C GLN P 241 15.04 -51.77 -39.62
N MET P 242 14.97 -51.93 -38.31
CA MET P 242 14.11 -51.11 -37.40
C MET P 242 14.94 -49.97 -36.84
N ARG P 243 14.33 -48.81 -36.62
CA ARG P 243 15.06 -47.65 -36.04
C ARG P 243 14.17 -46.91 -35.05
N SER P 244 14.72 -46.58 -33.88
CA SER P 244 14.10 -45.68 -32.87
C SER P 244 13.62 -44.40 -33.53
N ARG P 245 12.49 -43.86 -33.07
CA ARG P 245 12.04 -42.49 -33.45
C ARG P 245 12.78 -41.51 -32.53
N ALA P 246 13.76 -40.81 -33.07
CA ALA P 246 14.61 -39.84 -32.34
C ALA P 246 14.61 -38.52 -33.10
N VAL P 247 14.60 -37.41 -32.36
CA VAL P 247 14.74 -36.04 -32.92
C VAL P 247 15.86 -35.32 -32.17
N ILE P 248 16.40 -34.28 -32.81
CA ILE P 248 17.37 -33.34 -32.21
C ILE P 248 16.63 -32.03 -31.94
N GLU P 249 16.73 -31.49 -30.73
CA GLU P 249 15.99 -30.27 -30.33
C GLU P 249 16.88 -29.40 -29.45
N GLU P 250 16.71 -28.06 -29.54
CA GLU P 250 17.28 -27.02 -28.63
C GLU P 250 16.87 -27.34 -27.19
N ARG P 251 17.80 -27.21 -26.23
CA ARG P 251 17.51 -27.41 -24.77
C ARG P 251 17.77 -26.10 -24.02
N GLY P 252 18.10 -25.02 -24.75
CA GLY P 252 18.41 -23.69 -24.21
C GLY P 252 19.91 -23.50 -24.05
N GLY P 253 20.36 -22.24 -24.07
CA GLY P 253 21.78 -21.85 -24.03
C GLY P 253 22.49 -22.25 -25.30
N GLY P 254 21.77 -22.43 -26.41
CA GLY P 254 22.32 -22.87 -27.71
C GLY P 254 22.81 -24.31 -27.69
N ARG P 255 22.60 -25.03 -26.58
CA ARG P 255 22.96 -26.47 -26.46
C ARG P 255 21.78 -27.32 -26.93
N GLN P 256 22.05 -28.42 -27.62
CA GLN P 256 21.03 -29.34 -28.19
C GLN P 256 20.90 -30.60 -27.32
N ARG P 257 19.96 -31.48 -27.69
CA ARG P 257 19.80 -32.83 -27.11
C ARG P 257 19.06 -33.72 -28.10
N ILE P 258 19.31 -35.02 -28.01
CA ILE P 258 18.63 -36.11 -28.78
C ILE P 258 17.52 -36.65 -27.88
N VAL P 259 16.29 -36.68 -28.37
CA VAL P 259 15.13 -37.25 -27.62
C VAL P 259 14.62 -38.46 -28.38
N VAL P 260 14.58 -39.61 -27.71
CA VAL P 260 14.09 -40.91 -28.27
C VAL P 260 12.74 -41.22 -27.62
N THR P 261 11.68 -41.38 -28.43
CA THR P 261 10.28 -41.55 -27.96
C THR P 261 9.72 -42.93 -28.32
N GLU P 262 10.31 -43.62 -29.30
CA GLU P 262 9.91 -44.99 -29.74
C GLU P 262 11.19 -45.80 -29.93
N ILE P 263 11.26 -47.04 -29.41
CA ILE P 263 12.44 -47.93 -29.60
C ILE P 263 12.07 -49.11 -30.49
N PRO P 264 13.07 -49.83 -31.04
CA PRO P 264 12.80 -50.98 -31.89
C PRO P 264 12.16 -52.11 -31.09
N PHE P 265 11.44 -52.98 -31.80
CA PHE P 265 10.67 -54.12 -31.26
C PHE P 265 11.61 -55.09 -30.54
N GLN P 266 11.18 -55.56 -29.38
CA GLN P 266 11.88 -56.59 -28.56
C GLN P 266 13.23 -56.07 -28.06
N VAL P 267 13.51 -54.77 -28.19
CA VAL P 267 14.71 -54.13 -27.56
C VAL P 267 14.35 -53.70 -26.14
N ASN P 268 15.22 -54.04 -25.19
CA ASN P 268 15.05 -53.77 -23.73
C ASN P 268 15.50 -52.32 -23.46
N LYS P 269 14.59 -51.44 -23.03
CA LYS P 269 14.90 -49.99 -22.85
C LYS P 269 16.06 -49.87 -21.85
N ALA P 270 15.95 -50.49 -20.68
CA ALA P 270 16.94 -50.36 -19.57
C ALA P 270 18.31 -50.79 -20.07
N ARG P 271 18.39 -51.92 -20.77
N ARG P 271 18.39 -51.92 -20.77
CA ARG P 271 19.63 -52.52 -21.33
CA ARG P 271 19.64 -52.52 -21.33
C ARG P 271 20.21 -51.58 -22.39
C ARG P 271 20.21 -51.58 -22.39
N MET P 272 19.37 -51.07 -23.29
CA MET P 272 19.79 -50.14 -24.39
C MET P 272 20.43 -48.88 -23.80
N ILE P 273 19.86 -48.30 -22.74
CA ILE P 273 20.41 -47.10 -22.04
C ILE P 273 21.77 -47.47 -21.44
N GLU P 274 21.88 -48.63 -20.80
CA GLU P 274 23.13 -49.12 -20.14
C GLU P 274 24.21 -49.24 -21.21
N LYS P 275 23.91 -49.74 -22.42
CA LYS P 275 24.91 -49.83 -23.53
C LYS P 275 25.42 -48.42 -23.86
N ILE P 276 24.54 -47.41 -23.87
CA ILE P 276 24.91 -46.01 -24.23
C ILE P 276 25.79 -45.44 -23.10
N ALA P 277 25.38 -45.62 -21.84
CA ALA P 277 26.14 -45.15 -20.66
C ALA P 277 27.51 -45.80 -20.67
N GLU P 278 27.58 -47.08 -21.06
CA GLU P 278 28.82 -47.90 -21.08
C GLU P 278 29.74 -47.40 -22.19
N LEU P 279 29.21 -47.01 -23.36
CA LEU P 279 30.02 -46.42 -24.47
C LEU P 279 30.63 -45.09 -23.98
N VAL P 280 29.86 -44.29 -23.24
CA VAL P 280 30.32 -42.98 -22.68
C VAL P 280 31.36 -43.24 -21.58
N ARG P 281 31.05 -44.09 -20.59
CA ARG P 281 32.00 -44.52 -19.51
C ARG P 281 33.34 -44.92 -20.14
N ASP P 282 33.32 -45.69 -21.24
CA ASP P 282 34.52 -46.30 -21.89
C ASP P 282 35.04 -45.38 -23.00
N LYS P 283 34.67 -44.10 -23.00
CA LYS P 283 35.05 -43.06 -24.01
C LYS P 283 35.06 -43.64 -25.45
N LYS P 284 34.10 -44.50 -25.83
CA LYS P 284 33.99 -45.15 -27.17
C LYS P 284 33.02 -44.37 -28.08
N ILE P 285 32.34 -43.34 -27.55
CA ILE P 285 31.51 -42.36 -28.31
C ILE P 285 31.65 -40.98 -27.65
N ASP P 286 31.88 -39.93 -28.42
CA ASP P 286 32.36 -38.60 -27.94
C ASP P 286 31.24 -37.59 -28.16
N GLY P 287 30.93 -36.77 -27.14
CA GLY P 287 29.98 -35.63 -27.28
C GLY P 287 28.77 -35.72 -26.36
N ILE P 288 28.57 -36.80 -25.62
CA ILE P 288 27.37 -37.01 -24.76
C ILE P 288 27.69 -36.57 -23.33
N THR P 289 26.98 -35.56 -22.83
CA THR P 289 27.24 -34.87 -21.54
C THR P 289 26.27 -35.38 -20.46
N ASP P 290 25.14 -35.98 -20.85
CA ASP P 290 24.18 -36.57 -19.88
C ASP P 290 23.26 -37.55 -20.63
N LEU P 291 22.62 -38.43 -19.87
CA LEU P 291 21.76 -39.53 -20.38
C LEU P 291 20.71 -39.79 -19.30
N ARG P 292 19.45 -39.44 -19.54
CA ARG P 292 18.33 -39.58 -18.57
C ARG P 292 17.19 -40.37 -19.26
N ASP P 293 16.47 -41.17 -18.48
CA ASP P 293 15.22 -41.86 -18.92
C ASP P 293 14.04 -41.12 -18.26
N GLU P 294 13.48 -40.14 -18.98
CA GLU P 294 12.33 -39.33 -18.52
C GLU P 294 11.03 -40.01 -18.91
N THR P 295 11.05 -41.31 -19.18
CA THR P 295 9.81 -42.09 -19.46
C THR P 295 8.87 -41.93 -18.26
N SER P 296 7.59 -41.82 -18.55
CA SER P 296 6.50 -41.56 -17.56
C SER P 296 5.19 -41.98 -18.25
N LEU P 297 4.17 -42.30 -17.46
N LEU P 297 4.17 -42.30 -17.47
CA LEU P 297 2.86 -42.74 -18.00
CA LEU P 297 2.87 -42.75 -18.03
C LEU P 297 2.23 -41.57 -18.78
C LEU P 297 2.22 -41.58 -18.78
N ARG P 298 2.51 -40.33 -18.36
CA ARG P 298 1.97 -39.10 -19.00
C ARG P 298 2.68 -38.88 -20.35
N THR P 299 4.02 -38.89 -20.38
CA THR P 299 4.83 -38.57 -21.60
C THR P 299 4.92 -39.77 -22.56
N GLY P 300 4.76 -41.01 -22.06
CA GLY P 300 5.19 -42.22 -22.79
C GLY P 300 6.71 -42.40 -22.71
N VAL P 301 7.31 -43.11 -23.66
CA VAL P 301 8.79 -43.34 -23.70
C VAL P 301 9.48 -42.02 -24.03
N ARG P 302 10.50 -41.66 -23.26
CA ARG P 302 11.27 -40.42 -23.44
C ARG P 302 12.66 -40.59 -22.84
N VAL P 303 13.63 -40.94 -23.69
CA VAL P 303 15.06 -41.09 -23.32
C VAL P 303 15.78 -39.86 -23.86
N VAL P 304 16.41 -39.09 -22.98
CA VAL P 304 17.08 -37.80 -23.32
C VAL P 304 18.60 -38.00 -23.27
N ILE P 305 19.29 -37.57 -24.32
CA ILE P 305 20.77 -37.60 -24.47
C ILE P 305 21.24 -36.16 -24.71
N ASP P 306 21.84 -35.53 -23.70
CA ASP P 306 22.37 -34.15 -23.79
C ASP P 306 23.70 -34.17 -24.55
N VAL P 307 23.89 -33.24 -25.49
CA VAL P 307 25.06 -33.12 -26.40
C VAL P 307 25.87 -31.87 -26.04
N ARG P 308 27.21 -32.01 -25.92
CA ARG P 308 28.18 -30.92 -25.61
C ARG P 308 27.99 -29.76 -26.59
N LYS P 309 28.21 -28.52 -26.13
CA LYS P 309 27.89 -27.28 -26.90
C LYS P 309 28.61 -27.27 -28.25
N ASP P 310 29.89 -27.65 -28.36
CA ASP P 310 30.63 -27.60 -29.65
C ASP P 310 29.97 -28.57 -30.67
N ALA P 311 29.30 -29.63 -30.20
CA ALA P 311 29.29 -30.95 -30.85
C ALA P 311 28.13 -31.04 -31.83
N ASN P 312 28.33 -31.72 -32.95
CA ASN P 312 27.28 -31.99 -33.96
C ASN P 312 26.37 -33.12 -33.46
N ALA P 313 25.09 -32.85 -33.22
CA ALA P 313 24.13 -33.83 -32.65
C ALA P 313 23.73 -34.88 -33.70
N SER P 314 23.67 -34.54 -34.97
CA SER P 314 23.29 -35.49 -36.07
C SER P 314 24.33 -36.59 -36.20
N VAL P 315 25.60 -36.23 -36.02
CA VAL P 315 26.75 -37.18 -36.09
C VAL P 315 26.67 -38.10 -34.88
N ILE P 316 26.40 -37.56 -33.69
CA ILE P 316 26.25 -38.38 -32.44
C ILE P 316 25.08 -39.35 -32.64
N LEU P 317 23.97 -38.92 -33.23
CA LEU P 317 22.80 -39.79 -33.46
C LEU P 317 23.18 -40.92 -34.43
N ASN P 318 23.88 -40.62 -35.53
CA ASN P 318 24.29 -41.66 -36.51
C ASN P 318 25.22 -42.66 -35.83
N ASN P 319 26.12 -42.18 -34.97
CA ASN P 319 27.05 -43.05 -34.21
C ASN P 319 26.24 -43.97 -33.31
N LEU P 320 25.26 -43.41 -32.59
CA LEU P 320 24.41 -44.19 -31.65
C LEU P 320 23.71 -45.31 -32.41
N TYR P 321 23.24 -45.06 -33.62
CA TYR P 321 22.55 -46.08 -34.45
C TYR P 321 23.53 -47.21 -34.76
N LYS P 322 24.75 -46.86 -35.16
N LYS P 322 24.75 -46.86 -35.16
CA LYS P 322 25.81 -47.84 -35.56
CA LYS P 322 25.80 -47.84 -35.56
C LYS P 322 26.23 -48.66 -34.34
C LYS P 322 26.23 -48.66 -34.34
N GLN P 323 26.24 -48.07 -33.15
CA GLN P 323 26.95 -48.63 -31.98
C GLN P 323 26.00 -49.18 -30.93
N THR P 324 24.67 -48.97 -31.03
CA THR P 324 23.70 -49.44 -30.00
C THR P 324 22.48 -50.08 -30.64
N PRO P 325 21.63 -50.76 -29.83
CA PRO P 325 20.35 -51.28 -30.32
C PRO P 325 19.30 -50.20 -30.69
N LEU P 326 19.65 -48.92 -30.59
CA LEU P 326 18.81 -47.79 -31.04
C LEU P 326 18.38 -48.01 -32.51
N GLN P 327 19.22 -48.71 -33.29
CA GLN P 327 18.85 -49.36 -34.58
C GLN P 327 19.13 -50.85 -34.41
N THR P 328 18.14 -51.70 -34.74
CA THR P 328 18.24 -53.17 -34.67
C THR P 328 17.65 -53.76 -35.95
N SER P 329 18.14 -54.91 -36.41
CA SER P 329 17.54 -55.69 -37.53
C SER P 329 16.50 -56.67 -36.97
N PHE P 330 15.37 -56.88 -37.65
CA PHE P 330 14.40 -57.98 -37.34
C PHE P 330 14.58 -59.06 -38.42
N GLY P 331 15.13 -60.22 -38.03
CA GLY P 331 15.44 -61.31 -38.98
C GLY P 331 14.25 -62.18 -39.24
N VAL P 332 13.47 -61.87 -40.27
CA VAL P 332 12.23 -62.63 -40.64
C VAL P 332 12.63 -64.04 -41.10
N ASN P 333 11.97 -65.04 -40.51
CA ASN P 333 12.18 -66.48 -40.79
C ASN P 333 10.81 -67.16 -40.59
N MET P 334 9.95 -67.10 -41.61
CA MET P 334 8.51 -67.39 -41.48
C MET P 334 8.26 -68.89 -41.59
N ILE P 335 8.57 -69.60 -40.51
CA ILE P 335 8.36 -71.07 -40.36
C ILE P 335 7.22 -71.30 -39.37
N ALA P 336 6.18 -71.99 -39.82
CA ALA P 336 5.00 -72.43 -39.02
C ALA P 336 4.65 -73.86 -39.44
N LEU P 337 3.77 -74.51 -38.67
CA LEU P 337 3.24 -75.88 -38.90
C LEU P 337 2.09 -75.80 -39.90
N VAL P 338 2.22 -76.51 -41.02
CA VAL P 338 1.18 -76.69 -42.08
C VAL P 338 0.92 -78.19 -42.21
N ASN P 339 -0.33 -78.63 -41.98
CA ASN P 339 -0.72 -80.06 -41.87
C ASN P 339 0.29 -80.74 -40.93
N GLY P 340 0.58 -80.13 -39.78
CA GLY P 340 1.39 -80.71 -38.69
C GLY P 340 2.90 -80.78 -38.99
N ARG P 341 3.38 -80.18 -40.09
CA ARG P 341 4.81 -80.20 -40.46
C ARG P 341 5.34 -78.78 -40.62
N PRO P 342 6.61 -78.50 -40.23
CA PRO P 342 7.17 -77.16 -40.35
C PRO P 342 7.41 -76.85 -41.82
N LYS P 343 6.90 -75.70 -42.30
CA LYS P 343 7.11 -75.20 -43.68
C LYS P 343 7.57 -73.74 -43.61
N LEU P 344 8.60 -73.37 -44.38
CA LEU P 344 8.93 -71.95 -44.66
C LEU P 344 7.89 -71.43 -45.63
N ILE P 345 7.15 -70.41 -45.25
CA ILE P 345 5.98 -69.92 -46.03
C ILE P 345 6.21 -68.44 -46.38
N ASN P 346 5.73 -68.03 -47.56
CA ASN P 346 5.72 -66.62 -47.98
C ASN P 346 4.42 -65.99 -47.44
N LEU P 347 4.26 -64.68 -47.61
CA LEU P 347 3.06 -63.95 -47.14
C LEU P 347 1.81 -64.63 -47.72
N LYS P 348 1.80 -64.98 -49.02
CA LYS P 348 0.58 -65.49 -49.67
C LYS P 348 0.19 -66.88 -49.10
N GLU P 349 1.15 -67.79 -48.90
CA GLU P 349 0.84 -69.12 -48.33
C GLU P 349 0.15 -68.96 -46.99
N ALA P 350 0.71 -68.10 -46.12
CA ALA P 350 0.21 -67.82 -44.76
C ALA P 350 -1.25 -67.36 -44.83
N LEU P 351 -1.58 -66.45 -45.75
CA LEU P 351 -2.94 -65.88 -45.91
C LEU P 351 -3.88 -66.92 -46.50
N VAL P 352 -3.39 -67.69 -47.48
CA VAL P 352 -4.19 -68.76 -48.16
C VAL P 352 -4.54 -69.83 -47.13
N HIS P 353 -3.57 -70.34 -46.35
CA HIS P 353 -3.83 -71.36 -45.31
C HIS P 353 -4.85 -70.82 -44.31
N TYR P 354 -4.80 -69.53 -43.98
CA TYR P 354 -5.72 -68.89 -43.00
C TYR P 354 -7.13 -68.84 -43.59
N LEU P 355 -7.27 -68.28 -44.81
CA LEU P 355 -8.58 -68.15 -45.48
C LEU P 355 -9.22 -69.53 -45.61
N GLU P 356 -8.43 -70.56 -45.92
CA GLU P 356 -8.91 -71.96 -46.12
C GLU P 356 -9.43 -72.47 -44.77
N HIS P 357 -8.74 -72.13 -43.67
CA HIS P 357 -9.15 -72.51 -42.29
C HIS P 357 -10.50 -71.88 -41.98
N GLN P 358 -10.72 -70.64 -42.41
CA GLN P 358 -11.99 -69.89 -42.15
C GLN P 358 -13.13 -70.54 -42.94
N LYS P 359 -12.91 -70.83 -44.21
CA LYS P 359 -13.92 -71.50 -45.08
C LYS P 359 -14.35 -72.78 -44.35
N THR P 360 -13.40 -73.56 -43.83
CA THR P 360 -13.66 -74.84 -43.11
C THR P 360 -14.50 -74.57 -41.86
N VAL P 361 -14.06 -73.63 -41.02
CA VAL P 361 -14.71 -73.29 -39.72
C VAL P 361 -16.16 -72.86 -40.00
N VAL P 362 -16.39 -71.97 -40.97
CA VAL P 362 -17.75 -71.43 -41.23
C VAL P 362 -18.62 -72.53 -41.84
N ARG P 363 -18.08 -73.33 -42.76
CA ARG P 363 -18.84 -74.47 -43.34
C ARG P 363 -19.28 -75.41 -42.21
N ARG P 364 -18.33 -75.87 -41.39
CA ARG P 364 -18.59 -76.82 -40.28
C ARG P 364 -19.60 -76.20 -39.29
N ARG P 365 -19.43 -74.93 -38.95
CA ARG P 365 -20.36 -74.25 -38.02
C ARG P 365 -21.78 -74.34 -38.61
N THR P 366 -21.91 -74.05 -39.91
CA THR P 366 -23.21 -74.01 -40.62
C THR P 366 -23.81 -75.42 -40.63
N GLN P 367 -22.99 -76.42 -40.97
CA GLN P 367 -23.40 -77.85 -40.95
C GLN P 367 -23.90 -78.22 -39.56
N TYR P 368 -23.22 -77.78 -38.51
CA TYR P 368 -23.54 -78.07 -37.10
C TYR P 368 -24.86 -77.38 -36.74
N ASN P 369 -25.01 -76.10 -37.07
CA ASN P 369 -26.22 -75.32 -36.75
C ASN P 369 -27.44 -75.98 -37.40
N LEU P 370 -27.27 -76.43 -38.66
CA LEU P 370 -28.32 -77.15 -39.45
C LEU P 370 -28.68 -78.46 -38.75
N ARG P 371 -27.68 -79.28 -38.42
CA ARG P 371 -27.84 -80.55 -37.65
C ARG P 371 -28.70 -80.28 -36.41
N LYS P 372 -28.30 -79.33 -35.57
CA LYS P 372 -28.96 -79.03 -34.26
C LYS P 372 -30.40 -78.55 -34.52
N ALA P 373 -30.58 -77.65 -35.49
CA ALA P 373 -31.90 -77.07 -35.83
C ALA P 373 -32.86 -78.17 -36.30
N LYS P 374 -32.37 -79.08 -37.17
CA LYS P 374 -33.17 -80.20 -37.74
C LYS P 374 -33.56 -81.15 -36.60
N ASP P 375 -32.61 -81.60 -35.78
CA ASP P 375 -32.87 -82.42 -34.56
C ASP P 375 -33.98 -81.78 -33.74
N ARG P 376 -33.93 -80.46 -33.55
CA ARG P 376 -34.89 -79.68 -32.69
C ARG P 376 -36.26 -79.62 -33.39
N ALA P 377 -36.25 -79.36 -34.70
CA ALA P 377 -37.47 -79.28 -35.52
C ALA P 377 -38.20 -80.64 -35.46
N HIS P 378 -37.47 -81.73 -35.56
CA HIS P 378 -37.95 -83.12 -35.43
C HIS P 378 -38.62 -83.31 -34.06
N ILE P 379 -38.01 -82.84 -32.98
CA ILE P 379 -38.59 -82.97 -31.61
C ILE P 379 -39.90 -82.18 -31.56
N LEU P 380 -39.90 -80.94 -32.09
CA LEU P 380 -41.09 -80.04 -32.05
C LEU P 380 -42.24 -80.70 -32.83
N GLU P 381 -41.93 -81.39 -33.92
CA GLU P 381 -42.94 -82.13 -34.74
C GLU P 381 -43.62 -83.18 -33.86
N GLY P 382 -42.84 -83.92 -33.05
CA GLY P 382 -43.32 -84.90 -32.05
C GLY P 382 -44.20 -84.26 -31.00
N LEU P 383 -43.78 -83.13 -30.42
CA LEU P 383 -44.54 -82.41 -29.36
C LEU P 383 -45.87 -81.92 -29.94
N ARG P 384 -45.88 -81.44 -31.19
CA ARG P 384 -47.09 -80.94 -31.89
C ARG P 384 -48.12 -82.08 -31.98
N ILE P 385 -47.71 -83.23 -32.54
CA ILE P 385 -48.51 -84.48 -32.61
C ILE P 385 -49.02 -84.82 -31.20
N ALA P 386 -48.19 -84.76 -30.17
CA ALA P 386 -48.57 -85.19 -28.81
C ALA P 386 -49.61 -84.22 -28.24
N LEU P 387 -49.45 -82.90 -28.43
CA LEU P 387 -50.40 -81.88 -27.90
C LEU P 387 -51.73 -82.00 -28.66
N ASP P 388 -51.67 -82.30 -29.95
CA ASP P 388 -52.86 -82.40 -30.85
C ASP P 388 -53.68 -83.65 -30.55
N HIS P 389 -53.09 -84.71 -29.99
CA HIS P 389 -53.82 -85.96 -29.60
C HIS P 389 -53.54 -86.28 -28.13
N ILE P 390 -53.52 -85.28 -27.26
CA ILE P 390 -52.98 -85.42 -25.87
C ILE P 390 -53.80 -86.48 -25.10
N ASP P 391 -55.11 -86.55 -25.30
CA ASP P 391 -56.01 -87.46 -24.54
C ASP P 391 -55.61 -88.91 -24.82
N GLU P 392 -55.34 -89.22 -26.10
CA GLU P 392 -54.93 -90.58 -26.54
C GLU P 392 -53.53 -90.90 -25.99
N ILE P 393 -52.60 -89.93 -26.06
CA ILE P 393 -51.19 -90.07 -25.59
C ILE P 393 -51.21 -90.50 -24.11
N ILE P 394 -52.00 -89.82 -23.28
CA ILE P 394 -52.08 -90.07 -21.81
C ILE P 394 -52.52 -91.52 -21.58
N SER P 395 -53.62 -91.95 -22.22
CA SER P 395 -54.19 -93.31 -22.10
C SER P 395 -53.13 -94.36 -22.46
N THR P 396 -52.46 -94.17 -23.62
CA THR P 396 -51.33 -95.02 -24.08
C THR P 396 -50.28 -95.17 -22.98
N ILE P 397 -49.91 -94.08 -22.31
CA ILE P 397 -48.83 -94.03 -21.27
C ILE P 397 -49.37 -94.68 -19.99
N ARG P 398 -50.65 -94.50 -19.69
CA ARG P 398 -51.29 -94.97 -18.43
C ARG P 398 -51.42 -96.50 -18.46
N GLU P 399 -51.85 -97.05 -19.60
CA GLU P 399 -51.98 -98.53 -19.80
C GLU P 399 -50.59 -99.18 -19.91
N SER P 400 -49.53 -98.39 -20.11
CA SER P 400 -48.12 -98.88 -20.17
C SER P 400 -47.59 -99.14 -18.76
N ASP P 401 -46.94 -100.29 -18.57
CA ASP P 401 -46.49 -100.78 -17.25
C ASP P 401 -45.18 -100.08 -16.89
N THR P 402 -44.25 -100.01 -17.85
CA THR P 402 -42.90 -99.40 -17.73
C THR P 402 -42.74 -98.27 -18.76
N ASP P 403 -41.68 -97.46 -18.62
CA ASP P 403 -41.31 -96.41 -19.59
C ASP P 403 -40.98 -97.06 -20.94
N LYS P 404 -40.31 -98.21 -20.93
CA LYS P 404 -39.86 -98.95 -22.14
C LYS P 404 -41.09 -99.32 -22.99
N VAL P 405 -42.15 -99.83 -22.35
CA VAL P 405 -43.43 -100.25 -23.01
C VAL P 405 -44.11 -99.01 -23.60
N ALA P 406 -44.20 -97.92 -22.82
CA ALA P 406 -44.80 -96.63 -23.23
C ALA P 406 -44.11 -96.10 -24.49
N MET P 407 -42.77 -96.14 -24.50
CA MET P 407 -41.93 -95.71 -25.66
C MET P 407 -42.33 -96.50 -26.92
N GLU P 408 -42.47 -97.83 -26.81
CA GLU P 408 -42.78 -98.73 -27.94
C GLU P 408 -44.20 -98.44 -28.44
N SER P 409 -45.16 -98.34 -27.51
CA SER P 409 -46.60 -98.07 -27.77
C SER P 409 -46.77 -96.73 -28.49
N LEU P 410 -46.06 -95.69 -28.04
CA LEU P 410 -46.16 -94.32 -28.63
C LEU P 410 -45.60 -94.34 -30.05
N GLN P 411 -44.47 -95.01 -30.25
CA GLN P 411 -43.78 -95.11 -31.57
C GLN P 411 -44.70 -95.82 -32.57
N GLN P 412 -45.29 -96.94 -32.15
CA GLN P 412 -46.14 -97.81 -33.01
C GLN P 412 -47.45 -97.06 -33.34
N ARG P 413 -48.12 -96.54 -32.31
CA ARG P 413 -49.48 -95.96 -32.41
C ARG P 413 -49.47 -94.64 -33.20
N PHE P 414 -48.41 -93.82 -33.09
CA PHE P 414 -48.39 -92.41 -33.59
C PHE P 414 -47.27 -92.17 -34.60
N LYS P 415 -46.58 -93.22 -35.02
CA LYS P 415 -45.54 -93.15 -36.08
C LYS P 415 -44.45 -92.15 -35.65
N LEU P 416 -44.03 -92.23 -34.37
CA LEU P 416 -43.00 -91.36 -33.75
C LEU P 416 -41.65 -92.08 -33.76
N SER P 417 -40.55 -91.31 -33.86
CA SER P 417 -39.16 -91.77 -33.63
C SER P 417 -38.96 -92.06 -32.13
N GLU P 418 -37.87 -92.74 -31.79
CA GLU P 418 -37.46 -93.00 -30.38
C GLU P 418 -37.15 -91.64 -29.73
N LYS P 419 -36.45 -90.74 -30.45
CA LYS P 419 -36.09 -89.38 -29.97
C LYS P 419 -37.38 -88.59 -29.66
N GLN P 420 -38.42 -88.70 -30.49
CA GLN P 420 -39.70 -87.94 -30.30
C GLN P 420 -40.48 -88.53 -29.11
N ALA P 421 -40.50 -89.85 -28.97
CA ALA P 421 -41.25 -90.54 -27.90
C ALA P 421 -40.61 -90.20 -26.55
N GLN P 422 -39.28 -90.14 -26.52
CA GLN P 422 -38.49 -89.80 -25.31
C GLN P 422 -38.88 -88.38 -24.89
N ALA P 423 -38.91 -87.46 -25.86
CA ALA P 423 -39.23 -86.03 -25.67
C ALA P 423 -40.63 -85.86 -25.08
N ILE P 424 -41.59 -86.69 -25.53
CA ILE P 424 -43.02 -86.62 -25.10
C ILE P 424 -43.13 -87.15 -23.66
N LEU P 425 -42.40 -88.21 -23.33
CA LEU P 425 -42.40 -88.78 -21.96
C LEU P 425 -41.74 -87.78 -21.00
N ASP P 426 -40.83 -86.95 -21.50
CA ASP P 426 -40.07 -85.96 -20.69
C ASP P 426 -40.83 -84.63 -20.60
N MET P 427 -41.88 -84.45 -21.42
CA MET P 427 -42.75 -83.24 -21.39
C MET P 427 -43.43 -83.16 -20.01
N ARG P 428 -43.48 -81.97 -19.41
CA ARG P 428 -44.12 -81.70 -18.10
C ARG P 428 -45.58 -81.32 -18.34
N LEU P 429 -46.45 -81.48 -17.33
CA LEU P 429 -47.90 -81.15 -17.40
C LEU P 429 -48.11 -79.67 -17.72
N ARG P 430 -47.19 -78.79 -17.28
CA ARG P 430 -47.32 -77.31 -17.43
C ARG P 430 -47.26 -76.94 -18.92
N ARG P 431 -46.86 -77.89 -19.77
CA ARG P 431 -46.71 -77.70 -21.24
C ARG P 431 -48.05 -77.93 -21.94
N LEU P 432 -49.11 -78.30 -21.22
CA LEU P 432 -50.47 -78.55 -21.81
C LEU P 432 -51.35 -77.29 -21.69
N THR P 433 -50.84 -76.17 -21.15
CA THR P 433 -51.59 -74.90 -21.05
C THR P 433 -51.72 -74.29 -22.45
N GLY P 434 -52.59 -73.28 -22.59
CA GLY P 434 -52.93 -72.63 -23.87
C GLY P 434 -51.76 -71.89 -24.49
N LEU P 435 -51.03 -71.09 -23.71
CA LEU P 435 -49.91 -70.25 -24.22
C LEU P 435 -48.78 -71.15 -24.74
N GLU P 436 -48.62 -72.35 -24.15
CA GLU P 436 -47.48 -73.27 -24.42
C GLU P 436 -47.61 -73.89 -25.81
N ARG P 437 -48.82 -74.19 -26.29
CA ARG P 437 -49.03 -74.75 -27.65
CA ARG P 437 -49.03 -74.75 -27.64
C ARG P 437 -48.64 -73.71 -28.70
N ASP P 438 -48.94 -72.44 -28.46
CA ASP P 438 -48.64 -71.31 -29.39
C ASP P 438 -47.13 -71.08 -29.43
N LYS P 439 -46.50 -71.09 -28.25
CA LYS P 439 -45.03 -70.93 -28.05
C LYS P 439 -44.27 -71.99 -28.88
N ILE P 440 -44.79 -73.22 -28.93
CA ILE P 440 -44.15 -74.37 -29.64
C ILE P 440 -44.25 -74.11 -31.14
N GLU P 441 -45.39 -73.61 -31.62
CA GLU P 441 -45.60 -73.45 -33.09
C GLU P 441 -44.81 -72.21 -33.55
N ALA P 442 -44.72 -71.19 -32.71
CA ALA P 442 -43.88 -69.99 -32.95
C ALA P 442 -42.44 -70.43 -33.20
N GLU P 443 -41.87 -71.19 -32.26
CA GLU P 443 -40.46 -71.70 -32.30
C GLU P 443 -40.28 -72.57 -33.56
N TYR P 444 -41.28 -73.35 -33.92
CA TYR P 444 -41.21 -74.33 -35.03
C TYR P 444 -41.14 -73.60 -36.38
N ASN P 445 -41.88 -72.51 -36.52
CA ASN P 445 -41.95 -71.71 -37.78
C ASN P 445 -40.62 -70.97 -37.99
N GLU P 446 -40.09 -70.33 -36.93
N GLU P 446 -40.09 -70.32 -36.93
CA GLU P 446 -38.77 -69.61 -36.96
CA GLU P 446 -38.77 -69.61 -36.96
C GLU P 446 -37.67 -70.61 -37.33
C GLU P 446 -37.67 -70.61 -37.33
N LEU P 447 -37.75 -71.84 -36.78
CA LEU P 447 -36.77 -72.92 -37.03
C LEU P 447 -36.74 -73.28 -38.52
N LEU P 448 -37.91 -73.34 -39.17
CA LEU P 448 -38.02 -73.69 -40.61
C LEU P 448 -37.36 -72.59 -41.45
N ASN P 449 -37.54 -71.31 -41.13
CA ASN P 449 -36.85 -70.19 -41.83
C ASN P 449 -35.33 -70.35 -41.64
N TYR P 450 -34.88 -70.57 -40.40
CA TYR P 450 -33.45 -70.73 -40.06
C TYR P 450 -32.85 -71.91 -40.88
N ILE P 451 -33.54 -73.04 -40.92
CA ILE P 451 -33.05 -74.26 -41.64
C ILE P 451 -32.84 -73.89 -43.11
N SER P 452 -33.75 -73.11 -43.69
CA SER P 452 -33.73 -72.68 -45.12
C SER P 452 -32.55 -71.72 -45.36
N GLU P 453 -32.30 -70.77 -44.43
CA GLU P 453 -31.17 -69.81 -44.49
C GLU P 453 -29.85 -70.60 -44.49
N LEU P 454 -29.75 -71.62 -43.64
CA LEU P 454 -28.53 -72.44 -43.49
C LEU P 454 -28.27 -73.26 -44.78
N GLU P 455 -29.34 -73.77 -45.39
CA GLU P 455 -29.22 -74.65 -46.59
C GLU P 455 -28.77 -73.81 -47.78
N THR P 456 -29.21 -72.55 -47.86
CA THR P 456 -28.78 -71.56 -48.89
C THR P 456 -27.25 -71.43 -48.84
N ILE P 457 -26.68 -71.35 -47.64
CA ILE P 457 -25.22 -71.17 -47.42
C ILE P 457 -24.46 -72.42 -47.89
N LEU P 458 -24.96 -73.60 -47.53
CA LEU P 458 -24.27 -74.87 -47.86
C LEU P 458 -24.42 -75.17 -49.36
N ALA P 459 -25.49 -74.69 -50.00
CA ALA P 459 -25.81 -74.93 -51.43
C ALA P 459 -24.87 -74.14 -52.33
N ASP P 460 -24.58 -72.88 -52.00
CA ASP P 460 -23.86 -71.93 -52.88
C ASP P 460 -22.57 -71.47 -52.18
N GLU P 461 -21.41 -71.99 -52.63
CA GLU P 461 -20.06 -71.65 -52.09
C GLU P 461 -19.84 -70.13 -52.13
N GLU P 462 -20.44 -69.42 -53.09
CA GLU P 462 -20.27 -67.95 -53.20
C GLU P 462 -20.97 -67.28 -52.02
N VAL P 463 -22.14 -67.80 -51.59
CA VAL P 463 -22.90 -67.28 -50.42
C VAL P 463 -22.05 -67.45 -49.16
N LEU P 464 -21.44 -68.64 -49.00
CA LEU P 464 -20.62 -69.03 -47.82
C LEU P 464 -19.39 -68.13 -47.75
N LEU P 465 -18.66 -67.99 -48.85
CA LEU P 465 -17.44 -67.15 -48.96
C LEU P 465 -17.76 -65.71 -48.56
N GLN P 466 -18.94 -65.23 -48.96
CA GLN P 466 -19.41 -63.85 -48.68
C GLN P 466 -19.67 -63.71 -47.18
N LEU P 467 -20.20 -64.76 -46.55
CA LEU P 467 -20.37 -64.84 -45.07
C LEU P 467 -19.00 -64.68 -44.40
N VAL P 468 -17.98 -65.40 -44.88
CA VAL P 468 -16.59 -65.29 -44.34
C VAL P 468 -16.14 -63.83 -44.47
N ARG P 469 -16.29 -63.24 -45.67
CA ARG P 469 -15.90 -61.84 -45.96
C ARG P 469 -16.59 -60.88 -45.00
N ASP P 470 -17.90 -61.08 -44.78
CA ASP P 470 -18.77 -60.18 -43.98
C ASP P 470 -18.33 -60.26 -42.51
N GLU P 471 -18.03 -61.44 -41.99
CA GLU P 471 -17.66 -61.66 -40.57
C GLU P 471 -16.25 -61.10 -40.32
N LEU P 472 -15.32 -61.27 -41.29
CA LEU P 472 -13.96 -60.67 -41.22
C LEU P 472 -14.09 -59.16 -41.17
N THR P 473 -14.97 -58.58 -42.00
CA THR P 473 -15.18 -57.12 -42.12
C THR P 473 -15.69 -56.57 -40.78
N GLU P 474 -16.61 -57.29 -40.13
CA GLU P 474 -17.19 -56.91 -38.80
C GLU P 474 -16.05 -56.84 -37.77
N ILE P 475 -15.13 -57.82 -37.81
CA ILE P 475 -13.97 -57.91 -36.89
C ILE P 475 -13.02 -56.74 -37.19
N ARG P 476 -12.78 -56.46 -38.47
CA ARG P 476 -11.87 -55.36 -38.88
C ARG P 476 -12.42 -54.03 -38.38
N ASP P 477 -13.75 -53.85 -38.42
CA ASP P 477 -14.40 -52.57 -38.06
C ASP P 477 -14.38 -52.41 -36.54
N ARG P 478 -14.45 -53.50 -35.78
CA ARG P 478 -14.51 -53.45 -34.29
C ARG P 478 -13.10 -53.39 -33.68
N PHE P 479 -12.09 -54.01 -34.32
CA PHE P 479 -10.75 -54.25 -33.70
C PHE P 479 -9.61 -53.66 -34.53
N GLY P 480 -9.81 -53.43 -35.84
CA GLY P 480 -8.85 -52.69 -36.68
C GLY P 480 -8.44 -51.38 -36.02
N ASP P 481 -7.19 -50.97 -36.25
CA ASP P 481 -6.60 -49.80 -35.59
C ASP P 481 -5.51 -49.22 -36.49
N ASP P 482 -5.05 -48.01 -36.19
CA ASP P 482 -4.08 -47.27 -37.03
C ASP P 482 -2.72 -47.99 -36.97
N ARG P 483 -1.99 -47.91 -38.08
CA ARG P 483 -0.55 -48.29 -38.16
C ARG P 483 0.21 -47.50 -37.09
N ARG P 484 1.26 -48.08 -36.52
CA ARG P 484 2.15 -47.40 -35.54
C ARG P 484 3.55 -47.26 -36.16
N THR P 485 4.04 -48.28 -36.84
CA THR P 485 5.41 -48.29 -37.40
C THR P 485 5.40 -47.56 -38.75
N GLU P 486 6.12 -46.44 -38.85
CA GLU P 486 6.32 -45.68 -40.12
C GLU P 486 7.33 -46.47 -40.98
N ILE P 487 6.99 -46.68 -42.25
CA ILE P 487 7.88 -47.31 -43.26
C ILE P 487 8.44 -46.20 -44.14
N GLN P 488 9.72 -45.83 -43.99
CA GLN P 488 10.40 -44.74 -44.75
C GLN P 488 11.00 -45.25 -46.07
N LEU P 489 10.53 -44.65 -47.18
CA LEU P 489 11.16 -44.63 -48.54
C LEU P 489 12.17 -43.47 -48.60
N LYS S 2 -26.20 81.45 2.91
CA LYS S 2 -25.87 81.74 4.32
C LYS S 2 -26.23 83.20 4.68
N LEU S 3 -26.92 83.94 3.80
CA LEU S 3 -27.19 85.41 3.92
C LEU S 3 -28.36 85.63 4.89
N ALA S 4 -28.18 86.47 5.91
CA ALA S 4 -29.25 86.93 6.82
C ALA S 4 -29.57 88.38 6.47
N ASP S 5 -30.52 88.60 5.55
N ASP S 5 -30.52 88.60 5.55
CA ASP S 5 -30.81 89.94 4.98
CA ASP S 5 -30.81 89.94 4.98
C ASP S 5 -31.60 90.77 6.00
C ASP S 5 -31.59 90.76 6.01
N CYS S 6 -31.56 92.11 5.86
N CYS S 6 -31.57 92.10 5.86
CA CYS S 6 -32.32 93.08 6.70
CA CYS S 6 -32.33 93.08 6.69
C CYS S 6 -33.71 93.29 6.09
C CYS S 6 -33.73 93.30 6.09
N SER S 7 -34.66 93.81 6.89
N SER S 7 -34.67 93.81 6.90
CA SER S 7 -36.10 94.01 6.53
CA SER S 7 -36.10 94.01 6.54
C SER S 7 -36.25 95.13 5.51
C SER S 7 -36.25 95.13 5.51
N SER S 8 -35.62 96.29 5.74
CA SER S 8 -35.65 97.47 4.84
C SER S 8 -35.17 97.08 3.44
N LYS S 9 -35.88 97.55 2.40
CA LYS S 9 -35.49 97.38 0.97
C LYS S 9 -35.05 98.74 0.41
N SER S 10 -34.62 99.68 1.27
CA SER S 10 -34.07 101.02 0.88
C SER S 10 -32.55 101.01 0.98
N PRO S 11 -31.82 100.65 -0.12
CA PRO S 11 -30.35 100.56 -0.09
C PRO S 11 -29.58 101.71 0.58
N GLU S 12 -30.10 102.94 0.52
CA GLU S 12 -29.40 104.16 1.02
C GLU S 12 -29.16 104.06 2.52
N GLU S 13 -29.98 103.29 3.25
CA GLU S 13 -29.93 103.17 4.75
C GLU S 13 -29.59 101.73 5.18
N CYS S 14 -29.36 100.82 4.22
N CYS S 14 -29.36 100.82 4.22
CA CYS S 14 -29.01 99.40 4.47
CA CYS S 14 -29.01 99.40 4.47
C CYS S 14 -27.49 99.24 4.46
C CYS S 14 -27.49 99.24 4.46
N GLU S 15 -26.98 98.25 5.21
CA GLU S 15 -25.54 97.88 5.25
C GLU S 15 -25.43 96.35 5.40
N ILE S 16 -24.43 95.75 4.72
CA ILE S 16 -24.13 94.28 4.77
C ILE S 16 -22.75 94.09 5.43
N PHE S 17 -22.68 93.16 6.38
CA PHE S 17 -21.45 92.79 7.13
C PHE S 17 -20.93 91.44 6.61
N LEU S 18 -19.70 91.42 6.11
CA LEU S 18 -18.95 90.20 5.68
C LEU S 18 -18.08 89.71 6.84
N VAL S 19 -18.30 88.47 7.29
CA VAL S 19 -17.64 87.86 8.48
C VAL S 19 -17.03 86.50 8.07
N GLU S 20 -16.07 86.00 8.87
N GLU S 20 -16.07 85.99 8.85
CA GLU S 20 -15.12 84.90 8.56
CA GLU S 20 -15.13 84.89 8.48
C GLU S 20 -15.86 83.55 8.45
C GLU S 20 -15.86 83.54 8.43
N GLY S 21 -16.84 83.32 9.32
CA GLY S 21 -17.60 82.05 9.36
C GLY S 21 -18.78 82.13 10.31
N ASP S 22 -19.36 80.97 10.62
CA ASP S 22 -20.60 80.81 11.41
C ASP S 22 -20.30 81.23 12.87
N SER S 23 -19.03 81.10 13.33
CA SER S 23 -18.59 81.58 14.66
C SER S 23 -19.01 83.04 14.82
N ALA S 24 -18.49 83.92 13.95
CA ALA S 24 -18.79 85.36 13.95
C ALA S 24 -20.22 85.58 13.45
N GLY S 25 -20.63 84.83 12.41
CA GLY S 25 -21.99 84.89 11.85
C GLY S 25 -23.08 84.95 12.91
N GLY S 26 -23.09 83.99 13.84
CA GLY S 26 -24.16 83.85 14.85
C GLY S 26 -24.15 85.00 15.84
N SER S 27 -22.96 85.33 16.37
CA SER S 27 -22.75 86.43 17.34
C SER S 27 -23.24 87.75 16.74
N THR S 28 -22.95 87.95 15.45
CA THR S 28 -23.31 89.15 14.64
C THR S 28 -24.82 89.19 14.43
N LYS S 29 -25.44 88.08 14.00
CA LYS S 29 -26.90 88.00 13.71
C LYS S 29 -27.70 88.36 14.97
N SER S 30 -27.19 88.02 16.16
CA SER S 30 -27.82 88.35 17.46
C SER S 30 -27.67 89.84 17.76
N GLY S 31 -26.45 90.37 17.56
CA GLY S 31 -26.07 91.76 17.91
C GLY S 31 -26.76 92.79 17.04
N ARG S 32 -27.00 92.45 15.77
CA ARG S 32 -27.33 93.42 14.69
C ARG S 32 -28.71 94.05 14.90
N ASP S 33 -28.92 95.21 14.28
CA ASP S 33 -30.26 95.81 14.02
C ASP S 33 -30.78 95.21 12.71
N SER S 34 -31.60 94.15 12.79
CA SER S 34 -32.06 93.35 11.63
C SER S 34 -32.97 94.17 10.72
N ARG S 35 -33.30 95.42 11.10
CA ARG S 35 -34.06 96.37 10.23
C ARG S 35 -33.17 96.86 9.07
N THR S 36 -31.89 97.15 9.32
CA THR S 36 -30.96 97.83 8.36
C THR S 36 -29.62 97.10 8.17
N GLN S 37 -29.33 96.04 8.93
CA GLN S 37 -27.99 95.39 8.92
C GLN S 37 -28.14 93.93 8.46
N ALA S 38 -27.62 93.62 7.27
CA ALA S 38 -27.57 92.24 6.72
C ALA S 38 -26.22 91.62 7.09
N ILE S 39 -26.13 90.28 7.05
CA ILE S 39 -24.88 89.53 7.36
C ILE S 39 -24.68 88.42 6.32
N LEU S 40 -23.51 88.41 5.69
CA LEU S 40 -23.03 87.32 4.80
C LEU S 40 -21.81 86.68 5.44
N PRO S 41 -21.95 85.51 6.12
CA PRO S 41 -20.80 84.79 6.63
C PRO S 41 -20.17 84.06 5.44
N LEU S 42 -18.87 84.28 5.22
CA LEU S 42 -18.05 83.58 4.20
C LEU S 42 -17.57 82.24 4.78
N ARG S 43 -16.81 81.48 3.99
CA ARG S 43 -16.32 80.13 4.37
C ARG S 43 -14.79 80.14 4.31
N GLY S 44 -14.17 80.94 5.18
CA GLY S 44 -12.72 81.04 5.35
C GLY S 44 -12.07 81.79 4.20
N LYS S 45 -10.80 81.47 3.92
CA LYS S 45 -10.01 82.10 2.83
C LYS S 45 -10.86 82.02 1.55
N ILE S 46 -11.00 83.15 0.87
CA ILE S 46 -11.75 83.29 -0.41
C ILE S 46 -10.73 83.18 -1.54
N LEU S 47 -11.18 82.90 -2.76
CA LEU S 47 -10.35 82.77 -3.98
C LEU S 47 -9.53 84.05 -4.20
N ASN S 48 -8.22 83.92 -4.45
CA ASN S 48 -7.37 85.06 -4.90
C ASN S 48 -7.62 85.29 -6.39
N VAL S 49 -8.50 86.25 -6.74
CA VAL S 49 -8.98 86.50 -8.14
C VAL S 49 -7.84 87.02 -9.01
N GLU S 50 -6.78 87.60 -8.41
CA GLU S 50 -5.57 88.10 -9.12
C GLU S 50 -4.78 86.93 -9.72
N LYS S 51 -4.80 85.76 -9.07
CA LYS S 51 -4.06 84.53 -9.49
C LYS S 51 -4.99 83.58 -10.27
N ALA S 52 -6.27 83.53 -9.91
CA ALA S 52 -7.25 82.54 -10.44
C ALA S 52 -7.70 82.94 -11.85
N ARG S 53 -8.04 81.95 -12.67
CA ARG S 53 -8.62 82.10 -14.03
C ARG S 53 -10.12 82.43 -13.91
N LEU S 54 -10.67 83.18 -14.87
CA LEU S 54 -12.05 83.75 -14.83
C LEU S 54 -13.09 82.62 -14.72
N ASP S 55 -12.89 81.49 -15.42
CA ASP S 55 -13.79 80.29 -15.34
C ASP S 55 -14.03 79.92 -13.86
N ARG S 56 -12.95 79.75 -13.09
CA ARG S 56 -12.96 79.32 -11.66
C ARG S 56 -13.66 80.38 -10.81
N ILE S 57 -13.36 81.66 -11.06
CA ILE S 57 -13.90 82.84 -10.30
C ILE S 57 -15.42 82.83 -10.36
N LEU S 58 -15.99 82.71 -11.57
CA LEU S 58 -17.46 82.81 -11.79
C LEU S 58 -18.16 81.55 -11.26
N ASN S 59 -17.46 80.41 -11.16
CA ASN S 59 -18.00 79.13 -10.64
C ASN S 59 -17.85 79.04 -9.11
N ASN S 60 -16.98 79.85 -8.50
CA ASN S 60 -16.74 79.90 -7.04
C ASN S 60 -18.05 80.28 -6.33
N ASN S 61 -18.42 79.52 -5.29
CA ASN S 61 -19.71 79.64 -4.57
C ASN S 61 -19.70 80.90 -3.67
N GLU S 62 -18.58 81.23 -3.02
CA GLU S 62 -18.44 82.45 -2.15
C GLU S 62 -18.46 83.72 -3.00
N ILE S 63 -17.79 83.72 -4.16
CA ILE S 63 -17.80 84.87 -5.12
C ILE S 63 -19.23 85.06 -5.63
N ARG S 64 -19.92 83.98 -5.99
CA ARG S 64 -21.31 84.01 -6.50
C ARG S 64 -22.24 84.63 -5.43
N GLN S 65 -22.16 84.19 -4.17
CA GLN S 65 -23.06 84.66 -3.09
C GLN S 65 -22.89 86.17 -2.89
N MET S 66 -21.66 86.69 -3.01
CA MET S 66 -21.37 88.13 -2.80
C MET S 66 -21.97 88.95 -3.95
N ILE S 67 -21.78 88.50 -5.19
CA ILE S 67 -22.38 89.11 -6.41
C ILE S 67 -23.91 89.15 -6.25
N THR S 68 -24.52 88.03 -5.83
CA THR S 68 -26.00 87.90 -5.68
C THR S 68 -26.49 88.89 -4.61
N ALA S 69 -25.77 88.98 -3.49
CA ALA S 69 -26.14 89.79 -2.31
C ALA S 69 -26.15 91.27 -2.69
N PHE S 70 -25.13 91.74 -3.41
CA PHE S 70 -24.95 93.17 -3.81
C PHE S 70 -25.93 93.49 -4.95
N GLY S 71 -26.17 92.53 -5.85
CA GLY S 71 -27.09 92.64 -7.01
C GLY S 71 -26.64 93.67 -8.03
N THR S 72 -25.34 93.92 -8.17
CA THR S 72 -24.76 94.94 -9.09
C THR S 72 -24.21 94.27 -10.35
N GLY S 73 -23.93 92.95 -10.33
CA GLY S 73 -23.16 92.27 -11.38
C GLY S 73 -21.71 92.73 -11.39
N ILE S 74 -20.91 92.31 -12.38
CA ILE S 74 -19.41 92.47 -12.34
C ILE S 74 -18.89 93.04 -13.67
N GLY S 75 -17.73 93.72 -13.60
CA GLY S 75 -16.97 94.22 -14.76
C GLY S 75 -17.72 95.30 -15.51
N GLY S 76 -17.98 95.07 -16.80
CA GLY S 76 -18.73 95.96 -17.70
C GLY S 76 -20.19 96.08 -17.30
N ASP S 77 -20.84 94.97 -16.94
CA ASP S 77 -22.29 94.91 -16.57
C ASP S 77 -22.51 95.46 -15.14
N PHE S 78 -21.44 95.85 -14.43
CA PHE S 78 -21.56 96.44 -13.06
C PHE S 78 -22.43 97.70 -13.15
N ASP S 79 -23.45 97.79 -12.30
CA ASP S 79 -24.44 98.89 -12.24
C ASP S 79 -24.57 99.38 -10.78
N LEU S 80 -23.99 100.53 -10.46
CA LEU S 80 -23.91 101.08 -9.07
C LEU S 80 -25.32 101.35 -8.52
N ALA S 81 -26.30 101.66 -9.38
CA ALA S 81 -27.67 102.04 -8.99
C ALA S 81 -28.49 100.82 -8.57
N LYS S 82 -28.12 99.61 -9.02
CA LYS S 82 -28.81 98.32 -8.68
C LYS S 82 -28.25 97.76 -7.36
N ALA S 83 -27.31 98.47 -6.72
CA ALA S 83 -26.70 98.11 -5.41
C ALA S 83 -27.80 98.02 -4.35
N ARG S 84 -27.78 96.95 -3.55
CA ARG S 84 -28.82 96.59 -2.55
C ARG S 84 -28.39 97.09 -1.15
N TYR S 85 -27.13 97.54 -1.00
CA TYR S 85 -26.56 98.14 0.24
C TYR S 85 -25.64 99.30 -0.19
N HIS S 86 -25.60 100.41 0.57
CA HIS S 86 -24.72 101.58 0.31
C HIS S 86 -23.54 101.55 1.29
N LYS S 87 -23.47 100.51 2.13
CA LYS S 87 -22.34 100.20 3.03
C LYS S 87 -22.08 98.68 2.99
N ILE S 88 -21.01 98.25 2.32
CA ILE S 88 -20.45 96.87 2.39
C ILE S 88 -19.31 96.91 3.41
N VAL S 89 -19.52 96.31 4.59
CA VAL S 89 -18.55 96.35 5.74
C VAL S 89 -17.79 95.02 5.80
N ILE S 90 -16.47 95.07 5.60
CA ILE S 90 -15.52 93.94 5.81
C ILE S 90 -15.21 93.89 7.30
N MET S 91 -15.67 92.85 8.00
CA MET S 91 -15.48 92.67 9.46
C MET S 91 -14.73 91.35 9.71
N THR S 92 -13.42 91.36 9.41
CA THR S 92 -12.48 90.25 9.68
C THR S 92 -11.88 90.46 11.07
N ASP S 93 -11.36 89.38 11.68
CA ASP S 93 -10.79 89.38 13.06
C ASP S 93 -9.56 90.30 13.07
N ALA S 94 -9.11 90.69 14.26
CA ALA S 94 -8.00 91.65 14.49
C ALA S 94 -6.64 90.93 14.47
N ASP S 95 -6.56 89.78 13.78
CA ASP S 95 -5.37 88.89 13.74
C ASP S 95 -4.74 88.93 12.33
N VAL S 96 -3.82 88.02 12.05
CA VAL S 96 -3.04 88.01 10.77
C VAL S 96 -3.88 87.36 9.67
N ASP S 97 -4.68 86.33 9.99
CA ASP S 97 -5.52 85.61 9.00
C ASP S 97 -6.73 86.49 8.65
N GLY S 98 -7.10 87.38 9.56
CA GLY S 98 -8.06 88.47 9.30
C GLY S 98 -7.53 89.39 8.22
N ALA S 99 -6.29 89.86 8.37
CA ALA S 99 -5.61 90.76 7.42
C ALA S 99 -5.56 90.10 6.04
N HIS S 100 -5.28 88.80 5.96
CA HIS S 100 -5.22 88.06 4.67
C HIS S 100 -6.59 88.06 4.00
N ILE S 101 -7.67 87.70 4.71
CA ILE S 101 -9.05 87.63 4.13
C ILE S 101 -9.47 89.05 3.72
N ARG S 102 -8.99 90.07 4.44
CA ARG S 102 -9.21 91.50 4.09
C ARG S 102 -8.56 91.82 2.75
N THR S 103 -7.27 91.48 2.55
CA THR S 103 -6.55 91.70 1.26
C THR S 103 -7.22 90.91 0.12
N LEU S 104 -7.80 89.75 0.40
CA LEU S 104 -8.35 88.86 -0.63
C LEU S 104 -9.67 89.44 -1.14
N LEU S 105 -10.49 89.99 -0.23
CA LEU S 105 -11.80 90.62 -0.52
C LEU S 105 -11.56 91.93 -1.28
N LEU S 106 -10.64 92.76 -0.80
CA LEU S 106 -10.26 94.07 -1.41
C LEU S 106 -9.78 93.82 -2.84
N THR S 107 -9.04 92.73 -3.08
CA THR S 107 -8.54 92.35 -4.43
C THR S 107 -9.74 92.05 -5.33
N PHE S 108 -10.76 91.35 -4.81
CA PHE S 108 -11.98 91.00 -5.57
C PHE S 108 -12.75 92.28 -5.90
N PHE S 109 -12.99 93.15 -4.90
CA PHE S 109 -13.74 94.41 -5.07
C PHE S 109 -13.03 95.31 -6.09
N TYR S 110 -11.70 95.41 -6.02
CA TYR S 110 -10.91 96.34 -6.86
C TYR S 110 -10.89 95.85 -8.32
N ARG S 111 -10.92 94.54 -8.56
CA ARG S 111 -10.75 93.99 -9.92
C ARG S 111 -12.11 93.82 -10.60
N PHE S 112 -13.20 93.62 -9.84
CA PHE S 112 -14.52 93.21 -10.39
C PHE S 112 -15.63 94.22 -10.08
N MET S 113 -15.45 95.08 -9.08
CA MET S 113 -16.49 96.06 -8.64
C MET S 113 -15.80 97.36 -8.21
N ARG S 114 -14.89 97.87 -9.04
CA ARG S 114 -14.08 99.06 -8.72
C ARG S 114 -14.99 100.25 -8.41
N PRO S 115 -16.09 100.50 -9.18
CA PRO S 115 -16.95 101.67 -8.93
C PRO S 115 -17.62 101.70 -7.54
N LEU S 116 -17.83 100.52 -6.93
CA LEU S 116 -18.30 100.36 -5.53
C LEU S 116 -17.32 101.05 -4.56
N ILE S 117 -16.01 100.88 -4.78
CA ILE S 117 -14.93 101.50 -3.95
C ILE S 117 -14.93 103.01 -4.21
N GLU S 118 -15.01 103.41 -5.49
CA GLU S 118 -15.04 104.82 -5.96
C GLU S 118 -16.21 105.54 -5.26
N ALA S 119 -17.40 104.96 -5.30
CA ALA S 119 -18.64 105.50 -4.68
C ALA S 119 -18.54 105.59 -3.14
N GLY S 120 -17.50 104.99 -2.54
CA GLY S 120 -17.25 105.01 -1.08
C GLY S 120 -18.19 104.10 -0.30
N TYR S 121 -18.62 102.99 -0.93
CA TYR S 121 -19.59 102.02 -0.35
C TYR S 121 -18.85 100.92 0.42
N VAL S 122 -17.53 100.79 0.22
CA VAL S 122 -16.73 99.74 0.91
C VAL S 122 -16.12 100.35 2.17
N TYR S 123 -16.36 99.70 3.31
CA TYR S 123 -15.86 100.07 4.67
C TYR S 123 -15.17 98.87 5.32
N ILE S 124 -14.41 99.15 6.39
CA ILE S 124 -13.61 98.17 7.18
C ILE S 124 -13.91 98.40 8.68
N ALA S 125 -14.71 97.51 9.28
CA ALA S 125 -15.01 97.52 10.74
C ALA S 125 -13.70 97.36 11.53
N GLN S 126 -13.69 97.79 12.79
CA GLN S 126 -12.50 97.76 13.66
C GLN S 126 -12.88 97.16 15.01
N PRO S 127 -13.01 95.82 15.12
CA PRO S 127 -13.33 95.19 16.40
C PRO S 127 -12.21 95.44 17.42
N PRO S 128 -12.54 95.58 18.73
CA PRO S 128 -11.52 95.91 19.72
C PRO S 128 -10.55 94.72 19.85
N LYS S 129 -9.39 87.96 21.32
CA LYS S 129 -8.55 88.26 20.12
C LYS S 129 -9.45 88.43 18.89
N GLY S 130 -10.33 87.45 18.64
CA GLY S 130 -11.30 87.44 17.54
C GLY S 130 -12.67 87.93 18.01
N LEU S 131 -13.57 88.23 17.08
CA LEU S 131 -14.97 88.60 17.38
C LEU S 131 -15.84 87.34 17.34
N GLY S 132 -15.31 86.20 16.86
CA GLY S 132 -15.93 84.86 16.97
C GLY S 132 -15.94 84.38 18.43
N GLU S 133 -15.14 85.04 19.30
CA GLU S 133 -14.99 84.76 20.76
C GLU S 133 -15.77 85.78 21.61
N MET S 134 -16.24 86.89 21.03
CA MET S 134 -17.01 87.94 21.76
C MET S 134 -18.49 87.55 21.85
N ASN S 135 -19.20 88.13 22.81
CA ASN S 135 -20.67 88.03 23.00
C ASN S 135 -21.34 89.10 22.12
N ALA S 136 -22.60 88.89 21.75
CA ALA S 136 -23.39 89.75 20.82
C ALA S 136 -23.59 91.15 21.41
N ASP S 137 -23.85 91.28 22.71
CA ASP S 137 -24.11 92.59 23.39
C ASP S 137 -22.91 93.52 23.16
N GLN S 138 -21.70 92.97 23.33
CA GLN S 138 -20.42 93.73 23.32
C GLN S 138 -20.01 94.00 21.86
N LEU S 139 -20.27 93.04 20.97
CA LEU S 139 -20.00 93.12 19.51
C LEU S 139 -20.84 94.22 18.86
N TRP S 140 -22.09 94.38 19.30
CA TRP S 140 -23.00 95.48 18.85
C TRP S 140 -22.42 96.83 19.26
N GLU S 141 -22.11 96.99 20.55
CA GLU S 141 -21.81 98.31 21.18
C GLU S 141 -20.50 98.88 20.63
N THR S 142 -19.50 98.03 20.36
CA THR S 142 -18.14 98.44 19.93
C THR S 142 -18.05 98.60 18.40
N THR S 143 -18.74 97.75 17.62
CA THR S 143 -18.40 97.48 16.20
C THR S 143 -19.56 97.73 15.23
N MET S 144 -20.82 97.53 15.64
CA MET S 144 -22.00 97.53 14.72
C MET S 144 -22.96 98.70 15.02
N ASN S 145 -22.92 99.28 16.21
CA ASN S 145 -23.86 100.37 16.64
C ASN S 145 -23.43 101.68 15.98
N PRO S 146 -24.24 102.28 15.08
CA PRO S 146 -23.87 103.53 14.42
C PRO S 146 -23.60 104.70 15.38
N GLU S 147 -24.01 104.56 16.65
CA GLU S 147 -23.81 105.60 17.69
C GLU S 147 -22.36 105.59 18.20
N HIS S 148 -21.71 104.43 18.31
CA HIS S 148 -20.36 104.30 18.95
C HIS S 148 -19.32 103.62 18.04
N ARG S 149 -19.72 103.00 16.93
CA ARG S 149 -18.80 102.19 16.07
C ARG S 149 -17.82 103.11 15.35
N ALA S 150 -16.71 102.54 14.86
CA ALA S 150 -15.61 103.24 14.16
C ALA S 150 -15.26 102.55 12.84
N LEU S 151 -16.04 102.76 11.79
CA LEU S 151 -15.78 102.21 10.42
C LEU S 151 -14.71 103.05 9.73
N LEU S 152 -13.85 102.41 8.94
CA LEU S 152 -12.90 103.08 8.02
C LEU S 152 -13.48 102.96 6.60
N GLN S 153 -13.69 104.09 5.93
CA GLN S 153 -14.18 104.11 4.53
C GLN S 153 -12.97 103.91 3.60
N VAL S 154 -13.03 102.91 2.72
CA VAL S 154 -11.93 102.61 1.75
C VAL S 154 -12.02 103.67 0.64
N LYS S 155 -10.97 104.50 0.54
CA LYS S 155 -10.80 105.59 -0.46
C LYS S 155 -9.68 105.17 -1.43
N LEU S 156 -9.95 105.22 -2.74
CA LEU S 156 -8.96 104.98 -3.83
C LEU S 156 -8.38 106.33 -4.27
N GLU S 157 -7.10 106.60 -3.98
CA GLU S 157 -6.44 107.90 -4.35
C GLU S 157 -5.82 107.79 -5.75
N ASP S 158 -4.78 106.96 -5.92
CA ASP S 158 -4.02 106.80 -7.18
C ASP S 158 -4.33 105.42 -7.80
N ALA S 159 -5.08 105.39 -8.91
CA ALA S 159 -5.50 104.13 -9.59
C ALA S 159 -4.29 103.41 -10.20
N ILE S 160 -3.29 104.13 -10.70
CA ILE S 160 -2.03 103.54 -11.27
C ILE S 160 -1.27 102.82 -10.14
N GLU S 161 -1.09 103.49 -9.00
CA GLU S 161 -0.34 102.96 -7.82
C GLU S 161 -1.09 101.76 -7.24
N ALA S 162 -2.43 101.80 -7.24
CA ALA S 162 -3.32 100.71 -6.78
C ALA S 162 -3.12 99.48 -7.68
N ASP S 163 -3.17 99.65 -9.01
CA ASP S 163 -3.00 98.56 -10.00
C ASP S 163 -1.65 97.84 -9.78
N GLN S 164 -0.60 98.60 -9.45
CA GLN S 164 0.78 98.05 -9.26
C GLN S 164 0.80 97.27 -7.94
N THR S 165 0.11 97.77 -6.90
CA THR S 165 0.16 97.20 -5.52
C THR S 165 -0.58 95.86 -5.50
N PHE S 166 -1.77 95.77 -6.12
CA PHE S 166 -2.54 94.50 -6.22
C PHE S 166 -1.75 93.47 -7.03
N GLU S 167 -1.16 93.89 -8.16
CA GLU S 167 -0.39 93.00 -9.06
C GLU S 167 0.84 92.47 -8.31
N MET S 168 1.46 93.28 -7.44
CA MET S 168 2.70 92.90 -6.72
C MET S 168 2.38 91.96 -5.56
N LEU S 169 1.42 92.31 -4.71
CA LEU S 169 1.05 91.53 -3.49
C LEU S 169 0.27 90.28 -3.87
N MET S 170 -0.69 90.37 -4.80
CA MET S 170 -1.69 89.29 -5.05
C MET S 170 -1.43 88.58 -6.40
N GLY S 171 -0.43 89.03 -7.17
CA GLY S 171 -0.13 88.47 -8.51
C GLY S 171 0.70 87.19 -8.41
N ASP S 172 0.88 86.46 -9.52
CA ASP S 172 1.50 85.10 -9.51
C ASP S 172 3.03 85.21 -9.44
N VAL S 173 3.62 86.38 -9.65
CA VAL S 173 5.11 86.58 -9.62
C VAL S 173 5.57 86.72 -8.16
N VAL S 174 6.28 85.69 -7.66
CA VAL S 174 6.67 85.57 -6.22
C VAL S 174 7.78 86.58 -5.90
N GLU S 175 8.70 86.84 -6.83
CA GLU S 175 9.96 87.56 -6.52
C GLU S 175 9.65 89.02 -6.12
N ASN S 176 8.73 89.69 -6.80
CA ASN S 176 8.35 91.10 -6.53
C ASN S 176 7.71 91.18 -5.13
N ARG S 177 6.83 90.21 -4.82
CA ARG S 177 6.17 90.07 -3.50
C ARG S 177 7.22 89.88 -2.40
N ARG S 178 8.18 88.97 -2.60
CA ARG S 178 9.25 88.66 -1.61
C ARG S 178 10.11 89.89 -1.39
N GLN S 179 10.47 90.58 -2.47
CA GLN S 179 11.30 91.82 -2.45
C GLN S 179 10.62 92.85 -1.55
N PHE S 180 9.32 93.08 -1.79
CA PHE S 180 8.46 94.02 -1.04
C PHE S 180 8.53 93.72 0.47
N ILE S 181 8.44 92.43 0.85
CA ILE S 181 8.41 91.97 2.27
C ILE S 181 9.77 92.30 2.91
N GLU S 182 10.88 91.88 2.27
CA GLU S 182 12.26 92.13 2.78
C GLU S 182 12.46 93.63 2.98
N ASP S 183 12.10 94.43 1.96
CA ASP S 183 12.28 95.91 1.93
C ASP S 183 11.51 96.54 3.10
N ASN S 184 10.27 96.11 3.34
CA ASN S 184 9.32 96.75 4.28
C ASN S 184 9.25 95.98 5.60
N ALA S 185 10.10 94.96 5.83
CA ALA S 185 9.97 94.06 7.01
C ALA S 185 9.88 94.83 8.33
N VAL S 186 10.31 96.09 8.34
CA VAL S 186 10.09 97.07 9.44
C VAL S 186 8.76 97.77 9.17
N GLU T 10 -11.25 107.72 6.91
CA GLU T 10 -10.71 107.39 5.57
C GLU T 10 -9.43 106.55 5.71
N ARG T 11 -9.23 105.58 4.83
CA ARG T 11 -8.03 104.71 4.76
C ARG T 11 -7.66 104.48 3.28
N ASN T 12 -6.42 104.84 2.92
CA ASN T 12 -5.90 104.70 1.53
C ASN T 12 -5.81 103.21 1.20
N ILE T 13 -6.38 102.79 0.05
CA ILE T 13 -6.46 101.35 -0.35
C ILE T 13 -5.04 100.77 -0.48
N THR T 14 -4.10 101.54 -1.04
CA THR T 14 -2.70 101.12 -1.26
C THR T 14 -2.04 100.86 0.10
N SER T 15 -2.18 101.81 1.05
CA SER T 15 -1.61 101.70 2.43
C SER T 15 -2.16 100.45 3.12
N GLU T 16 -3.47 100.23 3.00
CA GLU T 16 -4.20 99.11 3.67
C GLU T 16 -3.67 97.77 3.13
N MET T 17 -3.61 97.62 1.81
CA MET T 17 -3.06 96.42 1.13
C MET T 17 -1.63 96.16 1.62
N ARG T 18 -0.75 97.16 1.53
CA ARG T 18 0.70 96.96 1.77
C ARG T 18 0.93 96.54 3.22
N GLU T 19 0.25 97.18 4.17
CA GLU T 19 0.45 96.95 5.63
C GLU T 19 -0.26 95.65 6.04
N SER T 20 -1.45 95.38 5.51
CA SER T 20 -2.25 94.15 5.79
C SER T 20 -1.49 92.91 5.29
N PHE T 21 -1.06 92.93 4.03
CA PHE T 21 -0.36 91.80 3.37
C PHE T 21 0.97 91.54 4.09
N LEU T 22 1.70 92.61 4.46
CA LEU T 22 3.02 92.49 5.13
C LEU T 22 2.82 91.79 6.48
N ASP T 23 1.74 92.15 7.19
CA ASP T 23 1.42 91.59 8.54
C ASP T 23 1.24 90.07 8.42
N TYR T 24 0.42 89.65 7.45
CA TYR T 24 0.18 88.24 7.08
C TYR T 24 1.49 87.55 6.70
N ALA T 25 2.15 88.06 5.65
CA ALA T 25 3.36 87.47 5.04
C ALA T 25 4.43 87.27 6.11
N MET T 26 4.71 88.30 6.92
CA MET T 26 5.78 88.25 7.93
C MET T 26 5.45 87.15 8.94
N SER T 27 4.17 87.04 9.30
CA SER T 27 3.64 86.10 10.33
C SER T 27 3.79 84.65 9.85
N VAL T 28 3.44 84.40 8.58
CA VAL T 28 3.56 83.07 7.91
C VAL T 28 5.04 82.67 7.84
N ILE T 29 5.96 83.63 7.69
CA ILE T 29 7.40 83.36 7.50
C ILE T 29 8.07 83.00 8.84
N VAL T 30 7.84 83.80 9.89
CA VAL T 30 8.64 83.72 11.15
C VAL T 30 7.88 82.94 12.23
N ALA T 31 6.63 82.55 11.98
CA ALA T 31 5.76 81.93 13.01
C ALA T 31 4.69 81.06 12.35
N ARG T 32 5.07 80.23 11.36
CA ARG T 32 4.15 79.18 10.83
C ARG T 32 4.89 78.13 10.00
N ALA T 33 5.39 78.51 8.82
CA ALA T 33 5.69 77.60 7.70
C ALA T 33 7.19 77.23 7.64
N LEU T 34 8.07 78.07 8.18
CA LEU T 34 9.54 77.85 8.12
C LEU T 34 10.05 77.38 9.48
N PRO T 35 10.94 76.36 9.51
CA PRO T 35 11.51 75.85 10.75
C PRO T 35 12.68 76.72 11.22
N ASP T 36 12.95 76.74 12.54
CA ASP T 36 14.18 77.32 13.13
C ASP T 36 15.35 76.41 12.79
N VAL T 37 16.50 77.00 12.46
CA VAL T 37 17.74 76.29 12.06
C VAL T 37 18.30 75.46 13.23
N ARG T 38 17.96 75.85 14.47
CA ARG T 38 18.56 75.27 15.71
C ARG T 38 17.94 73.90 16.02
N ASP T 39 16.61 73.83 16.17
CA ASP T 39 15.92 72.57 16.60
C ASP T 39 15.13 71.95 15.42
N GLY T 40 15.14 72.61 14.26
CA GLY T 40 14.47 72.11 13.05
C GLY T 40 12.96 72.15 13.10
N LEU T 41 12.38 72.85 14.08
CA LEU T 41 10.93 72.78 14.36
C LEU T 41 10.21 74.05 13.89
N LYS T 42 9.03 73.89 13.29
CA LYS T 42 8.07 75.00 13.12
C LYS T 42 7.39 75.21 14.48
N PRO T 43 6.84 76.41 14.76
CA PRO T 43 6.01 76.62 15.96
C PRO T 43 5.09 75.45 16.35
N VAL T 44 4.24 74.97 15.44
CA VAL T 44 3.21 73.96 15.79
C VAL T 44 3.89 72.69 16.32
N HIS T 45 5.02 72.28 15.73
CA HIS T 45 5.77 71.06 16.13
C HIS T 45 6.34 71.27 17.54
N ARG T 46 7.00 72.41 17.74
CA ARG T 46 7.63 72.79 19.03
C ARG T 46 6.58 72.76 20.14
N ARG T 47 5.42 73.38 19.89
CA ARG T 47 4.33 73.51 20.89
C ARG T 47 3.78 72.13 21.26
N ILE T 48 3.67 71.22 20.28
CA ILE T 48 3.20 69.82 20.51
C ILE T 48 4.21 69.11 21.43
N LEU T 49 5.50 69.12 21.07
CA LEU T 49 6.55 68.36 21.82
C LEU T 49 6.67 68.93 23.24
N TYR T 50 6.55 70.25 23.39
CA TYR T 50 6.66 70.95 24.69
C TYR T 50 5.42 70.60 25.53
N GLY T 51 4.25 70.53 24.88
CA GLY T 51 2.98 70.13 25.49
C GLY T 51 3.04 68.70 26.01
N LEU T 52 3.63 67.80 25.23
CA LEU T 52 3.82 66.38 25.64
C LEU T 52 4.63 66.37 26.93
N ASN T 53 5.66 67.23 26.99
CA ASN T 53 6.69 67.25 28.05
C ASN T 53 6.09 67.84 29.33
N GLU T 54 5.27 68.87 29.20
CA GLU T 54 4.62 69.59 30.35
C GLU T 54 3.59 68.68 31.00
N GLN T 55 2.96 67.77 30.26
CA GLN T 55 2.00 66.78 30.82
C GLN T 55 2.72 65.44 31.02
N GLY T 56 4.05 65.45 31.13
CA GLY T 56 4.90 64.27 31.28
C GLY T 56 4.38 63.03 30.55
N MET T 57 3.99 63.17 29.29
N MET T 57 4.00 63.17 29.29
CA MET T 57 3.67 62.03 28.39
CA MET T 57 3.67 62.03 28.39
C MET T 57 4.99 61.53 27.78
C MET T 57 4.99 61.53 27.78
N THR T 58 5.75 60.78 28.59
CA THR T 58 7.13 60.32 28.27
C THR T 58 7.04 58.87 27.81
N PRO T 59 8.10 58.30 27.19
CA PRO T 59 8.04 56.94 26.65
C PRO T 59 7.68 55.85 27.67
N ASP T 60 8.11 56.03 28.92
CA ASP T 60 7.93 55.08 30.06
C ASP T 60 6.47 55.08 30.52
N LYS T 61 5.82 56.24 30.58
CA LYS T 61 4.38 56.39 30.92
C LYS T 61 3.50 55.98 29.72
N SER T 62 2.22 55.72 29.96
CA SER T 62 1.29 55.12 28.96
C SER T 62 0.72 56.20 28.03
N TYR T 63 0.35 55.79 26.81
CA TYR T 63 -0.21 56.65 25.73
C TYR T 63 -1.42 57.40 26.27
N LYS T 64 -1.51 58.69 25.93
N LYS T 64 -1.51 58.69 25.93
CA LYS T 64 -2.66 59.58 26.28
CA LYS T 64 -2.66 59.58 26.27
C LYS T 64 -3.46 59.85 24.99
C LYS T 64 -3.46 59.86 24.99
N LYS T 65 -4.79 60.04 25.13
CA LYS T 65 -5.71 60.33 23.98
C LYS T 65 -5.25 61.59 23.25
N SER T 66 -5.30 61.55 21.92
CA SER T 66 -4.84 62.65 21.04
C SER T 66 -5.69 63.90 21.27
N ALA T 67 -7.02 63.74 21.39
CA ALA T 67 -7.95 64.85 21.67
C ALA T 67 -7.54 65.60 22.95
N ARG T 68 -7.00 64.89 23.95
N ARG T 68 -6.99 64.89 23.96
CA ARG T 68 -6.51 65.48 25.23
CA ARG T 68 -6.51 65.49 25.22
C ARG T 68 -5.28 66.36 24.92
C ARG T 68 -5.28 66.36 24.92
N ILE T 69 -4.36 65.84 24.09
CA ILE T 69 -3.08 66.51 23.75
C ILE T 69 -3.38 67.76 22.90
N VAL T 70 -4.20 67.60 21.86
CA VAL T 70 -4.54 68.69 20.90
C VAL T 70 -5.25 69.82 21.66
N GLY T 71 -6.17 69.47 22.56
CA GLY T 71 -6.91 70.44 23.40
C GLY T 71 -5.95 71.27 24.24
N ASP T 72 -5.03 70.59 24.93
N ASP T 72 -5.03 70.60 24.93
CA ASP T 72 -4.02 71.22 25.83
CA ASP T 72 -4.03 71.24 25.82
C ASP T 72 -3.13 72.16 25.00
C ASP T 72 -3.13 72.16 25.00
N VAL T 73 -2.65 71.72 23.84
CA VAL T 73 -1.73 72.51 22.98
C VAL T 73 -2.47 73.74 22.44
N MET T 74 -3.71 73.56 21.97
CA MET T 74 -4.56 74.63 21.37
C MET T 74 -4.92 75.67 22.45
N GLY T 75 -5.21 75.20 23.67
CA GLY T 75 -5.54 76.05 24.83
C GLY T 75 -4.40 76.96 25.22
N LYS T 76 -3.18 76.42 25.32
CA LYS T 76 -2.06 77.03 26.09
C LYS T 76 -1.02 77.71 25.19
N TYR T 77 -0.82 77.24 23.95
CA TYR T 77 0.36 77.62 23.13
C TYR T 77 -0.04 78.01 21.69
N HIS T 78 -0.91 77.24 21.03
CA HIS T 78 -1.16 77.27 19.56
C HIS T 78 -2.62 77.66 19.28
N PRO T 79 -2.93 78.98 19.18
CA PRO T 79 -4.32 79.43 19.04
C PRO T 79 -4.81 79.30 17.59
N HIS T 80 -4.94 78.07 17.09
CA HIS T 80 -5.35 77.75 15.69
C HIS T 80 -6.18 76.46 15.68
N GLY T 81 -6.54 76.00 14.48
N GLY T 81 -6.55 76.01 14.48
CA GLY T 81 -7.44 74.86 14.25
CA GLY T 81 -7.44 74.86 14.25
C GLY T 81 -6.91 73.58 14.87
C GLY T 81 -6.91 73.58 14.87
N ASP T 82 -7.81 72.74 15.39
CA ASP T 82 -7.50 71.37 15.90
C ASP T 82 -6.91 70.52 14.75
N SER T 83 -7.45 70.62 13.53
CA SER T 83 -6.93 69.84 12.38
C SER T 83 -5.46 70.20 12.10
N SER T 84 -5.09 71.50 12.14
CA SER T 84 -3.70 71.94 11.87
C SER T 84 -2.75 71.26 12.85
N ILE T 85 -3.14 71.20 14.13
CA ILE T 85 -2.33 70.64 15.24
C ILE T 85 -2.29 69.11 15.09
N TYR T 86 -3.43 68.45 14.99
CA TYR T 86 -3.50 66.98 14.98
C TYR T 86 -2.70 66.40 13.80
N GLU T 87 -2.89 66.95 12.61
CA GLU T 87 -2.23 66.43 11.38
CA GLU T 87 -2.24 66.43 11.39
C GLU T 87 -0.72 66.61 11.52
N ALA T 88 -0.26 67.68 12.17
CA ALA T 88 1.17 67.96 12.38
C ALA T 88 1.75 66.93 13.35
N MET T 89 0.97 66.52 14.34
CA MET T 89 1.38 65.49 15.33
C MET T 89 1.42 64.13 14.64
N VAL T 90 0.39 63.83 13.83
CA VAL T 90 0.29 62.54 13.07
C VAL T 90 1.57 62.32 12.27
N ARG T 91 1.98 63.31 11.46
CA ARG T 91 3.15 63.26 10.55
C ARG T 91 4.41 62.89 11.35
N MET T 92 4.60 63.50 12.53
CA MET T 92 5.77 63.27 13.42
C MET T 92 5.79 61.82 13.90
N ALA T 93 4.67 61.10 13.77
CA ALA T 93 4.48 59.73 14.29
C ALA T 93 4.58 58.71 13.16
N GLN T 94 4.63 59.15 11.90
CA GLN T 94 4.67 58.25 10.72
C GLN T 94 6.12 57.91 10.39
N ASP T 95 6.45 56.61 10.42
CA ASP T 95 7.85 56.14 10.20
C ASP T 95 8.21 56.29 8.72
N PHE T 96 7.23 56.57 7.84
CA PHE T 96 7.44 56.80 6.38
C PHE T 96 7.52 58.30 6.07
N SER T 97 7.27 59.17 7.05
CA SER T 97 7.34 60.64 6.89
C SER T 97 8.60 61.17 7.59
N TYR T 98 8.77 60.78 8.86
CA TYR T 98 9.90 61.17 9.74
C TYR T 98 10.94 60.04 9.79
N ARG T 99 12.17 60.38 9.40
CA ARG T 99 13.34 59.47 9.42
C ARG T 99 13.62 59.03 10.85
N TYR T 100 13.49 59.96 11.80
CA TYR T 100 13.54 59.69 13.27
C TYR T 100 12.23 60.22 13.87
N PRO T 101 11.17 59.39 13.92
CA PRO T 101 9.88 59.79 14.50
C PRO T 101 10.05 60.45 15.88
N LEU T 102 9.33 61.55 16.10
CA LEU T 102 9.37 62.36 17.34
C LEU T 102 8.13 62.05 18.20
N VAL T 103 7.14 61.34 17.65
CA VAL T 103 5.89 61.00 18.37
C VAL T 103 5.63 59.50 18.20
N ASP T 104 5.26 58.86 19.31
CA ASP T 104 4.97 57.41 19.38
C ASP T 104 3.44 57.30 19.41
N GLY T 105 2.86 56.83 18.30
CA GLY T 105 1.40 56.75 18.08
C GLY T 105 0.86 55.37 18.40
N GLN T 106 -0.38 55.31 18.91
CA GLN T 106 -1.15 54.07 19.12
C GLN T 106 -2.44 54.18 18.30
N GLY T 107 -2.57 53.37 17.24
CA GLY T 107 -3.78 53.33 16.38
C GLY T 107 -3.49 53.65 14.93
N ASN T 108 -4.52 54.01 14.16
CA ASN T 108 -4.42 54.30 12.70
C ASN T 108 -3.85 55.72 12.53
N PHE T 109 -2.54 55.83 12.33
CA PHE T 109 -1.81 57.09 11.99
C PHE T 109 -1.51 57.16 10.48
N GLY T 110 -2.33 56.51 9.68
CA GLY T 110 -2.25 56.53 8.20
C GLY T 110 -1.30 55.49 7.64
N SER T 111 -1.18 55.45 6.31
CA SER T 111 -0.34 54.52 5.54
C SER T 111 0.37 55.28 4.41
N MET T 112 1.20 54.59 3.65
CA MET T 112 1.89 55.14 2.45
C MET T 112 0.90 55.37 1.30
N ASP T 113 -0.31 54.81 1.38
CA ASP T 113 -1.36 54.95 0.33
C ASP T 113 -2.09 56.29 0.48
N GLY T 114 -1.73 57.10 1.49
CA GLY T 114 -2.29 58.45 1.67
C GLY T 114 -3.66 58.43 2.32
N ASP T 115 -4.08 57.29 2.86
CA ASP T 115 -5.21 57.21 3.81
C ASP T 115 -4.79 58.07 5.01
N GLY T 116 -5.63 58.99 5.47
CA GLY T 116 -5.34 59.82 6.65
C GLY T 116 -5.25 58.98 7.92
N ALA T 117 -4.75 59.56 9.01
CA ALA T 117 -4.91 59.03 10.38
C ALA T 117 -6.40 59.00 10.73
N ALA T 118 -6.83 58.05 11.55
CA ALA T 118 -8.16 58.10 12.21
C ALA T 118 -8.29 59.45 12.93
N ALA T 119 -9.53 59.91 13.16
CA ALA T 119 -9.84 61.15 13.90
C ALA T 119 -9.21 61.08 15.31
N MET T 120 -8.97 62.23 15.94
CA MET T 120 -8.18 62.32 17.20
C MET T 120 -8.92 61.64 18.36
N ARG T 121 -10.23 61.41 18.24
CA ARG T 121 -11.01 60.66 19.26
C ARG T 121 -10.47 59.21 19.35
N TYR T 122 -9.98 58.68 18.23
CA TYR T 122 -9.64 57.24 18.05
C TYR T 122 -8.18 56.96 18.45
N THR T 123 -7.26 57.92 18.37
CA THR T 123 -5.79 57.64 18.48
C THR T 123 -5.28 58.10 19.84
N GLU T 124 -4.14 57.54 20.26
CA GLU T 124 -3.39 57.93 21.48
C GLU T 124 -1.94 58.15 21.07
N ALA T 125 -1.14 58.86 21.87
CA ALA T 125 0.23 59.30 21.48
C ALA T 125 1.09 59.58 22.72
N ARG T 126 2.41 59.55 22.54
CA ARG T 126 3.42 59.99 23.55
C ARG T 126 4.73 60.38 22.85
N MET T 127 5.75 60.76 23.62
CA MET T 127 7.13 61.01 23.11
C MET T 127 7.75 59.69 22.64
N THR T 128 8.63 59.77 21.66
CA THR T 128 9.63 58.73 21.30
C THR T 128 10.85 58.93 22.21
N LYS T 129 11.67 57.90 22.42
CA LYS T 129 12.89 58.00 23.26
C LYS T 129 13.79 59.13 22.73
N ILE T 130 13.85 59.32 21.41
CA ILE T 130 14.74 60.36 20.79
C ILE T 130 14.19 61.76 21.06
N THR T 131 12.89 61.93 21.30
CA THR T 131 12.28 63.26 21.56
C THR T 131 12.75 63.76 22.93
N LEU T 132 13.12 62.84 23.84
CA LEU T 132 13.77 63.22 25.13
C LEU T 132 15.06 64.01 24.83
N GLU T 133 15.80 63.65 23.78
CA GLU T 133 17.06 64.34 23.41
C GLU T 133 16.74 65.75 22.89
N LEU T 134 15.60 65.94 22.21
CA LEU T 134 15.16 67.30 21.78
C LEU T 134 14.90 68.18 23.01
N LEU T 135 14.37 67.60 24.09
CA LEU T 135 13.88 68.35 25.27
C LEU T 135 14.90 68.33 26.40
N ARG T 136 15.96 67.52 26.32
CA ARG T 136 16.94 67.30 27.42
C ARG T 136 17.47 68.65 27.88
N ASP T 137 17.34 68.95 29.19
CA ASP T 137 17.94 70.13 29.85
C ASP T 137 17.12 71.39 29.53
N ILE T 138 15.85 71.26 29.11
CA ILE T 138 14.97 72.43 28.80
C ILE T 138 14.72 73.20 30.11
N ASN T 139 14.81 72.50 31.25
CA ASN T 139 14.51 73.06 32.59
C ASN T 139 15.78 73.54 33.30
N LYS T 140 16.93 73.60 32.62
CA LYS T 140 18.25 73.97 33.23
C LYS T 140 18.74 75.29 32.63
N ASP T 141 17.81 76.23 32.38
CA ASP T 141 18.10 77.58 31.83
C ASP T 141 19.02 77.47 30.60
N THR T 142 18.71 76.58 29.66
CA THR T 142 19.52 76.34 28.42
C THR T 142 18.95 77.13 27.25
N ILE T 143 17.66 77.43 27.27
CA ILE T 143 16.93 78.14 26.17
C ILE T 143 16.03 79.20 26.82
N ASP T 144 15.77 80.30 26.12
CA ASP T 144 14.89 81.40 26.61
C ASP T 144 13.42 81.00 26.41
N PHE T 145 12.63 81.14 27.47
CA PHE T 145 11.14 81.08 27.40
C PHE T 145 10.59 82.46 27.01
N ILE T 146 9.37 82.47 26.49
CA ILE T 146 8.62 83.68 26.05
C ILE T 146 7.16 83.48 26.44
N ASP T 147 6.40 84.58 26.51
CA ASP T 147 4.95 84.54 26.81
C ASP T 147 4.24 83.86 25.64
N ASN T 148 3.22 83.04 25.92
CA ASN T 148 2.32 82.48 24.90
C ASN T 148 1.45 83.61 24.32
N TYR T 149 0.53 83.27 23.42
CA TYR T 149 -0.30 84.23 22.63
C TYR T 149 -1.14 85.15 23.53
N ASP T 150 -1.63 84.67 24.68
CA ASP T 150 -2.53 85.45 25.56
C ASP T 150 -1.80 85.92 26.82
N GLY T 151 -0.53 85.54 27.00
CA GLY T 151 0.30 85.97 28.15
C GLY T 151 -0.03 85.25 29.45
N ASN T 152 -0.85 84.19 29.41
CA ASN T 152 -1.21 83.37 30.60
C ASN T 152 -0.25 82.18 30.77
N GLU T 153 0.70 81.96 29.85
CA GLU T 153 1.60 80.77 29.86
C GLU T 153 2.99 81.15 29.33
N ARG T 154 3.99 80.36 29.70
CA ARG T 154 5.37 80.44 29.16
C ARG T 154 5.57 79.26 28.20
N GLU T 155 6.12 79.54 27.01
CA GLU T 155 6.49 78.50 26.03
C GLU T 155 7.96 78.71 25.64
N PRO T 156 8.68 77.65 25.25
CA PRO T 156 10.07 77.76 24.84
C PRO T 156 10.17 78.33 23.42
N SER T 157 11.01 79.36 23.24
CA SER T 157 11.35 79.99 21.93
C SER T 157 11.99 78.96 21.00
N VAL T 158 12.75 78.01 21.55
CA VAL T 158 13.47 76.96 20.79
C VAL T 158 13.73 75.79 21.74
N LEU T 159 13.90 74.56 21.24
CA LEU T 159 14.25 73.41 22.11
C LEU T 159 15.77 73.26 22.15
N PRO T 160 16.32 72.67 23.23
CA PRO T 160 17.74 72.36 23.32
C PRO T 160 18.27 71.60 22.09
N ALA T 161 17.50 70.64 21.58
CA ALA T 161 17.82 69.91 20.33
C ALA T 161 19.22 69.28 20.46
N ARG T 162 19.35 68.24 21.27
CA ARG T 162 20.67 67.63 21.57
C ARG T 162 21.12 66.72 20.41
N PHE T 163 20.27 66.52 19.39
CA PHE T 163 20.66 65.97 18.06
C PHE T 163 20.22 66.93 16.96
N PRO T 164 20.94 66.98 15.80
CA PRO T 164 20.67 67.95 14.72
C PRO T 164 19.43 67.63 13.87
N ASN T 165 18.27 68.10 14.35
CA ASN T 165 16.92 67.59 13.94
C ASN T 165 16.51 68.18 12.59
N LEU T 166 16.92 69.43 12.27
CA LEU T 166 16.54 70.10 11.00
C LEU T 166 16.93 69.20 9.83
N LEU T 167 18.19 68.77 9.78
CA LEU T 167 18.73 67.93 8.67
C LEU T 167 18.30 66.47 8.87
N ALA T 168 18.23 65.99 10.11
CA ALA T 168 17.94 64.58 10.42
C ALA T 168 16.56 64.21 9.87
N ASN T 169 15.54 64.97 10.26
CA ASN T 169 14.14 64.68 9.91
C ASN T 169 13.76 65.45 8.66
N GLY T 170 14.43 66.58 8.39
CA GLY T 170 14.11 67.43 7.23
C GLY T 170 12.93 68.32 7.55
N ALA T 171 12.34 68.94 6.53
CA ALA T 171 11.29 69.96 6.66
C ALA T 171 10.82 70.40 5.27
N SER T 172 9.51 70.49 5.07
CA SER T 172 8.88 71.12 3.87
C SER T 172 7.83 72.12 4.36
N GLY T 173 7.78 73.31 3.76
CA GLY T 173 6.90 74.40 4.20
C GLY T 173 6.68 75.43 3.09
N ILE T 174 5.43 75.67 2.73
CA ILE T 174 5.04 76.76 1.80
C ILE T 174 4.78 78.01 2.65
N ALA T 175 5.60 79.04 2.51
CA ALA T 175 5.47 80.32 3.24
C ALA T 175 4.81 81.35 2.32
N VAL T 176 5.18 82.63 2.43
CA VAL T 176 4.82 83.72 1.47
C VAL T 176 6.14 84.33 0.99
N GLY T 177 6.30 84.46 -0.34
CA GLY T 177 7.53 84.94 -0.99
C GLY T 177 8.61 83.86 -1.10
N MET T 178 8.47 82.75 -0.38
CA MET T 178 9.46 81.64 -0.33
C MET T 178 8.82 80.37 0.23
N ALA T 179 9.44 79.23 -0.05
CA ALA T 179 9.12 77.92 0.56
C ALA T 179 10.42 77.32 1.12
N THR T 180 10.32 76.20 1.82
CA THR T 180 11.47 75.37 2.26
C THR T 180 11.23 73.92 1.84
N ASN T 181 12.29 73.22 1.48
CA ASN T 181 12.28 71.78 1.18
C ASN T 181 13.66 71.22 1.54
N ILE T 182 13.76 70.58 2.71
CA ILE T 182 15.03 70.03 3.24
C ILE T 182 14.83 68.53 3.40
N PRO T 183 15.66 67.69 2.75
CA PRO T 183 15.48 66.24 2.81
C PRO T 183 16.01 65.73 4.13
N PRO T 184 15.50 64.59 4.63
CA PRO T 184 16.04 63.95 5.83
C PRO T 184 17.43 63.35 5.55
N HIS T 185 18.18 63.10 6.64
CA HIS T 185 19.60 62.65 6.60
C HIS T 185 19.81 61.48 7.57
N ASN T 186 20.93 60.78 7.41
CA ASN T 186 21.31 59.70 8.36
C ASN T 186 21.94 60.37 9.59
N LEU T 187 21.47 60.03 10.79
CA LEU T 187 21.87 60.71 12.05
C LEU T 187 23.36 60.43 12.31
N THR T 188 23.80 59.19 12.10
CA THR T 188 25.23 58.78 12.23
C THR T 188 26.09 59.70 11.35
N GLU T 189 25.75 59.80 10.07
CA GLU T 189 26.51 60.62 9.09
C GLU T 189 26.52 62.07 9.58
N LEU T 190 25.36 62.61 10.00
CA LEU T 190 25.22 64.01 10.46
C LEU T 190 26.18 64.26 11.61
N ILE T 191 26.15 63.41 12.63
CA ILE T 191 26.90 63.62 13.90
C ILE T 191 28.39 63.54 13.59
N ASN T 192 28.82 62.60 12.74
CA ASN T 192 30.22 62.53 12.25
C ASN T 192 30.57 63.85 11.53
N GLY T 193 29.65 64.39 10.73
CA GLY T 193 29.80 65.70 10.08
C GLY T 193 30.06 66.80 11.11
N VAL T 194 29.25 66.86 12.16
CA VAL T 194 29.33 67.92 13.20
C VAL T 194 30.66 67.78 13.95
N LEU T 195 31.06 66.54 14.29
CA LEU T 195 32.33 66.24 14.98
C LEU T 195 33.51 66.75 14.11
N SER T 196 33.49 66.44 12.82
CA SER T 196 34.49 66.89 11.82
C SER T 196 34.58 68.41 11.85
N LEU T 197 33.44 69.10 11.69
CA LEU T 197 33.32 70.58 11.75
C LEU T 197 33.87 71.10 13.09
N SER T 198 33.56 70.44 14.21
CA SER T 198 33.93 70.91 15.59
C SER T 198 35.45 70.81 15.80
N LYS T 199 36.14 70.04 14.97
CA LYS T 199 37.63 69.90 14.99
C LYS T 199 38.28 70.84 13.97
N ASN T 200 37.55 71.30 12.95
CA ASN T 200 38.10 72.09 11.81
C ASN T 200 37.06 73.10 11.36
N PRO T 201 37.01 74.29 11.98
CA PRO T 201 36.05 75.34 11.60
C PRO T 201 36.07 75.70 10.11
N ASP T 202 37.21 75.49 9.44
CA ASP T 202 37.48 75.94 8.04
C ASP T 202 37.21 74.80 7.06
N ILE T 203 36.58 73.71 7.51
CA ILE T 203 36.28 72.48 6.70
C ILE T 203 35.47 72.87 5.45
N SER T 204 35.77 72.22 4.31
CA SER T 204 35.07 72.38 3.01
C SER T 204 33.81 71.52 2.98
N ILE T 205 32.83 71.92 2.16
CA ILE T 205 31.61 71.10 1.90
C ILE T 205 32.07 69.71 1.41
N ALA T 206 33.05 69.67 0.52
CA ALA T 206 33.62 68.44 -0.07
C ALA T 206 34.07 67.47 1.03
N GLU T 207 34.77 67.98 2.07
N GLU T 207 34.77 67.98 2.07
CA GLU T 207 35.29 67.17 3.20
CA GLU T 207 35.29 67.17 3.20
C GLU T 207 34.12 66.70 4.07
C GLU T 207 34.12 66.70 4.07
N LEU T 208 33.15 67.60 4.31
CA LEU T 208 31.92 67.27 5.06
C LEU T 208 31.19 66.13 4.38
N MET T 209 31.24 66.04 3.04
CA MET T 209 30.48 65.04 2.26
C MET T 209 31.14 63.66 2.33
N GLU T 210 32.36 63.55 2.86
CA GLU T 210 32.97 62.23 3.22
C GLU T 210 32.25 61.64 4.44
N ASP T 211 31.62 62.47 5.28
CA ASP T 211 30.78 62.01 6.42
C ASP T 211 29.32 61.91 5.95
N ILE T 212 28.82 62.97 5.32
CA ILE T 212 27.39 63.11 4.91
C ILE T 212 27.31 62.80 3.41
N GLU T 213 27.15 61.52 3.05
CA GLU T 213 27.11 61.03 1.64
C GLU T 213 26.05 61.79 0.83
N GLY T 214 24.88 62.01 1.45
CA GLY T 214 23.69 62.61 0.83
C GLY T 214 22.46 62.42 1.72
N PRO T 215 21.25 62.77 1.24
CA PRO T 215 20.03 62.50 1.98
C PRO T 215 19.89 61.01 2.26
N ASP T 216 19.15 60.68 3.31
CA ASP T 216 18.73 59.31 3.68
C ASP T 216 17.24 59.35 4.01
N PHE T 217 16.39 58.99 3.04
CA PHE T 217 14.91 59.02 3.18
C PHE T 217 14.45 57.85 4.05
N PRO T 218 13.37 58.02 4.84
CA PRO T 218 12.84 56.92 5.64
C PRO T 218 12.36 55.76 4.75
N THR T 219 11.86 56.07 3.56
CA THR T 219 11.28 55.11 2.59
C THR T 219 12.37 54.38 1.81
N ALA T 220 13.64 54.71 2.03
CA ALA T 220 14.83 54.12 1.37
C ALA T 220 14.83 54.52 -0.12
N GLY T 221 14.88 53.54 -1.03
CA GLY T 221 14.95 53.78 -2.49
C GLY T 221 16.38 54.13 -2.90
N LEU T 222 16.52 54.79 -4.05
CA LEU T 222 17.81 55.09 -4.71
C LEU T 222 17.87 56.58 -5.06
N ILE T 223 19.07 57.15 -5.02
CA ILE T 223 19.38 58.50 -5.56
C ILE T 223 20.35 58.31 -6.72
N LEU T 224 20.04 58.89 -7.87
CA LEU T 224 20.86 58.83 -9.11
C LEU T 224 21.90 59.94 -9.04
N GLY T 225 23.15 59.59 -8.67
CA GLY T 225 24.32 60.45 -8.82
C GLY T 225 24.52 61.42 -7.67
N LYS T 226 25.66 62.10 -7.67
CA LYS T 226 26.10 63.00 -6.59
C LYS T 226 25.98 64.46 -7.06
N SER T 227 25.63 64.71 -8.33
CA SER T 227 25.61 66.09 -8.93
C SER T 227 24.59 66.96 -8.20
N GLY T 228 23.33 66.53 -8.18
CA GLY T 228 22.25 67.24 -7.49
C GLY T 228 22.56 67.45 -6.02
N ILE T 229 22.98 66.38 -5.33
CA ILE T 229 23.29 66.40 -3.87
C ILE T 229 24.34 67.49 -3.62
N ARG T 230 25.42 67.48 -4.42
CA ARG T 230 26.58 68.39 -4.27
C ARG T 230 26.10 69.84 -4.43
N ARG T 231 25.34 70.12 -5.49
CA ARG T 231 24.80 71.46 -5.82
C ARG T 231 23.94 71.96 -4.67
N ALA T 232 23.13 71.08 -4.09
CA ALA T 232 22.19 71.39 -2.99
C ALA T 232 22.98 71.72 -1.71
N TYR T 233 24.05 70.98 -1.42
CA TYR T 233 24.89 71.16 -0.22
C TYR T 233 25.82 72.37 -0.41
N GLU T 234 26.14 72.72 -1.65
CA GLU T 234 27.03 73.87 -1.99
C GLU T 234 26.25 75.17 -1.80
N THR T 235 25.02 75.23 -2.33
CA THR T 235 24.28 76.48 -2.62
C THR T 235 22.95 76.56 -1.86
N GLY T 236 22.43 75.43 -1.38
CA GLY T 236 21.11 75.37 -0.70
C GLY T 236 20.00 75.04 -1.67
N ARG T 237 20.30 75.02 -2.97
CA ARG T 237 19.35 74.65 -4.02
C ARG T 237 19.97 73.63 -4.97
N GLY T 238 19.20 72.61 -5.30
CA GLY T 238 19.61 71.51 -6.19
C GLY T 238 18.45 70.56 -6.38
N SER T 239 18.38 69.91 -7.55
CA SER T 239 17.41 68.83 -7.79
C SER T 239 18.13 67.49 -7.57
N ILE T 240 17.51 66.60 -6.79
CA ILE T 240 18.01 65.25 -6.45
C ILE T 240 17.02 64.25 -7.06
N GLN T 241 17.49 63.36 -7.94
CA GLN T 241 16.63 62.37 -8.64
C GLN T 241 16.49 61.14 -7.75
N MET T 242 15.28 60.87 -7.24
CA MET T 242 14.96 59.66 -6.43
C MET T 242 14.38 58.60 -7.37
N ARG T 243 14.65 57.32 -7.07
CA ARG T 243 14.15 56.22 -7.92
C ARG T 243 13.72 55.04 -7.04
N SER T 244 12.53 54.47 -7.32
CA SER T 244 12.02 53.20 -6.73
C SER T 244 13.07 52.11 -6.86
N ARG T 245 13.18 51.24 -5.85
CA ARG T 245 13.99 50.00 -5.93
C ARG T 245 13.14 48.95 -6.63
N ALA T 246 13.46 48.66 -7.89
CA ALA T 246 12.72 47.70 -8.75
C ALA T 246 13.70 46.68 -9.31
N VAL T 247 13.25 45.42 -9.43
CA VAL T 247 14.01 44.33 -10.10
C VAL T 247 13.09 43.66 -11.12
N ILE T 248 13.70 42.96 -12.07
CA ILE T 248 13.01 42.09 -13.07
C ILE T 248 13.27 40.64 -12.67
N GLU T 249 12.24 39.81 -12.60
CA GLU T 249 12.38 38.39 -12.18
C GLU T 249 11.44 37.50 -13.02
N GLU T 250 11.87 36.26 -13.28
CA GLU T 250 11.07 35.14 -13.88
C GLU T 250 9.82 34.90 -13.00
N ARG T 251 8.65 34.70 -13.61
CA ARG T 251 7.38 34.42 -12.89
C ARG T 251 6.85 33.04 -13.30
N GLY T 252 7.64 32.30 -14.09
CA GLY T 252 7.30 30.97 -14.61
C GLY T 252 6.71 31.04 -16.01
N GLY T 253 6.88 29.96 -16.79
CA GLY T 253 6.44 29.87 -18.19
C GLY T 253 7.26 30.76 -19.09
N GLY T 254 8.49 31.13 -18.67
CA GLY T 254 9.37 32.02 -19.44
C GLY T 254 8.87 33.46 -19.45
N ARG T 255 7.79 33.77 -18.74
CA ARG T 255 7.24 35.15 -18.63
C ARG T 255 7.89 35.83 -17.42
N GLN T 256 8.19 37.13 -17.54
CA GLN T 256 8.87 37.93 -16.49
C GLN T 256 7.86 38.83 -15.75
N ARG T 257 8.35 39.58 -14.75
CA ARG T 257 7.61 40.66 -14.07
C ARG T 257 8.60 41.64 -13.40
N ILE T 258 8.15 42.88 -13.22
CA ILE T 258 8.86 43.98 -12.51
C ILE T 258 8.31 43.99 -11.08
N VAL T 259 9.18 43.92 -10.07
CA VAL T 259 8.77 43.98 -8.64
C VAL T 259 9.39 45.24 -8.03
N VAL T 260 8.55 46.10 -7.47
CA VAL T 260 8.94 47.38 -6.79
C VAL T 260 8.75 47.18 -5.28
N THR T 261 9.83 47.36 -4.50
CA THR T 261 9.85 47.09 -3.04
C THR T 261 10.07 48.38 -2.24
N GLU T 262 10.60 49.44 -2.85
CA GLU T 262 10.82 50.77 -2.21
C GLU T 262 10.35 51.83 -3.20
N ILE T 263 9.61 52.84 -2.75
CA ILE T 263 9.18 53.98 -3.61
C ILE T 263 9.87 55.27 -3.16
N PRO T 264 9.89 56.31 -4.02
CA PRO T 264 10.52 57.57 -3.67
C PRO T 264 9.76 58.26 -2.52
N PHE T 265 10.49 59.11 -1.81
CA PHE T 265 10.03 59.85 -0.60
C PHE T 265 8.82 60.72 -0.95
N GLN T 266 7.81 60.69 -0.07
CA GLN T 266 6.58 61.53 -0.15
C GLN T 266 5.77 61.20 -1.40
N VAL T 267 6.06 60.09 -2.10
CA VAL T 267 5.21 59.60 -3.24
C VAL T 267 4.11 58.69 -2.67
N ASN T 268 2.88 58.94 -3.10
CA ASN T 268 1.66 58.22 -2.64
C ASN T 268 1.55 56.89 -3.39
N LYS T 269 1.66 55.75 -2.68
CA LYS T 269 1.69 54.42 -3.34
C LYS T 269 0.41 54.24 -4.16
N ALA T 270 -0.76 54.45 -3.53
CA ALA T 270 -2.08 54.21 -4.16
C ALA T 270 -2.19 55.03 -5.45
N ARG T 271 -1.82 56.31 -5.38
CA ARG T 271 -1.89 57.28 -6.50
C ARG T 271 -0.92 56.84 -7.62
N MET T 272 0.31 56.46 -7.25
CA MET T 272 1.36 56.03 -8.21
C MET T 272 0.88 54.81 -9.01
N ILE T 273 0.24 53.83 -8.37
CA ILE T 273 -0.32 52.63 -9.03
C ILE T 273 -1.42 53.05 -10.01
N GLU T 274 -2.30 53.97 -9.58
CA GLU T 274 -3.43 54.47 -10.41
C GLU T 274 -2.86 55.14 -11.68
N LYS T 275 -1.77 55.92 -11.57
CA LYS T 275 -1.11 56.54 -12.76
C LYS T 275 -0.67 55.42 -13.74
N ILE T 276 -0.13 54.30 -13.24
CA ILE T 276 0.39 53.18 -14.07
C ILE T 276 -0.80 52.50 -14.74
N ALA T 277 -1.86 52.20 -13.98
CA ALA T 277 -3.10 51.56 -14.50
C ALA T 277 -3.69 52.45 -15.60
N GLU T 278 -3.64 53.77 -15.38
CA GLU T 278 -4.21 54.79 -16.30
C GLU T 278 -3.39 54.84 -17.59
N LEU T 279 -2.06 54.72 -17.53
CA LEU T 279 -1.20 54.65 -18.73
C LEU T 279 -1.55 53.41 -19.56
N VAL T 280 -1.80 52.28 -18.87
CA VAL T 280 -2.16 50.99 -19.52
C VAL T 280 -3.57 51.10 -20.12
N ARG T 281 -4.57 51.54 -19.32
CA ARG T 281 -5.97 51.79 -19.77
C ARG T 281 -5.94 52.62 -21.07
N ASP T 282 -5.10 53.67 -21.13
CA ASP T 282 -5.06 54.67 -22.23
C ASP T 282 -4.02 54.26 -23.28
N LYS T 283 -3.61 52.99 -23.31
CA LYS T 283 -2.59 52.41 -24.24
C LYS T 283 -1.42 53.38 -24.48
N LYS T 284 -0.93 54.10 -23.45
CA LYS T 284 0.18 55.09 -23.55
C LYS T 284 1.52 54.44 -23.17
N ILE T 285 1.50 53.18 -22.70
CA ILE T 285 2.71 52.34 -22.41
C ILE T 285 2.37 50.88 -22.78
N ASP T 286 3.27 50.20 -23.48
CA ASP T 286 3.00 48.90 -24.15
C ASP T 286 3.76 47.78 -23.40
N GLY T 287 3.09 46.66 -23.08
CA GLY T 287 3.72 45.42 -22.59
C GLY T 287 3.25 44.97 -21.21
N ILE T 288 2.40 45.74 -20.53
CA ILE T 288 1.99 45.44 -19.13
C ILE T 288 0.66 44.68 -19.12
N THR T 289 0.66 43.44 -18.63
CA THR T 289 -0.47 42.48 -18.69
C THR T 289 -1.24 42.44 -17.36
N ASP T 290 -0.62 42.87 -16.27
CA ASP T 290 -1.29 42.95 -14.94
C ASP T 290 -0.50 43.91 -14.03
N LEU T 291 -1.17 44.40 -13.00
CA LEU T 291 -0.64 45.35 -12.00
C LEU T 291 -1.32 45.07 -10.67
N ARG T 292 -0.58 44.54 -9.69
CA ARG T 292 -1.11 44.20 -8.34
C ARG T 292 -0.25 44.89 -7.28
N ASP T 293 -0.88 45.28 -6.17
CA ASP T 293 -0.19 45.78 -4.96
C ASP T 293 -0.24 44.68 -3.90
N GLU T 294 0.80 43.84 -3.86
CA GLU T 294 0.93 42.70 -2.91
C GLU T 294 1.59 43.20 -1.61
N THR T 295 1.58 44.50 -1.36
CA THR T 295 2.09 45.06 -0.08
C THR T 295 1.31 44.40 1.07
N SER T 296 2.01 44.13 2.17
CA SER T 296 1.46 43.82 3.51
C SER T 296 2.47 44.28 4.56
N LEU T 297 2.06 44.49 5.80
CA LEU T 297 3.01 44.94 6.86
C LEU T 297 4.04 43.82 7.14
N ARG T 298 3.64 42.57 6.94
CA ARG T 298 4.54 41.38 7.10
C ARG T 298 5.55 41.32 5.94
N THR T 299 5.10 41.39 4.69
CA THR T 299 5.92 41.28 3.44
C THR T 299 6.72 42.56 3.16
N GLY T 300 6.27 43.72 3.62
CA GLY T 300 6.76 45.04 3.23
C GLY T 300 6.14 45.48 1.91
N VAL T 301 6.65 46.56 1.33
CA VAL T 301 6.13 47.14 0.05
C VAL T 301 6.44 46.17 -1.08
N ARG T 302 5.45 45.85 -1.90
CA ARG T 302 5.60 44.88 -3.02
C ARG T 302 4.53 45.17 -4.07
N VAL T 303 4.92 45.94 -5.09
CA VAL T 303 4.05 46.28 -6.25
C VAL T 303 4.56 45.45 -7.43
N VAL T 304 3.69 44.59 -7.97
CA VAL T 304 4.05 43.62 -9.05
C VAL T 304 3.43 44.10 -10.37
N ILE T 305 4.25 44.14 -11.42
CA ILE T 305 3.85 44.53 -12.81
C ILE T 305 4.21 43.37 -13.73
N ASP T 306 3.22 42.60 -14.19
CA ASP T 306 3.40 41.44 -15.08
C ASP T 306 3.64 41.94 -16.51
N VAL T 307 4.62 41.36 -17.21
CA VAL T 307 5.07 41.76 -18.58
C VAL T 307 4.69 40.66 -19.57
N ARG T 308 4.10 41.03 -20.72
CA ARG T 308 3.69 40.12 -21.84
C ARG T 308 4.87 39.24 -22.28
N LYS T 309 4.58 38.00 -22.68
CA LYS T 309 5.60 36.95 -22.97
C LYS T 309 6.58 37.48 -24.05
N ASP T 310 7.84 37.35 -23.72
CA ASP T 310 9.00 37.54 -24.64
C ASP T 310 9.44 39.00 -24.63
N ALA T 311 8.54 39.93 -24.33
CA ALA T 311 8.71 41.38 -24.60
C ALA T 311 9.46 42.05 -23.43
N ASN T 312 10.30 43.05 -23.73
CA ASN T 312 11.51 43.41 -22.95
C ASN T 312 11.11 44.17 -21.69
N ALA T 313 11.41 43.61 -20.51
CA ALA T 313 10.99 44.15 -19.20
C ALA T 313 11.83 45.38 -18.83
N SER T 314 13.11 45.44 -19.23
CA SER T 314 14.02 46.57 -18.91
C SER T 314 13.53 47.83 -19.61
N VAL T 315 13.02 47.69 -20.84
CA VAL T 315 12.48 48.81 -21.66
C VAL T 315 11.20 49.31 -20.98
N ILE T 316 10.32 48.41 -20.56
CA ILE T 316 9.06 48.77 -19.86
C ILE T 316 9.42 49.52 -18.55
N LEU T 317 10.44 49.07 -17.83
CA LEU T 317 10.85 49.72 -16.56
C LEU T 317 11.37 51.13 -16.87
N ASN T 318 12.20 51.31 -17.90
CA ASN T 318 12.74 52.67 -18.25
C ASN T 318 11.59 53.58 -18.63
N ASN T 319 10.58 53.06 -19.36
CA ASN T 319 9.39 53.85 -19.75
C ASN T 319 8.63 54.26 -18.49
N LEU T 320 8.44 53.34 -17.54
CA LEU T 320 7.71 53.62 -16.28
C LEU T 320 8.40 54.75 -15.53
N TYR T 321 9.73 54.78 -15.51
CA TYR T 321 10.51 55.84 -14.81
C TYR T 321 10.19 57.19 -15.49
N LYS T 322 10.21 57.23 -16.82
CA LYS T 322 10.00 58.47 -17.61
C LYS T 322 8.56 58.96 -17.41
N GLN T 323 7.59 58.06 -17.26
CA GLN T 323 6.16 58.38 -17.41
C GLN T 323 5.41 58.37 -16.08
N THR T 324 6.01 57.94 -14.96
CA THR T 324 5.30 57.87 -13.64
C THR T 324 6.16 58.40 -12.51
N PRO T 325 5.57 58.60 -11.30
CA PRO T 325 6.32 58.95 -10.10
C PRO T 325 7.24 57.85 -9.56
N LEU T 326 7.32 56.70 -10.24
CA LEU T 326 8.28 55.61 -9.92
C LEU T 326 9.72 56.18 -9.85
N GLN T 327 9.99 57.23 -10.63
CA GLN T 327 11.13 58.16 -10.47
C GLN T 327 10.54 59.55 -10.24
N THR T 328 11.00 60.24 -9.20
CA THR T 328 10.56 61.60 -8.79
C THR T 328 11.80 62.40 -8.43
N SER T 329 11.76 63.72 -8.65
CA SER T 329 12.82 64.67 -8.23
C SER T 329 12.48 65.18 -6.82
N PHE T 330 13.47 65.35 -5.94
CA PHE T 330 13.33 66.08 -4.65
C PHE T 330 14.00 67.44 -4.82
N GLY T 331 13.20 68.52 -4.87
CA GLY T 331 13.69 69.88 -5.13
C GLY T 331 14.18 70.54 -3.86
N VAL T 332 15.48 70.40 -3.57
CA VAL T 332 16.10 70.96 -2.33
C VAL T 332 16.06 72.50 -2.40
N ASN T 333 15.56 73.11 -1.33
CA ASN T 333 15.43 74.59 -1.18
C ASN T 333 15.62 74.87 0.31
N MET T 334 16.88 74.96 0.76
CA MET T 334 17.23 74.89 2.19
C MET T 334 17.09 76.27 2.83
N ILE T 335 15.84 76.66 3.11
CA ILE T 335 15.49 77.94 3.78
C ILE T 335 14.98 77.63 5.18
N ALA T 336 15.64 78.18 6.18
CA ALA T 336 15.25 78.13 7.61
C ALA T 336 15.45 79.52 8.24
N LEU T 337 14.92 79.69 9.46
CA LEU T 337 15.04 80.94 10.25
C LEU T 337 16.38 80.94 11.01
N VAL T 338 17.18 81.96 10.78
CA VAL T 338 18.48 82.23 11.46
C VAL T 338 18.38 83.62 12.10
N ASN T 339 18.54 83.72 13.43
CA ASN T 339 18.29 84.96 14.21
C ASN T 339 16.94 85.54 13.77
N GLY T 340 15.91 84.68 13.68
CA GLY T 340 14.52 85.07 13.42
C GLY T 340 14.23 85.50 11.98
N ARG T 341 15.18 85.36 11.05
CA ARG T 341 15.01 85.78 9.63
C ARG T 341 15.24 84.59 8.70
N PRO T 342 14.48 84.48 7.59
CA PRO T 342 14.66 83.37 6.66
C PRO T 342 15.97 83.58 5.89
N LYS T 343 16.82 82.54 5.86
N LYS T 343 16.82 82.54 5.85
CA LYS T 343 18.09 82.53 5.09
CA LYS T 343 18.09 82.53 5.09
C LYS T 343 18.16 81.25 4.26
C LYS T 343 18.16 81.25 4.26
N LEU T 344 18.54 81.36 2.98
CA LEU T 344 18.96 80.19 2.15
C LEU T 344 20.35 79.79 2.66
N ILE T 345 20.50 78.56 3.14
CA ILE T 345 21.75 78.11 3.82
C ILE T 345 22.28 76.88 3.08
N ASN T 346 23.60 76.75 3.03
CA ASN T 346 24.29 75.54 2.50
C ASN T 346 24.41 74.55 3.66
N LEU T 347 24.88 73.34 3.36
CA LEU T 347 25.06 72.27 4.38
C LEU T 347 25.89 72.81 5.54
N LYS T 348 27.00 73.51 5.26
CA LYS T 348 27.95 73.95 6.33
C LYS T 348 27.27 75.00 7.24
N GLU T 349 26.55 75.98 6.70
CA GLU T 349 25.87 77.00 7.55
C GLU T 349 24.93 76.31 8.53
N ALA T 350 24.12 75.36 8.03
CA ALA T 350 23.14 74.60 8.82
C ALA T 350 23.83 73.89 9.99
N LEU T 351 24.99 73.26 9.73
CA LEU T 351 25.77 72.50 10.76
C LEU T 351 26.43 73.46 11.73
N VAL T 352 26.96 74.58 11.22
CA VAL T 352 27.64 75.63 12.04
C VAL T 352 26.60 76.24 12.99
N HIS T 353 25.43 76.65 12.51
CA HIS T 353 24.36 77.24 13.35
C HIS T 353 23.95 76.23 14.43
N TYR T 354 23.93 74.93 14.09
CA TYR T 354 23.53 73.86 15.03
C TYR T 354 24.60 73.70 16.11
N LEU T 355 25.86 73.54 15.71
CA LEU T 355 27.00 73.36 16.64
C LEU T 355 27.04 74.57 17.59
N GLU T 356 26.81 75.78 17.07
N GLU T 356 26.81 75.78 17.07
CA GLU T 356 26.84 77.03 17.87
CA GLU T 356 26.84 77.03 17.87
C GLU T 356 25.71 76.98 18.91
C GLU T 356 25.71 76.98 18.91
N HIS T 357 24.54 76.46 18.53
CA HIS T 357 23.38 76.29 19.43
C HIS T 357 23.76 75.34 20.57
N GLN T 358 24.51 74.27 20.26
CA GLN T 358 24.91 73.24 21.25
C GLN T 358 25.90 73.85 22.24
N LYS T 359 26.90 74.58 21.74
CA LYS T 359 27.91 75.25 22.59
C LYS T 359 27.16 76.13 23.59
N THR T 360 26.15 76.88 23.13
CA THR T 360 25.33 77.79 23.96
C THR T 360 24.58 76.99 25.03
N VAL T 361 23.87 75.94 24.60
CA VAL T 361 23.02 75.10 25.49
C VAL T 361 23.90 74.47 26.57
N VAL T 362 25.05 73.90 26.21
CA VAL T 362 25.92 73.18 27.20
C VAL T 362 26.57 74.21 28.12
N ARG T 363 27.02 75.36 27.61
CA ARG T 363 27.60 76.43 28.46
C ARG T 363 26.54 76.85 29.50
N ARG T 364 25.34 77.23 29.04
CA ARG T 364 24.24 77.70 29.92
C ARG T 364 23.86 76.62 30.93
N ARG T 365 23.76 75.37 30.48
CA ARG T 365 23.43 74.24 31.38
C ARG T 365 24.47 74.20 32.50
N THR T 366 25.74 74.31 32.14
CA THR T 366 26.90 74.20 33.07
C THR T 366 26.85 75.38 34.05
N GLN T 367 26.61 76.58 33.55
CA GLN T 367 26.47 77.81 34.38
C GLN T 367 25.34 77.58 35.40
N TYR T 368 24.21 77.01 34.94
CA TYR T 368 23.03 76.73 35.79
C TYR T 368 23.37 75.66 36.84
N ASN T 369 23.99 74.57 36.42
CA ASN T 369 24.35 73.44 37.32
C ASN T 369 25.29 73.95 38.41
N LEU T 370 26.24 74.82 38.04
CA LEU T 370 27.21 75.46 38.97
C LEU T 370 26.46 76.34 39.97
N ARG T 371 25.59 77.22 39.49
CA ARG T 371 24.71 78.07 40.33
C ARG T 371 24.02 77.20 41.39
N LYS T 372 23.29 76.16 40.95
CA LYS T 372 22.46 75.30 41.83
C LYS T 372 23.38 74.55 42.82
N ALA T 373 24.50 74.02 42.35
CA ALA T 373 25.47 73.22 43.15
C ALA T 373 26.06 74.09 44.25
N LYS T 374 26.43 75.33 43.92
CA LYS T 374 27.05 76.29 44.89
C LYS T 374 26.02 76.64 45.96
N ASP T 375 24.81 77.06 45.56
CA ASP T 375 23.68 77.32 46.48
C ASP T 375 23.52 76.15 47.46
N ARG T 376 23.58 74.92 46.94
CA ARG T 376 23.34 73.67 47.70
C ARG T 376 24.51 73.40 48.65
N ALA T 377 25.74 73.60 48.15
CA ALA T 377 26.98 73.42 48.93
C ALA T 377 26.97 74.36 50.14
N HIS T 378 26.57 75.62 49.90
CA HIS T 378 26.39 76.66 50.95
C HIS T 378 25.41 76.16 52.01
N ILE T 379 24.26 75.60 51.60
CA ILE T 379 23.24 75.11 52.56
C ILE T 379 23.83 73.95 53.37
N LEU T 380 24.52 73.02 52.71
CA LEU T 380 25.12 71.81 53.36
C LEU T 380 26.16 72.24 54.40
N GLU T 381 26.91 73.31 54.12
CA GLU T 381 27.91 73.89 55.07
C GLU T 381 27.18 74.31 56.35
N GLY T 382 26.03 74.98 56.21
CA GLY T 382 25.15 75.39 57.32
C GLY T 382 24.63 74.18 58.11
N LEU T 383 24.12 73.15 57.42
CA LEU T 383 23.56 71.94 58.08
C LEU T 383 24.66 71.21 58.85
N ARG T 384 25.89 71.17 58.29
CA ARG T 384 27.05 70.49 58.94
C ARG T 384 27.35 71.18 60.28
N ILE T 385 27.53 72.50 60.26
CA ILE T 385 27.69 73.37 61.46
C ILE T 385 26.55 73.07 62.45
N ALA T 386 25.31 73.00 61.98
CA ALA T 386 24.13 72.82 62.87
C ALA T 386 24.16 71.43 63.52
N LEU T 387 24.48 70.39 62.76
CA LEU T 387 24.52 68.98 63.27
C LEU T 387 25.70 68.83 64.24
N ASP T 388 26.82 69.51 63.97
CA ASP T 388 28.08 69.44 64.77
C ASP T 388 27.90 70.15 66.12
N HIS T 389 26.99 71.13 66.23
CA HIS T 389 26.71 71.85 67.50
C HIS T 389 25.20 71.78 67.81
N ILE T 390 24.57 70.64 67.59
CA ILE T 390 23.07 70.54 67.55
C ILE T 390 22.48 70.95 68.90
N ASP T 391 23.12 70.59 70.02
CA ASP T 391 22.59 70.86 71.38
C ASP T 391 22.49 72.38 71.57
N GLU T 392 23.50 73.13 71.15
CA GLU T 392 23.54 74.62 71.25
C GLU T 392 22.48 75.23 70.33
N ILE T 393 22.38 74.72 69.09
CA ILE T 393 21.41 75.21 68.06
C ILE T 393 19.98 75.14 68.64
N ILE T 394 19.62 74.01 69.25
CA ILE T 394 18.26 73.77 69.80
C ILE T 394 17.97 74.83 70.87
N SER T 395 18.87 74.99 71.84
CA SER T 395 18.74 75.96 72.97
C SER T 395 18.54 77.37 72.41
N THR T 396 19.39 77.80 71.46
CA THR T 396 19.28 79.10 70.73
C THR T 396 17.87 79.29 70.19
N ILE T 397 17.30 78.26 69.55
CA ILE T 397 15.96 78.31 68.87
C ILE T 397 14.87 78.31 69.95
N ARG T 398 15.08 77.58 71.04
CA ARG T 398 14.07 77.37 72.12
C ARG T 398 13.90 78.66 72.92
N GLU T 399 15.01 79.33 73.25
CA GLU T 399 15.01 80.62 73.99
C GLU T 399 14.50 81.74 73.07
N SER T 400 14.42 81.52 71.75
CA SER T 400 13.89 82.50 70.75
C SER T 400 12.37 82.47 70.78
N ASP T 401 11.72 83.65 70.84
CA ASP T 401 10.25 83.80 71.00
C ASP T 401 9.59 83.60 69.65
N THR T 402 10.15 84.22 68.60
CA THR T 402 9.66 84.16 67.20
C THR T 402 10.74 83.54 66.29
N ASP T 403 10.34 83.19 65.06
CA ASP T 403 11.26 82.69 64.00
C ASP T 403 12.27 83.79 63.66
N LYS T 404 11.82 85.06 63.62
CA LYS T 404 12.66 86.24 63.25
C LYS T 404 13.83 86.36 64.24
N VAL T 405 13.55 86.21 65.54
CA VAL T 405 14.57 86.31 66.63
C VAL T 405 15.56 85.15 66.48
N ALA T 406 15.05 83.93 66.29
CA ALA T 406 15.86 82.69 66.11
C ALA T 406 16.82 82.85 64.92
N MET T 407 16.34 83.39 63.80
CA MET T 407 17.14 83.68 62.58
C MET T 407 18.32 84.58 62.94
N GLU T 408 18.06 85.67 63.68
CA GLU T 408 19.09 86.67 64.05
C GLU T 408 20.12 86.03 64.99
N SER T 409 19.63 85.33 66.01
CA SER T 409 20.46 84.63 67.04
C SER T 409 21.38 83.59 66.39
N LEU T 410 20.86 82.80 65.44
CA LEU T 410 21.63 81.74 64.74
C LEU T 410 22.73 82.37 63.89
N GLN T 411 22.39 83.45 63.18
CA GLN T 411 23.33 84.17 62.29
C GLN T 411 24.49 84.76 63.12
N GLN T 412 24.15 85.41 64.24
CA GLN T 412 25.12 86.11 65.13
C GLN T 412 26.00 85.07 65.83
N ARG T 413 25.38 84.05 66.45
CA ARG T 413 26.08 83.08 67.34
C ARG T 413 27.00 82.15 66.52
N PHE T 414 26.63 81.79 65.27
CA PHE T 414 27.31 80.70 64.51
C PHE T 414 27.86 81.20 63.18
N LYS T 415 27.82 82.51 62.94
CA LYS T 415 28.41 83.15 61.73
C LYS T 415 27.77 82.52 60.48
N LEU T 416 26.44 82.36 60.48
CA LEU T 416 25.64 81.75 59.37
C LEU T 416 25.03 82.87 58.51
N SER T 417 24.82 82.59 57.22
CA SER T 417 24.02 83.44 56.29
C SER T 417 22.53 83.31 56.64
N GLU T 418 21.71 84.22 56.10
CA GLU T 418 20.23 84.17 56.24
C GLU T 418 19.71 82.89 55.58
N LYS T 419 20.24 82.54 54.41
CA LYS T 419 19.87 81.32 53.63
C LYS T 419 20.18 80.07 54.47
N GLN T 420 21.31 80.03 55.19
CA GLN T 420 21.72 78.86 56.01
C GLN T 420 20.85 78.77 57.26
N ALA T 421 20.53 79.89 57.89
CA ALA T 421 19.72 79.93 59.14
C ALA T 421 18.31 79.47 58.80
N GLN T 422 17.78 79.89 57.66
CA GLN T 422 16.43 79.51 57.18
C GLN T 422 16.40 77.99 57.01
N ALA T 423 17.44 77.44 56.37
CA ALA T 423 17.60 76.00 56.07
C ALA T 423 17.61 75.18 57.37
N ILE T 424 18.25 75.70 58.42
CA ILE T 424 18.41 74.99 59.74
C ILE T 424 17.06 75.03 60.47
N LEU T 425 16.32 76.14 60.39
CA LEU T 425 14.98 76.25 61.02
C LEU T 425 14.01 75.31 60.30
N ASP T 426 14.25 75.04 59.02
CA ASP T 426 13.36 74.18 58.17
C ASP T 426 13.77 72.70 58.29
N MET T 427 14.95 72.41 58.85
CA MET T 427 15.46 71.03 59.05
C MET T 427 14.50 70.28 59.97
N ARG T 428 14.18 69.03 59.63
CA ARG T 428 13.30 68.14 60.42
C ARG T 428 14.13 67.38 61.47
N LEU T 429 13.49 66.96 62.56
CA LEU T 429 14.12 66.21 63.67
C LEU T 429 14.73 64.89 63.15
N ARG T 430 14.16 64.27 62.11
CA ARG T 430 14.58 62.95 61.57
C ARG T 430 16.00 63.06 61.01
N ARG T 431 16.50 64.29 60.84
CA ARG T 431 17.84 64.57 60.26
C ARG T 431 18.92 64.54 61.37
N LEU T 432 18.54 64.29 62.63
CA LEU T 432 19.48 64.20 63.77
C LEU T 432 19.89 62.75 64.06
N THR T 433 19.43 61.77 63.26
CA THR T 433 19.83 60.35 63.40
C THR T 433 21.29 60.19 62.93
N GLY T 434 21.91 59.05 63.23
CA GLY T 434 23.35 58.79 63.02
C GLY T 434 23.71 58.74 61.53
N LEU T 435 22.94 58.00 60.75
CA LEU T 435 23.18 57.79 59.30
C LEU T 435 23.04 59.11 58.54
N GLU T 436 22.20 60.03 59.03
CA GLU T 436 21.88 61.31 58.35
C GLU T 436 23.08 62.26 58.36
N ARG T 437 23.89 62.29 59.42
CA ARG T 437 25.11 63.14 59.46
C ARG T 437 26.11 62.69 58.39
N ASP T 438 26.24 61.37 58.20
CA ASP T 438 27.20 60.77 57.24
C ASP T 438 26.74 61.07 55.81
N LYS T 439 25.42 60.89 55.58
CA LYS T 439 24.72 61.14 54.29
C LYS T 439 24.97 62.58 53.84
N ILE T 440 24.97 63.54 54.77
CA ILE T 440 25.13 64.99 54.46
C ILE T 440 26.58 65.22 54.03
N GLU T 441 27.54 64.60 54.70
CA GLU T 441 28.97 64.85 54.41
C GLU T 441 29.35 64.15 53.11
N ALA T 442 28.77 62.98 52.84
CA ALA T 442 28.91 62.24 51.57
C ALA T 442 28.50 63.16 50.40
N GLU T 443 27.28 63.71 50.47
CA GLU T 443 26.70 64.60 49.42
C GLU T 443 27.59 65.84 49.26
N TYR T 444 28.13 66.36 50.37
CA TYR T 444 28.91 67.61 50.39
C TYR T 444 30.25 67.43 49.66
N ASN T 445 30.88 66.27 49.84
CA ASN T 445 32.22 65.97 49.25
C ASN T 445 32.07 65.77 47.73
N GLU T 446 31.05 65.02 47.29
CA GLU T 446 30.73 64.80 45.86
C GLU T 446 30.44 66.15 45.19
N LEU T 447 29.73 67.03 45.89
CA LEU T 447 29.33 68.38 45.40
C LEU T 447 30.58 69.21 45.11
N LEU T 448 31.59 69.13 45.99
CA LEU T 448 32.85 69.91 45.82
C LEU T 448 33.59 69.44 44.56
N ASN T 449 33.64 68.12 44.32
CA ASN T 449 34.26 67.57 43.06
C ASN T 449 33.47 68.07 41.86
N TYR T 450 32.14 67.98 41.90
CA TYR T 450 31.23 68.43 40.81
C TYR T 450 31.45 69.91 40.53
N ILE T 451 31.52 70.75 41.56
CA ILE T 451 31.68 72.23 41.38
C ILE T 451 32.99 72.47 40.63
N SER T 452 34.04 71.72 40.97
CA SER T 452 35.39 71.82 40.37
C SER T 452 35.35 71.37 38.90
N GLU T 453 34.65 70.28 38.58
N GLU T 453 34.65 70.28 38.58
CA GLU T 453 34.46 69.74 37.21
CA GLU T 453 34.47 69.75 37.21
C GLU T 453 33.76 70.80 36.36
C GLU T 453 33.76 70.80 36.36
N LEU T 454 32.74 71.46 36.91
CA LEU T 454 31.92 72.48 36.19
C LEU T 454 32.80 73.71 35.88
N GLU T 455 33.66 74.11 36.83
CA GLU T 455 34.50 75.33 36.70
C GLU T 455 35.56 75.09 35.61
N THR T 456 36.09 73.86 35.53
CA THR T 456 37.05 73.42 34.47
C THR T 456 36.43 73.66 33.10
N ILE T 457 35.14 73.34 32.94
CA ILE T 457 34.40 73.44 31.65
C ILE T 457 34.25 74.93 31.28
N LEU T 458 33.88 75.77 32.25
CA LEU T 458 33.64 77.20 31.97
C LEU T 458 34.97 77.92 31.73
N ALA T 459 36.07 77.43 32.32
CA ALA T 459 37.42 78.03 32.22
C ALA T 459 38.02 77.81 30.83
N ASP T 460 37.87 76.61 30.27
CA ASP T 460 38.59 76.16 29.04
C ASP T 460 37.56 75.76 27.96
N GLU T 461 37.40 76.61 26.94
CA GLU T 461 36.48 76.37 25.78
C GLU T 461 36.77 75.02 25.14
N GLU T 462 38.00 74.53 25.15
CA GLU T 462 38.37 73.23 24.53
C GLU T 462 37.73 72.10 25.36
N VAL T 463 37.69 72.24 26.69
CA VAL T 463 37.05 71.25 27.60
C VAL T 463 35.55 71.18 27.29
N LEU T 464 34.91 72.35 27.15
N LEU T 464 34.91 72.35 27.15
CA LEU T 464 33.46 72.51 26.87
CA LEU T 464 33.46 72.51 26.87
C LEU T 464 33.11 71.86 25.53
C LEU T 464 33.11 71.86 25.53
N LEU T 465 33.85 72.22 24.48
CA LEU T 465 33.64 71.69 23.11
C LEU T 465 33.76 70.17 23.12
N GLN T 466 34.67 69.62 23.92
CA GLN T 466 34.90 68.16 24.03
C GLN T 466 33.70 67.52 24.70
N LEU T 467 33.09 68.21 25.68
CA LEU T 467 31.82 67.77 26.32
C LEU T 467 30.74 67.68 25.26
N VAL T 468 30.61 68.69 24.39
CA VAL T 468 29.63 68.68 23.26
C VAL T 468 29.90 67.45 22.39
N ARG T 469 31.16 67.25 21.99
CA ARG T 469 31.59 66.11 21.13
C ARG T 469 31.20 64.79 21.79
N ASP T 470 31.47 64.65 23.08
CA ASP T 470 31.27 63.40 23.86
C ASP T 470 29.76 63.10 23.94
N GLU T 471 28.93 64.10 24.20
CA GLU T 471 27.46 63.93 24.37
C GLU T 471 26.81 63.63 23.01
N LEU T 472 27.28 64.26 21.93
CA LEU T 472 26.83 63.96 20.55
C LEU T 472 27.16 62.50 20.24
N THR T 473 28.36 62.05 20.59
CA THR T 473 28.87 60.67 20.32
C THR T 473 27.98 59.66 21.04
N GLU T 474 27.60 59.94 22.29
N GLU T 474 27.60 59.95 22.29
CA GLU T 474 26.71 59.09 23.12
CA GLU T 474 26.71 59.09 23.12
C GLU T 474 25.36 58.95 22.40
C GLU T 474 25.36 58.95 22.40
N ILE T 475 24.84 60.04 21.86
CA ILE T 475 23.54 60.07 21.11
C ILE T 475 23.70 59.27 19.82
N ARG T 476 24.82 59.44 19.12
CA ARG T 476 25.09 58.73 17.85
C ARG T 476 25.13 57.22 18.11
N ASP T 477 25.70 56.81 19.24
CA ASP T 477 25.90 55.36 19.56
C ASP T 477 24.55 54.77 19.98
N ARG T 478 23.66 55.54 20.59
CA ARG T 478 22.34 55.04 21.10
C ARG T 478 21.28 55.08 19.99
N PHE T 479 21.33 56.05 19.06
CA PHE T 479 20.23 56.36 18.11
C PHE T 479 20.67 56.29 16.65
N GLY T 480 21.96 56.43 16.36
CA GLY T 480 22.52 56.19 15.02
C GLY T 480 22.03 54.87 14.44
N ASP T 481 21.85 54.81 13.13
CA ASP T 481 21.28 53.61 12.45
C ASP T 481 21.81 53.57 11.02
N ASP T 482 21.61 52.44 10.34
CA ASP T 482 22.16 52.20 8.97
C ASP T 482 21.46 53.13 7.98
N ARG T 483 22.20 53.56 6.95
CA ARG T 483 21.66 54.23 5.75
C ARG T 483 20.57 53.33 5.15
N ARG T 484 19.54 53.91 4.55
CA ARG T 484 18.46 53.17 3.84
C ARG T 484 18.52 53.50 2.34
N THR T 485 18.74 54.77 2.01
CA THR T 485 18.71 55.22 0.60
C THR T 485 20.10 54.97 -0.02
N GLU T 486 20.17 54.11 -1.04
CA GLU T 486 21.40 53.86 -1.82
C GLU T 486 21.64 55.05 -2.76
N ILE T 487 22.85 55.60 -2.75
CA ILE T 487 23.29 56.66 -3.70
C ILE T 487 24.15 56.01 -4.79
N GLN T 488 23.63 55.84 -6.00
CA GLN T 488 24.29 55.14 -7.14
C GLN T 488 25.10 56.13 -7.98
N LEU T 489 26.42 56.00 -8.08
CA LEU T 489 27.24 56.79 -9.07
C LEU T 489 26.97 56.26 -10.48
N GLY T 490 27.13 57.08 -11.51
CA GLY T 490 27.64 56.62 -12.82
C GLY T 490 26.65 56.73 -13.97
N LYS U 1 -15.52 52.34 -0.70
CA LYS U 1 -15.01 52.10 0.69
C LYS U 1 -14.43 50.68 0.83
N LEU U 2 -14.71 49.75 -0.11
CA LEU U 2 -14.30 48.32 -0.06
C LEU U 2 -12.83 48.20 -0.49
N ALA U 3 -12.00 47.55 0.33
CA ALA U 3 -10.61 47.13 -0.04
C ALA U 3 -10.64 45.63 -0.30
N ASP U 4 -10.86 45.23 -1.57
CA ASP U 4 -11.10 43.81 -1.95
C ASP U 4 -9.75 43.06 -1.93
N CYS U 5 -9.80 41.73 -1.83
CA CYS U 5 -8.63 40.81 -1.89
C CYS U 5 -8.36 40.44 -3.36
N SER U 6 -7.14 39.96 -3.65
CA SER U 6 -6.63 39.62 -5.01
C SER U 6 -7.34 38.37 -5.57
N SER U 7 -7.43 37.30 -4.77
CA SER U 7 -8.10 36.02 -5.12
C SER U 7 -9.55 36.29 -5.55
N LYS U 8 -9.99 35.65 -6.63
CA LYS U 8 -11.42 35.69 -7.09
C LYS U 8 -12.04 34.29 -6.87
N SER U 9 -11.50 33.49 -5.94
CA SER U 9 -12.03 32.15 -5.53
C SER U 9 -12.80 32.27 -4.21
N PRO U 10 -14.12 32.55 -4.23
CA PRO U 10 -14.91 32.72 -3.00
C PRO U 10 -14.69 31.72 -1.86
N GLU U 11 -14.38 30.46 -2.18
N GLU U 11 -14.39 30.45 -2.18
CA GLU U 11 -14.27 29.35 -1.20
CA GLU U 11 -14.27 29.35 -1.19
C GLU U 11 -13.15 29.66 -0.19
C GLU U 11 -13.15 29.65 -0.18
N GLU U 12 -12.14 30.45 -0.57
CA GLU U 12 -10.94 30.76 0.26
C GLU U 12 -10.85 32.25 0.60
N CYS U 13 -11.83 33.06 0.16
CA CYS U 13 -11.90 34.52 0.44
C CYS U 13 -12.76 34.77 1.67
N GLU U 14 -12.48 35.87 2.38
CA GLU U 14 -13.25 36.34 3.56
C GLU U 14 -13.28 37.88 3.56
N ILE U 15 -14.43 38.47 3.96
CA ILE U 15 -14.65 39.93 4.05
C ILE U 15 -14.86 40.31 5.53
N PHE U 16 -14.18 41.36 5.99
CA PHE U 16 -14.25 41.90 7.37
C PHE U 16 -15.05 43.21 7.36
N LEU U 17 -16.14 43.24 8.12
CA LEU U 17 -17.00 44.44 8.34
C LEU U 17 -16.55 45.14 9.64
N VAL U 18 -16.15 46.41 9.54
CA VAL U 18 -15.53 47.19 10.65
C VAL U 18 -16.27 48.54 10.79
N GLU U 19 -16.19 49.20 11.96
CA GLU U 19 -17.12 50.29 12.39
C GLU U 19 -16.86 51.58 11.63
N GLY U 20 -15.60 51.87 11.28
CA GLY U 20 -15.24 53.10 10.53
C GLY U 20 -13.84 53.03 9.96
N ASP U 21 -13.36 54.17 9.43
CA ASP U 21 -12.01 54.34 8.82
C ASP U 21 -10.94 54.16 9.90
N SER U 22 -11.25 54.45 11.15
CA SER U 22 -10.36 54.18 12.32
C SER U 22 -9.88 52.73 12.25
N ALA U 23 -10.83 51.79 12.35
CA ALA U 23 -10.58 50.33 12.31
C ALA U 23 -10.20 49.94 10.87
N GLY U 24 -10.87 50.50 9.88
CA GLY U 24 -10.60 50.28 8.44
C GLY U 24 -9.12 50.26 8.11
N GLY U 25 -8.40 51.34 8.50
CA GLY U 25 -6.99 51.52 8.13
C GLY U 25 -6.08 50.51 8.83
N SER U 26 -6.28 50.33 10.14
CA SER U 26 -5.52 49.38 10.99
C SER U 26 -5.66 47.97 10.42
N THR U 27 -6.87 47.63 10.00
CA THR U 27 -7.27 46.32 9.42
C THR U 27 -6.60 46.12 8.05
N LYS U 28 -6.71 47.12 7.17
CA LYS U 28 -6.14 47.05 5.78
C LYS U 28 -4.63 46.81 5.85
N SER U 29 -3.94 47.35 6.86
CA SER U 29 -2.48 47.14 7.09
C SER U 29 -2.23 45.70 7.56
N GLY U 30 -3.02 45.23 8.54
CA GLY U 30 -2.84 43.93 9.22
C GLY U 30 -3.11 42.75 8.30
N ARG U 31 -4.07 42.91 7.37
CA ARG U 31 -4.73 41.79 6.64
C ARG U 31 -3.75 41.09 5.68
N ASP U 32 -4.08 39.85 5.31
CA ASP U 32 -3.52 39.13 4.13
C ASP U 32 -4.36 39.55 2.90
N SER U 33 -3.89 40.54 2.14
CA SER U 33 -4.66 41.17 1.03
C SER U 33 -4.86 40.17 -0.12
N ARG U 34 -4.30 38.96 -0.04
CA ARG U 34 -4.53 37.88 -1.04
C ARG U 34 -5.95 37.30 -0.86
N THR U 35 -6.43 37.14 0.39
CA THR U 35 -7.70 36.40 0.71
C THR U 35 -8.64 37.19 1.64
N GLN U 36 -8.23 38.35 2.17
CA GLN U 36 -9.01 39.09 3.20
C GLN U 36 -9.41 40.46 2.64
N ALA U 37 -10.70 40.67 2.40
CA ALA U 37 -11.28 41.97 1.97
C ALA U 37 -11.74 42.72 3.22
N ILE U 38 -11.91 44.05 3.11
CA ILE U 38 -12.38 44.91 4.24
C ILE U 38 -13.41 45.91 3.72
N LEU U 39 -14.58 45.92 4.35
CA LEU U 39 -15.65 46.93 4.12
C LEU U 39 -15.85 47.72 5.40
N PRO U 40 -15.29 48.94 5.51
CA PRO U 40 -15.53 49.80 6.65
C PRO U 40 -16.92 50.42 6.44
N LEU U 41 -17.79 50.27 7.44
CA LEU U 41 -19.14 50.90 7.51
C LEU U 41 -18.99 52.32 8.05
N ARG U 42 -20.11 53.04 8.17
CA ARG U 42 -20.15 54.45 8.62
C ARG U 42 -21.07 54.52 9.84
N GLY U 43 -20.62 53.90 10.93
CA GLY U 43 -21.28 53.94 12.25
C GLY U 43 -22.51 53.06 12.28
N LYS U 44 -23.46 53.40 13.15
CA LYS U 44 -24.75 52.68 13.29
C LYS U 44 -25.35 52.52 11.89
N ILE U 45 -25.75 51.31 11.54
CA ILE U 45 -26.38 50.99 10.22
C ILE U 45 -27.90 51.01 10.48
N LEU U 46 -28.69 51.12 9.42
CA LEU U 46 -30.17 51.18 9.48
C LEU U 46 -30.73 49.93 10.17
N ASN U 47 -31.64 50.11 11.15
CA ASN U 47 -32.39 48.99 11.77
C ASN U 47 -33.49 48.58 10.80
N VAL U 48 -33.26 47.52 10.00
CA VAL U 48 -34.15 47.08 8.88
C VAL U 48 -35.49 46.55 9.43
N GLU U 49 -35.52 46.11 10.71
CA GLU U 49 -36.73 45.61 11.41
C GLU U 49 -37.73 46.76 11.61
N LYS U 50 -37.25 47.99 11.81
CA LYS U 50 -38.07 49.21 12.07
C LYS U 50 -38.28 49.99 10.76
N ALA U 51 -37.30 50.02 9.87
CA ALA U 51 -37.27 50.90 8.67
C ALA U 51 -38.17 50.33 7.59
N ARG U 52 -38.73 51.20 6.75
CA ARG U 52 -39.54 50.87 5.55
C ARG U 52 -38.60 50.44 4.41
N LEU U 53 -39.09 49.57 3.51
CA LEU U 53 -38.27 48.90 2.46
C LEU U 53 -37.67 49.95 1.51
N ASP U 54 -38.42 50.99 1.16
CA ASP U 54 -37.96 52.14 0.32
C ASP U 54 -36.60 52.65 0.86
N ARG U 55 -36.55 52.98 2.15
CA ARG U 55 -35.38 53.59 2.85
C ARG U 55 -34.22 52.59 2.82
N ILE U 56 -34.51 51.30 3.10
CA ILE U 56 -33.51 50.20 3.21
C ILE U 56 -32.74 50.09 1.88
N LEU U 57 -33.45 50.03 0.75
CA LEU U 57 -32.85 49.79 -0.58
C LEU U 57 -32.10 51.06 -1.05
N ASN U 58 -32.46 52.24 -0.54
CA ASN U 58 -31.82 53.54 -0.89
C ASN U 58 -30.63 53.82 0.02
N ASN U 59 -30.53 53.16 1.19
CA ASN U 59 -29.42 53.30 2.17
C ASN U 59 -28.10 52.94 1.51
N ASN U 60 -27.08 53.79 1.66
CA ASN U 60 -25.77 53.67 0.98
C ASN U 60 -24.94 52.53 1.62
N GLU U 61 -24.98 52.36 2.94
CA GLU U 61 -24.24 51.28 3.67
C GLU U 61 -24.86 49.90 3.36
N ILE U 62 -26.19 49.81 3.31
CA ILE U 62 -26.92 48.56 2.93
C ILE U 62 -26.55 48.19 1.48
N ARG U 63 -26.55 49.19 0.58
CA ARG U 63 -26.21 48.99 -0.85
C ARG U 63 -24.78 48.45 -0.99
N GLN U 64 -23.80 49.04 -0.29
N GLN U 64 -23.80 49.04 -0.29
CA GLN U 64 -22.37 48.65 -0.41
CA GLN U 64 -22.37 48.65 -0.42
C GLN U 64 -22.20 47.18 0.01
C GLN U 64 -22.20 47.18 0.01
N MET U 65 -22.94 46.74 1.03
CA MET U 65 -22.82 45.35 1.58
C MET U 65 -23.41 44.37 0.56
N ILE U 66 -24.57 44.68 0.00
CA ILE U 66 -25.24 43.87 -1.07
C ILE U 66 -24.27 43.75 -2.26
N THR U 67 -23.67 44.86 -2.70
CA THR U 67 -22.75 44.91 -3.87
C THR U 67 -21.53 44.03 -3.59
N ALA U 68 -20.97 44.12 -2.38
CA ALA U 68 -19.72 43.42 -1.96
C ALA U 68 -19.95 41.91 -1.98
N PHE U 69 -21.08 41.44 -1.45
CA PHE U 69 -21.42 39.99 -1.34
C PHE U 69 -21.83 39.46 -2.73
N GLY U 70 -22.52 40.29 -3.52
CA GLY U 70 -22.99 39.98 -4.89
C GLY U 70 -24.03 38.87 -4.94
N THR U 71 -24.82 38.70 -3.87
CA THR U 71 -25.85 37.62 -3.76
C THR U 71 -27.25 38.17 -4.06
N GLY U 72 -27.46 39.48 -3.97
CA GLY U 72 -28.81 40.08 -3.98
C GLY U 72 -29.57 39.74 -2.70
N ILE U 73 -30.86 40.11 -2.61
CA ILE U 73 -31.62 40.06 -1.33
C ILE U 73 -32.99 39.38 -1.52
N GLY U 74 -33.52 38.80 -0.45
CA GLY U 74 -34.87 38.21 -0.35
C GLY U 74 -35.03 37.01 -1.26
N GLY U 75 -35.99 37.09 -2.19
CA GLY U 75 -36.29 36.06 -3.20
C GLY U 75 -35.15 35.88 -4.19
N ASP U 76 -34.55 36.97 -4.66
CA ASP U 76 -33.46 36.99 -5.68
C ASP U 76 -32.11 36.57 -5.05
N PHE U 77 -32.06 36.33 -3.72
CA PHE U 77 -30.83 35.87 -3.03
C PHE U 77 -30.37 34.56 -3.66
N ASP U 78 -29.09 34.50 -4.04
CA ASP U 78 -28.43 33.35 -4.71
C ASP U 78 -27.11 33.03 -3.98
N LEU U 79 -27.08 31.96 -3.19
CA LEU U 79 -25.92 31.59 -2.32
C LEU U 79 -24.68 31.28 -3.18
N ALA U 80 -24.85 30.82 -4.42
CA ALA U 80 -23.76 30.40 -5.32
C ALA U 80 -23.03 31.61 -5.93
N LYS U 81 -23.69 32.78 -5.99
CA LYS U 81 -23.11 34.04 -6.53
C LYS U 81 -22.34 34.78 -5.43
N ALA U 82 -22.27 34.22 -4.22
CA ALA U 82 -21.53 34.77 -3.05
C ALA U 82 -20.04 34.91 -3.41
N ARG U 83 -19.45 36.07 -3.11
CA ARG U 83 -18.07 36.45 -3.49
C ARG U 83 -17.10 36.16 -2.33
N TYR U 84 -17.62 35.83 -1.15
CA TYR U 84 -16.86 35.41 0.07
C TYR U 84 -17.65 34.28 0.75
N HIS U 85 -16.95 33.27 1.31
CA HIS U 85 -17.57 32.14 2.04
C HIS U 85 -17.39 32.36 3.55
N LYS U 86 -16.81 33.50 3.94
CA LYS U 86 -16.70 34.00 5.33
C LYS U 86 -16.97 35.52 5.34
N ILE U 87 -18.14 35.93 5.83
CA ILE U 87 -18.48 37.34 6.17
C ILE U 87 -18.24 37.50 7.67
N VAL U 88 -17.19 38.22 8.07
CA VAL U 88 -16.76 38.40 9.49
C VAL U 88 -17.21 39.77 9.99
N ILE U 89 -18.10 39.78 10.99
CA ILE U 89 -18.51 40.99 11.76
C ILE U 89 -17.43 41.24 12.81
N MET U 90 -16.68 42.33 12.66
CA MET U 90 -15.56 42.69 13.56
C MET U 90 -15.82 44.07 14.17
N THR U 91 -16.76 44.13 15.12
CA THR U 91 -17.12 45.35 15.89
C THR U 91 -16.25 45.41 17.14
N ASP U 92 -16.11 46.61 17.72
CA ASP U 92 -15.27 46.88 18.92
C ASP U 92 -15.84 46.09 20.09
N ALA U 93 -15.04 45.93 21.15
CA ALA U 93 -15.32 45.11 22.34
C ALA U 93 -16.14 45.91 23.37
N ASP U 94 -16.87 46.94 22.92
CA ASP U 94 -17.62 47.90 23.77
C ASP U 94 -19.13 47.68 23.58
N VAL U 95 -19.96 48.59 24.09
CA VAL U 95 -21.45 48.47 24.08
C VAL U 95 -21.97 48.89 22.70
N ASP U 96 -21.37 49.89 22.06
CA ASP U 96 -21.81 50.40 20.73
C ASP U 96 -21.38 49.41 19.64
N GLY U 97 -20.33 48.62 19.94
CA GLY U 97 -19.94 47.44 19.14
C GLY U 97 -21.06 46.43 19.14
N ALA U 98 -21.56 46.07 20.33
CA ALA U 98 -22.66 45.09 20.52
C ALA U 98 -23.90 45.56 19.74
N HIS U 99 -24.21 46.85 19.76
CA HIS U 99 -25.39 47.41 19.02
C HIS U 99 -25.20 47.23 17.52
N ILE U 100 -24.05 47.60 16.95
CA ILE U 100 -23.79 47.49 15.47
C ILE U 100 -23.80 46.01 15.10
N ARG U 101 -23.39 45.13 16.01
CA ARG U 101 -23.44 43.65 15.82
C ARG U 101 -24.90 43.21 15.70
N THR U 102 -25.79 43.61 16.63
CA THR U 102 -27.24 43.27 16.58
C THR U 102 -27.89 43.84 15.32
N LEU U 103 -27.43 45.00 14.83
CA LEU U 103 -28.06 45.71 13.69
C LEU U 103 -27.72 44.98 12.38
N LEU U 104 -26.48 44.50 12.27
CA LEU U 104 -25.97 43.75 11.08
C LEU U 104 -26.64 42.38 11.05
N LEU U 105 -26.67 41.67 12.19
CA LEU U 105 -27.31 40.34 12.34
C LEU U 105 -28.79 40.43 11.94
N THR U 106 -29.46 41.53 12.29
CA THR U 106 -30.89 41.78 11.95
C THR U 106 -31.01 41.90 10.43
N PHE U 107 -30.08 42.59 9.77
CA PHE U 107 -30.06 42.75 8.29
C PHE U 107 -29.84 41.39 7.64
N PHE U 108 -28.82 40.65 8.07
CA PHE U 108 -28.48 39.31 7.51
C PHE U 108 -29.67 38.36 7.67
N TYR U 109 -30.32 38.35 8.84
CA TYR U 109 -31.40 37.37 9.15
C TYR U 109 -32.66 37.68 8.34
N ARG U 110 -32.93 38.96 8.03
CA ARG U 110 -34.20 39.37 7.38
C ARG U 110 -34.02 39.36 5.85
N PHE U 111 -32.82 39.58 5.33
CA PHE U 111 -32.59 39.83 3.87
C PHE U 111 -31.66 38.79 3.24
N MET U 112 -30.86 38.06 4.03
CA MET U 112 -29.87 37.09 3.52
C MET U 112 -29.80 35.89 4.47
N ARG U 113 -30.96 35.34 4.86
CA ARG U 113 -31.04 34.25 5.86
C ARG U 113 -30.22 33.05 5.40
N PRO U 114 -30.26 32.64 4.11
CA PRO U 114 -29.51 31.46 3.65
C PRO U 114 -27.98 31.54 3.82
N LEU U 115 -27.44 32.77 3.83
CA LEU U 115 -26.02 33.07 4.16
C LEU U 115 -25.69 32.58 5.58
N ILE U 116 -26.59 32.80 6.54
CA ILE U 116 -26.43 32.35 7.96
C ILE U 116 -26.56 30.82 8.01
N GLU U 117 -27.56 30.28 7.31
CA GLU U 117 -27.85 28.82 7.21
C GLU U 117 -26.59 28.11 6.69
N ALA U 118 -26.01 28.61 5.59
CA ALA U 118 -24.79 28.06 4.95
C ALA U 118 -23.56 28.15 5.87
N GLY U 119 -23.64 28.90 6.98
CA GLY U 119 -22.56 29.07 7.97
C GLY U 119 -21.47 30.01 7.49
N TYR U 120 -21.83 31.01 6.67
CA TYR U 120 -20.89 31.97 6.04
C TYR U 120 -20.73 33.21 6.94
N VAL U 121 -21.61 33.40 7.91
CA VAL U 121 -21.56 34.57 8.84
C VAL U 121 -20.79 34.14 10.09
N TYR U 122 -19.75 34.92 10.42
CA TYR U 122 -18.87 34.74 11.61
C TYR U 122 -18.78 36.06 12.40
N ILE U 123 -18.31 35.95 13.64
CA ILE U 123 -18.17 37.07 14.62
C ILE U 123 -16.74 37.01 15.20
N ALA U 124 -15.86 37.91 14.77
CA ALA U 124 -14.48 38.08 15.31
C ALA U 124 -14.56 38.40 16.81
N GLN U 125 -13.50 38.12 17.55
CA GLN U 125 -13.44 38.33 19.03
C GLN U 125 -12.15 39.06 19.39
N PRO U 126 -12.08 40.40 19.16
CA PRO U 126 -10.86 41.14 19.49
C PRO U 126 -10.60 41.10 20.99
N PRO U 127 -9.32 41.12 21.44
CA PRO U 127 -9.02 41.15 22.87
C PRO U 127 -9.54 42.48 23.48
N THR U 128 -10.07 42.38 24.69
CA THR U 128 -10.94 43.37 25.38
C THR U 128 -10.11 44.57 25.89
N GLY U 129 -10.55 45.81 25.62
CA GLY U 129 -9.83 47.04 25.99
C GLY U 129 -10.26 48.24 25.16
N MET U 130 -5.94 50.08 18.45
CA MET U 130 -5.03 48.90 18.33
C MET U 130 -4.16 49.04 17.08
N ASN U 131 -2.91 48.56 17.14
CA ASN U 131 -1.94 48.57 16.01
C ASN U 131 -2.20 47.36 15.10
N ALA U 132 -1.81 47.46 13.83
CA ALA U 132 -2.07 46.45 12.77
C ALA U 132 -1.38 45.12 13.08
N ASP U 133 -0.14 45.14 13.58
CA ASP U 133 0.67 43.92 13.90
C ASP U 133 -0.11 43.04 14.89
N GLN U 134 -0.68 43.68 15.92
CA GLN U 134 -1.34 43.02 17.07
C GLN U 134 -2.76 42.59 16.67
N LEU U 135 -3.42 43.41 15.84
CA LEU U 135 -4.79 43.17 15.30
C LEU U 135 -4.78 41.94 14.40
N TRP U 136 -3.72 41.74 13.61
CA TRP U 136 -3.53 40.55 12.74
C TRP U 136 -3.40 39.30 13.61
N GLU U 137 -2.49 39.33 14.59
CA GLU U 137 -2.04 38.12 15.34
C GLU U 137 -3.17 37.56 16.21
N THR U 138 -4.00 38.44 16.78
CA THR U 138 -5.07 38.08 17.75
C THR U 138 -6.38 37.73 17.02
N THR U 139 -6.71 38.43 15.93
CA THR U 139 -8.11 38.54 15.42
C THR U 139 -8.27 38.10 13.95
N MET U 140 -7.27 38.27 13.09
CA MET U 140 -7.38 38.07 11.62
C MET U 140 -6.53 36.90 11.11
N ASN U 141 -5.51 36.46 11.86
CA ASN U 141 -4.58 35.37 11.43
C ASN U 141 -5.28 34.03 11.60
N PRO U 142 -5.56 33.27 10.51
CA PRO U 142 -6.24 31.98 10.62
C PRO U 142 -5.51 30.96 11.50
N GLU U 143 -4.23 31.21 11.82
CA GLU U 143 -3.40 30.32 12.66
C GLU U 143 -3.75 30.49 14.14
N HIS U 144 -4.08 31.70 14.61
CA HIS U 144 -4.28 31.99 16.06
C HIS U 144 -5.64 32.63 16.37
N ARG U 145 -6.41 33.07 15.36
CA ARG U 145 -7.69 33.82 15.58
C ARG U 145 -8.76 32.85 16.12
N ALA U 146 -9.81 33.41 16.72
CA ALA U 146 -10.94 32.66 17.33
C ALA U 146 -12.26 33.27 16.85
N LEU U 147 -12.71 32.88 15.64
CA LEU U 147 -14.02 33.30 15.08
C LEU U 147 -15.13 32.48 15.74
N LEU U 148 -16.31 33.07 15.91
CA LEU U 148 -17.56 32.37 16.26
C LEU U 148 -18.38 32.26 14.98
N GLN U 149 -18.74 31.04 14.58
CA GLN U 149 -19.63 30.80 13.42
C GLN U 149 -21.07 30.94 13.90
N VAL U 150 -21.86 31.83 13.27
CA VAL U 150 -23.28 32.05 13.65
C VAL U 150 -24.09 30.88 13.10
N LYS U 151 -24.68 30.08 13.99
CA LYS U 151 -25.55 28.91 13.69
C LYS U 151 -27.00 29.27 14.03
N LEU U 152 -27.93 29.09 13.09
CA LEU U 152 -29.40 29.27 13.30
C LEU U 152 -30.02 27.92 13.68
N GLU U 153 -30.44 27.73 14.94
CA GLU U 153 -31.01 26.44 15.44
C GLU U 153 -32.53 26.48 15.25
N ASP U 154 -33.25 27.35 15.97
CA ASP U 154 -34.74 27.44 15.94
C ASP U 154 -35.17 28.71 15.20
N ALA U 155 -35.72 28.58 13.98
CA ALA U 155 -36.15 29.71 13.12
C ALA U 155 -37.35 30.44 13.74
N ILE U 156 -38.27 29.72 14.40
CA ILE U 156 -39.44 30.33 15.09
C ILE U 156 -38.96 31.20 16.25
N GLU U 157 -38.04 30.69 17.07
CA GLU U 157 -37.49 31.39 18.27
C GLU U 157 -36.67 32.61 17.80
N ALA U 158 -35.96 32.48 16.67
CA ALA U 158 -35.17 33.56 16.05
C ALA U 158 -36.11 34.69 15.59
N ASP U 159 -37.19 34.36 14.88
CA ASP U 159 -38.20 35.34 14.37
C ASP U 159 -38.77 36.15 15.54
N GLN U 160 -39.02 35.51 16.69
CA GLN U 160 -39.62 36.16 17.88
C GLN U 160 -38.57 37.09 18.51
N THR U 161 -37.30 36.68 18.53
CA THR U 161 -36.19 37.41 19.22
C THR U 161 -35.86 38.68 18.45
N PHE U 162 -35.76 38.63 17.11
CA PHE U 162 -35.51 39.82 16.25
C PHE U 162 -36.69 40.80 16.36
N GLU U 163 -37.92 40.29 16.32
CA GLU U 163 -39.15 41.12 16.41
C GLU U 163 -39.21 41.80 17.77
N MET U 164 -38.76 41.14 18.84
CA MET U 164 -38.83 41.68 20.23
C MET U 164 -37.74 42.73 20.45
N LEU U 165 -36.48 42.43 20.11
CA LEU U 165 -35.32 43.31 20.36
C LEU U 165 -35.31 44.47 19.36
N MET U 166 -35.57 44.21 18.07
CA MET U 166 -35.31 45.18 16.98
C MET U 166 -36.62 45.73 16.39
N GLY U 167 -37.79 45.26 16.85
CA GLY U 167 -39.11 45.65 16.32
C GLY U 167 -39.57 47.00 16.86
N ASP U 168 -40.66 47.54 16.30
CA ASP U 168 -41.22 48.87 16.68
C ASP U 168 -41.98 48.80 18.02
N VAL U 169 -42.30 47.60 18.53
CA VAL U 169 -43.07 47.45 19.81
C VAL U 169 -42.11 47.61 21.01
N VAL U 170 -42.23 48.71 21.73
CA VAL U 170 -41.32 49.15 22.82
C VAL U 170 -41.52 48.25 24.05
N GLU U 171 -42.76 47.86 24.35
CA GLU U 171 -43.11 47.24 25.68
C GLU U 171 -42.40 45.87 25.81
N ASN U 172 -42.40 45.06 24.72
CA ASN U 172 -41.79 43.71 24.73
C ASN U 172 -40.28 43.84 24.95
N ARG U 173 -39.66 44.82 24.29
CA ARG U 173 -38.20 45.15 24.41
C ARG U 173 -37.88 45.54 25.84
N ARG U 174 -38.69 46.44 26.44
CA ARG U 174 -38.46 46.93 27.82
C ARG U 174 -38.60 45.76 28.80
N GLN U 175 -39.63 44.94 28.60
CA GLN U 175 -39.94 43.75 29.47
C GLN U 175 -38.70 42.84 29.47
N PHE U 176 -38.17 42.54 28.29
CA PHE U 176 -36.98 41.67 28.09
C PHE U 176 -35.80 42.19 28.91
N ILE U 177 -35.57 43.51 28.88
CA ILE U 177 -34.41 44.19 29.56
C ILE U 177 -34.58 44.03 31.07
N GLU U 178 -35.76 44.40 31.60
CA GLU U 178 -36.08 44.31 33.07
C GLU U 178 -35.88 42.86 33.52
N ASP U 179 -36.43 41.89 32.78
CA ASP U 179 -36.37 40.44 33.08
C ASP U 179 -34.91 39.98 33.16
N ASN U 180 -34.08 40.39 32.21
CA ASN U 180 -32.70 39.89 32.01
C ASN U 180 -31.66 40.85 32.61
N ALA U 181 -32.07 41.92 33.29
CA ALA U 181 -31.13 42.91 33.87
C ALA U 181 -30.24 42.19 34.89
N ILE V 8 -16.66 25.90 20.38
CA ILE V 8 -16.00 27.24 20.36
C ILE V 8 -16.05 27.86 18.95
N ASN V 9 -16.34 27.09 17.90
CA ASN V 9 -16.44 27.60 16.50
C ASN V 9 -17.90 27.92 16.13
N GLU V 10 -18.81 27.97 17.11
CA GLU V 10 -20.29 28.02 16.88
C GLU V 10 -20.97 28.90 17.91
N ARG V 11 -21.95 29.71 17.48
CA ARG V 11 -22.70 30.67 18.33
C ARG V 11 -24.15 30.74 17.83
N ASN V 12 -25.12 30.43 18.71
CA ASN V 12 -26.56 30.47 18.40
C ASN V 12 -26.97 31.92 18.13
N ILE V 13 -27.64 32.19 17.01
CA ILE V 13 -28.01 33.58 16.58
C ILE V 13 -28.91 34.23 17.63
N THR V 14 -29.86 33.47 18.20
CA THR V 14 -30.82 33.96 19.23
C THR V 14 -30.04 34.37 20.49
N SER V 15 -29.10 33.53 20.96
CA SER V 15 -28.26 33.81 22.16
C SER V 15 -27.44 35.08 21.93
N GLU V 16 -26.86 35.21 20.74
CA GLU V 16 -25.98 36.35 20.36
C GLU V 16 -26.79 37.65 20.39
N MET V 17 -27.94 37.68 19.73
CA MET V 17 -28.89 38.83 19.71
C MET V 17 -29.27 39.21 21.15
N ARG V 18 -29.74 38.25 21.94
CA ARG V 18 -30.33 38.54 23.28
C ARG V 18 -29.24 39.13 24.18
N GLU V 19 -28.03 38.57 24.18
CA GLU V 19 -26.92 39.00 25.08
C GLU V 19 -26.30 40.30 24.56
N SER V 20 -26.13 40.44 23.24
CA SER V 20 -25.56 41.65 22.59
C SER V 20 -26.46 42.86 22.82
N PHE V 21 -27.76 42.71 22.51
CA PHE V 21 -28.77 43.79 22.61
C PHE V 21 -28.92 44.19 24.09
N LEU V 22 -28.94 43.22 25.01
CA LEU V 22 -29.11 43.48 26.46
C LEU V 22 -27.93 44.32 26.94
N ASP V 23 -26.71 44.00 26.47
CA ASP V 23 -25.45 44.70 26.86
C ASP V 23 -25.57 46.18 26.48
N TYR V 24 -25.98 46.44 25.24
CA TYR V 24 -26.23 47.79 24.68
C TYR V 24 -27.34 48.48 25.50
N ALA V 25 -28.53 47.88 25.53
CA ALA V 25 -29.75 48.44 26.16
C ALA V 25 -29.46 48.83 27.61
N MET V 26 -28.87 47.92 28.38
CA MET V 26 -28.61 48.14 29.83
C MET V 26 -27.67 49.33 29.98
N SER V 27 -26.67 49.41 29.09
CA SER V 27 -25.59 50.44 29.10
C SER V 27 -26.18 51.82 28.80
N VAL V 28 -27.07 51.90 27.81
CA VAL V 28 -27.79 53.14 27.41
C VAL V 28 -28.69 53.60 28.55
N ILE V 29 -29.23 52.69 29.34
CA ILE V 29 -30.20 53.00 30.44
C ILE V 29 -29.46 53.54 31.66
N VAL V 30 -28.40 52.87 32.12
CA VAL V 30 -27.77 53.15 33.45
C VAL V 30 -26.52 54.03 33.29
N ALA V 31 -26.09 54.32 32.06
CA ALA V 31 -24.80 54.99 31.80
C ALA V 31 -24.82 55.71 30.45
N ARG V 32 -25.90 56.43 30.13
CA ARG V 32 -25.93 57.34 28.96
C ARG V 32 -27.12 58.32 29.05
N ALA V 33 -28.34 57.83 28.87
CA ALA V 33 -29.51 58.63 28.42
C ALA V 33 -30.41 59.05 29.59
N LEU V 34 -30.37 58.30 30.71
CA LEU V 34 -31.22 58.60 31.89
C LEU V 34 -30.37 59.24 32.98
N PRO V 35 -30.89 60.30 33.63
CA PRO V 35 -30.21 60.95 34.72
C PRO V 35 -30.39 60.21 36.04
N ASP V 36 -29.44 60.35 36.97
CA ASP V 36 -29.58 59.90 38.37
C ASP V 36 -30.58 60.82 39.08
N VAL V 37 -31.43 60.27 39.93
CA VAL V 37 -32.50 61.00 40.67
C VAL V 37 -31.86 61.98 41.67
N ARG V 38 -30.61 61.69 42.09
CA ARG V 38 -29.93 62.43 43.19
C ARG V 38 -29.41 63.79 42.69
N ASP V 39 -28.58 63.82 41.65
CA ASP V 39 -27.95 65.07 41.16
C ASP V 39 -28.54 65.52 39.82
N GLY V 40 -29.48 64.74 39.27
CA GLY V 40 -30.17 65.08 38.01
C GLY V 40 -29.29 64.97 36.77
N LEU V 41 -28.11 64.36 36.89
CA LEU V 41 -27.09 64.38 35.81
C LEU V 41 -27.00 63.03 35.08
N LYS V 42 -26.86 63.08 33.76
CA LYS V 42 -26.39 61.94 32.96
C LYS V 42 -24.88 61.87 33.13
N PRO V 43 -24.24 60.70 32.93
CA PRO V 43 -22.78 60.58 32.89
C PRO V 43 -22.04 61.74 32.23
N VAL V 44 -22.36 62.07 30.97
CA VAL V 44 -21.56 63.07 30.20
C VAL V 44 -21.60 64.42 30.92
N HIS V 45 -22.74 64.80 31.51
CA HIS V 45 -22.90 66.10 32.22
C HIS V 45 -22.01 66.08 33.49
N ARG V 46 -22.12 65.00 34.26
CA ARG V 46 -21.37 64.80 35.53
C ARG V 46 -19.86 64.90 35.24
N ARG V 47 -19.40 64.22 34.19
CA ARG V 47 -17.95 64.14 33.84
C ARG V 47 -17.45 65.53 33.44
N ILE V 48 -18.26 66.31 32.72
CA ILE V 48 -17.91 67.70 32.33
C ILE V 48 -17.74 68.56 33.59
N LEU V 49 -18.74 68.56 34.47
CA LEU V 49 -18.74 69.46 35.68
C LEU V 49 -17.59 69.05 36.60
N TYR V 50 -17.31 67.75 36.72
CA TYR V 50 -16.22 67.22 37.58
C TYR V 50 -14.88 67.60 36.96
N GLY V 51 -14.79 67.53 35.63
CA GLY V 51 -13.59 67.94 34.86
C GLY V 51 -13.30 69.43 35.04
N LEU V 52 -14.34 70.28 35.02
CA LEU V 52 -14.18 71.73 35.25
C LEU V 52 -13.56 71.92 36.63
N ASN V 53 -14.02 71.13 37.60
CA ASN V 53 -13.69 71.27 39.04
C ASN V 53 -12.26 70.81 39.30
N GLU V 54 -11.84 69.72 38.64
CA GLU V 54 -10.49 69.12 38.80
C GLU V 54 -9.45 70.04 38.20
N GLN V 55 -9.78 70.84 37.18
CA GLN V 55 -8.85 71.84 36.59
C GLN V 55 -9.18 73.23 37.17
N GLY V 56 -9.81 73.28 38.34
CA GLY V 56 -10.26 74.52 39.03
C GLY V 56 -10.65 75.64 38.07
N MET V 57 -11.47 75.34 37.05
CA MET V 57 -12.11 76.35 36.18
C MET V 57 -13.37 76.85 36.88
N THR V 58 -13.18 77.72 37.88
CA THR V 58 -14.22 78.20 38.82
C THR V 58 -14.68 79.58 38.34
N PRO V 59 -15.81 80.13 38.85
CA PRO V 59 -16.34 81.40 38.38
C PRO V 59 -15.37 82.60 38.51
N ASP V 60 -14.55 82.58 39.57
CA ASP V 60 -13.56 83.65 39.93
C ASP V 60 -12.39 83.64 38.95
N LYS V 61 -11.90 82.47 38.55
CA LYS V 61 -10.81 82.29 37.54
C LYS V 61 -11.37 82.53 36.12
N SER V 62 -10.49 82.79 35.17
CA SER V 62 -10.85 83.24 33.80
C SER V 62 -11.23 82.04 32.91
N TYR V 63 -12.06 82.29 31.91
CA TYR V 63 -12.58 81.30 30.92
C TYR V 63 -11.41 80.56 30.28
N LYS V 64 -11.54 79.24 30.16
CA LYS V 64 -10.55 78.33 29.50
C LYS V 64 -11.17 77.84 28.18
N LYS V 65 -10.33 77.58 27.18
N LYS V 65 -10.32 77.55 27.18
CA LYS V 65 -10.76 77.13 25.83
CA LYS V 65 -10.77 77.13 25.83
C LYS V 65 -11.54 75.82 25.95
C LYS V 65 -11.54 75.82 25.94
N SER V 66 -12.63 75.70 25.18
CA SER V 66 -13.54 74.53 25.20
C SER V 66 -12.78 73.28 24.74
N ALA V 67 -11.97 73.40 23.70
CA ALA V 67 -11.16 72.27 23.17
C ALA V 67 -10.25 71.70 24.29
N ARG V 68 -9.76 72.54 25.20
CA ARG V 68 -8.93 72.11 26.37
C ARG V 68 -9.81 71.27 27.31
N ILE V 69 -11.03 71.74 27.58
CA ILE V 69 -11.99 71.10 28.53
C ILE V 69 -12.45 69.75 27.95
N VAL V 70 -12.87 69.74 26.68
CA VAL V 70 -13.41 68.54 25.99
C VAL V 70 -12.31 67.47 25.93
N GLY V 71 -11.08 67.87 25.61
CA GLY V 71 -9.91 66.98 25.54
C GLY V 71 -9.67 66.30 26.88
N ASP V 72 -9.66 67.09 27.96
CA ASP V 72 -9.42 66.62 29.35
C ASP V 72 -10.53 65.62 29.74
N VAL V 73 -11.79 65.95 29.45
CA VAL V 73 -12.96 65.11 29.83
C VAL V 73 -12.91 63.79 29.05
N MET V 74 -12.64 63.86 27.74
CA MET V 74 -12.59 62.71 26.81
C MET V 74 -11.42 61.79 27.20
N GLY V 75 -10.28 62.37 27.57
CA GLY V 75 -9.07 61.64 27.99
C GLY V 75 -9.30 60.83 29.25
N LYS V 76 -9.93 61.43 30.27
CA LYS V 76 -9.86 60.94 31.68
C LYS V 76 -11.14 60.21 32.11
N TYR V 77 -12.30 60.55 31.56
CA TYR V 77 -13.62 60.14 32.14
C TYR V 77 -14.58 59.57 31.07
N HIS V 78 -14.70 60.23 29.91
CA HIS V 78 -15.78 60.02 28.90
C HIS V 78 -15.19 59.54 27.57
N PRO V 79 -15.00 58.22 27.38
CA PRO V 79 -14.32 57.70 26.19
C PRO V 79 -15.27 57.63 24.98
N HIS V 80 -15.70 58.79 24.48
CA HIS V 80 -16.66 58.93 23.35
C HIS V 80 -16.30 60.15 22.51
N GLY V 81 -17.13 60.47 21.52
N GLY V 81 -17.13 60.46 21.51
CA GLY V 81 -16.91 61.55 20.54
CA GLY V 81 -16.90 61.54 20.54
C GLY V 81 -16.78 62.90 21.21
C GLY V 81 -16.77 62.90 21.21
N ASP V 82 -15.91 63.77 20.65
CA ASP V 82 -15.76 65.19 21.06
C ASP V 82 -17.09 65.92 20.85
N SER V 83 -17.81 65.65 19.75
CA SER V 83 -19.12 66.30 19.48
C SER V 83 -20.12 65.98 20.60
N SER V 84 -20.20 64.73 21.07
CA SER V 84 -21.16 64.29 22.12
C SER V 84 -20.91 65.13 23.39
N ILE V 85 -19.62 65.33 23.73
CA ILE V 85 -19.18 66.06 24.96
C ILE V 85 -19.45 67.56 24.76
N TYR V 86 -18.96 68.15 23.68
CA TYR V 86 -19.03 69.61 23.48
C TYR V 86 -20.49 70.08 23.45
N GLU V 87 -21.34 69.38 22.69
CA GLU V 87 -22.77 69.80 22.52
C GLU V 87 -23.47 69.71 23.87
N ALA V 88 -23.10 68.73 24.71
CA ALA V 88 -23.70 68.53 26.05
C ALA V 88 -23.29 69.69 26.96
N MET V 89 -22.06 70.18 26.80
CA MET V 89 -21.53 71.33 27.59
C MET V 89 -22.23 72.61 27.10
N VAL V 90 -22.35 72.78 25.79
CA VAL V 90 -23.00 73.96 25.15
C VAL V 90 -24.40 74.13 25.77
N ARG V 91 -25.23 73.08 25.75
CA ARG V 91 -26.63 73.09 26.23
C ARG V 91 -26.69 73.58 27.68
N MET V 92 -25.77 73.12 28.54
CA MET V 92 -25.70 73.49 29.97
C MET V 92 -25.40 75.00 30.12
N ALA V 93 -24.96 75.65 29.03
CA ALA V 93 -24.52 77.05 29.03
C ALA V 93 -25.58 77.95 28.40
N GLN V 94 -26.62 77.37 27.80
CA GLN V 94 -27.70 78.13 27.12
C GLN V 94 -28.80 78.49 28.13
N ASP V 95 -29.04 79.78 28.29
CA ASP V 95 -30.03 80.30 29.27
C ASP V 95 -31.46 80.00 28.78
N PHE V 96 -31.63 79.58 27.52
CA PHE V 96 -32.94 79.19 26.92
C PHE V 96 -33.14 77.66 26.97
N SER V 97 -32.11 76.90 27.37
CA SER V 97 -32.17 75.42 27.49
C SER V 97 -32.24 75.04 28.97
N TYR V 98 -31.32 75.58 29.77
CA TYR V 98 -31.17 75.33 31.22
C TYR V 98 -31.79 76.50 32.01
N ARG V 99 -32.75 76.17 32.87
CA ARG V 99 -33.44 77.14 33.77
C ARG V 99 -32.43 77.75 34.73
N TYR V 100 -31.50 76.94 35.23
CA TYR V 100 -30.32 77.37 36.02
C TYR V 100 -29.07 76.85 35.32
N PRO V 101 -28.51 77.63 34.37
CA PRO V 101 -27.29 77.24 33.65
C PRO V 101 -26.18 76.75 34.60
N LEU V 102 -25.51 75.66 34.22
CA LEU V 102 -24.44 74.99 34.99
C LEU V 102 -23.07 75.34 34.39
N VAL V 103 -23.05 75.95 33.21
CA VAL V 103 -21.79 76.32 32.51
C VAL V 103 -21.87 77.78 32.06
N ASP V 104 -20.79 78.53 32.29
CA ASP V 104 -20.68 79.96 31.93
C ASP V 104 -19.82 80.02 30.66
N GLY V 105 -20.45 80.32 29.52
CA GLY V 105 -19.84 80.34 28.19
C GLY V 105 -19.37 81.73 27.77
N GLN V 106 -18.28 81.79 27.01
CA GLN V 106 -17.77 83.02 26.35
C GLN V 106 -17.73 82.74 24.85
N GLY V 107 -18.59 83.42 24.07
CA GLY V 107 -18.62 83.32 22.60
C GLY V 107 -19.97 82.86 22.08
N ASN V 108 -20.04 82.39 20.84
CA ASN V 108 -21.28 81.92 20.16
C ASN V 108 -21.64 80.52 20.70
N PHE V 109 -22.53 80.46 21.71
CA PHE V 109 -23.11 79.22 22.26
C PHE V 109 -24.53 78.98 21.71
N GLY V 110 -24.79 79.51 20.51
CA GLY V 110 -26.06 79.33 19.79
C GLY V 110 -27.13 80.33 20.21
N SER V 111 -28.30 80.23 19.58
CA SER V 111 -29.48 81.09 19.79
C SER V 111 -30.73 80.21 19.81
N MET V 112 -31.89 80.84 20.02
N MET V 112 -31.89 80.83 20.03
CA MET V 112 -33.23 80.18 20.02
CA MET V 112 -33.23 80.20 20.03
C MET V 112 -33.61 79.77 18.60
C MET V 112 -33.61 79.78 18.60
N ASP V 113 -32.93 80.30 17.58
CA ASP V 113 -33.21 79.99 16.15
C ASP V 113 -32.57 78.64 15.74
N GLY V 114 -31.87 77.98 16.66
CA GLY V 114 -31.32 76.64 16.43
C GLY V 114 -30.04 76.68 15.64
N ASP V 115 -29.43 77.86 15.40
CA ASP V 115 -28.02 77.90 14.92
C ASP V 115 -27.19 77.30 16.06
N GLY V 116 -26.30 76.37 15.75
CA GLY V 116 -25.47 75.72 16.77
C GLY V 116 -24.49 76.72 17.40
N ALA V 117 -23.83 76.29 18.47
CA ALA V 117 -22.63 76.94 19.02
C ALA V 117 -21.53 76.92 17.95
N ALA V 118 -20.66 77.93 17.94
CA ALA V 118 -19.38 77.86 17.19
C ALA V 118 -18.63 76.60 17.61
N ALA V 119 -17.73 76.09 16.75
CA ALA V 119 -16.83 74.95 17.01
C ALA V 119 -16.03 75.21 18.30
N MET V 120 -15.55 74.16 18.97
CA MET V 120 -14.93 74.24 20.31
C MET V 120 -13.61 75.02 20.26
N ARG V 121 -12.99 75.16 19.08
CA ARG V 121 -11.76 75.99 18.95
C ARG V 121 -12.10 77.45 19.26
N TYR V 122 -13.34 77.88 18.99
CA TYR V 122 -13.77 79.30 19.03
C TYR V 122 -14.25 79.71 20.44
N THR V 123 -14.77 78.79 21.26
CA THR V 123 -15.49 79.15 22.50
C THR V 123 -14.61 78.88 23.72
N GLU V 124 -14.92 79.55 24.83
CA GLU V 124 -14.29 79.34 26.15
C GLU V 124 -15.42 79.14 27.17
N ALA V 125 -15.14 78.57 28.34
CA ALA V 125 -16.17 78.15 29.31
C ALA V 125 -15.60 78.06 30.72
N ARG V 126 -16.48 78.12 31.72
CA ARG V 126 -16.17 77.84 33.15
C ARG V 126 -17.44 77.42 33.90
N MET V 127 -17.33 77.17 35.21
CA MET V 127 -18.49 76.91 36.09
C MET V 127 -19.32 78.19 36.24
N THR V 128 -20.63 78.00 36.46
CA THR V 128 -21.55 79.03 37.01
C THR V 128 -21.42 78.98 38.53
N LYS V 129 -21.78 80.06 39.24
CA LYS V 129 -21.74 80.10 40.72
C LYS V 129 -22.58 78.95 41.29
N ILE V 130 -23.69 78.60 40.65
CA ILE V 130 -24.62 77.55 41.17
C ILE V 130 -24.01 76.16 40.98
N THR V 131 -23.08 75.98 40.04
CA THR V 131 -22.44 74.66 39.80
C THR V 131 -21.52 74.34 40.98
N LEU V 132 -21.03 75.36 41.69
CA LEU V 132 -20.27 75.17 42.97
C LEU V 132 -21.15 74.41 43.96
N GLU V 133 -22.45 74.66 43.98
CA GLU V 133 -23.41 73.99 44.91
C GLU V 133 -23.58 72.54 44.50
N LEU V 134 -23.51 72.22 43.20
CA LEU V 134 -23.54 70.80 42.73
C LEU V 134 -22.31 70.06 43.27
N LEU V 135 -21.16 70.73 43.34
CA LEU V 135 -19.86 70.10 43.64
C LEU V 135 -19.46 70.28 45.10
N ARG V 136 -20.16 71.12 45.87
CA ARG V 136 -19.76 71.49 47.26
C ARG V 136 -19.58 70.21 48.09
N ASP V 137 -18.39 70.04 48.69
CA ASP V 137 -18.08 68.96 49.66
C ASP V 137 -17.85 67.62 48.93
N ILE V 138 -17.54 67.66 47.63
CA ILE V 138 -17.25 66.43 46.84
C ILE V 138 -15.96 65.80 47.38
N ASN V 139 -15.10 66.59 48.02
CA ASN V 139 -13.78 66.15 48.53
C ASN V 139 -13.85 65.73 50.01
N LYS V 140 -15.04 65.67 50.61
CA LYS V 140 -15.24 65.34 52.04
C LYS V 140 -15.98 64.01 52.18
N ASP V 141 -15.70 63.05 51.29
CA ASP V 141 -16.24 61.66 51.37
C ASP V 141 -17.75 61.69 51.62
N THR V 142 -18.46 62.48 50.81
CA THR V 142 -19.93 62.68 50.81
C THR V 142 -20.55 61.76 49.76
N ILE V 143 -19.79 61.41 48.73
CA ILE V 143 -20.23 60.57 47.57
C ILE V 143 -19.12 59.56 47.29
N ASP V 144 -19.47 58.39 46.75
CA ASP V 144 -18.51 57.30 46.44
C ASP V 144 -17.85 57.62 45.11
N PHE V 145 -16.52 57.54 45.03
CA PHE V 145 -15.77 57.54 43.74
C PHE V 145 -15.70 56.12 43.18
N ILE V 146 -15.46 56.02 41.88
CA ILE V 146 -15.31 54.73 41.13
C ILE V 146 -14.18 54.92 40.11
N ASP V 147 -13.63 53.81 39.63
CA ASP V 147 -12.57 53.82 38.59
C ASP V 147 -13.21 54.35 37.30
N ASN V 148 -12.46 55.14 36.52
CA ASN V 148 -12.85 55.56 35.16
C ASN V 148 -12.76 54.34 34.24
N TYR V 149 -13.05 54.54 32.95
CA TYR V 149 -13.17 53.48 31.93
C TYR V 149 -11.89 52.63 31.79
N ASP V 150 -10.70 53.23 31.95
CA ASP V 150 -9.41 52.50 31.75
C ASP V 150 -8.74 52.21 33.10
N GLY V 151 -9.31 52.65 34.22
CA GLY V 151 -8.79 52.38 35.57
C GLY V 151 -7.58 53.23 35.93
N ASN V 152 -7.23 54.25 35.14
CA ASN V 152 -6.10 55.18 35.41
C ASN V 152 -6.58 56.42 36.20
N GLU V 153 -7.88 56.56 36.48
CA GLU V 153 -8.46 57.77 37.13
C GLU V 153 -9.65 57.39 38.02
N ARG V 154 -9.94 58.26 39.00
CA ARG V 154 -11.16 58.16 39.85
C ARG V 154 -12.14 59.24 39.39
N GLU V 155 -13.41 58.87 39.22
CA GLU V 155 -14.50 59.82 38.90
C GLU V 155 -15.62 59.61 39.91
N PRO V 156 -16.42 60.67 40.19
CA PRO V 156 -17.52 60.57 41.15
C PRO V 156 -18.73 59.86 40.53
N SER V 157 -19.27 58.85 41.22
CA SER V 157 -20.49 58.09 40.84
C SER V 157 -21.70 59.04 40.79
N VAL V 158 -21.72 60.06 41.64
CA VAL V 158 -22.83 61.06 41.75
C VAL V 158 -22.24 62.33 42.37
N LEU V 159 -22.84 63.50 42.13
CA LEU V 159 -22.39 64.76 42.77
C LEU V 159 -23.21 64.99 44.04
N PRO V 160 -22.62 65.70 45.03
CA PRO V 160 -23.35 66.10 46.23
C PRO V 160 -24.71 66.74 45.95
N ALA V 161 -24.77 67.60 44.93
CA ALA V 161 -26.03 68.22 44.46
C ALA V 161 -26.74 68.90 45.62
N ARG V 162 -26.20 70.04 46.08
CA ARG V 162 -26.69 70.73 47.29
C ARG V 162 -27.96 71.54 46.96
N PHE V 163 -28.37 71.58 45.67
CA PHE V 163 -29.74 72.01 45.25
C PHE V 163 -30.36 70.90 44.38
N PRO V 164 -31.72 70.78 44.36
CA PRO V 164 -32.41 69.69 43.66
C PRO V 164 -32.47 69.85 42.13
N ASN V 165 -31.41 69.37 41.46
CA ASN V 165 -31.05 69.77 40.07
C ASN V 165 -31.92 69.02 39.05
N LEU V 166 -32.33 67.78 39.36
CA LEU V 166 -33.14 66.95 38.43
C LEU V 166 -34.39 67.74 38.03
N LEU V 167 -35.15 68.22 39.01
CA LEU V 167 -36.43 68.95 38.77
C LEU V 167 -36.12 70.40 38.37
N ALA V 168 -35.07 71.00 38.92
CA ALA V 168 -34.76 72.43 38.68
C ALA V 168 -34.48 72.66 37.20
N ASN V 169 -33.55 71.89 36.65
CA ASN V 169 -33.10 72.07 35.25
C ASN V 169 -33.89 71.13 34.34
N GLY V 170 -34.40 70.02 34.89
CA GLY V 170 -35.15 69.04 34.10
C GLY V 170 -34.19 68.12 33.38
N ALA V 171 -34.67 67.38 32.37
CA ALA V 171 -33.92 66.31 31.69
C ALA V 171 -34.78 65.69 30.59
N SER V 172 -34.23 65.52 29.39
CA SER V 172 -34.85 64.72 28.30
C SER V 172 -33.80 63.73 27.78
N GLY V 173 -34.20 62.49 27.55
CA GLY V 173 -33.27 61.41 27.17
C GLY V 173 -34.00 60.26 26.51
N ILE V 174 -33.59 59.92 25.29
CA ILE V 174 -34.07 58.72 24.55
C ILE V 174 -33.14 57.57 24.94
N ALA V 175 -33.66 56.56 25.64
CA ALA V 175 -32.89 55.39 26.11
C ALA V 175 -33.22 54.22 25.19
N VAL V 176 -33.22 52.99 25.71
CA VAL V 176 -33.75 51.78 25.01
C VAL V 176 -34.82 51.17 25.92
N GLY V 177 -36.00 50.90 25.35
CA GLY V 177 -37.18 50.38 26.08
C GLY V 177 -37.95 51.48 26.80
N MET V 178 -37.35 52.67 26.95
CA MET V 178 -37.95 53.81 27.69
C MET V 178 -37.24 55.11 27.30
N ALA V 179 -37.87 56.25 27.56
CA ALA V 179 -37.26 57.61 27.50
C ALA V 179 -37.52 58.32 28.82
N THR V 180 -36.96 59.52 28.98
CA THR V 180 -37.30 60.45 30.09
C THR V 180 -37.63 61.82 29.48
N ASN V 181 -38.56 62.53 30.10
CA ASN V 181 -38.90 63.92 29.76
C ASN V 181 -39.38 64.60 31.05
N ILE V 182 -38.50 65.37 31.69
CA ILE V 182 -38.79 66.06 32.97
C ILE V 182 -38.66 67.55 32.73
N PRO V 183 -39.72 68.35 32.97
CA PRO V 183 -39.66 69.78 32.70
C PRO V 183 -38.89 70.47 33.81
N PRO V 184 -38.27 71.63 33.52
CA PRO V 184 -37.60 72.43 34.55
C PRO V 184 -38.62 73.07 35.51
N HIS V 185 -38.14 73.48 36.69
CA HIS V 185 -38.97 74.00 37.81
C HIS V 185 -38.37 75.28 38.38
N ASN V 186 -39.16 76.02 39.16
CA ASN V 186 -38.66 77.21 39.88
C ASN V 186 -37.94 76.72 41.14
N LEU V 187 -36.69 77.16 41.36
CA LEU V 187 -35.82 76.65 42.43
C LEU V 187 -36.44 77.02 43.79
N THR V 188 -36.93 78.26 43.92
CA THR V 188 -37.62 78.76 45.14
C THR V 188 -38.75 77.80 45.50
N GLU V 189 -39.64 77.54 44.54
CA GLU V 189 -40.81 76.65 44.73
C GLU V 189 -40.31 75.27 45.17
N LEU V 190 -39.31 74.72 44.47
CA LEU V 190 -38.75 73.36 44.75
C LEU V 190 -38.30 73.28 46.20
N ILE V 191 -37.48 74.26 46.64
CA ILE V 191 -36.81 74.20 47.96
C ILE V 191 -37.87 74.34 49.05
N ASN V 192 -38.87 75.21 48.86
CA ASN V 192 -40.04 75.31 49.76
C ASN V 192 -40.75 73.95 49.81
N GLY V 193 -40.89 73.27 48.67
CA GLY V 193 -41.44 71.91 48.61
C GLY V 193 -40.66 70.95 49.50
N VAL V 194 -39.33 70.94 49.37
CA VAL V 194 -38.42 70.02 50.11
C VAL V 194 -38.53 70.32 51.60
N LEU V 195 -38.53 71.59 51.98
CA LEU V 195 -38.65 72.04 53.40
C LEU V 195 -39.96 71.53 53.99
N SER V 196 -41.06 71.70 53.25
CA SER V 196 -42.41 71.20 53.63
C SER V 196 -42.35 69.70 53.88
N LEU V 197 -41.83 68.93 52.91
CA LEU V 197 -41.62 67.46 52.99
C LEU V 197 -40.76 67.12 54.21
N SER V 198 -39.68 67.86 54.46
CA SER V 198 -38.68 67.57 55.53
C SER V 198 -39.32 67.75 56.92
N LYS V 199 -40.43 68.47 57.00
CA LYS V 199 -41.20 68.71 58.26
C LYS V 199 -42.38 67.73 58.36
N ASN V 200 -42.82 67.13 57.25
CA ASN V 200 -44.03 66.27 57.19
C ASN V 200 -43.80 65.13 56.18
N PRO V 201 -43.19 64.02 56.62
CA PRO V 201 -42.93 62.89 55.72
C PRO V 201 -44.18 62.36 54.98
N ASP V 202 -45.36 62.57 55.56
CA ASP V 202 -46.65 62.00 55.09
C ASP V 202 -47.40 63.01 54.20
N ILE V 203 -46.73 64.10 53.79
CA ILE V 203 -47.31 65.20 52.96
C ILE V 203 -47.90 64.63 51.67
N SER V 204 -49.05 65.17 51.24
CA SER V 204 -49.75 64.82 49.97
C SER V 204 -49.14 65.59 48.80
N ILE V 205 -49.26 65.06 47.59
CA ILE V 205 -48.90 65.76 46.33
C ILE V 205 -49.64 67.11 46.30
N ALA V 206 -50.93 67.11 46.66
CA ALA V 206 -51.81 68.29 46.70
C ALA V 206 -51.19 69.40 47.55
N GLU V 207 -50.67 69.05 48.73
CA GLU V 207 -50.06 70.01 49.69
C GLU V 207 -48.72 70.51 49.12
N LEU V 208 -47.94 69.60 48.53
CA LEU V 208 -46.65 69.93 47.85
C LEU V 208 -46.92 70.96 46.75
N MET V 209 -48.08 70.88 46.08
CA MET V 209 -48.38 71.75 44.90
C MET V 209 -48.78 73.16 45.35
N GLU V 210 -48.99 73.41 46.64
CA GLU V 210 -49.10 74.79 47.20
C GLU V 210 -47.74 75.47 47.18
N ASP V 211 -46.64 74.70 47.19
CA ASP V 211 -45.26 75.24 47.04
C ASP V 211 -44.87 75.21 45.56
N ILE V 212 -45.05 74.05 44.92
CA ILE V 212 -44.63 73.78 43.51
C ILE V 212 -45.85 73.92 42.60
N GLU V 213 -46.15 75.14 42.14
CA GLU V 213 -47.33 75.46 41.29
C GLU V 213 -47.35 74.57 40.04
N GLY V 214 -46.18 74.34 39.43
CA GLY V 214 -46.02 73.62 38.15
C GLY V 214 -44.63 73.83 37.57
N PRO V 215 -44.36 73.35 36.33
CA PRO V 215 -43.10 73.64 35.67
C PRO V 215 -42.88 75.15 35.55
N ASP V 216 -41.62 75.55 35.45
CA ASP V 216 -41.17 76.94 35.15
C ASP V 216 -40.09 76.84 34.07
N PHE V 217 -40.47 77.05 32.82
CA PHE V 217 -39.55 76.96 31.66
C PHE V 217 -38.65 78.20 31.62
N PRO V 218 -37.38 78.07 31.16
CA PRO V 218 -36.51 79.23 31.03
C PRO V 218 -37.06 80.25 30.03
N THR V 219 -37.77 79.77 28.99
CA THR V 219 -38.31 80.60 27.89
C THR V 219 -39.62 81.28 28.30
N ALA V 220 -40.10 81.04 29.53
CA ALA V 220 -41.34 81.60 30.08
C ALA V 220 -42.55 81.04 29.33
N GLY V 221 -43.42 81.91 28.78
CA GLY V 221 -44.65 81.50 28.09
C GLY V 221 -45.75 81.16 29.09
N LEU V 222 -46.74 80.39 28.64
CA LEU V 222 -47.98 80.08 29.41
C LEU V 222 -48.22 78.57 29.43
N ILE V 223 -48.78 78.07 30.52
CA ILE V 223 -49.31 76.68 30.63
C ILE V 223 -50.82 76.77 30.81
N LEU V 224 -51.57 76.05 29.98
CA LEU V 224 -53.05 76.00 30.02
C LEU V 224 -53.50 74.96 31.04
N GLY V 225 -53.90 75.42 32.22
CA GLY V 225 -54.61 74.60 33.22
C GLY V 225 -53.66 73.87 34.13
N LYS V 226 -54.21 73.32 35.22
CA LYS V 226 -53.43 72.58 36.25
C LYS V 226 -53.69 71.07 36.11
N SER V 227 -54.58 70.64 35.20
CA SER V 227 -54.97 69.22 34.97
C SER V 227 -53.76 68.39 34.57
N GLY V 228 -53.08 68.77 33.49
CA GLY V 228 -51.87 68.08 32.99
C GLY V 228 -50.80 68.01 34.06
N ILE V 229 -50.52 69.16 34.68
CA ILE V 229 -49.47 69.32 35.72
C ILE V 229 -49.75 68.33 36.86
N ARG V 230 -51.01 68.31 37.33
N ARG V 230 -51.01 68.31 37.33
CA ARG V 230 -51.47 67.50 38.49
CA ARG V 230 -51.47 67.50 38.49
C ARG V 230 -51.26 66.02 38.15
C ARG V 230 -51.26 66.02 38.15
N ARG V 231 -51.72 65.58 36.97
CA ARG V 231 -51.62 64.17 36.49
C ARG V 231 -50.15 63.75 36.45
N ALA V 232 -49.28 64.65 35.99
CA ALA V 232 -47.82 64.42 35.84
C ALA V 232 -47.17 64.28 37.22
N TYR V 233 -47.56 65.10 38.19
CA TYR V 233 -47.00 65.10 39.57
C TYR V 233 -47.59 63.94 40.37
N GLU V 234 -48.78 63.47 40.01
CA GLU V 234 -49.47 62.35 40.69
C GLU V 234 -48.81 61.03 40.28
N THR V 235 -48.57 60.84 38.99
CA THR V 235 -48.30 59.53 38.34
C THR V 235 -46.94 59.48 37.66
N GLY V 236 -46.34 60.62 37.35
CA GLY V 236 -45.05 60.70 36.61
C GLY V 236 -45.27 60.83 35.12
N ARG V 237 -46.53 60.72 34.68
CA ARG V 237 -46.91 60.89 33.25
C ARG V 237 -48.10 61.84 33.16
N GLY V 238 -48.02 62.78 32.23
CA GLY V 238 -49.05 63.79 31.96
C GLY V 238 -48.66 64.60 30.74
N SER V 239 -49.62 65.10 29.99
CA SER V 239 -49.38 66.10 28.93
C SER V 239 -49.66 67.49 29.51
N ILE V 240 -48.73 68.41 29.29
CA ILE V 240 -48.80 69.84 29.70
C ILE V 240 -48.84 70.67 28.42
N GLN V 241 -49.89 71.48 28.23
CA GLN V 241 -50.06 72.33 27.03
C GLN V 241 -49.33 73.66 27.28
N MET V 242 -48.27 73.92 26.51
CA MET V 242 -47.49 75.19 26.57
C MET V 242 -48.01 76.12 25.48
N ARG V 243 -48.00 77.44 25.71
CA ARG V 243 -48.50 78.41 24.71
C ARG V 243 -47.62 79.66 24.72
N SER V 244 -47.24 80.12 23.53
CA SER V 244 -46.59 81.44 23.27
C SER V 244 -47.36 82.56 23.97
N ARG V 245 -46.65 83.55 24.52
CA ARG V 245 -47.26 84.81 25.00
C ARG V 245 -47.42 85.72 23.79
N ALA V 246 -48.67 85.88 23.33
CA ALA V 246 -49.04 86.73 22.18
C ALA V 246 -50.12 87.73 22.61
N VAL V 247 -50.07 88.92 22.05
CA VAL V 247 -51.16 89.94 22.18
C VAL V 247 -51.55 90.43 20.78
N ILE V 248 -52.74 91.01 20.69
CA ILE V 248 -53.24 91.74 19.49
C ILE V 248 -53.19 93.24 19.80
N GLU V 249 -52.62 94.04 18.91
CA GLU V 249 -52.46 95.50 19.13
C GLU V 249 -52.69 96.24 17.80
N GLU V 250 -53.22 97.48 17.88
CA GLU V 250 -53.36 98.47 16.77
C GLU V 250 -51.98 98.73 16.14
N ARG V 251 -51.89 98.81 14.81
CA ARG V 251 -50.63 99.13 14.10
C ARG V 251 -50.82 100.43 13.29
N GLY V 252 -52.00 101.07 13.43
CA GLY V 252 -52.35 102.31 12.71
C GLY V 252 -53.19 102.02 11.48
N GLY V 253 -54.01 102.99 11.07
CA GLY V 253 -54.96 102.89 9.95
C GLY V 253 -56.08 101.91 10.27
N GLY V 254 -56.36 101.67 11.56
CA GLY V 254 -57.40 100.72 12.00
C GLY V 254 -57.02 99.26 11.72
N ARG V 255 -55.81 99.01 11.26
CA ARG V 255 -55.29 97.63 11.02
C ARG V 255 -54.59 97.17 12.30
N GLN V 256 -54.71 95.88 12.63
CA GLN V 256 -54.11 95.27 13.84
C GLN V 256 -52.87 94.45 13.47
N ARG V 257 -52.24 93.86 14.49
CA ARG V 257 -51.18 92.83 14.35
C ARG V 257 -51.10 91.99 15.63
N ILE V 258 -50.60 90.76 15.47
CA ILE V 258 -50.32 89.79 16.55
C ILE V 258 -48.83 89.91 16.88
N VAL V 259 -48.49 90.14 18.15
CA VAL V 259 -47.07 90.24 18.59
C VAL V 259 -46.79 89.10 19.56
N VAL V 260 -45.81 88.26 19.24
CA VAL V 260 -45.38 87.09 20.06
C VAL V 260 -44.04 87.44 20.72
N THR V 261 -43.96 87.39 22.05
CA THR V 261 -42.78 87.83 22.83
C THR V 261 -42.15 86.66 23.59
N GLU V 262 -42.87 85.56 23.81
CA GLU V 262 -42.37 84.34 24.49
C GLU V 262 -42.84 83.13 23.67
N ILE V 263 -41.97 82.15 23.40
CA ILE V 263 -42.37 80.90 22.68
C ILE V 263 -42.27 79.70 23.62
N PRO V 264 -42.91 78.56 23.26
CA PRO V 264 -42.88 77.38 24.11
C PRO V 264 -41.46 76.81 24.18
N PHE V 265 -41.22 76.07 25.27
CA PHE V 265 -39.92 75.44 25.62
C PHE V 265 -39.48 74.49 24.51
N GLN V 266 -38.20 74.54 24.16
CA GLN V 266 -37.53 73.63 23.18
C GLN V 266 -38.12 73.81 21.77
N VAL V 267 -38.93 74.84 21.53
CA VAL V 267 -39.43 75.16 20.16
C VAL V 267 -38.41 76.09 19.47
N ASN V 268 -38.06 75.76 18.23
CA ASN V 268 -37.07 76.50 17.40
C ASN V 268 -37.75 77.72 16.78
N LYS V 269 -37.32 78.94 17.13
CA LYS V 269 -37.97 80.19 16.67
C LYS V 269 -37.96 80.23 15.14
N ALA V 270 -36.78 80.04 14.53
CA ALA V 270 -36.60 80.16 13.07
C ALA V 270 -37.55 79.19 12.36
N ARG V 271 -37.59 77.94 12.82
CA ARG V 271 -38.42 76.84 12.24
C ARG V 271 -39.91 77.18 12.41
N MET V 272 -40.31 77.66 13.60
CA MET V 272 -41.72 78.00 13.92
C MET V 272 -42.23 79.10 12.97
N ILE V 273 -41.40 80.12 12.69
CA ILE V 273 -41.75 81.22 11.74
C ILE V 273 -41.92 80.65 10.33
N GLU V 274 -41.02 79.75 9.91
CA GLU V 274 -41.03 79.11 8.58
C GLU V 274 -42.35 78.32 8.43
N LYS V 275 -42.80 77.60 9.47
CA LYS V 275 -44.11 76.89 9.43
C LYS V 275 -45.25 77.88 9.16
N ILE V 276 -45.21 79.07 9.77
CA ILE V 276 -46.28 80.12 9.63
C ILE V 276 -46.22 80.66 8.19
N ALA V 277 -45.03 81.00 7.69
CA ALA V 277 -44.81 81.51 6.32
C ALA V 277 -45.32 80.47 5.32
N GLU V 278 -45.07 79.19 5.62
CA GLU V 278 -45.44 78.04 4.76
C GLU V 278 -46.97 77.88 4.73
N LEU V 279 -47.66 78.07 5.86
CA LEU V 279 -49.15 78.03 5.91
C LEU V 279 -49.71 79.16 5.03
N VAL V 280 -49.10 80.34 5.07
CA VAL V 280 -49.52 81.54 4.28
C VAL V 280 -49.21 81.28 2.80
N ARG V 281 -47.97 80.88 2.45
CA ARG V 281 -47.55 80.50 1.07
C ARG V 281 -48.57 79.53 0.48
N ASP V 282 -49.01 78.53 1.25
CA ASP V 282 -49.89 77.40 0.80
C ASP V 282 -51.37 77.75 1.04
N LYS V 283 -51.70 79.03 1.22
CA LYS V 283 -53.07 79.56 1.49
C LYS V 283 -53.87 78.64 2.45
N LYS V 284 -53.23 78.07 3.49
CA LYS V 284 -53.88 77.13 4.46
C LYS V 284 -54.35 77.89 5.73
N ILE V 285 -54.02 79.19 5.83
CA ILE V 285 -54.51 80.13 6.90
C ILE V 285 -54.74 81.50 6.27
N ASP V 286 -55.89 82.12 6.54
CA ASP V 286 -56.39 83.30 5.78
C ASP V 286 -56.32 84.53 6.69
N GLY V 287 -55.74 85.64 6.21
CA GLY V 287 -55.75 86.94 6.90
C GLY V 287 -54.38 87.51 7.23
N ILE V 288 -53.28 86.78 6.99
CA ILE V 288 -51.91 87.24 7.39
C ILE V 288 -51.24 87.93 6.19
N THR V 289 -50.93 89.23 6.34
CA THR V 289 -50.44 90.13 5.26
C THR V 289 -48.92 90.30 5.34
N ASP V 290 -48.31 90.02 6.48
CA ASP V 290 -46.83 90.09 6.66
C ASP V 290 -46.44 89.31 7.91
N LEU V 291 -45.17 88.92 7.97
CA LEU V 291 -44.57 88.10 9.04
C LEU V 291 -43.11 88.51 9.18
N ARG V 292 -42.74 89.18 10.28
CA ARG V 292 -41.36 89.67 10.53
C ARG V 292 -40.89 89.15 11.89
N ASP V 293 -39.59 88.86 12.01
CA ASP V 293 -38.93 88.52 13.30
C ASP V 293 -38.12 89.74 13.73
N GLU V 294 -38.72 90.62 14.54
CA GLU V 294 -38.09 91.86 15.05
C GLU V 294 -37.33 91.56 16.35
N THR V 295 -37.01 90.29 16.62
CA THR V 295 -36.18 89.91 17.79
C THR V 295 -34.86 90.67 17.72
N SER V 296 -34.38 91.11 18.88
CA SER V 296 -33.14 91.91 19.07
C SER V 296 -32.77 91.78 20.56
N LEU V 297 -31.50 92.01 20.89
N LEU V 297 -31.49 92.01 20.89
CA LEU V 297 -31.03 91.88 22.30
CA LEU V 297 -31.00 91.90 22.29
C LEU V 297 -31.69 92.96 23.15
C LEU V 297 -31.70 92.95 23.15
N ARG V 298 -32.02 94.12 22.55
CA ARG V 298 -32.68 95.26 23.24
C ARG V 298 -34.14 94.92 23.51
N THR V 299 -34.91 94.47 22.49
CA THR V 299 -36.37 94.20 22.61
C THR V 299 -36.65 92.84 23.27
N GLY V 300 -35.73 91.88 23.20
CA GLY V 300 -36.00 90.45 23.48
C GLY V 300 -36.69 89.80 22.28
N VAL V 301 -37.40 88.68 22.50
CA VAL V 301 -38.13 87.95 21.42
C VAL V 301 -39.32 88.81 20.99
N ARG V 302 -39.48 88.99 19.67
CA ARG V 302 -40.55 89.84 19.11
C ARG V 302 -40.83 89.40 17.67
N VAL V 303 -41.84 88.55 17.51
CA VAL V 303 -42.30 88.05 16.18
C VAL V 303 -43.61 88.77 15.88
N VAL V 304 -43.66 89.51 14.78
CA VAL V 304 -44.82 90.36 14.38
C VAL V 304 -45.54 89.69 13.21
N ILE V 305 -46.87 89.56 13.32
CA ILE V 305 -47.77 89.00 12.28
C ILE V 305 -48.82 90.07 11.96
N ASP V 306 -48.71 90.74 10.80
CA ASP V 306 -49.66 91.78 10.35
C ASP V 306 -50.93 91.10 9.83
N VAL V 307 -52.10 91.61 10.22
CA VAL V 307 -53.45 91.06 9.90
C VAL V 307 -54.17 92.01 8.94
N ARG V 308 -54.76 91.48 7.87
CA ARG V 308 -55.54 92.23 6.82
C ARG V 308 -56.65 93.04 7.50
N LYS V 309 -56.98 94.22 6.95
CA LYS V 309 -57.91 95.21 7.58
C LYS V 309 -59.27 94.56 7.86
N ASP V 310 -59.87 93.76 6.98
CA ASP V 310 -61.20 93.16 7.21
C ASP V 310 -61.15 92.21 8.45
N ALA V 311 -59.99 91.64 8.76
CA ALA V 311 -59.85 90.26 9.28
C ALA V 311 -59.88 90.30 10.81
N ASN V 312 -60.49 89.30 11.43
CA ASN V 312 -60.53 89.13 12.91
C ASN V 312 -59.19 88.55 13.36
N ALA V 313 -58.43 89.27 14.18
CA ALA V 313 -57.07 88.87 14.64
C ALA V 313 -57.14 87.74 15.66
N SER V 314 -58.17 87.70 16.52
CA SER V 314 -58.33 86.67 17.58
C SER V 314 -58.53 85.29 16.94
N VAL V 315 -59.28 85.26 15.83
CA VAL V 315 -59.56 84.01 15.06
C VAL V 315 -58.25 83.53 14.43
N ILE V 316 -57.48 84.45 13.83
CA ILE V 316 -56.16 84.12 13.20
C ILE V 316 -55.24 83.57 14.30
N LEU V 317 -55.24 84.16 15.49
CA LEU V 317 -54.36 83.69 16.61
C LEU V 317 -54.79 82.27 17.02
N ASN V 318 -56.08 81.99 17.16
CA ASN V 318 -56.56 80.64 17.57
C ASN V 318 -56.16 79.63 16.50
N ASN V 319 -56.26 80.01 15.22
CA ASN V 319 -55.86 79.13 14.09
C ASN V 319 -54.37 78.85 14.19
N LEU V 320 -53.55 79.86 14.44
CA LEU V 320 -52.07 79.72 14.54
C LEU V 320 -51.73 78.72 15.64
N TYR V 321 -52.45 78.76 16.76
CA TYR V 321 -52.20 77.82 17.89
C TYR V 321 -52.47 76.39 17.42
N LYS V 322 -53.60 76.18 16.72
N LYS V 322 -53.59 76.18 16.72
CA LYS V 322 -54.04 74.83 16.23
CA LYS V 322 -54.02 74.84 16.24
C LYS V 322 -53.04 74.31 15.20
C LYS V 322 -53.04 74.30 15.19
N GLN V 323 -52.46 75.19 14.38
CA GLN V 323 -51.79 74.78 13.12
C GLN V 323 -50.26 74.94 13.20
N THR V 324 -49.69 75.52 14.27
CA THR V 324 -48.22 75.72 14.39
C THR V 324 -47.73 75.36 15.79
N PRO V 325 -46.38 75.27 15.97
CA PRO V 325 -45.79 75.08 17.30
C PRO V 325 -45.93 76.28 18.25
N LEU V 326 -46.62 77.35 17.82
CA LEU V 326 -46.98 78.50 18.68
C LEU V 326 -47.68 78.02 19.96
N GLN V 327 -48.39 76.89 19.86
CA GLN V 327 -48.82 76.05 21.02
C GLN V 327 -48.20 74.67 20.80
N THR V 328 -47.53 74.13 21.82
CA THR V 328 -46.88 72.80 21.81
C THR V 328 -47.22 72.08 23.11
N SER V 329 -47.32 70.75 23.09
CA SER V 329 -47.47 69.92 24.32
C SER V 329 -46.09 69.54 24.85
N PHE V 330 -45.90 69.53 26.17
CA PHE V 330 -44.70 68.92 26.83
C PHE V 330 -45.13 67.59 27.45
N GLY V 331 -44.67 66.48 26.89
CA GLY V 331 -45.06 65.12 27.34
C GLY V 331 -44.23 64.66 28.52
N VAL V 332 -44.69 64.92 29.74
CA VAL V 332 -43.96 64.55 30.99
C VAL V 332 -43.90 63.02 31.11
N ASN V 333 -42.69 62.51 31.34
CA ASN V 333 -42.39 61.06 31.49
C ASN V 333 -41.23 60.96 32.48
N MET V 334 -41.55 61.01 33.77
CA MET V 334 -40.54 61.26 34.84
C MET V 334 -39.85 59.95 35.22
N ILE V 335 -38.92 59.52 34.37
CA ILE V 335 -38.08 58.31 34.57
C ILE V 335 -36.64 58.76 34.85
N ALA V 336 -36.13 58.36 36.01
CA ALA V 336 -34.73 58.54 36.44
C ALA V 336 -34.23 57.25 37.09
N LEU V 337 -32.91 57.17 37.33
CA LEU V 337 -32.24 56.04 38.01
C LEU V 337 -32.36 56.20 39.53
N VAL V 338 -32.93 55.21 40.20
CA VAL V 338 -33.07 55.11 41.68
C VAL V 338 -32.40 53.80 42.11
N ASN V 339 -31.38 53.87 42.96
CA ASN V 339 -30.50 52.72 43.34
C ASN V 339 -30.11 51.97 42.05
N GLY V 340 -29.67 52.73 41.03
CA GLY V 340 -29.09 52.19 39.78
C GLY V 340 -30.12 51.60 38.82
N ARG V 341 -31.42 51.72 39.09
CA ARG V 341 -32.49 51.14 38.22
C ARG V 341 -33.43 52.24 37.76
N PRO V 342 -33.94 52.19 36.50
CA PRO V 342 -34.88 53.19 36.02
C PRO V 342 -36.23 52.99 36.71
N LYS V 343 -36.78 54.06 37.29
CA LYS V 343 -38.12 54.04 37.95
C LYS V 343 -38.93 55.24 37.42
N LEU V 344 -40.19 55.02 37.04
CA LEU V 344 -41.19 56.09 36.85
C LEU V 344 -41.56 56.62 38.23
N ILE V 345 -41.30 57.90 38.49
CA ILE V 345 -41.46 58.48 39.86
C ILE V 345 -42.45 59.64 39.77
N ASN V 346 -43.23 59.83 40.83
CA ASN V 346 -44.13 61.00 40.99
C ASN V 346 -43.31 62.13 41.60
N LEU V 347 -43.87 63.33 41.71
CA LEU V 347 -43.20 64.51 42.30
C LEU V 347 -42.66 64.14 43.68
N LYS V 348 -43.45 63.47 44.52
CA LYS V 348 -43.05 63.21 45.94
C LYS V 348 -41.85 62.26 45.98
N GLU V 349 -41.84 61.18 45.19
CA GLU V 349 -40.70 60.22 45.19
C GLU V 349 -39.41 60.97 44.85
N ALA V 350 -39.45 61.80 43.81
CA ALA V 350 -38.30 62.59 43.32
C ALA V 350 -37.75 63.47 44.44
N LEU V 351 -38.63 64.14 45.21
CA LEU V 351 -38.24 65.06 46.31
C LEU V 351 -37.73 64.24 47.50
N VAL V 352 -38.38 63.12 47.79
CA VAL V 352 -37.99 62.19 48.90
C VAL V 352 -36.59 61.64 48.61
N HIS V 353 -36.34 61.10 47.42
CA HIS V 353 -35.01 60.54 47.03
C HIS V 353 -33.96 61.64 47.14
N TYR V 354 -34.31 62.89 46.81
CA TYR V 354 -33.37 64.04 46.86
C TYR V 354 -33.04 64.38 48.31
N LEU V 355 -34.07 64.57 49.13
CA LEU V 355 -33.91 64.90 50.57
C LEU V 355 -33.08 63.81 51.24
N GLU V 356 -33.31 62.54 50.90
CA GLU V 356 -32.59 61.38 51.48
C GLU V 356 -31.12 61.46 51.06
N HIS V 357 -30.84 61.87 49.83
CA HIS V 357 -29.46 62.08 49.30
C HIS V 357 -28.77 63.16 50.13
N GLN V 358 -29.49 64.22 50.50
CA GLN V 358 -28.92 65.37 51.26
C GLN V 358 -28.61 64.90 52.69
N LYS V 359 -29.53 64.19 53.34
CA LYS V 359 -29.34 63.65 54.71
C LYS V 359 -28.04 62.83 54.68
N THR V 360 -27.86 61.99 53.66
CA THR V 360 -26.66 61.12 53.49
C THR V 360 -25.41 61.98 53.34
N VAL V 361 -25.43 62.94 52.42
CA VAL V 361 -24.26 63.84 52.11
C VAL V 361 -23.87 64.60 53.38
N VAL V 362 -24.81 65.18 54.10
CA VAL V 362 -24.48 66.02 55.28
C VAL V 362 -23.99 65.10 56.42
N ARG V 363 -24.62 63.94 56.62
CA ARG V 363 -24.16 62.98 57.66
C ARG V 363 -22.72 62.59 57.34
N ARG V 364 -22.46 62.11 56.12
CA ARG V 364 -21.11 61.64 55.69
C ARG V 364 -20.10 62.78 55.78
N ARG V 365 -20.47 63.99 55.38
CA ARG V 365 -19.56 65.17 55.47
C ARG V 365 -19.15 65.32 56.93
N THR V 366 -20.13 65.25 57.84
CA THR V 366 -19.95 65.46 59.29
C THR V 366 -19.05 64.34 59.84
N GLN V 367 -19.35 63.09 59.47
CA GLN V 367 -18.54 61.90 59.85
C GLN V 367 -17.11 62.09 59.37
N TYR V 368 -16.91 62.60 58.16
CA TYR V 368 -15.57 62.83 57.54
C TYR V 368 -14.87 63.94 58.31
N ASN V 369 -15.54 65.06 58.56
CA ASN V 369 -14.94 66.23 59.26
C ASN V 369 -14.48 65.78 60.66
N LEU V 370 -15.30 64.96 61.33
CA LEU V 370 -15.01 64.39 62.67
C LEU V 370 -13.79 63.49 62.60
N ARG V 371 -13.78 62.54 61.65
CA ARG V 371 -12.63 61.63 61.36
C ARG V 371 -11.35 62.45 61.22
N LYS V 372 -11.34 63.45 60.34
CA LYS V 372 -10.14 64.27 60.00
C LYS V 372 -9.73 65.06 61.23
N ALA V 373 -10.67 65.66 61.95
CA ALA V 373 -10.43 66.48 63.15
C ALA V 373 -9.80 65.63 64.25
N LYS V 374 -10.32 64.43 64.47
CA LYS V 374 -9.84 63.46 65.51
C LYS V 374 -8.42 63.02 65.15
N ASP V 375 -8.19 62.56 63.92
CA ASP V 375 -6.83 62.22 63.40
C ASP V 375 -5.86 63.37 63.69
N ARG V 376 -6.28 64.61 63.46
CA ARG V 376 -5.46 65.84 63.60
C ARG V 376 -5.22 66.13 65.08
N ALA V 377 -6.26 65.98 65.90
CA ALA V 377 -6.21 66.19 67.36
C ALA V 377 -5.20 65.20 67.95
N HIS V 378 -5.26 63.94 67.52
CA HIS V 378 -4.32 62.85 67.90
C HIS V 378 -2.89 63.27 67.55
N ILE V 379 -2.64 63.82 66.35
CA ILE V 379 -1.27 64.25 65.95
C ILE V 379 -0.83 65.39 66.88
N LEU V 380 -1.71 66.36 67.14
CA LEU V 380 -1.40 67.56 67.97
C LEU V 380 -1.06 67.10 69.39
N GLU V 381 -1.73 66.06 69.90
CA GLU V 381 -1.46 65.46 71.23
C GLU V 381 -0.02 64.96 71.27
N GLY V 382 0.43 64.28 70.21
CA GLY V 382 1.83 63.82 70.02
C GLY V 382 2.82 64.97 70.01
N LEU V 383 2.54 66.02 69.23
CA LEU V 383 3.43 67.20 69.12
C LEU V 383 3.54 67.92 70.47
N ARG V 384 2.43 68.00 71.22
CA ARG V 384 2.37 68.65 72.55
C ARG V 384 3.33 67.91 73.50
N ILE V 385 3.17 66.59 73.63
CA ILE V 385 4.09 65.69 74.39
C ILE V 385 5.53 65.94 73.94
N ALA V 386 5.79 66.02 72.64
CA ALA V 386 7.17 66.16 72.10
C ALA V 386 7.76 67.51 72.50
N LEU V 387 6.98 68.60 72.38
CA LEU V 387 7.44 69.98 72.71
C LEU V 387 7.66 70.09 74.23
N ASP V 388 6.80 69.44 75.02
CA ASP V 388 6.81 69.49 76.51
C ASP V 388 8.00 68.71 77.07
N HIS V 389 8.53 67.71 76.36
CA HIS V 389 9.73 66.93 76.79
C HIS V 389 10.78 66.93 75.68
N ILE V 390 11.00 68.09 75.05
CA ILE V 390 11.79 68.16 73.77
C ILE V 390 13.21 67.67 74.01
N ASP V 391 13.82 67.95 75.16
CA ASP V 391 15.24 67.59 75.44
C ASP V 391 15.37 66.06 75.41
N GLU V 392 14.42 65.35 76.02
CA GLU V 392 14.41 63.86 76.06
C GLU V 392 14.19 63.30 74.65
N ILE V 393 13.24 63.88 73.90
CA ILE V 393 12.87 63.46 72.51
C ILE V 393 14.13 63.49 71.63
N ILE V 394 14.90 64.58 71.70
CA ILE V 394 16.12 64.78 70.86
C ILE V 394 17.11 63.66 71.16
N SER V 395 17.42 63.43 72.44
CA SER V 395 18.38 62.39 72.91
C SER V 395 17.95 61.02 72.38
N THR V 396 16.67 60.65 72.55
CA THR V 396 16.05 59.40 72.03
C THR V 396 16.36 59.25 70.54
N ILE V 397 16.19 60.31 69.75
CA ILE V 397 16.34 60.30 68.27
C ILE V 397 17.83 60.25 67.93
N ARG V 398 18.67 60.91 68.72
CA ARG V 398 20.14 61.02 68.47
C ARG V 398 20.83 59.69 68.72
N GLU V 399 20.46 58.99 69.80
CA GLU V 399 21.01 57.66 70.15
C GLU V 399 20.44 56.59 69.18
N SER V 400 19.39 56.91 68.40
CA SER V 400 18.80 56.01 67.38
C SER V 400 19.66 56.02 66.12
N ASP V 401 19.98 54.85 65.57
CA ASP V 401 20.90 54.68 64.42
C ASP V 401 20.13 54.95 63.14
N THR V 402 18.92 54.40 63.02
CA THR V 402 18.01 54.53 61.86
C THR V 402 16.69 55.21 62.28
N ASP V 403 15.88 55.61 61.30
CA ASP V 403 14.53 56.17 61.51
C ASP V 403 13.64 55.10 62.16
N LYS V 404 13.78 53.83 61.73
CA LYS V 404 12.97 52.68 62.21
C LYS V 404 13.17 52.52 63.73
N VAL V 405 14.42 52.60 64.20
CA VAL V 405 14.80 52.45 65.63
C VAL V 405 14.21 53.62 66.42
N ALA V 406 14.36 54.85 65.91
CA ALA V 406 13.84 56.10 66.53
C ALA V 406 12.32 55.99 66.71
N MET V 407 11.61 55.51 65.69
CA MET V 407 10.14 55.29 65.72
C MET V 407 9.78 54.36 66.90
N GLU V 408 10.49 53.24 67.04
CA GLU V 408 10.21 52.20 68.06
C GLU V 408 10.49 52.82 69.46
N SER V 409 11.65 53.47 69.61
CA SER V 409 12.12 54.09 70.88
C SER V 409 11.13 55.17 71.34
N LEU V 410 10.63 56.02 70.43
CA LEU V 410 9.69 57.12 70.76
C LEU V 410 8.36 56.52 71.22
N GLN V 411 7.88 55.49 70.53
CA GLN V 411 6.60 54.82 70.83
C GLN V 411 6.65 54.18 72.23
N GLN V 412 7.76 53.48 72.51
CA GLN V 412 7.98 52.73 73.78
C GLN V 412 8.15 53.74 74.93
N ARG V 413 9.04 54.71 74.77
CA ARG V 413 9.48 55.65 75.84
C ARG V 413 8.35 56.61 76.23
N PHE V 414 7.49 57.04 75.29
CA PHE V 414 6.53 58.15 75.49
C PHE V 414 5.08 57.72 75.24
N LYS V 415 4.84 56.41 75.04
CA LYS V 415 3.48 55.84 74.88
C LYS V 415 2.78 56.54 73.70
N LEU V 416 3.50 56.70 72.58
CA LEU V 416 3.03 57.35 71.33
C LEU V 416 2.58 56.28 70.32
N SER V 417 1.60 56.63 69.47
CA SER V 417 1.19 55.85 68.28
C SER V 417 2.28 55.95 67.21
N GLU V 418 2.21 55.08 66.20
CA GLU V 418 3.11 55.13 65.01
C GLU V 418 2.86 56.43 64.26
N LYS V 419 1.60 56.83 64.11
CA LYS V 419 1.19 58.09 63.43
C LYS V 419 1.79 59.30 64.16
N GLN V 420 1.81 59.30 65.50
CA GLN V 420 2.34 60.44 66.33
C GLN V 420 3.87 60.47 66.23
N ALA V 421 4.52 59.31 66.25
CA ALA V 421 6.00 59.20 66.20
C ALA V 421 6.49 59.68 64.84
N GLN V 422 5.75 59.33 63.78
CA GLN V 422 6.06 59.73 62.39
C GLN V 422 6.00 61.26 62.32
N ALA V 423 4.94 61.84 62.89
CA ALA V 423 4.67 63.30 62.91
C ALA V 423 5.82 64.04 63.63
N ILE V 424 6.35 63.46 64.71
CA ILE V 424 7.44 64.08 65.53
C ILE V 424 8.76 64.00 64.75
N LEU V 425 9.02 62.91 64.05
CA LEU V 425 10.24 62.77 63.22
C LEU V 425 10.16 63.73 62.03
N ASP V 426 8.95 64.08 61.59
CA ASP V 426 8.71 64.99 60.43
C ASP V 426 8.67 66.45 60.88
N MET V 427 8.58 66.71 62.18
CA MET V 427 8.57 68.07 62.78
C MET V 427 9.87 68.79 62.38
N ARG V 428 9.78 70.06 61.97
CA ARG V 428 10.96 70.90 61.62
C ARG V 428 11.43 71.63 62.87
N LEU V 429 12.71 72.03 62.91
CA LEU V 429 13.33 72.74 64.06
C LEU V 429 12.59 74.07 64.34
N ARG V 430 12.03 74.72 63.29
CA ARG V 430 11.37 76.03 63.38
C ARG V 430 10.13 75.95 64.27
N ARG V 431 9.70 74.72 64.60
CA ARG V 431 8.49 74.46 65.42
C ARG V 431 8.86 74.51 66.92
N LEU V 432 10.13 74.73 67.28
CA LEU V 432 10.60 74.79 68.69
C LEU V 432 10.67 76.24 69.18
N THR V 433 10.28 77.23 68.37
CA THR V 433 10.25 78.67 68.78
C THR V 433 9.06 78.86 69.74
N GLY V 434 9.01 80.01 70.41
CA GLY V 434 8.03 80.31 71.48
C GLY V 434 6.61 80.42 70.95
N LEU V 435 6.41 81.16 69.85
CA LEU V 435 5.08 81.41 69.25
C LEU V 435 4.47 80.09 68.76
N GLU V 436 5.31 79.13 68.33
CA GLU V 436 4.87 77.86 67.69
C GLU V 436 4.21 76.93 68.70
N ARG V 437 4.67 76.90 69.95
CA ARG V 437 4.04 76.05 71.01
CA ARG V 437 4.05 76.04 71.00
C ARG V 437 2.62 76.55 71.30
N ASP V 438 2.44 77.87 71.31
CA ASP V 438 1.13 78.53 71.60
C ASP V 438 0.16 78.26 70.44
N LYS V 439 0.66 78.41 69.21
CA LYS V 439 -0.08 78.17 67.94
C LYS V 439 -0.64 76.74 67.93
N ILE V 440 0.12 75.77 68.44
CA ILE V 440 -0.29 74.32 68.45
C ILE V 440 -1.42 74.16 69.46
N GLU V 441 -1.34 74.81 70.62
CA GLU V 441 -2.35 74.62 71.69
C GLU V 441 -3.63 75.38 71.30
N ALA V 442 -3.49 76.53 70.64
CA ALA V 442 -4.61 77.31 70.07
C ALA V 442 -5.43 76.40 69.13
N GLU V 443 -4.76 75.79 68.14
CA GLU V 443 -5.38 74.90 67.12
C GLU V 443 -6.03 73.70 67.82
N TYR V 444 -5.39 73.19 68.88
CA TYR V 444 -5.85 71.96 69.58
C TYR V 444 -7.15 72.23 70.35
N ASN V 445 -7.29 73.41 70.95
CA ASN V 445 -8.48 73.81 71.74
C ASN V 445 -9.67 74.03 70.81
N GLU V 446 -9.48 74.75 69.69
N GLU V 446 -9.48 74.75 69.69
CA GLU V 446 -10.52 75.00 68.67
CA GLU V 446 -10.53 74.99 68.66
C GLU V 446 -11.01 73.65 68.10
C GLU V 446 -11.01 73.64 68.10
N LEU V 447 -10.08 72.71 67.90
CA LEU V 447 -10.37 71.36 67.36
C LEU V 447 -11.31 70.62 68.30
N LEU V 448 -11.10 70.73 69.61
CA LEU V 448 -11.92 70.03 70.62
C LEU V 448 -13.36 70.60 70.60
N ASN V 449 -13.53 71.91 70.47
CA ASN V 449 -14.88 72.55 70.32
C ASN V 449 -15.53 72.01 69.05
N TYR V 450 -14.80 72.02 67.92
CA TYR V 450 -15.30 71.54 66.60
C TYR V 450 -15.74 70.07 66.71
N ILE V 451 -14.93 69.22 67.34
CA ILE V 451 -15.24 67.76 67.48
C ILE V 451 -16.58 67.63 68.22
N SER V 452 -16.80 68.46 69.25
CA SER V 452 -18.02 68.45 70.10
C SER V 452 -19.25 68.92 69.27
N GLU V 453 -19.08 69.97 68.46
CA GLU V 453 -20.14 70.50 67.54
C GLU V 453 -20.56 69.39 66.57
N LEU V 454 -19.58 68.66 66.02
CA LEU V 454 -19.83 67.59 65.03
C LEU V 454 -20.58 66.42 65.69
N GLU V 455 -20.23 66.10 66.93
CA GLU V 455 -20.83 64.94 67.68
C GLU V 455 -22.27 65.25 68.03
N THR V 456 -22.60 66.51 68.32
CA THR V 456 -23.98 67.01 68.56
C THR V 456 -24.85 66.67 67.33
N ILE V 457 -24.31 66.88 66.13
CA ILE V 457 -25.03 66.65 64.84
C ILE V 457 -25.29 65.15 64.66
N LEU V 458 -24.28 64.33 64.91
CA LEU V 458 -24.38 62.86 64.69
C LEU V 458 -25.27 62.24 65.77
N ALA V 459 -25.35 62.84 66.96
CA ALA V 459 -26.10 62.34 68.14
C ALA V 459 -27.61 62.52 67.92
N ASP V 460 -28.03 63.67 67.36
CA ASP V 460 -29.46 64.05 67.25
C ASP V 460 -29.85 64.22 65.78
N GLU V 461 -30.61 63.25 65.23
CA GLU V 461 -31.11 63.25 63.82
C GLU V 461 -31.85 64.55 63.52
N GLU V 462 -32.52 65.14 64.52
CA GLU V 462 -33.29 66.40 64.32
C GLU V 462 -32.30 67.55 64.04
N VAL V 463 -31.15 67.55 64.72
CA VAL V 463 -30.07 68.58 64.52
C VAL V 463 -29.55 68.46 63.08
N LEU V 464 -29.30 67.24 62.62
CA LEU V 464 -28.74 66.92 61.27
C LEU V 464 -29.73 67.37 60.19
N LEU V 465 -30.99 66.95 60.32
CA LEU V 465 -32.08 67.30 59.36
C LEU V 465 -32.20 68.83 59.25
N GLN V 466 -32.03 69.54 60.37
CA GLN V 466 -32.13 71.02 60.44
C GLN V 466 -30.95 71.63 59.69
N LEU V 467 -29.79 71.01 59.76
CA LEU V 467 -28.58 71.40 58.97
C LEU V 467 -28.92 71.29 57.48
N VAL V 468 -29.53 70.19 57.05
CA VAL V 468 -29.98 70.00 55.64
C VAL V 468 -30.93 71.15 55.26
N ARG V 469 -31.95 71.40 56.10
CA ARG V 469 -32.96 72.47 55.87
C ARG V 469 -32.25 73.82 55.72
N ASP V 470 -31.30 74.11 56.60
CA ASP V 470 -30.60 75.42 56.68
C ASP V 470 -29.76 75.62 55.42
N GLU V 471 -29.07 74.59 54.95
CA GLU V 471 -28.17 74.67 53.76
C GLU V 471 -29.01 74.79 52.48
N LEU V 472 -30.14 74.09 52.40
CA LEU V 472 -31.10 74.23 51.27
C LEU V 472 -31.61 75.68 51.24
N THR V 473 -31.95 76.24 52.40
CA THR V 473 -32.50 77.61 52.55
C THR V 473 -31.48 78.64 52.08
N GLU V 474 -30.20 78.44 52.40
CA GLU V 474 -29.06 79.31 51.97
C GLU V 474 -29.01 79.31 50.44
N ILE V 475 -29.16 78.15 49.82
CA ILE V 475 -29.15 77.97 48.34
C ILE V 475 -30.37 78.68 47.75
N ARG V 476 -31.54 78.51 48.37
CA ARG V 476 -32.79 79.15 47.90
C ARG V 476 -32.63 80.68 47.92
N ASP V 477 -31.96 81.21 48.95
CA ASP V 477 -31.84 82.67 49.17
C ASP V 477 -30.83 83.23 48.17
N ARG V 478 -29.82 82.45 47.77
CA ARG V 478 -28.74 82.92 46.85
C ARG V 478 -29.14 82.74 45.38
N PHE V 479 -29.95 81.71 45.06
CA PHE V 479 -30.20 81.28 43.64
C PHE V 479 -31.68 81.28 43.29
N GLY V 480 -32.59 81.20 44.27
CA GLY V 480 -34.03 81.40 44.04
C GLY V 480 -34.30 82.64 43.21
N ASP V 481 -35.32 82.61 42.37
CA ASP V 481 -35.64 83.70 41.41
C ASP V 481 -37.13 83.62 41.06
N ASP V 482 -37.66 84.66 40.41
CA ASP V 482 -39.11 84.78 40.09
C ASP V 482 -39.50 83.70 39.08
N ARG V 483 -40.73 83.21 39.19
CA ARG V 483 -41.39 82.37 38.16
C ARG V 483 -41.36 83.15 36.84
N ARG V 484 -41.26 82.44 35.71
CA ARG V 484 -41.34 83.03 34.35
C ARG V 484 -42.59 82.53 33.64
N THR V 485 -42.91 81.24 33.77
CA THR V 485 -44.04 80.62 33.05
C THR V 485 -45.32 80.87 33.84
N GLU V 486 -46.27 81.60 33.25
CA GLU V 486 -47.61 81.84 33.84
C GLU V 486 -48.45 80.57 33.65
N ILE V 487 -49.06 80.07 34.74
CA ILE V 487 -50.01 78.92 34.72
C ILE V 487 -51.43 79.49 34.79
N GLN V 488 -52.18 79.47 33.68
CA GLN V 488 -53.54 80.04 33.56
C GLN V 488 -54.62 79.02 33.92
N LEU V 489 -55.38 79.32 34.98
CA LEU V 489 -56.46 78.50 35.62
C LEU V 489 -57.81 79.03 35.15
N GLY Y 1 49.25 28.70 -2.17
CA GLY Y 1 48.73 29.84 -1.39
C GLY Y 1 47.55 29.44 -0.53
N LYS Y 2 46.88 30.43 0.06
CA LYS Y 2 45.69 30.26 0.92
C LYS Y 2 45.01 31.63 1.14
N LEU Y 3 45.33 32.67 0.35
CA LEU Y 3 44.97 34.09 0.64
C LEU Y 3 43.57 34.34 0.06
N ALA Y 4 42.60 34.77 0.87
CA ALA Y 4 41.24 35.17 0.45
C ALA Y 4 41.21 36.70 0.39
N ASP Y 5 41.50 37.27 -0.78
N ASP Y 5 41.51 37.26 -0.78
CA ASP Y 5 41.72 38.73 -0.95
CA ASP Y 5 41.71 38.73 -0.96
C ASP Y 5 40.35 39.44 -0.95
C ASP Y 5 40.35 39.43 -0.96
N CYS Y 6 40.35 40.74 -0.66
N CYS Y 6 40.34 40.73 -0.67
CA CYS Y 6 39.16 41.64 -0.69
CA CYS Y 6 39.15 41.63 -0.70
C CYS Y 6 38.99 42.20 -2.10
C CYS Y 6 38.97 42.20 -2.12
N SER Y 7 37.78 42.68 -2.43
N SER Y 7 37.77 42.69 -2.44
CA SER Y 7 37.37 43.19 -3.78
CA SER Y 7 37.36 43.19 -3.78
C SER Y 7 38.08 44.51 -4.09
C SER Y 7 38.06 44.52 -4.09
N SER Y 8 38.04 45.47 -3.15
CA SER Y 8 38.68 46.81 -3.28
C SER Y 8 40.18 46.65 -3.59
N LYS Y 9 40.69 47.44 -4.54
CA LYS Y 9 42.14 47.53 -4.87
C LYS Y 9 42.65 48.91 -4.43
N SER Y 10 42.00 49.55 -3.44
CA SER Y 10 42.44 50.82 -2.80
C SER Y 10 43.11 50.55 -1.46
N PRO Y 11 44.45 50.31 -1.41
CA PRO Y 11 45.13 49.98 -0.15
C PRO Y 11 44.78 50.81 1.10
N GLU Y 12 44.45 52.10 0.94
CA GLU Y 12 44.20 53.05 2.06
C GLU Y 12 43.02 52.56 2.92
N GLU Y 13 42.09 51.80 2.34
CA GLU Y 13 40.84 51.34 3.02
C GLU Y 13 40.78 49.81 3.14
N CYS Y 14 41.83 49.11 2.69
N CYS Y 14 41.82 49.10 2.68
CA CYS Y 14 41.95 47.62 2.75
CA CYS Y 14 41.94 47.62 2.75
C CYS Y 14 42.72 47.22 4.00
C CYS Y 14 42.72 47.22 4.00
N GLU Y 15 42.42 46.03 4.53
CA GLU Y 15 43.11 45.42 5.70
C GLU Y 15 43.21 43.90 5.48
N ILE Y 16 44.34 43.30 5.88
CA ILE Y 16 44.62 41.83 5.80
C ILE Y 16 44.73 41.27 7.23
N PHE Y 17 44.04 40.16 7.48
CA PHE Y 17 44.02 39.44 8.79
C PHE Y 17 44.85 38.16 8.67
N LEU Y 18 45.89 38.06 9.52
CA LEU Y 18 46.78 36.87 9.62
C LEU Y 18 46.28 35.99 10.77
N VAL Y 19 45.93 34.73 10.48
CA VAL Y 19 45.23 33.79 11.42
C VAL Y 19 46.02 32.47 11.44
N GLU Y 20 45.85 31.66 12.51
CA GLU Y 20 46.80 30.56 12.88
C GLU Y 20 46.66 29.36 11.94
N GLY Y 21 45.44 29.08 11.44
CA GLY Y 21 45.19 27.96 10.51
C GLY Y 21 43.88 28.10 9.78
N ASP Y 22 43.51 27.09 9.00
CA ASP Y 22 42.24 26.98 8.25
C ASP Y 22 41.05 26.92 9.23
N SER Y 23 41.26 26.44 10.46
CA SER Y 23 40.26 26.50 11.56
C SER Y 23 39.75 27.92 11.69
N ALA Y 24 40.63 28.86 12.02
CA ALA Y 24 40.33 30.30 12.18
C ALA Y 24 40.05 30.92 10.81
N GLY Y 25 40.82 30.53 9.79
CA GLY Y 25 40.64 30.97 8.39
C GLY Y 25 39.18 30.97 7.95
N GLY Y 26 38.49 29.84 8.10
CA GLY Y 26 37.11 29.64 7.63
C GLY Y 26 36.12 30.51 8.39
N SER Y 27 36.22 30.52 9.72
CA SER Y 27 35.35 31.30 10.63
C SER Y 27 35.46 32.79 10.27
N THR Y 28 36.70 33.22 10.00
CA THR Y 28 37.08 34.62 9.64
C THR Y 28 36.52 34.98 8.26
N LYS Y 29 36.72 34.12 7.25
CA LYS Y 29 36.26 34.35 5.84
C LYS Y 29 34.75 34.53 5.81
N SER Y 30 34.00 33.86 6.70
CA SER Y 30 32.52 33.99 6.83
C SER Y 30 32.17 35.34 7.47
N GLY Y 31 32.87 35.69 8.56
CA GLY Y 31 32.60 36.88 9.39
C GLY Y 31 32.90 38.17 8.66
N ARG Y 32 33.92 38.17 7.80
CA ARG Y 32 34.59 39.38 7.27
C ARG Y 32 33.67 40.18 6.34
N ASP Y 33 33.98 41.47 6.16
CA ASP Y 33 33.49 42.32 5.04
C ASP Y 33 34.43 42.10 3.85
N SER Y 34 34.08 41.21 2.92
CA SER Y 34 34.96 40.77 1.81
C SER Y 34 35.23 41.91 0.82
N ARG Y 35 34.60 43.08 1.02
CA ARG Y 35 34.88 44.31 0.21
C ARG Y 35 36.25 44.88 0.58
N THR Y 36 36.63 44.89 1.86
CA THR Y 36 37.83 45.60 2.40
C THR Y 36 38.72 44.72 3.29
N GLN Y 37 38.31 43.49 3.62
CA GLN Y 37 39.03 42.64 4.59
C GLN Y 37 39.53 41.37 3.90
N ALA Y 38 40.85 41.22 3.75
CA ALA Y 38 41.51 40.02 3.19
C ALA Y 38 41.90 39.11 4.36
N ILE Y 39 42.13 37.83 4.09
CA ILE Y 39 42.55 36.83 5.12
C ILE Y 39 43.67 35.96 4.55
N LEU Y 40 44.78 35.89 5.28
CA LEU Y 40 45.91 34.96 5.01
C LEU Y 40 46.03 33.99 6.19
N PRO Y 41 45.50 32.75 6.08
CA PRO Y 41 45.68 31.75 7.11
C PRO Y 41 47.10 31.19 6.95
N LEU Y 42 47.87 31.23 8.03
CA LEU Y 42 49.24 30.66 8.13
C LEU Y 42 49.14 29.18 8.50
N ARG Y 43 50.28 28.49 8.62
CA ARG Y 43 50.33 27.03 8.88
C ARG Y 43 51.12 26.80 10.16
N GLY Y 44 50.57 27.29 11.28
CA GLY Y 44 51.13 27.10 12.64
C GLY Y 44 52.34 27.97 12.86
N LYS Y 45 53.23 27.56 13.76
CA LYS Y 45 54.48 28.29 14.12
C LYS Y 45 55.18 28.62 12.80
N ILE Y 46 55.58 29.89 12.64
CA ILE Y 46 56.31 30.39 11.45
C ILE Y 46 57.80 30.34 11.82
N LEU Y 47 58.68 30.40 10.81
CA LEU Y 47 60.16 30.37 10.98
C LEU Y 47 60.60 31.54 11.87
N ASN Y 48 61.44 31.28 12.88
CA ASN Y 48 62.09 32.34 13.70
C ASN Y 48 63.25 32.92 12.86
N VAL Y 49 63.01 34.06 12.20
CA VAL Y 49 63.96 34.71 11.24
C VAL Y 49 65.21 35.22 11.97
N GLU Y 50 65.12 35.48 13.28
CA GLU Y 50 66.23 35.92 14.15
C GLU Y 50 67.29 34.81 14.29
N LYS Y 51 66.86 33.54 14.26
CA LYS Y 51 67.74 32.35 14.40
C LYS Y 51 68.11 31.78 13.03
N ALA Y 52 67.20 31.84 12.05
CA ALA Y 52 67.33 31.15 10.74
C ALA Y 52 68.27 31.94 9.83
N ARG Y 53 68.96 31.23 8.93
CA ARG Y 53 69.82 31.80 7.85
C ARG Y 53 68.94 32.33 6.71
N LEU Y 54 69.41 33.36 5.99
CA LEU Y 54 68.64 34.11 4.96
C LEU Y 54 68.18 33.16 3.84
N ASP Y 55 69.03 32.20 3.42
CA ASP Y 55 68.69 31.18 2.39
C ASP Y 55 67.36 30.51 2.74
N ARG Y 56 67.23 30.00 3.97
CA ARG Y 56 66.05 29.26 4.50
C ARG Y 56 64.82 30.20 4.53
N ILE Y 57 65.02 31.44 4.99
CA ILE Y 57 63.95 32.46 5.16
C ILE Y 57 63.27 32.72 3.81
N LEU Y 58 64.05 32.97 2.76
CA LEU Y 58 63.52 33.34 1.41
C LEU Y 58 62.88 32.12 0.75
N ASN Y 59 63.28 30.89 1.12
CA ASN Y 59 62.74 29.62 0.55
C ASN Y 59 61.50 29.17 1.34
N ASN Y 60 61.28 29.67 2.56
CA ASN Y 60 60.11 29.34 3.43
C ASN Y 60 58.82 29.76 2.70
N ASN Y 61 57.84 28.86 2.66
CA ASN Y 61 56.58 29.01 1.88
C ASN Y 61 55.64 30.02 2.59
N GLU Y 62 55.57 30.02 3.93
CA GLU Y 62 54.73 30.96 4.73
C GLU Y 62 55.30 32.39 4.66
N ILE Y 63 56.63 32.54 4.73
CA ILE Y 63 57.31 33.85 4.58
C ILE Y 63 57.04 34.39 3.16
N ARG Y 64 57.16 33.53 2.15
CA ARG Y 64 56.93 33.90 0.72
C ARG Y 64 55.49 34.41 0.54
N GLN Y 65 54.48 33.69 1.06
CA GLN Y 65 53.05 34.05 0.88
C GLN Y 65 52.78 35.45 1.47
N MET Y 66 53.41 35.77 2.61
CA MET Y 66 53.19 37.06 3.32
C MET Y 66 53.81 38.21 2.49
N ILE Y 67 55.04 38.01 1.99
CA ILE Y 67 55.75 38.98 1.09
C ILE Y 67 54.88 39.22 -0.14
N THR Y 68 54.36 38.16 -0.77
CA THR Y 68 53.54 38.24 -2.01
C THR Y 68 52.26 39.04 -1.72
N ALA Y 69 51.61 38.77 -0.58
CA ALA Y 69 50.32 39.36 -0.18
C ALA Y 69 50.47 40.87 0.01
N PHE Y 70 51.53 41.30 0.70
CA PHE Y 70 51.80 42.73 1.02
C PHE Y 70 52.29 43.47 -0.24
N GLY Y 71 53.07 42.77 -1.09
CA GLY Y 71 53.63 43.27 -2.36
C GLY Y 71 54.61 44.43 -2.18
N THR Y 72 55.32 44.47 -1.05
CA THR Y 72 56.29 45.56 -0.71
C THR Y 72 57.73 45.11 -0.96
N GLY Y 73 57.99 43.79 -1.04
CA GLY Y 73 59.36 43.24 -1.02
C GLY Y 73 60.00 43.42 0.35
N ILE Y 74 61.29 43.09 0.51
CA ILE Y 74 61.95 42.99 1.85
C ILE Y 74 63.29 43.73 1.87
N GLY Y 75 63.70 44.17 3.07
CA GLY Y 75 65.01 44.78 3.35
C GLY Y 75 65.21 46.10 2.64
N GLY Y 76 66.23 46.19 1.78
CA GLY Y 76 66.57 47.38 0.97
C GLY Y 76 65.50 47.68 -0.06
N ASP Y 77 65.02 46.64 -0.78
CA ASP Y 77 63.98 46.75 -1.84
C ASP Y 77 62.59 47.00 -1.27
N PHE Y 78 62.42 47.04 0.05
CA PHE Y 78 61.12 47.33 0.70
C PHE Y 78 60.64 48.71 0.23
N ASP Y 79 59.39 48.78 -0.26
CA ASP Y 79 58.74 50.01 -0.81
C ASP Y 79 57.37 50.19 -0.16
N LEU Y 80 57.24 51.13 0.77
CA LEU Y 80 55.99 51.34 1.59
C LEU Y 80 54.80 51.70 0.68
N ALA Y 81 55.05 52.35 -0.47
CA ALA Y 81 54.01 52.86 -1.39
C ALA Y 81 53.39 51.72 -2.21
N LYS Y 82 54.10 50.60 -2.38
CA LYS Y 82 53.63 49.40 -3.15
C LYS Y 82 52.80 48.49 -2.22
N ALA Y 83 52.60 48.88 -0.95
CA ALA Y 83 51.80 48.15 0.05
C ALA Y 83 50.35 48.01 -0.45
N ARG Y 84 49.80 46.79 -0.35
CA ARG Y 84 48.46 46.43 -0.90
C ARG Y 84 47.39 46.53 0.21
N TYR Y 85 47.81 46.72 1.47
CA TYR Y 85 46.94 46.94 2.67
C TYR Y 85 47.62 47.99 3.55
N HIS Y 86 46.86 48.88 4.19
CA HIS Y 86 47.36 49.92 5.14
C HIS Y 86 47.07 49.48 6.57
N LYS Y 87 46.51 48.27 6.74
CA LYS Y 87 46.31 47.58 8.04
C LYS Y 87 46.63 46.08 7.88
N ILE Y 88 47.78 45.65 8.39
CA ILE Y 88 48.14 44.21 8.56
C ILE Y 88 47.82 43.84 10.01
N VAL Y 89 46.75 43.05 10.22
CA VAL Y 89 46.22 42.69 11.56
C VAL Y 89 46.67 41.25 11.92
N ILE Y 90 47.47 41.12 12.98
CA ILE Y 90 47.87 39.83 13.61
C ILE Y 90 46.72 39.41 14.52
N MET Y 91 46.02 38.33 14.17
CA MET Y 91 44.87 37.80 14.93
C MET Y 91 45.15 36.37 15.36
N THR Y 92 46.01 36.20 16.36
CA THR Y 92 46.35 34.89 16.99
C THR Y 92 45.39 34.64 18.16
N ASP Y 93 45.26 33.37 18.56
CA ASP Y 93 44.36 32.94 19.67
C ASP Y 93 44.81 33.61 20.98
N ALA Y 94 43.93 33.63 21.98
CA ALA Y 94 44.14 34.32 23.28
C ALA Y 94 44.83 33.36 24.27
N ASP Y 95 45.63 32.42 23.75
CA ASP Y 95 46.35 31.37 24.53
C ASP Y 95 47.86 31.65 24.48
N VAL Y 96 48.68 30.70 24.94
CA VAL Y 96 50.16 30.87 25.06
C VAL Y 96 50.81 30.64 23.69
N ASP Y 97 50.30 29.72 22.88
CA ASP Y 97 50.86 29.41 21.53
C ASP Y 97 50.47 30.51 20.56
N GLY Y 98 49.38 31.22 20.86
CA GLY Y 98 49.01 32.49 20.19
C GLY Y 98 50.07 33.54 20.42
N ALA Y 99 50.45 33.74 21.69
CA ALA Y 99 51.49 34.73 22.08
C ALA Y 99 52.81 34.40 21.36
N HIS Y 100 53.18 33.13 21.25
CA HIS Y 100 54.43 32.72 20.56
C HIS Y 100 54.36 33.08 19.06
N ILE Y 101 53.28 32.75 18.35
CA ILE Y 101 53.14 33.04 16.89
C ILE Y 101 53.11 34.56 16.70
N ARG Y 102 52.58 35.30 17.68
CA ARG Y 102 52.58 36.78 17.69
C ARG Y 102 54.03 37.29 17.76
N THR Y 103 54.86 36.80 18.70
CA THR Y 103 56.28 37.19 18.81
C THR Y 103 57.06 36.81 17.54
N LEU Y 104 56.68 35.71 16.87
CA LEU Y 104 57.45 35.18 15.71
C LEU Y 104 57.18 36.07 14.49
N LEU Y 105 55.94 36.52 14.33
CA LEU Y 105 55.49 37.39 13.21
C LEU Y 105 56.09 38.79 13.39
N LEU Y 106 56.00 39.33 14.61
CA LEU Y 106 56.57 40.66 14.99
C LEU Y 106 58.07 40.67 14.71
N THR Y 107 58.76 39.56 14.97
CA THR Y 107 60.22 39.40 14.72
C THR Y 107 60.46 39.50 13.22
N PHE Y 108 59.61 38.87 12.40
CA PHE Y 108 59.72 38.91 10.91
C PHE Y 108 59.51 40.33 10.42
N PHE Y 109 58.42 40.98 10.87
CA PHE Y 109 58.06 42.37 10.46
C PHE Y 109 59.19 43.32 10.84
N TYR Y 110 59.75 43.20 12.05
CA TYR Y 110 60.76 44.15 12.58
C TYR Y 110 62.09 43.99 11.85
N ARG Y 111 62.44 42.79 11.38
CA ARG Y 111 63.77 42.51 10.79
C ARG Y 111 63.72 42.72 9.27
N PHE Y 112 62.56 42.54 8.62
CA PHE Y 112 62.46 42.49 7.14
C PHE Y 112 61.56 43.57 6.55
N MET Y 113 60.67 44.16 7.37
CA MET Y 113 59.68 45.17 6.92
C MET Y 113 59.49 46.21 8.03
N ARG Y 114 60.59 46.73 8.58
CA ARG Y 114 60.56 47.67 9.73
C ARG Y 114 59.72 48.90 9.37
N PRO Y 115 59.84 49.49 8.15
CA PRO Y 115 59.09 50.70 7.80
C PRO Y 115 57.56 50.54 7.83
N LEU Y 116 57.07 49.32 7.62
CA LEU Y 116 55.62 48.94 7.80
C LEU Y 116 55.17 49.23 9.23
N ILE Y 117 56.00 48.89 10.23
CA ILE Y 117 55.71 49.12 11.67
C ILE Y 117 55.79 50.62 11.95
N GLU Y 118 56.83 51.29 11.43
CA GLU Y 118 57.06 52.75 11.56
C GLU Y 118 55.81 53.50 11.03
N ALA Y 119 55.34 53.15 9.83
CA ALA Y 119 54.15 53.76 9.18
C ALA Y 119 52.86 53.50 9.97
N GLY Y 120 52.89 52.61 10.96
CA GLY Y 120 51.74 52.25 11.83
C GLY Y 120 50.73 51.36 11.13
N TYR Y 121 51.19 50.51 10.20
CA TYR Y 121 50.35 49.61 9.36
C TYR Y 121 50.17 48.25 10.06
N VAL Y 122 50.98 47.95 11.08
CA VAL Y 122 50.90 46.67 11.84
C VAL Y 122 50.02 46.90 13.07
N TYR Y 123 48.98 46.06 13.20
CA TYR Y 123 48.02 46.04 14.32
C TYR Y 123 47.93 44.62 14.93
N ILE Y 124 47.33 44.54 16.11
CA ILE Y 124 47.14 43.30 16.92
C ILE Y 124 45.68 43.23 17.38
N ALA Y 125 44.86 42.38 16.76
CA ALA Y 125 43.46 42.10 17.16
C ALA Y 125 43.44 41.57 18.60
N GLN Y 126 42.31 41.69 19.28
CA GLN Y 126 42.15 41.30 20.71
C GLN Y 126 40.87 40.48 20.87
N PRO Y 127 40.86 39.19 20.47
CA PRO Y 127 39.65 38.38 20.58
C PRO Y 127 39.25 38.22 22.05
N PRO Y 128 37.94 38.11 22.36
CA PRO Y 128 37.51 37.85 23.74
C PRO Y 128 38.01 36.46 24.20
N LYS Y 129 37.71 29.69 24.28
CA LYS Y 129 39.08 30.19 24.64
C LYS Y 129 39.74 30.83 23.42
N GLY Y 130 39.81 30.09 22.30
CA GLY Y 130 40.38 30.53 21.01
C GLY Y 130 39.28 31.02 20.08
N LEU Y 131 39.65 31.68 18.99
CA LEU Y 131 38.71 32.17 17.96
C LEU Y 131 38.53 31.11 16.86
N GLY Y 132 39.36 30.06 16.86
CA GLY Y 132 39.15 28.84 16.05
C GLY Y 132 37.91 28.05 16.48
N GLU Y 133 37.43 28.34 17.71
CA GLU Y 133 36.26 27.71 18.38
C GLU Y 133 35.02 28.63 18.32
N MET Y 134 35.18 29.90 17.94
CA MET Y 134 34.05 30.87 17.86
C MET Y 134 33.33 30.74 16.52
N ASN Y 135 32.07 31.15 16.50
CA ASN Y 135 31.20 31.26 15.30
C ASN Y 135 31.48 32.63 14.64
N ALA Y 136 31.23 32.71 13.32
CA ALA Y 136 31.58 33.87 12.46
C ALA Y 136 30.83 35.14 12.89
N ASP Y 137 29.54 35.03 13.25
CA ASP Y 137 28.69 36.19 13.65
C ASP Y 137 29.35 36.93 14.81
N GLN Y 138 29.83 36.17 15.81
CA GLN Y 138 30.36 36.69 17.10
C GLN Y 138 31.79 37.17 16.89
N LEU Y 139 32.56 36.48 16.04
CA LEU Y 139 33.96 36.82 15.66
C LEU Y 139 34.00 38.16 14.92
N TRP Y 140 33.01 38.45 14.07
CA TRP Y 140 32.86 39.75 13.36
C TRP Y 140 32.61 40.86 14.38
N GLU Y 141 31.62 40.68 15.27
CA GLU Y 141 31.06 41.77 16.12
C GLU Y 141 32.11 42.22 17.17
N THR Y 142 32.92 41.28 17.69
CA THR Y 142 33.90 41.53 18.77
C THR Y 142 35.24 42.00 18.21
N THR Y 143 35.69 41.47 17.06
CA THR Y 143 37.13 41.46 16.67
C THR Y 143 37.39 42.11 15.30
N MET Y 144 36.45 42.04 14.34
CA MET Y 144 36.68 42.45 12.92
C MET Y 144 35.83 43.66 12.50
N ASN Y 145 34.74 43.97 13.22
CA ASN Y 145 33.80 45.08 12.88
C ASN Y 145 34.44 46.40 13.28
N PRO Y 146 34.77 47.31 12.33
CA PRO Y 146 35.39 48.60 12.69
C PRO Y 146 34.56 49.46 13.65
N GLU Y 147 33.27 49.14 13.81
CA GLU Y 147 32.35 49.87 14.70
C GLU Y 147 32.57 49.49 16.17
N HIS Y 148 32.91 48.24 16.49
CA HIS Y 148 32.99 47.72 17.88
C HIS Y 148 34.33 47.05 18.21
N ARG Y 149 35.20 46.79 17.22
CA ARG Y 149 36.49 46.10 17.45
C ARG Y 149 37.45 47.01 18.19
N ALA Y 150 38.49 46.42 18.80
CA ALA Y 150 39.54 47.08 19.59
C ALA Y 150 40.92 46.59 19.11
N LEU Y 151 41.44 47.15 18.01
CA LEU Y 151 42.81 46.85 17.51
C LEU Y 151 43.83 47.61 18.38
N LEU Y 152 45.01 47.03 18.56
CA LEU Y 152 46.21 47.71 19.13
C LEU Y 152 47.12 48.01 17.95
N GLN Y 153 47.46 49.28 17.74
CA GLN Y 153 48.44 49.71 16.71
C GLN Y 153 49.84 49.54 17.29
N VAL Y 154 50.71 48.77 16.61
CA VAL Y 154 52.09 48.52 17.09
C VAL Y 154 52.91 49.77 16.80
N LYS Y 155 53.39 50.43 17.89
CA LYS Y 155 54.23 51.66 17.86
C LYS Y 155 55.66 51.28 18.27
N LEU Y 156 56.64 51.62 17.43
CA LEU Y 156 58.10 51.44 17.72
C LEU Y 156 58.64 52.76 18.30
N GLU Y 157 58.98 52.79 19.60
CA GLU Y 157 59.46 54.03 20.28
C GLU Y 157 60.98 54.12 20.18
N ASP Y 158 61.71 53.20 20.82
CA ASP Y 158 63.20 53.19 20.88
C ASP Y 158 63.72 52.02 20.02
N ALA Y 159 64.34 52.33 18.87
CA ALA Y 159 64.88 51.33 17.91
C ALA Y 159 66.07 50.56 18.52
N ILE Y 160 66.90 51.21 19.35
CA ILE Y 160 68.06 50.56 20.04
C ILE Y 160 67.51 49.52 21.03
N GLU Y 161 66.52 49.89 21.85
CA GLU Y 161 65.91 49.02 22.89
C GLU Y 161 65.16 47.87 22.21
N ALA Y 162 64.54 48.13 21.06
CA ALA Y 162 63.84 47.10 20.24
C ALA Y 162 64.84 46.08 19.71
N ASP Y 163 65.96 46.52 19.13
CA ASP Y 163 67.03 45.65 18.59
C ASP Y 163 67.55 44.70 19.68
N GLN Y 164 67.68 45.19 20.92
CA GLN Y 164 68.22 44.40 22.07
C GLN Y 164 67.16 43.37 22.48
N THR Y 165 65.87 43.75 22.46
CA THR Y 165 64.75 42.91 22.95
C THR Y 165 64.52 41.73 22.00
N PHE Y 166 64.51 41.96 20.69
CA PHE Y 166 64.37 40.89 19.66
C PHE Y 166 65.58 39.94 19.74
N GLU Y 167 66.78 40.48 19.85
CA GLU Y 167 68.03 39.68 19.92
C GLU Y 167 68.02 38.82 21.19
N MET Y 168 67.46 39.31 22.29
CA MET Y 168 67.45 38.59 23.60
C MET Y 168 66.39 37.47 23.59
N LEU Y 169 65.16 37.79 23.19
CA LEU Y 169 64.00 36.84 23.20
C LEU Y 169 64.13 35.84 22.05
N MET Y 170 64.48 36.29 20.84
CA MET Y 170 64.37 35.47 19.61
C MET Y 170 65.74 35.06 19.06
N GLY Y 171 66.83 35.49 19.69
CA GLY Y 171 68.22 35.19 19.25
C GLY Y 171 68.67 33.81 19.69
N ASP Y 172 69.81 33.32 19.19
CA ASP Y 172 70.28 31.92 19.39
C ASP Y 172 70.92 31.76 20.77
N VAL Y 173 71.22 32.84 21.49
CA VAL Y 173 71.87 32.78 22.84
C VAL Y 173 70.79 32.50 23.89
N VAL Y 174 70.82 31.29 24.46
CA VAL Y 174 69.77 30.78 25.40
C VAL Y 174 69.88 31.48 26.75
N GLU Y 175 71.09 31.79 27.21
CA GLU Y 175 71.33 32.24 28.61
C GLU Y 175 70.65 33.60 28.86
N ASN Y 176 70.73 34.54 27.93
CA ASN Y 176 70.10 35.89 28.05
C ASN Y 176 68.56 35.74 28.14
N ARG Y 177 68.01 34.87 27.30
CA ARG Y 177 66.56 34.54 27.26
C ARG Y 177 66.13 33.93 28.60
N ARG Y 178 66.89 32.96 29.12
CA ARG Y 178 66.59 32.25 30.40
C ARG Y 178 66.63 33.27 31.54
N GLN Y 179 67.66 34.14 31.54
CA GLN Y 179 67.87 35.19 32.58
C GLN Y 179 66.62 36.07 32.63
N PHE Y 180 66.19 36.53 31.46
CA PHE Y 180 65.00 37.40 31.28
C PHE Y 180 63.77 36.75 31.93
N ILE Y 181 63.56 35.46 31.69
CA ILE Y 181 62.37 34.68 32.17
C ILE Y 181 62.41 34.63 33.70
N GLU Y 182 63.54 34.20 34.28
CA GLU Y 182 63.71 34.07 35.75
C GLU Y 182 63.46 35.44 36.39
N ASP Y 183 64.07 36.51 35.84
CA ASP Y 183 63.99 37.90 36.35
C ASP Y 183 62.54 38.36 36.36
N ASN Y 184 61.80 38.08 35.29
CA ASN Y 184 60.44 38.65 35.06
C ASN Y 184 59.36 37.62 35.40
N ALA Y 185 59.70 36.43 35.91
CA ALA Y 185 58.71 35.45 36.39
C ALA Y 185 58.06 36.09 37.62
N VAL Y 186 56.73 36.04 37.71
CA VAL Y 186 55.94 36.58 38.85
C VAL Y 186 55.15 37.77 38.32
N TYR Y 187 55.50 38.30 37.15
CA TYR Y 187 54.65 39.29 36.46
C TYR Y 187 53.76 38.58 35.43
N ALA Y 188 53.26 37.37 35.77
CA ALA Y 188 52.18 36.64 35.04
C ALA Y 188 51.33 35.85 36.05
N ASN Z 9 43.81 51.01 22.86
CA ASN Z 9 44.39 52.30 22.34
C ASN Z 9 45.44 52.01 21.26
N GLU Z 10 46.72 51.95 21.66
CA GLU Z 10 47.94 51.45 20.97
C GLU Z 10 48.78 50.61 22.00
N ARG Z 11 49.89 50.02 21.54
CA ARG Z 11 50.63 48.95 22.28
C ARG Z 11 52.14 49.10 22.08
N ASN Z 12 52.90 49.30 23.16
CA ASN Z 12 54.39 49.42 23.09
C ASN Z 12 54.96 48.05 22.68
N ILE Z 13 55.81 48.02 21.64
CA ILE Z 13 56.30 46.74 21.04
C ILE Z 13 57.13 45.99 22.09
N THR Z 14 57.94 46.71 22.88
CA THR Z 14 58.82 46.10 23.92
C THR Z 14 57.95 45.45 24.99
N SER Z 15 56.91 46.14 25.48
CA SER Z 15 55.97 45.63 26.51
C SER Z 15 55.28 44.37 26.00
N GLU Z 16 54.82 44.39 24.74
CA GLU Z 16 54.06 43.28 24.10
C GLU Z 16 54.97 42.05 24.03
N MET Z 17 56.19 42.19 23.50
CA MET Z 17 57.20 41.11 23.41
C MET Z 17 57.46 40.52 24.80
N ARG Z 18 57.78 41.36 25.79
CA ARG Z 18 58.26 40.88 27.10
C ARG Z 18 57.13 40.10 27.79
N GLU Z 19 55.90 40.59 27.74
CA GLU Z 19 54.73 39.99 28.43
C GLU Z 19 54.24 38.77 27.67
N SER Z 20 54.22 38.82 26.33
CA SER Z 20 53.80 37.71 25.44
C SER Z 20 54.76 36.52 25.60
N PHE Z 21 56.06 36.77 25.47
CA PHE Z 21 57.10 35.72 25.54
C PHE Z 21 57.12 35.10 26.94
N LEU Z 22 56.98 35.92 27.99
CA LEU Z 22 57.01 35.46 29.40
C LEU Z 22 55.83 34.50 29.61
N ASP Z 23 54.66 34.83 29.05
CA ASP Z 23 53.42 34.03 29.20
C ASP Z 23 53.65 32.64 28.63
N TYR Z 24 54.19 32.59 27.41
CA TYR Z 24 54.58 31.36 26.70
C TYR Z 24 55.62 30.57 27.51
N ALA Z 25 56.77 31.21 27.76
CA ALA Z 25 57.95 30.61 28.43
C ALA Z 25 57.54 29.97 29.76
N MET Z 26 56.82 30.74 30.59
CA MET Z 26 56.46 30.28 31.95
C MET Z 26 55.57 29.04 31.83
N SER Z 27 54.65 29.07 30.84
CA SER Z 27 53.63 28.03 30.60
C SER Z 27 54.30 26.73 30.17
N VAL Z 28 55.27 26.83 29.26
CA VAL Z 28 56.08 25.68 28.75
C VAL Z 28 56.88 25.06 29.90
N ILE Z 29 57.33 25.86 30.86
CA ILE Z 29 58.21 25.40 31.98
C ILE Z 29 57.39 24.66 33.04
N VAL Z 30 56.27 25.24 33.49
CA VAL Z 30 55.55 24.75 34.71
C VAL Z 30 54.35 23.88 34.32
N ALA Z 31 54.02 23.77 33.02
CA ALA Z 31 52.78 23.11 32.56
C ALA Z 31 52.95 22.60 31.12
N ARG Z 32 54.09 21.96 30.80
CA ARG Z 32 54.25 21.25 29.50
C ARG Z 32 55.45 20.29 29.54
N ALA Z 33 56.66 20.83 29.54
CA ALA Z 33 57.90 20.14 29.09
C ALA Z 33 58.70 19.56 30.27
N LEU Z 34 58.55 20.10 31.48
CA LEU Z 34 59.32 19.63 32.67
C LEU Z 34 58.43 18.80 33.57
N PRO Z 35 58.93 17.65 34.06
CA PRO Z 35 58.16 16.77 34.95
C PRO Z 35 58.21 17.26 36.39
N ASP Z 36 57.19 16.92 37.19
CA ASP Z 36 57.19 17.11 38.67
C ASP Z 36 58.17 16.10 39.28
N VAL Z 37 58.92 16.52 40.30
CA VAL Z 37 59.96 15.69 40.99
C VAL Z 37 59.28 14.54 41.75
N ARG Z 38 58.01 14.69 42.10
CA ARG Z 38 57.26 13.75 42.98
C ARG Z 38 56.83 12.50 42.20
N ASP Z 39 56.08 12.66 41.10
CA ASP Z 39 55.51 11.51 40.34
C ASP Z 39 56.23 11.33 39.00
N GLY Z 40 57.18 12.20 38.67
CA GLY Z 40 57.99 12.12 37.44
C GLY Z 40 57.20 12.44 36.17
N LEU Z 41 55.99 13.00 36.29
CA LEU Z 41 55.07 13.15 35.14
C LEU Z 41 54.99 14.61 34.66
N LYS Z 42 54.97 14.79 33.34
CA LYS Z 42 54.53 16.06 32.75
C LYS Z 42 53.01 16.08 32.76
N PRO Z 43 52.36 17.25 32.71
CA PRO Z 43 50.90 17.35 32.60
C PRO Z 43 50.24 16.34 31.65
N VAL Z 44 50.67 16.26 30.39
CA VAL Z 44 49.96 15.41 29.38
C VAL Z 44 49.99 13.93 29.84
N HIS Z 45 51.10 13.47 30.45
CA HIS Z 45 51.24 12.08 30.94
C HIS Z 45 50.26 11.85 32.09
N ARG Z 46 50.27 12.76 33.06
CA ARG Z 46 49.41 12.71 34.27
C ARG Z 46 47.95 12.63 33.84
N ARG Z 47 47.54 13.50 32.91
CA ARG Z 47 46.13 13.60 32.45
C ARG Z 47 45.70 12.30 31.76
N ILE Z 48 46.59 11.69 30.97
CA ILE Z 48 46.31 10.38 30.30
C ILE Z 48 46.09 9.30 31.37
N LEU Z 49 47.01 9.14 32.32
CA LEU Z 49 46.95 8.05 33.33
C LEU Z 49 45.73 8.24 34.22
N TYR Z 50 45.39 9.50 34.54
CA TYR Z 50 44.23 9.84 35.41
C TYR Z 50 42.94 9.56 34.63
N GLY Z 51 42.94 9.87 33.32
CA GLY Z 51 41.83 9.58 32.39
C GLY Z 51 41.58 8.08 32.29
N LEU Z 52 42.64 7.28 32.20
CA LEU Z 52 42.52 5.80 32.16
C LEU Z 52 41.81 5.34 33.43
N ASN Z 53 42.15 5.97 34.55
CA ASN Z 53 41.75 5.54 35.91
C ASN Z 53 40.28 5.91 36.14
N GLU Z 54 39.87 7.10 35.66
CA GLU Z 54 38.50 7.63 35.82
C GLU Z 54 37.53 6.80 34.99
N GLN Z 55 37.96 6.21 33.88
CA GLN Z 55 37.11 5.32 33.05
C GLN Z 55 37.44 3.85 33.37
N GLY Z 56 38.01 3.59 34.56
CA GLY Z 56 38.44 2.26 35.01
C GLY Z 56 38.94 1.34 33.90
N MET Z 57 39.83 1.86 33.05
N MET Z 57 39.82 1.85 33.04
CA MET Z 57 40.58 1.03 32.05
CA MET Z 57 40.57 1.03 32.06
C MET Z 57 41.79 0.44 32.77
C MET Z 57 41.79 0.44 32.78
N THR Z 58 41.55 -0.60 33.57
CA THR Z 58 42.52 -1.24 34.49
C THR Z 58 43.06 -2.49 33.80
N PRO Z 59 44.17 -3.10 34.28
CA PRO Z 59 44.77 -4.25 33.62
C PRO Z 59 43.84 -5.47 33.46
N ASP Z 60 42.95 -5.67 34.43
CA ASP Z 60 41.97 -6.80 34.51
C ASP Z 60 40.87 -6.64 33.46
N LYS Z 61 40.37 -5.42 33.25
CA LYS Z 61 39.37 -5.08 32.20
C LYS Z 61 40.05 -5.03 30.82
N SER Z 62 39.25 -5.11 29.75
CA SER Z 62 39.75 -5.31 28.35
C SER Z 62 40.17 -3.97 27.73
N TYR Z 63 41.09 -4.02 26.78
CA TYR Z 63 41.65 -2.86 26.04
C TYR Z 63 40.51 -2.03 25.45
N LYS Z 64 40.61 -0.71 25.57
N LYS Z 64 40.61 -0.71 25.57
CA LYS Z 64 39.66 0.28 24.99
CA LYS Z 64 39.66 0.28 24.99
C LYS Z 64 40.35 1.00 23.82
C LYS Z 64 40.36 1.00 23.82
N LYS Z 65 39.59 1.39 22.80
CA LYS Z 65 40.10 2.09 21.58
C LYS Z 65 40.81 3.38 22.00
N SER Z 66 41.95 3.66 21.37
CA SER Z 66 42.80 4.83 21.69
C SER Z 66 42.03 6.12 21.39
N ALA Z 67 41.31 6.18 20.27
CA ALA Z 67 40.49 7.36 19.89
C ALA Z 67 39.49 7.70 20.99
N ARG Z 68 38.95 6.69 21.71
CA ARG Z 68 38.01 6.88 22.85
C ARG Z 68 38.78 7.56 24.00
N ILE Z 69 40.00 7.09 24.28
CA ILE Z 69 40.83 7.57 25.42
C ILE Z 69 41.29 9.01 25.14
N VAL Z 70 41.81 9.25 23.92
CA VAL Z 70 42.37 10.57 23.52
C VAL Z 70 41.24 11.61 23.54
N GLY Z 71 40.06 11.24 23.05
CA GLY Z 71 38.86 12.11 23.03
C GLY Z 71 38.49 12.54 24.44
N ASP Z 72 38.40 11.57 25.36
CA ASP Z 72 38.04 11.79 26.77
C ASP Z 72 39.06 12.70 27.44
N VAL Z 73 40.36 12.45 27.23
CA VAL Z 73 41.47 13.24 27.88
C VAL Z 73 41.44 14.67 27.34
N MET Z 74 41.28 14.83 26.02
CA MET Z 74 41.27 16.15 25.31
C MET Z 74 40.04 16.95 25.76
N GLY Z 75 38.90 16.29 25.91
CA GLY Z 75 37.63 16.91 26.36
C GLY Z 75 37.72 17.46 27.78
N LYS Z 76 38.29 16.70 28.72
CA LYS Z 76 38.11 16.89 30.18
C LYS Z 76 39.31 17.57 30.84
N TYR Z 77 40.54 17.39 30.35
CA TYR Z 77 41.78 17.73 31.09
C TYR Z 77 42.79 18.50 30.22
N HIS Z 78 43.03 18.06 28.98
CA HIS Z 78 44.17 18.48 28.13
C HIS Z 78 43.67 19.19 26.86
N PRO Z 79 43.44 20.51 26.90
CA PRO Z 79 42.83 21.23 25.77
C PRO Z 79 43.87 21.53 24.67
N HIS Z 80 44.39 20.49 24.02
CA HIS Z 80 45.44 20.60 22.97
C HIS Z 80 45.22 19.52 21.91
N GLY Z 81 46.15 19.42 20.94
N GLY Z 81 46.14 19.43 20.94
CA GLY Z 81 46.05 18.53 19.77
CA GLY Z 81 46.04 18.54 19.77
C GLY Z 81 45.93 17.06 20.17
C GLY Z 81 45.92 17.07 20.17
N ASP Z 82 45.13 16.31 19.39
CA ASP Z 82 45.01 14.83 19.53
C ASP Z 82 46.39 14.18 19.29
N SER Z 83 47.18 14.65 18.33
CA SER Z 83 48.53 14.08 18.07
C SER Z 83 49.43 14.23 19.31
N SER Z 84 49.42 15.38 19.98
CA SER Z 84 50.27 15.63 21.19
C SER Z 84 49.93 14.58 22.25
N ILE Z 85 48.64 14.29 22.45
CA ILE Z 85 48.13 13.34 23.48
C ILE Z 85 48.47 11.91 23.05
N TYR Z 86 48.08 11.51 21.83
CA TYR Z 86 48.23 10.12 21.38
C TYR Z 86 49.70 9.70 21.39
N GLU Z 87 50.60 10.54 20.84
CA GLU Z 87 52.04 10.19 20.74
CA GLU Z 87 52.04 10.20 20.74
C GLU Z 87 52.62 10.05 22.15
N ALA Z 88 52.14 10.85 23.11
CA ALA Z 88 52.62 10.82 24.51
C ALA Z 88 52.19 9.50 25.16
N MET Z 89 50.99 9.02 24.80
CA MET Z 89 50.45 7.73 25.31
C MET Z 89 51.23 6.58 24.66
N VAL Z 90 51.48 6.66 23.36
CA VAL Z 90 52.23 5.63 22.60
C VAL Z 90 53.57 5.37 23.28
N ARG Z 91 54.36 6.43 23.54
CA ARG Z 91 55.72 6.36 24.12
C ARG Z 91 55.66 5.61 25.47
N MET Z 92 54.66 5.90 26.30
CA MET Z 92 54.47 5.27 27.64
C MET Z 92 54.23 3.76 27.49
N ALA Z 93 53.90 3.30 26.28
CA ALA Z 93 53.51 1.90 25.98
C ALA Z 93 54.66 1.16 25.30
N GLN Z 94 55.74 1.86 24.92
CA GLN Z 94 56.88 1.26 24.19
C GLN Z 94 57.91 0.74 25.21
N ASP Z 95 58.19 -0.57 25.16
CA ASP Z 95 59.10 -1.22 26.13
C ASP Z 95 60.55 -0.81 25.82
N PHE Z 96 60.80 -0.17 24.68
CA PHE Z 96 62.15 0.35 24.26
C PHE Z 96 62.29 1.84 24.61
N SER Z 97 61.21 2.49 25.04
CA SER Z 97 61.21 3.94 25.43
C SER Z 97 61.14 4.05 26.95
N TYR Z 98 60.17 3.35 27.56
CA TYR Z 98 59.90 3.33 29.02
C TYR Z 98 60.49 2.06 29.64
N ARG Z 99 61.37 2.24 30.63
CA ARG Z 99 62.01 1.15 31.40
C ARG Z 99 60.94 0.34 32.14
N TYR Z 100 59.94 1.03 32.69
CA TYR Z 100 58.72 0.43 33.28
C TYR Z 100 57.52 1.06 32.58
N PRO Z 101 57.06 0.47 31.45
CA PRO Z 101 55.90 0.96 30.73
C PRO Z 101 54.70 1.24 31.64
N LEU Z 102 54.03 2.37 31.41
CA LEU Z 102 52.87 2.84 32.20
C LEU Z 102 51.57 2.57 31.42
N VAL Z 103 51.67 2.20 30.15
CA VAL Z 103 50.48 1.94 29.29
C VAL Z 103 50.66 0.58 28.60
N ASP Z 104 49.60 -0.21 28.60
CA ASP Z 104 49.57 -1.54 27.97
C ASP Z 104 48.83 -1.39 26.65
N GLY Z 105 49.54 -1.47 25.54
CA GLY Z 105 49.04 -1.23 24.16
C GLY Z 105 48.68 -2.54 23.46
N GLN Z 106 47.66 -2.50 22.60
CA GLN Z 106 47.26 -3.59 21.70
C GLN Z 106 47.35 -3.07 20.27
N GLY Z 107 48.29 -3.57 19.48
CA GLY Z 107 48.45 -3.22 18.05
C GLY Z 107 49.82 -2.64 17.75
N ASN Z 108 49.95 -1.94 16.63
CA ASN Z 108 51.22 -1.33 16.15
C ASN Z 108 51.47 -0.04 16.94
N PHE Z 109 52.27 -0.13 18.02
CA PHE Z 109 52.75 1.02 18.83
C PHE Z 109 54.20 1.37 18.46
N GLY Z 110 54.58 1.08 17.21
CA GLY Z 110 55.89 1.41 16.65
C GLY Z 110 56.92 0.35 16.96
N SER Z 111 58.14 0.59 16.46
CA SER Z 111 59.33 -0.29 16.61
C SER Z 111 60.55 0.58 16.90
N MET Z 112 61.70 -0.08 17.08
CA MET Z 112 63.01 0.59 17.31
C MET Z 112 63.50 1.27 16.04
N ASP Z 113 62.91 0.95 14.88
CA ASP Z 113 63.30 1.54 13.57
C ASP Z 113 62.67 2.94 13.38
N GLY Z 114 61.88 3.40 14.35
CA GLY Z 114 61.31 4.76 14.31
C GLY Z 114 60.10 4.86 13.41
N ASP Z 115 59.56 3.72 12.94
CA ASP Z 115 58.21 3.66 12.35
C ASP Z 115 57.27 4.09 13.48
N GLY Z 116 56.35 5.02 13.23
CA GLY Z 116 55.40 5.48 14.25
C GLY Z 116 54.44 4.38 14.63
N ALA Z 117 53.66 4.60 15.70
CA ALA Z 117 52.45 3.82 16.02
C ALA Z 117 51.45 3.99 14.86
N ALA Z 118 50.62 2.98 14.60
CA ALA Z 118 49.42 3.14 13.76
C ALA Z 118 48.58 4.29 14.32
N ALA Z 119 47.73 4.91 13.48
CA ALA Z 119 46.81 5.99 13.90
C ALA Z 119 45.89 5.48 15.01
N MET Z 120 45.32 6.39 15.81
CA MET Z 120 44.59 6.06 17.06
C MET Z 120 43.31 5.26 16.76
N ARG Z 121 42.81 5.33 15.52
CA ARG Z 121 41.64 4.54 15.06
C ARG Z 121 41.96 3.04 15.21
N TYR Z 122 43.24 2.68 15.00
CA TYR Z 122 43.72 1.30 14.81
C TYR Z 122 44.10 0.65 16.15
N THR Z 123 44.51 1.41 17.15
CA THR Z 123 45.15 0.83 18.39
C THR Z 123 44.18 0.85 19.55
N GLU Z 124 44.43 0.01 20.55
CA GLU Z 124 43.68 -0.03 21.84
C GLU Z 124 44.72 0.01 22.97
N ALA Z 125 44.31 0.34 24.20
CA ALA Z 125 45.24 0.60 25.32
C ALA Z 125 44.55 0.44 26.67
N ARG Z 126 45.34 0.21 27.73
CA ARG Z 126 44.90 0.22 29.15
C ARG Z 126 46.08 0.51 30.07
N MET Z 127 45.86 0.51 31.39
CA MET Z 127 46.94 0.61 32.41
C MET Z 127 47.80 -0.65 32.39
N THR Z 128 49.07 -0.50 32.74
CA THR Z 128 49.98 -1.60 33.16
C THR Z 128 49.74 -1.83 34.66
N LYS Z 129 50.08 -3.00 35.18
CA LYS Z 129 49.90 -3.34 36.63
C LYS Z 129 50.65 -2.29 37.48
N ILE Z 130 51.81 -1.82 37.02
CA ILE Z 130 52.65 -0.86 37.81
C ILE Z 130 51.98 0.53 37.82
N THR Z 131 51.14 0.87 36.84
CA THR Z 131 50.48 2.19 36.79
C THR Z 131 49.44 2.28 37.91
N LEU Z 132 48.93 1.13 38.38
CA LEU Z 132 48.06 1.09 39.59
C LEU Z 132 48.84 1.66 40.79
N GLU Z 133 50.15 1.43 40.87
CA GLU Z 133 50.97 1.93 41.99
C GLU Z 133 51.12 3.45 41.88
N LEU Z 134 51.16 4.00 40.65
CA LEU Z 134 51.18 5.47 40.46
C LEU Z 134 49.89 6.09 41.01
N LEU Z 135 48.76 5.39 40.86
CA LEU Z 135 47.41 5.94 41.15
C LEU Z 135 46.90 5.48 42.52
N ARG Z 136 47.56 4.52 43.17
CA ARG Z 136 47.07 3.89 44.44
C ARG Z 136 46.77 4.98 45.47
N ASP Z 137 45.54 5.01 45.98
CA ASP Z 137 45.11 5.89 47.11
C ASP Z 137 44.86 7.32 46.59
N ILE Z 138 44.66 7.51 45.28
CA ILE Z 138 44.37 8.86 44.71
C ILE Z 138 43.01 9.33 45.25
N ASN Z 139 42.15 8.38 45.62
CA ASN Z 139 40.76 8.64 46.09
C ASN Z 139 40.68 8.73 47.61
N LYS Z 140 41.80 8.74 48.32
CA LYS Z 140 41.84 8.82 49.81
C LYS Z 140 42.47 10.15 50.25
N ASP Z 141 42.19 11.23 49.53
CA ASP Z 141 42.66 12.61 49.87
C ASP Z 141 44.15 12.61 50.21
N THR Z 142 44.95 12.00 49.32
CA THR Z 142 46.43 11.88 49.45
C THR Z 142 47.14 12.99 48.69
N ILE Z 143 46.49 13.52 47.67
CA ILE Z 143 47.04 14.58 46.76
C ILE Z 143 45.95 15.63 46.53
N ASP Z 144 46.32 16.88 46.28
CA ASP Z 144 45.35 17.98 46.04
C ASP Z 144 44.82 17.91 44.61
N PHE Z 145 43.49 17.96 44.45
CA PHE Z 145 42.83 18.18 43.15
C PHE Z 145 42.71 19.68 42.89
N ILE Z 146 42.58 20.03 41.60
CA ILE Z 146 42.42 21.44 41.12
C ILE Z 146 41.41 21.40 39.96
N ASP Z 147 40.85 22.56 39.63
CA ASP Z 147 39.90 22.69 38.50
C ASP Z 147 40.67 22.44 37.20
N ASN Z 148 40.04 21.77 36.23
CA ASN Z 148 40.57 21.62 34.86
C ASN Z 148 40.49 22.98 34.15
N TYR Z 149 40.88 23.04 32.88
CA TYR Z 149 41.03 24.28 32.08
C TYR Z 149 39.74 25.09 31.99
N ASP Z 150 38.57 24.43 31.95
CA ASP Z 150 37.26 25.14 31.77
C ASP Z 150 36.48 25.15 33.08
N GLY Z 151 36.98 24.53 34.15
CA GLY Z 151 36.33 24.52 35.48
C GLY Z 151 35.13 23.57 35.57
N ASN Z 152 34.91 22.73 34.57
CA ASN Z 152 33.81 21.71 34.56
C ASN Z 152 34.27 20.37 35.15
N GLU Z 153 35.57 20.22 35.51
CA GLU Z 153 36.15 18.93 35.97
C GLU Z 153 37.23 19.17 37.03
N ARG Z 154 37.50 18.15 37.84
CA ARG Z 154 38.63 18.12 38.80
C ARG Z 154 39.72 17.21 38.24
N GLU Z 155 40.97 17.67 38.26
CA GLU Z 155 42.15 16.85 37.87
C GLU Z 155 43.16 16.89 39.01
N PRO Z 156 43.98 15.82 39.16
CA PRO Z 156 44.99 15.77 40.20
C PRO Z 156 46.21 16.62 39.82
N SER Z 157 46.65 17.48 40.74
CA SER Z 157 47.90 18.29 40.65
C SER Z 157 49.12 17.38 40.53
N VAL Z 158 49.10 16.22 41.18
CA VAL Z 158 50.22 15.24 41.22
C VAL Z 158 49.63 13.87 41.53
N LEU Z 159 50.29 12.78 41.13
CA LEU Z 159 49.82 11.40 41.49
C LEU Z 159 50.51 10.96 42.76
N PRO Z 160 49.88 10.07 43.54
CA PRO Z 160 50.51 9.47 44.72
C PRO Z 160 51.91 8.91 44.45
N ALA Z 161 52.10 8.26 43.30
CA ALA Z 161 53.42 7.77 42.84
C ALA Z 161 54.05 6.88 43.93
N ARG Z 162 53.51 5.68 44.12
CA ARG Z 162 53.92 4.78 45.23
C ARG Z 162 55.24 4.07 44.85
N PHE Z 163 55.76 4.29 43.63
CA PHE Z 163 57.17 3.98 43.26
C PHE Z 163 57.83 5.22 42.67
N PRO Z 164 59.18 5.38 42.80
CA PRO Z 164 59.89 6.60 42.38
C PRO Z 164 60.09 6.71 40.85
N ASN Z 165 59.08 7.29 40.18
CA ASN Z 165 58.85 7.15 38.72
C ASN Z 165 59.77 8.08 37.93
N LEU Z 166 60.11 9.26 38.49
CA LEU Z 166 60.98 10.26 37.80
C LEU Z 166 62.28 9.58 37.38
N LEU Z 167 62.97 8.93 38.32
CA LEU Z 167 64.28 8.29 38.06
C LEU Z 167 64.07 6.93 37.38
N ALA Z 168 63.00 6.21 37.72
CA ALA Z 168 62.75 4.85 37.21
C ALA Z 168 62.61 4.90 35.68
N ASN Z 169 61.69 5.74 35.19
CA ASN Z 169 61.38 5.82 33.74
C ASN Z 169 62.22 6.93 33.11
N GLY Z 170 62.64 7.91 33.89
CA GLY Z 170 63.41 9.05 33.35
C GLY Z 170 62.46 10.07 32.74
N ALA Z 171 63.00 10.99 31.95
CA ALA Z 171 62.27 12.15 31.37
C ALA Z 171 63.22 12.99 30.52
N SER Z 172 62.78 13.35 29.32
CA SER Z 172 63.46 14.32 28.44
C SER Z 172 62.41 15.37 28.00
N GLY Z 173 62.78 16.64 28.03
CA GLY Z 173 61.86 17.75 27.74
C GLY Z 173 62.61 18.98 27.32
N ILE Z 174 62.32 19.51 26.13
CA ILE Z 174 62.80 20.84 25.66
C ILE Z 174 61.78 21.87 26.15
N ALA Z 175 62.20 22.75 27.07
CA ALA Z 175 61.36 23.82 27.64
C ALA Z 175 61.73 25.13 26.94
N VAL Z 176 61.64 26.26 27.66
CA VAL Z 176 62.18 27.58 27.23
C VAL Z 176 63.13 28.05 28.32
N GLY Z 177 64.35 28.46 27.93
CA GLY Z 177 65.45 28.86 28.85
C GLY Z 177 66.19 27.67 29.43
N MET Z 178 65.62 26.47 29.33
CA MET Z 178 66.17 25.22 29.92
C MET Z 178 65.55 24.00 29.23
N ALA Z 179 66.23 22.85 29.35
CA ALA Z 179 65.70 21.51 29.01
C ALA Z 179 65.90 20.58 30.20
N THR Z 180 65.35 19.37 30.13
CA THR Z 180 65.61 18.28 31.09
C THR Z 180 66.03 17.03 30.31
N ASN Z 181 66.92 16.24 30.89
CA ASN Z 181 67.33 14.93 30.35
C ASN Z 181 67.73 14.05 31.53
N ILE Z 182 66.83 13.16 31.95
CA ILE Z 182 67.04 12.26 33.11
C ILE Z 182 66.96 10.84 32.58
N PRO Z 183 68.02 10.01 32.77
CA PRO Z 183 68.03 8.65 32.24
C PRO Z 183 67.19 7.75 33.14
N PRO Z 184 66.63 6.66 32.61
CA PRO Z 184 65.93 5.67 33.41
C PRO Z 184 66.89 4.90 34.32
N HIS Z 185 66.33 4.26 35.35
CA HIS Z 185 67.07 3.57 36.43
C HIS Z 185 66.47 2.19 36.70
N ASN Z 186 67.21 1.32 37.40
CA ASN Z 186 66.68 0.02 37.85
C ASN Z 186 65.85 0.27 39.12
N LEU Z 187 64.61 -0.22 39.14
CA LEU Z 187 63.63 0.06 40.22
C LEU Z 187 64.14 -0.53 41.53
N THR Z 188 64.68 -1.77 41.48
CA THR Z 188 65.26 -2.47 42.65
C THR Z 188 66.33 -1.56 43.27
N GLU Z 189 67.29 -1.12 42.45
CA GLU Z 189 68.41 -0.26 42.91
C GLU Z 189 67.82 1.02 43.55
N LEU Z 190 66.85 1.66 42.87
CA LEU Z 190 66.23 2.93 43.34
C LEU Z 190 65.64 2.72 44.74
N ILE Z 191 64.83 1.67 44.90
CA ILE Z 191 64.04 1.46 46.15
C ILE Z 191 65.01 1.14 47.31
N ASN Z 192 66.06 0.36 47.03
CA ASN Z 192 67.17 0.14 48.01
C ASN Z 192 67.81 1.49 48.38
N GLY Z 193 68.01 2.37 47.38
CA GLY Z 193 68.49 3.74 47.61
C GLY Z 193 67.60 4.49 48.59
N VAL Z 194 66.28 4.47 48.35
CA VAL Z 194 65.29 5.24 49.16
C VAL Z 194 65.28 4.69 50.58
N LEU Z 195 65.31 3.36 50.72
CA LEU Z 195 65.32 2.67 52.05
C LEU Z 195 66.56 3.11 52.82
N SER Z 196 67.73 3.10 52.17
CA SER Z 196 69.02 3.56 52.75
C SER Z 196 68.87 4.99 53.25
N LEU Z 197 68.41 5.89 52.38
CA LEU Z 197 68.15 7.32 52.71
C LEU Z 197 67.17 7.43 53.88
N SER Z 198 66.10 6.62 53.91
CA SER Z 198 65.01 6.72 54.92
C SER Z 198 65.53 6.31 56.30
N LYS Z 199 66.66 5.60 56.36
CA LYS Z 199 67.30 5.17 57.63
C LYS Z 199 68.44 6.14 58.00
N ASN Z 200 68.96 6.92 57.05
CA ASN Z 200 70.13 7.81 57.27
C ASN Z 200 69.95 9.09 56.46
N PRO Z 201 69.25 10.10 57.02
CA PRO Z 201 69.02 11.36 56.32
C PRO Z 201 70.31 12.05 55.81
N ASP Z 202 71.45 11.76 56.45
CA ASP Z 202 72.75 12.45 56.22
C ASP Z 202 73.61 11.65 55.25
N ILE Z 203 73.04 10.63 54.58
CA ILE Z 203 73.73 9.71 53.64
C ILE Z 203 74.40 10.53 52.51
N SER Z 204 75.60 10.11 52.09
CA SER Z 204 76.38 10.70 50.97
C SER Z 204 75.90 10.14 49.63
N ILE Z 205 76.10 10.89 48.54
CA ILE Z 205 75.87 10.42 47.15
C ILE Z 205 76.66 9.12 46.95
N ALA Z 206 77.91 9.09 47.42
CA ALA Z 206 78.84 7.95 47.31
C ALA Z 206 78.20 6.68 47.89
N GLU Z 207 77.57 6.78 49.07
N GLU Z 207 77.57 6.79 49.07
CA GLU Z 207 76.92 5.65 49.77
CA GLU Z 207 76.92 5.65 49.78
C GLU Z 207 75.67 5.24 49.00
C GLU Z 207 75.66 5.24 49.00
N LEU Z 208 74.89 6.21 48.52
CA LEU Z 208 73.69 5.98 47.69
C LEU Z 208 74.09 5.19 46.44
N MET Z 209 75.29 5.41 45.90
CA MET Z 209 75.73 4.78 44.63
C MET Z 209 76.15 3.31 44.84
N GLU Z 210 76.26 2.85 46.08
CA GLU Z 210 76.40 1.40 46.39
C GLU Z 210 75.05 0.69 46.13
N ASP Z 211 73.93 1.42 46.19
CA ASP Z 211 72.58 0.87 45.83
C ASP Z 211 72.32 1.16 44.34
N ILE Z 212 72.52 2.41 43.93
CA ILE Z 212 72.21 2.91 42.55
C ILE Z 212 73.52 2.97 41.73
N GLU Z 213 73.90 1.86 41.10
CA GLU Z 213 75.16 1.73 40.31
C GLU Z 213 75.26 2.83 39.25
N GLY Z 214 74.15 3.13 38.58
CA GLY Z 214 74.06 4.05 37.43
C GLY Z 214 72.73 3.91 36.70
N PRO Z 215 72.54 4.59 35.55
CA PRO Z 215 71.35 4.40 34.75
C PRO Z 215 71.20 2.93 34.33
N ASP Z 216 69.97 2.52 34.07
CA ASP Z 216 69.59 1.21 33.49
C ASP Z 216 68.60 1.47 32.37
N PHE Z 217 69.07 1.50 31.12
CA PHE Z 217 68.25 1.78 29.92
C PHE Z 217 67.40 0.56 29.58
N PRO Z 218 66.17 0.76 29.04
CA PRO Z 218 65.34 -0.38 28.63
C PRO Z 218 66.01 -1.19 27.51
N THR Z 219 66.78 -0.52 26.65
CA THR Z 219 67.44 -1.12 25.46
C THR Z 219 68.73 -1.85 25.86
N ALA Z 220 69.10 -1.81 27.14
CA ALA Z 220 70.32 -2.46 27.71
C ALA Z 220 71.56 -1.73 27.17
N GLY Z 221 72.49 -2.47 26.53
CA GLY Z 221 73.76 -1.92 26.02
C GLY Z 221 74.76 -1.76 27.16
N LEU Z 222 75.77 -0.91 26.95
CA LEU Z 222 76.93 -0.73 27.86
C LEU Z 222 77.10 0.76 28.16
N ILE Z 223 77.55 1.07 29.38
CA ILE Z 223 78.03 2.41 29.79
C ILE Z 223 79.52 2.30 30.07
N LEU Z 224 80.32 3.17 29.44
CA LEU Z 224 81.80 3.23 29.57
C LEU Z 224 82.10 4.10 30.80
N GLY Z 225 82.40 3.47 31.94
CA GLY Z 225 83.02 4.15 33.09
C GLY Z 225 82.02 4.80 34.03
N LYS Z 226 82.47 5.20 35.21
CA LYS Z 226 81.62 5.70 36.30
C LYS Z 226 81.81 7.22 36.45
N SER Z 227 82.71 7.84 35.68
CA SER Z 227 83.08 9.28 35.82
C SER Z 227 81.86 10.15 35.53
N GLY Z 228 81.28 9.99 34.34
CA GLY Z 228 80.07 10.73 33.91
C GLY Z 228 78.93 10.49 34.86
N ILE Z 229 78.66 9.24 35.21
CA ILE Z 229 77.53 8.84 36.10
C ILE Z 229 77.68 9.60 37.43
N ARG Z 230 78.89 9.56 38.01
CA ARG Z 230 79.22 10.16 39.33
C ARG Z 230 78.94 11.66 39.27
N ARG Z 231 79.48 12.33 38.25
N ARG Z 231 79.48 12.33 38.25
CA ARG Z 231 79.36 13.80 38.04
CA ARG Z 231 79.36 13.80 38.05
C ARG Z 231 77.89 14.18 37.92
C ARG Z 231 77.89 14.18 37.92
N ALA Z 232 77.10 13.36 37.23
CA ALA Z 232 75.66 13.59 36.98
C ALA Z 232 74.88 13.45 38.30
N TYR Z 233 75.22 12.47 39.13
CA TYR Z 233 74.54 12.21 40.43
C TYR Z 233 75.00 13.22 41.48
N GLU Z 234 76.20 13.78 41.32
CA GLU Z 234 76.80 14.77 42.26
C GLU Z 234 76.11 16.13 42.04
N THR Z 235 75.98 16.54 40.77
CA THR Z 235 75.75 17.95 40.36
C THR Z 235 74.45 18.10 39.55
N GLY Z 236 73.92 17.01 38.99
CA GLY Z 236 72.73 17.05 38.13
C GLY Z 236 73.08 17.18 36.65
N ARG Z 237 74.36 17.40 36.37
CA ARG Z 237 74.89 17.50 34.97
C ARG Z 237 76.12 16.60 34.83
N GLY Z 238 76.16 15.84 33.73
CA GLY Z 238 77.24 14.91 33.40
C GLY Z 238 76.99 14.27 32.04
N SER Z 239 78.03 13.93 31.29
CA SER Z 239 77.90 13.15 30.04
C SER Z 239 78.19 11.70 30.35
N ILE Z 240 77.32 10.80 29.91
CA ILE Z 240 77.42 9.32 30.08
C ILE Z 240 77.59 8.71 28.69
N GLN Z 241 78.67 7.96 28.45
CA GLN Z 241 78.96 7.33 27.13
C GLN Z 241 78.25 5.98 27.06
N MET Z 242 77.26 5.85 26.19
CA MET Z 242 76.52 4.58 25.93
C MET Z 242 77.16 3.87 24.73
N ARG Z 243 77.18 2.55 24.72
CA ARG Z 243 77.78 1.77 23.60
C ARG Z 243 76.95 0.53 23.32
N SER Z 244 76.67 0.28 22.03
CA SER Z 244 76.08 -0.98 21.49
C SER Z 244 76.83 -2.19 22.04
N ARG Z 245 76.10 -3.26 22.33
CA ARG Z 245 76.70 -4.60 22.63
C ARG Z 245 77.00 -5.27 21.29
N ALA Z 246 78.27 -5.31 20.91
CA ALA Z 246 78.76 -5.90 19.64
C ALA Z 246 79.86 -6.91 19.94
N VAL Z 247 79.89 -8.01 19.19
CA VAL Z 247 81.01 -8.99 19.23
C VAL Z 247 81.48 -9.27 17.80
N ILE Z 248 82.68 -9.82 17.68
CA ILE Z 248 83.32 -10.30 16.43
C ILE Z 248 83.30 -11.83 16.45
N GLU Z 249 82.84 -12.45 15.37
CA GLU Z 249 82.70 -13.93 15.29
C GLU Z 249 83.05 -14.40 13.87
N GLU Z 250 83.61 -15.62 13.76
CA GLU Z 250 83.84 -16.39 12.50
C GLU Z 250 82.50 -16.53 11.75
N ARG Z 251 82.49 -16.36 10.42
CA ARG Z 251 81.29 -16.56 9.58
C ARG Z 251 81.54 -17.70 8.58
N GLY Z 252 82.70 -18.37 8.71
CA GLY Z 252 83.14 -19.50 7.87
C GLY Z 252 84.10 -19.02 6.78
N GLY Z 253 84.98 -19.91 6.32
CA GLY Z 253 86.01 -19.63 5.33
C GLY Z 253 87.07 -18.70 5.87
N GLY Z 254 87.24 -18.63 7.20
CA GLY Z 254 88.20 -17.73 7.88
C GLY Z 254 87.82 -16.26 7.76
N ARG Z 255 86.64 -15.95 7.21
CA ARG Z 255 86.12 -14.56 7.13
C ARG Z 255 85.31 -14.27 8.40
N GLN Z 256 85.41 -13.06 8.93
CA GLN Z 256 84.79 -12.69 10.24
C GLN Z 256 83.57 -11.78 10.00
N ARG Z 257 82.86 -11.41 11.06
CA ARG Z 257 81.76 -10.40 11.03
C ARG Z 257 81.53 -9.82 12.43
N ILE Z 258 81.00 -8.61 12.47
CA ILE Z 258 80.58 -7.89 13.70
C ILE Z 258 79.08 -8.10 13.85
N VAL Z 259 78.63 -8.58 15.01
CA VAL Z 259 77.18 -8.76 15.31
C VAL Z 259 76.81 -7.82 16.46
N VAL Z 260 75.83 -6.95 16.22
CA VAL Z 260 75.31 -5.97 17.20
C VAL Z 260 73.93 -6.45 17.66
N THR Z 261 73.74 -6.65 18.97
CA THR Z 261 72.50 -7.24 19.56
C THR Z 261 71.76 -6.24 20.45
N GLU Z 262 72.44 -5.19 20.92
CA GLU Z 262 71.85 -4.11 21.77
C GLU Z 262 72.36 -2.77 21.22
N ILE Z 263 71.49 -1.77 21.05
CA ILE Z 263 71.91 -0.40 20.62
C ILE Z 263 71.70 0.60 21.77
N PRO Z 264 72.35 1.79 21.69
CA PRO Z 264 72.22 2.79 22.74
C PRO Z 264 70.78 3.32 22.79
N PHE Z 265 70.42 3.85 23.96
CA PHE Z 265 69.08 4.38 24.30
C PHE Z 265 68.72 5.52 23.35
N GLN Z 266 67.47 5.51 22.87
CA GLN Z 266 66.87 6.57 22.03
C GLN Z 266 67.56 6.64 20.67
N VAL Z 267 68.41 5.68 20.31
CA VAL Z 267 69.03 5.61 18.95
C VAL Z 267 68.10 4.82 18.01
N ASN Z 268 67.83 5.37 16.84
CA ASN Z 268 66.94 4.79 15.80
C ASN Z 268 67.69 3.71 15.02
N LYS Z 269 67.27 2.45 15.11
CA LYS Z 269 68.00 1.30 14.47
C LYS Z 269 68.10 1.56 12.97
N ALA Z 270 66.98 1.85 12.31
CA ALA Z 270 66.91 2.00 10.84
C ALA Z 270 67.88 3.10 10.40
N ARG Z 271 67.85 4.24 11.08
N ARG Z 271 67.85 4.24 11.09
CA ARG Z 271 68.69 5.44 10.79
CA ARG Z 271 68.69 5.44 10.79
C ARG Z 271 70.16 5.10 11.02
C ARG Z 271 70.16 5.10 11.02
N MET Z 272 70.48 4.42 12.13
CA MET Z 272 71.87 4.02 12.49
C MET Z 272 72.47 3.13 11.40
N ILE Z 273 71.71 2.17 10.88
CA ILE Z 273 72.15 1.26 9.77
C ILE Z 273 72.41 2.11 8.51
N GLU Z 274 71.52 3.05 8.20
CA GLU Z 274 71.62 3.93 7.02
C GLU Z 274 72.92 4.76 7.12
N LYS Z 275 73.26 5.28 8.30
CA LYS Z 275 74.55 6.02 8.53
C LYS Z 275 75.73 5.10 8.17
N ILE Z 276 75.68 3.82 8.53
CA ILE Z 276 76.79 2.84 8.29
C ILE Z 276 76.87 2.57 6.78
N ALA Z 277 75.73 2.31 6.14
CA ALA Z 277 75.65 2.07 4.68
C ALA Z 277 76.20 3.29 3.94
N GLU Z 278 75.88 4.49 4.44
CA GLU Z 278 76.27 5.79 3.84
C GLU Z 278 77.78 5.99 3.98
N LEU Z 279 78.38 5.61 5.10
CA LEU Z 279 79.86 5.67 5.29
C LEU Z 279 80.54 4.74 4.27
N VAL Z 280 79.97 3.56 4.04
CA VAL Z 280 80.50 2.54 3.09
C VAL Z 280 80.30 3.05 1.65
N ARG Z 281 79.08 3.48 1.28
CA ARG Z 281 78.76 4.08 -0.05
C ARG Z 281 79.79 5.17 -0.37
N ASP Z 282 80.12 6.04 0.61
CA ASP Z 282 80.98 7.24 0.44
C ASP Z 282 82.44 6.91 0.75
N LYS Z 283 82.81 5.62 0.75
CA LYS Z 283 84.18 5.10 1.05
C LYS Z 283 84.85 5.89 2.21
N LYS Z 284 84.10 6.26 3.27
CA LYS Z 284 84.59 7.04 4.45
C LYS Z 284 84.98 6.09 5.60
N ILE Z 285 84.74 4.78 5.46
CA ILE Z 285 85.20 3.68 6.37
C ILE Z 285 85.57 2.48 5.49
N ASP Z 286 86.70 1.82 5.77
CA ASP Z 286 87.29 0.75 4.93
C ASP Z 286 87.08 -0.62 5.61
N GLY Z 287 86.61 -1.61 4.85
CA GLY Z 287 86.64 -3.04 5.25
C GLY Z 287 85.28 -3.72 5.32
N ILE Z 288 84.18 -2.99 5.13
CA ILE Z 288 82.80 -3.57 5.31
C ILE Z 288 82.25 -4.04 3.96
N THR Z 289 81.98 -5.34 3.84
CA THR Z 289 81.60 -6.03 2.57
C THR Z 289 80.10 -6.26 2.49
N ASP Z 290 79.39 -6.21 3.62
CA ASP Z 290 77.91 -6.35 3.66
C ASP Z 290 77.40 -5.84 5.01
N LEU Z 291 76.11 -5.51 5.05
CA LEU Z 291 75.41 -4.90 6.19
C LEU Z 291 73.95 -5.35 6.11
N ARG Z 292 73.52 -6.23 7.03
CA ARG Z 292 72.15 -6.81 7.07
C ARG Z 292 71.55 -6.55 8.45
N ASP Z 293 70.23 -6.34 8.50
CA ASP Z 293 69.45 -6.26 9.76
C ASP Z 293 68.65 -7.57 9.89
N GLU Z 294 69.23 -8.55 10.58
CA GLU Z 294 68.62 -9.89 10.80
C GLU Z 294 67.77 -9.84 12.08
N THR Z 295 67.36 -8.66 12.53
CA THR Z 295 66.43 -8.52 13.67
C THR Z 295 65.15 -9.30 13.34
N SER Z 296 64.59 -9.96 14.35
CA SER Z 296 63.23 -10.54 14.36
C SER Z 296 62.72 -10.55 15.80
N LEU Z 297 61.42 -10.64 16.02
CA LEU Z 297 60.87 -10.64 17.40
C LEU Z 297 61.32 -11.92 18.13
N ARG Z 298 61.52 -13.00 17.39
CA ARG Z 298 62.01 -14.30 17.93
C ARG Z 298 63.49 -14.20 18.31
N THR Z 299 64.35 -13.73 17.40
CA THR Z 299 65.84 -13.63 17.57
C THR Z 299 66.25 -12.44 18.46
N GLY Z 300 65.43 -11.40 18.55
CA GLY Z 300 65.80 -10.09 19.13
C GLY Z 300 66.59 -9.27 18.14
N VAL Z 301 67.20 -8.17 18.61
CA VAL Z 301 67.99 -7.23 17.75
C VAL Z 301 69.25 -7.95 17.27
N ARG Z 302 69.52 -7.90 15.97
CA ARG Z 302 70.68 -8.59 15.35
C ARG Z 302 71.04 -7.87 14.05
N VAL Z 303 72.02 -6.97 14.12
CA VAL Z 303 72.58 -6.23 12.96
C VAL Z 303 73.94 -6.86 12.65
N VAL Z 304 74.10 -7.39 11.44
CA VAL Z 304 75.31 -8.11 10.99
C VAL Z 304 76.11 -7.21 10.03
N ILE Z 305 77.41 -7.09 10.28
CA ILE Z 305 78.37 -6.31 9.44
C ILE Z 305 79.49 -7.27 9.01
N ASP Z 306 79.49 -7.70 7.75
CA ASP Z 306 80.51 -8.64 7.19
C ASP Z 306 81.79 -7.83 6.90
N VAL Z 307 82.95 -8.38 7.28
CA VAL Z 307 84.30 -7.75 7.17
C VAL Z 307 85.11 -8.49 6.11
N ARG Z 308 85.78 -7.75 5.21
CA ARG Z 308 86.64 -8.28 4.11
C ARG Z 308 87.70 -9.23 4.67
N LYS Z 309 88.04 -10.28 3.89
CA LYS Z 309 89.00 -11.34 4.27
C LYS Z 309 90.33 -10.67 4.62
N ASP Z 310 90.82 -10.98 5.80
CA ASP Z 310 92.15 -10.49 6.28
C ASP Z 310 92.12 -8.95 6.43
N ALA Z 311 90.95 -8.35 6.63
CA ALA Z 311 90.80 -7.01 7.27
C ALA Z 311 90.59 -7.22 8.76
N ASN Z 312 91.11 -6.32 9.60
CA ASN Z 312 91.03 -6.42 11.07
C ASN Z 312 89.64 -5.95 11.52
N ALA Z 313 88.84 -6.83 12.13
CA ALA Z 313 87.43 -6.54 12.51
C ALA Z 313 87.39 -5.62 13.75
N SER Z 314 88.35 -5.72 14.67
CA SER Z 314 88.39 -4.91 15.91
C SER Z 314 88.59 -3.42 15.55
N VAL Z 315 89.41 -3.18 14.54
CA VAL Z 315 89.72 -1.80 14.03
C VAL Z 315 88.43 -1.24 13.39
N ILE Z 316 87.75 -2.04 12.58
CA ILE Z 316 86.48 -1.62 11.93
C ILE Z 316 85.45 -1.31 13.02
N LEU Z 317 85.38 -2.11 14.08
CA LEU Z 317 84.40 -1.85 15.18
C LEU Z 317 84.76 -0.53 15.87
N ASN Z 318 86.03 -0.27 16.17
CA ASN Z 318 86.44 1.00 16.85
C ASN Z 318 86.09 2.17 15.95
N ASN Z 319 86.30 2.04 14.65
CA ASN Z 319 85.97 3.12 13.67
C ASN Z 319 84.46 3.36 13.70
N LEU Z 320 83.66 2.29 13.69
CA LEU Z 320 82.17 2.41 13.70
C LEU Z 320 81.72 3.17 14.94
N TYR Z 321 82.34 2.93 16.09
CA TYR Z 321 81.98 3.64 17.35
C TYR Z 321 82.25 5.13 17.17
N LYS Z 322 83.43 5.48 16.61
CA LYS Z 322 83.87 6.90 16.44
C LYS Z 322 82.95 7.59 15.44
N GLN Z 323 82.46 6.89 14.43
CA GLN Z 323 81.87 7.50 13.21
C GLN Z 323 80.35 7.33 13.14
N THR Z 324 79.72 6.54 14.02
CA THR Z 324 78.24 6.30 13.98
C THR Z 324 77.63 6.39 15.36
N PRO Z 325 76.27 6.43 15.46
CA PRO Z 325 75.57 6.36 16.73
C PRO Z 325 75.66 5.00 17.45
N LEU Z 326 76.41 4.04 16.90
CA LEU Z 326 76.73 2.75 17.56
C LEU Z 326 77.32 3.00 18.95
N GLN Z 327 78.01 4.14 19.13
CA GLN Z 327 78.31 4.76 20.45
C GLN Z 327 77.68 6.15 20.44
N THR Z 328 76.91 6.48 21.48
CA THR Z 328 76.23 7.79 21.66
C THR Z 328 76.45 8.26 23.09
N SER Z 329 76.50 9.56 23.33
CA SER Z 329 76.54 10.17 24.69
C SER Z 329 75.09 10.42 25.16
N PHE Z 330 74.79 10.20 26.44
CA PHE Z 330 73.54 10.63 27.09
C PHE Z 330 73.84 11.84 27.98
N GLY Z 331 73.39 13.03 27.58
CA GLY Z 331 73.70 14.30 28.28
C GLY Z 331 72.76 14.53 29.45
N VAL Z 332 73.13 14.07 30.64
CA VAL Z 332 72.30 14.21 31.87
C VAL Z 332 72.16 15.69 32.24
N ASN Z 333 70.93 16.15 32.44
CA ASN Z 333 70.57 17.55 32.80
C ASN Z 333 69.33 17.45 33.69
N MET Z 334 69.52 17.18 34.98
CA MET Z 334 68.43 16.71 35.89
C MET Z 334 67.67 17.91 36.42
N ILE Z 335 66.80 18.47 35.57
CA ILE Z 335 65.90 19.61 35.91
C ILE Z 335 64.47 19.10 35.99
N ALA Z 336 63.83 19.28 37.14
CA ALA Z 336 62.42 18.98 37.42
C ALA Z 336 61.80 20.12 38.24
N LEU Z 337 60.48 20.10 38.37
CA LEU Z 337 59.69 21.08 39.14
C LEU Z 337 59.67 20.65 40.61
N VAL Z 338 60.16 21.54 41.49
CA VAL Z 338 60.15 21.40 42.97
C VAL Z 338 59.39 22.60 43.54
N ASN Z 339 58.30 22.38 44.28
CA ASN Z 339 57.34 23.43 44.73
C ASN Z 339 57.03 24.34 43.54
N GLY Z 340 56.72 23.73 42.39
CA GLY Z 340 56.21 24.41 41.18
C GLY Z 340 57.28 25.16 40.40
N ARG Z 341 58.56 25.08 40.78
CA ARG Z 341 59.65 25.85 40.12
C ARG Z 341 60.73 24.89 39.61
N PRO Z 342 61.35 25.19 38.45
CA PRO Z 342 62.38 24.31 37.89
C PRO Z 342 63.64 24.43 38.76
N LYS Z 343 64.19 23.29 39.18
CA LYS Z 343 65.45 23.23 39.97
C LYS Z 343 66.36 22.17 39.35
N LEU Z 344 67.64 22.48 39.15
CA LEU Z 344 68.69 21.45 38.84
C LEU Z 344 68.94 20.68 40.13
N ILE Z 345 68.72 19.38 40.13
CA ILE Z 345 68.77 18.55 41.37
C ILE Z 345 69.81 17.45 41.19
N ASN Z 346 70.48 17.09 42.28
CA ASN Z 346 71.40 15.93 42.32
C ASN Z 346 70.56 14.69 42.65
N LEU Z 347 71.17 13.51 42.60
CA LEU Z 347 70.50 12.23 42.90
C LEU Z 347 69.86 12.33 44.29
N LYS Z 348 70.55 12.85 45.29
CA LYS Z 348 70.01 12.86 46.69
C LYS Z 348 68.77 13.77 46.79
N GLU Z 349 68.77 14.96 46.21
CA GLU Z 349 67.58 15.87 46.26
C GLU Z 349 66.37 15.15 45.69
N ALA Z 350 66.54 14.50 44.53
CA ALA Z 350 65.47 13.77 43.81
C ALA Z 350 64.87 12.70 44.74
N LEU Z 351 65.71 11.94 45.45
CA LEU Z 351 65.27 10.84 46.34
C LEU Z 351 64.63 11.42 47.60
N VAL Z 352 65.20 12.50 48.14
CA VAL Z 352 64.68 13.19 49.35
C VAL Z 352 63.28 13.74 49.05
N HIS Z 353 63.11 14.48 47.94
CA HIS Z 353 61.80 15.05 47.55
C HIS Z 353 60.79 13.90 47.39
N TYR Z 354 61.22 12.74 46.87
CA TYR Z 354 60.33 11.58 46.64
C TYR Z 354 59.91 10.98 47.97
N LEU Z 355 60.87 10.68 48.84
CA LEU Z 355 60.59 10.09 50.17
C LEU Z 355 59.64 11.02 50.95
N GLU Z 356 59.86 12.34 50.85
N GLU Z 356 59.86 12.34 50.85
CA GLU Z 356 59.03 13.35 51.57
CA GLU Z 356 59.03 13.35 51.56
C GLU Z 356 57.60 13.28 51.01
C GLU Z 356 57.60 13.28 51.01
N HIS Z 357 57.45 13.09 49.70
CA HIS Z 357 56.14 12.95 49.02
C HIS Z 357 55.42 11.72 49.56
N GLN Z 358 56.15 10.63 49.80
CA GLN Z 358 55.56 9.36 50.28
C GLN Z 358 55.08 9.54 51.73
N LYS Z 359 55.92 10.15 52.58
CA LYS Z 359 55.56 10.43 53.99
C LYS Z 359 54.23 11.21 53.99
N THR Z 360 54.10 12.22 53.12
CA THR Z 360 52.89 13.08 52.99
C THR Z 360 51.70 12.23 52.57
N VAL Z 361 51.84 11.44 51.51
CA VAL Z 361 50.76 10.60 50.93
C VAL Z 361 50.26 9.62 51.99
N VAL Z 362 51.16 8.94 52.70
CA VAL Z 362 50.75 7.91 53.70
C VAL Z 362 50.13 8.59 54.92
N ARG Z 363 50.69 9.71 55.38
CA ARG Z 363 50.10 10.49 56.51
C ARG Z 363 48.67 10.89 56.13
N ARG Z 364 48.48 11.55 54.99
CA ARG Z 364 47.16 12.03 54.52
C ARG Z 364 46.20 10.86 54.32
N ARG Z 365 46.66 9.74 53.77
CA ARG Z 365 45.81 8.54 53.59
C ARG Z 365 45.28 8.14 54.97
N THR Z 366 46.18 8.09 55.96
CA THR Z 366 45.89 7.64 57.34
C THR Z 366 44.89 8.61 57.99
N GLN Z 367 45.14 9.91 57.84
CA GLN Z 367 44.24 10.99 58.35
C GLN Z 367 42.85 10.79 57.73
N TYR Z 368 42.78 10.50 56.43
CA TYR Z 368 41.52 10.30 55.68
C TYR Z 368 40.82 9.04 56.19
N ASN Z 369 41.54 7.92 56.32
CA ASN Z 369 40.97 6.63 56.76
C ASN Z 369 40.38 6.81 58.16
N LEU Z 370 41.08 7.55 59.03
CA LEU Z 370 40.66 7.88 60.42
C LEU Z 370 39.37 8.71 60.38
N ARG Z 371 39.35 9.80 59.60
CA ARG Z 371 38.17 10.67 59.38
C ARG Z 371 36.97 9.79 59.00
N LYS Z 372 37.10 8.96 57.97
CA LYS Z 372 35.99 8.13 57.42
C LYS Z 372 35.53 7.12 58.48
N ALA Z 373 36.47 6.47 59.17
CA ALA Z 373 36.20 5.46 60.20
C ALA Z 373 35.42 6.07 61.37
N LYS Z 374 35.83 7.25 61.82
CA LYS Z 374 35.20 7.99 62.95
C LYS Z 374 33.78 8.39 62.55
N ASP Z 375 33.61 9.04 61.39
CA ASP Z 375 32.27 9.38 60.83
C ASP Z 375 31.36 8.15 60.86
N ARG Z 376 31.90 6.98 60.47
CA ARG Z 376 31.15 5.70 60.33
C ARG Z 376 30.82 5.16 61.71
N ALA Z 377 31.79 5.22 62.63
CA ALA Z 377 31.63 4.76 64.03
C ALA Z 377 30.50 5.56 64.69
N HIS Z 378 30.49 6.87 64.48
CA HIS Z 378 29.44 7.81 64.95
C HIS Z 378 28.07 7.36 64.41
N ILE Z 379 27.97 7.02 63.13
CA ILE Z 379 26.67 6.57 62.53
C ILE Z 379 26.25 5.27 63.19
N LEU Z 380 27.18 4.32 63.36
CA LEU Z 380 26.90 2.98 63.94
C LEU Z 380 26.39 3.13 65.38
N GLU Z 381 26.94 4.11 66.13
CA GLU Z 381 26.51 4.42 67.52
C GLU Z 381 25.02 4.80 67.49
N GLY Z 382 24.61 5.65 66.53
CA GLY Z 382 23.22 6.04 66.28
C GLY Z 382 22.32 4.86 65.98
N LEU Z 383 22.74 3.99 65.05
CA LEU Z 383 21.96 2.80 64.63
C LEU Z 383 21.78 1.84 65.82
N ARG Z 384 22.82 1.69 66.65
CA ARG Z 384 22.78 0.81 67.86
C ARG Z 384 21.67 1.29 68.81
N ILE Z 385 21.72 2.57 69.18
CA ILE Z 385 20.68 3.26 69.99
C ILE Z 385 19.30 3.02 69.35
N ALA Z 386 19.17 3.17 68.03
CA ALA Z 386 17.85 3.08 67.35
C ALA Z 386 17.34 1.64 67.40
N LEU Z 387 18.21 0.64 67.17
CA LEU Z 387 17.80 -0.79 67.17
C LEU Z 387 17.44 -1.21 68.59
N ASP Z 388 18.16 -0.68 69.60
CA ASP Z 388 17.98 -1.04 71.03
C ASP Z 388 16.67 -0.45 71.57
N HIS Z 389 16.14 0.64 71.01
CA HIS Z 389 14.86 1.26 71.44
C HIS Z 389 13.92 1.40 70.22
N ILE Z 390 13.87 0.40 69.35
CA ILE Z 390 13.23 0.56 68.01
C ILE Z 390 11.72 0.88 68.18
N ASP Z 391 11.04 0.31 69.17
CA ASP Z 391 9.58 0.53 69.40
C ASP Z 391 9.32 2.01 69.66
N GLU Z 392 10.15 2.64 70.48
CA GLU Z 392 10.03 4.08 70.87
C GLU Z 392 10.33 4.94 69.63
N ILE Z 393 11.39 4.60 68.87
CA ILE Z 393 11.85 5.34 67.66
C ILE Z 393 10.68 5.42 66.67
N ILE Z 394 10.00 4.30 66.41
CA ILE Z 394 8.88 4.20 65.42
C ILE Z 394 7.78 5.17 65.86
N SER Z 395 7.33 5.10 67.11
CA SER Z 395 6.25 5.96 67.68
C SER Z 395 6.61 7.44 67.50
N THR Z 396 7.84 7.83 67.89
CA THR Z 396 8.41 9.19 67.70
C THR Z 396 8.24 9.64 66.24
N ILE Z 397 8.55 8.77 65.28
CA ILE Z 397 8.53 9.08 63.81
C ILE Z 397 7.08 9.13 63.34
N ARG Z 398 6.22 8.27 63.88
CA ARG Z 398 4.80 8.11 63.46
C ARG Z 398 3.99 9.35 63.90
N GLU Z 399 4.20 9.82 65.12
CA GLU Z 399 3.54 11.02 65.69
C GLU Z 399 4.10 12.29 65.02
N SER Z 400 5.24 12.20 64.31
CA SER Z 400 5.87 13.34 63.58
C SER Z 400 5.15 13.53 62.23
N ASP Z 401 4.79 14.77 61.90
CA ASP Z 401 3.98 15.11 60.70
C ASP Z 401 4.90 15.14 59.48
N THR Z 402 6.08 15.76 59.62
CA THR Z 402 7.11 15.87 58.55
C THR Z 402 8.40 15.18 58.98
N ASP Z 403 9.32 14.99 58.02
CA ASP Z 403 10.69 14.44 58.27
C ASP Z 403 11.45 15.42 59.17
N LYS Z 404 11.27 16.73 58.98
CA LYS Z 404 11.97 17.81 59.73
C LYS Z 404 11.62 17.68 61.22
N VAL Z 405 10.34 17.47 61.54
CA VAL Z 405 9.83 17.34 62.95
C VAL Z 405 10.41 16.06 63.55
N ALA Z 406 10.37 14.94 62.82
CA ALA Z 406 10.90 13.63 63.25
C ALA Z 406 12.39 13.74 63.59
N MET Z 407 13.16 14.43 62.75
N MET Z 407 13.16 14.43 62.75
CA MET Z 407 14.62 14.69 62.96
CA MET Z 407 14.61 14.69 62.97
C MET Z 407 14.83 15.40 64.31
C MET Z 407 14.82 15.40 64.31
N GLU Z 408 14.05 16.45 64.59
N GLU Z 408 14.05 16.45 64.59
CA GLU Z 408 14.18 17.28 65.81
CA GLU Z 408 14.19 17.27 65.81
C GLU Z 408 13.81 16.41 67.04
C GLU Z 408 13.83 16.41 67.03
N SER Z 409 12.69 15.70 66.96
CA SER Z 409 12.16 14.82 68.03
C SER Z 409 13.15 13.72 68.37
N LEU Z 410 13.77 13.08 67.36
CA LEU Z 410 14.74 11.98 67.56
C LEU Z 410 15.99 12.52 68.24
N GLN Z 411 16.47 13.69 67.81
CA GLN Z 411 17.69 14.35 68.35
C GLN Z 411 17.48 14.68 69.83
N GLN Z 412 16.33 15.27 70.15
CA GLN Z 412 15.98 15.74 71.51
C GLN Z 412 15.77 14.54 72.43
N ARG Z 413 14.94 13.58 72.00
CA ARG Z 413 14.49 12.43 72.83
C ARG Z 413 15.65 11.45 73.10
N PHE Z 414 16.58 11.25 72.17
CA PHE Z 414 17.58 10.15 72.21
C PHE Z 414 19.01 10.65 72.18
N LYS Z 415 19.21 11.99 72.29
CA LYS Z 415 20.56 12.60 72.43
C LYS Z 415 21.37 12.23 71.16
N LEU Z 416 20.77 12.31 69.97
CA LEU Z 416 21.37 11.97 68.65
C LEU Z 416 21.84 13.25 67.95
N SER Z 417 22.90 13.16 67.15
CA SER Z 417 23.35 14.20 66.18
C SER Z 417 22.37 14.25 65.00
N GLU Z 418 22.44 15.32 64.19
CA GLU Z 418 21.66 15.46 62.95
C GLU Z 418 22.05 14.34 61.98
N LYS Z 419 23.36 14.06 61.88
CA LYS Z 419 23.92 12.99 61.00
C LYS Z 419 23.35 11.62 61.43
N GLN Z 420 23.23 11.35 62.75
CA GLN Z 420 22.74 10.05 63.26
C GLN Z 420 21.22 9.94 63.03
N ALA Z 421 20.47 11.03 63.21
CA ALA Z 421 19.01 11.04 63.06
C ALA Z 421 18.66 10.80 61.59
N GLN Z 422 19.44 11.41 60.68
CA GLN Z 422 19.26 11.27 59.22
C GLN Z 422 19.46 9.79 58.86
N ALA Z 423 20.52 9.18 59.41
CA ALA Z 423 20.92 7.77 59.18
C ALA Z 423 19.78 6.83 59.62
N ILE Z 424 19.12 7.14 60.73
CA ILE Z 424 18.04 6.29 61.32
C ILE Z 424 16.78 6.42 60.46
N LEU Z 425 16.47 7.62 59.96
CA LEU Z 425 15.30 7.84 59.08
C LEU Z 425 15.54 7.12 57.74
N ASP Z 426 16.82 6.95 57.35
CA ASP Z 426 17.20 6.32 56.07
C ASP Z 426 17.33 4.80 56.22
N MET Z 427 17.37 4.30 57.45
CA MET Z 427 17.51 2.84 57.76
C MET Z 427 16.32 2.09 57.14
N ARG Z 428 16.57 0.94 56.51
CA ARG Z 428 15.51 0.08 55.93
C ARG Z 428 15.01 -0.90 56.99
N LEU Z 429 13.74 -1.35 56.87
CA LEU Z 429 13.09 -2.29 57.80
C LEU Z 429 13.87 -3.61 57.88
N ARG Z 430 14.55 -4.03 56.81
CA ARG Z 430 15.28 -5.33 56.74
C ARG Z 430 16.42 -5.35 57.79
N ARG Z 431 16.74 -4.18 58.35
CA ARG Z 431 17.82 -3.99 59.34
C ARG Z 431 17.32 -4.29 60.76
N LEU Z 432 16.03 -4.64 60.94
CA LEU Z 432 15.45 -5.00 62.26
C LEU Z 432 15.47 -6.52 62.52
N THR Z 433 16.02 -7.32 61.60
CA THR Z 433 16.15 -8.79 61.79
C THR Z 433 17.23 -9.06 62.83
N GLY Z 434 17.30 -10.30 63.33
CA GLY Z 434 18.18 -10.71 64.44
C GLY Z 434 19.66 -10.64 64.06
N LEU Z 435 20.02 -11.18 62.90
CA LEU Z 435 21.43 -11.24 62.40
C LEU Z 435 21.96 -9.82 62.17
N GLU Z 436 21.10 -8.87 61.82
CA GLU Z 436 21.48 -7.48 61.42
C GLU Z 436 21.97 -6.69 62.64
N ARG Z 437 21.40 -6.90 63.84
CA ARG Z 437 21.85 -6.19 65.06
C ARG Z 437 23.29 -6.64 65.40
N ASP Z 438 23.58 -7.93 65.22
CA ASP Z 438 24.89 -8.53 65.55
C ASP Z 438 25.93 -8.03 64.54
N LYS Z 439 25.57 -8.00 63.26
CA LYS Z 439 26.40 -7.52 62.12
C LYS Z 439 26.85 -6.07 62.39
N ILE Z 440 25.97 -5.24 62.95
CA ILE Z 440 26.26 -3.80 63.22
C ILE Z 440 27.28 -3.72 64.35
N GLU Z 441 27.14 -4.54 65.39
CA GLU Z 441 28.02 -4.45 66.57
C GLU Z 441 29.39 -5.06 66.22
N ALA Z 442 29.41 -6.10 65.37
CA ALA Z 442 30.63 -6.70 64.82
C ALA Z 442 31.46 -5.62 64.11
N GLU Z 443 30.83 -4.91 63.15
CA GLU Z 443 31.46 -3.83 62.34
C GLU Z 443 31.96 -2.73 63.27
N TYR Z 444 31.21 -2.41 64.32
CA TYR Z 444 31.50 -1.29 65.24
C TYR Z 444 32.76 -1.59 66.07
N ASN Z 445 32.93 -2.84 66.50
CA ASN Z 445 34.08 -3.28 67.33
C ASN Z 445 35.37 -3.28 66.49
N GLU Z 446 35.31 -3.83 65.27
CA GLU Z 446 36.45 -3.84 64.31
C GLU Z 446 36.88 -2.39 64.01
N LEU Z 447 35.90 -1.50 63.86
CA LEU Z 447 36.12 -0.05 63.55
C LEU Z 447 36.92 0.60 64.68
N LEU Z 448 36.60 0.27 65.93
CA LEU Z 448 37.29 0.87 67.11
C LEU Z 448 38.76 0.41 67.13
N ASN Z 449 39.04 -0.86 66.82
CA ASN Z 449 40.46 -1.34 66.74
C ASN Z 449 41.16 -0.61 65.58
N TYR Z 450 40.53 -0.49 64.42
CA TYR Z 450 41.10 0.21 63.23
C TYR Z 450 41.42 1.67 63.60
N ILE Z 451 40.49 2.36 64.27
CA ILE Z 451 40.69 3.80 64.64
C ILE Z 451 41.96 3.90 65.52
N SER Z 452 42.14 2.95 66.43
CA SER Z 452 43.30 2.88 67.37
C SER Z 452 44.62 2.63 66.61
N GLU Z 453 44.59 1.71 65.64
N GLU Z 453 44.59 1.71 65.64
CA GLU Z 453 45.75 1.37 64.76
CA GLU Z 453 45.76 1.38 64.76
C GLU Z 453 46.17 2.62 63.98
C GLU Z 453 46.17 2.63 63.98
N LEU Z 454 45.20 3.39 63.47
CA LEU Z 454 45.45 4.60 62.66
C LEU Z 454 46.06 5.69 63.55
N GLU Z 455 45.60 5.82 64.78
CA GLU Z 455 46.05 6.89 65.72
C GLU Z 455 47.50 6.61 66.15
N THR Z 456 47.88 5.33 66.29
CA THR Z 456 49.28 4.89 66.57
C THR Z 456 50.20 5.43 65.48
N ILE Z 457 49.77 5.36 64.22
CA ILE Z 457 50.57 5.79 63.03
C ILE Z 457 50.73 7.31 63.06
N LEU Z 458 49.66 8.05 63.35
CA LEU Z 458 49.69 9.53 63.34
C LEU Z 458 50.48 10.04 64.55
N ALA Z 459 50.51 9.28 65.65
CA ALA Z 459 51.16 9.67 66.93
C ALA Z 459 52.68 9.59 66.79
N ASP Z 460 53.20 8.55 66.12
CA ASP Z 460 54.65 8.25 66.06
C ASP Z 460 55.15 8.29 64.60
N GLU Z 461 55.85 9.35 64.21
CA GLU Z 461 56.46 9.56 62.86
C GLU Z 461 57.31 8.34 62.46
N GLU Z 462 57.94 7.66 63.43
CA GLU Z 462 58.80 6.51 63.15
C GLU Z 462 57.91 5.33 62.69
N VAL Z 463 56.72 5.17 63.27
CA VAL Z 463 55.73 4.13 62.89
C VAL Z 463 55.31 4.36 61.44
N LEU Z 464 55.00 5.62 61.10
N LEU Z 464 55.00 5.62 61.10
CA LEU Z 464 54.52 6.04 59.75
CA LEU Z 464 54.52 6.03 59.76
C LEU Z 464 55.61 5.78 58.71
C LEU Z 464 55.61 5.78 58.71
N LEU Z 465 56.83 6.24 58.98
CA LEU Z 465 58.01 6.05 58.08
C LEU Z 465 58.23 4.56 57.82
N GLN Z 466 58.02 3.71 58.82
CA GLN Z 466 58.20 2.23 58.71
C GLN Z 466 57.13 1.67 57.78
N LEU Z 467 55.91 2.21 57.86
CA LEU Z 467 54.81 1.87 56.92
C LEU Z 467 55.25 2.19 55.48
N VAL Z 468 55.83 3.37 55.25
CA VAL Z 468 56.36 3.79 53.92
C VAL Z 468 57.41 2.75 53.48
N ARG Z 469 58.37 2.43 54.34
CA ARG Z 469 59.46 1.46 54.06
C ARG Z 469 58.86 0.11 53.66
N ASP Z 470 57.86 -0.35 54.42
CA ASP Z 470 57.25 -1.69 54.25
C ASP Z 470 56.52 -1.74 52.89
N GLU Z 471 55.79 -0.68 52.53
CA GLU Z 471 54.99 -0.63 51.27
C GLU Z 471 55.94 -0.51 50.06
N LEU Z 472 57.02 0.25 50.17
CA LEU Z 472 58.06 0.36 49.12
C LEU Z 472 58.69 -1.02 48.89
N THR Z 473 58.98 -1.75 49.99
CA THR Z 473 59.63 -3.08 49.92
C THR Z 473 58.72 -4.07 49.18
N GLU Z 474 57.40 -4.01 49.44
N GLU Z 474 57.40 -4.02 49.44
CA GLU Z 474 56.38 -4.86 48.79
CA GLU Z 474 56.36 -4.87 48.80
C GLU Z 474 56.40 -4.59 47.28
C GLU Z 474 56.40 -4.59 47.28
N ILE Z 475 56.49 -3.32 46.89
CA ILE Z 475 56.52 -2.88 45.47
C ILE Z 475 57.83 -3.38 44.83
N ARG Z 476 58.94 -3.26 45.55
CA ARG Z 476 60.26 -3.69 45.03
C ARG Z 476 60.23 -5.19 44.76
N ASP Z 477 59.58 -5.96 45.64
CA ASP Z 477 59.57 -7.44 45.56
C ASP Z 477 58.64 -7.87 44.41
N ARG Z 478 57.59 -7.11 44.12
CA ARG Z 478 56.58 -7.47 43.09
C ARG Z 478 57.00 -6.98 41.70
N PHE Z 479 57.74 -5.86 41.61
CA PHE Z 479 58.01 -5.15 40.32
C PHE Z 479 59.51 -5.00 40.03
N GLY Z 480 60.36 -5.08 41.04
CA GLY Z 480 61.83 -5.13 40.85
C GLY Z 480 62.24 -6.10 39.77
N ASP Z 481 63.30 -5.80 39.02
CA ASP Z 481 63.78 -6.67 37.91
C ASP Z 481 65.28 -6.50 37.73
N ASP Z 482 65.91 -7.39 36.96
CA ASP Z 482 67.38 -7.40 36.79
C ASP Z 482 67.83 -6.17 36.01
N ARG Z 483 69.03 -5.67 36.31
CA ARG Z 483 69.75 -4.67 35.50
C ARG Z 483 69.85 -5.19 34.06
N ARG Z 484 69.82 -4.30 33.07
CA ARG Z 484 70.02 -4.64 31.64
C ARG Z 484 71.30 -3.98 31.13
N THR Z 485 71.56 -2.74 31.52
CA THR Z 485 72.73 -1.97 31.01
C THR Z 485 73.95 -2.35 31.85
N GLU Z 486 74.97 -2.95 31.23
CA GLU Z 486 76.27 -3.24 31.87
C GLU Z 486 77.06 -1.94 31.99
N ILE Z 487 77.57 -1.64 33.18
CA ILE Z 487 78.49 -0.49 33.44
C ILE Z 487 79.91 -1.06 33.53
N GLN Z 488 80.75 -0.85 32.50
CA GLN Z 488 82.16 -1.35 32.41
C GLN Z 488 83.16 -0.35 33.04
N LEU Z 489 83.87 -0.77 34.09
CA LEU Z 489 84.87 0.09 34.82
C LEU Z 489 86.08 0.30 33.89
N GLY Z 490 86.71 1.47 33.99
CA GLY Z 490 87.87 1.87 33.17
C GLY Z 490 87.49 2.18 31.73
N LYS AA 1 58.08 1.62 -0.18
CA LYS AA 1 57.03 1.03 0.73
C LYS AA 1 57.23 -0.49 0.89
N LEU AA 2 57.99 -1.14 -0.01
CA LEU AA 2 58.28 -2.60 0.02
C LEU AA 2 59.39 -2.89 1.04
N ALA AA 3 59.15 -3.82 1.97
CA ALA AA 3 60.18 -4.35 2.89
C ALA AA 3 60.56 -5.75 2.40
N ASP AA 4 61.60 -5.84 1.54
CA ASP AA 4 61.96 -7.09 0.82
C ASP AA 4 62.67 -8.03 1.81
N CYS AA 5 62.69 -9.34 1.49
CA CYS AA 5 63.41 -10.40 2.23
C CYS AA 5 64.86 -10.50 1.72
N SER AA 6 65.75 -11.12 2.51
CA SER AA 6 67.21 -11.26 2.26
C SER AA 6 67.47 -12.23 1.09
N SER AA 7 66.83 -13.40 1.10
CA SER AA 7 66.95 -14.45 0.05
C SER AA 7 66.58 -13.86 -1.32
N LYS AA 8 67.37 -14.17 -2.35
CA LYS AA 8 67.10 -13.80 -3.75
C LYS AA 8 66.76 -15.08 -4.54
N SER AA 9 66.27 -16.13 -3.87
CA SER AA 9 65.78 -17.41 -4.47
C SER AA 9 64.25 -17.42 -4.50
N PRO AA 10 63.59 -16.91 -5.57
CA PRO AA 10 62.13 -16.87 -5.66
C PRO AA 10 61.34 -18.12 -5.21
N GLU AA 11 61.90 -19.30 -5.41
CA GLU AA 11 61.24 -20.62 -5.16
C GLU AA 11 60.84 -20.72 -3.66
N GLU AA 12 61.57 -20.04 -2.75
CA GLU AA 12 61.39 -20.13 -1.28
C GLU AA 12 60.99 -18.78 -0.68
N CYS AA 13 60.83 -17.75 -1.51
CA CYS AA 13 60.43 -16.38 -1.09
C CYS AA 13 58.90 -16.24 -1.20
N GLU AA 14 58.32 -15.38 -0.35
CA GLU AA 14 56.87 -15.03 -0.37
C GLU AA 14 56.71 -13.55 -0.03
N ILE AA 15 55.76 -12.88 -0.69
CA ILE AA 15 55.40 -11.45 -0.48
C ILE AA 15 53.98 -11.37 0.11
N PHE AA 16 53.81 -10.56 1.16
CA PHE AA 16 52.52 -10.32 1.86
C PHE AA 16 52.01 -8.94 1.49
N LEU AA 17 50.80 -8.87 0.92
CA LEU AA 17 50.07 -7.63 0.58
C LEU AA 17 49.10 -7.30 1.72
N VAL AA 18 49.26 -6.12 2.34
CA VAL AA 18 48.51 -5.71 3.57
C VAL AA 18 47.89 -4.32 3.32
N GLU AA 19 46.87 -3.95 4.10
CA GLU AA 19 45.92 -2.83 3.79
C GLU AA 19 46.59 -1.47 3.99
N GLY AA 20 47.49 -1.34 4.97
CA GLY AA 20 48.18 -0.05 5.24
C GLY AA 20 49.43 -0.22 6.05
N ASP AA 21 50.07 0.90 6.42
CA ASP AA 21 51.26 0.95 7.31
C ASP AA 21 50.89 0.44 8.71
N SER AA 22 49.63 0.57 9.11
CA SER AA 22 49.05 -0.05 10.35
C SER AA 22 49.45 -1.53 10.41
N ALA AA 23 48.98 -2.31 9.43
CA ALA AA 23 49.24 -3.76 9.32
C ALA AA 23 50.69 -3.96 8.88
N GLY AA 24 51.20 -3.11 7.97
CA GLY AA 24 52.60 -3.13 7.50
C GLY AA 24 53.60 -3.31 8.64
N GLY AA 25 53.53 -2.46 9.66
CA GLY AA 25 54.49 -2.44 10.78
C GLY AA 25 54.39 -3.70 11.64
N SER AA 26 53.17 -4.08 12.01
CA SER AA 26 52.88 -5.29 12.83
C SER AA 26 53.45 -6.53 12.12
N THR AA 27 53.27 -6.58 10.79
CA THR AA 27 53.71 -7.66 9.88
C THR AA 27 55.23 -7.68 9.79
N LYS AA 28 55.88 -6.53 9.55
CA LYS AA 28 57.34 -6.39 9.40
C LYS AA 28 58.04 -6.89 10.67
N SER AA 29 57.43 -6.71 11.85
CA SER AA 29 57.96 -7.21 13.15
C SER AA 29 57.82 -8.73 13.23
N GLY AA 30 56.63 -9.24 12.86
CA GLY AA 30 56.26 -10.66 13.00
C GLY AA 30 57.04 -11.56 12.05
N ARG AA 31 57.38 -11.06 10.86
CA ARG AA 31 57.82 -11.86 9.69
C ARG AA 31 59.18 -12.51 9.92
N ASP AA 32 59.47 -13.57 9.16
CA ASP AA 32 60.85 -14.12 8.93
C ASP AA 32 61.45 -13.33 7.77
N SER AA 33 62.24 -12.29 8.06
CA SER AA 33 62.76 -11.32 7.05
C SER AA 33 63.77 -12.01 6.11
N ARG AA 34 64.09 -13.29 6.34
CA ARG AA 34 64.95 -14.10 5.42
C ARG AA 34 64.15 -14.45 4.14
N THR AA 35 62.87 -14.79 4.25
CA THR AA 35 62.03 -15.34 3.13
C THR AA 35 60.69 -14.61 2.93
N GLN AA 36 60.33 -13.68 3.80
CA GLN AA 36 58.98 -13.03 3.79
C GLN AA 36 59.12 -11.53 3.53
N ALA AA 37 58.69 -11.07 2.35
CA ALA AA 37 58.65 -9.63 1.99
C ALA AA 37 57.26 -9.09 2.34
N ILE AA 38 57.14 -7.77 2.48
CA ILE AA 38 55.85 -7.09 2.78
C ILE AA 38 55.69 -5.85 1.90
N LEU AA 39 54.56 -5.77 1.19
CA LEU AA 39 54.15 -4.59 0.40
C LEU AA 39 52.85 -4.06 1.00
N PRO AA 40 52.91 -2.99 1.82
CA PRO AA 40 51.73 -2.36 2.35
C PRO AA 40 51.14 -1.48 1.22
N LEU AA 41 49.87 -1.69 0.91
CA LEU AA 41 49.08 -0.86 -0.05
C LEU AA 41 48.52 0.34 0.70
N ARG AA 42 47.79 1.21 -0.01
CA ARG AA 42 47.25 2.48 0.53
C ARG AA 42 45.72 2.45 0.34
N GLY AA 43 45.07 1.53 1.04
CA GLY AA 43 43.60 1.39 1.08
C GLY AA 43 43.07 0.79 -0.21
N LYS AA 44 41.80 1.10 -0.54
CA LYS AA 44 41.12 0.62 -1.75
C LYS AA 44 42.06 0.86 -2.94
N ILE AA 45 42.26 -0.17 -3.75
CA ILE AA 45 43.11 -0.08 -4.98
C ILE AA 45 42.14 0.15 -6.15
N LEU AA 46 42.66 0.64 -7.28
CA LEU AA 46 41.90 0.91 -8.52
C LEU AA 46 41.16 -0.36 -8.98
N ASN AA 47 39.87 -0.24 -9.31
CA ASN AA 47 39.10 -1.33 -9.97
C ASN AA 47 39.47 -1.33 -11.46
N VAL AA 48 40.40 -2.20 -11.86
CA VAL AA 48 40.99 -2.28 -13.24
C VAL AA 48 39.94 -2.71 -14.26
N GLU AA 49 38.86 -3.38 -13.83
CA GLU AA 49 37.72 -3.81 -14.69
C GLU AA 49 36.94 -2.60 -15.18
N LYS AA 50 36.86 -1.52 -14.39
CA LYS AA 50 36.12 -0.27 -14.71
C LYS AA 50 37.08 0.79 -15.28
N ALA AA 51 38.33 0.83 -14.82
CA ALA AA 51 39.30 1.90 -15.14
C ALA AA 51 39.87 1.68 -16.54
N ARG AA 52 40.23 2.79 -17.20
CA ARG AA 52 40.91 2.82 -18.54
C ARG AA 52 42.40 2.51 -18.33
N LEU AA 53 43.06 1.91 -19.33
CA LEU AA 53 44.46 1.40 -19.24
C LEU AA 53 45.44 2.54 -18.92
N ASP AA 54 45.25 3.74 -19.47
CA ASP AA 54 46.05 4.96 -19.15
C ASP AA 54 46.17 5.13 -17.64
N ARG AA 55 45.03 5.16 -16.93
CA ARG AA 55 44.91 5.38 -15.46
C ARG AA 55 45.60 4.25 -14.71
N ILE AA 56 45.39 3.00 -15.15
CA ILE AA 56 45.92 1.76 -14.52
C ILE AA 56 47.45 1.84 -14.47
N LEU AA 57 48.09 2.13 -15.59
CA LEU AA 57 49.57 2.14 -15.72
C LEU AA 57 50.17 3.33 -14.97
N ASN AA 58 49.40 4.41 -14.77
CA ASN AA 58 49.85 5.63 -14.04
C ASN AA 58 49.60 5.50 -12.54
N ASN AA 59 48.73 4.58 -12.11
CA ASN AA 59 48.39 4.33 -10.68
C ASN AA 59 49.66 3.91 -9.93
N ASN AA 60 49.93 4.51 -8.77
CA ASN AA 60 51.18 4.32 -7.99
C ASN AA 60 51.14 2.95 -7.27
N GLU AA 61 49.99 2.53 -6.74
CA GLU AA 61 49.82 1.21 -6.06
C GLU AA 61 49.94 0.05 -7.06
N ILE AA 62 49.34 0.19 -8.26
CA ILE AA 62 49.45 -0.81 -9.36
C ILE AA 62 50.93 -0.90 -9.78
N ARG AA 63 51.60 0.23 -9.94
CA ARG AA 63 53.03 0.29 -10.35
C ARG AA 63 53.90 -0.46 -9.31
N GLN AA 64 53.71 -0.20 -8.01
N GLN AA 64 53.71 -0.21 -8.01
CA GLN AA 64 54.55 -0.80 -6.94
CA GLN AA 64 54.56 -0.80 -6.96
C GLN AA 64 54.41 -2.32 -6.97
C GLN AA 64 54.41 -2.33 -6.97
N MET AA 65 53.22 -2.84 -7.25
CA MET AA 65 52.95 -4.31 -7.26
C MET AA 65 53.66 -4.95 -8.46
N ILE AA 66 53.54 -4.33 -9.64
CA ILE AA 66 54.23 -4.77 -10.88
C ILE AA 66 55.75 -4.80 -10.62
N THR AA 67 56.30 -3.74 -10.01
CA THR AA 67 57.77 -3.60 -9.75
C THR AA 67 58.21 -4.72 -8.80
N ALA AA 68 57.42 -4.98 -7.75
CA ALA AA 68 57.73 -5.93 -6.66
C ALA AA 68 57.82 -7.36 -7.23
N PHE AA 69 56.85 -7.73 -8.08
CA PHE AA 69 56.75 -9.09 -8.70
C PHE AA 69 57.80 -9.24 -9.80
N GLY AA 70 58.07 -8.16 -10.54
CA GLY AA 70 59.07 -8.07 -11.62
C GLY AA 70 58.71 -8.94 -12.83
N THR AA 71 57.43 -9.22 -13.08
CA THR AA 71 56.94 -10.09 -14.17
C THR AA 71 56.46 -9.26 -15.37
N GLY AA 72 56.14 -7.98 -15.18
CA GLY AA 72 55.43 -7.16 -16.18
C GLY AA 72 53.99 -7.65 -16.36
N ILE AA 73 53.25 -7.11 -17.33
CA ILE AA 73 51.77 -7.31 -17.41
C ILE AA 73 51.34 -7.69 -18.84
N GLY AA 74 50.20 -8.39 -18.94
CA GLY AA 74 49.51 -8.75 -20.19
C GLY AA 74 50.34 -9.70 -21.05
N GLY AA 75 50.67 -9.26 -22.28
CA GLY AA 75 51.50 -10.00 -23.25
C GLY AA 75 52.94 -10.15 -22.77
N ASP AA 76 53.53 -9.10 -22.21
CA ASP AA 76 54.95 -9.04 -21.74
C ASP AA 76 55.11 -9.79 -20.40
N PHE AA 77 54.01 -10.30 -19.82
CA PHE AA 77 54.06 -11.08 -18.56
C PHE AA 77 54.98 -12.29 -18.77
N ASP AA 78 55.94 -12.48 -17.85
CA ASP AA 78 56.96 -13.57 -17.88
C ASP AA 78 57.01 -14.24 -16.51
N LEU AA 79 56.44 -15.45 -16.39
CA LEU AA 79 56.29 -16.19 -15.10
C LEU AA 79 57.67 -16.51 -14.50
N ALA AA 80 58.71 -16.66 -15.32
CA ALA AA 80 60.07 -17.07 -14.89
C ALA AA 80 60.82 -15.89 -14.24
N LYS AA 81 60.43 -14.65 -14.55
CA LYS AA 81 61.04 -13.40 -13.99
C LYS AA 81 60.38 -13.05 -12.64
N ALA AA 82 59.43 -13.88 -12.16
CA ALA AA 82 58.74 -13.73 -10.86
C ALA AA 82 59.78 -13.77 -9.72
N ARG AA 83 59.68 -12.82 -8.79
CA ARG AA 83 60.65 -12.62 -7.68
C ARG AA 83 60.15 -13.31 -6.39
N TYR AA 84 58.90 -13.79 -6.39
CA TYR AA 84 58.26 -14.58 -5.30
C TYR AA 84 57.41 -15.69 -5.95
N HIS AA 85 57.35 -16.88 -5.36
CA HIS AA 85 56.53 -18.04 -5.83
C HIS AA 85 55.28 -18.17 -4.94
N LYS AA 86 55.13 -17.25 -3.99
CA LYS AA 86 53.92 -17.08 -3.13
C LYS AA 86 53.63 -15.59 -2.98
N ILE AA 87 52.60 -15.08 -3.66
CA ILE AA 87 51.98 -13.74 -3.44
C ILE AA 87 50.77 -13.95 -2.51
N VAL AA 88 50.87 -13.52 -1.25
CA VAL AA 88 49.83 -13.73 -0.21
C VAL AA 88 49.03 -12.43 -0.02
N ILE AA 89 47.73 -12.47 -0.33
CA ILE AA 89 46.74 -11.40 -0.05
C ILE AA 89 46.32 -11.56 1.41
N MET AA 90 46.69 -10.61 2.27
CA MET AA 90 46.39 -10.65 3.73
C MET AA 90 45.59 -9.40 4.10
N THR AA 91 44.30 -9.41 3.74
CA THR AA 91 43.33 -8.33 4.07
C THR AA 91 42.67 -8.66 5.40
N ASP AA 92 42.15 -7.62 6.07
CA ASP AA 92 41.52 -7.70 7.42
C ASP AA 92 40.30 -8.62 7.32
N ALA AA 93 39.81 -9.06 8.47
CA ALA AA 93 38.74 -10.07 8.63
C ALA AA 93 37.34 -9.42 8.52
N ASP AA 94 37.25 -8.23 7.92
CA ASP AA 94 36.04 -7.36 7.90
C ASP AA 94 35.49 -7.30 6.46
N VAL AA 95 34.55 -6.39 6.21
CA VAL AA 95 33.83 -6.26 4.91
C VAL AA 95 34.72 -5.49 3.92
N ASP AA 96 35.47 -4.49 4.38
CA ASP AA 96 36.34 -3.65 3.51
C ASP AA 96 37.59 -4.47 3.15
N GLY AA 97 37.94 -5.45 3.97
CA GLY AA 97 38.93 -6.50 3.66
C GLY AA 97 38.47 -7.30 2.45
N ALA AA 98 37.24 -7.80 2.48
CA ALA AA 98 36.62 -8.58 1.39
C ALA AA 98 36.65 -7.77 0.08
N HIS AA 99 36.34 -6.48 0.14
CA HIS AA 99 36.35 -5.59 -1.05
C HIS AA 99 37.78 -5.48 -1.63
N ILE AA 100 38.79 -5.21 -0.81
CA ILE AA 100 40.21 -5.05 -1.28
C ILE AA 100 40.68 -6.39 -1.83
N ARG AA 101 40.17 -7.50 -1.28
CA ARG AA 101 40.46 -8.88 -1.78
C ARG AA 101 39.89 -9.03 -3.19
N THR AA 102 38.62 -8.68 -3.44
CA THR AA 102 37.99 -8.74 -4.79
C THR AA 102 38.72 -7.82 -5.77
N LEU AA 103 39.27 -6.69 -5.31
CA LEU AA 103 39.87 -5.66 -6.18
C LEU AA 103 41.23 -6.16 -6.66
N LEU AA 104 41.98 -6.81 -5.76
CA LEU AA 104 43.35 -7.36 -6.05
C LEU AA 104 43.19 -8.57 -6.99
N LEU AA 105 42.26 -9.48 -6.68
CA LEU AA 105 41.97 -10.68 -7.50
C LEU AA 105 41.59 -10.26 -8.92
N THR AA 106 40.84 -9.15 -9.06
CA THR AA 106 40.43 -8.61 -10.37
C THR AA 106 41.67 -8.16 -11.13
N PHE AA 107 42.63 -7.51 -10.45
CA PHE AA 107 43.90 -7.04 -11.06
C PHE AA 107 44.72 -8.25 -11.50
N PHE AA 108 44.92 -9.22 -10.62
CA PHE AA 108 45.72 -10.46 -10.91
C PHE AA 108 45.10 -11.21 -12.10
N TYR AA 109 43.77 -11.36 -12.13
CA TYR AA 109 43.08 -12.17 -13.17
C TYR AA 109 43.15 -11.49 -14.54
N ARG AA 110 43.15 -10.15 -14.59
CA ARG AA 110 43.06 -9.40 -15.87
C ARG AA 110 44.47 -9.12 -16.40
N PHE AA 111 45.48 -9.00 -15.54
CA PHE AA 111 46.83 -8.48 -15.93
C PHE AA 111 47.95 -9.50 -15.68
N MET AA 112 47.72 -10.50 -14.84
CA MET AA 112 48.74 -11.51 -14.46
C MET AA 112 48.07 -12.88 -14.29
N ARG AA 113 47.23 -13.29 -15.24
CA ARG AA 113 46.43 -14.53 -15.14
C ARG AA 113 47.37 -15.73 -14.94
N PRO AA 114 48.51 -15.85 -15.66
CA PRO AA 114 49.39 -17.01 -15.52
C PRO AA 114 49.99 -17.21 -14.11
N LEU AA 115 50.11 -16.13 -13.34
CA LEU AA 115 50.49 -16.16 -11.89
C LEU AA 115 49.47 -16.99 -11.10
N ILE AA 116 48.18 -16.83 -11.37
CA ILE AA 116 47.07 -17.59 -10.72
C ILE AA 116 47.13 -19.04 -11.18
N GLU AA 117 47.30 -19.26 -12.50
CA GLU AA 117 47.42 -20.59 -13.15
C GLU AA 117 48.56 -21.38 -12.49
N ALA AA 118 49.74 -20.76 -12.35
CA ALA AA 118 50.94 -21.36 -11.73
C ALA AA 118 50.74 -21.66 -10.24
N GLY AA 119 49.65 -21.16 -9.63
CA GLY AA 119 49.30 -21.40 -8.21
C GLY AA 119 50.15 -20.56 -7.25
N TYR AA 120 50.59 -19.37 -7.69
CA TYR AA 120 51.48 -18.46 -6.92
C TYR AA 120 50.66 -17.50 -6.06
N VAL AA 121 49.36 -17.37 -6.33
CA VAL AA 121 48.47 -16.44 -5.58
C VAL AA 121 47.80 -17.26 -4.46
N TYR AA 122 47.93 -16.77 -3.23
CA TYR AA 122 47.34 -17.33 -1.99
C TYR AA 122 46.57 -16.24 -1.23
N ILE AA 123 45.72 -16.68 -0.30
CA ILE AA 123 44.84 -15.83 0.55
C ILE AA 123 45.01 -16.24 2.02
N ALA AA 124 45.72 -15.45 2.81
CA ALA AA 124 45.88 -15.63 4.28
C ALA AA 124 44.50 -15.61 4.95
N GLN AA 125 44.40 -16.21 6.13
CA GLN AA 125 43.14 -16.33 6.90
C GLN AA 125 43.40 -15.93 8.34
N PRO AA 126 43.48 -14.61 8.65
CA PRO AA 126 43.70 -14.17 10.02
C PRO AA 126 42.55 -14.59 10.92
N PRO AA 127 42.79 -14.87 12.22
CA PRO AA 127 41.73 -15.28 13.12
C PRO AA 127 40.68 -14.15 13.29
N THR AA 128 39.41 -14.56 13.34
CA THR AA 128 38.21 -13.73 13.09
C THR AA 128 37.86 -12.88 14.33
N GLY AA 129 37.37 -11.65 14.12
CA GLY AA 129 36.83 -10.78 15.19
C GLY AA 129 37.61 -9.49 15.35
N TYR AA 130 38.91 -9.52 15.01
CA TYR AA 130 39.85 -8.43 15.23
C TYR AA 130 39.52 -7.21 14.38
N LYS AA 131 39.72 -6.00 14.91
CA LYS AA 131 39.40 -4.68 14.24
C LYS AA 131 40.12 -4.62 12.88
N GLY AA 132 41.42 -4.86 12.89
CA GLY AA 132 42.25 -5.12 11.69
C GLY AA 132 43.36 -6.09 12.00
N LEU AA 133 44.41 -6.14 11.18
CA LEU AA 133 45.74 -6.69 11.56
C LEU AA 133 46.61 -5.55 12.12
N GLY AA 134 46.19 -4.28 11.94
CA GLY AA 134 46.79 -3.10 12.61
C GLY AA 134 46.51 -3.10 14.11
N GLU AA 135 45.53 -3.93 14.55
CA GLU AA 135 45.05 -4.11 15.95
C GLU AA 135 45.63 -5.41 16.56
N MET AA 136 46.22 -6.30 15.76
CA MET AA 136 46.90 -7.52 16.26
C MET AA 136 48.34 -7.14 16.66
N ASN AA 137 48.91 -7.87 17.64
CA ASN AA 137 50.34 -7.77 18.03
C ASN AA 137 51.14 -8.69 17.09
N ALA AA 138 52.43 -8.40 16.87
CA ALA AA 138 53.31 -9.10 15.90
C ALA AA 138 53.50 -10.57 16.30
N ASP AA 139 53.67 -10.88 17.60
CA ASP AA 139 53.89 -12.25 18.12
C ASP AA 139 52.75 -13.17 17.66
N GLN AA 140 51.52 -12.67 17.80
CA GLN AA 140 50.26 -13.43 17.58
C GLN AA 140 49.97 -13.50 16.08
N LEU AA 141 50.28 -12.43 15.34
CA LEU AA 141 50.12 -12.30 13.86
C LEU AA 141 51.03 -13.30 13.15
N TRP AA 142 52.25 -13.52 13.66
CA TRP AA 142 53.22 -14.53 13.15
C TRP AA 142 52.63 -15.93 13.33
N GLU AA 143 52.23 -16.27 14.56
CA GLU AA 143 51.92 -17.66 14.98
C GLU AA 143 50.65 -18.17 14.26
N THR AA 144 49.66 -17.30 14.04
CA THR AA 144 48.34 -17.66 13.46
C THR AA 144 48.38 -17.62 11.92
N THR AA 145 49.10 -16.67 11.32
CA THR AA 145 48.86 -16.22 9.91
C THR AA 145 50.09 -16.32 9.02
N MET AA 146 51.31 -16.15 9.54
CA MET AA 146 52.57 -16.01 8.72
C MET AA 146 53.54 -17.19 8.94
N ASN AA 147 53.42 -17.94 10.04
CA ASN AA 147 54.34 -19.06 10.38
C ASN AA 147 53.98 -20.27 9.53
N PRO AA 148 54.87 -20.73 8.61
CA PRO AA 148 54.56 -21.88 7.77
C PRO AA 148 54.24 -23.17 8.54
N GLU AA 149 54.55 -23.22 9.83
CA GLU AA 149 54.31 -24.39 10.71
C GLU AA 149 52.82 -24.45 11.13
N HIS AA 150 52.15 -23.31 11.35
CA HIS AA 150 50.77 -23.28 11.90
C HIS AA 150 49.78 -22.48 11.04
N ARG AA 151 50.25 -21.72 10.03
CA ARG AA 151 49.37 -20.86 9.20
C ARG AA 151 48.50 -21.73 8.30
N ALA AA 152 47.41 -21.14 7.78
CA ALA AA 152 46.39 -21.79 6.93
C ALA AA 152 46.12 -20.94 5.68
N LEU AA 153 46.99 -21.00 4.67
CA LEU AA 153 46.82 -20.27 3.39
C LEU AA 153 45.80 -21.01 2.52
N LEU AA 154 45.02 -20.27 1.73
CA LEU AA 154 44.18 -20.81 0.64
C LEU AA 154 44.90 -20.51 -0.66
N GLN AA 155 45.21 -21.53 -1.45
CA GLN AA 155 45.80 -21.36 -2.81
C GLN AA 155 44.66 -21.06 -3.79
N VAL AA 156 44.75 -19.94 -4.52
CA VAL AA 156 43.72 -19.54 -5.52
C VAL AA 156 43.94 -20.42 -6.76
N LYS AA 157 42.93 -21.26 -7.07
CA LYS AA 157 42.85 -22.14 -8.27
C LYS AA 157 41.85 -21.55 -9.27
N LEU AA 158 42.25 -21.40 -10.54
CA LEU AA 158 41.34 -21.10 -11.66
C LEU AA 158 40.85 -22.39 -12.32
N GLU AA 159 39.58 -22.80 -12.12
CA GLU AA 159 38.99 -24.02 -12.74
C GLU AA 159 38.40 -23.68 -14.11
N ASP AA 160 37.32 -22.89 -14.17
CA ASP AA 160 36.59 -22.57 -15.43
C ASP AA 160 36.88 -21.11 -15.84
N ALA AA 161 37.67 -20.89 -16.90
CA ALA AA 161 38.10 -19.56 -17.39
C ALA AA 161 36.91 -18.80 -17.95
N ILE AA 162 35.95 -19.47 -18.61
CA ILE AA 162 34.71 -18.84 -19.17
C ILE AA 162 33.87 -18.31 -18.01
N GLU AA 163 33.65 -19.13 -16.98
CA GLU AA 163 32.80 -18.79 -15.79
C GLU AA 163 33.49 -17.66 -15.01
N ALA AA 164 34.81 -17.66 -14.93
CA ALA AA 164 35.63 -16.62 -14.27
C ALA AA 164 35.47 -15.29 -15.01
N ASP AA 165 35.59 -15.27 -16.34
CA ASP AA 165 35.45 -14.06 -17.18
C ASP AA 165 34.08 -13.41 -16.95
N GLN AA 166 33.02 -14.22 -16.80
CA GLN AA 166 31.63 -13.75 -16.62
C GLN AA 166 31.49 -13.15 -15.21
N THR AA 167 32.14 -13.78 -14.21
CA THR AA 167 32.00 -13.42 -12.77
C THR AA 167 32.70 -12.07 -12.52
N PHE AA 168 33.91 -11.87 -13.04
CA PHE AA 168 34.66 -10.59 -12.90
C PHE AA 168 33.90 -9.48 -13.62
N GLU AA 169 33.40 -9.74 -14.83
CA GLU AA 169 32.65 -8.75 -15.64
C GLU AA 169 31.35 -8.36 -14.91
N MET AA 170 30.71 -9.29 -14.20
CA MET AA 170 29.42 -9.05 -13.52
C MET AA 170 29.64 -8.28 -12.22
N LEU AA 171 30.57 -8.71 -11.37
CA LEU AA 171 30.83 -8.09 -10.03
C LEU AA 171 31.59 -6.76 -10.20
N MET AA 172 32.61 -6.72 -11.06
CA MET AA 172 33.58 -5.59 -11.10
C MET AA 172 33.41 -4.72 -12.35
N GLY AA 173 32.49 -5.08 -13.27
CA GLY AA 173 32.27 -4.37 -14.53
C GLY AA 173 31.43 -3.11 -14.35
N ASP AA 174 31.33 -2.26 -15.38
CA ASP AA 174 30.64 -0.94 -15.31
C ASP AA 174 29.11 -1.13 -15.38
N VAL AA 175 28.59 -2.30 -15.76
CA VAL AA 175 27.11 -2.56 -15.85
C VAL AA 175 26.55 -2.87 -14.46
N VAL AA 176 25.78 -1.93 -13.91
CA VAL AA 176 25.24 -1.95 -12.52
C VAL AA 176 24.15 -3.02 -12.38
N GLU AA 177 23.32 -3.22 -13.42
CA GLU AA 177 22.08 -4.02 -13.29
C GLU AA 177 22.43 -5.50 -13.01
N ASN AA 178 23.43 -6.05 -13.70
CA ASN AA 178 23.88 -7.47 -13.53
C ASN AA 178 24.39 -7.68 -12.09
N ARG AA 179 25.16 -6.71 -11.59
CA ARG AA 179 25.72 -6.69 -10.21
C ARG AA 179 24.57 -6.67 -9.19
N ARG AA 180 23.58 -5.78 -9.40
CA ARG AA 180 22.42 -5.63 -8.48
C ARG AA 180 21.63 -6.94 -8.46
N GLN AA 181 21.40 -7.52 -9.64
CA GLN AA 181 20.62 -8.78 -9.82
C GLN AA 181 21.28 -9.87 -8.98
N PHE AA 182 22.61 -10.00 -9.13
CA PHE AA 182 23.44 -11.01 -8.42
C PHE AA 182 23.23 -10.89 -6.91
N ILE AA 183 23.23 -9.66 -6.39
CA ILE AA 183 23.13 -9.38 -4.92
C ILE AA 183 21.75 -9.82 -4.43
N GLU AA 184 20.69 -9.36 -5.11
CA GLU AA 184 19.28 -9.70 -4.75
C GLU AA 184 19.11 -11.23 -4.75
N ASP AA 185 19.60 -11.90 -5.81
CA ASP AA 185 19.49 -13.36 -6.03
C ASP AA 185 20.17 -14.10 -4.87
N ASN AA 186 21.36 -13.65 -4.47
CA ASN AA 186 22.25 -14.37 -3.51
C ASN AA 186 22.15 -13.75 -2.10
N ALA AA 187 21.22 -12.81 -1.84
CA ALA AA 187 21.09 -12.14 -0.54
C ALA AA 187 21.03 -13.12 0.63
N VAL AA 188 21.91 -12.88 1.62
CA VAL AA 188 22.30 -13.82 2.72
C VAL AA 188 22.38 -15.27 2.21
N ASN BA 9 44.21 -25.50 1.90
CA ASN BA 9 44.57 -26.32 0.72
C ASN BA 9 44.30 -25.43 -0.52
N GLU BA 10 43.04 -25.18 -0.88
CA GLU BA 10 42.61 -24.86 -2.27
C GLU BA 10 41.35 -24.02 -2.24
N ARG BA 11 41.26 -23.00 -3.10
CA ARG BA 11 40.12 -22.05 -3.16
C ARG BA 11 39.86 -21.65 -4.61
N ASN BA 12 38.66 -21.95 -5.12
CA ASN BA 12 38.25 -21.61 -6.52
C ASN BA 12 38.15 -20.08 -6.63
N ILE BA 13 38.79 -19.48 -7.64
CA ILE BA 13 38.84 -18.00 -7.83
C ILE BA 13 37.41 -17.44 -7.97
N THR BA 14 36.54 -18.14 -8.70
CA THR BA 14 35.14 -17.70 -8.95
C THR BA 14 34.38 -17.70 -7.62
N SER BA 15 34.49 -18.76 -6.82
CA SER BA 15 33.82 -18.89 -5.49
C SER BA 15 34.28 -17.75 -4.57
N GLU BA 16 35.58 -17.47 -4.55
CA GLU BA 16 36.21 -16.44 -3.69
C GLU BA 16 35.66 -15.06 -4.07
N MET BA 17 35.70 -14.70 -5.35
CA MET BA 17 35.14 -13.44 -5.89
C MET BA 17 33.66 -13.30 -5.49
N ARG BA 18 32.84 -14.30 -5.77
CA ARG BA 18 31.37 -14.19 -5.64
C ARG BA 18 31.01 -14.02 -4.16
N GLU BA 19 31.65 -14.77 -3.27
CA GLU BA 19 31.33 -14.74 -1.81
C GLU BA 19 31.93 -13.50 -1.17
N SER BA 20 33.16 -13.11 -1.56
CA SER BA 20 33.87 -11.91 -1.04
C SER BA 20 33.10 -10.64 -1.41
N PHE BA 21 32.78 -10.49 -2.70
CA PHE BA 21 32.10 -9.30 -3.25
C PHE BA 21 30.69 -9.19 -2.64
N LEU BA 22 29.99 -10.32 -2.51
CA LEU BA 22 28.60 -10.35 -1.97
C LEU BA 22 28.63 -9.87 -0.52
N ASP BA 23 29.65 -10.29 0.24
CA ASP BA 23 29.81 -9.93 1.67
C ASP BA 23 29.93 -8.41 1.80
N TYR BA 24 30.81 -7.82 0.99
CA TYR BA 24 31.00 -6.35 0.88
C TYR BA 24 29.70 -5.66 0.46
N ALA BA 25 29.17 -6.03 -0.71
CA ALA BA 25 27.99 -5.42 -1.36
C ALA BA 25 26.81 -5.43 -0.39
N MET BA 26 26.51 -6.58 0.22
CA MET BA 26 25.34 -6.73 1.11
C MET BA 26 25.51 -5.79 2.31
N SER BA 27 26.75 -5.69 2.82
CA SER BA 27 27.12 -4.91 4.02
C SER BA 27 26.94 -3.41 3.74
N VAL BA 28 27.40 -2.96 2.58
CA VAL BA 28 27.26 -1.56 2.10
C VAL BA 28 25.78 -1.19 1.94
N ILE BA 29 24.94 -2.14 1.56
CA ILE BA 29 23.49 -1.90 1.27
C ILE BA 29 22.70 -1.79 2.58
N VAL BA 30 22.87 -2.72 3.52
CA VAL BA 30 21.96 -2.87 4.70
C VAL BA 30 22.58 -2.23 5.95
N ALA BA 31 23.82 -1.77 5.88
CA ALA BA 31 24.58 -1.31 7.07
C ALA BA 31 25.68 -0.32 6.67
N ARG BA 32 25.38 0.64 5.79
CA ARG BA 32 26.28 1.78 5.50
C ARG BA 32 25.56 2.91 4.77
N ALA BA 33 25.19 2.71 3.51
CA ALA BA 33 24.94 3.79 2.53
C ALA BA 33 23.45 4.10 2.38
N LEU BA 34 22.56 3.16 2.70
CA LEU BA 34 21.09 3.34 2.55
C LEU BA 34 20.46 3.58 3.92
N PRO BA 35 19.55 4.56 4.04
CA PRO BA 35 18.87 4.85 5.31
C PRO BA 35 17.69 3.90 5.54
N ASP BA 36 17.34 3.67 6.81
CA ASP BA 36 16.08 2.97 7.21
C ASP BA 36 14.90 3.90 6.92
N VAL BA 37 13.80 3.35 6.42
CA VAL BA 37 12.57 4.09 6.03
C VAL BA 37 11.90 4.70 7.27
N ARG BA 38 12.16 4.14 8.45
CA ARG BA 38 11.45 4.51 9.72
C ARG BA 38 12.00 5.83 10.28
N ASP BA 39 13.31 5.90 10.55
CA ASP BA 39 13.93 7.08 11.20
C ASP BA 39 14.78 7.89 10.21
N GLY BA 40 14.90 7.42 8.96
CA GLY BA 40 15.62 8.13 7.89
C GLY BA 40 17.13 8.10 8.06
N LEU BA 41 17.66 7.27 8.97
CA LEU BA 41 19.08 7.33 9.37
C LEU BA 41 19.88 6.16 8.78
N LYS BA 42 21.11 6.46 8.32
CA LYS BA 42 22.12 5.42 8.07
C LYS BA 42 22.72 5.04 9.43
N PRO BA 43 23.30 3.84 9.58
CA PRO BA 43 24.03 3.46 10.79
C PRO BA 43 24.88 4.57 11.43
N VAL BA 44 25.79 5.19 10.67
CA VAL BA 44 26.75 6.16 11.27
C VAL BA 44 25.98 7.32 11.92
N HIS BA 45 24.89 7.79 11.31
CA HIS BA 45 24.06 8.92 11.83
C HIS BA 45 23.40 8.48 13.13
N ARG BA 46 22.76 7.31 13.10
CA ARG BA 46 22.04 6.72 14.26
C ARG BA 46 22.99 6.60 15.45
N ARG BA 47 24.19 6.05 15.21
CA ARG BA 47 25.20 5.79 16.27
C ARG BA 47 25.67 7.11 16.88
N ILE BA 48 25.84 8.16 16.07
CA ILE BA 48 26.24 9.51 16.56
C ILE BA 48 25.14 10.05 17.47
N LEU BA 49 23.89 10.07 17.02
CA LEU BA 49 22.76 10.68 17.78
C LEU BA 49 22.55 9.89 19.08
N TYR BA 50 22.70 8.56 19.03
CA TYR BA 50 22.51 7.69 20.21
C TYR BA 50 23.66 7.92 21.19
N GLY BA 51 24.87 8.10 20.66
CA GLY BA 51 26.08 8.45 21.44
C GLY BA 51 25.93 9.77 22.16
N LEU BA 52 25.37 10.78 21.48
CA LEU BA 52 25.11 12.11 22.10
C LEU BA 52 24.18 11.91 23.29
N ASN BA 53 23.19 11.02 23.12
CA ASN BA 53 22.08 10.82 24.08
C ASN BA 53 22.58 10.06 25.30
N GLU BA 54 23.45 9.07 25.08
CA GLU BA 54 24.01 8.20 26.16
C GLU BA 54 24.94 9.02 27.05
N GLN BA 55 25.60 10.05 26.51
CA GLN BA 55 26.48 10.96 27.30
C GLN BA 55 25.69 12.23 27.63
N GLY BA 56 24.36 12.18 27.62
CA GLY BA 56 23.46 13.33 27.85
C GLY BA 56 24.04 14.67 27.39
N MET BA 57 24.55 14.73 26.15
CA MET BA 57 24.92 16.00 25.47
C MET BA 57 23.64 16.57 24.83
N THR BA 58 22.79 17.18 25.67
CA THR BA 58 21.42 17.64 25.33
C THR BA 58 21.49 19.14 25.08
N PRO BA 59 20.45 19.77 24.48
CA PRO BA 59 20.50 21.20 24.13
C PRO BA 59 20.72 22.13 25.33
N ASP BA 60 20.20 21.75 26.51
CA ASP BA 60 20.25 22.53 27.78
C ASP BA 60 21.68 22.53 28.35
N LYS BA 61 22.37 21.39 28.29
CA LYS BA 61 23.78 21.24 28.73
C LYS BA 61 24.73 21.87 27.68
N SER BA 62 25.97 22.16 28.07
CA SER BA 62 26.94 22.93 27.25
C SER BA 62 27.62 22.01 26.22
N TYR BA 63 28.07 22.61 25.11
CA TYR BA 63 28.75 21.94 23.97
C TYR BA 63 29.96 21.14 24.50
N LYS BA 64 30.13 19.92 24.00
CA LYS BA 64 31.25 19.02 24.32
C LYS BA 64 32.16 18.92 23.09
N LYS BA 65 33.46 18.73 23.31
N LYS BA 65 33.46 18.72 23.31
CA LYS BA 65 34.49 18.65 22.22
CA LYS BA 65 34.48 18.68 22.22
C LYS BA 65 34.14 17.51 21.26
C LYS BA 65 34.16 17.52 21.26
N SER BA 66 34.28 17.75 19.96
CA SER BA 66 33.95 16.78 18.89
C SER BA 66 34.84 15.53 19.02
N ALA BA 67 36.13 15.72 19.28
CA ALA BA 67 37.07 14.59 19.47
C ALA BA 67 36.59 13.64 20.57
N ARG BA 68 35.95 14.17 21.62
CA ARG BA 68 35.37 13.38 22.75
C ARG BA 68 34.20 12.53 22.19
N ILE BA 69 33.34 13.14 21.38
CA ILE BA 69 32.11 12.52 20.82
C ILE BA 69 32.52 11.42 19.82
N VAL BA 70 33.43 11.75 18.89
CA VAL BA 70 33.87 10.83 17.82
C VAL BA 70 34.56 9.61 18.46
N GLY BA 71 35.39 9.84 19.48
CA GLY BA 71 36.08 8.78 20.23
C GLY BA 71 35.09 7.80 20.86
N ASP BA 72 34.09 8.34 21.54
CA ASP BA 72 33.03 7.58 22.26
C ASP BA 72 32.26 6.74 21.23
N VAL BA 73 31.87 7.34 20.10
CA VAL BA 73 31.04 6.66 19.05
C VAL BA 73 31.88 5.54 18.40
N MET BA 74 33.15 5.84 18.08
CA MET BA 74 34.09 4.88 17.42
C MET BA 74 34.39 3.70 18.36
N GLY BA 75 34.55 3.99 19.65
CA GLY BA 75 34.82 2.98 20.70
C GLY BA 75 33.67 1.99 20.85
N LYS BA 76 32.43 2.48 20.91
CA LYS BA 76 31.27 1.73 21.46
C LYS BA 76 30.35 1.16 20.38
N TYR BA 77 30.25 1.80 19.20
CA TYR BA 77 29.17 1.52 18.22
C TYR BA 77 29.71 1.38 16.79
N HIS BA 78 30.60 2.28 16.33
CA HIS BA 78 30.98 2.47 14.91
C HIS BA 78 32.47 2.16 14.71
N PRO BA 79 32.85 0.89 14.47
CA PRO BA 79 34.26 0.51 14.39
C PRO BA 79 34.85 0.85 13.01
N HIS BA 80 34.98 2.15 12.71
CA HIS BA 80 35.48 2.67 11.40
C HIS BA 80 36.25 3.97 11.64
N GLY BA 81 36.65 4.65 10.55
CA GLY BA 81 37.56 5.81 10.59
C GLY BA 81 36.94 6.97 11.35
N ASP BA 82 37.77 7.74 12.06
CA ASP BA 82 37.36 9.00 12.74
C ASP BA 82 36.84 10.00 11.69
N SER BA 83 37.46 10.10 10.52
CA SER BA 83 37.02 11.02 9.44
C SER BA 83 35.59 10.66 9.00
N SER BA 84 35.26 9.37 8.81
CA SER BA 84 33.91 8.93 8.36
C SER BA 84 32.86 9.43 9.36
N ILE BA 85 33.16 9.31 10.66
CA ILE BA 85 32.23 9.69 11.77
C ILE BA 85 32.14 11.21 11.85
N TYR BA 86 33.27 11.92 11.94
CA TYR BA 86 33.28 13.37 12.16
C TYR BA 86 32.56 14.10 11.03
N GLU BA 87 32.87 13.74 9.77
CA GLU BA 87 32.30 14.42 8.59
C GLU BA 87 30.78 14.17 8.56
N ALA BA 88 30.33 13.01 9.00
CA ALA BA 88 28.89 12.64 9.03
C ALA BA 88 28.18 13.49 10.09
N MET BA 89 28.86 13.78 11.19
CA MET BA 89 28.32 14.63 12.29
C MET BA 89 28.30 16.08 11.80
N VAL BA 90 29.37 16.53 11.15
CA VAL BA 90 29.48 17.91 10.61
C VAL BA 90 28.26 18.21 9.73
N ARG BA 91 27.99 17.35 8.74
CA ARG BA 91 26.87 17.49 7.75
C ARG BA 91 25.54 17.68 8.48
N MET BA 92 25.28 16.91 9.53
CA MET BA 92 24.03 16.96 10.33
C MET BA 92 23.91 18.32 11.03
N ALA BA 93 25.01 19.08 11.10
CA ALA BA 93 25.09 20.36 11.84
C ALA BA 93 25.03 21.55 10.87
N GLN BA 94 25.09 21.29 9.56
CA GLN BA 94 25.12 22.36 8.53
C GLN BA 94 23.69 22.71 8.12
N ASP BA 95 23.31 23.99 8.32
CA ASP BA 95 21.94 24.45 8.03
C ASP BA 95 21.70 24.51 6.52
N PHE BA 96 22.75 24.39 5.70
CA PHE BA 96 22.69 24.35 4.22
C PHE BA 96 22.70 22.91 3.67
N SER BA 97 22.90 21.92 4.54
CA SER BA 97 22.90 20.48 4.17
C SER BA 97 21.61 19.84 4.67
N TYR BA 98 21.31 20.04 5.96
CA TYR BA 98 20.13 19.48 6.66
C TYR BA 98 19.05 20.57 6.80
N ARG BA 99 17.87 20.25 6.27
CA ARG BA 99 16.66 21.13 6.33
C ARG BA 99 16.27 21.36 7.80
N TYR BA 100 16.36 20.30 8.61
CA TYR BA 100 16.20 20.34 10.09
C TYR BA 100 17.46 19.74 10.69
N PRO BA 101 18.50 20.57 10.95
CA PRO BA 101 19.73 20.11 11.57
C PRO BA 101 19.47 19.26 12.83
N LEU BA 102 20.20 18.15 12.94
CA LEU BA 102 20.10 17.17 14.05
C LEU BA 102 21.25 17.37 15.04
N VAL BA 103 22.25 18.18 14.69
CA VAL BA 103 23.43 18.45 15.55
C VAL BA 103 23.64 19.96 15.64
N ASP BA 104 23.91 20.44 16.85
CA ASP BA 104 24.13 21.87 17.15
C ASP BA 104 25.64 22.04 17.33
N GLY BA 105 26.29 22.69 16.35
CA GLY BA 105 27.75 22.87 16.30
C GLY BA 105 28.20 24.20 16.85
N GLN BA 106 29.39 24.23 17.46
CA GLN BA 106 30.08 25.46 17.93
C GLN BA 106 31.44 25.51 17.23
N GLY BA 107 31.62 26.47 16.33
CA GLY BA 107 32.88 26.67 15.58
C GLY BA 107 32.69 26.56 14.08
N ASN BA 108 33.79 26.37 13.36
CA ASN BA 108 33.83 26.29 11.88
C ASN BA 108 33.36 24.89 11.46
N PHE BA 109 32.06 24.75 11.12
CA PHE BA 109 31.44 23.52 10.54
C PHE BA 109 31.26 23.67 9.03
N GLY BA 110 32.14 24.47 8.40
CA GLY BA 110 32.19 24.68 6.95
C GLY BA 110 31.23 25.76 6.50
N SER BA 111 31.23 26.02 5.19
CA SER BA 111 30.38 27.01 4.49
C SER BA 111 29.86 26.38 3.20
N MET BA 112 29.05 27.14 2.47
N MET BA 112 29.05 27.14 2.47
CA MET BA 112 28.48 26.74 1.15
CA MET BA 112 28.47 26.76 1.15
C MET BA 112 29.57 26.72 0.07
C MET BA 112 29.57 26.72 0.07
N ASP BA 113 30.75 27.32 0.35
CA ASP BA 113 31.88 27.36 -0.61
C ASP BA 113 32.67 26.05 -0.59
N GLY BA 114 32.28 25.09 0.26
CA GLY BA 114 32.90 23.77 0.30
C GLY BA 114 34.21 23.76 1.04
N ASP BA 115 34.57 24.85 1.76
CA ASP BA 115 35.67 24.75 2.76
C ASP BA 115 35.16 23.79 3.83
N GLY BA 116 35.97 22.81 4.22
CA GLY BA 116 35.55 21.81 5.22
C GLY BA 116 35.34 22.45 6.58
N ALA BA 117 34.75 21.68 7.50
CA ALA BA 117 34.76 21.98 8.96
C ALA BA 117 36.21 22.01 9.43
N ALA BA 118 36.51 22.83 10.44
CA ALA BA 118 37.78 22.72 11.18
C ALA BA 118 37.93 21.27 11.70
N ALA BA 119 39.16 20.83 11.98
CA ALA BA 119 39.45 19.50 12.55
C ALA BA 119 38.70 19.34 13.88
N MET BA 120 38.46 18.09 14.30
CA MET BA 120 37.58 17.78 15.46
C MET BA 120 38.18 18.31 16.76
N ARG BA 121 39.48 18.59 16.81
CA ARG BA 121 40.11 19.22 18.02
C ARG BA 121 39.51 20.61 18.25
N TYR BA 122 39.11 21.29 17.18
CA TYR BA 122 38.73 22.73 17.18
C TYR BA 122 37.23 22.92 17.48
N THR BA 123 36.37 21.94 17.17
CA THR BA 123 34.89 22.13 17.19
C THR BA 123 34.30 21.47 18.42
N GLU BA 124 33.11 21.94 18.82
CA GLU BA 124 32.28 21.35 19.91
C GLU BA 124 30.87 21.16 19.33
N ALA BA 125 30.05 20.30 19.94
CA ALA BA 125 28.75 19.89 19.38
C ALA BA 125 27.82 19.38 20.47
N ARG BA 126 26.51 19.40 20.19
CA ARG BA 126 25.44 18.79 21.03
C ARG BA 126 24.22 18.46 20.17
N MET BA 127 23.16 17.93 20.77
CA MET BA 127 21.85 17.72 20.11
C MET BA 127 21.20 19.06 19.80
N THR BA 128 20.39 19.09 18.73
CA THR BA 128 19.38 20.13 18.46
C THR BA 128 18.12 19.76 19.23
N LYS BA 129 17.24 20.72 19.52
CA LYS BA 129 15.96 20.47 20.23
C LYS BA 129 15.14 19.41 19.49
N ILE BA 130 15.19 19.41 18.15
CA ILE BA 130 14.38 18.48 17.32
C ILE BA 130 14.96 17.06 17.42
N THR BA 131 16.25 16.89 17.73
CA THR BA 131 16.88 15.55 17.83
C THR BA 131 16.32 14.84 19.07
N LEU BA 132 15.87 15.60 20.07
CA LEU BA 132 15.14 15.01 21.24
C LEU BA 132 13.89 14.26 20.74
N GLU BA 133 13.22 14.75 19.69
CA GLU BA 133 12.01 14.09 19.13
C GLU BA 133 12.42 12.80 18.43
N LEU BA 134 13.61 12.73 17.82
CA LEU BA 134 14.14 11.47 17.23
C LEU BA 134 14.33 10.42 18.33
N LEU BA 135 14.76 10.85 19.52
CA LEU BA 135 15.19 9.93 20.62
C LEU BA 135 14.08 9.75 21.67
N ARG BA 136 13.00 10.54 21.60
CA ARG BA 136 11.92 10.55 22.65
C ARG BA 136 11.39 9.12 22.84
N ASP BA 137 11.43 8.62 24.08
CA ASP BA 137 10.83 7.33 24.50
C ASP BA 137 11.71 6.17 24.06
N ILE BA 138 13.00 6.40 23.77
CA ILE BA 138 13.94 5.31 23.37
C ILE BA 138 14.12 4.34 24.55
N ASN BA 139 13.90 4.84 25.77
CA ASN BA 139 14.09 4.08 27.03
C ASN BA 139 12.78 3.47 27.54
N LYS BA 140 11.70 3.49 26.75
CA LYS BA 140 10.36 2.95 27.16
C LYS BA 140 9.99 1.73 26.29
N ASP BA 141 10.99 0.91 25.96
CA ASP BA 141 10.82 -0.34 25.17
C ASP BA 141 9.95 -0.07 23.93
N THR BA 142 10.29 0.98 23.17
CA THR BA 142 9.58 1.41 21.94
C THR BA 142 10.28 0.83 20.70
N ILE BA 143 11.59 0.57 20.80
CA ILE BA 143 12.43 0.07 19.68
C ILE BA 143 13.32 -1.06 20.23
N ASP BA 144 13.69 -2.02 19.38
CA ASP BA 144 14.56 -3.16 19.76
C ASP BA 144 16.02 -2.71 19.77
N PHE BA 145 16.74 -3.01 20.85
CA PHE BA 145 18.22 -2.89 20.93
C PHE BA 145 18.86 -4.17 20.38
N ILE BA 146 20.12 -4.07 19.98
CA ILE BA 146 20.97 -5.19 19.46
C ILE BA 146 22.38 -5.00 20.01
N ASP BA 147 23.17 -6.07 20.01
CA ASP BA 147 24.59 -6.01 20.45
C ASP BA 147 25.38 -5.15 19.45
N ASN BA 148 26.33 -4.37 19.96
CA ASN BA 148 27.31 -3.63 19.11
C ASN BA 148 28.27 -4.64 18.48
N TYR BA 149 29.24 -4.14 17.72
CA TYR BA 149 30.19 -4.94 16.90
C TYR BA 149 31.00 -5.93 17.75
N ASP BA 150 31.35 -5.62 18.98
CA ASP BA 150 32.20 -6.49 19.83
C ASP BA 150 31.37 -7.17 20.93
N GLY BA 151 30.07 -6.87 21.03
CA GLY BA 151 29.15 -7.49 22.01
C GLY BA 151 29.32 -6.95 23.42
N ASN BA 152 30.10 -5.89 23.63
CA ASN BA 152 30.31 -5.24 24.95
C ASN BA 152 29.29 -4.10 25.19
N GLU BA 153 28.42 -3.78 24.23
CA GLU BA 153 27.48 -2.62 24.33
C GLU BA 153 26.17 -2.96 23.61
N ARG BA 154 25.09 -2.27 23.98
CA ARG BA 154 23.78 -2.33 23.28
C ARG BA 154 23.60 -1.04 22.49
N GLU BA 155 23.17 -1.14 21.23
CA GLU BA 155 22.83 0.01 20.36
C GLU BA 155 21.42 -0.18 19.81
N PRO BA 156 20.70 0.92 19.54
CA PRO BA 156 19.35 0.83 19.00
C PRO BA 156 19.36 0.49 17.50
N SER BA 157 18.58 -0.51 17.10
CA SER BA 157 18.37 -0.93 15.69
C SER BA 157 17.76 0.21 14.87
N VAL BA 158 16.92 1.04 15.51
CA VAL BA 158 16.21 2.18 14.86
C VAL BA 158 15.84 3.16 15.97
N LEU BA 159 15.66 4.45 15.64
CA LEU BA 159 15.22 5.45 16.64
C LEU BA 159 13.70 5.55 16.59
N PRO BA 160 13.05 5.94 17.72
CA PRO BA 160 11.61 6.20 17.74
C PRO BA 160 11.15 7.14 16.61
N ALA BA 161 11.92 8.17 16.33
CA ALA BA 161 11.67 9.08 15.19
C ALA BA 161 10.26 9.66 15.27
N ARG BA 162 10.02 10.56 16.22
CA ARG BA 162 8.66 11.07 16.51
C ARG BA 162 8.28 12.14 15.48
N PHE BA 163 9.19 12.52 14.57
CA PHE BA 163 8.87 13.27 13.32
C PHE BA 163 9.43 12.49 12.11
N PRO BA 164 8.80 12.63 10.91
CA PRO BA 164 9.17 11.86 9.71
C PRO BA 164 10.47 12.31 9.02
N ASN BA 165 11.60 11.80 9.50
CA ASN BA 165 12.95 12.38 9.29
C ASN BA 165 13.49 12.01 7.89
N LEU BA 166 13.14 10.84 7.36
CA LEU BA 166 13.64 10.38 6.02
C LEU BA 166 13.31 11.44 4.98
N LEU BA 167 12.04 11.85 4.91
CA LEU BA 167 11.56 12.83 3.89
C LEU BA 167 11.92 14.25 4.34
N ALA BA 168 11.90 14.53 5.64
CA ALA BA 168 12.12 15.89 6.18
C ALA BA 168 13.53 16.35 5.80
N ASN BA 169 14.53 15.57 6.16
CA ASN BA 169 15.96 15.94 5.96
C ASN BA 169 16.44 15.36 4.64
N GLY BA 170 15.82 14.28 4.16
CA GLY BA 170 16.24 13.64 2.89
C GLY BA 170 17.40 12.72 3.16
N ALA BA 171 18.11 12.31 2.10
CA ALA BA 171 19.18 11.28 2.15
C ALA BA 171 19.78 11.09 0.76
N SER BA 172 21.10 11.08 0.65
CA SER BA 172 21.84 10.62 -0.55
C SER BA 172 22.89 9.59 -0.14
N GLY BA 173 23.01 8.51 -0.89
CA GLY BA 173 23.91 7.40 -0.56
C GLY BA 173 24.25 6.58 -1.78
N ILE BA 174 25.54 6.49 -2.10
CA ILE BA 174 26.09 5.56 -3.13
C ILE BA 174 26.35 4.22 -2.43
N ALA BA 175 25.61 3.18 -2.81
CA ALA BA 175 25.71 1.82 -2.26
C ALA BA 175 26.51 0.96 -3.26
N VAL BA 176 26.19 -0.32 -3.37
CA VAL BA 176 26.70 -1.24 -4.44
C VAL BA 176 25.47 -1.83 -5.14
N GLY BA 177 25.42 -1.74 -6.47
CA GLY BA 177 24.27 -2.16 -7.30
C GLY BA 177 23.15 -1.14 -7.34
N MET BA 178 23.17 -0.15 -6.43
CA MET BA 178 22.11 0.88 -6.31
C MET BA 178 22.64 2.11 -5.55
N ALA BA 179 21.96 3.24 -5.71
CA ALA BA 179 22.14 4.46 -4.88
C ALA BA 179 20.78 4.89 -4.34
N THR BA 180 20.76 5.89 -3.47
CA THR BA 180 19.54 6.61 -3.01
C THR BA 180 19.77 8.11 -3.18
N ASN BA 181 18.70 8.83 -3.52
CA ASN BA 181 18.70 10.32 -3.58
C ASN BA 181 17.28 10.78 -3.25
N ILE BA 182 17.06 11.23 -2.02
CA ILE BA 182 15.73 11.66 -1.52
C ILE BA 182 15.86 13.12 -1.11
N PRO BA 183 15.05 14.03 -1.70
CA PRO BA 183 15.18 15.45 -1.40
C PRO BA 183 14.52 15.74 -0.06
N PRO BA 184 14.98 16.80 0.65
CA PRO BA 184 14.34 17.23 1.89
C PRO BA 184 12.95 17.84 1.60
N HIS BA 185 12.13 17.91 2.65
CA HIS BA 185 10.71 18.34 2.58
C HIS BA 185 10.41 19.34 3.69
N ASN BA 186 9.29 20.06 3.55
CA ASN BA 186 8.80 20.96 4.63
C ASN BA 186 8.09 20.10 5.68
N LEU BA 187 8.47 20.26 6.95
CA LEU BA 187 8.00 19.37 8.04
C LEU BA 187 6.48 19.58 8.22
N THR BA 188 6.02 20.84 8.17
CA THR BA 188 4.58 21.20 8.27
C THR BA 188 3.82 20.42 7.19
N GLU BA 189 4.25 20.53 5.94
CA GLU BA 189 3.59 19.86 4.78
C GLU BA 189 3.57 18.35 5.05
N LEU BA 190 4.71 17.77 5.46
CA LEU BA 190 4.86 16.30 5.70
C LEU BA 190 3.82 15.86 6.73
N ILE BA 191 3.75 16.56 7.87
CA ILE BA 191 2.92 16.13 9.03
C ILE BA 191 1.44 16.24 8.63
N ASN BA 192 1.06 17.29 7.90
CA ASN BA 192 -0.30 17.41 7.31
C ASN BA 192 -0.56 16.22 6.37
N GLY BA 193 0.44 15.82 5.57
CA GLY BA 193 0.37 14.62 4.72
C GLY BA 193 0.08 13.37 5.54
N VAL BA 194 0.80 13.16 6.64
CA VAL BA 194 0.69 11.95 7.49
C VAL BA 194 -0.70 11.95 8.13
N LEU BA 195 -1.15 13.10 8.62
CA LEU BA 195 -2.50 13.27 9.26
C LEU BA 195 -3.58 12.88 8.24
N SER BA 196 -3.47 13.40 7.00
CA SER BA 196 -4.37 13.09 5.87
C SER BA 196 -4.43 11.58 5.66
N LEU BA 197 -3.26 10.95 5.49
CA LEU BA 197 -3.10 9.48 5.33
C LEU BA 197 -3.73 8.75 6.51
N SER BA 198 -3.52 9.23 7.74
CA SER BA 198 -3.97 8.54 8.99
C SER BA 198 -5.48 8.56 9.10
N LYS BA 199 -6.16 9.45 8.35
CA LYS BA 199 -7.64 9.56 8.29
C LYS BA 199 -8.18 8.80 7.08
N ASN BA 200 -7.36 8.54 6.05
CA ASN BA 200 -7.81 7.93 4.78
C ASN BA 200 -6.72 7.00 4.25
N PRO BA 201 -6.69 5.72 4.68
CA PRO BA 201 -5.67 4.77 4.22
C PRO BA 201 -5.56 4.65 2.70
N ASP BA 202 -6.66 4.94 1.99
CA ASP BA 202 -6.81 4.71 0.52
C ASP BA 202 -6.49 5.99 -0.25
N ILE BA 203 -5.93 7.01 0.41
CA ILE BA 203 -5.61 8.35 -0.17
C ILE BA 203 -4.70 8.18 -1.40
N SER BA 204 -4.95 9.00 -2.44
CA SER BA 204 -4.17 9.07 -3.69
C SER BA 204 -2.93 9.94 -3.50
N ILE BA 205 -1.88 9.71 -4.29
CA ILE BA 205 -0.67 10.57 -4.34
C ILE BA 205 -1.13 12.00 -4.63
N ALA BA 206 -2.06 12.16 -5.57
CA ALA BA 206 -2.64 13.46 -6.00
C ALA BA 206 -3.19 14.24 -4.79
N GLU BA 207 -3.93 13.56 -3.91
CA GLU BA 207 -4.56 14.16 -2.71
C GLU BA 207 -3.46 14.50 -1.69
N LEU BA 208 -2.48 13.61 -1.53
CA LEU BA 208 -1.31 13.84 -0.64
C LEU BA 208 -0.58 15.10 -1.09
N MET BA 209 -0.55 15.38 -2.40
CA MET BA 209 0.23 16.52 -2.96
C MET BA 209 -0.48 17.87 -2.72
N GLU BA 210 -1.73 17.86 -2.25
CA GLU BA 210 -2.41 19.09 -1.74
C GLU BA 210 -1.78 19.49 -0.39
N ASP BA 211 -1.19 18.55 0.34
CA ASP BA 211 -0.45 18.84 1.60
C ASP BA 211 1.04 19.05 1.27
N ILE BA 212 1.62 18.10 0.52
CA ILE BA 212 3.07 18.06 0.19
C ILE BA 212 3.26 18.61 -1.23
N GLU BA 213 3.40 19.93 -1.37
CA GLU BA 213 3.55 20.64 -2.67
C GLU BA 213 4.71 20.04 -3.49
N GLY BA 214 5.82 19.72 -2.81
CA GLY BA 214 7.07 19.25 -3.42
C GLY BA 214 8.23 19.31 -2.43
N PRO BA 215 9.48 19.05 -2.87
CA PRO BA 215 10.64 19.22 -2.02
C PRO BA 215 10.72 20.66 -1.50
N ASP BA 216 11.37 20.81 -0.33
CA ASP BA 216 11.72 22.11 0.28
C ASP BA 216 13.18 22.03 0.70
N PHE BA 217 14.08 22.56 -0.13
CA PHE BA 217 15.56 22.52 0.11
C PHE BA 217 15.92 23.53 1.19
N PRO BA 218 16.94 23.26 2.03
CA PRO BA 218 17.39 24.22 3.02
C PRO BA 218 17.91 25.51 2.37
N THR BA 219 18.51 25.39 1.19
CA THR BA 219 19.13 26.50 0.43
C THR BA 219 18.09 27.33 -0.32
N ALA BA 220 16.81 26.94 -0.24
CA ALA BA 220 15.65 27.61 -0.89
C ALA BA 220 15.78 27.45 -2.42
N GLY BA 221 15.76 28.56 -3.16
CA GLY BA 221 15.80 28.57 -4.63
C GLY BA 221 14.44 28.25 -5.21
N LEU BA 222 14.41 27.79 -6.47
CA LEU BA 222 13.17 27.58 -7.28
C LEU BA 222 13.19 26.17 -7.85
N ILE BA 223 11.99 25.58 -7.99
CA ILE BA 223 11.77 24.33 -8.76
C ILE BA 223 10.88 24.70 -9.96
N LEU BA 224 11.30 24.30 -11.17
CA LEU BA 224 10.54 24.51 -12.43
C LEU BA 224 9.53 23.39 -12.59
N GLY BA 225 8.27 23.68 -12.28
CA GLY BA 225 7.13 22.82 -12.66
C GLY BA 225 6.83 21.74 -11.65
N LYS BA 226 5.70 21.07 -11.81
CA LYS BA 226 5.23 19.99 -10.91
C LYS BA 226 5.41 18.62 -11.60
N SER BA 227 5.85 18.57 -12.87
CA SER BA 227 5.96 17.33 -13.68
C SER BA 227 6.96 16.38 -13.04
N GLY BA 228 8.20 16.83 -12.85
CA GLY BA 228 9.28 16.04 -12.21
C GLY BA 228 8.86 15.57 -10.82
N ILE BA 229 8.36 16.49 -10.01
CA ILE BA 229 7.94 16.24 -8.61
C ILE BA 229 6.90 15.10 -8.61
N ARG BA 230 5.88 15.22 -9.46
CA ARG BA 230 4.73 14.27 -9.56
C ARG BA 230 5.27 12.88 -9.90
N ARG BA 231 6.11 12.79 -10.94
CA ARG BA 231 6.71 11.52 -11.44
C ARG BA 231 7.50 10.85 -10.30
N ALA BA 232 8.24 11.65 -9.52
CA ALA BA 232 9.10 11.20 -8.41
C ALA BA 232 8.23 10.66 -7.27
N TYR BA 233 7.11 11.32 -6.96
CA TYR BA 233 6.18 10.94 -5.87
C TYR BA 233 5.31 9.76 -6.30
N GLU BA 234 5.10 9.60 -7.61
CA GLU BA 234 4.28 8.51 -8.19
C GLU BA 234 5.07 7.20 -8.14
N THR BA 235 6.34 7.24 -8.55
CA THR BA 235 7.14 6.07 -8.96
C THR BA 235 8.41 5.91 -8.12
N GLY BA 236 8.86 6.97 -7.44
CA GLY BA 236 10.11 6.94 -6.66
C GLY BA 236 11.29 7.42 -7.48
N ARG BA 237 11.08 7.65 -8.78
CA ARG BA 237 12.12 8.15 -9.71
C ARG BA 237 11.53 9.31 -10.51
N GLY BA 238 12.29 10.38 -10.63
CA GLY BA 238 11.92 11.60 -11.37
C GLY BA 238 13.09 12.57 -11.35
N SER BA 239 13.24 13.39 -12.39
CA SER BA 239 14.19 14.51 -12.38
C SER BA 239 13.41 15.78 -12.00
N ILE BA 240 13.95 16.54 -11.04
CA ILE BA 240 13.43 17.83 -10.55
C ILE BA 240 14.44 18.91 -10.93
N GLN BA 241 14.03 19.92 -11.70
CA GLN BA 241 14.92 21.02 -12.16
C GLN BA 241 14.95 22.11 -11.07
N MET BA 242 16.11 22.29 -10.43
CA MET BA 242 16.31 23.36 -9.42
C MET BA 242 16.94 24.56 -10.09
N ARG BA 243 16.61 25.77 -9.63
CA ARG BA 243 17.16 27.01 -10.25
C ARG BA 243 17.47 28.03 -9.18
N SER BA 244 18.66 28.65 -9.26
CA SER BA 244 19.07 29.84 -8.47
C SER BA 244 17.98 30.91 -8.52
N ARG BA 245 17.77 31.61 -7.40
CA ARG BA 245 16.93 32.84 -7.36
C ARG BA 245 17.84 34.00 -7.80
N ALA BA 246 17.62 34.48 -9.02
CA ALA BA 246 18.36 35.60 -9.64
C ALA BA 246 17.37 36.65 -10.11
N VAL BA 247 17.78 37.92 -10.00
CA VAL BA 247 17.06 39.07 -10.59
C VAL BA 247 18.04 39.91 -11.41
N ILE BA 248 17.49 40.72 -12.31
CA ILE BA 248 18.22 41.76 -13.08
C ILE BA 248 17.85 43.13 -12.47
N GLU BA 249 18.86 43.95 -12.15
CA GLU BA 249 18.63 45.27 -11.50
C GLU BA 249 19.59 46.30 -12.12
N GLU BA 250 19.11 47.57 -12.19
CA GLU BA 250 19.87 48.80 -12.56
C GLU BA 250 21.09 48.93 -11.65
N ARG BA 251 22.23 49.33 -12.21
CA ARG BA 251 23.48 49.69 -11.50
C ARG BA 251 23.76 51.21 -11.66
N GLY BA 252 22.91 51.88 -12.45
CA GLY BA 252 23.10 53.30 -12.86
C GLY BA 252 23.79 53.40 -14.20
N GLY BA 253 23.58 54.52 -14.90
CA GLY BA 253 24.13 54.78 -16.25
C GLY BA 253 23.51 53.87 -17.30
N GLY BA 254 22.30 53.36 -17.03
CA GLY BA 254 21.59 52.44 -17.93
C GLY BA 254 22.24 51.07 -18.01
N ARG BA 255 23.27 50.81 -17.20
CA ARG BA 255 23.97 49.49 -17.12
C ARG BA 255 23.25 48.66 -16.05
N GLN BA 256 23.03 47.36 -16.34
CA GLN BA 256 22.34 46.41 -15.45
C GLN BA 256 23.35 45.49 -14.79
N ARG BA 257 22.85 44.59 -13.93
CA ARG BA 257 23.59 43.45 -13.34
C ARG BA 257 22.61 42.36 -12.92
N ILE BA 258 23.08 41.12 -12.90
CA ILE BA 258 22.36 39.91 -12.43
C ILE BA 258 22.80 39.67 -10.98
N VAL BA 259 21.86 39.58 -10.05
CA VAL BA 259 22.14 39.31 -8.61
C VAL BA 259 21.52 37.97 -8.26
N VAL BA 260 22.34 37.04 -7.78
CA VAL BA 260 21.95 35.67 -7.36
C VAL BA 260 22.00 35.62 -5.83
N THR BA 261 20.88 35.29 -5.18
CA THR BA 261 20.73 35.32 -3.70
C THR BA 261 20.48 33.92 -3.13
N GLU BA 262 20.04 32.96 -3.95
CA GLU BA 262 19.79 31.55 -3.54
C GLU BA 262 20.38 30.66 -4.63
N ILE BA 263 21.13 29.61 -4.27
CA ILE BA 263 21.67 28.64 -5.26
C ILE BA 263 21.01 27.27 -5.09
N PRO BA 264 21.11 26.38 -6.10
CA PRO BA 264 20.49 25.06 -6.01
C PRO BA 264 21.17 24.23 -4.91
N PHE BA 265 20.41 23.25 -4.43
CA PHE BA 265 20.77 22.33 -3.32
C PHE BA 265 22.04 21.55 -3.69
N GLN BA 266 22.97 21.43 -2.74
CA GLN BA 266 24.21 20.63 -2.84
C GLN BA 266 25.13 21.19 -3.93
N VAL BA 267 24.88 22.39 -4.46
CA VAL BA 267 25.82 23.08 -5.40
C VAL BA 267 26.84 23.88 -4.59
N ASN BA 268 28.11 23.73 -4.93
CA ASN BA 268 29.26 24.43 -4.26
C ASN BA 268 29.37 25.87 -4.79
N LYS BA 269 29.15 26.88 -3.96
CA LYS BA 269 29.12 28.30 -4.39
C LYS BA 269 30.46 28.65 -5.05
N ALA BA 270 31.57 28.37 -4.37
CA ALA BA 270 32.93 28.76 -4.83
C ALA BA 270 33.18 28.15 -6.21
N ARG BA 271 32.87 26.86 -6.37
N ARG BA 271 32.87 26.86 -6.37
CA ARG BA 271 33.06 26.08 -7.63
CA ARG BA 271 33.05 26.07 -7.62
C ARG BA 271 32.17 26.67 -8.74
C ARG BA 271 32.17 26.66 -8.74
N MET BA 272 30.90 26.94 -8.42
CA MET BA 272 29.92 27.50 -9.39
C MET BA 272 30.41 28.84 -9.95
N ILE BA 273 30.94 29.72 -9.10
CA ILE BA 273 31.51 31.03 -9.52
C ILE BA 273 32.71 30.80 -10.45
N GLU BA 274 33.58 29.86 -10.09
CA GLU BA 274 34.80 29.53 -10.88
C GLU BA 274 34.36 29.06 -12.28
N LYS BA 275 33.31 28.23 -12.40
CA LYS BA 275 32.76 27.81 -13.72
C LYS BA 275 32.37 29.04 -14.56
N ILE BA 276 31.74 30.05 -13.93
CA ILE BA 276 31.26 31.28 -14.64
C ILE BA 276 32.48 32.09 -15.07
N ALA BA 277 33.45 32.30 -14.17
CA ALA BA 277 34.71 33.04 -14.46
C ALA BA 277 35.43 32.36 -15.61
N GLU BA 278 35.42 31.02 -15.62
CA GLU BA 278 36.11 30.17 -16.62
C GLU BA 278 35.43 30.33 -17.98
N LEU BA 279 34.09 30.38 -18.03
CA LEU BA 279 33.34 30.63 -19.28
C LEU BA 279 33.73 32.01 -19.86
N VAL BA 280 33.86 33.01 -18.99
CA VAL BA 280 34.23 34.42 -19.37
C VAL BA 280 35.69 34.44 -19.82
N ARG BA 281 36.62 33.89 -19.02
CA ARG BA 281 38.07 33.76 -19.36
C ARG BA 281 38.19 33.16 -20.77
N ASP BA 282 37.42 32.11 -21.08
CA ASP BA 282 37.52 31.31 -22.34
C ASP BA 282 36.56 31.86 -23.40
N LYS BA 283 36.08 33.10 -23.25
CA LYS BA 283 35.13 33.79 -24.17
C LYS BA 283 34.04 32.84 -24.68
N LYS BA 284 33.49 31.95 -23.83
CA LYS BA 284 32.44 30.94 -24.21
C LYS BA 284 31.04 31.47 -23.84
N ILE BA 285 30.95 32.64 -23.19
CA ILE BA 285 29.68 33.39 -22.90
C ILE BA 285 29.97 34.89 -23.03
N ASP BA 286 29.09 35.63 -23.72
CA ASP BA 286 29.34 37.02 -24.16
C ASP BA 286 28.46 37.98 -23.34
N GLY BA 287 29.04 39.06 -22.81
CA GLY BA 287 28.30 40.18 -22.19
C GLY BA 287 28.64 40.42 -20.72
N ILE BA 288 29.45 39.58 -20.08
CA ILE BA 288 29.74 39.67 -18.63
C ILE BA 288 31.04 40.45 -18.41
N THR BA 289 30.95 41.60 -17.74
CA THR BA 289 32.06 42.58 -17.56
C THR BA 289 32.71 42.42 -16.19
N ASP BA 290 32.04 41.82 -15.22
CA ASP BA 290 32.60 41.54 -13.87
C ASP BA 290 31.78 40.45 -13.18
N LEU BA 291 32.38 39.83 -12.17
CA LEU BA 291 31.80 38.71 -11.39
C LEU BA 291 32.39 38.81 -9.98
N ARG BA 292 31.56 39.16 -8.98
CA ARG BA 292 31.98 39.29 -7.56
C ARG BA 292 31.07 38.42 -6.69
N ASP BA 293 31.60 37.88 -5.60
CA ASP BA 293 30.84 37.18 -4.55
C ASP BA 293 30.75 38.11 -3.34
N GLU BA 294 29.68 38.90 -3.26
CA GLU BA 294 29.43 39.87 -2.16
C GLU BA 294 28.69 39.17 -1.01
N THR BA 295 28.73 37.84 -0.95
CA THR BA 295 28.14 37.09 0.17
C THR BA 295 28.76 37.59 1.48
N SER BA 296 27.94 37.68 2.52
CA SER BA 296 28.30 38.18 3.86
C SER BA 296 27.24 37.64 4.82
N LEU BA 297 27.58 37.57 6.11
N LEU BA 297 27.59 37.56 6.11
CA LEU BA 297 26.66 37.05 7.14
CA LEU BA 297 26.67 37.06 7.17
C LEU BA 297 25.45 38.00 7.25
C LEU BA 297 25.45 38.00 7.25
N ARG BA 298 25.66 39.30 7.01
CA ARG BA 298 24.61 40.34 7.08
C ARG BA 298 23.67 40.20 5.87
N THR BA 299 24.21 40.15 4.64
CA THR BA 299 23.41 40.13 3.39
C THR BA 299 22.86 38.73 3.08
N GLY BA 300 23.47 37.66 3.59
CA GLY BA 300 23.27 36.29 3.06
C GLY BA 300 24.02 36.07 1.75
N VAL BA 301 23.60 35.10 0.93
CA VAL BA 301 24.23 34.79 -0.38
C VAL BA 301 23.96 35.94 -1.35
N ARG BA 302 24.99 36.43 -2.01
CA ARG BA 302 24.88 37.57 -2.96
C ARG BA 302 26.03 37.50 -3.97
N VAL BA 303 25.77 36.92 -5.13
CA VAL BA 303 26.74 36.80 -6.25
C VAL BA 303 26.30 37.80 -7.31
N VAL BA 304 27.17 38.74 -7.65
CA VAL BA 304 26.87 39.85 -8.59
C VAL BA 304 27.60 39.58 -9.91
N ILE BA 305 26.87 39.69 -11.02
CA ILE BA 305 27.38 39.53 -12.41
C ILE BA 305 27.05 40.82 -13.18
N ASP BA 306 28.05 41.67 -13.43
CA ASP BA 306 27.88 42.96 -14.15
C ASP BA 306 27.76 42.66 -15.66
N VAL BA 307 26.80 43.31 -16.33
CA VAL BA 307 26.47 43.10 -17.77
C VAL BA 307 26.85 44.36 -18.56
N ARG BA 308 27.54 44.19 -19.69
CA ARG BA 308 28.00 45.28 -20.61
C ARG BA 308 26.78 46.13 -21.04
N LYS BA 309 26.97 47.44 -21.23
CA LYS BA 309 25.85 48.42 -21.42
C LYS BA 309 24.97 48.02 -22.61
N ASP BA 310 25.53 47.60 -23.75
CA ASP BA 310 24.74 47.23 -24.96
C ASP BA 310 23.79 46.04 -24.63
N ALA BA 311 24.16 45.19 -23.67
CA ALA BA 311 23.89 43.73 -23.70
C ALA BA 311 22.56 43.45 -23.04
N ASN BA 312 21.81 42.48 -23.55
CA ASN BA 312 20.54 42.00 -22.96
C ASN BA 312 20.85 41.08 -21.77
N ALA BA 313 20.44 41.47 -20.57
CA ALA BA 313 20.77 40.74 -19.31
C ALA BA 313 19.95 39.44 -19.20
N SER BA 314 18.72 39.41 -19.71
CA SER BA 314 17.82 38.22 -19.63
C SER BA 314 18.41 37.07 -20.46
N VAL BA 315 19.00 37.41 -21.61
CA VAL BA 315 19.65 36.44 -22.52
C VAL BA 315 20.90 35.88 -21.82
N ILE BA 316 21.70 36.74 -21.20
CA ILE BA 316 22.91 36.30 -20.45
C ILE BA 316 22.47 35.38 -19.30
N LEU BA 317 21.38 35.69 -18.61
CA LEU BA 317 20.89 34.85 -17.49
C LEU BA 317 20.48 33.47 -18.04
N ASN BA 318 19.74 33.42 -19.15
CA ASN BA 318 19.30 32.12 -19.74
C ASN BA 318 20.53 31.31 -20.15
N ASN BA 319 21.55 31.96 -20.70
CA ASN BA 319 22.81 31.28 -21.10
C ASN BA 319 23.47 30.71 -19.84
N LEU BA 320 23.55 31.49 -18.77
CA LEU BA 320 24.19 31.05 -17.50
C LEU BA 320 23.49 29.80 -16.98
N TYR BA 321 22.16 29.73 -17.09
CA TYR BA 321 21.39 28.55 -16.61
C TYR BA 321 21.82 27.32 -17.43
N LYS BA 322 21.90 27.48 -18.77
N LYS BA 322 21.91 27.47 -18.75
CA LYS BA 322 22.22 26.37 -19.71
CA LYS BA 322 22.18 26.30 -19.63
C LYS BA 322 23.66 25.91 -19.48
C LYS BA 322 23.66 25.91 -19.50
N GLN BA 323 24.57 26.81 -19.11
CA GLN BA 323 26.03 26.55 -19.20
C GLN BA 323 26.67 26.39 -17.81
N THR BA 324 25.97 26.63 -16.70
CA THR BA 324 26.56 26.52 -15.34
C THR BA 324 25.62 25.77 -14.38
N PRO BA 325 26.11 25.39 -13.18
CA PRO BA 325 25.25 24.81 -12.14
C PRO BA 325 24.25 25.79 -11.51
N LEU BA 326 24.19 27.03 -12.00
CA LEU BA 326 23.17 28.04 -11.60
C LEU BA 326 21.76 27.44 -11.76
N GLN BA 327 21.59 26.51 -12.72
CA GLN BA 327 20.45 25.55 -12.80
C GLN BA 327 21.07 24.16 -12.74
N THR BA 328 20.55 23.31 -11.86
CA THR BA 328 21.00 21.90 -11.67
C THR BA 328 19.74 21.03 -11.56
N SER BA 329 19.82 19.77 -12.00
CA SER BA 329 18.75 18.76 -11.81
C SER BA 329 18.99 18.02 -10.48
N PHE BA 330 17.93 17.70 -9.73
CA PHE BA 330 17.98 16.77 -8.57
C PHE BA 330 17.36 15.44 -9.00
N GLY BA 331 18.17 14.40 -9.15
CA GLY BA 331 17.74 13.08 -9.65
C GLY BA 331 17.16 12.24 -8.52
N VAL BA 332 15.84 12.33 -8.30
CA VAL BA 332 15.13 11.58 -7.23
C VAL BA 332 15.22 10.08 -7.52
N ASN BA 333 15.65 9.32 -6.52
CA ASN BA 333 15.81 7.84 -6.57
C ASN BA 333 15.51 7.33 -5.16
N MET BA 334 14.23 7.17 -4.83
CA MET BA 334 13.75 7.01 -3.43
C MET BA 334 13.88 5.54 -3.01
N ILE BA 335 15.11 5.15 -2.69
CA ILE BA 335 15.47 3.79 -2.21
C ILE BA 335 15.86 3.92 -0.73
N ALA BA 336 15.15 3.20 0.13
CA ALA BA 336 15.43 3.03 1.57
C ALA BA 336 15.22 1.56 1.95
N LEU BA 337 15.67 1.20 3.16
CA LEU BA 337 15.53 -0.16 3.74
C LEU BA 337 14.15 -0.30 4.37
N VAL BA 338 13.40 -1.30 3.92
CA VAL BA 338 12.06 -1.70 4.44
C VAL BA 338 12.16 -3.16 4.86
N ASN BA 339 11.92 -3.47 6.14
CA ASN BA 339 12.15 -4.81 6.75
C ASN BA 339 13.53 -5.29 6.32
N GLY BA 340 14.54 -4.41 6.44
CA GLY BA 340 15.97 -4.72 6.23
C GLY BA 340 16.36 -4.93 4.77
N ARG BA 341 15.48 -4.65 3.81
CA ARG BA 341 15.78 -4.83 2.36
C ARG BA 341 15.59 -3.52 1.61
N PRO BA 342 16.45 -3.21 0.61
CA PRO BA 342 16.32 -1.98 -0.16
C PRO BA 342 15.09 -2.08 -1.05
N LYS BA 343 14.22 -1.08 -1.01
CA LYS BA 343 12.98 -1.01 -1.84
C LYS BA 343 12.92 0.39 -2.47
N LEU BA 344 12.64 0.48 -3.77
CA LEU BA 344 12.22 1.73 -4.44
C LEU BA 344 10.78 2.01 -4.00
N ILE BA 345 10.55 3.14 -3.34
CA ILE BA 345 9.23 3.46 -2.71
C ILE BA 345 8.73 4.79 -3.30
N ASN BA 346 7.40 4.91 -3.43
CA ASN BA 346 6.72 6.17 -3.83
C ASN BA 346 6.49 6.98 -2.55
N LEU BA 347 6.00 8.21 -2.68
CA LEU BA 347 5.73 9.09 -1.53
C LEU BA 347 4.83 8.37 -0.53
N LYS BA 348 3.77 7.70 -1.00
CA LYS BA 348 2.76 7.10 -0.08
C LYS BA 348 3.38 5.93 0.70
N GLU BA 349 4.16 5.05 0.08
CA GLU BA 349 4.81 3.91 0.80
C GLU BA 349 5.66 4.46 1.95
N ALA BA 350 6.47 5.49 1.66
CA ALA BA 350 7.37 6.14 2.64
C ALA BA 350 6.57 6.65 3.85
N LEU BA 351 5.42 7.30 3.60
CA LEU BA 351 4.54 7.88 4.65
C LEU BA 351 3.83 6.76 5.40
N VAL BA 352 3.38 5.73 4.70
CA VAL BA 352 2.68 4.55 5.30
C VAL BA 352 3.65 3.84 6.23
N HIS BA 353 4.87 3.52 5.77
CA HIS BA 353 5.89 2.83 6.61
C HIS BA 353 6.18 3.68 7.86
N TYR BA 354 6.19 5.01 7.72
CA TYR BA 354 6.48 5.94 8.84
C TYR BA 354 5.32 5.91 9.84
N LEU BA 355 4.09 6.10 9.36
CA LEU BA 355 2.89 6.12 10.22
C LEU BA 355 2.80 4.79 10.97
N GLU BA 356 3.12 3.68 10.31
CA GLU BA 356 3.06 2.31 10.89
C GLU BA 356 4.10 2.22 11.99
N HIS BA 357 5.29 2.81 11.79
CA HIS BA 357 6.38 2.86 12.79
C HIS BA 357 5.89 3.60 14.03
N GLN BA 358 5.13 4.68 13.84
CA GLN BA 358 4.62 5.52 14.97
C GLN BA 358 3.58 4.74 15.75
N LYS BA 359 2.63 4.10 15.06
CA LYS BA 359 1.58 3.26 15.70
C LYS BA 359 2.31 2.24 16.60
N THR BA 360 3.37 1.60 16.09
CA THR BA 360 4.18 0.57 16.82
C THR BA 360 4.81 1.20 18.06
N VAL BA 361 5.52 2.32 17.88
CA VAL BA 361 6.27 3.03 18.96
C VAL BA 361 5.28 3.43 20.06
N VAL BA 362 4.14 4.02 19.71
CA VAL BA 362 3.17 4.52 20.73
C VAL BA 362 2.50 3.33 21.40
N ARG BA 363 2.14 2.28 20.67
CA ARG BA 363 1.54 1.05 21.26
C ARG BA 363 2.54 0.49 22.29
N ARG BA 364 3.79 0.25 21.89
CA ARG BA 364 4.83 -0.35 22.75
C ARG BA 364 5.09 0.55 23.96
N ARG BA 365 5.15 1.87 23.76
CA ARG BA 365 5.36 2.83 24.86
C ARG BA 365 4.22 2.62 25.87
N THR BA 366 2.98 2.54 25.39
CA THR BA 366 1.75 2.41 26.21
C THR BA 366 1.78 1.08 26.96
N GLN BA 367 2.13 0.00 26.28
CA GLN BA 367 2.29 -1.35 26.88
C GLN BA 367 3.32 -1.28 28.01
N TYR BA 368 4.43 -0.58 27.77
CA TYR BA 368 5.54 -0.43 28.75
C TYR BA 368 5.06 0.41 29.94
N ASN BA 369 4.40 1.54 29.68
CA ASN BA 369 3.92 2.46 30.74
C ASN BA 369 2.93 1.71 31.63
N LEU BA 370 2.06 0.89 31.02
CA LEU BA 370 1.05 0.04 31.72
C LEU BA 370 1.77 -0.99 32.59
N ARG BA 371 2.73 -1.73 32.03
CA ARG BA 371 3.57 -2.71 32.75
C ARG BA 371 4.13 -2.04 34.01
N LYS BA 372 4.84 -0.89 33.85
CA LYS BA 372 5.55 -0.19 34.95
C LYS BA 372 4.53 0.29 35.99
N ALA BA 373 3.41 0.87 35.54
CA ALA BA 373 2.36 1.43 36.41
C ALA BA 373 1.74 0.34 37.27
N LYS BA 374 1.45 -0.82 36.66
CA LYS BA 374 0.81 -1.99 37.34
C LYS BA 374 1.78 -2.53 38.39
N ASP BA 375 3.05 -2.80 38.01
CA ASP BA 375 4.12 -3.22 38.95
C ASP BA 375 4.16 -2.28 40.14
N ARG BA 376 4.06 -0.96 39.90
CA ARG BA 376 4.19 0.10 40.93
C ARG BA 376 2.93 0.11 41.80
N ALA BA 377 1.76 -0.02 41.19
CA ALA BA 377 0.45 -0.07 41.89
C ALA BA 377 0.45 -1.26 42.85
N HIS BA 378 0.92 -2.42 42.39
CA HIS BA 378 1.09 -3.66 43.19
C HIS BA 378 1.97 -3.36 44.41
N ILE BA 379 3.10 -2.68 44.23
CA ILE BA 379 4.02 -2.36 45.36
C ILE BA 379 3.29 -1.43 46.34
N LEU BA 380 2.60 -0.41 45.84
CA LEU BA 380 1.88 0.59 46.68
C LEU BA 380 0.80 -0.10 47.50
N GLU BA 381 0.13 -1.12 46.93
CA GLU BA 381 -0.90 -1.93 47.64
C GLU BA 381 -0.25 -2.59 48.88
N GLY BA 382 0.95 -3.16 48.70
CA GLY BA 382 1.77 -3.74 49.76
C GLY BA 382 2.15 -2.73 50.84
N LEU BA 383 2.63 -1.57 50.44
CA LEU BA 383 3.08 -0.49 51.38
C LEU BA 383 1.87 0.01 52.17
N ARG BA 384 0.69 0.12 51.55
CA ARG BA 384 -0.57 0.56 52.20
C ARG BA 384 -0.91 -0.40 53.33
N ILE BA 385 -1.00 -1.70 53.04
CA ILE BA 385 -1.19 -2.80 54.01
C ILE BA 385 -0.16 -2.66 55.14
N ALA BA 386 1.11 -2.44 54.80
CA ALA BA 386 2.20 -2.39 55.81
C ALA BA 386 2.02 -1.18 56.73
N LEU BA 387 1.69 0.00 56.18
CA LEU BA 387 1.51 1.25 56.96
C LEU BA 387 0.25 1.13 57.83
N ASP BA 388 -0.79 0.48 57.32
CA ASP BA 388 -2.10 0.32 58.00
C ASP BA 388 -2.00 -0.66 59.17
N HIS BA 389 -1.04 -1.60 59.17
CA HIS BA 389 -0.81 -2.55 60.30
C HIS BA 389 0.65 -2.47 60.75
N ILE BA 390 1.23 -1.29 60.83
CA ILE BA 390 2.70 -1.11 60.98
C ILE BA 390 3.19 -1.77 62.28
N ASP BA 391 2.43 -1.69 63.38
CA ASP BA 391 2.84 -2.25 64.70
C ASP BA 391 3.05 -3.77 64.57
N GLU BA 392 2.13 -4.45 63.88
CA GLU BA 392 2.20 -5.92 63.67
C GLU BA 392 3.37 -6.25 62.75
N ILE BA 393 3.56 -5.49 61.67
CA ILE BA 393 4.64 -5.68 60.66
C ILE BA 393 6.00 -5.68 61.38
N ILE BA 394 6.23 -4.69 62.25
CA ILE BA 394 7.52 -4.52 63.00
C ILE BA 394 7.77 -5.77 63.83
N SER BA 395 6.80 -6.20 64.63
CA SER BA 395 6.90 -7.39 65.53
C SER BA 395 7.24 -8.63 64.69
N THR BA 396 6.52 -8.87 63.59
CA THR BA 396 6.77 -9.96 62.61
C THR BA 396 8.25 -9.95 62.18
N ILE BA 397 8.80 -8.78 61.87
CA ILE BA 397 10.18 -8.61 61.33
C ILE BA 397 11.18 -8.81 62.48
N ARG BA 398 10.82 -8.35 63.69
CA ARG BA 398 11.71 -8.38 64.88
C ARG BA 398 11.89 -9.82 65.37
N GLU BA 399 10.80 -10.59 65.42
CA GLU BA 399 10.82 -12.01 65.84
C GLU BA 399 11.47 -12.87 64.75
N SER BA 400 11.67 -12.34 63.53
CA SER BA 400 12.34 -13.04 62.40
C SER BA 400 13.85 -12.98 62.58
N ASP BA 401 14.54 -14.10 62.44
CA ASP BA 401 16.00 -14.24 62.71
C ASP BA 401 16.77 -13.73 61.49
N THR BA 402 16.33 -14.12 60.29
CA THR BA 402 16.93 -13.75 58.99
C THR BA 402 15.92 -12.98 58.13
N ASP BA 403 16.40 -12.36 57.05
CA ASP BA 403 15.56 -11.66 56.05
C ASP BA 403 14.63 -12.68 55.38
N LYS BA 404 15.14 -13.89 55.10
CA LYS BA 404 14.41 -14.99 54.41
C LYS BA 404 13.17 -15.35 55.23
N VAL BA 405 13.31 -15.50 56.55
CA VAL BA 405 12.22 -15.87 57.50
C VAL BA 405 11.19 -14.73 57.52
N ALA BA 406 11.65 -13.49 57.64
CA ALA BA 406 10.81 -12.26 57.67
C ALA BA 406 9.94 -12.20 56.40
N MET BA 407 10.55 -12.45 55.23
CA MET BA 407 9.86 -12.49 53.91
C MET BA 407 8.71 -13.50 53.96
N GLU BA 408 8.97 -14.71 54.46
CA GLU BA 408 7.97 -15.83 54.50
C GLU BA 408 6.84 -15.45 55.46
N SER BA 409 7.19 -14.96 56.65
CA SER BA 409 6.25 -14.56 57.73
C SER BA 409 5.32 -13.44 57.24
N LEU BA 410 5.86 -12.44 56.53
CA LEU BA 410 5.08 -11.28 56.02
C LEU BA 410 4.10 -11.77 54.94
N GLN BA 411 4.57 -12.64 54.05
CA GLN BA 411 3.77 -13.19 52.92
C GLN BA 411 2.59 -14.00 53.48
N GLN BA 412 2.87 -14.87 54.47
CA GLN BA 412 1.89 -15.79 55.07
C GLN BA 412 0.87 -14.99 55.89
N ARG BA 413 1.35 -14.11 56.77
CA ARG BA 413 0.52 -13.40 57.78
C ARG BA 413 -0.39 -12.36 57.09
N PHE BA 414 0.05 -11.71 56.01
CA PHE BA 414 -0.63 -10.52 55.43
C PHE BA 414 -1.02 -10.74 53.96
N LYS BA 415 -0.87 -11.96 53.45
CA LYS BA 415 -1.26 -12.37 52.09
C LYS BA 415 -0.61 -11.44 51.06
N LEU BA 416 0.70 -11.22 51.22
CA LEU BA 416 1.56 -10.36 50.35
C LEU BA 416 2.32 -11.24 49.35
N SER BA 417 2.63 -10.69 48.17
CA SER BA 417 3.55 -11.27 47.16
C SER BA 417 5.00 -11.16 47.67
N GLU BA 418 5.91 -11.90 47.06
CA GLU BA 418 7.37 -11.80 47.34
C GLU BA 418 7.86 -10.39 47.00
N LYS BA 419 7.41 -9.84 45.88
CA LYS BA 419 7.76 -8.46 45.41
C LYS BA 419 7.29 -7.43 46.45
N GLN BA 420 6.10 -7.59 47.05
CA GLN BA 420 5.54 -6.63 48.04
C GLN BA 420 6.30 -6.77 49.37
N ALA BA 421 6.65 -7.99 49.78
CA ALA BA 421 7.34 -8.25 51.06
C ALA BA 421 8.75 -7.68 50.97
N GLN BA 422 9.39 -7.81 49.82
CA GLN BA 422 10.75 -7.28 49.56
C GLN BA 422 10.69 -5.76 49.71
N ALA BA 423 9.67 -5.13 49.10
CA ALA BA 423 9.43 -3.67 49.11
C ALA BA 423 9.25 -3.16 50.54
N ILE BA 424 8.57 -3.91 51.40
CA ILE BA 424 8.28 -3.53 52.81
C ILE BA 424 9.56 -3.66 53.64
N LEU BA 425 10.38 -4.68 53.39
CA LEU BA 425 11.68 -4.85 54.09
C LEU BA 425 12.64 -3.74 53.66
N ASP BA 426 12.47 -3.20 52.45
CA ASP BA 426 13.33 -2.14 51.88
C ASP BA 426 12.80 -0.76 52.26
N MET BA 427 11.58 -0.65 52.77
CA MET BA 427 10.94 0.62 53.21
C MET BA 427 11.80 1.22 54.32
N ARG BA 428 12.03 2.55 54.26
CA ARG BA 428 12.85 3.29 55.25
C ARG BA 428 11.93 3.78 56.36
N LEU BA 429 12.49 4.04 57.56
CA LEU BA 429 11.69 4.49 58.74
C LEU BA 429 11.04 5.86 58.44
N ARG BA 430 11.66 6.69 57.59
CA ARG BA 430 11.17 8.08 57.31
C ARG BA 430 9.82 8.00 56.56
N ARG BA 431 9.47 6.82 56.09
CA ARG BA 431 8.21 6.57 55.32
C ARG BA 431 7.04 6.28 56.29
N LEU BA 432 7.29 6.25 57.60
CA LEU BA 432 6.24 5.99 58.64
C LEU BA 432 5.74 7.31 59.23
N THR BA 433 6.18 8.49 58.72
CA THR BA 433 5.66 9.81 59.17
C THR BA 433 4.23 9.98 58.62
N GLY BA 434 3.51 10.99 59.12
CA GLY BA 434 2.09 11.24 58.81
C GLY BA 434 1.88 11.64 57.36
N LEU BA 435 2.68 12.58 56.85
CA LEU BA 435 2.54 13.10 55.46
C LEU BA 435 2.78 11.98 54.44
N GLU BA 436 3.65 11.01 54.78
CA GLU BA 436 4.11 9.94 53.86
C GLU BA 436 2.97 8.94 53.58
N ARG BA 437 2.09 8.64 54.54
CA ARG BA 437 0.93 7.72 54.31
C ARG BA 437 -0.02 8.36 53.30
N ASP BA 438 -0.23 9.68 53.39
CA ASP BA 438 -1.16 10.43 52.50
C ASP BA 438 -0.57 10.48 51.09
N LYS BA 439 0.72 10.76 51.00
CA LYS BA 439 1.52 10.82 49.74
C LYS BA 439 1.39 9.49 48.98
N ILE BA 440 1.39 8.36 49.70
CA ILE BA 440 1.32 7.00 49.08
C ILE BA 440 -0.08 6.80 48.51
N GLU BA 441 -1.12 7.24 49.21
CA GLU BA 441 -2.51 6.99 48.76
C GLU BA 441 -2.84 7.94 47.60
N ALA BA 442 -2.29 9.17 47.63
CA ALA BA 442 -2.40 10.14 46.53
C ALA BA 442 -1.84 9.50 45.25
N GLU BA 443 -0.59 9.01 45.30
CA GLU BA 443 0.12 8.38 44.14
C GLU BA 443 -0.67 7.17 43.67
N TYR BA 444 -1.27 6.40 44.58
CA TYR BA 444 -1.97 5.14 44.27
C TYR BA 444 -3.26 5.42 43.49
N ASN BA 445 -3.98 6.49 43.85
CA ASN BA 445 -5.27 6.86 43.20
C ASN BA 445 -4.99 7.37 41.78
N GLU BA 446 -3.99 8.25 41.61
N GLU BA 446 -3.99 8.25 41.61
CA GLU BA 446 -3.57 8.79 40.29
CA GLU BA 446 -3.56 8.80 40.29
C GLU BA 446 -3.14 7.63 39.38
C GLU BA 446 -3.14 7.63 39.38
N LEU BA 447 -2.44 6.64 39.95
CA LEU BA 447 -1.93 5.45 39.22
C LEU BA 447 -3.11 4.66 38.66
N LEU BA 448 -4.18 4.50 39.42
CA LEU BA 448 -5.38 3.73 38.98
C LEU BA 448 -6.05 4.45 37.80
N ASN BA 449 -6.16 5.79 37.83
CA ASN BA 449 -6.70 6.57 36.69
C ASN BA 449 -5.79 6.36 35.47
N TYR BA 450 -4.47 6.50 35.64
CA TYR BA 450 -3.47 6.34 34.56
C TYR BA 450 -3.58 4.93 33.96
N ILE BA 451 -3.67 3.89 34.78
CA ILE BA 451 -3.75 2.49 34.29
C ILE BA 451 -4.97 2.36 33.40
N SER BA 452 -6.09 2.98 33.79
CA SER BA 452 -7.38 2.95 33.06
C SER BA 452 -7.26 3.70 31.72
N GLU BA 453 -6.60 4.86 31.71
CA GLU BA 453 -6.33 5.68 30.49
C GLU BA 453 -5.51 4.85 29.51
N LEU BA 454 -4.49 4.13 29.99
CA LEU BA 454 -3.59 3.32 29.15
C LEU BA 454 -4.36 2.15 28.54
N GLU BA 455 -5.26 1.53 29.30
CA GLU BA 455 -6.02 0.33 28.86
C GLU BA 455 -7.02 0.74 27.77
N THR BA 456 -7.60 1.94 27.87
CA THR BA 456 -8.49 2.55 26.85
C THR BA 456 -7.75 2.61 25.51
N ILE BA 457 -6.48 3.00 25.53
CA ILE BA 457 -5.62 3.18 24.31
C ILE BA 457 -5.36 1.80 23.69
N LEU BA 458 -5.03 0.79 24.51
CA LEU BA 458 -4.68 -0.55 24.00
C LEU BA 458 -5.96 -1.26 23.51
N ALA BA 459 -7.12 -0.92 24.07
CA ALA BA 459 -8.43 -1.55 23.74
C ALA BA 459 -8.92 -1.09 22.36
N ASP BA 460 -8.78 0.20 22.05
CA ASP BA 460 -9.40 0.84 20.85
C ASP BA 460 -8.30 1.45 19.96
N GLU BA 461 -8.00 0.81 18.84
CA GLU BA 461 -6.99 1.26 17.83
C GLU BA 461 -7.28 2.70 17.39
N GLU BA 462 -8.54 3.13 17.37
CA GLU BA 462 -8.90 4.50 16.95
C GLU BA 462 -8.40 5.50 18.02
N VAL BA 463 -8.46 5.12 19.30
CA VAL BA 463 -7.96 5.97 20.43
C VAL BA 463 -6.44 6.14 20.27
N LEU BA 464 -5.74 5.04 20.00
CA LEU BA 464 -4.25 4.98 19.83
C LEU BA 464 -3.82 5.86 18.67
N LEU BA 465 -4.45 5.66 17.50
CA LEU BA 465 -4.17 6.43 16.26
C LEU BA 465 -4.35 7.92 16.52
N GLN BA 466 -5.34 8.30 17.32
CA GLN BA 466 -5.66 9.71 17.66
C GLN BA 466 -4.53 10.27 18.52
N LEU BA 467 -3.98 9.44 19.42
CA LEU BA 467 -2.79 9.80 20.24
C LEU BA 467 -1.62 10.11 19.29
N VAL BA 468 -1.38 9.26 18.30
CA VAL BA 468 -0.30 9.50 17.28
C VAL BA 468 -0.56 10.84 16.59
N ARG BA 469 -1.79 11.08 16.13
CA ARG BA 469 -2.21 12.32 15.42
C ARG BA 469 -1.92 13.52 16.31
N ASP BA 470 -2.30 13.44 17.59
CA ASP BA 470 -2.21 14.56 18.55
C ASP BA 470 -0.74 14.90 18.80
N GLU BA 471 0.12 13.88 18.98
CA GLU BA 471 1.56 14.08 19.29
C GLU BA 471 2.31 14.62 18.06
N LEU BA 472 1.95 14.15 16.85
CA LEU BA 472 2.50 14.69 15.58
C LEU BA 472 2.13 16.16 15.45
N THR BA 473 0.89 16.51 15.78
CA THR BA 473 0.35 17.89 15.66
C THR BA 473 1.13 18.82 16.60
N GLU BA 474 1.43 18.35 17.83
CA GLU BA 474 2.22 19.10 18.84
C GLU BA 474 3.61 19.40 18.26
N ILE BA 475 4.22 18.40 17.60
CA ILE BA 475 5.57 18.52 16.98
C ILE BA 475 5.49 19.51 15.81
N ARG BA 476 4.44 19.42 15.01
CA ARG BA 476 4.25 20.32 13.84
C ARG BA 476 4.15 21.76 14.31
N ASP BA 477 3.47 21.98 15.44
CA ASP BA 477 3.18 23.34 15.97
C ASP BA 477 4.47 23.91 16.58
N ARG BA 478 5.34 23.07 17.15
CA ARG BA 478 6.59 23.51 17.82
C ARG BA 478 7.75 23.66 16.82
N PHE BA 479 7.79 22.86 15.74
CA PHE BA 479 8.99 22.73 14.86
C PHE BA 479 8.66 23.01 13.39
N GLY BA 480 7.39 22.92 12.98
CA GLY BA 480 6.96 23.37 11.65
C GLY BA 480 7.51 24.74 11.29
N ASP BA 481 7.79 25.00 10.03
CA ASP BA 481 8.37 26.30 9.59
C ASP BA 481 7.95 26.58 8.14
N ASP BA 482 8.18 27.80 7.67
CA ASP BA 482 7.73 28.25 6.33
C ASP BA 482 8.52 27.50 5.25
N ARG BA 483 7.87 27.24 4.13
CA ARG BA 483 8.52 26.77 2.88
C ARG BA 483 9.62 27.77 2.51
N ARG BA 484 10.72 27.30 1.91
CA ARG BA 484 11.82 28.15 1.40
C ARG BA 484 11.89 28.05 -0.13
N THR BA 485 11.72 26.86 -0.68
CA THR BA 485 11.86 26.62 -2.13
C THR BA 485 10.53 26.95 -2.81
N GLU BA 486 10.51 27.96 -3.69
CA GLU BA 486 9.34 28.31 -4.52
C GLU BA 486 9.21 27.29 -5.65
N ILE BA 487 8.02 26.71 -5.82
CA ILE BA 487 7.67 25.80 -6.95
C ILE BA 487 6.88 26.61 -7.98
N GLN BA 488 7.49 26.94 -9.12
CA GLN BA 488 6.88 27.79 -10.18
C GLN BA 488 6.11 26.95 -11.20
N LEU BA 489 4.79 27.24 -11.32
CA LEU BA 489 3.80 26.62 -12.24
C LEU BA 489 3.72 27.50 -13.49
N GLY EA 1 94.65 -31.22 47.30
CA GLY EA 1 94.50 -32.39 46.37
C GLY EA 1 93.30 -32.22 45.45
N LYS EA 2 92.11 -32.32 46.04
CA LYS EA 2 90.79 -32.33 45.35
C LYS EA 2 90.11 -30.94 45.53
N LEU EA 3 90.88 -29.87 45.70
CA LEU EA 3 90.40 -28.47 45.96
C LEU EA 3 89.96 -27.84 44.64
N ALA EA 4 88.74 -27.31 44.57
CA ALA EA 4 88.25 -26.50 43.44
C ALA EA 4 88.20 -25.04 43.87
N ASP EA 5 89.30 -24.30 43.67
N ASP EA 5 89.30 -24.30 43.66
CA ASP EA 5 89.47 -22.91 44.19
CA ASP EA 5 89.48 -22.91 44.16
C ASP EA 5 88.62 -21.94 43.35
C ASP EA 5 88.63 -21.95 43.32
N CYS EA 6 88.30 -20.77 43.93
N CYS EA 6 88.32 -20.78 43.88
CA CYS EA 6 87.55 -19.65 43.26
CA CYS EA 6 87.56 -19.67 43.22
C CYS EA 6 88.55 -18.75 42.54
C CYS EA 6 88.55 -18.76 42.48
N SER EA 7 88.06 -17.95 41.58
N SER EA 7 88.06 -17.94 41.54
CA SER EA 7 88.86 -17.05 40.69
CA SER EA 7 88.87 -17.04 40.66
C SER EA 7 89.45 -15.88 41.47
C SER EA 7 89.45 -15.87 41.46
N SER EA 8 88.64 -15.19 42.27
CA SER EA 8 89.04 -14.03 43.12
C SER EA 8 90.18 -14.44 44.04
N LYS EA 9 91.20 -13.59 44.17
CA LYS EA 9 92.33 -13.75 45.12
C LYS EA 9 92.21 -12.68 46.22
N SER EA 10 90.99 -12.16 46.48
CA SER EA 10 90.68 -11.21 47.58
C SER EA 10 90.01 -11.94 48.75
N PRO EA 11 90.80 -12.47 49.73
CA PRO EA 11 90.23 -13.25 50.85
C PRO EA 11 88.98 -12.68 51.54
N GLU EA 12 88.85 -11.35 51.62
CA GLU EA 12 87.76 -10.66 52.36
C GLU EA 12 86.39 -11.05 51.77
N GLU EA 13 86.32 -11.41 50.48
CA GLU EA 13 85.05 -11.72 49.76
C GLU EA 13 85.00 -13.19 49.30
N CYS EA 14 86.03 -13.98 49.61
N CYS EA 14 86.03 -13.98 49.61
CA CYS EA 14 86.13 -15.42 49.24
CA CYS EA 14 86.13 -15.42 49.25
C CYS EA 14 85.61 -16.28 50.40
C CYS EA 14 85.61 -16.27 50.41
N GLU EA 15 85.08 -17.46 50.08
CA GLU EA 15 84.59 -18.47 51.06
C GLU EA 15 84.92 -19.87 50.54
N ILE EA 16 85.31 -20.78 51.44
CA ILE EA 16 85.62 -22.22 51.14
C ILE EA 16 84.58 -23.11 51.83
N PHE EA 17 84.03 -24.07 51.08
CA PHE EA 17 83.02 -25.05 51.56
C PHE EA 17 83.70 -26.41 51.75
N LEU EA 18 83.65 -26.95 52.97
CA LEU EA 18 84.13 -28.31 53.34
C LEU EA 18 82.95 -29.29 53.28
N VAL EA 19 83.05 -30.33 52.44
CA VAL EA 19 81.94 -31.29 52.14
C VAL EA 19 82.45 -32.72 52.34
N GLU EA 20 81.55 -33.70 52.50
CA GLU EA 20 81.87 -35.07 53.02
C GLU EA 20 82.62 -35.91 52.00
N GLY EA 21 82.35 -35.74 50.70
CA GLY EA 21 83.02 -36.51 49.64
C GLY EA 21 82.80 -35.97 48.26
N ASP EA 22 83.26 -36.68 47.22
CA ASP EA 22 83.09 -36.31 45.78
C ASP EA 22 81.61 -36.32 45.41
N SER EA 23 80.79 -37.12 46.09
CA SER EA 23 79.31 -37.11 45.95
C SER EA 23 78.80 -35.68 46.08
N ALA EA 24 79.01 -35.08 47.26
CA ALA EA 24 78.63 -33.68 47.59
C ALA EA 24 79.52 -32.71 46.81
N GLY EA 25 80.82 -33.00 46.73
CA GLY EA 25 81.81 -32.21 45.97
C GLY EA 25 81.31 -31.77 44.61
N GLY EA 26 80.85 -32.71 43.78
CA GLY EA 26 80.43 -32.46 42.39
C GLY EA 26 79.17 -31.61 42.33
N SER EA 27 78.16 -31.96 43.11
CA SER EA 27 76.86 -31.24 43.22
C SER EA 27 77.12 -29.77 43.59
N THR EA 28 78.04 -29.57 44.54
CA THR EA 28 78.48 -28.27 45.10
C THR EA 28 79.23 -27.46 44.02
N LYS EA 29 80.20 -28.08 43.35
CA LYS EA 29 81.05 -27.42 42.30
C LYS EA 29 80.15 -26.89 41.17
N SER EA 30 79.05 -27.58 40.86
CA SER EA 30 78.06 -27.15 39.84
C SER EA 30 77.25 -25.95 40.36
N GLY EA 31 76.78 -26.04 41.61
CA GLY EA 31 75.88 -25.06 42.24
C GLY EA 31 76.55 -23.72 42.49
N ARG EA 32 77.85 -23.75 42.81
CA ARG EA 32 78.60 -22.62 43.43
C ARG EA 32 78.74 -21.44 42.45
N ASP EA 33 78.99 -20.25 43.01
CA ASP EA 33 79.53 -19.06 42.29
C ASP EA 33 81.07 -19.19 42.29
N SER EA 34 81.64 -19.73 41.22
CA SER EA 34 83.08 -20.10 41.14
C SER EA 34 83.97 -18.84 41.16
N ARG EA 35 83.37 -17.64 41.17
CA ARG EA 35 84.12 -16.36 41.32
C ARG EA 35 84.63 -16.22 42.78
N THR EA 36 83.82 -16.59 43.79
CA THR EA 36 84.06 -16.32 45.23
C THR EA 36 83.94 -17.57 46.13
N GLN EA 37 83.49 -18.72 45.60
CA GLN EA 37 83.19 -19.92 46.42
C GLN EA 37 84.12 -21.06 46.01
N ALA EA 38 85.04 -21.46 46.90
CA ALA EA 38 85.94 -22.62 46.71
C ALA EA 38 85.30 -23.84 47.37
N ILE EA 39 85.74 -25.05 46.98
CA ILE EA 39 85.22 -26.33 47.56
C ILE EA 39 86.38 -27.28 47.83
N LEU EA 40 86.47 -27.76 49.07
CA LEU EA 40 87.41 -28.82 49.49
C LEU EA 40 86.60 -30.04 49.95
N PRO EA 41 86.45 -31.07 49.09
CA PRO EA 41 85.80 -32.30 49.49
C PRO EA 41 86.81 -33.10 50.33
N LEU EA 42 86.39 -33.49 51.53
CA LEU EA 42 87.14 -34.41 52.43
C LEU EA 42 86.85 -35.85 52.04
N ARG EA 43 87.45 -36.81 52.74
CA ARG EA 43 87.34 -38.27 52.47
C ARG EA 43 86.77 -38.94 53.73
N GLY EA 44 85.52 -38.60 54.07
CA GLY EA 44 84.76 -39.18 55.18
C GLY EA 44 85.26 -38.67 56.52
N LYS EA 45 85.09 -39.48 57.57
CA LYS EA 45 85.52 -39.17 58.96
C LYS EA 45 86.98 -38.69 58.89
N ILE EA 46 87.26 -37.54 59.51
CA ILE EA 46 88.63 -36.95 59.58
C ILE EA 46 89.24 -37.40 60.92
N LEU EA 47 90.56 -37.32 61.05
CA LEU EA 47 91.33 -37.70 62.26
C LEU EA 47 90.80 -36.93 63.49
N ASN EA 48 90.53 -37.63 64.60
CA ASN EA 48 90.22 -36.99 65.91
C ASN EA 48 91.54 -36.51 66.51
N VAL EA 49 91.87 -35.21 66.34
CA VAL EA 49 93.17 -34.61 66.73
C VAL EA 49 93.32 -34.59 68.26
N GLU EA 50 92.20 -34.64 69.00
CA GLU EA 50 92.16 -34.69 70.49
C GLU EA 50 92.75 -36.02 71.00
N LYS EA 51 92.59 -37.11 70.25
CA LYS EA 51 93.06 -38.47 70.60
C LYS EA 51 94.40 -38.77 69.93
N ALA EA 52 94.62 -38.26 68.71
CA ALA EA 52 95.77 -38.65 67.85
C ALA EA 52 97.02 -37.92 68.33
N ARG EA 53 98.19 -38.54 68.12
CA ARG EA 53 99.55 -37.95 68.40
C ARG EA 53 99.91 -36.98 67.26
N LEU EA 54 100.71 -35.95 67.57
CA LEU EA 54 101.03 -34.83 66.64
C LEU EA 54 101.72 -35.36 65.37
N ASP EA 55 102.61 -36.35 65.47
CA ASP EA 55 103.27 -37.01 64.31
C ASP EA 55 102.22 -37.40 63.26
N ARG EA 56 101.19 -38.13 63.67
CA ARG EA 56 100.10 -38.68 62.81
C ARG EA 56 99.30 -37.53 62.20
N ILE EA 57 98.99 -36.51 63.01
CA ILE EA 57 98.16 -35.33 62.62
C ILE EA 57 98.83 -34.61 61.43
N LEU EA 58 100.12 -34.31 61.53
CA LEU EA 58 100.87 -33.53 60.51
C LEU EA 58 101.09 -34.38 59.24
N ASN EA 59 101.09 -35.72 59.36
CA ASN EA 59 101.28 -36.66 58.22
C ASN EA 59 99.93 -36.99 57.56
N ASN EA 60 98.79 -36.74 58.24
CA ASN EA 60 97.41 -36.98 57.71
C ASN EA 60 97.21 -36.13 56.47
N ASN EA 61 96.69 -36.74 55.38
CA ASN EA 61 96.55 -36.12 54.04
C ASN EA 61 95.37 -35.11 54.06
N GLU EA 62 94.26 -35.41 54.74
CA GLU EA 62 93.07 -34.51 54.84
C GLU EA 62 93.40 -33.28 55.70
N ILE EA 63 94.13 -33.46 56.81
CA ILE EA 63 94.59 -32.34 57.68
C ILE EA 63 95.54 -31.44 56.87
N ARG EA 64 96.46 -32.04 56.12
CA ARG EA 64 97.44 -31.31 55.28
C ARG EA 64 96.70 -30.46 54.23
N GLN EA 65 95.72 -31.03 53.53
CA GLN EA 65 94.99 -30.31 52.43
C GLN EA 65 94.29 -29.08 53.00
N MET EA 66 93.74 -29.18 54.22
CA MET EA 66 92.99 -28.07 54.87
C MET EA 66 93.96 -26.94 55.24
N ILE EA 67 95.09 -27.29 55.84
CA ILE EA 67 96.18 -26.34 56.20
C ILE EA 67 96.64 -25.62 54.92
N THR EA 68 96.88 -26.35 53.83
CA THR EA 68 97.38 -25.81 52.54
C THR EA 68 96.34 -24.83 51.97
N ALA EA 69 95.06 -25.20 52.02
CA ALA EA 69 93.94 -24.45 51.42
C ALA EA 69 93.80 -23.10 52.13
N PHE EA 70 93.87 -23.08 53.47
CA PHE EA 70 93.69 -21.87 54.31
C PHE EA 70 94.96 -21.00 54.22
N GLY EA 71 96.13 -21.64 54.13
CA GLY EA 71 97.46 -20.99 54.02
C GLY EA 71 97.85 -20.17 55.25
N THR EA 72 97.35 -20.54 56.44
CA THR EA 72 97.59 -19.83 57.72
C THR EA 72 98.67 -20.53 58.55
N GLY EA 73 98.95 -21.81 58.28
CA GLY EA 73 99.77 -22.66 59.18
C GLY EA 73 99.05 -22.95 60.49
N ILE EA 74 99.71 -23.58 61.46
CA ILE EA 74 99.02 -24.14 62.67
C ILE EA 74 99.77 -23.77 63.95
N GLY EA 75 99.04 -23.71 65.07
CA GLY EA 75 99.57 -23.52 66.44
C GLY EA 75 100.16 -22.14 66.62
N GLY EA 76 101.46 -22.10 66.97
CA GLY EA 76 102.26 -20.87 67.17
C GLY EA 76 102.44 -20.10 65.86
N ASP EA 77 102.77 -20.82 64.77
CA ASP EA 77 103.02 -20.23 63.42
C ASP EA 77 101.72 -19.80 62.73
N PHE EA 78 100.56 -20.02 63.35
CA PHE EA 78 99.25 -19.59 62.79
C PHE EA 78 99.28 -18.07 62.60
N ASP EA 79 98.92 -17.60 61.39
CA ASP EA 79 98.93 -16.18 60.99
C ASP EA 79 97.58 -15.85 60.33
N LEU EA 80 96.69 -15.13 61.04
CA LEU EA 80 95.31 -14.84 60.61
C LEU EA 80 95.31 -14.00 59.32
N ALA EA 81 96.34 -13.19 59.09
CA ALA EA 81 96.44 -12.24 57.95
C ALA EA 81 96.79 -12.97 56.65
N LYS EA 82 97.40 -14.17 56.73
CA LYS EA 82 97.79 -15.01 55.55
C LYS EA 82 96.59 -15.89 55.12
N ALA EA 83 95.44 -15.77 55.80
CA ALA EA 83 94.20 -16.52 55.49
C ALA EA 83 93.74 -16.20 54.06
N ARG EA 84 93.39 -17.25 53.31
CA ARG EA 84 93.04 -17.18 51.86
C ARG EA 84 91.51 -17.10 51.69
N TYR EA 85 90.74 -17.31 52.77
CA TYR EA 85 89.25 -17.19 52.82
C TYR EA 85 88.90 -16.57 54.18
N HIS EA 86 87.87 -15.70 54.23
CA HIS EA 86 87.38 -15.05 55.48
C HIS EA 86 86.07 -15.74 55.93
N LYS EA 87 85.67 -16.78 55.19
CA LYS EA 87 84.53 -17.69 55.53
C LYS EA 87 84.95 -19.13 55.21
N ILE EA 88 85.24 -19.93 56.24
CA ILE EA 88 85.39 -21.41 56.15
C ILE EA 88 84.05 -22.01 56.56
N VAL EA 89 83.30 -22.56 55.60
CA VAL EA 89 81.92 -23.11 55.81
C VAL EA 89 81.98 -24.65 55.91
N ILE EA 90 81.62 -25.19 57.07
CA ILE EA 90 81.43 -26.65 57.32
C ILE EA 90 80.04 -27.02 56.80
N MET EA 91 79.96 -27.80 55.72
CA MET EA 91 78.69 -28.17 55.05
C MET EA 91 78.59 -29.71 55.03
N THR EA 92 78.31 -30.28 56.20
CA THR EA 92 78.08 -31.74 56.41
C THR EA 92 76.58 -32.04 56.24
N ASP EA 93 76.23 -33.31 55.96
CA ASP EA 93 74.84 -33.78 55.74
C ASP EA 93 74.03 -33.51 57.01
N ALA EA 94 72.69 -33.54 56.87
CA ALA EA 94 71.71 -33.21 57.95
C ALA EA 94 71.41 -34.48 58.76
N ASP EA 95 72.33 -35.43 58.82
CA ASP EA 95 72.18 -36.75 59.50
C ASP EA 95 73.11 -36.79 60.73
N VAL EA 96 73.28 -37.96 61.33
CA VAL EA 96 74.04 -38.16 62.59
C VAL EA 96 75.55 -38.21 62.26
N ASP EA 97 75.95 -38.80 61.14
CA ASP EA 97 77.37 -38.93 60.73
C ASP EA 97 77.86 -37.56 60.23
N GLY EA 98 76.94 -36.72 59.76
CA GLY EA 98 77.20 -35.29 59.49
C GLY EA 98 77.61 -34.59 60.78
N ALA EA 99 76.81 -34.75 61.84
CA ALA EA 99 77.07 -34.14 63.16
C ALA EA 99 78.44 -34.59 63.68
N HIS EA 100 78.82 -35.85 63.51
CA HIS EA 100 80.14 -36.38 63.95
C HIS EA 100 81.27 -35.69 63.20
N ILE EA 101 81.20 -35.59 61.86
CA ILE EA 101 82.28 -34.96 61.03
C ILE EA 101 82.35 -33.47 61.40
N ARG EA 102 81.21 -32.87 61.75
CA ARG EA 102 81.14 -31.47 62.25
C ARG EA 102 81.92 -31.34 63.57
N THR EA 103 81.68 -32.21 64.57
CA THR EA 103 82.41 -32.19 65.87
C THR EA 103 83.92 -32.45 65.63
N LEU EA 104 84.28 -33.25 64.62
CA LEU EA 104 85.69 -33.65 64.39
C LEU EA 104 86.47 -32.47 63.80
N LEU EA 105 85.83 -31.73 62.90
CA LEU EA 105 86.40 -30.53 62.22
C LEU EA 105 86.53 -29.40 63.24
N LEU EA 106 85.48 -29.14 64.02
CA LEU EA 106 85.46 -28.11 65.09
C LEU EA 106 86.58 -28.40 66.11
N THR EA 107 86.84 -29.67 66.41
CA THR EA 107 87.93 -30.09 67.33
C THR EA 107 89.27 -29.71 66.72
N PHE EA 108 89.44 -29.91 65.41
CA PHE EA 108 90.68 -29.56 64.68
C PHE EA 108 90.87 -28.05 64.69
N PHE EA 109 89.83 -27.29 64.33
CA PHE EA 109 89.88 -25.80 64.28
C PHE EA 109 90.20 -25.26 65.68
N TYR EA 110 89.58 -25.78 66.72
CA TYR EA 110 89.72 -25.24 68.10
C TYR EA 110 91.12 -25.54 68.65
N ARG EA 111 91.75 -26.65 68.28
CA ARG EA 111 93.04 -27.08 68.88
C ARG EA 111 94.20 -26.52 68.06
N PHE EA 112 94.04 -26.27 66.76
CA PHE EA 112 95.16 -25.96 65.83
C PHE EA 112 95.02 -24.60 65.16
N MET EA 113 93.81 -24.03 65.13
CA MET EA 113 93.53 -22.73 64.45
C MET EA 113 92.48 -21.95 65.25
N ARG EA 114 92.68 -21.84 66.57
CA ARG EA 114 91.71 -21.20 67.48
C ARG EA 114 91.42 -19.76 67.04
N PRO EA 115 92.44 -18.95 66.64
CA PRO EA 115 92.20 -17.57 66.24
C PRO EA 115 91.27 -17.37 65.03
N LEU EA 116 91.20 -18.38 64.15
CA LEU EA 116 90.22 -18.46 63.02
C LEU EA 116 88.79 -18.43 63.57
N ILE EA 117 88.51 -19.15 64.65
CA ILE EA 117 87.17 -19.18 65.32
C ILE EA 117 86.91 -17.83 65.98
N GLU EA 118 87.93 -17.31 66.69
CA GLU EA 118 87.90 -15.99 67.40
C GLU EA 118 87.54 -14.91 66.40
N ALA EA 119 88.22 -14.86 65.24
CA ALA EA 119 88.01 -13.88 64.14
C ALA EA 119 86.62 -14.01 63.51
N GLY EA 120 85.88 -15.09 63.81
CA GLY EA 120 84.52 -15.36 63.29
C GLY EA 120 84.51 -15.83 61.85
N TYR EA 121 85.58 -16.52 61.42
CA TYR EA 121 85.79 -17.00 60.03
C TYR EA 121 85.18 -18.39 59.84
N VAL EA 122 84.86 -19.09 60.94
CA VAL EA 122 84.27 -20.46 60.87
C VAL EA 122 82.74 -20.33 60.93
N TYR EA 123 82.07 -20.91 59.94
CA TYR EA 123 80.59 -20.97 59.79
C TYR EA 123 80.12 -22.41 59.59
N ILE EA 124 78.82 -22.64 59.77
CA ILE EA 124 78.13 -23.97 59.68
C ILE EA 124 76.90 -23.80 58.78
N ALA EA 125 76.96 -24.29 57.54
CA ALA EA 125 75.83 -24.33 56.59
C ALA EA 125 74.69 -25.15 57.19
N GLN EA 126 73.45 -24.93 56.74
CA GLN EA 126 72.24 -25.61 57.24
C GLN EA 126 71.42 -26.11 56.06
N PRO EA 127 71.81 -27.25 55.43
CA PRO EA 127 71.03 -27.81 54.32
C PRO EA 127 69.62 -28.20 54.78
N PRO EA 128 68.60 -28.09 53.92
CA PRO EA 128 67.22 -28.34 54.34
C PRO EA 128 67.02 -29.81 54.74
N LYS EA 129 67.58 -36.59 51.96
CA LYS EA 129 68.04 -36.50 53.37
C LYS EA 129 69.37 -35.76 53.44
N GLY EA 130 70.36 -36.20 52.66
CA GLY EA 130 71.71 -35.60 52.56
C GLY EA 130 71.79 -34.67 51.36
N LEU EA 131 72.84 -33.85 51.25
CA LEU EA 131 73.04 -32.92 50.12
C LEU EA 131 73.89 -33.61 49.04
N GLY EA 132 74.48 -34.78 49.34
CA GLY EA 132 75.11 -35.66 48.34
C GLY EA 132 74.07 -36.27 47.39
N GLU EA 133 72.78 -36.21 47.76
CA GLU EA 133 71.61 -36.74 47.03
C GLU EA 133 70.84 -35.60 46.31
N MET EA 134 71.11 -34.33 46.63
CA MET EA 134 70.40 -33.17 46.04
C MET EA 134 71.00 -32.79 44.68
N ASN EA 135 70.22 -32.09 43.84
CA ASN EA 135 70.69 -31.42 42.61
C ASN EA 135 71.33 -30.07 42.95
N ALA EA 136 72.22 -29.62 42.07
CA ALA EA 136 73.03 -28.38 42.19
C ALA EA 136 72.12 -27.14 42.25
N ASP EA 137 71.06 -27.07 41.44
CA ASP EA 137 70.16 -25.88 41.37
C ASP EA 137 69.57 -25.61 42.77
N GLN EA 138 69.13 -26.68 43.43
CA GLN EA 138 68.39 -26.62 44.73
C GLN EA 138 69.39 -26.41 45.87
N LEU EA 139 70.57 -27.02 45.76
CA LEU EA 139 71.69 -26.92 46.73
C LEU EA 139 72.22 -25.48 46.80
N TRP EA 140 72.28 -24.80 45.66
CA TRP EA 140 72.67 -23.36 45.56
C TRP EA 140 71.64 -22.50 46.30
N GLU EA 141 70.35 -22.66 45.96
CA GLU EA 141 69.27 -21.72 46.35
C GLU EA 141 69.03 -21.78 47.87
N THR EA 142 69.15 -22.96 48.48
CA THR EA 142 68.86 -23.20 49.92
C THR EA 142 70.08 -22.92 50.80
N THR EA 143 71.30 -23.24 50.35
CA THR EA 143 72.47 -23.48 51.22
C THR EA 143 73.68 -22.60 50.88
N MET EA 144 73.90 -22.23 49.61
CA MET EA 144 75.14 -21.56 49.14
C MET EA 144 74.90 -20.12 48.64
N ASN EA 145 73.66 -19.76 48.29
CA ASN EA 145 73.31 -18.42 47.74
C ASN EA 145 73.29 -17.40 48.88
N PRO EA 146 74.19 -16.40 48.89
CA PRO EA 146 74.22 -15.40 49.96
C PRO EA 146 72.91 -14.62 50.15
N GLU EA 147 72.03 -14.69 49.15
CA GLU EA 147 70.71 -13.99 49.16
C GLU EA 147 69.71 -14.74 50.04
N HIS EA 148 69.73 -16.07 50.07
CA HIS EA 148 68.69 -16.89 50.76
C HIS EA 148 69.27 -17.88 51.78
N ARG EA 149 70.60 -18.12 51.79
CA ARG EA 149 71.23 -19.14 52.67
C ARG EA 149 71.18 -18.69 54.13
N ALA EA 150 71.35 -19.62 55.06
CA ALA EA 150 71.25 -19.41 56.53
C ALA EA 150 72.46 -20.04 57.23
N LEU EA 151 73.60 -19.34 57.22
CA LEU EA 151 74.85 -19.77 57.90
C LEU EA 151 74.74 -19.50 59.40
N LEU EA 152 75.34 -20.36 60.22
CA LEU EA 152 75.61 -20.12 61.65
C LEU EA 152 77.08 -19.75 61.78
N GLN EA 153 77.38 -18.56 62.32
CA GLN EA 153 78.76 -18.14 62.64
C GLN EA 153 79.15 -18.76 64.00
N VAL EA 154 80.24 -19.52 64.05
CA VAL EA 154 80.73 -20.16 65.31
C VAL EA 154 81.39 -19.07 66.16
N LYS EA 155 80.81 -18.78 67.34
CA LYS EA 155 81.34 -17.82 68.35
C LYS EA 155 81.89 -18.60 69.56
N LEU EA 156 83.12 -18.33 69.97
CA LEU EA 156 83.75 -18.89 71.21
C LEU EA 156 83.52 -17.90 72.37
N GLU EA 157 82.67 -18.23 73.35
CA GLU EA 157 82.40 -17.35 74.52
C GLU EA 157 83.39 -17.65 75.65
N ASP EA 158 83.33 -18.84 76.26
CA ASP EA 158 84.15 -19.21 77.45
C ASP EA 158 85.21 -20.24 77.02
N ALA EA 159 86.49 -19.83 76.97
CA ALA EA 159 87.63 -20.67 76.51
C ALA EA 159 87.89 -21.80 77.52
N ILE EA 160 87.70 -21.56 78.82
CA ILE EA 160 87.89 -22.60 79.89
C ILE EA 160 86.82 -23.70 79.70
N GLU EA 161 85.55 -23.30 79.52
CA GLU EA 161 84.41 -24.24 79.36
C GLU EA 161 84.56 -25.01 78.04
N ALA EA 162 85.07 -24.36 77.00
CA ALA EA 162 85.35 -24.96 75.68
C ALA EA 162 86.44 -26.04 75.82
N ASP EA 163 87.55 -25.74 76.50
CA ASP EA 163 88.68 -26.69 76.73
C ASP EA 163 88.16 -27.95 77.43
N GLN EA 164 87.24 -27.81 78.38
CA GLN EA 164 86.68 -28.94 79.16
C GLN EA 164 85.77 -29.78 78.26
N THR EA 165 84.99 -29.13 77.38
CA THR EA 165 83.96 -29.77 76.53
C THR EA 165 84.64 -30.61 75.43
N PHE EA 166 85.68 -30.08 74.78
CA PHE EA 166 86.47 -30.82 73.75
C PHE EA 166 87.18 -32.01 74.40
N GLU EA 167 87.78 -31.81 75.57
CA GLU EA 167 88.52 -32.86 76.31
C GLU EA 167 87.55 -33.98 76.73
N MET EA 168 86.30 -33.64 77.08
CA MET EA 168 85.30 -34.62 77.57
C MET EA 168 84.73 -35.43 76.38
N LEU EA 169 84.28 -34.76 75.33
CA LEU EA 169 83.62 -35.39 74.15
C LEU EA 169 84.65 -36.10 73.28
N MET EA 170 85.80 -35.47 73.01
CA MET EA 170 86.75 -35.93 71.95
C MET EA 170 88.04 -36.51 72.57
N GLY EA 171 88.17 -36.49 73.90
CA GLY EA 171 89.38 -36.97 74.60
C GLY EA 171 89.41 -38.49 74.75
N ASP EA 172 90.53 -39.02 75.24
CA ASP EA 172 90.78 -40.48 75.32
C ASP EA 172 90.04 -41.11 76.51
N VAL EA 173 89.55 -40.31 77.47
CA VAL EA 173 88.84 -40.84 78.69
C VAL EA 173 87.38 -41.16 78.33
N VAL EA 174 87.05 -42.45 78.27
CA VAL EA 174 85.72 -42.95 77.80
C VAL EA 174 84.63 -42.65 78.83
N GLU EA 175 84.95 -42.74 80.12
CA GLU EA 175 83.95 -42.72 81.20
C GLU EA 175 83.24 -41.36 81.27
N ASN EA 176 83.98 -40.26 81.15
CA ASN EA 176 83.42 -38.87 81.18
C ASN EA 176 82.47 -38.67 79.99
N ARG EA 177 82.86 -39.16 78.81
CA ARG EA 177 82.06 -39.12 77.56
C ARG EA 177 80.76 -39.92 77.76
N ARG EA 178 80.85 -41.14 78.31
CA ARG EA 178 79.68 -42.03 78.53
C ARG EA 178 78.73 -41.37 79.53
N GLN EA 179 79.28 -40.80 80.60
CA GLN EA 179 78.52 -40.12 81.68
C GLN EA 179 77.70 -38.99 81.05
N PHE EA 180 78.35 -38.16 80.24
CA PHE EA 180 77.74 -37.01 79.51
C PHE EA 180 76.53 -37.48 78.71
N ILE EA 181 76.66 -38.60 77.99
CA ILE EA 181 75.61 -39.15 77.07
C ILE EA 181 74.41 -39.57 77.92
N GLU EA 182 74.64 -40.39 78.96
CA GLU EA 182 73.57 -40.88 79.87
C GLU EA 182 72.84 -39.68 80.48
N ASP EA 183 73.58 -38.70 80.99
CA ASP EA 183 73.06 -37.48 81.67
C ASP EA 183 72.16 -36.70 80.70
N ASN EA 184 72.59 -36.54 79.45
CA ASN EA 184 71.95 -35.65 78.45
C ASN EA 184 71.10 -36.45 77.46
N ALA EA 185 70.89 -37.75 77.67
CA ALA EA 185 70.11 -38.60 76.73
C ALA EA 185 68.68 -38.06 76.64
N VAL EA 186 68.21 -37.83 75.40
CA VAL EA 186 66.92 -37.19 75.00
C VAL EA 186 66.61 -37.60 73.55
N ARG FA 7 71.93 -14.97 55.06
CA ARG FA 7 72.91 -15.49 56.06
C ARG FA 7 72.46 -15.05 57.47
N ILE FA 8 72.25 -16.02 58.37
CA ILE FA 8 71.98 -15.80 59.83
C ILE FA 8 73.28 -15.37 60.52
N ASN FA 9 73.27 -15.28 61.86
CA ASN FA 9 74.44 -14.82 62.67
C ASN FA 9 74.30 -15.27 64.14
N GLU FA 10 75.02 -16.36 64.49
CA GLU FA 10 75.75 -16.74 65.76
C GLU FA 10 75.28 -18.10 66.31
N ARG FA 11 76.24 -19.00 66.59
CA ARG FA 11 76.03 -20.31 67.27
C ARG FA 11 77.20 -20.54 68.25
N ASN FA 12 76.88 -20.77 69.53
CA ASN FA 12 77.88 -21.03 70.60
C ASN FA 12 78.59 -22.36 70.30
N ILE FA 13 79.93 -22.36 70.30
CA ILE FA 13 80.77 -23.54 69.92
C ILE FA 13 80.46 -24.70 70.89
N THR FA 14 80.30 -24.41 72.18
CA THR FA 14 80.04 -25.43 73.23
C THR FA 14 78.66 -26.07 72.96
N SER FA 15 77.63 -25.28 72.69
CA SER FA 15 76.25 -25.76 72.40
C SER FA 15 76.27 -26.65 71.15
N GLU FA 16 77.00 -26.23 70.12
CA GLU FA 16 77.09 -26.94 68.81
C GLU FA 16 77.73 -28.31 69.02
N MET FA 17 78.90 -28.35 69.69
CA MET FA 17 79.61 -29.60 70.05
C MET FA 17 78.67 -30.55 70.82
N ARG FA 18 78.05 -30.06 71.90
CA ARG FA 18 77.29 -30.92 72.84
C ARG FA 18 76.10 -31.54 72.11
N GLU FA 19 75.37 -30.75 71.31
CA GLU FA 19 74.13 -31.19 70.63
C GLU FA 19 74.49 -32.06 69.42
N SER FA 20 75.53 -31.70 68.67
CA SER FA 20 76.02 -32.44 67.47
C SER FA 20 76.52 -33.83 67.88
N PHE FA 21 77.42 -33.88 68.87
CA PHE FA 21 78.04 -35.13 69.34
C PHE FA 21 76.98 -36.05 69.95
N LEU FA 22 76.04 -35.49 70.72
CA LEU FA 22 74.96 -36.27 71.36
C LEU FA 22 74.10 -36.94 70.28
N ASP FA 23 73.81 -36.20 69.20
CA ASP FA 23 72.97 -36.70 68.06
C ASP FA 23 73.63 -37.93 67.45
N TYR FA 24 74.93 -37.82 67.16
CA TYR FA 24 75.79 -38.92 66.64
C TYR FA 24 75.80 -40.09 67.63
N ALA FA 25 76.26 -39.83 68.87
CA ALA FA 25 76.48 -40.84 69.93
C ALA FA 25 75.19 -41.64 70.15
N MET FA 26 74.07 -40.94 70.32
CA MET FA 26 72.77 -41.58 70.64
C MET FA 26 72.38 -42.49 69.48
N SER FA 27 72.62 -42.04 68.26
CA SER FA 27 72.24 -42.72 66.99
C SER FA 27 73.05 -44.01 66.84
N VAL FA 28 74.34 -43.96 67.11
CA VAL FA 28 75.27 -45.13 67.08
C VAL FA 28 74.84 -46.15 68.14
N ILE FA 29 74.30 -45.71 69.26
CA ILE FA 29 73.94 -46.59 70.41
C ILE FA 29 72.61 -47.33 70.11
N VAL FA 30 71.57 -46.62 69.69
CA VAL FA 30 70.18 -47.16 69.65
C VAL FA 30 69.80 -47.60 68.23
N ALA FA 31 70.66 -47.36 67.23
CA ALA FA 31 70.34 -47.61 65.81
C ALA FA 31 71.62 -47.85 65.00
N ARG FA 32 72.56 -48.66 65.51
CA ARG FA 32 73.72 -49.10 64.70
C ARG FA 32 74.42 -50.30 65.34
N ALA FA 33 75.12 -50.07 66.45
CA ALA FA 33 76.22 -50.92 66.94
C ALA FA 33 75.76 -51.93 68.02
N LEU FA 34 74.67 -51.64 68.72
CA LEU FA 34 74.16 -52.49 69.81
C LEU FA 34 72.95 -53.27 69.33
N PRO FA 35 72.87 -54.58 69.65
CA PRO FA 35 71.72 -55.40 69.30
C PRO FA 35 70.55 -55.19 70.28
N ASP FA 36 69.32 -55.41 69.80
CA ASP FA 36 68.12 -55.50 70.67
C ASP FA 36 68.17 -56.80 71.46
N VAL FA 37 67.77 -56.77 72.73
CA VAL FA 37 67.79 -57.94 73.66
C VAL FA 37 66.80 -59.01 73.19
N ARG FA 38 65.79 -58.62 72.42
CA ARG FA 38 64.65 -59.50 72.04
C ARG FA 38 65.06 -60.46 70.92
N ASP FA 39 65.54 -59.95 69.78
CA ASP FA 39 65.86 -60.78 68.59
C ASP FA 39 67.38 -60.87 68.37
N GLY FA 40 68.17 -60.19 69.20
CA GLY FA 40 69.64 -60.23 69.14
C GLY FA 40 70.22 -59.52 67.94
N LEU FA 41 69.43 -58.72 67.22
CA LEU FA 41 69.85 -58.15 65.91
C LEU FA 41 70.18 -56.66 66.02
N LYS FA 42 71.23 -56.22 65.33
CA LYS FA 42 71.44 -54.78 65.03
C LYS FA 42 70.54 -54.43 63.87
N PRO FA 43 70.17 -53.14 63.69
CA PRO FA 43 69.44 -52.69 62.51
C PRO FA 43 69.84 -53.34 61.18
N VAL FA 44 71.12 -53.28 60.81
CA VAL FA 44 71.56 -53.76 59.47
C VAL FA 44 71.21 -55.24 59.30
N HIS FA 45 71.37 -56.06 60.35
CA HIS FA 45 71.08 -57.52 60.32
C HIS FA 45 69.58 -57.72 60.11
N ARG FA 46 68.77 -57.02 60.91
CA ARG FA 46 67.29 -57.09 60.87
C ARG FA 46 66.80 -56.75 59.47
N ARG FA 47 67.31 -55.65 58.89
CA ARG FA 47 66.88 -55.14 57.57
C ARG FA 47 67.21 -56.15 56.47
N ILE FA 48 68.37 -56.81 56.57
CA ILE FA 48 68.79 -57.86 55.59
C ILE FA 48 67.81 -59.03 55.68
N LEU FA 49 67.56 -59.58 56.88
CA LEU FA 49 66.71 -60.78 57.05
C LEU FA 49 65.28 -60.47 56.62
N TYR FA 50 64.81 -59.26 56.91
CA TYR FA 50 63.43 -58.82 56.55
C TYR FA 50 63.35 -58.64 55.03
N GLY FA 51 64.42 -58.11 54.43
CA GLY FA 51 64.55 -57.95 52.97
C GLY FA 51 64.51 -59.31 52.27
N LEU FA 52 65.20 -60.30 52.82
CA LEU FA 52 65.19 -61.68 52.25
C LEU FA 52 63.75 -62.17 52.25
N ASN FA 53 63.01 -61.87 53.31
CA ASN FA 53 61.66 -62.41 53.59
C ASN FA 53 60.63 -61.74 52.67
N GLU FA 54 60.79 -60.44 52.44
CA GLU FA 54 59.86 -59.62 51.60
C GLU FA 54 60.00 -60.03 50.14
N GLN FA 55 61.18 -60.50 49.71
CA GLN FA 55 61.40 -61.01 48.33
C GLN FA 55 61.33 -62.54 48.34
N GLY FA 56 60.66 -63.13 49.34
CA GLY FA 56 60.54 -64.59 49.55
C GLY FA 56 61.74 -65.39 49.07
N MET FA 57 62.95 -64.97 49.46
N MET FA 57 62.95 -64.96 49.46
CA MET FA 57 64.20 -65.75 49.26
CA MET FA 57 64.17 -65.77 49.25
C MET FA 57 64.30 -66.74 50.43
C MET FA 57 64.30 -66.73 50.42
N THR FA 58 63.52 -67.83 50.36
CA THR FA 58 63.35 -68.83 51.43
C THR FA 58 64.23 -70.02 51.08
N PRO FA 59 64.48 -70.97 52.03
CA PRO FA 59 65.39 -72.10 51.79
C PRO FA 59 64.99 -72.99 50.61
N ASP FA 60 63.69 -73.14 50.36
CA ASP FA 60 63.08 -74.00 49.30
C ASP FA 60 63.33 -73.38 47.91
N LYS FA 61 63.20 -72.05 47.78
CA LYS FA 61 63.49 -71.29 46.54
C LYS FA 61 65.01 -71.17 46.33
N SER FA 62 65.43 -70.86 45.10
CA SER FA 62 66.85 -70.91 44.67
C SER FA 62 67.57 -69.62 45.06
N TYR FA 63 68.90 -69.72 45.25
CA TYR FA 63 69.80 -68.60 45.64
C TYR FA 63 69.65 -67.45 44.66
N LYS FA 64 69.55 -66.23 45.18
N LYS FA 64 69.56 -66.23 45.20
CA LYS FA 64 69.46 -64.97 44.41
CA LYS FA 64 69.45 -64.97 44.41
C LYS FA 64 70.78 -64.20 44.56
C LYS FA 64 70.77 -64.19 44.56
N LYS FA 65 71.17 -63.45 43.52
CA LYS FA 65 72.45 -62.68 43.49
C LYS FA 65 72.49 -61.69 44.65
N SER FA 66 73.66 -61.58 45.30
CA SER FA 66 73.86 -60.72 46.48
C SER FA 66 73.65 -59.25 46.09
N ALA FA 67 74.15 -58.83 44.94
CA ALA FA 67 73.98 -57.44 44.44
C ALA FA 67 72.49 -57.07 44.37
N ARG FA 68 71.62 -58.03 44.03
N ARG FA 68 71.61 -58.02 44.04
CA ARG FA 68 70.14 -57.84 43.98
CA ARG FA 68 70.13 -57.81 43.97
C ARG FA 68 69.62 -57.59 45.41
C ARG FA 68 69.61 -57.59 45.40
N ILE FA 69 70.10 -58.39 46.37
CA ILE FA 69 69.65 -58.34 47.79
C ILE FA 69 70.12 -57.02 48.42
N VAL FA 70 71.40 -56.69 48.25
CA VAL FA 70 72.04 -55.49 48.86
C VAL FA 70 71.35 -54.23 48.29
N GLY FA 71 71.08 -54.21 46.98
CA GLY FA 71 70.37 -53.11 46.30
C GLY FA 71 69.01 -52.88 46.92
N ASP FA 72 68.23 -53.96 47.06
N ASP FA 72 68.23 -53.97 47.05
CA ASP FA 72 66.85 -53.94 47.63
CA ASP FA 72 66.85 -53.99 47.62
C ASP FA 72 66.90 -53.42 49.07
C ASP FA 72 66.90 -53.42 49.05
N VAL FA 73 67.83 -53.91 49.89
CA VAL FA 73 67.94 -53.55 51.33
C VAL FA 73 68.34 -52.07 51.45
N MET FA 74 69.32 -51.63 50.65
CA MET FA 74 69.86 -50.25 50.65
C MET FA 74 68.78 -49.27 50.17
N GLY FA 75 68.01 -49.66 49.15
CA GLY FA 75 66.91 -48.87 48.59
C GLY FA 75 65.80 -48.61 49.58
N LYS FA 76 65.37 -49.65 50.31
CA LYS FA 76 64.06 -49.67 51.03
C LYS FA 76 64.19 -49.45 52.53
N TYR FA 77 65.31 -49.81 53.17
CA TYR FA 77 65.40 -49.92 54.65
C TYR FA 77 66.68 -49.27 55.21
N HIS FA 78 67.84 -49.51 54.59
CA HIS FA 78 69.19 -49.22 55.15
C HIS FA 78 69.93 -48.21 54.29
N PRO FA 79 69.75 -46.89 54.53
CA PRO FA 79 70.32 -45.86 53.65
C PRO FA 79 71.81 -45.61 53.99
N HIS FA 80 72.67 -46.60 53.72
CA HIS FA 80 74.12 -46.56 54.00
C HIS FA 80 74.88 -47.33 52.89
N GLY FA 81 76.20 -47.47 53.06
N GLY FA 81 76.20 -47.44 53.05
CA GLY FA 81 77.10 -48.07 52.07
CA GLY FA 81 77.11 -48.06 52.05
C GLY FA 81 76.74 -49.50 51.74
C GLY FA 81 76.74 -49.50 51.74
N ASP FA 82 76.92 -49.90 50.48
CA ASP FA 82 76.76 -51.29 50.00
C ASP FA 82 77.75 -52.21 50.76
N SER FA 83 78.98 -51.78 50.99
CA SER FA 83 79.98 -52.62 51.72
C SER FA 83 79.49 -52.90 53.15
N SER FA 84 78.94 -51.91 53.85
CA SER FA 84 78.45 -52.09 55.25
C SER FA 84 77.39 -53.21 55.28
N ILE FA 85 76.48 -53.21 54.29
CA ILE FA 85 75.36 -54.18 54.18
C ILE FA 85 75.90 -55.55 53.78
N TYR FA 86 76.69 -55.61 52.70
CA TYR FA 86 77.14 -56.91 52.14
C TYR FA 86 77.99 -57.66 53.18
N GLU FA 87 78.94 -56.97 53.83
CA GLU FA 87 79.87 -57.62 54.79
CA GLU FA 87 79.86 -57.63 54.79
C GLU FA 87 79.06 -58.14 55.98
N ALA FA 88 77.98 -57.45 56.37
CA ALA FA 88 77.11 -57.85 57.50
C ALA FA 88 76.34 -59.12 57.12
N MET FA 89 75.96 -59.23 55.85
CA MET FA 89 75.24 -60.42 55.32
C MET FA 89 76.23 -61.59 55.24
N VAL FA 90 77.43 -61.33 54.74
CA VAL FA 90 78.51 -62.35 54.60
C VAL FA 90 78.72 -63.04 55.95
N ARG FA 91 78.96 -62.26 57.02
CA ARG FA 91 79.25 -62.75 58.40
C ARG FA 91 78.14 -63.71 58.87
N MET FA 92 76.88 -63.35 58.62
CA MET FA 92 75.68 -64.15 59.02
C MET FA 92 75.68 -65.50 58.29
N ALA FA 93 76.48 -65.62 57.22
CA ALA FA 93 76.53 -66.81 56.34
C ALA FA 93 77.76 -67.66 56.65
N GLN FA 94 78.67 -67.19 57.50
CA GLN FA 94 79.93 -67.90 57.83
C GLN FA 94 79.70 -68.83 59.02
N ASP FA 95 79.92 -70.13 58.82
CA ASP FA 95 79.65 -71.15 59.86
C ASP FA 95 80.70 -71.07 60.96
N PHE FA 96 81.79 -70.31 60.74
CA PHE FA 96 82.89 -70.05 61.71
C PHE FA 96 82.68 -68.74 62.46
N SER FA 97 81.68 -67.93 62.05
CA SER FA 97 81.36 -66.63 62.70
C SER FA 97 80.08 -66.79 63.51
N TYR FA 98 79.03 -67.33 62.88
CA TYR FA 98 77.69 -67.55 63.46
C TYR FA 98 77.53 -69.03 63.88
N ARG FA 99 77.24 -69.25 65.16
CA ARG FA 99 76.98 -70.61 65.75
C ARG FA 99 75.78 -71.25 65.06
N TYR FA 100 74.74 -70.44 64.79
CA TYR FA 100 73.56 -70.82 63.98
C TYR FA 100 73.45 -69.81 62.84
N PRO FA 101 74.11 -70.06 61.69
CA PRO FA 101 74.03 -69.18 60.53
C PRO FA 101 72.60 -68.79 60.17
N LEU FA 102 72.38 -67.52 59.85
CA LEU FA 102 71.07 -66.94 59.51
C LEU FA 102 70.96 -66.74 57.99
N VAL FA 103 72.06 -66.89 57.26
CA VAL FA 103 72.08 -66.70 55.77
C VAL FA 103 72.78 -67.90 55.14
N ASP FA 104 72.19 -68.41 54.06
CA ASP FA 104 72.71 -69.56 53.30
C ASP FA 104 73.36 -68.99 52.04
N GLY FA 105 74.70 -69.02 51.99
CA GLY FA 105 75.53 -68.43 50.92
C GLY FA 105 75.92 -69.45 49.88
N GLN FA 106 76.05 -69.02 48.63
CA GLN FA 106 76.59 -69.81 47.49
C GLN FA 106 77.78 -69.04 46.94
N GLY FA 107 78.99 -69.57 47.10
CA GLY FA 107 80.23 -68.99 46.54
C GLY FA 107 81.26 -68.64 47.60
N ASN FA 108 82.19 -67.74 47.29
CA ASN FA 108 83.32 -67.38 48.20
C ASN FA 108 82.80 -66.37 49.24
N PHE FA 109 82.38 -66.84 50.42
CA PHE FA 109 81.97 -66.02 51.59
C PHE FA 109 83.09 -65.98 52.63
N GLY FA 110 84.35 -66.13 52.18
CA GLY FA 110 85.56 -66.04 53.00
C GLY FA 110 85.89 -67.36 53.66
N SER FA 111 86.98 -67.37 54.42
CA SER FA 111 87.52 -68.55 55.14
C SER FA 111 87.97 -68.10 56.53
N MET FA 112 88.46 -69.06 57.34
CA MET FA 112 88.98 -68.79 58.71
C MET FA 112 90.34 -68.07 58.61
N ASP FA 113 90.97 -68.05 57.43
CA ASP FA 113 92.29 -67.41 57.20
C ASP FA 113 92.12 -65.89 57.02
N GLY FA 114 90.89 -65.38 57.05
CA GLY FA 114 90.63 -63.93 56.97
C GLY FA 114 90.70 -63.40 55.54
N ASP FA 115 90.75 -64.27 54.54
CA ASP FA 115 90.44 -63.90 53.13
C ASP FA 115 88.99 -63.38 53.14
N GLY FA 116 88.73 -62.22 52.56
CA GLY FA 116 87.36 -61.66 52.43
C GLY FA 116 86.44 -62.54 51.60
N ALA FA 117 85.13 -62.30 51.67
CA ALA FA 117 84.15 -62.79 50.66
C ALA FA 117 84.50 -62.20 49.30
N ALA FA 118 84.26 -62.91 48.21
CA ALA FA 118 84.24 -62.34 46.84
C ALA FA 118 83.26 -61.16 46.84
N ALA FA 119 83.43 -60.23 45.90
CA ALA FA 119 82.52 -59.08 45.68
C ALA FA 119 81.09 -59.59 45.44
N MET FA 120 80.09 -58.75 45.70
CA MET FA 120 78.65 -59.14 45.71
C MET FA 120 78.18 -59.55 44.31
N ARG FA 121 78.90 -59.16 43.26
CA ARG FA 121 78.60 -59.57 41.85
C ARG FA 121 78.73 -61.10 41.75
N TYR FA 122 79.64 -61.69 42.54
CA TYR FA 122 80.09 -63.10 42.42
C TYR FA 122 79.22 -64.04 43.26
N THR FA 123 78.62 -63.58 44.36
CA THR FA 123 77.99 -64.49 45.37
C THR FA 123 76.47 -64.45 45.24
N GLU FA 124 75.80 -65.49 45.72
CA GLU FA 124 74.32 -65.61 45.81
C GLU FA 124 73.98 -66.02 47.24
N ALA FA 125 72.74 -65.82 47.69
CA ALA FA 125 72.35 -66.00 49.10
C ALA FA 125 70.85 -66.26 49.23
N ARG FA 126 70.44 -66.85 50.36
CA ARG FA 126 69.03 -67.00 50.80
C ARG FA 126 68.96 -67.18 52.32
N MET FA 127 67.76 -67.37 52.87
CA MET FA 127 67.55 -67.71 54.30
C MET FA 127 68.08 -69.13 54.58
N THR FA 128 68.51 -69.34 55.82
CA THR FA 128 68.71 -70.67 56.44
C THR FA 128 67.34 -71.12 56.99
N LYS FA 129 67.13 -72.42 57.19
CA LYS FA 129 65.85 -72.96 57.74
C LYS FA 129 65.57 -72.31 59.10
N ILE FA 130 66.61 -72.04 59.90
CA ILE FA 130 66.44 -71.48 61.28
C ILE FA 130 66.02 -70.00 61.19
N THR FA 131 66.34 -69.30 60.10
CA THR FA 131 65.99 -67.87 59.95
C THR FA 131 64.45 -67.75 59.77
N LEU FA 132 63.80 -68.80 59.28
CA LEU FA 132 62.32 -68.86 59.26
C LEU FA 132 61.77 -68.72 60.68
N GLU FA 133 62.45 -69.27 61.69
CA GLU FA 133 62.01 -69.19 63.11
C GLU FA 133 62.18 -67.76 63.61
N LEU FA 134 63.19 -67.02 63.14
CA LEU FA 134 63.34 -65.57 63.49
C LEU FA 134 62.15 -64.78 62.96
N LEU FA 135 61.64 -65.15 61.78
CA LEU FA 135 60.63 -64.34 61.05
C LEU FA 135 59.23 -64.91 61.25
N ARG FA 136 59.08 -66.10 61.84
CA ARG FA 136 57.78 -66.82 61.95
C ARG FA 136 56.75 -65.89 62.59
N ASP FA 137 55.62 -65.67 61.90
CA ASP FA 137 54.43 -64.93 62.43
C ASP FA 137 54.70 -63.42 62.40
N ILE FA 138 55.65 -62.94 61.59
CA ILE FA 138 55.96 -61.48 61.48
C ILE FA 138 54.75 -60.77 60.88
N ASN FA 139 53.94 -61.51 60.09
CA ASN FA 139 52.77 -60.94 59.35
C ASN FA 139 51.47 -61.15 60.13
N LYS FA 140 51.53 -61.57 61.39
CA LYS FA 140 50.33 -61.84 62.24
C LYS FA 140 50.28 -60.84 63.40
N ASP FA 141 50.65 -59.58 63.15
CA ASP FA 141 50.57 -58.47 64.13
C ASP FA 141 51.20 -58.91 65.46
N THR FA 142 52.39 -59.49 65.42
CA THR FA 142 53.15 -59.98 66.60
C THR FA 142 54.18 -58.94 67.04
N ILE FA 143 54.62 -58.09 66.11
CA ILE FA 143 55.66 -57.04 66.35
C ILE FA 143 55.19 -55.75 65.68
N ASP FA 144 55.61 -54.60 66.21
CA ASP FA 144 55.24 -53.27 65.65
C ASP FA 144 56.12 -52.96 64.45
N PHE FA 145 55.52 -52.55 63.34
CA PHE FA 145 56.23 -51.95 62.18
C PHE FA 145 56.38 -50.45 62.40
N ILE FA 146 57.34 -49.85 61.69
CA ILE FA 146 57.62 -48.38 61.69
C ILE FA 146 57.96 -47.98 60.26
N ASP FA 147 57.86 -46.68 59.98
CA ASP FA 147 58.22 -46.12 58.65
C ASP FA 147 59.72 -46.28 58.46
N ASN FA 148 60.16 -46.59 57.23
CA ASN FA 148 61.59 -46.58 56.84
C ASN FA 148 62.08 -45.14 56.82
N TYR FA 149 63.35 -44.95 56.46
CA TYR FA 149 64.08 -43.65 56.52
C TYR FA 149 63.41 -42.57 55.67
N ASP FA 150 62.79 -42.91 54.54
CA ASP FA 150 62.18 -41.90 53.62
C ASP FA 150 60.64 -41.93 53.73
N GLY FA 151 60.06 -42.83 54.52
CA GLY FA 151 58.60 -42.92 54.74
C GLY FA 151 57.86 -43.57 53.57
N ASN FA 152 58.55 -44.15 52.59
CA ASN FA 152 57.93 -44.86 51.43
C ASN FA 152 57.74 -46.35 51.72
N GLU FA 153 58.19 -46.86 52.88
CA GLU FA 153 58.17 -48.33 53.20
C GLU FA 153 57.94 -48.56 54.69
N ARG FA 154 57.45 -49.74 55.05
CA ARG FA 154 57.31 -50.21 56.45
C ARG FA 154 58.39 -51.25 56.74
N GLU FA 155 59.06 -51.13 57.87
CA GLU FA 155 60.10 -52.11 58.31
C GLU FA 155 59.80 -52.50 59.75
N PRO FA 156 60.16 -53.75 60.16
CA PRO FA 156 59.87 -54.23 61.52
C PRO FA 156 60.85 -53.65 62.53
N SER FA 157 60.34 -53.08 63.63
CA SER FA 157 61.12 -52.57 64.78
C SER FA 157 61.93 -53.71 65.42
N VAL FA 158 61.41 -54.94 65.39
CA VAL FA 158 62.05 -56.14 66.00
C VAL FA 158 61.47 -57.38 65.32
N LEU FA 159 62.19 -58.50 65.30
CA LEU FA 159 61.66 -59.77 64.72
C LEU FA 159 61.01 -60.57 65.83
N PRO FA 160 60.02 -61.43 65.51
CA PRO FA 160 59.42 -62.35 66.47
C PRO FA 160 60.47 -63.16 67.25
N ALA FA 161 61.52 -63.62 66.58
CA ALA FA 161 62.65 -64.32 67.22
C ALA FA 161 62.14 -65.50 68.04
N ARG FA 162 61.70 -66.57 67.36
CA ARG FA 162 61.04 -67.72 68.04
C ARG FA 162 62.10 -68.63 68.67
N PHE FA 163 63.40 -68.34 68.47
CA PHE FA 163 64.51 -68.90 69.28
C PHE FA 163 65.36 -67.74 69.84
N PRO FA 164 66.03 -67.93 71.01
CA PRO FA 164 66.75 -66.85 71.70
C PRO FA 164 68.11 -66.51 71.06
N ASN FA 165 68.07 -65.61 70.07
CA ASN FA 165 69.15 -65.42 69.04
C ASN FA 165 70.31 -64.59 69.62
N LEU FA 166 70.03 -63.66 70.54
CA LEU FA 166 71.08 -62.78 71.13
C LEU FA 166 72.17 -63.64 71.73
N LEU FA 167 71.79 -64.59 72.60
CA LEU FA 167 72.75 -65.48 73.30
C LEU FA 167 73.22 -66.60 72.35
N ALA FA 168 72.34 -67.09 71.49
CA ALA FA 168 72.63 -68.25 70.61
C ALA FA 168 73.80 -67.89 69.68
N ASN FA 169 73.67 -66.80 68.94
CA ASN FA 169 74.68 -66.40 67.94
C ASN FA 169 75.67 -65.43 68.56
N GLY FA 170 75.27 -64.72 69.62
CA GLY FA 170 76.14 -63.73 70.27
C GLY FA 170 76.11 -62.43 69.49
N ALA FA 171 77.06 -61.53 69.76
CA ALA FA 171 77.05 -60.13 69.26
C ALA FA 171 78.29 -59.40 69.77
N SER FA 172 78.98 -58.68 68.89
CA SER FA 172 80.07 -57.73 69.23
C SER FA 172 79.79 -56.41 68.52
N GLY FA 173 79.97 -55.28 69.19
CA GLY FA 173 79.67 -53.95 68.63
C GLY FA 173 80.37 -52.85 69.39
N ILE FA 174 81.13 -52.03 68.67
CA ILE FA 174 81.77 -50.80 69.21
C ILE FA 174 80.75 -49.66 69.00
N ALA FA 175 80.22 -49.10 70.07
CA ALA FA 175 79.25 -47.96 70.03
C ALA FA 175 80.02 -46.67 70.36
N VAL FA 176 79.37 -45.70 71.02
CA VAL FA 176 80.01 -44.49 71.60
C VAL FA 176 79.69 -44.46 73.10
N GLY FA 177 80.72 -44.31 73.95
CA GLY FA 177 80.61 -44.39 75.42
C GLY FA 177 80.57 -45.83 75.94
N MET FA 178 80.33 -46.81 75.07
CA MET FA 178 80.20 -48.24 75.46
C MET FA 178 80.38 -49.15 74.24
N ALA FA 179 80.71 -50.41 74.48
CA ALA FA 179 80.75 -51.49 73.46
C ALA FA 179 79.93 -52.67 73.98
N THR FA 180 79.77 -53.71 73.17
CA THR FA 180 79.14 -55.01 73.56
C THR FA 180 80.06 -56.13 73.09
N ASN FA 181 80.09 -57.25 73.82
CA ASN FA 181 80.78 -58.50 73.45
C ASN FA 181 80.05 -59.65 74.14
N ILE FA 182 79.21 -60.37 73.42
CA ILE FA 182 78.38 -61.49 73.94
C ILE FA 182 78.78 -62.74 73.18
N PRO FA 183 79.23 -63.81 73.86
CA PRO FA 183 79.69 -65.02 73.18
C PRO FA 183 78.46 -65.83 72.75
N PRO FA 184 78.60 -66.65 71.69
CA PRO FA 184 77.54 -67.58 71.29
C PRO FA 184 77.34 -68.70 72.29
N HIS FA 185 76.17 -69.34 72.23
CA HIS FA 185 75.71 -70.37 73.21
C HIS FA 185 75.13 -71.59 72.48
N ASN FA 186 74.98 -72.71 73.19
CA ASN FA 186 74.32 -73.91 72.64
C ASN FA 186 72.81 -73.70 72.74
N LEU FA 187 72.09 -73.90 71.63
CA LEU FA 187 70.64 -73.60 71.54
C LEU FA 187 69.87 -74.50 72.50
N THR FA 188 70.22 -75.79 72.52
CA THR FA 188 69.61 -76.81 73.43
C THR FA 188 69.72 -76.29 74.86
N GLU FA 189 70.93 -75.95 75.31
CA GLU FA 189 71.20 -75.47 76.69
C GLU FA 189 70.34 -74.23 76.95
N LEU FA 190 70.35 -73.28 76.01
CA LEU FA 190 69.60 -71.99 76.14
C LEU FA 190 68.12 -72.28 76.39
N ILE FA 191 67.52 -73.13 75.56
CA ILE FA 191 66.05 -73.38 75.55
C ILE FA 191 65.68 -74.08 76.86
N ASN FA 192 66.50 -75.04 77.31
CA ASN FA 192 66.35 -75.69 78.64
C ASN FA 192 66.42 -74.62 79.75
N GLY FA 193 67.33 -73.66 79.61
CA GLY FA 193 67.43 -72.50 80.53
C GLY FA 193 66.11 -71.73 80.59
N VAL FA 194 65.56 -71.39 79.42
CA VAL FA 194 64.32 -70.57 79.31
C VAL FA 194 63.15 -71.35 79.93
N LEU FA 195 63.06 -72.65 79.64
CA LEU FA 195 61.99 -73.54 80.15
C LEU FA 195 62.07 -73.55 81.70
N SER FA 196 63.28 -73.73 82.25
CA SER FA 196 63.54 -73.69 83.70
C SER FA 196 63.03 -72.37 84.29
N LEU FA 197 63.47 -71.26 83.72
CA LEU FA 197 63.04 -69.89 84.11
C LEU FA 197 61.51 -69.75 84.01
N SER FA 198 60.88 -70.28 82.96
CA SER FA 198 59.43 -70.13 82.68
C SER FA 198 58.61 -70.89 83.72
N LYS FA 199 59.22 -71.82 84.44
CA LYS FA 199 58.56 -72.59 85.54
C LYS FA 199 58.90 -71.98 86.90
N ASN FA 200 59.96 -71.18 87.01
CA ASN FA 200 60.47 -70.64 88.30
C ASN FA 200 61.02 -69.25 88.09
N PRO FA 201 60.17 -68.20 88.15
CA PRO FA 201 60.61 -66.82 87.96
C PRO FA 201 61.75 -66.39 88.89
N ASP FA 202 61.88 -67.04 90.05
CA ASP FA 202 62.82 -66.67 91.15
C ASP FA 202 64.13 -67.49 91.04
N ILE FA 203 64.33 -68.21 89.93
CA ILE FA 203 65.50 -69.11 89.71
C ILE FA 203 66.80 -68.31 89.86
N SER FA 204 67.84 -68.93 90.45
CA SER FA 204 69.20 -68.37 90.62
C SER FA 204 70.01 -68.55 89.33
N ILE FA 205 71.01 -67.70 89.11
CA ILE FA 205 72.01 -67.84 88.03
C ILE FA 205 72.64 -69.23 88.16
N ALA FA 206 72.98 -69.63 89.39
CA ALA FA 206 73.62 -70.93 89.71
C ALA FA 206 72.79 -72.10 89.16
N GLU FA 207 71.46 -72.05 89.35
N GLU FA 207 71.46 -72.07 89.37
CA GLU FA 207 70.52 -73.11 88.90
CA GLU FA 207 70.52 -73.12 88.90
C GLU FA 207 70.42 -73.07 87.36
C GLU FA 207 70.42 -73.07 87.36
N LEU FA 208 70.36 -71.87 86.78
CA LEU FA 208 70.33 -71.66 85.31
C LEU FA 208 71.59 -72.29 84.70
N MET FA 209 72.73 -72.26 85.41
CA MET FA 209 74.02 -72.74 84.86
C MET FA 209 74.10 -74.28 84.86
N GLU FA 210 73.15 -74.97 85.50
CA GLU FA 210 72.98 -76.44 85.33
C GLU FA 210 72.42 -76.74 83.94
N ASP FA 211 71.72 -75.80 83.31
CA ASP FA 211 71.24 -75.92 81.90
C ASP FA 211 72.27 -75.33 80.97
N ILE FA 212 72.72 -74.10 81.25
CA ILE FA 212 73.64 -73.31 80.40
C ILE FA 212 75.06 -73.42 80.98
N GLU FA 213 75.80 -74.45 80.60
CA GLU FA 213 77.17 -74.74 81.11
C GLU FA 213 78.09 -73.53 80.95
N GLY FA 214 77.98 -72.86 79.80
CA GLY FA 214 78.86 -71.75 79.38
C GLY FA 214 78.69 -71.45 77.90
N PRO FA 215 79.51 -70.55 77.33
CA PRO FA 215 79.50 -70.31 75.89
C PRO FA 215 79.77 -71.61 75.13
N ASP FA 216 79.28 -71.65 73.89
CA ASP FA 216 79.54 -72.72 72.90
C ASP FA 216 79.90 -72.05 71.58
N PHE FA 217 81.19 -71.93 71.28
CA PHE FA 217 81.70 -71.26 70.06
C PHE FA 217 81.49 -72.16 68.84
N PRO FA 218 81.23 -71.62 67.65
CA PRO FA 218 81.10 -72.44 66.45
C PRO FA 218 82.40 -73.19 66.13
N THR FA 219 83.53 -72.59 66.45
CA THR FA 219 84.91 -73.10 66.16
C THR FA 219 85.32 -74.16 67.19
N ALA FA 220 84.47 -74.42 68.20
CA ALA FA 220 84.71 -75.42 69.27
C ALA FA 220 85.86 -74.96 70.18
N GLY FA 221 86.85 -75.81 70.36
CA GLY FA 221 87.98 -75.56 71.28
C GLY FA 221 87.63 -75.82 72.73
N LEU FA 222 88.36 -75.22 73.66
CA LEU FA 222 88.30 -75.47 75.13
C LEU FA 222 88.18 -74.14 75.86
N ILE FA 223 87.44 -74.14 76.97
CA ILE FA 223 87.36 -73.01 77.94
C ILE FA 223 87.97 -73.53 79.25
N LEU FA 224 88.94 -72.78 79.79
CA LEU FA 224 89.70 -73.13 81.01
C LEU FA 224 88.90 -72.57 82.20
N GLY FA 225 88.15 -73.42 82.89
CA GLY FA 225 87.57 -73.08 84.20
C GLY FA 225 86.19 -72.44 84.07
N LYS FA 226 85.51 -72.36 85.21
CA LYS FA 226 84.13 -71.87 85.30
C LYS FA 226 84.11 -70.46 85.95
N SER FA 227 85.26 -69.95 86.39
CA SER FA 227 85.38 -68.67 87.15
C SER FA 227 84.91 -67.50 86.28
N GLY FA 228 85.55 -67.33 85.11
CA GLY FA 228 85.22 -66.29 84.14
C GLY FA 228 83.77 -66.38 83.72
N ILE FA 229 83.33 -67.58 83.33
CA ILE FA 229 81.94 -67.82 82.84
C ILE FA 229 80.95 -67.35 83.90
N ARG FA 230 81.18 -67.79 85.16
CA ARG FA 230 80.29 -67.50 86.32
C ARG FA 230 80.18 -65.99 86.51
N ARG FA 231 81.33 -65.31 86.56
N ARG FA 231 81.33 -65.31 86.56
CA ARG FA 231 81.43 -63.84 86.77
CA ARG FA 231 81.42 -63.84 86.78
C ARG FA 231 80.67 -63.10 85.66
C ARG FA 231 80.67 -63.10 85.66
N ALA FA 232 80.79 -63.58 84.42
CA ALA FA 232 80.15 -62.99 83.22
C ALA FA 232 78.63 -63.17 83.30
N TYR FA 233 78.15 -64.33 83.74
CA TYR FA 233 76.70 -64.64 83.85
C TYR FA 233 76.11 -63.95 85.10
N GLU FA 234 76.93 -63.68 86.10
CA GLU FA 234 76.50 -63.02 87.36
C GLU FA 234 76.27 -61.53 87.10
N THR FA 235 77.23 -60.89 86.42
CA THR FA 235 77.43 -59.42 86.42
C THR FA 235 77.35 -58.82 85.01
N GLY FA 236 77.48 -59.64 83.97
CA GLY FA 236 77.49 -59.18 82.56
C GLY FA 236 78.90 -58.89 82.08
N ARG FA 237 79.87 -58.93 82.97
CA ARG FA 237 81.31 -58.71 82.64
C ARG FA 237 82.14 -59.84 83.26
N GLY FA 238 83.06 -60.39 82.46
CA GLY FA 238 83.96 -61.47 82.86
C GLY FA 238 84.92 -61.80 81.74
N SER FA 239 86.11 -62.26 82.07
CA SER FA 239 87.08 -62.74 81.03
C SER FA 239 87.02 -64.26 80.99
N ILE FA 240 86.88 -64.82 79.80
CA ILE FA 240 86.77 -66.29 79.54
C ILE FA 240 88.00 -66.70 78.74
N GLN FA 241 88.81 -67.63 79.26
CA GLN FA 241 90.07 -68.09 78.62
C GLN FA 241 89.73 -69.21 77.64
N MET FA 242 89.90 -68.98 76.34
CA MET FA 242 89.71 -69.98 75.26
C MET FA 242 91.05 -70.62 74.93
N ARG FA 243 91.06 -71.90 74.55
CA ARG FA 243 92.29 -72.61 74.18
C ARG FA 243 92.04 -73.56 73.00
N SER FA 244 92.93 -73.53 72.00
CA SER FA 244 93.00 -74.51 70.87
C SER FA 244 92.96 -75.93 71.40
N ARG FA 245 92.30 -76.83 70.68
CA ARG FA 245 92.38 -78.30 70.95
C ARG FA 245 93.62 -78.82 70.24
N ALA FA 246 94.66 -79.13 71.02
CA ALA FA 246 95.96 -79.65 70.51
C ALA FA 246 96.30 -80.96 71.21
N VAL FA 247 96.90 -81.89 70.47
CA VAL FA 247 97.45 -83.16 71.03
C VAL FA 247 98.89 -83.33 70.55
N ILE FA 248 99.65 -84.13 71.29
CA ILE FA 248 101.04 -84.55 70.91
C ILE FA 248 100.96 -86.01 70.44
N GLU FA 249 101.52 -86.31 69.26
CA GLU FA 249 101.43 -87.66 68.66
C GLU FA 249 102.75 -88.01 67.97
N GLU FA 250 103.12 -89.31 67.97
CA GLU FA 250 104.25 -89.92 67.21
C GLU FA 250 104.11 -89.60 65.72
N ARG FA 251 105.19 -89.23 65.03
CA ARG FA 251 105.19 -88.94 63.58
C ARG FA 251 106.12 -89.93 62.86
N GLY FA 252 106.67 -90.91 63.60
CA GLY FA 252 107.61 -91.92 63.09
C GLY FA 252 109.05 -91.51 63.36
N GLY FA 253 109.93 -92.51 63.46
CA GLY FA 253 111.36 -92.37 63.81
C GLY FA 253 111.53 -91.89 65.24
N GLY FA 254 110.56 -92.11 66.12
CA GLY FA 254 110.61 -91.67 67.53
C GLY FA 254 110.50 -90.16 67.68
N ARG FA 255 110.26 -89.44 66.58
CA ARG FA 255 110.03 -87.97 66.58
C ARG FA 255 108.53 -87.72 66.74
N GLN FA 256 108.16 -86.69 67.50
CA GLN FA 256 106.75 -86.32 67.78
C GLN FA 256 106.33 -85.12 66.94
N ARG FA 257 105.06 -84.72 67.10
CA ARG FA 257 104.50 -83.46 66.55
C ARG FA 257 103.29 -83.03 67.37
N ILE FA 258 103.00 -81.73 67.37
CA ILE FA 258 101.80 -81.10 67.98
C ILE FA 258 100.79 -80.93 66.84
N VAL FA 259 99.57 -81.44 67.01
CA VAL FA 259 98.49 -81.27 66.00
C VAL FA 259 97.38 -80.44 66.64
N VAL FA 260 97.04 -79.32 66.00
CA VAL FA 260 95.95 -78.40 66.44
C VAL FA 260 94.79 -78.59 65.46
N THR FA 261 93.61 -78.95 65.98
CA THR FA 261 92.41 -79.31 65.18
C THR FA 261 91.27 -78.32 65.41
N GLU FA 262 91.30 -77.55 66.50
CA GLU FA 262 90.30 -76.50 66.82
C GLU FA 262 91.06 -75.26 67.30
N ILE FA 263 90.72 -74.07 66.79
CA ILE FA 263 91.34 -72.78 67.27
C ILE FA 263 90.32 -71.94 68.02
N PRO FA 264 90.77 -70.94 68.81
CA PRO FA 264 89.85 -70.10 69.57
C PRO FA 264 88.99 -69.25 68.62
N PHE FA 265 87.84 -68.84 69.14
CA PHE FA 265 86.79 -68.06 68.42
C PHE FA 265 87.37 -66.74 67.95
N GLN FA 266 87.06 -66.36 66.70
CA GLN FA 266 87.43 -65.06 66.09
C GLN FA 266 88.95 -64.90 65.97
N VAL FA 267 89.72 -65.99 66.16
CA VAL FA 267 91.19 -65.99 65.87
C VAL FA 267 91.40 -66.35 64.40
N ASN FA 268 92.23 -65.57 63.71
CA ASN FA 268 92.54 -65.70 62.26
C ASN FA 268 93.61 -66.79 62.10
N LYS FA 269 93.26 -67.90 61.43
CA LYS FA 269 94.17 -69.07 61.32
C LYS FA 269 95.48 -68.62 60.67
N ALA FA 270 95.40 -67.96 59.53
CA ALA FA 270 96.59 -67.56 58.73
C ALA FA 270 97.52 -66.72 59.58
N ARG FA 271 96.96 -65.72 60.29
N ARG FA 271 96.95 -65.74 60.30
CA ARG FA 271 97.69 -64.76 61.15
CA ARG FA 271 97.68 -64.77 61.15
C ARG FA 271 98.34 -65.53 62.33
C ARG FA 271 98.33 -65.52 62.33
N MET FA 272 97.57 -66.42 62.98
CA MET FA 272 98.06 -67.21 64.13
C MET FA 272 99.29 -68.05 63.73
N ILE FA 273 99.27 -68.69 62.57
CA ILE FA 273 100.39 -69.51 62.03
C ILE FA 273 101.61 -68.59 61.82
N GLU FA 274 101.39 -67.42 61.22
CA GLU FA 274 102.45 -66.42 60.93
C GLU FA 274 103.11 -65.99 62.24
N LYS FA 275 102.35 -65.76 63.31
CA LYS FA 275 102.93 -65.44 64.66
C LYS FA 275 103.87 -66.56 65.10
N ILE FA 276 103.51 -67.82 64.88
CA ILE FA 276 104.31 -69.01 65.31
C ILE FA 276 105.59 -69.06 64.46
N ALA FA 277 105.46 -68.92 63.15
CA ALA FA 277 106.61 -68.91 62.20
C ALA FA 277 107.57 -67.77 62.59
N GLU FA 278 107.00 -66.64 62.99
CA GLU FA 278 107.75 -65.41 63.37
C GLU FA 278 108.50 -65.64 64.68
N LEU FA 279 107.91 -66.34 65.65
CA LEU FA 279 108.60 -66.71 66.92
C LEU FA 279 109.79 -67.62 66.60
N VAL FA 280 109.63 -68.55 65.66
CA VAL FA 280 110.68 -69.51 65.24
C VAL FA 280 111.78 -68.74 64.47
N ARG FA 281 111.40 -67.94 63.46
CA ARG FA 281 112.33 -67.06 62.68
C ARG FA 281 113.19 -66.26 63.66
N ASP FA 282 112.60 -65.69 64.71
CA ASP FA 282 113.24 -64.75 65.68
C ASP FA 282 113.81 -65.53 66.88
N LYS FA 283 113.99 -66.85 66.76
CA LYS FA 283 114.50 -67.78 67.81
C LYS FA 283 113.95 -67.42 69.21
N LYS FA 284 112.65 -67.04 69.32
CA LYS FA 284 111.98 -66.65 70.60
C LYS FA 284 111.24 -67.86 71.21
N ILE FA 285 111.19 -69.00 70.51
CA ILE FA 285 110.70 -70.33 70.98
C ILE FA 285 111.58 -71.41 70.35
N ASP FA 286 111.99 -72.40 71.15
CA ASP FA 286 113.06 -73.38 70.77
C ASP FA 286 112.41 -74.76 70.60
N GLY FA 287 112.71 -75.48 69.53
CA GLY FA 287 112.34 -76.90 69.35
C GLY FA 287 111.48 -77.19 68.12
N ILE FA 288 111.03 -76.18 67.38
CA ILE FA 288 110.06 -76.36 66.27
C ILE FA 288 110.82 -76.46 64.95
N THR FA 289 110.71 -77.61 64.27
CA THR FA 289 111.49 -77.97 63.06
C THR FA 289 110.67 -77.75 61.79
N ASP FA 290 109.35 -77.70 61.88
CA ASP FA 290 108.47 -77.42 60.73
C ASP FA 290 107.10 -76.98 61.24
N LEU FA 291 106.35 -76.31 60.37
CA LEU FA 291 105.03 -75.71 60.66
C LEU FA 291 104.23 -75.75 59.36
N ARG FA 292 103.21 -76.61 59.29
CA ARG FA 292 102.36 -76.78 58.08
C ARG FA 292 100.89 -76.58 58.46
N ASP FA 293 100.10 -76.05 57.55
CA ASP FA 293 98.62 -75.96 57.68
C ASP FA 293 98.03 -77.01 56.73
N GLU FA 294 97.77 -78.21 57.25
CA GLU FA 294 97.19 -79.34 56.49
C GLU FA 294 95.65 -79.26 56.55
N THR FA 295 95.09 -78.10 56.88
CA THR FA 295 93.62 -77.89 56.83
C THR FA 295 93.15 -78.18 55.41
N SER FA 296 91.99 -78.81 55.30
CA SER FA 296 91.19 -78.99 54.07
C SER FA 296 89.72 -79.16 54.48
N LEU FA 297 88.79 -78.95 53.57
CA LEU FA 297 87.34 -79.10 53.86
C LEU FA 297 87.05 -80.58 54.19
N ARG FA 298 87.79 -81.50 53.59
CA ARG FA 298 87.66 -82.97 53.81
C ARG FA 298 88.22 -83.33 55.20
N THR FA 299 89.44 -82.93 55.53
CA THR FA 299 90.16 -83.25 56.80
C THR FA 299 89.65 -82.43 58.00
N GLY FA 300 89.08 -81.24 57.78
CA GLY FA 300 88.83 -80.23 58.81
C GLY FA 300 90.10 -79.46 59.16
N VAL FA 301 90.08 -78.70 60.26
CA VAL FA 301 91.25 -77.86 60.70
C VAL FA 301 92.36 -78.79 61.16
N ARG FA 302 93.58 -78.58 60.67
CA ARG FA 302 94.75 -79.42 61.01
C ARG FA 302 96.02 -78.61 60.80
N VAL FA 303 96.53 -78.02 61.87
CA VAL FA 303 97.82 -77.27 61.88
C VAL FA 303 98.85 -78.17 62.56
N VAL FA 304 99.91 -78.52 61.85
CA VAL FA 304 100.94 -79.49 62.31
C VAL FA 304 102.22 -78.71 62.65
N ILE FA 305 102.77 -78.97 63.83
CA ILE FA 305 104.03 -78.38 64.34
C ILE FA 305 104.98 -79.54 64.66
N ASP FA 306 106.00 -79.76 63.82
CA ASP FA 306 106.99 -80.84 64.00
C ASP FA 306 108.00 -80.39 65.07
N VAL FA 307 108.34 -81.30 66.00
CA VAL FA 307 109.22 -81.04 67.17
C VAL FA 307 110.52 -81.81 66.99
N ARG FA 308 111.69 -81.16 67.20
CA ARG FA 308 113.04 -81.74 67.07
C ARG FA 308 113.16 -83.01 67.94
N LYS FA 309 113.94 -84.01 67.45
CA LYS FA 309 113.96 -85.36 68.08
C LYS FA 309 114.52 -85.19 69.50
N ASP FA 310 113.78 -85.75 70.45
CA ASP FA 310 114.16 -85.73 71.90
C ASP FA 310 114.21 -84.27 72.42
N ALA FA 311 113.45 -83.36 71.80
CA ALA FA 311 112.95 -82.13 72.46
C ALA FA 311 111.57 -82.40 73.07
N ASN FA 312 111.24 -81.77 74.19
CA ASN FA 312 109.98 -82.01 74.94
C ASN FA 312 108.83 -81.25 74.26
N ALA FA 313 107.83 -81.95 73.75
CA ALA FA 313 106.71 -81.37 72.99
C ALA FA 313 105.73 -80.64 73.92
N SER FA 314 105.55 -81.11 75.16
CA SER FA 314 104.59 -80.54 76.15
C SER FA 314 105.07 -79.13 76.55
N VAL FA 315 106.39 -78.94 76.66
CA VAL FA 315 107.02 -77.64 77.00
C VAL FA 315 106.79 -76.67 75.84
N ILE FA 316 107.01 -77.14 74.61
CA ILE FA 316 106.79 -76.30 73.39
C ILE FA 316 105.30 -75.90 73.34
N LEU FA 317 104.39 -76.81 73.65
CA LEU FA 317 102.93 -76.50 73.62
C LEU FA 317 102.61 -75.43 74.68
N ASN FA 318 103.14 -75.56 75.91
CA ASN FA 318 102.86 -74.57 76.98
C ASN FA 318 103.41 -73.20 76.56
N ASN FA 319 104.58 -73.17 75.92
CA ASN FA 319 105.19 -71.91 75.44
C ASN FA 319 104.28 -71.29 74.38
N LEU FA 320 103.78 -72.11 73.43
CA LEU FA 320 102.93 -71.62 72.32
C LEU FA 320 101.67 -70.96 72.90
N TYR FA 321 101.11 -71.52 73.97
CA TYR FA 321 99.89 -70.94 74.59
C TYR FA 321 100.22 -69.56 75.15
N LYS FA 322 101.35 -69.44 75.85
CA LYS FA 322 101.78 -68.18 76.51
C LYS FA 322 102.07 -67.12 75.44
N GLN FA 323 102.60 -67.52 74.29
CA GLN FA 323 103.25 -66.58 73.35
C GLN FA 323 102.43 -66.35 72.07
N THR FA 324 101.34 -67.07 71.82
CA THR FA 324 100.53 -66.92 70.58
C THR FA 324 99.04 -66.89 70.88
N PRO FA 325 98.20 -66.53 69.88
CA PRO FA 325 96.74 -66.61 69.99
C PRO FA 325 96.18 -68.05 70.07
N LEU FA 326 97.05 -69.07 70.07
CA LEU FA 326 96.66 -70.50 70.30
C LEU FA 326 95.87 -70.60 71.61
N GLN FA 327 96.12 -69.72 72.58
CA GLN FA 327 95.23 -69.39 73.73
C GLN FA 327 94.88 -67.91 73.63
N THR FA 328 93.61 -67.55 73.71
CA THR FA 328 93.08 -66.16 73.64
C THR FA 328 92.00 -66.00 74.70
N SER FA 329 91.82 -64.80 75.24
CA SER FA 329 90.71 -64.44 76.17
C SER FA 329 89.51 -63.93 75.36
N PHE FA 330 88.29 -64.25 75.75
CA PHE FA 330 87.04 -63.61 75.23
C PHE FA 330 86.50 -62.66 76.31
N GLY FA 331 86.57 -61.36 76.09
CA GLY FA 331 86.14 -60.36 77.09
C GLY FA 331 84.64 -60.09 77.08
N VAL FA 332 83.87 -60.82 77.88
CA VAL FA 332 82.38 -60.69 77.95
C VAL FA 332 82.00 -59.29 78.49
N ASN FA 333 81.12 -58.60 77.77
CA ASN FA 333 80.58 -57.26 78.11
C ASN FA 333 79.13 -57.23 77.58
N MET FA 334 78.19 -57.78 78.36
CA MET FA 334 76.82 -58.10 77.89
C MET FA 334 75.92 -56.86 77.94
N ILE FA 335 76.12 -55.98 76.97
CA ILE FA 335 75.31 -54.74 76.78
C ILE FA 335 74.44 -54.92 75.52
N ALA FA 336 73.11 -54.82 75.72
CA ALA FA 336 72.10 -54.80 74.66
C ALA FA 336 71.05 -53.74 74.96
N LEU FA 337 70.17 -53.44 74.00
CA LEU FA 337 69.07 -52.46 74.12
C LEU FA 337 67.86 -53.14 74.79
N VAL FA 338 67.42 -52.59 75.92
CA VAL FA 338 66.22 -53.01 76.70
C VAL FA 338 65.29 -51.79 76.77
N ASN FA 339 64.06 -51.91 76.25
CA ASN FA 339 63.10 -50.79 76.06
C ASN FA 339 63.87 -49.63 75.40
N GLY FA 340 64.64 -49.92 74.36
CA GLY FA 340 65.36 -48.94 73.52
C GLY FA 340 66.54 -48.25 74.18
N ARG FA 341 66.98 -48.71 75.36
CA ARG FA 341 68.14 -48.11 76.10
C ARG FA 341 69.20 -49.17 76.35
N PRO FA 342 70.51 -48.83 76.27
CA PRO FA 342 71.57 -49.80 76.51
C PRO FA 342 71.61 -50.14 77.99
N LYS FA 343 71.60 -51.44 78.31
CA LYS FA 343 71.68 -51.96 79.71
C LYS FA 343 72.75 -53.05 79.75
N LEU FA 344 73.63 -53.02 80.75
CA LEU FA 344 74.50 -54.17 81.11
C LEU FA 344 73.60 -55.19 81.79
N ILE FA 345 73.49 -56.39 81.23
CA ILE FA 345 72.51 -57.41 81.70
C ILE FA 345 73.29 -58.67 82.09
N ASN FA 346 72.79 -59.36 83.11
CA ASN FA 346 73.31 -60.69 83.52
C ASN FA 346 72.58 -61.74 82.67
N LEU FA 347 72.99 -63.00 82.77
CA LEU FA 347 72.37 -64.12 82.02
C LEU FA 347 70.85 -64.11 82.26
N LYS FA 348 70.41 -63.94 83.50
CA LYS FA 348 68.96 -64.07 83.84
C LYS FA 348 68.16 -62.93 83.20
N GLU FA 349 68.62 -61.68 83.26
CA GLU FA 349 67.90 -60.54 82.65
C GLU FA 349 67.69 -60.80 81.16
N ALA FA 350 68.74 -61.24 80.47
CA ALA FA 350 68.72 -61.55 79.02
C ALA FA 350 67.63 -62.59 78.71
N LEU FA 351 67.54 -63.66 79.53
CA LEU FA 351 66.58 -64.76 79.34
C LEU FA 351 65.17 -64.28 79.69
N VAL FA 352 65.04 -63.49 80.76
CA VAL FA 352 63.74 -62.94 81.22
C VAL FA 352 63.18 -62.02 80.12
N HIS FA 353 63.98 -61.08 79.61
CA HIS FA 353 63.54 -60.15 78.54
C HIS FA 353 63.10 -60.97 77.31
N TYR FA 354 63.78 -62.07 77.02
CA TYR FA 354 63.48 -62.94 75.85
C TYR FA 354 62.15 -63.65 76.07
N LEU FA 355 62.00 -64.32 77.20
CA LEU FA 355 60.76 -65.07 77.54
C LEU FA 355 59.57 -64.10 77.50
N GLU FA 356 59.75 -62.87 78.00
N GLU FA 356 59.75 -62.87 78.00
CA GLU FA 356 58.67 -61.84 78.05
CA GLU FA 356 58.71 -61.81 78.05
C GLU FA 356 58.30 -61.46 76.60
C GLU FA 356 58.31 -61.46 76.61
N HIS FA 357 59.30 -61.37 75.72
CA HIS FA 357 59.09 -61.07 74.28
C HIS FA 357 58.24 -62.18 73.64
N GLN FA 358 58.50 -63.43 74.03
CA GLN FA 358 57.79 -64.61 73.45
C GLN FA 358 56.33 -64.59 73.93
N LYS FA 359 56.10 -64.36 75.21
CA LYS FA 359 54.74 -64.28 75.78
C LYS FA 359 53.96 -63.23 74.97
N THR FA 360 54.57 -62.08 74.70
CA THR FA 360 53.94 -60.96 73.95
C THR FA 360 53.61 -61.42 72.53
N VAL FA 361 54.60 -61.99 71.82
CA VAL FA 361 54.46 -62.44 70.41
C VAL FA 361 53.33 -63.46 70.31
N VAL FA 362 53.30 -64.46 71.20
CA VAL FA 362 52.29 -65.55 71.09
C VAL FA 362 50.91 -65.01 71.47
N ARG FA 363 50.82 -64.15 72.50
CA ARG FA 363 49.53 -63.52 72.87
C ARG FA 363 48.98 -62.75 71.66
N ARG FA 364 49.79 -61.83 71.11
CA ARG FA 364 49.39 -60.96 69.97
C ARG FA 364 49.02 -61.84 68.75
N ARG FA 365 49.82 -62.87 68.47
CA ARG FA 365 49.52 -63.79 67.34
C ARG FA 365 48.12 -64.36 67.54
N THR FA 366 47.83 -64.82 68.76
CA THR FA 366 46.55 -65.49 69.12
C THR FA 366 45.41 -64.49 68.98
N GLN FA 367 45.59 -63.27 69.50
CA GLN FA 367 44.60 -62.17 69.37
C GLN FA 367 44.30 -61.93 67.87
N TYR FA 368 45.36 -61.90 67.05
CA TYR FA 368 45.27 -61.65 65.60
C TYR FA 368 44.53 -62.80 64.92
N ASN FA 369 44.92 -64.05 65.22
CA ASN FA 369 44.32 -65.25 64.60
C ASN FA 369 42.82 -65.29 64.93
N LEU FA 370 42.46 -64.93 66.16
CA LEU FA 370 41.05 -64.85 66.63
C LEU FA 370 40.29 -63.79 65.83
N ARG FA 371 40.84 -62.58 65.75
CA ARG FA 371 40.28 -61.45 64.95
C ARG FA 371 39.98 -61.96 63.53
N LYS FA 372 40.98 -62.53 62.85
CA LYS FA 372 40.88 -62.96 61.43
C LYS FA 372 39.84 -64.08 61.31
N ALA FA 373 39.87 -65.05 62.21
CA ALA FA 373 38.98 -66.23 62.21
C ALA FA 373 37.53 -65.78 62.37
N LYS FA 374 37.26 -64.84 63.28
CA LYS FA 374 35.89 -64.31 63.55
C LYS FA 374 35.38 -63.57 62.30
N ASP FA 375 36.16 -62.63 61.77
CA ASP FA 375 35.86 -61.93 60.50
C ASP FA 375 35.47 -62.95 59.41
N ARG FA 376 36.23 -64.05 59.32
CA ARG FA 376 36.07 -65.09 58.28
C ARG FA 376 34.82 -65.91 58.55
N ALA FA 377 34.59 -66.25 59.81
CA ALA FA 377 33.39 -67.02 60.27
C ALA FA 377 32.13 -66.22 59.89
N HIS FA 378 32.14 -64.91 60.16
CA HIS FA 378 31.07 -63.97 59.78
C HIS FA 378 30.81 -64.04 58.27
N ILE FA 379 31.86 -64.02 57.44
CA ILE FA 379 31.70 -64.08 55.96
C ILE FA 379 31.06 -65.42 55.58
N LEU FA 380 31.56 -66.52 56.16
CA LEU FA 380 31.09 -67.89 55.85
C LEU FA 380 29.61 -68.03 56.22
N GLU FA 381 29.17 -67.38 57.30
CA GLU FA 381 27.75 -67.35 57.73
C GLU FA 381 26.90 -66.75 56.61
N GLY FA 382 27.36 -65.64 56.02
CA GLY FA 382 26.73 -64.99 54.85
C GLY FA 382 26.67 -65.91 53.64
N LEU FA 383 27.77 -66.57 53.29
CA LEU FA 383 27.85 -67.48 52.12
C LEU FA 383 26.91 -68.67 52.32
N ARG FA 384 26.81 -69.18 53.56
CA ARG FA 384 25.92 -70.32 53.90
C ARG FA 384 24.48 -69.93 53.64
N ILE FA 385 24.02 -68.81 54.20
CA ILE FA 385 22.69 -68.20 53.93
C ILE FA 385 22.49 -68.06 52.41
N ALA FA 386 23.47 -67.59 51.67
CA ALA FA 386 23.34 -67.35 50.22
C ALA FA 386 23.17 -68.67 49.46
N LEU FA 387 23.96 -69.70 49.82
CA LEU FA 387 23.91 -71.04 49.16
C LEU FA 387 22.58 -71.72 49.51
N ASP FA 388 22.09 -71.53 50.75
CA ASP FA 388 20.86 -72.17 51.27
C ASP FA 388 19.62 -71.55 50.63
N HIS FA 389 19.65 -70.30 50.16
CA HIS FA 389 18.51 -69.62 49.47
C HIS FA 389 18.96 -69.08 48.11
N ILE FA 390 19.77 -69.86 47.37
CA ILE FA 390 20.49 -69.34 46.17
C ILE FA 390 19.50 -68.84 45.12
N ASP FA 391 18.35 -69.50 44.94
CA ASP FA 391 17.36 -69.11 43.89
C ASP FA 391 16.86 -67.68 44.16
N GLU FA 392 16.56 -67.37 45.44
CA GLU FA 392 16.07 -66.03 45.85
C GLU FA 392 17.19 -64.99 45.68
N ILE FA 393 18.42 -65.34 46.08
CA ILE FA 393 19.62 -64.44 46.02
C ILE FA 393 19.80 -63.97 44.57
N ILE FA 394 19.75 -64.90 43.61
CA ILE FA 394 19.98 -64.61 42.16
C ILE FA 394 18.95 -63.57 41.71
N SER FA 395 17.66 -63.84 41.96
CA SER FA 395 16.52 -62.96 41.55
C SER FA 395 16.72 -61.57 42.13
N THR FA 396 17.01 -61.46 43.44
CA THR FA 396 17.32 -60.19 44.15
C THR FA 396 18.39 -59.41 43.39
N ILE FA 397 19.47 -60.07 42.96
CA ILE FA 397 20.64 -59.43 42.31
C ILE FA 397 20.27 -59.05 40.88
N ARG FA 398 19.45 -59.89 40.22
CA ARG FA 398 19.07 -59.72 38.79
C ARG FA 398 18.13 -58.52 38.64
N GLU FA 399 17.15 -58.38 39.54
CA GLU FA 399 16.17 -57.26 39.53
C GLU FA 399 16.87 -55.98 40.00
N SER FA 400 18.08 -56.05 40.58
CA SER FA 400 18.89 -54.88 41.00
C SER FA 400 19.58 -54.25 39.79
N ASP FA 401 19.53 -52.94 39.68
CA ASP FA 401 19.97 -52.15 38.50
C ASP FA 401 21.50 -51.99 38.58
N THR FA 402 21.99 -51.63 39.77
CA THR FA 402 23.43 -51.39 40.09
C THR FA 402 23.86 -52.34 41.22
N ASP FA 403 25.17 -52.42 41.47
CA ASP FA 403 25.77 -53.19 42.59
C ASP FA 403 25.29 -52.57 43.91
N LYS FA 404 25.18 -51.23 43.99
CA LYS FA 404 24.78 -50.47 45.20
C LYS FA 404 23.37 -50.90 45.62
N VAL FA 405 22.45 -51.01 44.66
CA VAL FA 405 21.02 -51.41 44.89
C VAL FA 405 21.00 -52.86 45.39
N ALA FA 406 21.74 -53.76 44.71
CA ALA FA 406 21.86 -55.20 45.05
C ALA FA 406 22.34 -55.36 46.50
N MET FA 407 23.36 -54.60 46.89
N MET FA 407 23.35 -54.58 46.90
CA MET FA 407 23.93 -54.58 48.28
CA MET FA 407 23.91 -54.56 48.28
C MET FA 407 22.81 -54.25 49.29
C MET FA 407 22.81 -54.25 49.29
N GLU FA 408 22.01 -53.22 49.02
N GLU FA 408 22.02 -53.20 49.03
CA GLU FA 408 20.94 -52.73 49.92
CA GLU FA 408 20.91 -52.71 49.91
C GLU FA 408 19.84 -53.81 50.01
C GLU FA 408 19.84 -53.81 50.02
N SER FA 409 19.41 -54.34 48.86
CA SER FA 409 18.36 -55.38 48.72
C SER FA 409 18.76 -56.65 49.48
N LEU FA 410 20.01 -57.09 49.35
CA LEU FA 410 20.52 -58.33 50.00
C LEU FA 410 20.52 -58.13 51.52
N GLN FA 411 20.99 -56.97 51.97
CA GLN FA 411 21.09 -56.63 53.42
C GLN FA 411 19.69 -56.62 54.04
N GLN FA 412 18.73 -55.98 53.36
CA GLN FA 412 17.33 -55.81 53.85
C GLN FA 412 16.62 -57.18 53.84
N ARG FA 413 16.68 -57.88 52.72
CA ARG FA 413 15.89 -59.13 52.46
C ARG FA 413 16.39 -60.29 53.33
N PHE FA 414 17.70 -60.37 53.62
CA PHE FA 414 18.32 -61.59 54.24
C PHE FA 414 19.03 -61.26 55.56
N LYS FA 415 18.88 -60.03 56.06
CA LYS FA 415 19.42 -59.60 57.37
C LYS FA 415 20.95 -59.81 57.37
N LEU FA 416 21.61 -59.40 56.28
CA LEU FA 416 23.09 -59.55 56.07
C LEU FA 416 23.79 -58.22 56.41
N SER FA 417 25.05 -58.30 56.87
CA SER FA 417 25.98 -57.15 57.00
C SER FA 417 26.41 -56.68 55.61
N GLU FA 418 27.02 -55.49 55.53
CA GLU FA 418 27.62 -54.93 54.29
C GLU FA 418 28.76 -55.87 53.86
N LYS FA 419 29.60 -56.32 54.81
CA LYS FA 419 30.73 -57.24 54.55
C LYS FA 419 30.21 -58.56 53.96
N GLN FA 420 29.10 -59.10 54.45
CA GLN FA 420 28.51 -60.39 53.95
C GLN FA 420 27.92 -60.20 52.56
N ALA FA 421 27.25 -59.07 52.31
CA ALA FA 421 26.60 -58.77 51.02
C ALA FA 421 27.68 -58.60 49.94
N GLN FA 422 28.78 -57.95 50.31
CA GLN FA 422 29.94 -57.70 49.40
C GLN FA 422 30.50 -59.08 49.01
N ALA FA 423 30.67 -59.96 49.99
CA ALA FA 423 31.23 -61.33 49.83
C ALA FA 423 30.37 -62.14 48.86
N ILE FA 424 29.03 -61.99 48.95
CA ILE FA 424 28.06 -62.76 48.12
C ILE FA 424 28.11 -62.24 46.67
N LEU FA 425 28.23 -60.92 46.51
CA LEU FA 425 28.33 -60.31 45.15
C LEU FA 425 29.66 -60.71 44.50
N ASP FA 426 30.69 -60.98 45.32
CA ASP FA 426 32.04 -61.34 44.84
C ASP FA 426 32.16 -62.86 44.62
N MET FA 427 31.20 -63.64 45.11
CA MET FA 427 31.18 -65.12 44.94
C MET FA 427 31.12 -65.44 43.44
N ARG FA 428 31.92 -66.40 42.97
CA ARG FA 428 31.94 -66.85 41.54
C ARG FA 428 30.94 -67.99 41.38
N LEU FA 429 30.41 -68.22 40.17
CA LEU FA 429 29.45 -69.31 39.87
C LEU FA 429 30.06 -70.68 40.19
N ARG FA 430 31.39 -70.85 40.04
CA ARG FA 430 32.07 -72.16 40.23
C ARG FA 430 31.97 -72.60 41.69
N ARG FA 431 31.53 -71.70 42.56
CA ARG FA 431 31.38 -71.95 44.03
C ARG FA 431 30.01 -72.59 44.32
N LEU FA 432 29.14 -72.78 43.32
CA LEU FA 432 27.80 -73.41 43.48
C LEU FA 432 27.85 -74.90 43.12
N THR FA 433 29.03 -75.47 42.80
CA THR FA 433 29.18 -76.92 42.53
C THR FA 433 29.06 -77.68 43.86
N GLY FA 434 28.91 -79.01 43.80
CA GLY FA 434 28.67 -79.90 44.94
C GLY FA 434 29.82 -79.93 45.93
N LEU FA 435 31.05 -80.09 45.46
CA LEU FA 435 32.25 -80.19 46.35
C LEU FA 435 32.46 -78.85 47.08
N GLU FA 436 32.11 -77.73 46.46
CA GLU FA 436 32.42 -76.36 46.95
C GLU FA 436 31.48 -76.00 48.11
N ARG FA 437 30.22 -76.45 48.10
CA ARG FA 437 29.26 -76.16 49.21
C ARG FA 437 29.75 -76.92 50.45
N ASP FA 438 30.30 -78.13 50.28
CA ASP FA 438 30.76 -79.01 51.35
C ASP FA 438 32.03 -78.40 51.97
N LYS FA 439 32.94 -77.93 51.12
CA LYS FA 439 34.22 -77.26 51.47
C LYS FA 439 33.94 -76.04 52.34
N ILE FA 440 32.87 -75.28 52.07
CA ILE FA 440 32.51 -74.04 52.84
C ILE FA 440 32.05 -74.48 54.23
N GLU FA 441 31.27 -75.56 54.34
CA GLU FA 441 30.71 -75.94 55.64
C GLU FA 441 31.80 -76.63 56.48
N ALA FA 442 32.69 -77.36 55.83
CA ALA FA 442 33.89 -77.97 56.45
C ALA FA 442 34.73 -76.88 57.11
N GLU FA 443 35.08 -75.83 56.36
CA GLU FA 443 35.91 -74.69 56.82
C GLU FA 443 35.20 -73.99 57.97
N TYR FA 444 33.87 -73.87 57.91
CA TYR FA 444 33.09 -73.11 58.92
C TYR FA 444 33.10 -73.85 60.27
N ASN FA 445 33.01 -75.18 60.24
CA ASN FA 445 32.95 -76.03 61.46
C ASN FA 445 34.32 -76.03 62.15
N GLU FA 446 35.40 -76.20 61.37
CA GLU FA 446 36.80 -76.15 61.88
C GLU FA 446 37.07 -74.78 62.49
N LEU FA 447 36.57 -73.72 61.87
CA LEU FA 447 36.76 -72.31 62.32
C LEU FA 447 36.15 -72.13 63.71
N LEU FA 448 34.97 -72.71 63.96
CA LEU FA 448 34.29 -72.58 65.27
C LEU FA 448 35.11 -73.28 66.36
N ASN FA 449 35.68 -74.46 66.08
CA ASN FA 449 36.58 -75.17 67.02
C ASN FA 449 37.81 -74.31 67.28
N TYR FA 450 38.44 -73.79 66.22
CA TYR FA 450 39.66 -72.94 66.28
C TYR FA 450 39.38 -71.70 67.12
N ILE FA 451 38.24 -71.04 66.92
CA ILE FA 451 37.90 -69.79 67.67
C ILE FA 451 37.86 -70.14 69.16
N SER FA 452 37.30 -71.30 69.50
CA SER FA 452 37.17 -71.79 70.91
C SER FA 452 38.55 -72.09 71.51
N GLU FA 453 39.43 -72.74 70.73
N GLU FA 453 39.43 -72.74 70.74
CA GLU FA 453 40.82 -73.08 71.14
CA GLU FA 453 40.82 -73.08 71.18
C GLU FA 453 41.58 -71.78 71.43
C GLU FA 453 41.59 -71.78 71.44
N LEU FA 454 41.41 -70.77 70.59
CA LEU FA 454 42.12 -69.46 70.72
C LEU FA 454 41.64 -68.74 71.99
N GLU FA 455 40.34 -68.81 72.29
CA GLU FA 455 39.74 -68.09 73.44
C GLU FA 455 40.23 -68.71 74.74
N THR FA 456 40.40 -70.04 74.76
CA THR FA 456 40.98 -70.81 75.91
C THR FA 456 42.37 -70.24 76.25
N ILE FA 457 43.18 -69.96 75.22
CA ILE FA 457 44.57 -69.47 75.36
C ILE FA 457 44.55 -68.04 75.94
N LEU FA 458 43.66 -67.19 75.44
CA LEU FA 458 43.61 -65.77 75.89
C LEU FA 458 43.02 -65.70 77.30
N ALA FA 459 42.17 -66.66 77.68
CA ALA FA 459 41.47 -66.69 78.98
C ALA FA 459 42.44 -67.05 80.11
N ASP FA 460 43.34 -68.02 79.88
CA ASP FA 460 44.22 -68.60 80.93
C ASP FA 460 45.69 -68.39 80.56
N GLU FA 461 46.38 -67.44 81.23
CA GLU FA 461 47.82 -67.14 81.05
C GLU FA 461 48.68 -68.42 81.16
N GLU FA 462 48.25 -69.38 81.99
CA GLU FA 462 49.02 -70.63 82.18
C GLU FA 462 48.96 -71.46 80.89
N VAL FA 463 47.81 -71.46 80.20
CA VAL FA 463 47.61 -72.17 78.90
C VAL FA 463 48.57 -71.55 77.86
N LEU FA 464 48.62 -70.22 77.81
N LEU FA 464 48.62 -70.22 77.81
CA LEU FA 464 49.43 -69.42 76.85
CA LEU FA 464 49.43 -69.43 76.85
C LEU FA 464 50.91 -69.72 77.08
C LEU FA 464 50.91 -69.72 77.08
N LEU FA 465 51.37 -69.60 78.33
CA LEU FA 465 52.79 -69.86 78.73
C LEU FA 465 53.20 -71.28 78.30
N GLN FA 466 52.28 -72.24 78.42
CA GLN FA 466 52.53 -73.67 78.07
C GLN FA 466 52.68 -73.78 76.55
N LEU FA 467 51.91 -73.00 75.79
CA LEU FA 467 52.03 -72.89 74.31
C LEU FA 467 53.45 -72.39 73.98
N VAL FA 468 53.94 -71.35 74.67
CA VAL FA 468 55.33 -70.82 74.48
C VAL FA 468 56.31 -71.97 74.74
N ARG FA 469 56.17 -72.66 75.86
CA ARG FA 469 57.06 -73.78 76.28
C ARG FA 469 57.07 -74.85 75.19
N ASP FA 470 55.90 -75.21 74.68
CA ASP FA 470 55.71 -76.32 73.71
C ASP FA 470 56.37 -75.94 72.38
N GLU FA 471 56.22 -74.70 71.92
CA GLU FA 471 56.76 -74.22 70.62
C GLU FA 471 58.28 -74.09 70.72
N LEU FA 472 58.82 -73.63 71.86
CA LEU FA 472 60.28 -73.59 72.11
C LEU FA 472 60.84 -75.00 72.06
N THR FA 473 60.15 -75.96 72.67
CA THR FA 473 60.58 -77.38 72.75
C THR FA 473 60.65 -77.99 71.33
N GLU FA 474 59.67 -77.66 70.48
N GLU FA 474 59.66 -77.68 70.47
CA GLU FA 474 59.62 -78.12 69.06
CA GLU FA 474 59.61 -78.12 69.05
C GLU FA 474 60.85 -77.59 68.32
C GLU FA 474 60.85 -77.59 68.32
N ILE FA 475 61.21 -76.32 68.57
CA ILE FA 475 62.40 -75.66 67.94
C ILE FA 475 63.66 -76.31 68.47
N ARG FA 476 63.73 -76.59 69.76
CA ARG FA 476 64.91 -77.22 70.39
C ARG FA 476 65.12 -78.60 69.77
N ASP FA 477 64.03 -79.34 69.51
CA ASP FA 477 64.10 -80.74 69.02
C ASP FA 477 64.51 -80.73 67.54
N ARG FA 478 64.14 -79.70 66.78
CA ARG FA 478 64.43 -79.62 65.32
C ARG FA 478 65.83 -79.00 65.07
N PHE FA 479 66.30 -78.08 65.91
CA PHE FA 479 67.49 -77.22 65.63
C PHE FA 479 68.56 -77.33 66.72
N GLY FA 480 68.20 -77.75 67.94
CA GLY FA 480 69.19 -78.07 68.99
C GLY FA 480 70.26 -79.01 68.45
N ASP FA 481 71.48 -78.91 68.96
CA ASP FA 481 72.65 -79.66 68.44
C ASP FA 481 73.65 -79.83 69.58
N ASP FA 482 74.65 -80.70 69.40
CA ASP FA 482 75.65 -81.01 70.46
C ASP FA 482 76.52 -79.78 70.72
N ARG FA 483 76.94 -79.66 71.98
CA ARG FA 483 78.01 -78.73 72.41
C ARG FA 483 79.25 -79.01 71.56
N ARG FA 484 80.04 -77.97 71.26
CA ARG FA 484 81.33 -78.09 70.53
C ARG FA 484 82.47 -77.70 71.46
N THR FA 485 82.30 -76.64 72.23
CA THR FA 485 83.37 -76.11 73.10
C THR FA 485 83.36 -76.90 74.41
N GLU FA 486 84.44 -77.63 74.72
CA GLU FA 486 84.63 -78.32 76.03
C GLU FA 486 84.97 -77.28 77.10
N ILE FA 487 84.27 -77.29 78.22
CA ILE FA 487 84.59 -76.47 79.43
C ILE FA 487 85.28 -77.37 80.43
N GLN FA 488 86.60 -77.21 80.62
CA GLN FA 488 87.44 -78.03 81.54
C GLN FA 488 87.47 -77.44 82.94
N LEU FA 489 86.98 -78.18 83.95
CA LEU FA 489 87.10 -77.85 85.39
C LEU FA 489 88.57 -78.00 85.80
N GLY FA 490 89.01 -77.29 86.84
CA GLY FA 490 90.42 -77.13 87.22
C GLY FA 490 90.84 -75.67 87.23
N LYS GA 1 100.66 -62.13 46.63
CA LYS GA 1 99.34 -62.69 46.21
C LYS GA 1 99.39 -64.22 46.09
N LEU GA 2 100.59 -64.82 46.09
CA LEU GA 2 100.82 -66.28 45.88
C LEU GA 2 100.55 -67.05 47.18
N ALA GA 3 99.71 -68.08 47.15
CA ALA GA 3 99.51 -69.05 48.25
C ALA GA 3 100.23 -70.34 47.87
N ASP GA 4 101.51 -70.47 48.28
CA ASP GA 4 102.40 -71.57 47.83
C ASP GA 4 102.02 -72.86 48.57
N CYS GA 5 102.41 -74.03 48.00
CA CYS GA 5 102.22 -75.38 48.59
C CYS GA 5 103.42 -75.71 49.48
N SER GA 6 103.26 -76.69 50.40
CA SER GA 6 104.26 -77.09 51.43
C SER GA 6 105.44 -77.81 50.78
N SER GA 7 105.19 -78.78 49.91
CA SER GA 7 106.21 -79.58 49.19
C SER GA 7 107.14 -78.64 48.41
N LYS GA 8 108.45 -78.90 48.48
CA LYS GA 8 109.48 -78.17 47.69
C LYS GA 8 110.06 -79.14 46.64
N SER GA 9 109.30 -80.17 46.22
CA SER GA 9 109.63 -81.10 45.11
C SER GA 9 108.86 -80.72 43.84
N PRO GA 10 109.40 -79.84 42.97
CA PRO GA 10 108.71 -79.41 41.75
C PRO GA 10 108.01 -80.49 40.90
N GLU GA 11 108.55 -81.71 40.87
N GLU GA 11 108.58 -81.69 40.84
CA GLU GA 11 108.07 -82.83 40.01
CA GLU GA 11 108.08 -82.82 40.02
C GLU GA 11 106.61 -83.18 40.37
C GLU GA 11 106.59 -83.09 40.36
N GLU GA 12 106.19 -82.94 41.63
CA GLU GA 12 104.84 -83.31 42.15
C GLU GA 12 104.01 -82.06 42.54
N CYS GA 13 104.56 -80.87 42.34
CA CYS GA 13 103.90 -79.57 42.65
C CYS GA 13 103.20 -79.04 41.40
N GLU GA 14 102.13 -78.27 41.60
CA GLU GA 14 101.35 -77.59 40.52
C GLU GA 14 100.87 -76.23 41.04
N ILE GA 15 100.87 -75.22 40.17
CA ILE GA 15 100.40 -73.82 40.43
C ILE GA 15 99.16 -73.54 39.58
N PHE GA 16 98.10 -72.99 40.20
CA PHE GA 16 96.82 -72.63 39.55
C PHE GA 16 96.76 -71.10 39.42
N LEU GA 17 96.63 -70.61 38.18
CA LEU GA 17 96.44 -69.18 37.83
C LEU GA 17 94.93 -68.91 37.67
N VAL GA 18 94.39 -67.98 38.46
CA VAL GA 18 92.92 -67.69 38.56
C VAL GA 18 92.71 -66.17 38.39
N GLU GA 19 91.49 -65.73 38.03
N GLU GA 19 91.50 -65.74 38.03
CA GLU GA 19 91.18 -64.38 37.48
CA GLU GA 19 91.20 -64.38 37.48
C GLU GA 19 91.21 -63.29 38.55
C GLU GA 19 91.27 -63.30 38.57
N GLY GA 20 90.88 -63.63 39.81
CA GLY GA 20 90.89 -62.64 40.91
C GLY GA 20 90.84 -63.30 42.28
N ASP GA 21 90.75 -62.48 43.33
CA ASP GA 21 90.62 -62.93 44.75
C ASP GA 21 89.29 -63.66 44.95
N SER GA 22 88.26 -63.35 44.13
CA SER GA 22 86.98 -64.08 44.07
C SER GA 22 87.27 -65.57 43.94
N ALA GA 23 87.89 -65.98 42.84
CA ALA GA 23 88.27 -67.38 42.53
C ALA GA 23 89.42 -67.80 43.44
N GLY GA 24 90.38 -66.90 43.69
CA GLY GA 24 91.52 -67.13 44.61
C GLY GA 24 91.10 -67.82 45.90
N GLY GA 25 90.13 -67.25 46.61
CA GLY GA 25 89.69 -67.71 47.94
C GLY GA 25 89.03 -69.07 47.86
N SER GA 26 88.09 -69.25 46.93
CA SER GA 26 87.34 -70.51 46.68
C SER GA 26 88.34 -71.64 46.41
N THR GA 27 89.37 -71.33 45.62
CA THR GA 27 90.46 -72.24 45.18
C THR GA 27 91.34 -72.61 46.38
N LYS GA 28 91.79 -71.62 47.15
CA LYS GA 28 92.68 -71.81 48.33
C LYS GA 28 92.01 -72.74 49.36
N SER GA 29 90.68 -72.69 49.47
CA SER GA 29 89.90 -73.58 50.38
C SER GA 29 89.87 -75.01 49.80
N GLY GA 30 89.60 -75.13 48.49
CA GLY GA 30 89.39 -76.40 47.78
C GLY GA 30 90.67 -77.23 47.68
N ARG GA 31 91.81 -76.56 47.55
CA ARG GA 31 93.10 -77.16 47.08
C ARG GA 31 93.66 -78.15 48.11
N ASP GA 32 94.53 -79.06 47.63
CA ASP GA 32 95.48 -79.84 48.45
C ASP GA 32 96.74 -78.98 48.67
N SER GA 33 96.81 -78.26 49.78
CA SER GA 33 97.87 -77.24 50.06
C SER GA 33 99.24 -77.90 50.20
N ARG GA 34 99.32 -79.24 50.16
CA ARG GA 34 100.61 -79.98 50.16
C ARG GA 34 101.31 -79.83 48.80
N THR GA 35 100.57 -79.85 47.68
CA THR GA 35 101.12 -79.93 46.29
C THR GA 35 100.52 -78.87 45.34
N GLN GA 36 99.51 -78.10 45.76
CA GLN GA 36 98.78 -77.17 44.86
C GLN GA 36 98.96 -75.73 45.34
N ALA GA 37 99.68 -74.91 44.59
CA ALA GA 37 99.87 -73.46 44.84
C ALA GA 37 98.80 -72.69 44.05
N ILE GA 38 98.52 -71.45 44.46
CA ILE GA 38 97.53 -70.57 43.77
C ILE GA 38 98.10 -69.16 43.62
N LEU GA 39 98.11 -68.64 42.39
CA LEU GA 39 98.46 -67.23 42.08
C LEU GA 39 97.22 -66.57 41.48
N PRO GA 40 96.46 -65.78 42.28
CA PRO GA 40 95.34 -65.01 41.74
C PRO GA 40 95.92 -63.80 41.04
N LEU GA 41 95.54 -63.61 39.77
CA LEU GA 41 95.91 -62.42 38.94
C LEU GA 41 94.92 -61.28 39.23
N ARG GA 42 95.09 -60.14 38.59
CA ARG GA 42 94.26 -58.93 38.79
C ARG GA 42 93.65 -58.54 37.44
N GLY GA 43 92.77 -59.41 36.93
CA GLY GA 43 91.97 -59.16 35.71
C GLY GA 43 92.82 -59.28 34.46
N LYS GA 44 92.43 -58.58 33.39
CA LYS GA 44 93.15 -58.60 32.09
C LYS GA 44 94.64 -58.36 32.38
N ILE GA 45 95.50 -59.21 31.83
CA ILE GA 45 96.98 -59.09 31.97
C ILE GA 45 97.48 -58.40 30.70
N LEU GA 46 98.69 -57.85 30.73
CA LEU GA 46 99.29 -57.09 29.60
C LEU GA 46 99.39 -58.01 28.37
N ASN GA 47 98.97 -57.52 27.19
CA ASN GA 47 99.20 -58.20 25.90
C ASN GA 47 100.66 -57.95 25.49
N VAL GA 48 101.55 -58.92 25.76
CA VAL GA 48 103.03 -58.80 25.56
C VAL GA 48 103.36 -58.70 24.06
N GLU GA 49 102.48 -59.17 23.18
CA GLU GA 49 102.62 -59.10 21.69
C GLU GA 49 102.54 -57.64 21.21
N LYS GA 50 101.75 -56.80 21.90
CA LYS GA 50 101.54 -55.36 21.56
C LYS GA 50 102.46 -54.47 22.39
N ALA GA 51 102.75 -54.85 23.63
CA ALA GA 51 103.49 -54.01 24.61
C ALA GA 51 104.98 -54.07 24.29
N ARG GA 52 105.70 -52.97 24.59
CA ARG GA 52 107.18 -52.85 24.49
C ARG GA 52 107.80 -53.48 25.75
N LEU GA 53 109.03 -54.00 25.64
CA LEU GA 53 109.71 -54.81 26.67
C LEU GA 53 109.85 -54.03 27.99
N ASP GA 54 110.13 -52.72 27.95
CA ASP GA 54 110.18 -51.82 29.14
C ASP GA 54 108.93 -52.03 30.02
N ARG GA 55 107.75 -51.90 29.41
CA ARG GA 55 106.41 -51.99 30.08
C ARG GA 55 106.21 -53.39 30.66
N ILE GA 56 106.58 -54.42 29.87
CA ILE GA 56 106.41 -55.86 30.21
C ILE GA 56 107.14 -56.17 31.52
N LEU GA 57 108.41 -55.78 31.62
CA LEU GA 57 109.28 -56.11 32.78
C LEU GA 57 108.86 -55.30 34.01
N ASN GA 58 108.21 -54.13 33.81
CA ASN GA 58 107.74 -53.24 34.91
C ASN GA 58 106.34 -53.64 35.38
N ASN GA 59 105.59 -54.40 34.57
CA ASN GA 59 104.22 -54.91 34.90
C ASN GA 59 104.29 -55.78 36.16
N ASN GA 60 103.39 -55.53 37.13
CA ASN GA 60 103.40 -56.17 38.47
C ASN GA 60 102.88 -57.63 38.35
N GLU GA 61 101.86 -57.89 37.51
CA GLU GA 61 101.29 -59.26 37.29
C GLU GA 61 102.30 -60.15 36.54
N ILE GA 62 102.99 -59.60 35.53
CA ILE GA 62 104.07 -60.32 34.78
C ILE GA 62 105.20 -60.66 35.75
N ARG GA 63 105.60 -59.70 36.59
CA ARG GA 63 106.69 -59.88 37.59
C ARG GA 63 106.32 -61.04 38.56
N GLN GA 64 105.10 -61.05 39.10
N GLN GA 64 105.11 -61.05 39.10
CA GLN GA 64 104.67 -62.05 40.11
CA GLN GA 64 104.71 -62.04 40.12
C GLN GA 64 104.74 -63.46 39.50
C GLN GA 64 104.77 -63.45 39.50
N MET GA 65 104.39 -63.60 38.22
CA MET GA 65 104.36 -64.92 37.53
C MET GA 65 105.79 -65.42 37.32
N ILE GA 66 106.69 -64.54 36.86
CA ILE GA 66 108.13 -64.84 36.69
C ILE GA 66 108.71 -65.31 38.05
N THR GA 67 108.41 -64.57 39.13
CA THR GA 67 108.94 -64.85 40.49
C THR GA 67 108.44 -66.22 40.95
N ALA GA 68 107.16 -66.52 40.72
CA ALA GA 68 106.46 -67.74 41.19
C ALA GA 68 107.09 -68.97 40.52
N PHE GA 69 107.34 -68.91 39.21
CA PHE GA 69 107.90 -70.03 38.40
C PHE GA 69 109.40 -70.18 38.70
N GLY GA 70 110.09 -69.05 38.91
CA GLY GA 70 111.53 -68.98 39.24
C GLY GA 70 112.44 -69.47 38.13
N THR GA 71 112.01 -69.35 36.87
CA THR GA 71 112.77 -69.83 35.68
C THR GA 71 113.48 -68.67 34.97
N GLY GA 72 113.07 -67.42 35.22
CA GLY GA 72 113.50 -66.26 34.42
C GLY GA 72 112.91 -66.32 33.01
N ILE GA 73 113.33 -65.41 32.12
CA ILE GA 73 112.64 -65.21 30.80
C ILE GA 73 113.65 -65.16 29.65
N GLY GA 74 113.19 -65.52 28.45
CA GLY GA 74 113.92 -65.42 27.18
C GLY GA 74 115.15 -66.31 27.14
N GLY GA 75 116.33 -65.72 26.96
CA GLY GA 75 117.65 -66.38 26.95
C GLY GA 75 118.00 -66.99 28.31
N ASP GA 76 117.76 -66.26 29.39
CA ASP GA 76 118.10 -66.68 30.79
C ASP GA 76 117.08 -67.71 31.31
N PHE GA 77 116.05 -68.06 30.52
CA PHE GA 77 115.05 -69.10 30.92
C PHE GA 77 115.80 -70.42 31.17
N ASP GA 78 115.55 -71.03 32.33
CA ASP GA 78 116.19 -72.29 32.80
C ASP GA 78 115.10 -73.26 33.28
N LEU GA 79 114.79 -74.29 32.49
CA LEU GA 79 113.67 -75.24 32.74
C LEU GA 79 113.89 -76.00 34.07
N ALA GA 80 115.15 -76.20 34.48
CA ALA GA 80 115.52 -76.99 35.67
C ALA GA 80 115.27 -76.21 36.97
N LYS GA 81 115.23 -74.87 36.91
CA LYS GA 81 114.98 -73.98 38.08
C LYS GA 81 113.46 -73.80 38.28
N ALA GA 82 112.63 -74.46 37.46
CA ALA GA 82 111.15 -74.43 37.55
C ALA GA 82 110.72 -74.96 38.91
N ARG GA 83 109.79 -74.26 39.58
CA ARG GA 83 109.33 -74.54 40.96
C ARG GA 83 108.04 -75.39 40.93
N TYR GA 84 107.43 -75.55 39.75
CA TYR GA 84 106.22 -76.39 39.48
C TYR GA 84 106.42 -77.07 38.12
N HIS GA 85 105.96 -78.32 37.97
CA HIS GA 85 106.02 -79.10 36.69
C HIS GA 85 104.63 -79.11 36.05
N LYS GA 86 103.67 -78.42 36.67
CA LYS GA 86 102.29 -78.17 36.14
C LYS GA 86 101.91 -76.73 36.46
N ILE GA 87 101.90 -75.86 35.45
CA ILE GA 87 101.29 -74.49 35.50
C ILE GA 87 99.90 -74.60 34.88
N VAL GA 88 98.85 -74.52 35.70
CA VAL GA 88 97.43 -74.70 35.29
C VAL GA 88 96.76 -73.32 35.12
N ILE GA 89 96.33 -73.01 33.89
CA ILE GA 89 95.50 -71.82 33.56
C ILE GA 89 94.05 -72.21 33.87
N MET GA 90 93.45 -71.61 34.89
CA MET GA 90 92.07 -71.91 35.35
C MET GA 90 91.24 -70.62 35.27
N THR GA 91 90.88 -70.22 34.05
CA THR GA 91 90.02 -69.03 33.78
C THR GA 91 88.56 -69.48 33.76
N ASP GA 92 87.65 -68.52 33.98
CA ASP GA 92 86.18 -68.73 34.09
C ASP GA 92 85.69 -69.29 32.75
N ALA GA 93 84.48 -69.87 32.74
CA ALA GA 93 83.90 -70.62 31.60
C ALA GA 93 83.20 -69.67 30.61
N ASP GA 94 83.57 -68.38 30.62
CA ASP GA 94 82.90 -67.28 29.89
C ASP GA 94 83.84 -66.78 28.77
N VAL GA 95 83.49 -65.65 28.16
CA VAL GA 95 84.21 -65.08 27.00
C VAL GA 95 85.45 -64.31 27.50
N ASP GA 96 85.36 -63.63 28.65
CA ASP GA 96 86.49 -62.85 29.21
C ASP GA 96 87.52 -63.81 29.83
N GLY GA 97 87.08 -65.02 30.19
CA GLY GA 97 87.94 -66.17 30.53
C GLY GA 97 88.79 -66.54 29.34
N ALA GA 98 88.16 -66.74 28.17
CA ALA GA 98 88.84 -67.10 26.91
C ALA GA 98 89.89 -66.04 26.57
N HIS GA 99 89.59 -64.75 26.77
CA HIS GA 99 90.54 -63.63 26.49
C HIS GA 99 91.75 -63.74 27.42
N ILE GA 100 91.56 -63.90 28.73
CA ILE GA 100 92.69 -63.99 29.72
C ILE GA 100 93.51 -65.23 29.43
N ARG GA 101 92.87 -66.29 28.92
CA ARG GA 101 93.54 -67.54 28.46
C ARG GA 101 94.47 -67.22 27.29
N THR GA 102 93.99 -66.54 26.24
CA THR GA 102 94.81 -66.15 25.05
C THR GA 102 95.95 -65.20 25.49
N LEU GA 103 95.74 -64.36 26.51
CA LEU GA 103 96.72 -63.33 26.92
C LEU GA 103 97.88 -64.01 27.67
N LEU GA 104 97.56 -65.01 28.49
CA LEU GA 104 98.55 -65.80 29.28
C LEU GA 104 99.37 -66.67 28.33
N LEU GA 105 98.68 -67.39 27.41
CA LEU GA 105 99.32 -68.26 26.40
C LEU GA 105 100.30 -67.43 25.54
N THR GA 106 99.94 -66.18 25.24
CA THR GA 106 100.80 -65.26 24.45
C THR GA 106 102.06 -64.97 25.25
N PHE GA 107 101.93 -64.74 26.56
CA PHE GA 107 103.08 -64.47 27.46
C PHE GA 107 103.98 -65.71 27.54
N PHE GA 108 103.40 -66.88 27.79
CA PHE GA 108 104.15 -68.15 27.91
C PHE GA 108 104.90 -68.44 26.60
N TYR GA 109 104.26 -68.25 25.45
CA TYR GA 109 104.84 -68.61 24.13
C TYR GA 109 105.97 -67.67 23.76
N ARG GA 110 105.93 -66.40 24.18
CA ARG GA 110 106.91 -65.37 23.73
C ARG GA 110 108.08 -65.33 24.73
N PHE GA 111 107.87 -65.67 26.01
CA PHE GA 111 108.86 -65.41 27.09
C PHE GA 111 109.30 -66.69 27.80
N MET GA 112 108.54 -67.79 27.68
CA MET GA 112 108.83 -69.08 28.37
C MET GA 112 108.43 -70.24 27.47
N ARG GA 113 108.84 -70.20 26.21
CA ARG GA 113 108.44 -71.21 25.19
C ARG GA 113 108.83 -72.61 25.65
N PRO GA 114 110.05 -72.83 26.21
CA PRO GA 114 110.47 -74.18 26.63
C PRO GA 114 109.59 -74.84 27.71
N LEU GA 115 108.91 -74.03 28.52
CA LEU GA 115 107.88 -74.47 29.51
C LEU GA 115 106.74 -75.20 28.77
N ILE GA 116 106.29 -74.66 27.63
CA ILE GA 116 105.21 -75.26 26.80
C ILE GA 116 105.74 -76.53 26.14
N GLU GA 117 106.97 -76.47 25.60
CA GLU GA 117 107.68 -77.61 24.94
C GLU GA 117 107.76 -78.78 25.93
N ALA GA 118 108.21 -78.52 27.16
CA ALA GA 118 108.36 -79.52 28.25
C ALA GA 118 107.00 -80.11 28.69
N GLY GA 119 105.88 -79.51 28.25
CA GLY GA 119 104.50 -79.96 28.55
C GLY GA 119 104.08 -79.61 29.97
N TYR GA 120 104.59 -78.50 30.51
CA TYR GA 120 104.34 -78.02 31.90
C TYR GA 120 103.11 -77.12 31.95
N VAL GA 121 102.64 -76.63 30.80
CA VAL GA 121 101.46 -75.72 30.73
C VAL GA 121 100.22 -76.58 30.45
N TYR GA 122 99.21 -76.44 31.32
CA TYR GA 122 97.89 -77.11 31.25
C TYR GA 122 96.75 -76.09 31.33
N ILE GA 123 95.55 -76.53 30.94
CA ILE GA 123 94.30 -75.71 30.87
C ILE GA 123 93.18 -76.48 31.58
N ALA GA 124 92.83 -76.06 32.81
CA ALA GA 124 91.68 -76.61 33.58
C ALA GA 124 90.38 -76.40 32.79
N GLN GA 125 89.36 -77.21 33.08
CA GLN GA 125 88.06 -77.19 32.35
C GLN GA 125 86.92 -77.18 33.36
N PRO GA 126 86.62 -76.03 34.01
CA PRO GA 126 85.55 -75.99 35.02
C PRO GA 126 84.19 -76.28 34.37
N PRO GA 127 83.25 -76.92 35.10
CA PRO GA 127 81.94 -77.24 34.53
C PRO GA 127 81.17 -75.95 34.19
N THR GA 128 80.46 -76.00 33.06
CA THR GA 128 79.96 -74.85 32.26
C THR GA 128 78.72 -74.22 32.90
N GLY GA 129 78.58 -72.90 32.81
CA GLY GA 129 77.33 -72.17 33.11
C GLY GA 129 77.49 -71.15 34.23
N TYR GA 130 78.41 -71.42 35.17
CA TYR GA 130 78.60 -70.63 36.38
C TYR GA 130 79.16 -69.24 36.06
N LYS GA 131 78.74 -68.19 36.78
CA LYS GA 131 79.07 -66.74 36.51
C LYS GA 131 80.60 -66.58 36.48
N GLY GA 132 81.28 -67.05 37.53
CA GLY GA 132 82.75 -67.28 37.56
C GLY GA 132 83.07 -68.49 38.40
N LEU GA 133 84.33 -68.59 38.87
CA LEU GA 133 84.68 -69.56 39.94
C LEU GA 133 84.55 -68.89 41.33
N GLY GA 134 84.36 -67.57 41.35
CA GLY GA 134 83.97 -66.80 42.56
C GLY GA 134 82.56 -67.14 43.03
N GLU GA 135 81.78 -67.77 42.15
CA GLU GA 135 80.36 -68.22 42.36
C GLU GA 135 80.29 -69.72 42.66
N MET GA 136 81.36 -70.50 42.44
CA MET GA 136 81.42 -71.93 42.85
C MET GA 136 81.82 -72.02 44.34
N ASN GA 137 81.37 -73.07 45.02
CA ASN GA 137 81.82 -73.43 46.39
C ASN GA 137 83.10 -74.26 46.25
N ALA GA 138 83.95 -74.26 47.28
CA ALA GA 138 85.29 -74.90 47.28
C ALA GA 138 85.16 -76.43 47.15
N ASP GA 139 84.18 -77.06 47.81
CA ASP GA 139 83.97 -78.53 47.80
C ASP GA 139 83.79 -79.00 46.35
N GLN GA 140 82.98 -78.27 45.58
CA GLN GA 140 82.55 -78.63 44.20
C GLN GA 140 83.66 -78.29 43.21
N LEU GA 141 84.38 -77.19 43.47
CA LEU GA 141 85.53 -76.70 42.65
C LEU GA 141 86.68 -77.69 42.72
N TRP GA 142 86.91 -78.30 43.89
CA TRP GA 142 87.93 -79.35 44.10
C TRP GA 142 87.58 -80.59 43.27
N GLU GA 143 86.34 -81.09 43.43
CA GLU GA 143 85.92 -82.43 42.94
C GLU GA 143 85.90 -82.46 41.41
N THR GA 144 85.52 -81.36 40.76
CA THR GA 144 85.34 -81.26 39.29
C THR GA 144 86.66 -80.88 38.59
N THR GA 145 87.48 -80.02 39.19
CA THR GA 145 88.50 -79.22 38.47
C THR GA 145 89.93 -79.39 39.01
N MET GA 146 90.11 -79.64 40.32
CA MET GA 146 91.45 -79.62 40.99
C MET GA 146 91.87 -81.00 41.51
N ASN GA 147 90.93 -81.93 41.70
CA ASN GA 147 91.21 -83.28 42.26
C ASN GA 147 91.84 -84.15 41.18
N PRO GA 148 93.12 -84.60 41.33
CA PRO GA 148 93.76 -85.42 40.31
C PRO GA 148 93.04 -86.75 40.03
N GLU GA 149 92.10 -87.15 40.88
CA GLU GA 149 91.31 -88.39 40.73
C GLU GA 149 90.21 -88.21 39.68
N HIS GA 150 89.58 -87.03 39.58
CA HIS GA 150 88.39 -86.81 38.72
C HIS GA 150 88.56 -85.63 37.74
N ARG GA 151 89.59 -84.78 37.89
CA ARG GA 151 89.75 -83.57 37.05
C ARG GA 151 90.14 -83.97 35.63
N ALA GA 152 89.95 -83.05 34.68
CA ALA GA 152 90.23 -83.21 33.24
C ALA GA 152 91.03 -82.00 32.74
N LEU GA 153 92.35 -82.03 32.94
CA LEU GA 153 93.28 -80.99 32.41
C LEU GA 153 93.53 -81.26 30.92
N LEU GA 154 93.74 -80.20 30.15
CA LEU GA 154 94.28 -80.26 28.77
C LEU GA 154 95.75 -79.85 28.85
N GLN GA 155 96.66 -80.71 28.40
CA GLN GA 155 98.10 -80.37 28.30
C GLN GA 155 98.33 -79.59 26.99
N VAL GA 156 98.90 -78.40 27.07
CA VAL GA 156 99.19 -77.55 25.87
C VAL GA 156 100.41 -78.14 25.18
N LYS GA 157 100.22 -78.62 23.94
CA LYS GA 157 101.28 -79.12 23.02
C LYS GA 157 101.48 -78.11 21.89
N LEU GA 158 102.74 -77.69 21.66
CA LEU GA 158 103.18 -76.90 20.49
C LEU GA 158 103.62 -77.86 19.36
N GLU GA 159 102.86 -77.94 18.26
CA GLU GA 159 103.17 -78.82 17.10
C GLU GA 159 104.07 -78.07 16.11
N ASP GA 160 103.56 -77.04 15.45
CA ASP GA 160 104.27 -76.28 14.37
C ASP GA 160 104.63 -74.89 14.90
N ALA GA 161 105.92 -74.62 15.13
CA ALA GA 161 106.43 -73.34 15.67
C ALA GA 161 106.23 -72.19 14.67
N ILE GA 162 106.34 -72.44 13.37
CA ILE GA 162 106.13 -71.43 12.29
C ILE GA 162 104.65 -71.01 12.31
N GLU GA 163 103.72 -71.98 12.34
CA GLU GA 163 102.26 -71.74 12.33
C GLU GA 163 101.84 -71.03 13.61
N ALA GA 164 102.48 -71.37 14.74
CA ALA GA 164 102.24 -70.74 16.06
C ALA GA 164 102.66 -69.27 16.01
N ASP GA 165 103.86 -68.95 15.49
CA ASP GA 165 104.39 -67.57 15.36
C ASP GA 165 103.42 -66.71 14.56
N GLN GA 166 102.82 -67.25 13.51
CA GLN GA 166 101.89 -66.52 12.61
C GLN GA 166 100.57 -66.26 13.36
N THR GA 167 100.12 -67.25 14.16
CA THR GA 167 98.80 -67.21 14.84
C THR GA 167 98.83 -66.18 15.97
N PHE GA 168 99.88 -66.15 16.78
CA PHE GA 168 100.05 -65.15 17.88
C PHE GA 168 100.16 -63.75 17.28
N GLU GA 169 100.94 -63.59 16.21
CA GLU GA 169 101.15 -62.28 15.54
C GLU GA 169 99.82 -61.77 14.96
N MET GA 170 98.97 -62.68 14.46
CA MET GA 170 97.68 -62.30 13.81
C MET GA 170 96.63 -61.93 14.86
N LEU GA 171 96.44 -62.77 15.88
CA LEU GA 171 95.40 -62.57 16.93
C LEU GA 171 95.82 -61.47 17.90
N MET GA 172 97.09 -61.45 18.34
CA MET GA 172 97.54 -60.62 19.49
C MET GA 172 98.44 -59.46 19.03
N GLY GA 173 98.75 -59.36 17.74
CA GLY GA 173 99.64 -58.32 17.18
C GLY GA 173 98.94 -56.98 16.98
N ASP GA 174 99.72 -55.97 16.57
CA ASP GA 174 99.25 -54.56 16.47
C ASP GA 174 98.42 -54.36 15.19
N VAL GA 175 98.50 -55.27 14.21
CA VAL GA 175 97.78 -55.10 12.90
C VAL GA 175 96.33 -55.54 13.07
N VAL GA 176 95.39 -54.60 13.04
CA VAL GA 176 93.94 -54.85 13.33
C VAL GA 176 93.29 -55.60 12.16
N GLU GA 177 93.68 -55.31 10.93
CA GLU GA 177 93.02 -55.80 9.70
C GLU GA 177 93.12 -57.34 9.61
N ASN GA 178 94.29 -57.91 9.90
CA ASN GA 178 94.50 -59.39 9.89
C ASN GA 178 93.61 -60.08 10.92
N ARG GA 179 93.50 -59.49 12.11
CA ARG GA 179 92.66 -59.96 13.24
C ARG GA 179 91.18 -59.91 12.79
N ARG GA 180 90.73 -58.80 12.20
CA ARG GA 180 89.33 -58.59 11.73
C ARG GA 180 89.02 -59.63 10.65
N GLN GA 181 89.93 -59.83 9.72
CA GLN GA 181 89.79 -60.77 8.58
C GLN GA 181 89.55 -62.16 9.15
N PHE GA 182 90.39 -62.56 10.10
CA PHE GA 182 90.33 -63.89 10.80
C PHE GA 182 88.94 -64.11 11.38
N ILE GA 183 88.37 -63.08 12.05
CA ILE GA 183 87.06 -63.16 12.74
C ILE GA 183 85.96 -63.38 11.69
N GLU GA 184 85.92 -62.53 10.65
CA GLU GA 184 84.91 -62.62 9.56
C GLU GA 184 84.98 -64.02 8.92
N ASP GA 185 86.19 -64.48 8.59
CA ASP GA 185 86.46 -65.78 7.92
C ASP GA 185 85.92 -66.93 8.78
N ASN GA 186 86.17 -66.88 10.10
CA ASN GA 186 85.91 -68.00 11.04
C ASN GA 186 84.61 -67.77 11.83
N ALA GA 187 83.82 -66.73 11.51
CA ALA GA 187 82.62 -66.38 12.33
C ALA GA 187 81.64 -67.55 12.45
N ASN HA 9 92.79 -85.18 26.40
CA ASN HA 9 94.11 -85.60 26.99
C ASN HA 9 95.17 -84.48 26.83
N GLU HA 10 95.06 -83.72 25.74
CA GLU HA 10 96.13 -82.83 25.24
C GLU HA 10 95.55 -81.84 24.24
N ARG HA 11 96.16 -80.64 24.11
CA ARG HA 11 95.55 -79.48 23.40
C ARG HA 11 96.63 -78.68 22.66
N ASN HA 12 96.49 -78.56 21.35
CA ASN HA 12 97.42 -77.82 20.47
C ASN HA 12 97.31 -76.34 20.82
N ILE HA 13 98.44 -75.67 21.06
CA ILE HA 13 98.48 -74.24 21.53
C ILE HA 13 97.83 -73.33 20.46
N THR HA 14 98.06 -73.60 19.18
CA THR HA 14 97.49 -72.83 18.05
C THR HA 14 95.96 -72.97 18.05
N SER HA 15 95.43 -74.18 18.18
CA SER HA 15 93.97 -74.47 18.22
C SER HA 15 93.33 -73.73 19.39
N GLU HA 16 93.98 -73.78 20.56
CA GLU HA 16 93.48 -73.16 21.83
C GLU HA 16 93.38 -71.64 21.64
N MET HA 17 94.45 -71.01 21.18
CA MET HA 17 94.50 -69.55 20.86
C MET HA 17 93.37 -69.17 19.89
N ARG HA 18 93.27 -69.86 18.77
CA ARG HA 18 92.37 -69.46 17.66
C ARG HA 18 90.91 -69.56 18.14
N GLU HA 19 90.56 -70.62 18.86
N GLU HA 19 90.56 -70.65 18.80
CA GLU HA 19 89.16 -70.88 19.31
CA GLU HA 19 89.18 -70.88 19.28
C GLU HA 19 88.84 -69.99 20.52
C GLU HA 19 88.91 -69.89 20.44
N SER HA 20 89.79 -69.81 21.44
CA SER HA 20 89.64 -68.95 22.66
C SER HA 20 89.44 -67.49 22.25
N PHE HA 21 90.33 -66.97 21.40
CA PHE HA 21 90.31 -65.56 20.93
C PHE HA 21 89.02 -65.31 20.13
N LEU HA 22 88.62 -66.25 19.28
CA LEU HA 22 87.41 -66.12 18.43
C LEU HA 22 86.18 -66.01 19.33
N ASP HA 23 86.14 -66.80 20.40
CA ASP HA 23 85.01 -66.84 21.37
C ASP HA 23 84.84 -65.45 21.99
N TYR HA 24 85.95 -64.88 22.47
CA TYR HA 24 86.03 -63.50 23.03
C TYR HA 24 85.62 -62.47 21.97
N ALA HA 25 86.33 -62.45 20.83
CA ALA HA 25 86.17 -61.44 19.75
C ALA HA 25 84.72 -61.43 19.29
N MET HA 26 84.14 -62.60 19.01
CA MET HA 26 82.76 -62.70 18.48
C MET HA 26 81.79 -62.10 19.50
N SER HA 27 82.03 -62.40 20.78
CA SER HA 27 81.19 -62.01 21.92
C SER HA 27 81.20 -60.49 22.10
N VAL HA 28 82.39 -59.88 22.02
CA VAL HA 28 82.59 -58.41 22.12
C VAL HA 28 81.88 -57.72 20.97
N ILE HA 29 81.81 -58.34 19.78
CA ILE HA 29 81.25 -57.72 18.56
C ILE HA 29 79.71 -57.75 18.61
N VAL HA 30 79.10 -58.91 18.90
CA VAL HA 30 77.64 -59.13 18.69
C VAL HA 30 76.88 -59.00 20.01
N ALA HA 31 77.57 -58.82 21.14
CA ALA HA 31 76.93 -58.80 22.48
C ALA HA 31 77.77 -57.99 23.47
N ARG HA 32 78.25 -56.80 23.06
CA ARG HA 32 78.87 -55.86 24.04
C ARG HA 32 79.00 -54.45 23.46
N ALA HA 33 79.88 -54.24 22.47
CA ALA HA 33 80.47 -52.93 22.14
C ALA HA 33 79.76 -52.24 20.96
N LEU HA 34 79.09 -53.02 20.10
CA LEU HA 34 78.40 -52.50 18.89
C LEU HA 34 76.91 -52.48 19.13
N PRO HA 35 76.22 -51.37 18.75
CA PRO HA 35 74.77 -51.27 18.91
C PRO HA 35 74.02 -51.98 17.78
N ASP HA 36 72.79 -52.43 18.03
CA ASP HA 36 71.85 -52.92 16.99
C ASP HA 36 71.37 -51.72 16.17
N VAL HA 37 71.24 -51.88 14.86
CA VAL HA 37 70.83 -50.82 13.90
C VAL HA 37 69.37 -50.41 14.16
N ARG HA 38 68.58 -51.31 14.77
CA ARG HA 38 67.11 -51.13 14.93
C ARG HA 38 66.81 -50.14 16.08
N ASP HA 39 67.30 -50.41 17.30
CA ASP HA 39 66.97 -49.57 18.49
C ASP HA 39 68.18 -48.74 18.93
N GLY HA 40 69.33 -48.91 18.27
CA GLY HA 40 70.55 -48.14 18.55
C GLY HA 40 71.22 -48.52 19.86
N LEU HA 41 70.82 -49.63 20.47
CA LEU HA 41 71.26 -49.98 21.85
C LEU HA 41 72.29 -51.11 21.85
N LYS HA 42 73.30 -50.98 22.71
CA LYS HA 42 74.16 -52.11 23.10
C LYS HA 42 73.38 -52.93 24.12
N PRO HA 43 73.68 -54.24 24.29
CA PRO HA 43 73.11 -55.03 25.37
C PRO HA 43 72.94 -54.33 26.71
N VAL HA 44 74.01 -53.75 27.27
CA VAL HA 44 73.94 -53.18 28.65
C VAL HA 44 72.88 -52.08 28.71
N HIS HA 45 72.76 -51.24 27.65
CA HIS HA 45 71.77 -50.13 27.60
C HIS HA 45 70.36 -50.72 27.57
N ARG HA 46 70.14 -51.69 26.68
CA ARG HA 46 68.84 -52.37 26.48
C ARG HA 46 68.39 -52.97 27.81
N ARG HA 47 69.28 -53.69 28.49
CA ARG HA 47 68.96 -54.41 29.76
C ARG HA 47 68.58 -53.40 30.87
N ILE HA 48 69.26 -52.26 30.92
CA ILE HA 48 68.94 -51.17 31.89
C ILE HA 48 67.53 -50.63 31.61
N LEU HA 49 67.23 -50.25 30.36
CA LEU HA 49 65.93 -49.62 30.01
C LEU HA 49 64.81 -50.63 30.22
N TYR HA 50 65.05 -51.91 29.92
CA TYR HA 50 64.03 -52.98 30.08
C TYR HA 50 63.82 -53.24 31.58
N GLY HA 51 64.91 -53.19 32.36
CA GLY HA 51 64.88 -53.30 33.83
C GLY HA 51 64.07 -52.18 34.47
N LEU HA 52 64.24 -50.94 33.98
CA LEU HA 52 63.47 -49.79 34.49
C LEU HA 52 62.00 -50.07 34.26
N ASN HA 53 61.68 -50.65 33.10
CA ASN HA 53 60.29 -50.85 32.59
C ASN HA 53 59.61 -51.97 33.38
N GLU HA 54 60.35 -53.03 33.68
CA GLU HA 54 59.84 -54.23 34.40
C GLU HA 54 59.54 -53.87 35.84
N GLN HA 55 60.25 -52.89 36.44
CA GLN HA 55 59.97 -52.39 37.81
C GLN HA 55 59.15 -51.12 37.73
N GLY HA 56 58.44 -50.88 36.62
CA GLY HA 56 57.64 -49.67 36.32
C GLY HA 56 58.20 -48.42 36.96
N MET HA 57 59.50 -48.16 36.80
CA MET HA 57 60.16 -46.88 37.16
C MET HA 57 59.94 -45.91 35.98
N THR HA 58 58.73 -45.36 35.89
CA THR HA 58 58.23 -44.55 34.76
C THR HA 58 58.33 -43.08 35.17
N PRO HA 59 58.22 -42.11 34.23
CA PRO HA 59 58.39 -40.70 34.56
C PRO HA 59 57.44 -40.14 35.63
N ASP HA 60 56.21 -40.68 35.67
CA ASP HA 60 55.10 -40.27 36.60
C ASP HA 60 55.42 -40.74 38.02
N LYS HA 61 55.93 -41.96 38.19
CA LYS HA 61 56.36 -42.52 39.51
C LYS HA 61 57.69 -41.89 39.94
N SER HA 62 58.01 -42.00 41.23
CA SER HA 62 59.14 -41.26 41.88
C SER HA 62 60.45 -42.00 41.65
N TYR HA 63 61.57 -41.25 41.67
CA TYR HA 63 62.96 -41.75 41.48
C TYR HA 63 63.24 -42.88 42.46
N LYS HA 64 63.87 -43.94 41.98
CA LYS HA 64 64.29 -45.13 42.77
C LYS HA 64 65.83 -45.10 42.86
N LYS HA 65 66.39 -45.60 43.97
N LYS HA 65 66.40 -45.51 44.00
CA LYS HA 65 67.86 -45.65 44.23
CA LYS HA 65 67.88 -45.53 44.22
C LYS HA 65 68.56 -46.43 43.11
C LYS HA 65 68.54 -46.37 43.12
N SER HA 66 69.71 -45.91 42.65
CA SER HA 66 70.50 -46.50 41.55
C SER HA 66 70.98 -47.91 41.94
N ALA HA 67 71.44 -48.08 43.17
CA ALA HA 67 71.90 -49.40 43.70
C ALA HA 67 70.78 -50.45 43.56
N ARG HA 68 69.51 -50.05 43.72
CA ARG HA 68 68.32 -50.95 43.55
C ARG HA 68 68.24 -51.36 42.07
N ILE HA 69 68.41 -50.40 41.16
CA ILE HA 69 68.28 -50.58 39.68
C ILE HA 69 69.42 -51.47 39.18
N VAL HA 70 70.65 -51.14 39.58
CA VAL HA 70 71.88 -51.85 39.10
C VAL HA 70 71.82 -53.29 39.61
N GLY HA 71 71.40 -53.50 40.85
CA GLY HA 71 71.25 -54.84 41.46
C GLY HA 71 70.28 -55.69 40.67
N ASP HA 72 69.11 -55.14 40.35
CA ASP HA 72 68.02 -55.81 39.60
C ASP HA 72 68.55 -56.19 38.20
N VAL HA 73 69.22 -55.26 37.52
CA VAL HA 73 69.71 -55.47 36.12
C VAL HA 73 70.81 -56.55 36.14
N MET HA 74 71.74 -56.47 37.09
CA MET HA 74 72.89 -57.41 37.24
C MET HA 74 72.39 -58.81 37.59
N GLY HA 75 71.38 -58.88 38.46
CA GLY HA 75 70.74 -60.14 38.89
C GLY HA 75 70.07 -60.88 37.76
N LYS HA 76 69.30 -60.18 36.92
CA LYS HA 76 68.29 -60.79 36.01
C LYS HA 76 68.74 -60.87 34.55
N TYR HA 77 69.60 -59.97 34.09
CA TYR HA 77 69.86 -59.77 32.64
C TYR HA 77 71.36 -59.68 32.31
N HIS HA 78 72.14 -58.90 33.08
CA HIS HA 78 73.52 -58.47 32.74
C HIS HA 78 74.53 -59.01 33.75
N PRO HA 79 75.06 -60.23 33.55
CA PRO HA 79 75.93 -60.86 34.55
C PRO HA 79 77.38 -60.34 34.43
N HIS HA 80 77.58 -59.05 34.76
CA HIS HA 80 78.89 -58.35 34.67
C HIS HA 80 78.98 -57.32 35.79
N GLY HA 81 80.03 -56.49 35.78
N GLY HA 81 79.99 -56.44 35.71
CA GLY HA 81 80.39 -55.58 36.88
CA GLY HA 81 80.37 -55.50 36.79
C GLY HA 81 79.32 -54.56 37.14
C GLY HA 81 79.25 -54.56 37.12
N ASP HA 82 79.10 -54.17 38.40
CA ASP HA 82 78.19 -53.06 38.80
C ASP HA 82 78.69 -51.75 38.18
N SER HA 83 80.00 -51.49 38.14
CA SER HA 83 80.55 -50.25 37.53
C SER HA 83 80.19 -50.20 36.04
N SER HA 84 80.29 -51.30 35.28
CA SER HA 84 79.98 -51.32 33.82
C SER HA 84 78.53 -50.87 33.62
N ILE HA 85 77.62 -51.37 34.47
CA ILE HA 85 76.16 -51.10 34.39
C ILE HA 85 75.90 -49.65 34.82
N TYR HA 86 76.36 -49.26 35.99
CA TYR HA 86 76.05 -47.93 36.59
C TYR HA 86 76.55 -46.82 35.67
N GLU HA 87 77.79 -46.91 35.19
CA GLU HA 87 78.40 -45.85 34.34
C GLU HA 87 77.62 -45.74 33.03
N ALA HA 88 77.10 -46.86 32.51
CA ALA HA 88 76.31 -46.91 31.25
C ALA HA 88 74.98 -46.20 31.48
N MET HA 89 74.41 -46.36 32.67
CA MET HA 89 73.12 -45.71 33.06
C MET HA 89 73.38 -44.21 33.25
N VAL HA 90 74.47 -43.85 33.93
CA VAL HA 90 74.86 -42.44 34.20
C VAL HA 90 74.89 -41.68 32.86
N ARG HA 91 75.63 -42.19 31.88
CA ARG HA 91 75.85 -41.55 30.55
C ARG HA 91 74.50 -41.28 29.88
N MET HA 92 73.56 -42.22 29.95
CA MET HA 92 72.20 -42.10 29.34
C MET HA 92 71.42 -40.97 30.02
N ALA HA 93 71.89 -40.51 31.18
CA ALA HA 93 71.20 -39.50 32.02
C ALA HA 93 71.86 -38.12 31.87
N GLN HA 94 73.01 -38.05 31.20
CA GLN HA 94 73.78 -36.78 31.04
C GLN HA 94 73.28 -36.04 29.79
N ASP HA 95 72.79 -34.82 29.96
CA ASP HA 95 72.20 -34.04 28.84
C ASP HA 95 73.33 -33.54 27.92
N PHE HA 96 74.60 -33.65 28.35
CA PHE HA 96 75.81 -33.28 27.57
C PHE HA 96 76.40 -34.50 26.85
N SER HA 97 75.90 -35.71 27.14
CA SER HA 97 76.36 -36.98 26.50
C SER HA 97 75.32 -37.45 25.50
N TYR HA 98 74.05 -37.52 25.95
CA TYR HA 98 72.88 -37.99 25.17
C TYR HA 98 72.07 -36.78 24.67
N ARG HA 99 71.91 -36.69 23.35
CA ARG HA 99 71.11 -35.65 22.66
C ARG HA 99 69.66 -35.73 23.11
N TYR HA 100 69.14 -36.95 23.25
CA TYR HA 100 67.82 -37.26 23.85
C TYR HA 100 68.07 -38.22 25.00
N PRO HA 101 68.31 -37.71 26.23
CA PRO HA 101 68.52 -38.55 27.40
C PRO HA 101 67.45 -39.62 27.55
N LEU HA 102 67.86 -40.86 27.87
CA LEU HA 102 66.98 -42.04 28.03
C LEU HA 102 66.74 -42.31 29.53
N VAL HA 103 67.49 -41.66 30.41
CA VAL HA 103 67.38 -41.86 31.88
C VAL HA 103 67.28 -40.49 32.57
N ASP HA 104 66.37 -40.38 33.51
CA ASP HA 104 66.12 -39.15 34.31
C ASP HA 104 66.78 -39.36 35.67
N GLY HA 105 67.89 -38.68 35.93
CA GLY HA 105 68.72 -38.81 37.14
C GLY HA 105 68.39 -37.77 38.19
N GLN HA 106 68.51 -38.13 39.46
CA GLN HA 106 68.40 -37.23 40.63
C GLN HA 106 69.72 -37.31 41.41
N GLY HA 107 70.51 -36.23 41.41
CA GLY HA 107 71.77 -36.11 42.17
C GLY HA 107 72.96 -35.86 41.28
N ASN HA 108 74.16 -36.16 41.78
CA ASN HA 108 75.43 -35.88 41.05
C ASN HA 108 75.66 -36.97 39.99
N PHE HA 109 75.24 -36.73 38.74
CA PHE HA 109 75.48 -37.59 37.56
C PHE HA 109 76.62 -37.03 36.70
N GLY HA 110 77.54 -36.31 37.35
CA GLY HA 110 78.75 -35.75 36.72
C GLY HA 110 78.46 -34.40 36.08
N SER HA 111 79.50 -33.82 35.51
CA SER HA 111 79.50 -32.50 34.82
C SER HA 111 80.33 -32.62 33.55
N MET HA 112 80.41 -31.52 32.80
N MET HA 112 80.41 -31.50 32.83
CA MET HA 112 81.21 -31.41 31.55
CA MET HA 112 81.19 -31.27 31.58
C MET HA 112 82.71 -31.40 31.89
C MET HA 112 82.69 -31.20 31.87
N ASP HA 113 83.07 -31.17 33.15
CA ASP HA 113 84.48 -31.11 33.61
C ASP HA 113 85.05 -32.52 33.83
N GLY HA 114 84.24 -33.56 33.63
CA GLY HA 114 84.70 -34.96 33.68
C GLY HA 114 84.83 -35.47 35.11
N ASP HA 115 84.33 -34.72 36.12
CA ASP HA 115 84.12 -35.33 37.46
C ASP HA 115 83.05 -36.41 37.25
N GLY HA 116 83.28 -37.62 37.76
CA GLY HA 116 82.32 -38.73 37.62
C GLY HA 116 81.01 -38.45 38.34
N ALA HA 117 80.01 -39.29 38.09
CA ALA HA 117 78.78 -39.38 38.92
C ALA HA 117 79.18 -39.77 40.35
N ALA HA 118 78.45 -39.33 41.36
CA ALA HA 118 78.53 -39.89 42.72
C ALA HA 118 78.28 -41.41 42.62
N ALA HA 119 78.78 -42.17 43.61
CA ALA HA 119 78.57 -43.64 43.70
C ALA HA 119 77.06 -43.94 43.71
N MET HA 120 76.67 -45.17 43.33
CA MET HA 120 75.25 -45.54 43.09
C MET HA 120 74.44 -45.48 44.39
N ARG HA 121 75.08 -45.53 45.54
CA ARG HA 121 74.39 -45.38 46.86
C ARG HA 121 73.74 -43.99 46.93
N TYR HA 122 74.35 -42.99 46.29
CA TYR HA 122 74.03 -41.56 46.42
C TYR HA 122 72.94 -41.11 45.43
N THR HA 123 72.81 -41.76 44.27
CA THR HA 123 71.97 -41.23 43.16
C THR HA 123 70.67 -42.03 43.07
N GLU HA 124 69.64 -41.43 42.45
CA GLU HA 124 68.34 -42.07 42.13
C GLU HA 124 68.06 -41.82 40.64
N ALA HA 125 67.17 -42.58 40.02
CA ALA HA 125 66.96 -42.56 38.54
C ALA HA 125 65.57 -43.10 38.18
N ARG HA 126 65.10 -42.74 36.98
CA ARG HA 126 63.88 -43.30 36.31
C ARG HA 126 63.96 -43.12 34.79
N MET HA 127 62.94 -43.53 34.06
CA MET HA 127 62.80 -43.30 32.60
C MET HA 127 62.59 -41.80 32.33
N THR HA 128 63.04 -41.36 31.16
CA THR HA 128 62.64 -40.09 30.52
C THR HA 128 61.34 -40.36 29.75
N LYS HA 129 60.53 -39.33 29.48
CA LYS HA 129 59.27 -39.46 28.71
C LYS HA 129 59.57 -40.11 27.35
N ILE HA 130 60.71 -39.80 26.73
CA ILE HA 130 61.05 -40.32 25.38
C ILE HA 130 61.42 -41.81 25.46
N THR HA 131 61.86 -42.31 26.61
CA THR HA 131 62.25 -43.74 26.77
C THR HA 131 60.97 -44.59 26.70
N LEU HA 132 59.81 -44.03 27.03
CA LEU HA 132 58.50 -44.70 26.83
C LEU HA 132 58.32 -45.04 25.35
N GLU HA 133 58.80 -44.20 24.44
CA GLU HA 133 58.68 -44.42 22.98
C GLU HA 133 59.61 -45.57 22.56
N LEU HA 134 60.76 -45.73 23.22
CA LEU HA 134 61.67 -46.89 22.96
C LEU HA 134 60.95 -48.19 23.33
N LEU HA 135 60.15 -48.17 24.40
CA LEU HA 135 59.58 -49.39 25.00
C LEU HA 135 58.12 -49.59 24.57
N ARG HA 136 57.49 -48.60 23.92
CA ARG HA 136 56.05 -48.63 23.57
C ARG HA 136 55.74 -49.93 22.81
N ASP HA 137 54.78 -50.71 23.32
CA ASP HA 137 54.22 -51.92 22.64
C ASP HA 137 55.21 -53.10 22.77
N ILE HA 138 56.12 -53.07 23.74
CA ILE HA 138 57.09 -54.19 23.97
C ILE HA 138 56.31 -55.42 24.42
N ASN HA 139 55.12 -55.20 25.03
CA ASN HA 139 54.28 -56.28 25.60
C ASN HA 139 53.20 -56.74 24.60
N LYS HA 140 53.25 -56.30 23.36
CA LYS HA 140 52.24 -56.61 22.31
C LYS HA 140 52.87 -57.45 21.20
N ASP HA 141 53.76 -58.37 21.56
CA ASP HA 141 54.42 -59.33 20.63
C ASP HA 141 54.93 -58.60 19.38
N THR HA 142 55.66 -57.50 19.57
CA THR HA 142 56.23 -56.64 18.51
C THR HA 142 57.70 -57.03 18.26
N ILE HA 143 58.35 -57.58 19.28
CA ILE HA 143 59.79 -57.98 19.24
C ILE HA 143 59.91 -59.35 19.90
N ASP HA 144 60.91 -60.14 19.49
CA ASP HA 144 61.16 -61.50 20.04
C ASP HA 144 61.90 -61.38 21.37
N PHE HA 145 61.42 -62.06 22.41
CA PHE HA 145 62.16 -62.28 23.68
C PHE HA 145 63.09 -63.49 23.54
N ILE HA 146 64.09 -63.55 24.40
CA ILE HA 146 65.10 -64.65 24.48
C ILE HA 146 65.37 -64.92 25.96
N ASP HA 147 65.91 -66.11 26.26
CA ASP HA 147 66.27 -66.49 27.65
C ASP HA 147 67.44 -65.59 28.09
N ASN HA 148 67.45 -65.19 29.36
CA ASN HA 148 68.60 -64.48 29.96
C ASN HA 148 69.75 -65.49 30.14
N TYR HA 149 70.87 -65.03 30.71
CA TYR HA 149 72.14 -65.79 30.84
C TYR HA 149 71.96 -67.11 31.62
N ASP HA 150 71.08 -67.16 32.62
CA ASP HA 150 70.91 -68.36 33.48
C ASP HA 150 69.61 -69.10 33.14
N GLY HA 151 68.80 -68.58 32.21
CA GLY HA 151 67.54 -69.22 31.76
C GLY HA 151 66.40 -69.07 32.76
N ASN HA 152 66.54 -68.25 33.81
CA ASN HA 152 65.48 -67.99 34.82
C ASN HA 152 64.61 -66.78 34.43
N GLU HA 153 64.93 -66.08 33.34
CA GLU HA 153 64.24 -64.81 32.94
C GLU HA 153 64.17 -64.70 31.42
N ARG HA 154 63.19 -63.92 30.94
CA ARG HA 154 63.09 -63.52 29.50
C ARG HA 154 63.52 -62.06 29.40
N GLU HA 155 64.36 -61.76 28.41
CA GLU HA 155 64.79 -60.37 28.09
C GLU HA 155 64.53 -60.12 26.60
N PRO HA 156 64.27 -58.87 26.20
CA PRO HA 156 64.00 -58.54 24.81
C PRO HA 156 65.28 -58.49 23.98
N SER HA 157 65.29 -59.18 22.84
CA SER HA 157 66.40 -59.20 21.84
C SER HA 157 66.66 -57.78 21.29
N VAL HA 158 65.60 -56.98 21.18
CA VAL HA 158 65.64 -55.60 20.63
C VAL HA 158 64.42 -54.84 21.17
N LEU HA 159 64.48 -53.52 21.26
CA LEU HA 159 63.31 -52.72 21.69
C LEU HA 159 62.53 -52.27 20.46
N PRO HA 160 61.21 -52.05 20.61
CA PRO HA 160 60.38 -51.51 19.52
C PRO HA 160 60.98 -50.25 18.89
N ALA HA 161 61.54 -49.36 19.69
CA ALA HA 161 62.25 -48.16 19.22
C ALA HA 161 61.36 -47.35 18.28
N ARG HA 162 60.35 -46.68 18.83
CA ARG HA 162 59.32 -45.98 18.02
C ARG HA 162 59.88 -44.64 17.52
N PHE HA 163 61.09 -44.25 17.93
CA PHE HA 163 61.90 -43.18 17.28
C PHE HA 163 63.27 -43.74 16.90
N PRO HA 164 63.94 -43.19 15.84
CA PRO HA 164 65.21 -43.73 15.32
C PRO HA 164 66.44 -43.39 16.17
N ASN HA 165 66.71 -44.22 17.18
CA ASN HA 165 67.54 -43.89 18.37
C ASN HA 165 69.04 -44.01 18.02
N LEU HA 166 69.41 -44.91 17.11
CA LEU HA 166 70.83 -45.13 16.71
C LEU HA 166 71.42 -43.80 16.26
N LEU HA 167 70.77 -43.12 15.32
CA LEU HA 167 71.26 -41.84 14.75
C LEU HA 167 70.94 -40.69 15.70
N ALA HA 168 69.81 -40.74 16.40
CA ALA HA 168 69.34 -39.64 17.27
C ALA HA 168 70.37 -39.41 18.39
N ASN HA 169 70.70 -40.46 19.13
CA ASN HA 169 71.60 -40.37 20.31
C ASN HA 169 73.02 -40.70 19.87
N GLY HA 170 73.20 -41.45 18.80
CA GLY HA 170 74.54 -41.85 18.33
C GLY HA 170 75.03 -43.04 19.12
N ALA HA 171 76.34 -43.30 19.09
CA ALA HA 171 76.97 -44.51 19.68
C ALA HA 171 78.48 -44.49 19.43
N SER HA 172 79.28 -44.77 20.45
CA SER HA 172 80.74 -44.99 20.34
C SER HA 172 81.09 -46.28 21.08
N GLY HA 173 81.93 -47.13 20.49
CA GLY HA 173 82.19 -48.48 21.02
C GLY HA 173 83.46 -49.07 20.44
N ILE HA 174 84.39 -49.45 21.32
CA ILE HA 174 85.63 -50.19 20.93
C ILE HA 174 85.31 -51.67 20.99
N ALA HA 175 85.32 -52.38 19.86
CA ALA HA 175 85.05 -53.83 19.76
C ALA HA 175 86.38 -54.57 19.63
N VAL HA 176 86.41 -55.69 18.88
CA VAL HA 176 87.65 -56.41 18.47
C VAL HA 176 87.63 -56.48 16.94
N GLY HA 177 88.72 -56.04 16.30
CA GLY HA 177 88.85 -55.94 14.83
C GLY HA 177 88.19 -54.70 14.26
N MET HA 178 87.35 -54.01 15.03
CA MET HA 178 86.59 -52.82 14.58
C MET HA 178 86.11 -52.02 15.79
N ALA HA 179 85.78 -50.74 15.56
CA ALA HA 179 85.09 -49.86 16.52
C ALA HA 179 83.89 -49.23 15.82
N THR HA 180 83.06 -48.50 16.57
CA THR HA 180 81.96 -47.68 16.02
C THR HA 180 82.08 -46.26 16.59
N ASN HA 181 81.73 -45.27 15.77
CA ASN HA 181 81.63 -43.85 16.20
C ASN HA 181 80.54 -43.20 15.35
N ILE HA 182 79.36 -43.04 15.91
CA ILE HA 182 78.18 -42.46 15.20
C ILE HA 182 77.76 -41.22 15.97
N PRO HA 183 77.72 -40.04 15.31
CA PRO HA 183 77.39 -38.80 16.01
C PRO HA 183 75.88 -38.73 16.20
N PRO HA 184 75.41 -38.00 17.23
CA PRO HA 184 73.98 -37.76 17.43
C PRO HA 184 73.42 -36.83 16.35
N HIS HA 185 72.10 -36.85 16.20
CA HIS HA 185 71.34 -36.14 15.13
C HIS HA 185 70.13 -35.40 15.72
N ASN HA 186 69.55 -34.48 14.95
CA ASN HA 186 68.31 -33.79 15.35
C ASN HA 186 67.14 -34.71 15.02
N LEU HA 187 66.27 -34.96 15.99
CA LEU HA 187 65.17 -35.97 15.88
C LEU HA 187 64.19 -35.51 14.79
N THR HA 188 63.85 -34.21 14.78
CA THR HA 188 62.96 -33.60 13.76
C THR HA 188 63.53 -33.92 12.37
N GLU HA 189 64.79 -33.59 12.14
CA GLU HA 189 65.47 -33.81 10.83
C GLU HA 189 65.39 -35.30 10.49
N LEU HA 190 65.72 -36.17 11.43
CA LEU HA 190 65.74 -37.65 11.22
C LEU HA 190 64.37 -38.12 10.75
N ILE HA 191 63.31 -37.73 11.47
CA ILE HA 191 61.93 -38.25 11.23
C ILE HA 191 61.46 -37.75 9.86
N ASN HA 192 61.75 -36.49 9.51
CA ASN HA 192 61.49 -35.94 8.16
C ASN HA 192 62.24 -36.78 7.12
N GLY HA 193 63.48 -37.17 7.41
CA GLY HA 193 64.26 -38.08 6.56
C GLY HA 193 63.54 -39.41 6.33
N VAL HA 194 63.05 -40.02 7.41
CA VAL HA 194 62.39 -41.36 7.35
C VAL HA 194 61.08 -41.23 6.56
N LEU HA 195 60.32 -40.15 6.78
CA LEU HA 195 59.04 -39.89 6.07
C LEU HA 195 59.32 -39.76 4.57
N SER HA 196 60.36 -38.99 4.20
CA SER HA 196 60.82 -38.81 2.80
C SER HA 196 61.11 -40.18 2.18
N LEU HA 197 61.96 -40.98 2.86
CA LEU HA 197 62.33 -42.36 2.45
C LEU HA 197 61.07 -43.22 2.30
N SER HA 198 60.12 -43.12 3.23
CA SER HA 198 58.90 -43.99 3.29
C SER HA 198 57.97 -43.68 2.11
N LYS HA 199 58.14 -42.53 1.46
CA LYS HA 199 57.37 -42.11 0.26
C LYS HA 199 58.16 -42.43 -1.02
N ASN HA 200 59.48 -42.59 -0.94
CA ASN HA 200 60.37 -42.74 -2.13
C ASN HA 200 61.52 -43.69 -1.78
N PRO HA 201 61.32 -45.02 -1.95
CA PRO HA 201 62.35 -46.00 -1.64
C PRO HA 201 63.69 -45.76 -2.35
N ASP HA 202 63.66 -45.07 -3.50
CA ASP HA 202 64.83 -44.87 -4.40
C ASP HA 202 65.51 -43.53 -4.12
N ILE HA 203 65.15 -42.86 -3.03
CA ILE HA 203 65.68 -41.51 -2.63
C ILE HA 203 67.21 -41.56 -2.54
N SER HA 204 67.89 -40.49 -2.97
CA SER HA 204 69.37 -40.32 -2.93
C SER HA 204 69.79 -39.81 -1.55
N ILE HA 205 71.05 -40.06 -1.17
CA ILE HA 205 71.67 -39.47 0.07
C ILE HA 205 71.51 -37.95 -0.01
N ALA HA 206 71.79 -37.38 -1.19
CA ALA HA 206 71.72 -35.92 -1.46
C ALA HA 206 70.33 -35.36 -1.09
N GLU HA 207 69.27 -36.05 -1.48
CA GLU HA 207 67.86 -35.64 -1.22
C GLU HA 207 67.56 -35.79 0.28
N LEU HA 208 68.02 -36.89 0.88
CA LEU HA 208 67.88 -37.14 2.34
C LEU HA 208 68.55 -36.00 3.11
N MET HA 209 69.63 -35.41 2.59
CA MET HA 209 70.42 -34.38 3.31
C MET HA 209 69.71 -33.01 3.26
N GLU HA 210 68.65 -32.85 2.46
CA GLU HA 210 67.75 -31.68 2.53
C GLU HA 210 66.91 -31.77 3.82
N ASP HA 211 66.70 -32.96 4.38
CA ASP HA 211 66.02 -33.15 5.69
C ASP HA 211 67.09 -33.18 6.79
N ILE HA 212 68.11 -34.00 6.61
CA ILE HA 212 69.19 -34.26 7.63
C ILE HA 212 70.42 -33.44 7.25
N GLU HA 213 70.49 -32.18 7.70
CA GLU HA 213 71.60 -31.22 7.41
C GLU HA 213 72.96 -31.86 7.77
N GLY HA 214 73.02 -32.53 8.91
CA GLY HA 214 74.25 -33.07 9.50
C GLY HA 214 74.05 -33.50 10.96
N PRO HA 215 75.11 -33.88 11.68
CA PRO HA 215 75.01 -34.17 13.10
C PRO HA 215 74.45 -32.96 13.85
N ASP HA 216 73.85 -33.22 15.00
CA ASP HA 216 73.39 -32.21 15.98
C ASP HA 216 73.83 -32.68 17.36
N PHE HA 217 74.96 -32.16 17.86
CA PHE HA 217 75.54 -32.56 19.17
C PHE HA 217 74.73 -31.93 20.31
N PRO HA 218 74.60 -32.61 21.46
CA PRO HA 218 73.91 -32.03 22.61
C PRO HA 218 74.61 -30.75 23.10
N THR HA 219 75.93 -30.69 22.98
CA THR HA 219 76.79 -29.57 23.45
C THR HA 219 76.76 -28.39 22.48
N ALA HA 220 76.05 -28.53 21.35
CA ALA HA 220 75.90 -27.50 20.30
C ALA HA 220 77.25 -27.28 19.61
N GLY HA 221 77.72 -26.03 19.56
CA GLY HA 221 78.96 -25.65 18.86
C GLY HA 221 78.74 -25.54 17.37
N LEU HA 222 79.82 -25.66 16.58
CA LEU HA 222 79.87 -25.40 15.12
C LEU HA 222 80.51 -26.60 14.41
N ILE HA 223 80.05 -26.89 13.20
CA ILE HA 223 80.69 -27.84 12.27
C ILE HA 223 81.15 -27.03 11.06
N LEU HA 224 82.44 -27.17 10.70
CA LEU HA 224 83.05 -26.51 9.54
C LEU HA 224 82.80 -27.35 8.29
N GLY HA 225 81.84 -26.92 7.48
CA GLY HA 225 81.69 -27.41 6.09
C GLY HA 225 80.78 -28.62 6.02
N LYS HA 226 80.36 -28.97 4.81
CA LYS HA 226 79.46 -30.12 4.54
C LYS HA 226 80.27 -31.27 3.94
N SER HA 227 81.56 -31.09 3.65
CA SER HA 227 82.42 -32.11 2.97
C SER HA 227 82.53 -33.37 3.82
N GLY HA 228 82.99 -33.23 5.06
CA GLY HA 228 83.12 -34.36 6.00
C GLY HA 228 81.79 -35.06 6.21
N ILE HA 229 80.74 -34.28 6.49
CA ILE HA 229 79.37 -34.79 6.75
C ILE HA 229 78.92 -35.65 5.57
N ARG HA 230 79.07 -35.12 4.35
N ARG HA 230 79.01 -35.12 4.34
CA ARG HA 230 78.64 -35.75 3.08
CA ARG HA 230 78.56 -35.82 3.11
C ARG HA 230 79.36 -37.09 2.92
C ARG HA 230 79.35 -37.13 2.96
N ARG HA 231 80.68 -37.09 3.07
CA ARG HA 231 81.55 -38.29 2.92
C ARG HA 231 81.10 -39.37 3.92
N ALA HA 232 80.76 -38.96 5.15
CA ALA HA 232 80.34 -39.84 6.25
C ALA HA 232 78.97 -40.46 5.93
N TYR HA 233 78.05 -39.68 5.38
CA TYR HA 233 76.67 -40.12 5.03
C TYR HA 233 76.68 -40.95 3.74
N GLU HA 234 77.68 -40.74 2.88
CA GLU HA 234 77.83 -41.46 1.59
C GLU HA 234 78.36 -42.86 1.88
N THR HA 235 79.38 -42.98 2.71
CA THR HA 235 80.30 -44.15 2.80
C THR HA 235 80.30 -44.77 4.20
N GLY HA 236 79.86 -44.04 5.23
CA GLY HA 236 79.89 -44.51 6.63
C GLY HA 236 81.15 -44.08 7.34
N ARG HA 237 82.10 -43.51 6.59
CA ARG HA 237 83.37 -43.00 7.15
C ARG HA 237 83.61 -41.58 6.62
N GLY HA 238 84.01 -40.68 7.53
CA GLY HA 238 84.31 -39.27 7.23
C GLY HA 238 84.79 -38.58 8.48
N SER HA 239 85.65 -37.57 8.33
CA SER HA 239 86.05 -36.70 9.46
C SER HA 239 85.19 -35.44 9.43
N ILE HA 240 84.62 -35.08 10.57
CA ILE HA 240 83.77 -33.87 10.77
C ILE HA 240 84.50 -32.96 11.74
N GLN HA 241 84.80 -31.72 11.32
CA GLN HA 241 85.55 -30.73 12.14
C GLN HA 241 84.57 -29.98 13.04
N MET HA 242 84.64 -30.19 14.35
CA MET HA 242 83.79 -29.49 15.36
C MET HA 242 84.55 -28.30 15.91
N ARG HA 243 83.87 -27.22 16.25
CA ARG HA 243 84.53 -25.99 16.76
C ARG HA 243 83.68 -25.35 17.86
N SER HA 244 84.32 -24.99 18.97
CA SER HA 244 83.74 -24.16 20.07
C SER HA 244 83.08 -22.92 19.48
N ARG HA 245 81.95 -22.49 20.07
CA ARG HA 245 81.35 -21.17 19.79
C ARG HA 245 82.07 -20.17 20.68
N ALA HA 246 82.94 -19.36 20.05
CA ALA HA 246 83.71 -18.28 20.70
C ALA HA 246 83.42 -16.97 19.98
N VAL HA 247 83.36 -15.89 20.76
CA VAL HA 247 83.29 -14.51 20.21
C VAL HA 247 84.40 -13.68 20.86
N ILE HA 248 84.78 -12.61 20.18
CA ILE HA 248 85.73 -11.58 20.70
C ILE HA 248 84.89 -10.34 21.07
N GLU HA 249 85.08 -9.82 22.28
CA GLU HA 249 84.30 -8.64 22.74
C GLU HA 249 85.23 -7.70 23.53
N GLU HA 250 84.97 -6.38 23.42
CA GLU HA 250 85.57 -5.29 24.26
C GLU HA 250 85.30 -5.57 25.74
N ARG HA 251 86.28 -5.42 26.63
CA ARG HA 251 86.15 -5.76 28.07
C ARG HA 251 86.42 -4.48 28.89
N GLY HA 252 86.61 -3.35 28.21
CA GLY HA 252 86.92 -2.04 28.84
C GLY HA 252 88.41 -1.76 28.84
N GLY HA 253 88.78 -0.48 28.85
CA GLY HA 253 90.17 0.01 28.77
C GLY HA 253 90.76 -0.27 27.41
N GLY HA 254 89.93 -0.44 26.37
CA GLY HA 254 90.41 -0.73 25.00
C GLY HA 254 90.95 -2.15 24.87
N ARG HA 255 90.88 -2.96 25.91
CA ARG HA 255 91.36 -4.36 25.94
C ARG HA 255 90.18 -5.26 25.56
N GLN HA 256 90.44 -6.32 24.81
CA GLN HA 256 89.44 -7.33 24.38
C GLN HA 256 89.50 -8.59 25.24
N ARG HA 257 88.62 -9.54 24.95
CA ARG HA 257 88.64 -10.92 25.50
C ARG HA 257 87.88 -11.86 24.57
N ILE HA 258 88.27 -13.14 24.62
CA ILE HA 258 87.61 -14.27 23.90
C ILE HA 258 86.66 -14.92 24.90
N VAL HA 259 85.38 -15.07 24.56
CA VAL HA 259 84.39 -15.77 25.42
C VAL HA 259 83.93 -17.02 24.67
N VAL HA 260 84.10 -18.19 25.30
CA VAL HA 260 83.69 -19.52 24.76
C VAL HA 260 82.47 -19.98 25.54
N THR HA 261 81.35 -20.24 24.84
CA THR HA 261 80.03 -20.55 25.45
C THR HA 261 79.58 -21.96 25.08
N GLU HA 262 80.13 -22.57 24.03
CA GLU HA 262 79.82 -23.95 23.58
C GLU HA 262 81.15 -24.64 23.26
N ILE HA 263 81.37 -25.87 23.72
CA ILE HA 263 82.61 -26.65 23.38
C ILE HA 263 82.27 -27.84 22.49
N PRO HA 264 83.27 -28.44 21.82
CA PRO HA 264 83.02 -29.58 20.94
C PRO HA 264 82.56 -30.79 21.77
N PHE HA 265 81.86 -31.70 21.11
CA PHE HA 265 81.23 -32.91 21.68
C PHE HA 265 82.30 -33.80 22.30
N GLN HA 266 82.01 -34.33 23.50
CA GLN HA 266 82.87 -35.30 24.22
C GLN HA 266 84.21 -34.67 24.61
N VAL HA 267 84.38 -33.35 24.49
CA VAL HA 267 85.60 -32.63 24.99
C VAL HA 267 85.39 -32.25 26.45
N ASN HA 268 86.39 -32.55 27.28
CA ASN HA 268 86.37 -32.32 28.75
C ASN HA 268 86.71 -30.85 29.02
N LYS HA 269 85.79 -30.08 29.60
CA LYS HA 269 85.97 -28.61 29.80
C LYS HA 269 87.21 -28.40 30.66
N ALA HA 270 87.29 -29.07 31.82
CA ALA HA 270 88.36 -28.86 32.82
C ALA HA 270 89.71 -29.13 32.16
N ARG HA 271 89.82 -30.24 31.41
N ARG HA 271 89.79 -30.23 31.40
CA ARG HA 271 91.05 -30.69 30.73
CA ARG HA 271 90.98 -30.75 30.68
C ARG HA 271 91.44 -29.66 29.64
C ARG HA 271 91.42 -29.77 29.59
N MET HA 272 90.46 -29.23 28.85
CA MET HA 272 90.67 -28.25 27.74
C MET HA 272 91.25 -26.94 28.29
N ILE HA 273 90.73 -26.44 29.41
CA ILE HA 273 91.22 -25.20 30.08
C ILE HA 273 92.67 -25.43 30.54
N GLU HA 274 92.96 -26.59 31.14
CA GLU HA 274 94.30 -26.95 31.65
C GLU HA 274 95.29 -26.94 30.47
N LYS HA 275 94.92 -27.47 29.30
CA LYS HA 275 95.80 -27.43 28.09
C LYS HA 275 96.12 -25.96 27.74
N ILE HA 276 95.15 -25.05 27.84
CA ILE HA 276 95.33 -23.61 27.48
C ILE HA 276 96.25 -22.96 28.51
N ALA HA 277 96.00 -23.20 29.80
CA ALA HA 277 96.84 -22.66 30.91
C ALA HA 277 98.28 -23.17 30.73
N GLU HA 278 98.41 -24.42 30.32
CA GLU HA 278 99.73 -25.11 30.13
C GLU HA 278 100.46 -24.49 28.94
N LEU HA 279 99.78 -24.15 27.85
CA LEU HA 279 100.39 -23.46 26.68
C LEU HA 279 100.92 -22.08 27.13
N VAL HA 280 100.15 -21.37 27.97
CA VAL HA 280 100.52 -20.03 28.50
C VAL HA 280 101.70 -20.18 29.47
N ARG HA 281 101.60 -21.08 30.47
CA ARG HA 281 102.68 -21.40 31.44
C ARG HA 281 103.99 -21.64 30.68
N ASP HA 282 103.93 -22.41 29.57
CA ASP HA 282 105.12 -22.89 28.81
C ASP HA 282 105.43 -21.91 27.65
N LYS HA 283 104.92 -20.68 27.71
CA LYS HA 283 105.10 -19.61 26.68
C LYS HA 283 105.03 -20.18 25.24
N LYS HA 284 104.13 -21.14 24.95
CA LYS HA 284 103.96 -21.78 23.62
C LYS HA 284 102.84 -21.09 22.80
N ILE HA 285 102.12 -20.14 23.42
CA ILE HA 285 101.12 -19.23 22.76
C ILE HA 285 101.22 -17.85 23.43
N ASP HA 286 101.24 -16.77 22.65
CA ASP HA 286 101.54 -15.40 23.12
C ASP HA 286 100.25 -14.55 23.09
N GLY HA 287 99.97 -13.82 24.17
CA GLY HA 287 98.94 -12.75 24.19
C GLY HA 287 97.86 -12.94 25.25
N ILE HA 288 97.84 -14.05 25.98
CA ILE HA 288 96.76 -14.38 26.94
C ILE HA 288 97.19 -13.94 28.35
N THR HA 289 96.44 -13.01 28.94
CA THR HA 289 96.77 -12.33 30.23
C THR HA 289 95.98 -12.95 31.39
N ASP HA 290 94.89 -13.66 31.12
CA ASP HA 290 94.09 -14.36 32.15
C ASP HA 290 93.21 -15.41 31.47
N LEU HA 291 92.76 -16.39 32.26
CA LEU HA 291 91.94 -17.55 31.82
C LEU HA 291 91.05 -17.95 33.00
N ARG HA 292 89.74 -17.70 32.90
CA ARG HA 292 88.75 -17.99 33.97
C ARG HA 292 87.63 -18.86 33.39
N ASP HA 293 87.07 -19.76 34.21
CA ASP HA 293 85.88 -20.57 33.88
C ASP HA 293 84.71 -20.00 34.69
N GLU HA 294 83.96 -19.07 34.08
CA GLU HA 294 82.79 -18.39 34.69
C GLU HA 294 81.54 -19.22 34.43
N THR HA 295 81.68 -20.50 34.08
CA THR HA 295 80.52 -21.41 33.91
C THR HA 295 79.72 -21.42 35.22
N SER HA 296 78.40 -21.47 35.08
CA SER HA 296 77.42 -21.44 36.19
C SER HA 296 76.11 -21.99 35.62
N LEU HA 297 75.23 -22.48 36.49
N LEU HA 297 75.26 -22.51 36.50
CA LEU HA 297 73.93 -23.07 36.07
CA LEU HA 297 73.92 -23.06 36.15
C LEU HA 297 73.08 -21.96 35.44
C LEU HA 297 73.08 -21.97 35.46
N ARG HA 298 73.23 -20.71 35.92
CA ARG HA 298 72.48 -19.53 35.43
C ARG HA 298 72.98 -19.13 34.04
N THR HA 299 74.31 -18.95 33.86
CA THR HA 299 74.93 -18.47 32.59
C THR HA 299 75.05 -19.58 31.55
N GLY HA 300 75.11 -20.85 31.96
CA GLY HA 300 75.60 -21.96 31.09
C GLY HA 300 77.12 -21.95 30.99
N VAL HA 301 77.69 -22.54 29.95
CA VAL HA 301 79.16 -22.63 29.74
C VAL HA 301 79.68 -21.22 29.41
N ARG HA 302 80.73 -20.78 30.08
CA ARG HA 302 81.34 -19.44 29.88
C ARG HA 302 82.80 -19.48 30.32
N VAL HA 303 83.70 -19.69 29.36
CA VAL HA 303 85.17 -19.70 29.58
C VAL HA 303 85.70 -18.39 29.00
N VAL HA 304 86.33 -17.58 29.82
CA VAL HA 304 86.83 -16.22 29.45
C VAL HA 304 88.35 -16.27 29.34
N ILE HA 305 88.88 -15.75 28.23
CA ILE HA 305 90.34 -15.64 27.92
C ILE HA 305 90.64 -14.15 27.67
N ASP HA 306 91.28 -13.48 28.63
CA ASP HA 306 91.63 -12.04 28.53
C ASP HA 306 92.88 -11.93 27.64
N VAL HA 307 92.87 -10.97 26.71
CA VAL HA 307 93.93 -10.72 25.68
C VAL HA 307 94.65 -9.40 26.00
N ARG HA 308 95.99 -9.41 25.97
CA ARG HA 308 96.88 -8.23 26.22
C ARG HA 308 96.48 -7.06 25.32
N LYS HA 309 96.61 -5.81 25.78
CA LYS HA 309 96.03 -4.62 25.10
C LYS HA 309 96.56 -4.48 23.67
N ASP HA 310 97.86 -4.68 23.40
CA ASP HA 310 98.43 -4.53 22.04
C ASP HA 310 97.80 -5.56 21.07
N ALA HA 311 97.34 -6.70 21.60
CA ALA HA 311 97.41 -8.02 20.93
C ALA HA 311 96.18 -8.25 20.08
N ASN HA 312 96.34 -8.87 18.92
CA ASN HA 312 95.22 -9.22 18.01
C ASN HA 312 94.50 -10.46 18.56
N ALA HA 313 93.22 -10.33 18.92
CA ALA HA 313 92.45 -11.43 19.56
C ALA HA 313 92.08 -12.52 18.55
N SER HA 314 91.84 -12.17 17.27
CA SER HA 314 91.45 -13.12 16.21
C SER HA 314 92.59 -14.10 15.94
N VAL HA 315 93.84 -13.60 15.99
CA VAL HA 315 95.07 -14.42 15.78
C VAL HA 315 95.20 -15.39 16.96
N ILE HA 316 95.01 -14.90 18.19
CA ILE HA 316 95.08 -15.76 19.42
C ILE HA 316 94.00 -16.84 19.31
N LEU HA 317 92.79 -16.50 18.84
CA LEU HA 317 91.70 -17.50 18.72
C LEU HA 317 92.09 -18.56 17.67
N ASN HA 318 92.62 -18.16 16.52
CA ASN HA 318 93.01 -19.14 15.46
C ASN HA 318 94.11 -20.05 16.00
N ASN HA 319 95.05 -19.50 16.78
CA ASN HA 319 96.14 -20.31 17.40
C ASN HA 319 95.51 -21.31 18.37
N LEU HA 320 94.58 -20.87 19.20
CA LEU HA 320 93.91 -21.76 20.20
C LEU HA 320 93.23 -22.92 19.49
N TYR HA 321 92.62 -22.68 18.32
CA TYR HA 321 91.94 -23.75 17.54
C TYR HA 321 92.98 -24.78 17.11
N LYS HA 322 94.11 -24.31 16.59
N LYS HA 322 94.11 -24.39 16.52
CA LYS HA 322 95.21 -25.18 16.06
CA LYS HA 322 95.12 -25.40 16.07
C LYS HA 322 95.84 -25.97 17.20
C LYS HA 322 95.74 -26.10 17.29
N GLN HA 323 95.92 -25.41 18.41
CA GLN HA 323 96.80 -25.92 19.48
C GLN HA 323 96.02 -26.57 20.62
N THR HA 324 94.68 -26.49 20.65
CA THR HA 324 93.87 -27.06 21.77
C THR HA 324 92.66 -27.82 21.24
N PRO HA 325 91.96 -28.58 22.10
CA PRO HA 325 90.69 -29.22 21.75
C PRO HA 325 89.51 -28.24 21.54
N LEU HA 326 89.75 -26.93 21.64
CA LEU HA 326 88.77 -25.87 21.31
C LEU HA 326 88.22 -26.11 19.89
N GLN HA 327 89.02 -26.70 19.00
CA GLN HA 327 88.58 -27.35 17.74
C GLN HA 327 89.02 -28.81 17.83
N THR HA 328 88.11 -29.76 17.58
CA THR HA 328 88.35 -31.22 17.61
C THR HA 328 87.68 -31.83 16.37
N SER HA 329 88.23 -32.91 15.83
CA SER HA 329 87.60 -33.72 14.75
C SER HA 329 86.71 -34.80 15.37
N PHE HA 330 85.55 -35.10 14.80
CA PHE HA 330 84.72 -36.29 15.14
C PHE HA 330 84.88 -37.32 14.02
N GLY HA 331 85.56 -38.43 14.29
CA GLY HA 331 85.86 -39.47 13.28
C GLY HA 331 84.71 -40.43 13.09
N VAL HA 332 83.80 -40.14 12.15
CA VAL HA 332 82.60 -40.98 11.88
C VAL HA 332 83.04 -42.35 11.34
N ASN HA 333 82.52 -43.41 11.95
CA ASN HA 333 82.80 -44.83 11.59
C ASN HA 333 81.52 -45.60 11.89
N MET HA 334 80.56 -45.57 10.95
CA MET HA 334 79.16 -45.99 11.20
C MET HA 334 79.03 -47.50 11.06
N ILE HA 335 79.49 -48.22 12.08
CA ILE HA 335 79.40 -49.71 12.18
C ILE HA 335 78.38 -50.05 13.27
N ALA HA 336 77.35 -50.80 12.88
CA ALA HA 336 76.28 -51.34 13.75
C ALA HA 336 75.95 -52.76 13.30
N LEU HA 337 75.20 -53.49 14.12
CA LEU HA 337 74.76 -54.89 13.87
C LEU HA 337 73.50 -54.87 13.00
N VAL HA 338 73.58 -55.52 11.83
CA VAL HA 338 72.47 -55.71 10.86
C VAL HA 338 72.29 -57.23 10.67
N ASN HA 339 71.11 -57.77 10.98
CA ASN HA 339 70.82 -59.22 11.03
C ASN HA 339 71.96 -59.90 11.82
N GLY HA 340 72.30 -59.33 12.99
CA GLY HA 340 73.24 -59.91 13.97
C GLY HA 340 74.71 -59.80 13.56
N ARG HA 341 75.05 -59.14 12.44
CA ARG HA 341 76.45 -59.05 11.93
C ARG HA 341 76.87 -57.57 11.83
N PRO HA 342 78.14 -57.23 12.12
CA PRO HA 342 78.61 -55.85 12.02
C PRO HA 342 78.70 -55.45 10.55
N LYS HA 343 78.10 -54.33 10.18
CA LYS HA 343 78.15 -53.77 8.80
C LYS HA 343 78.51 -52.28 8.90
N LEU HA 344 79.45 -51.82 8.06
CA LEU HA 344 79.66 -50.36 7.80
C LEU HA 344 78.49 -49.90 6.95
N ILE HA 345 77.70 -48.94 7.44
CA ILE HA 345 76.43 -48.53 6.78
C ILE HA 345 76.50 -47.04 6.49
N ASN HA 346 75.88 -46.64 5.38
CA ASN HA 346 75.70 -45.21 5.02
C ASN HA 346 74.43 -44.71 5.70
N LEU HA 347 74.16 -43.41 5.62
CA LEU HA 347 72.96 -42.80 6.21
C LEU HA 347 71.70 -43.55 5.72
N LYS HA 348 71.60 -43.85 4.42
CA LYS HA 348 70.36 -44.43 3.84
C LYS HA 348 70.14 -45.85 4.39
N GLU HA 349 71.18 -46.70 4.48
CA GLU HA 349 71.03 -48.08 5.01
C GLU HA 349 70.46 -48.00 6.42
N ALA HA 350 71.02 -47.14 7.25
CA ALA HA 350 70.61 -46.95 8.67
C ALA HA 350 69.12 -46.60 8.76
N LEU HA 351 68.64 -45.70 7.88
CA LEU HA 351 67.24 -45.24 7.86
C LEU HA 351 66.33 -46.34 7.31
N VAL HA 352 66.80 -47.04 6.27
CA VAL HA 352 66.05 -48.15 5.62
C VAL HA 352 65.85 -49.28 6.66
N HIS HA 353 66.93 -49.71 7.33
CA HIS HA 353 66.86 -50.80 8.34
C HIS HA 353 65.88 -50.37 9.45
N TYR HA 354 65.87 -49.08 9.81
CA TYR HA 354 65.00 -48.55 10.89
C TYR HA 354 63.54 -48.59 10.44
N LEU HA 355 63.25 -48.03 9.27
CA LEU HA 355 61.86 -47.98 8.71
C LEU HA 355 61.33 -49.42 8.60
N GLU HA 356 62.18 -50.36 8.18
CA GLU HA 356 61.80 -51.79 8.00
C GLU HA 356 61.44 -52.38 9.37
N HIS HA 357 62.19 -52.00 10.41
CA HIS HA 357 61.94 -52.44 11.80
C HIS HA 357 60.57 -51.93 12.26
N GLN HA 358 60.21 -50.69 11.88
CA GLN HA 358 58.93 -50.06 12.29
C GLN HA 358 57.77 -50.78 11.59
N LYS HA 359 57.89 -51.03 10.29
CA LYS HA 359 56.86 -51.74 9.51
C LYS HA 359 56.57 -53.07 10.22
N THR HA 360 57.64 -53.78 10.64
CA THR HA 360 57.54 -55.10 11.33
C THR HA 360 56.80 -54.93 12.66
N VAL HA 361 57.26 -53.98 13.48
CA VAL HA 361 56.70 -53.72 14.85
C VAL HA 361 55.21 -53.39 14.74
N VAL HA 362 54.82 -52.50 13.82
CA VAL HA 362 53.40 -52.04 13.73
C VAL HA 362 52.55 -53.19 13.17
N ARG HA 363 53.05 -53.92 12.17
CA ARG HA 363 52.30 -55.09 11.64
C ARG HA 363 52.04 -56.09 12.78
N ARG HA 364 53.10 -56.50 13.48
CA ARG HA 364 53.02 -57.49 14.59
C ARG HA 364 52.09 -56.98 15.69
N ARG HA 365 52.21 -55.70 16.06
CA ARG HA 365 51.33 -55.09 17.09
C ARG HA 365 49.89 -55.28 16.66
N THR HA 366 49.59 -54.98 15.39
CA THR HA 366 48.22 -55.02 14.83
C THR HA 366 47.70 -56.48 14.84
N GLN HA 367 48.54 -57.40 14.40
CA GLN HA 367 48.24 -58.86 14.43
C GLN HA 367 47.90 -59.29 15.87
N TYR HA 368 48.69 -58.81 16.83
CA TYR HA 368 48.53 -59.14 18.27
C TYR HA 368 47.23 -58.54 18.79
N ASN HA 369 46.97 -57.26 18.50
CA ASN HA 369 45.76 -56.54 18.98
C ASN HA 369 44.52 -57.28 18.45
N LEU HA 370 44.57 -57.72 17.19
CA LEU HA 370 43.47 -58.48 16.52
C LEU HA 370 43.26 -59.81 17.25
N ARG HA 371 44.33 -60.57 17.46
CA ARG HA 371 44.33 -61.85 18.21
C ARG HA 371 43.62 -61.63 19.56
N LYS HA 372 44.06 -60.66 20.36
CA LYS HA 372 43.57 -60.41 21.74
C LYS HA 372 42.09 -59.98 21.67
N ALA HA 373 41.74 -59.11 20.72
CA ALA HA 373 40.37 -58.56 20.56
C ALA HA 373 39.39 -59.70 20.21
N LYS HA 374 39.80 -60.61 19.31
CA LYS HA 374 38.98 -61.76 18.86
C LYS HA 374 38.76 -62.72 20.06
N ASP HA 375 39.84 -63.11 20.74
CA ASP HA 375 39.77 -63.93 21.98
C ASP HA 375 38.77 -63.32 22.96
N ARG HA 376 38.79 -61.99 23.12
CA ARG HA 376 37.95 -61.24 24.09
C ARG HA 376 36.50 -61.21 23.60
N ALA HA 377 36.30 -60.99 22.30
CA ALA HA 377 34.98 -60.96 21.65
C ALA HA 377 34.30 -62.33 21.86
N HIS HA 378 35.05 -63.41 21.65
CA HIS HA 378 34.62 -64.81 21.90
C HIS HA 378 34.16 -64.96 23.35
N ILE HA 379 34.92 -64.46 24.33
CA ILE HA 379 34.54 -64.58 25.76
C ILE HA 379 33.22 -63.82 25.99
N LEU HA 380 33.12 -62.60 25.44
CA LEU HA 380 31.92 -61.73 25.63
C LEU HA 380 30.68 -62.43 25.04
N GLU HA 381 30.84 -63.14 23.93
CA GLU HA 381 29.75 -63.93 23.29
C GLU HA 381 29.23 -64.97 24.29
N GLY HA 382 30.12 -65.67 24.98
CA GLY HA 382 29.81 -66.62 26.05
C GLY HA 382 29.07 -65.98 27.21
N LEU HA 383 29.56 -64.84 27.70
CA LEU HA 383 28.94 -64.12 28.84
C LEU HA 383 27.54 -63.65 28.46
N ARG HA 384 27.34 -63.20 27.21
CA ARG HA 384 26.04 -62.73 26.69
C ARG HA 384 25.02 -63.88 26.77
N ILE HA 385 25.36 -65.03 26.17
CA ILE HA 385 24.57 -66.30 26.26
C ILE HA 385 24.27 -66.59 27.73
N ALA HA 386 25.24 -66.51 28.62
CA ALA HA 386 25.08 -66.89 30.04
C ALA HA 386 24.11 -65.92 30.74
N LEU HA 387 24.23 -64.61 30.50
CA LEU HA 387 23.37 -63.57 31.13
C LEU HA 387 21.94 -63.72 30.58
N ASP HA 388 21.81 -64.05 29.29
CA ASP HA 388 20.50 -64.15 28.59
C ASP HA 388 19.74 -65.40 29.04
N HIS HA 389 20.41 -66.46 29.52
CA HIS HA 389 19.76 -67.71 30.03
C HIS HA 389 20.27 -68.03 31.44
N ILE HA 390 20.40 -67.01 32.28
CA ILE HA 390 21.12 -67.12 33.59
C ILE HA 390 20.44 -68.17 34.48
N ASP HA 391 19.10 -68.28 34.47
CA ASP HA 391 18.35 -69.22 35.35
C ASP HA 391 18.78 -70.66 35.04
N GLU HA 392 18.90 -70.99 33.74
CA GLU HA 392 19.29 -72.35 33.29
C GLU HA 392 20.76 -72.60 33.66
N ILE HA 393 21.63 -71.61 33.44
CA ILE HA 393 23.10 -71.68 33.72
C ILE HA 393 23.29 -72.07 35.20
N ILE HA 394 22.60 -71.40 36.11
CA ILE HA 394 22.73 -71.62 37.59
C ILE HA 394 22.39 -73.08 37.90
N SER HA 395 21.23 -73.55 37.42
CA SER HA 395 20.72 -74.93 37.66
C SER HA 395 21.77 -75.95 37.17
N THR HA 396 22.27 -75.78 35.94
CA THR HA 396 23.36 -76.59 35.33
C THR HA 396 24.55 -76.70 36.28
N ILE HA 397 24.97 -75.57 36.87
CA ILE HA 397 26.18 -75.47 37.74
C ILE HA 397 25.86 -76.11 39.10
N ARG HA 398 24.63 -75.94 39.58
CA ARG HA 398 24.19 -76.40 40.92
C ARG HA 398 24.09 -77.93 40.94
N GLU HA 399 23.52 -78.53 39.89
CA GLU HA 399 23.38 -80.00 39.74
C GLU HA 399 24.76 -80.63 39.45
N SER HA 400 25.78 -79.82 39.10
CA SER HA 400 27.17 -80.28 38.86
C SER HA 400 27.90 -80.49 40.19
N ASP HA 401 28.56 -81.64 40.35
CA ASP HA 401 29.22 -82.04 41.63
C ASP HA 401 30.58 -81.34 41.72
N THR HA 402 31.33 -81.34 40.62
CA THR HA 402 32.69 -80.74 40.50
C THR HA 402 32.70 -79.64 39.43
N ASP HA 403 33.77 -78.85 39.38
CA ASP HA 403 34.00 -77.81 38.35
C ASP HA 403 34.11 -78.49 36.98
N LYS HA 404 34.77 -79.66 36.92
CA LYS HA 404 35.03 -80.43 35.67
C LYS HA 404 33.69 -80.81 35.03
N VAL HA 405 32.74 -81.30 35.84
CA VAL HA 405 31.38 -81.73 35.39
C VAL HA 405 30.62 -80.50 34.87
N ALA HA 406 30.64 -79.40 35.63
CA ALA HA 406 29.98 -78.12 35.29
C ALA HA 406 30.48 -77.62 33.93
N MET HA 407 31.79 -77.66 33.71
CA MET HA 407 32.44 -77.28 32.44
C MET HA 407 31.86 -78.08 31.26
N GLU HA 408 31.75 -79.41 31.43
CA GLU HA 408 31.29 -80.34 30.38
C GLU HA 408 29.81 -80.06 30.09
N SER HA 409 29.00 -79.95 31.15
CA SER HA 409 27.53 -79.70 31.09
C SER HA 409 27.24 -78.37 30.37
N LEU HA 410 28.00 -77.31 30.69
CA LEU HA 410 27.80 -75.95 30.10
C LEU HA 410 28.13 -76.01 28.60
N GLN HA 411 29.23 -76.68 28.25
CA GLN HA 411 29.71 -76.81 26.85
C GLN HA 411 28.66 -77.56 26.01
N GLN HA 412 28.16 -78.67 26.54
CA GLN HA 412 27.20 -79.57 25.85
C GLN HA 412 25.84 -78.85 25.71
N ARG HA 413 25.32 -78.31 26.82
CA ARG HA 413 23.95 -77.75 26.91
C ARG HA 413 23.82 -76.45 26.09
N PHE HA 414 24.87 -75.62 26.01
CA PHE HA 414 24.77 -74.23 25.47
C PHE HA 414 25.73 -74.01 24.29
N LYS HA 415 26.38 -75.07 23.80
CA LYS HA 415 27.26 -75.01 22.61
C LYS HA 415 28.37 -73.98 22.86
N LEU HA 416 28.98 -74.02 24.06
CA LEU HA 416 30.06 -73.11 24.51
C LEU HA 416 31.43 -73.79 24.33
N SER HA 417 32.47 -73.00 24.08
CA SER HA 417 33.90 -73.42 24.12
C SER HA 417 34.31 -73.65 25.58
N GLU HA 418 35.46 -74.30 25.78
CA GLU HA 418 36.07 -74.50 27.12
C GLU HA 418 36.43 -73.14 27.71
N LYS HA 419 36.99 -72.23 26.88
CA LYS HA 419 37.38 -70.86 27.28
C LYS HA 419 36.13 -70.09 27.74
N GLN HA 420 34.97 -70.24 27.07
CA GLN HA 420 33.72 -69.51 27.41
C GLN HA 420 33.13 -70.09 28.71
N ALA HA 421 33.17 -71.41 28.88
CA ALA HA 421 32.60 -72.10 30.07
C ALA HA 421 33.41 -71.71 31.30
N GLN HA 422 34.73 -71.62 31.14
CA GLN HA 422 35.67 -71.23 32.23
C GLN HA 422 35.30 -69.80 32.67
N ALA HA 423 35.10 -68.90 31.70
CA ALA HA 423 34.76 -67.47 31.90
C ALA HA 423 33.45 -67.34 32.70
N ILE HA 424 32.47 -68.21 32.40
CA ILE HA 424 31.11 -68.18 33.03
C ILE HA 424 31.22 -68.70 34.47
N LEU HA 425 32.03 -69.72 34.71
CA LEU HA 425 32.26 -70.26 36.07
C LEU HA 425 33.01 -69.23 36.92
N ASP HA 426 33.81 -68.38 36.28
CA ASP HA 426 34.62 -67.35 36.96
C ASP HA 426 33.83 -66.05 37.16
N MET HA 427 32.69 -65.91 36.49
CA MET HA 427 31.78 -64.73 36.62
C MET HA 427 31.30 -64.64 38.08
N ARG HA 428 31.30 -63.43 38.64
CA ARG HA 428 30.83 -63.15 40.03
C ARG HA 428 29.33 -62.81 39.98
N LEU HA 429 28.62 -62.96 41.10
CA LEU HA 429 27.16 -62.67 41.20
C LEU HA 429 26.88 -61.19 40.89
N ARG HA 430 27.82 -60.28 41.19
CA ARG HA 430 27.65 -58.80 41.01
C ARG HA 430 27.50 -58.47 39.53
N ARG HA 431 27.81 -59.44 38.66
CA ARG HA 431 27.75 -59.28 37.18
C ARG HA 431 26.33 -59.56 36.67
N LEU HA 432 25.38 -59.91 37.54
CA LEU HA 432 23.97 -60.23 37.16
C LEU HA 432 23.09 -58.99 37.37
N THR HA 433 23.64 -57.83 37.80
CA THR HA 433 22.87 -56.57 37.97
C THR HA 433 22.54 -56.02 36.58
N GLY HA 434 21.64 -55.03 36.53
CA GLY HA 434 21.09 -54.45 35.29
C GLY HA 434 22.14 -53.71 34.48
N LEU HA 435 22.95 -52.85 35.13
CA LEU HA 435 23.97 -52.01 34.45
C LEU HA 435 25.03 -52.90 33.80
N GLU HA 436 25.31 -54.07 34.40
CA GLU HA 436 26.43 -54.97 34.00
C GLU HA 436 26.13 -55.64 32.65
N ARG HA 437 24.88 -55.99 32.37
CA ARG HA 437 24.49 -56.61 31.07
CA ARG HA 437 24.54 -56.63 31.06
C ARG HA 437 24.72 -55.59 29.93
N ASP HA 438 24.40 -54.32 30.18
CA ASP HA 438 24.53 -53.22 29.19
C ASP HA 438 26.01 -52.95 28.93
N LYS HA 439 26.81 -52.89 30.00
CA LYS HA 439 28.29 -52.68 29.99
C LYS HA 439 28.95 -53.75 29.10
N ILE HA 440 28.47 -54.99 29.15
CA ILE HA 440 29.05 -56.13 28.38
C ILE HA 440 28.73 -55.92 26.90
N GLU HA 441 27.52 -55.47 26.57
CA GLU HA 441 27.11 -55.34 25.15
C GLU HA 441 27.76 -54.10 24.56
N ALA HA 442 27.94 -53.05 25.36
CA ALA HA 442 28.69 -51.83 24.98
C ALA HA 442 30.11 -52.21 24.55
N GLU HA 443 30.84 -52.94 25.41
CA GLU HA 443 32.23 -53.40 25.17
C GLU HA 443 32.27 -54.29 23.91
N TYR HA 444 31.25 -55.11 23.71
CA TYR HA 444 31.20 -56.11 22.62
C TYR HA 444 31.06 -55.40 21.26
N ASN HA 445 30.25 -54.33 21.21
CA ASN HA 445 29.99 -53.56 19.96
C ASN HA 445 31.23 -52.77 19.55
N GLU HA 446 31.88 -52.10 20.51
N GLU HA 446 31.87 -52.08 20.52
CA GLU HA 446 33.16 -51.34 20.29
CA GLU HA 446 33.15 -51.33 20.37
C GLU HA 446 34.24 -52.31 19.79
C GLU HA 446 34.25 -52.28 19.85
N LEU HA 447 34.28 -53.53 20.34
CA LEU HA 447 35.25 -54.58 19.98
C LEU HA 447 35.09 -54.96 18.50
N LEU HA 448 33.86 -55.07 18.03
CA LEU HA 448 33.56 -55.45 16.62
C LEU HA 448 34.06 -54.34 15.67
N ASN HA 449 33.86 -53.06 16.02
CA ASN HA 449 34.41 -51.92 15.22
C ASN HA 449 35.94 -52.01 15.20
N TYR HA 450 36.56 -52.20 16.38
CA TYR HA 450 38.04 -52.29 16.54
C TYR HA 450 38.58 -53.44 15.67
N ILE HA 451 37.94 -54.61 15.71
CA ILE HA 451 38.42 -55.80 14.95
C ILE HA 451 38.43 -55.43 13.46
N SER HA 452 37.41 -54.70 13.00
CA SER HA 452 37.25 -54.27 11.58
C SER HA 452 38.34 -53.25 11.20
N GLU HA 453 38.63 -52.30 12.08
CA GLU HA 453 39.70 -51.27 11.89
C GLU HA 453 41.05 -51.98 11.74
N LEU HA 454 41.30 -53.00 12.56
CA LEU HA 454 42.59 -53.75 12.57
C LEU HA 454 42.73 -54.53 11.26
N GLU HA 455 41.64 -55.12 10.76
CA GLU HA 455 41.65 -55.98 9.55
C GLU HA 455 41.93 -55.10 8.31
N THR HA 456 41.41 -53.87 8.30
CA THR HA 456 41.66 -52.85 7.24
C THR HA 456 43.17 -52.61 7.11
N ILE HA 457 43.86 -52.52 8.25
CA ILE HA 457 45.33 -52.23 8.33
C ILE HA 457 46.11 -53.42 7.77
N LEU HA 458 45.72 -54.64 8.15
CA LEU HA 458 46.46 -55.86 7.72
C LEU HA 458 46.17 -56.13 6.24
N ALA HA 459 45.01 -55.71 5.73
CA ALA HA 459 44.56 -55.95 4.33
C ALA HA 459 45.36 -55.08 3.35
N ASP HA 460 45.60 -53.82 3.69
CA ASP HA 460 46.22 -52.81 2.77
C ASP HA 460 47.54 -52.28 3.35
N GLU HA 461 48.68 -52.73 2.81
CA GLU HA 461 50.05 -52.33 3.22
C GLU HA 461 50.20 -50.81 3.16
N GLU HA 462 49.47 -50.13 2.27
CA GLU HA 462 49.56 -48.65 2.16
C GLU HA 462 48.92 -48.02 3.40
N VAL HA 463 47.84 -48.62 3.93
CA VAL HA 463 47.14 -48.16 5.17
C VAL HA 463 48.13 -48.30 6.35
N LEU HA 464 48.80 -49.44 6.43
CA LEU HA 464 49.76 -49.80 7.52
C LEU HA 464 50.92 -48.81 7.51
N LEU HA 465 51.55 -48.63 6.34
CA LEU HA 465 52.71 -47.69 6.16
C LEU HA 465 52.31 -46.27 6.61
N GLN HA 466 51.07 -45.87 6.31
CA GLN HA 466 50.53 -44.53 6.66
C GLN HA 466 50.38 -44.43 8.17
N LEU HA 467 49.99 -45.53 8.83
CA LEU HA 467 49.94 -45.63 10.32
C LEU HA 467 51.35 -45.38 10.87
N VAL HA 468 52.38 -46.02 10.30
CA VAL HA 468 53.80 -45.81 10.72
C VAL HA 468 54.13 -44.31 10.57
N ARG HA 469 53.83 -43.73 9.41
CA ARG HA 469 54.09 -42.30 9.10
C ARG HA 469 53.41 -41.41 10.14
N ASP HA 470 52.14 -41.70 10.45
CA ASP HA 470 51.29 -40.88 11.35
C ASP HA 470 51.86 -40.94 12.77
N GLU HA 471 52.28 -42.12 13.25
CA GLU HA 471 52.80 -42.31 14.62
C GLU HA 471 54.18 -41.67 14.76
N LEU HA 472 55.03 -41.76 13.72
CA LEU HA 472 56.35 -41.08 13.68
C LEU HA 472 56.12 -39.57 13.77
N THR HA 473 55.14 -39.05 13.04
CA THR HA 473 54.82 -37.59 12.97
C THR HA 473 54.39 -37.10 14.36
N GLU HA 474 53.58 -37.89 15.07
CA GLU HA 474 53.10 -37.59 16.45
C GLU HA 474 54.30 -37.48 17.37
N ILE HA 475 55.27 -38.39 17.23
CA ILE HA 475 56.53 -38.41 18.06
C ILE HA 475 57.36 -37.18 17.71
N ARG HA 476 57.47 -36.86 16.42
CA ARG HA 476 58.26 -35.70 15.96
C ARG HA 476 57.67 -34.42 16.54
N ASP HA 477 56.34 -34.33 16.62
CA ASP HA 477 55.65 -33.10 17.06
C ASP HA 477 55.78 -32.96 18.58
N ARG HA 478 55.85 -34.08 19.32
CA ARG HA 478 55.92 -34.07 20.80
C ARG HA 478 57.37 -33.93 21.29
N PHE HA 479 58.36 -34.46 20.56
CA PHE HA 479 59.75 -34.64 21.05
C PHE HA 479 60.78 -33.97 20.14
N GLY HA 480 60.45 -33.71 18.87
CA GLY HA 480 61.27 -32.87 17.99
C GLY HA 480 61.64 -31.56 18.68
N ASP HA 481 62.83 -31.04 18.37
CA ASP HA 481 63.38 -29.84 19.06
C ASP HA 481 64.32 -29.15 18.09
N ASP HA 482 64.71 -27.92 18.42
CA ASP HA 482 65.57 -27.08 17.54
C ASP HA 482 66.96 -27.69 17.43
N ARG HA 483 67.58 -27.51 16.27
CA ARG HA 483 69.01 -27.79 16.04
C ARG HA 483 69.82 -26.98 17.07
N ARG HA 484 70.95 -27.50 17.53
CA ARG HA 484 71.88 -26.79 18.45
C ARG HA 484 73.19 -26.50 17.72
N THR HA 485 73.69 -27.47 16.96
CA THR HA 485 75.00 -27.37 16.28
C THR HA 485 74.81 -26.61 14.96
N GLU HA 486 75.42 -25.44 14.83
CA GLU HA 486 75.43 -24.64 13.57
C GLU HA 486 76.40 -25.31 12.59
N ILE HA 487 75.95 -25.58 11.35
CA ILE HA 487 76.80 -26.10 10.24
C ILE HA 487 77.13 -24.92 9.32
N GLN HA 488 78.38 -24.43 9.36
CA GLN HA 488 78.86 -23.26 8.58
C GLN HA 488 79.41 -23.67 7.21
N LEU HA 489 78.79 -23.17 6.13
CA LEU HA 489 79.14 -23.46 4.69
C LEU HA 489 80.17 -22.44 4.16
#